data_6ZNA
#
_entry.id   6ZNA
#
_cell.length_a   1.00
_cell.length_b   1.00
_cell.length_c   1.00
_cell.angle_alpha   90.00
_cell.angle_beta   90.00
_cell.angle_gamma   90.00
#
_symmetry.space_group_name_H-M   'P 1'
#
loop_
_entity.id
_entity.type
_entity.pdbx_description
1 polymer 'ATP synthase protein 8'
2 polymer 'ATP synthase F(0) complex subunit C1, mitochondrial'
3 polymer 'ATP synthase subunit a'
4 polymer 'ATP synthase peripheral stalk-membrane subunit b'
5 polymer 'ATP synthase subunit d, mitochondrial'
6 polymer 'ATP synthase subunit e, mitochondrial'
7 polymer 'ATP synthase subunit f, mitochondrial'
8 polymer 'ATP synthase g subunit'
9 polymer 'ATP synthase j subunit (6.8PL)'
10 polymer 'ATP synthase membrane subunit DAPIT'
11 non-polymer CARDIOLIPIN
#
loop_
_entity_poly.entity_id
_entity_poly.type
_entity_poly.pdbx_seq_one_letter_code
_entity_poly.pdbx_strand_id
1 'polypeptide(L)' MPQLDTSTWFITITSMIMTLFILFQLKISNYSYPASPESIELKTQKHSTPWEMKWTKIYLPLLLPPR A8,B8,C8,8
2 'polypeptide(L)' DIDTAAKFIGAGAATVGVAGSGAGIGTVFGSLIIGYARNPSL(M3L)QQLFSYAILGFALSEAMGLFCLMVAFLILFAM AK,AL,AM,AN,AO,AP,AQ,AR,BK,BL,BM,BN,BO,BP,BQ,BR,CK,CL,CM,CN,CO,CP,CQ,CR,K,L,M,N,O,P,Q,R
3 'polypeptide(L)'
;MNENLFASFIAPTMMGLPIVTLIIMFPSLLFPTPKRLINNRTISIQQWLIQLTSKQMMAIHNQKGQTWSLMLMSLIMFIG
STNILGLLPHSFTPTTQLSMNLGMAIPLWSATVFTGFRYKTKTSLAHFLPQGTPALLIPMLVIIETISLFIQPVALAVRL
TANITAGHLLIHLIGGATLALLNINTMTAFITFTILILLTILEFAVALIQAYVFTLLVSLYLHDNT
;
Aa,Ba,Ca,a
4 'polypeptide(L)'
;PVPPLPEHGGKVRLGLIPEEFFQFLYPKTGVTGPYVLGTGLILYLLSKEIYVITAETFSAISTIGVLVYIVKKYGASIGA
FADKLNEQKIAQLEEVKQASIKQIQDAIDLEKSQQALVQKRHYLFDVQRNNIAMALEVTYRERLHRVYKEIKNRLDYHIS
VQNMMRQKEQEHMIRWVEKHVVQSISAQQEKETIAKCIADLKLLAKKAQAQPVL
;
Ab,Bb,Cb,b
5 'polypeptide(L)'
;AGRKLALKAIDWVAFGEIIPRNQKAIANSLKSWNETLSTRLAALPEKPPAIDWAYYKATVAKAGLVDDFEKKFNALKVPV
PEDKYTALVDAEEQEDVKRCAEFLSLSKARIEAYEKELEKMKNIIPFDQMTIEDLNEVFPETKLDKKKYPYWPHRPIESL
;
Ad,Bd,Cd,d
6 'polypeptide(L)' VPPVQVSPLIKLGRYSALFLGVAYGAKRYNYLKPRAEEERRIAAEEKKKQDELKRIERELAEAQEDSILK Ae,Be,Ce,e
7 'polypeptide(L)'
;ASVVPLKDRRLLEVKLGELPSWILMRDFTPSGIAGAFQRGYYRYYNKYVNVKKGSVAGLSMVLAAYVVFNYCRSYKELKH
ERLRKYH
;
Af,Bf,Cf,f
8 'polypeptide(L)'
;AQFVRNLAEKAPVLVNAAVTYSKPRLATFWHYAKVELVPPTPAEIPTAIQSLKKIVNSAQTGSFKQLTVKEALLNGLVAT
EVLMWFYVGEIIARAQHGIPTI
;
Ag,Bg,Cg,g
9 'polypeptide(L)' MLQSLIKNVWIPLKPYYTQVYQEIWVGMGLMGFIVYKIRSADKRSKALKASSPAPAHGHH Aj,Bj,Cj,j
10 'polypeptide(L)' AGPETDAQFQFTGIKKYFNSYTLTGRMNCVLATYGGIALLVLYFKLRSKKTPAVKAT Ak,Bk,Ck,k
#
loop_
_chem_comp.id
_chem_comp.type
_chem_comp.name
_chem_comp.formula
CDL non-polymer CARDIOLIPIN 'C81 H156 O17 P2 -2'
#
# COMPACT_ATOMS: atom_id res chain seq x y z
N MET A 1 37.66 16.81 15.54
CA MET A 1 38.56 16.35 16.62
C MET A 1 38.05 16.80 17.99
N PRO A 2 37.39 15.89 18.71
CA PRO A 2 36.91 16.23 20.05
C PRO A 2 37.99 16.34 21.10
N GLN A 3 39.24 16.05 20.76
CA GLN A 3 40.34 16.33 21.67
C GLN A 3 40.70 17.81 21.68
N LEU A 4 39.97 18.62 20.92
CA LEU A 4 40.27 20.04 20.79
C LEU A 4 39.16 20.93 21.34
N ASP A 5 38.02 20.37 21.72
CA ASP A 5 37.01 21.12 22.45
C ASP A 5 37.55 21.28 23.87
N THR A 6 38.31 22.35 24.06
CA THR A 6 39.21 22.50 25.19
C THR A 6 38.50 22.56 26.54
N SER A 7 37.16 22.59 26.51
CA SER A 7 36.40 22.84 27.73
C SER A 7 36.86 21.98 28.89
N THR A 8 37.20 20.73 28.63
CA THR A 8 37.37 19.72 29.66
C THR A 8 38.82 19.55 30.10
N TRP A 9 39.76 20.25 29.48
CA TRP A 9 41.17 19.92 29.71
C TRP A 9 41.52 20.02 31.19
N PHE A 10 41.00 21.02 31.88
CA PHE A 10 41.38 21.25 33.26
C PHE A 10 41.17 20.01 34.12
N ILE A 11 39.99 19.40 34.02
CA ILE A 11 39.66 18.30 34.92
C ILE A 11 40.46 17.06 34.57
N THR A 12 40.49 16.72 33.29
CA THR A 12 41.32 15.61 32.83
C THR A 12 42.72 15.72 33.40
N ILE A 13 43.35 16.89 33.24
CA ILE A 13 44.72 17.07 33.70
C ILE A 13 44.80 16.87 35.21
N THR A 14 43.94 17.56 35.95
CA THR A 14 44.04 17.52 37.40
C THR A 14 43.88 16.10 37.92
N SER A 15 42.95 15.34 37.33
CA SER A 15 42.71 13.99 37.79
C SER A 15 43.88 13.08 37.44
N MET A 16 44.39 13.18 36.21
CA MET A 16 45.62 12.49 35.87
C MET A 16 46.68 12.72 36.94
N ILE A 17 46.91 13.98 37.28
CA ILE A 17 47.89 14.31 38.31
C ILE A 17 47.57 13.56 39.59
N MET A 18 46.38 13.80 40.13
CA MET A 18 45.95 13.22 41.39
C MET A 18 46.27 11.73 41.42
N THR A 19 46.01 11.05 40.31
CA THR A 19 46.26 9.61 40.24
C THR A 19 47.74 9.32 40.19
N LEU A 20 48.40 9.79 39.14
CA LEU A 20 49.76 9.39 38.85
C LEU A 20 50.72 9.71 39.97
N PHE A 21 50.42 10.73 40.78
CA PHE A 21 51.35 11.15 41.81
C PHE A 21 50.83 10.93 43.22
N ILE A 22 49.70 10.26 43.41
CA ILE A 22 49.21 9.92 44.75
C ILE A 22 49.00 8.42 44.90
N LEU A 23 48.01 7.86 44.20
CA LEU A 23 47.56 6.52 44.53
C LEU A 23 48.67 5.49 44.31
N PHE A 24 49.22 5.47 43.11
CA PHE A 24 50.23 4.46 42.80
C PHE A 24 51.44 4.65 43.69
N GLN A 25 51.88 5.88 43.90
CA GLN A 25 52.94 6.13 44.86
C GLN A 25 52.56 5.68 46.26
N LEU A 26 51.32 5.30 46.49
CA LEU A 26 50.93 4.65 47.74
C LEU A 26 51.00 3.13 47.63
N LYS A 27 50.33 2.57 46.63
CA LYS A 27 50.29 1.13 46.45
C LYS A 27 51.68 0.56 46.25
N ILE A 28 52.28 0.93 45.11
CA ILE A 28 53.57 0.39 44.71
C ILE A 28 54.64 0.70 45.75
N SER A 29 54.44 1.74 46.55
CA SER A 29 55.42 2.09 47.57
C SER A 29 55.44 1.05 48.68
N ASN A 30 54.51 0.10 48.62
CA ASN A 30 54.38 -0.92 49.64
C ASN A 30 54.87 -2.28 49.18
N TYR A 31 55.13 -2.46 47.89
CA TYR A 31 55.64 -3.73 47.40
C TYR A 31 56.97 -4.04 48.06
N SER A 32 57.32 -5.32 48.08
CA SER A 32 58.44 -5.81 48.88
C SER A 32 59.49 -6.47 48.02
N TYR A 33 60.59 -6.79 48.65
CA TYR A 33 61.76 -7.37 48.02
C TYR A 33 61.82 -8.87 48.29
N PRO A 34 62.45 -9.65 47.38
CA PRO A 34 62.74 -11.05 47.69
C PRO A 34 63.59 -11.22 48.95
N ASP B 1 47.29 34.98 -11.04
CA ASP B 1 46.44 34.08 -11.88
C ASP B 1 46.78 32.63 -11.58
N ILE B 2 46.02 31.71 -12.16
CA ILE B 2 46.23 30.29 -11.89
C ILE B 2 47.61 29.84 -12.35
N ASP B 3 48.27 30.61 -13.21
CA ASP B 3 49.67 30.33 -13.52
C ASP B 3 50.48 30.23 -12.23
N THR B 4 50.26 31.16 -11.32
CA THR B 4 50.92 31.10 -10.01
C THR B 4 50.58 29.79 -9.30
N ALA B 5 49.31 29.39 -9.37
CA ALA B 5 48.88 28.15 -8.74
C ALA B 5 49.70 26.97 -9.26
N ALA B 6 49.62 26.73 -10.56
CA ALA B 6 50.31 25.59 -11.15
C ALA B 6 51.80 25.67 -10.94
N LYS B 7 52.37 26.88 -10.95
CA LYS B 7 53.82 26.99 -10.76
C LYS B 7 54.20 26.60 -9.35
N PHE B 8 53.46 27.10 -8.35
CA PHE B 8 53.71 26.71 -6.98
C PHE B 8 53.59 25.22 -6.81
N ILE B 9 52.56 24.64 -7.41
CA ILE B 9 52.33 23.20 -7.31
C ILE B 9 53.54 22.45 -7.87
N GLY B 10 53.85 22.71 -9.14
CA GLY B 10 54.95 22.01 -9.79
C GLY B 10 56.27 22.19 -9.08
N ALA B 11 56.49 23.36 -8.48
CA ALA B 11 57.77 23.59 -7.81
C ALA B 11 57.85 22.82 -6.51
N GLY B 12 56.85 23.01 -5.64
CA GLY B 12 56.84 22.27 -4.40
C GLY B 12 56.75 20.77 -4.61
N ALA B 13 56.38 20.36 -5.82
CA ALA B 13 56.43 18.94 -6.16
C ALA B 13 57.84 18.54 -6.57
N ALA B 14 58.37 19.18 -7.61
CA ALA B 14 59.71 18.88 -8.09
C ALA B 14 60.72 18.86 -6.96
N THR B 15 60.49 19.62 -5.90
CA THR B 15 61.46 19.70 -4.82
C THR B 15 61.55 18.40 -4.01
N VAL B 16 60.86 17.35 -4.47
CA VAL B 16 61.01 16.03 -3.87
C VAL B 16 62.43 15.50 -4.04
N GLY B 17 63.12 15.92 -5.10
CA GLY B 17 64.37 15.30 -5.50
C GLY B 17 65.45 15.20 -4.44
N VAL B 18 65.25 15.83 -3.29
CA VAL B 18 66.26 15.82 -2.24
C VAL B 18 66.16 14.62 -1.33
N ALA B 19 65.03 13.92 -1.35
CA ALA B 19 64.92 12.66 -0.64
C ALA B 19 66.08 11.73 -1.01
N GLY B 20 66.26 11.48 -2.30
CA GLY B 20 67.35 10.61 -2.74
C GLY B 20 68.70 11.09 -2.26
N SER B 21 68.89 12.41 -2.26
CA SER B 21 70.15 12.95 -1.78
C SER B 21 70.39 12.58 -0.32
N GLY B 22 69.40 12.81 0.52
CA GLY B 22 69.53 12.45 1.92
C GLY B 22 69.82 10.97 2.09
N ALA B 23 69.07 10.14 1.37
CA ALA B 23 69.22 8.69 1.51
C ALA B 23 70.61 8.24 1.09
N GLY B 24 71.04 8.66 -0.09
CA GLY B 24 72.37 8.37 -0.55
C GLY B 24 73.36 8.74 0.53
N ILE B 25 73.45 10.04 0.83
CA ILE B 25 74.43 10.52 1.80
C ILE B 25 74.48 9.61 3.01
N GLY B 26 73.32 9.22 3.52
CA GLY B 26 73.30 8.37 4.70
C GLY B 26 73.98 7.03 4.46
N THR B 27 73.57 6.37 3.38
CA THR B 27 74.15 5.07 3.06
C THR B 27 75.65 5.18 2.88
N VAL B 28 76.08 6.24 2.21
CA VAL B 28 77.50 6.51 2.03
C VAL B 28 78.23 6.50 3.36
N PHE B 29 77.80 7.38 4.26
CA PHE B 29 78.53 7.48 5.51
C PHE B 29 78.47 6.18 6.29
N GLY B 30 77.38 5.43 6.17
CA GLY B 30 77.33 4.14 6.85
C GLY B 30 78.40 3.19 6.36
N SER B 31 78.44 2.98 5.04
CA SER B 31 79.47 2.14 4.46
C SER B 31 80.85 2.58 4.88
N LEU B 32 81.12 3.89 4.81
CA LEU B 32 82.43 4.38 5.22
C LEU B 32 82.71 4.03 6.67
N ILE B 33 81.72 4.21 7.52
CA ILE B 33 81.92 3.95 8.95
C ILE B 33 82.36 2.51 9.14
N ILE B 34 81.71 1.59 8.43
CA ILE B 34 82.11 0.18 8.47
C ILE B 34 83.55 0.05 8.00
N GLY B 35 83.78 0.42 6.74
CA GLY B 35 85.06 0.18 6.11
C GLY B 35 86.22 0.67 6.95
N TYR B 36 86.03 1.79 7.63
CA TYR B 36 87.06 2.25 8.54
C TYR B 36 87.03 1.46 9.83
N ALA B 37 85.86 1.00 10.24
CA ALA B 37 85.75 0.21 11.45
C ALA B 37 86.68 -0.99 11.41
N ARG B 38 86.90 -1.53 10.21
CA ARG B 38 87.71 -2.75 10.13
C ARG B 38 89.15 -2.48 9.76
N ASN B 39 89.47 -1.30 9.24
CA ASN B 39 90.65 -1.14 8.38
C ASN B 39 91.17 0.29 8.45
N PRO B 40 91.73 0.68 9.59
CA PRO B 40 92.01 2.09 9.85
C PRO B 40 93.31 2.62 9.27
N SER B 41 93.94 1.87 8.37
CA SER B 41 95.17 2.32 7.73
C SER B 41 94.89 3.00 6.40
N LEU B 42 93.74 3.63 6.28
CA LEU B 42 93.27 4.11 4.99
C LEU B 42 92.59 5.47 5.09
N M3L B 43 92.57 6.02 6.30
CA M3L B 43 91.86 7.24 6.58
CB M3L B 43 92.51 8.03 7.71
C M3L B 43 91.71 8.24 5.44
O M3L B 43 90.64 8.70 5.09
H M3L B 43 93.01 5.66 7.12
HA M3L B 43 90.80 6.97 6.91
N GLN B 44 92.85 8.55 4.84
CA GLN B 44 92.90 9.61 3.84
C GLN B 44 92.13 9.22 2.59
N GLN B 45 92.52 8.09 2.01
CA GLN B 45 91.87 7.63 0.79
C GLN B 45 90.38 7.38 1.04
N LEU B 46 90.07 6.84 2.21
CA LEU B 46 88.69 6.63 2.60
C LEU B 46 87.92 7.93 2.56
N PHE B 47 88.34 8.90 3.39
CA PHE B 47 87.73 10.21 3.43
C PHE B 47 87.57 10.82 2.05
N SER B 48 88.55 10.58 1.16
CA SER B 48 88.47 11.17 -0.17
C SER B 48 87.32 10.57 -0.96
N TYR B 49 87.28 9.25 -1.05
CA TYR B 49 86.15 8.61 -1.71
C TYR B 49 84.84 9.04 -1.08
N ALA B 50 84.85 9.23 0.23
CA ALA B 50 83.65 9.62 0.96
C ALA B 50 83.14 10.97 0.47
N ILE B 51 84.04 11.95 0.45
CA ILE B 51 83.67 13.30 0.04
C ILE B 51 83.20 13.28 -1.41
N LEU B 52 83.86 12.49 -2.25
CA LEU B 52 83.42 12.40 -3.64
C LEU B 52 81.97 11.92 -3.72
N GLY B 53 81.65 10.83 -3.03
CA GLY B 53 80.30 10.32 -3.08
C GLY B 53 79.29 11.32 -2.54
N PHE B 54 79.61 11.93 -1.41
CA PHE B 54 78.77 12.98 -0.86
C PHE B 54 78.45 14.03 -1.91
N ALA B 55 79.50 14.56 -2.56
CA ALA B 55 79.30 15.62 -3.52
C ALA B 55 78.43 15.16 -4.68
N LEU B 56 78.66 13.95 -5.17
CA LEU B 56 77.87 13.46 -6.29
C LEU B 56 76.39 13.40 -5.95
N SER B 57 76.06 12.80 -4.81
CA SER B 57 74.66 12.70 -4.44
C SER B 57 74.06 14.09 -4.20
N GLU B 58 74.76 14.92 -3.43
CA GLU B 58 74.25 16.25 -3.15
C GLU B 58 74.01 17.03 -4.43
N ALA B 59 74.82 16.79 -5.46
CA ALA B 59 74.65 17.51 -6.72
C ALA B 59 73.47 16.94 -7.50
N MET B 60 73.30 15.62 -7.48
CA MET B 60 72.14 15.05 -8.15
C MET B 60 70.83 15.44 -7.47
N GLY B 61 70.90 16.00 -6.27
CA GLY B 61 69.72 16.62 -5.68
C GLY B 61 69.65 18.12 -5.95
N LEU B 62 70.83 18.74 -5.95
CA LEU B 62 70.93 20.18 -6.17
C LEU B 62 70.40 20.54 -7.55
N PHE B 63 70.59 19.66 -8.53
CA PHE B 63 70.06 19.94 -9.86
C PHE B 63 68.56 20.22 -9.79
N CYS B 64 67.82 19.30 -9.18
CA CYS B 64 66.37 19.46 -9.11
C CYS B 64 65.99 20.65 -8.25
N LEU B 65 66.67 20.87 -7.12
CA LEU B 65 66.36 22.04 -6.30
C LEU B 65 66.56 23.34 -7.08
N MET B 66 67.70 23.49 -7.72
CA MET B 66 68.00 24.72 -8.45
C MET B 66 67.01 24.92 -9.59
N VAL B 67 66.66 23.86 -10.32
CA VAL B 67 65.70 24.04 -11.39
C VAL B 67 64.30 24.33 -10.84
N ALA B 68 64.00 23.90 -9.62
CA ALA B 68 62.75 24.31 -9.00
C ALA B 68 62.74 25.81 -8.74
N PHE B 69 63.82 26.32 -8.12
CA PHE B 69 63.94 27.76 -7.94
C PHE B 69 63.86 28.48 -9.28
N LEU B 70 64.42 27.88 -10.34
CA LEU B 70 64.28 28.41 -11.68
C LEU B 70 62.81 28.53 -12.07
N ILE B 71 62.08 27.41 -12.04
CA ILE B 71 60.68 27.39 -12.44
C ILE B 71 59.90 28.43 -11.67
N LEU B 72 60.30 28.70 -10.42
CA LEU B 72 59.58 29.70 -9.64
C LEU B 72 59.93 31.11 -10.09
N PHE B 73 61.21 31.49 -9.98
CA PHE B 73 61.66 32.81 -10.36
C PHE B 73 61.83 32.97 -11.87
N ALA B 74 61.60 31.91 -12.65
CA ALA B 74 61.72 31.98 -14.10
C ALA B 74 60.82 30.92 -14.71
N MET B 75 60.47 31.13 -15.97
CA MET B 75 59.55 30.24 -16.67
C MET B 75 59.46 30.59 -18.15
N ASP C 1 40.35 33.17 -3.11
CA ASP C 1 41.15 32.99 -4.34
C ASP C 1 41.82 31.63 -4.33
N ILE C 2 41.75 30.94 -5.47
CA ILE C 2 42.44 29.66 -5.61
C ILE C 2 43.95 29.85 -5.56
N ASP C 3 44.43 31.09 -5.70
CA ASP C 3 45.85 31.38 -5.53
C ASP C 3 46.36 30.86 -4.19
N THR C 4 45.76 31.34 -3.09
CA THR C 4 46.16 30.88 -1.78
C THR C 4 45.95 29.38 -1.62
N ALA C 5 44.94 28.84 -2.29
CA ALA C 5 44.69 27.41 -2.23
C ALA C 5 45.92 26.63 -2.67
N ALA C 6 46.44 26.93 -3.86
CA ALA C 6 47.58 26.17 -4.36
C ALA C 6 48.85 26.57 -3.65
N LYS C 7 48.95 27.78 -3.13
CA LYS C 7 50.06 28.11 -2.23
C LYS C 7 50.11 27.11 -1.07
N PHE C 8 48.97 26.93 -0.41
CA PHE C 8 48.87 25.95 0.67
C PHE C 8 49.26 24.56 0.19
N ILE C 9 48.66 24.12 -0.92
CA ILE C 9 48.91 22.76 -1.41
C ILE C 9 50.38 22.56 -1.72
N GLY C 10 51.02 23.59 -2.26
CA GLY C 10 52.43 23.47 -2.61
C GLY C 10 53.31 23.33 -1.39
N ALA C 11 53.08 24.18 -0.38
CA ALA C 11 53.79 23.97 0.89
C ALA C 11 53.58 22.56 1.40
N GLY C 12 52.35 22.07 1.31
CA GLY C 12 52.03 20.79 1.92
C GLY C 12 52.70 19.62 1.23
N ALA C 13 52.72 19.63 -0.10
CA ALA C 13 53.36 18.55 -0.83
C ALA C 13 54.84 18.81 -1.11
N ALA C 14 55.36 19.96 -0.69
CA ALA C 14 56.79 20.22 -0.74
C ALA C 14 57.50 19.88 0.56
N THR C 15 56.79 19.88 1.67
CA THR C 15 57.45 19.45 2.91
C THR C 15 57.70 17.94 2.92
N VAL C 16 57.52 17.23 1.80
CA VAL C 16 57.75 15.79 1.77
C VAL C 16 59.23 15.43 1.71
N GLY C 17 60.09 16.39 1.38
CA GLY C 17 61.51 16.09 1.26
C GLY C 17 62.20 15.89 2.59
N VAL C 18 61.61 15.07 3.44
CA VAL C 18 62.24 14.70 4.72
C VAL C 18 62.27 13.20 4.98
N ALA C 19 61.45 12.40 4.29
CA ALA C 19 61.60 10.96 4.37
C ALA C 19 63.01 10.54 3.99
N GLY C 20 63.64 11.31 3.10
CA GLY C 20 65.04 11.12 2.82
C GLY C 20 65.79 11.11 4.12
N SER C 21 65.87 12.28 4.77
CA SER C 21 66.58 12.38 6.04
C SER C 21 66.24 11.21 6.95
N GLY C 22 64.97 10.84 7.01
CA GLY C 22 64.56 9.71 7.81
C GLY C 22 65.36 8.44 7.53
N ALA C 23 65.18 7.91 6.32
CA ALA C 23 65.82 6.64 6.00
C ALA C 23 67.34 6.76 6.01
N GLY C 24 67.87 7.88 5.53
CA GLY C 24 69.30 8.09 5.57
C GLY C 24 69.85 7.95 6.96
N ILE C 25 69.21 8.62 7.93
CA ILE C 25 69.70 8.56 9.30
C ILE C 25 69.53 7.17 9.88
N GLY C 26 68.44 6.49 9.51
CA GLY C 26 68.24 5.14 9.99
C GLY C 26 69.42 4.26 9.61
N THR C 27 69.72 4.27 8.31
CA THR C 27 70.82 3.47 7.80
C THR C 27 72.14 3.86 8.43
N VAL C 28 72.39 5.17 8.55
CA VAL C 28 73.62 5.64 9.16
C VAL C 28 73.78 5.02 10.54
N PHE C 29 72.73 5.09 11.36
CA PHE C 29 72.90 4.67 12.74
C PHE C 29 73.05 3.17 12.84
N GLY C 30 72.38 2.41 11.97
CA GLY C 30 72.65 0.97 11.93
C GLY C 30 74.09 0.66 11.60
N SER C 31 74.63 1.33 10.58
CA SER C 31 76.03 1.13 10.26
C SER C 31 76.92 1.43 11.44
N LEU C 32 76.58 2.46 12.21
CA LEU C 32 77.35 2.77 13.40
C LEU C 32 77.26 1.64 14.41
N ILE C 33 76.07 1.08 14.58
CA ILE C 33 75.91 -0.08 15.46
C ILE C 33 76.96 -1.12 15.12
N ILE C 34 76.98 -1.56 13.87
CA ILE C 34 77.88 -2.64 13.49
C ILE C 34 79.33 -2.22 13.70
N GLY C 35 79.73 -1.14 13.02
CA GLY C 35 81.11 -0.69 13.07
C GLY C 35 81.59 -0.31 14.44
N TYR C 36 80.68 -0.28 15.42
CA TYR C 36 81.13 -0.25 16.80
C TYR C 36 81.30 -1.66 17.34
N ALA C 37 80.38 -2.55 16.95
CA ALA C 37 80.47 -3.93 17.41
C ALA C 37 81.84 -4.53 17.09
N ARG C 38 82.26 -4.47 15.83
CA ARG C 38 83.48 -5.17 15.45
C ARG C 38 84.76 -4.48 15.90
N ASN C 39 84.67 -3.36 16.60
CA ASN C 39 85.85 -2.53 16.90
C ASN C 39 85.51 -1.56 18.02
N PRO C 40 85.38 -2.06 19.24
CA PRO C 40 84.87 -1.21 20.33
C PRO C 40 85.90 -0.26 20.92
N SER C 41 87.03 -0.06 20.26
CA SER C 41 88.04 0.87 20.75
C SER C 41 88.33 1.98 19.74
N LEU C 42 87.33 2.34 18.94
CA LEU C 42 87.43 3.50 18.07
C LEU C 42 86.18 4.37 18.21
N M3L C 43 85.37 4.02 19.21
CA M3L C 43 84.21 4.77 19.61
CB M3L C 43 84.08 4.63 21.13
C M3L C 43 84.18 6.24 19.23
O M3L C 43 83.24 6.79 18.68
H M3L C 43 85.48 3.21 19.78
HA M3L C 43 83.30 4.29 19.12
N GLN C 44 85.29 6.88 19.54
CA GLN C 44 85.38 8.33 19.45
C GLN C 44 85.33 8.81 18.01
N GLN C 45 86.38 8.45 17.27
CA GLN C 45 86.41 8.78 15.85
C GLN C 45 85.17 8.27 15.15
N LEU C 46 84.60 7.17 15.62
CA LEU C 46 83.42 6.61 14.97
C LEU C 46 82.22 7.54 15.16
N PHE C 47 81.98 7.97 16.40
CA PHE C 47 80.88 8.87 16.66
C PHE C 47 81.06 10.19 15.92
N SER C 48 82.30 10.62 15.76
CA SER C 48 82.54 11.89 15.06
C SER C 48 82.19 11.76 13.58
N TYR C 49 82.68 10.70 12.94
CA TYR C 49 82.32 10.47 11.53
C TYR C 49 80.86 10.08 11.38
N ALA C 50 80.17 9.73 12.47
CA ALA C 50 78.74 9.51 12.39
C ALA C 50 77.96 10.82 12.44
N ILE C 51 78.39 11.74 13.30
CA ILE C 51 77.76 13.05 13.37
C ILE C 51 77.97 13.82 12.08
N LEU C 52 79.19 13.76 11.52
CA LEU C 52 79.40 14.38 10.23
C LEU C 52 78.32 14.00 9.24
N GLY C 53 77.77 12.81 9.37
CA GLY C 53 76.81 12.31 8.40
C GLY C 53 75.39 12.68 8.79
N PHE C 54 75.11 12.52 10.07
CA PHE C 54 73.78 12.90 10.57
C PHE C 54 73.48 14.35 10.25
N ALA C 55 74.46 15.24 10.42
CA ALA C 55 74.22 16.65 10.16
C ALA C 55 73.84 16.88 8.71
N LEU C 56 74.78 16.64 7.79
CA LEU C 56 74.55 16.90 6.38
C LEU C 56 73.46 16.02 5.78
N SER C 57 72.89 15.09 6.55
CA SER C 57 71.62 14.52 6.14
C SER C 57 70.47 15.41 6.59
N GLU C 58 70.47 15.80 7.87
CA GLU C 58 69.39 16.59 8.42
C GLU C 58 69.24 17.92 7.70
N ALA C 59 70.36 18.56 7.37
CA ALA C 59 70.33 19.88 6.75
C ALA C 59 69.59 19.83 5.41
N MET C 60 70.07 18.98 4.50
CA MET C 60 69.46 18.88 3.19
C MET C 60 68.11 18.19 3.22
N GLY C 61 67.73 17.57 4.34
CA GLY C 61 66.36 17.13 4.49
C GLY C 61 65.45 18.22 5.01
N LEU C 62 66.02 19.19 5.72
CA LEU C 62 65.28 20.29 6.31
C LEU C 62 65.07 21.46 5.36
N PHE C 63 65.90 21.58 4.33
CA PHE C 63 65.71 22.67 3.38
C PHE C 63 64.30 22.65 2.79
N CYS C 64 63.69 21.48 2.65
CA CYS C 64 62.34 21.41 2.12
C CYS C 64 61.32 22.01 3.10
N LEU C 65 61.42 21.61 4.37
CA LEU C 65 60.65 22.25 5.44
C LEU C 65 60.76 23.76 5.37
N MET C 66 62.00 24.26 5.34
CA MET C 66 62.22 25.70 5.34
C MET C 66 61.63 26.33 4.09
N VAL C 67 61.71 25.64 2.96
CA VAL C 67 61.13 26.16 1.73
C VAL C 67 59.63 26.27 1.84
N ALA C 68 58.98 25.31 2.50
CA ALA C 68 57.53 25.39 2.66
C ALA C 68 57.16 26.56 3.56
N PHE C 69 57.82 26.69 4.71
CA PHE C 69 57.54 27.82 5.59
C PHE C 69 57.74 29.14 4.87
N LEU C 70 58.84 29.26 4.13
CA LEU C 70 59.08 30.47 3.36
C LEU C 70 57.97 30.70 2.35
N ILE C 71 57.85 29.81 1.37
CA ILE C 71 56.87 29.99 0.31
C ILE C 71 55.50 30.32 0.87
N LEU C 72 55.20 29.88 2.10
CA LEU C 72 53.90 30.22 2.66
C LEU C 72 53.89 31.65 3.19
N PHE C 73 54.75 31.94 4.16
CA PHE C 73 54.70 33.26 4.79
C PHE C 73 55.05 34.36 3.79
N ALA C 74 56.15 34.22 3.07
CA ALA C 74 56.53 35.14 2.00
C ALA C 74 56.84 34.37 0.73
N MET C 75 57.15 35.07 -0.36
CA MET C 75 57.43 34.41 -1.62
C MET C 75 58.35 35.25 -2.50
N ASP D 1 34.02 24.09 -0.82
CA ASP D 1 34.77 25.34 -1.14
C ASP D 1 36.21 25.02 -1.50
N ILE D 2 36.67 25.61 -2.60
CA ILE D 2 38.02 25.38 -3.08
C ILE D 2 39.03 25.82 -2.03
N ASP D 3 38.78 26.96 -1.39
CA ASP D 3 39.70 27.55 -0.43
C ASP D 3 39.99 26.65 0.76
N THR D 4 39.23 25.56 0.92
CA THR D 4 39.51 24.58 1.96
C THR D 4 39.74 23.19 1.40
N ALA D 5 39.09 22.85 0.28
CA ALA D 5 39.50 21.67 -0.47
C ALA D 5 41.00 21.65 -0.66
N ALA D 6 41.59 22.82 -0.89
CA ALA D 6 43.05 22.88 -1.03
C ALA D 6 43.75 22.49 0.27
N LYS D 7 43.18 22.89 1.41
CA LYS D 7 43.73 22.43 2.68
C LYS D 7 43.70 20.91 2.75
N PHE D 8 42.57 20.32 2.35
CA PHE D 8 42.48 18.86 2.34
C PHE D 8 43.58 18.26 1.48
N ILE D 9 43.76 18.81 0.28
CA ILE D 9 44.78 18.33 -0.63
C ILE D 9 46.15 18.40 0.02
N GLY D 10 46.48 19.55 0.61
CA GLY D 10 47.81 19.74 1.16
C GLY D 10 48.10 18.78 2.30
N ALA D 11 47.14 18.60 3.20
CA ALA D 11 47.36 17.71 4.33
C ALA D 11 47.46 16.26 3.88
N GLY D 12 46.55 15.83 3.00
CA GLY D 12 46.63 14.48 2.48
C GLY D 12 47.93 14.20 1.74
N ALA D 13 48.50 15.25 1.13
CA ALA D 13 49.80 15.09 0.49
C ALA D 13 50.91 14.96 1.52
N ALA D 14 50.97 15.87 2.48
CA ALA D 14 52.06 15.88 3.44
C ALA D 14 52.01 14.70 4.40
N THR D 15 50.90 13.97 4.46
CA THR D 15 50.83 12.83 5.38
C THR D 15 52.04 11.90 5.23
N VAL D 16 52.54 11.72 4.00
CA VAL D 16 53.44 10.62 3.69
C VAL D 16 54.84 10.85 4.24
N GLY D 17 55.03 11.97 4.96
CA GLY D 17 56.36 12.30 5.44
C GLY D 17 57.02 11.17 6.20
N VAL D 18 56.24 10.42 6.99
CA VAL D 18 56.81 9.45 7.91
C VAL D 18 57.23 8.15 7.25
N ALA D 19 57.16 8.05 5.92
CA ALA D 19 57.66 6.85 5.25
C ALA D 19 59.16 6.68 5.47
N GLY D 20 59.90 7.78 5.40
CA GLY D 20 61.32 7.71 5.73
C GLY D 20 61.54 7.22 7.14
N SER D 21 60.63 7.55 8.06
CA SER D 21 60.77 7.09 9.42
C SER D 21 60.48 5.60 9.52
N GLY D 22 59.41 5.14 8.90
CA GLY D 22 59.18 3.71 8.79
C GLY D 22 60.45 2.98 8.38
N ALA D 23 61.05 3.44 7.28
CA ALA D 23 62.28 2.84 6.80
C ALA D 23 63.35 2.86 7.88
N GLY D 24 63.77 4.06 8.28
CA GLY D 24 64.90 4.17 9.19
C GLY D 24 64.73 3.33 10.43
N ILE D 25 63.51 3.23 10.93
CA ILE D 25 63.25 2.44 12.12
C ILE D 25 63.51 0.97 11.84
N GLY D 26 62.89 0.42 10.80
CA GLY D 26 63.13 -0.97 10.47
C GLY D 26 64.59 -1.26 10.24
N THR D 27 65.25 -0.40 9.45
CA THR D 27 66.67 -0.56 9.16
C THR D 27 67.49 -0.63 10.44
N VAL D 28 67.29 0.33 11.34
CA VAL D 28 68.11 0.38 12.54
C VAL D 28 67.91 -0.88 13.35
N PHE D 29 66.68 -1.33 13.50
CA PHE D 29 66.49 -2.46 14.39
C PHE D 29 66.97 -3.75 13.76
N GLY D 30 67.02 -3.84 12.43
CA GLY D 30 67.72 -4.95 11.80
C GLY D 30 69.21 -4.90 12.05
N SER D 31 69.81 -3.72 11.90
CA SER D 31 71.23 -3.58 12.17
C SER D 31 71.54 -3.94 13.61
N LEU D 32 70.58 -3.73 14.51
CA LEU D 32 70.80 -4.07 15.91
C LEU D 32 70.68 -5.57 16.12
N ILE D 33 69.72 -6.22 15.45
CA ILE D 33 69.73 -7.68 15.39
C ILE D 33 71.13 -8.16 15.09
N ILE D 34 71.69 -7.67 13.99
CA ILE D 34 72.97 -8.19 13.51
C ILE D 34 74.06 -7.94 14.54
N GLY D 35 74.29 -6.67 14.88
CA GLY D 35 75.36 -6.34 15.80
C GLY D 35 75.15 -6.82 17.21
N TYR D 36 74.01 -7.42 17.50
CA TYR D 36 73.86 -8.17 18.73
C TYR D 36 74.16 -9.65 18.54
N ALA D 37 73.93 -10.16 17.32
CA ALA D 37 74.27 -11.54 17.04
C ALA D 37 75.78 -11.74 16.91
N ARG D 38 76.48 -10.76 16.35
CA ARG D 38 77.92 -10.88 16.17
C ARG D 38 78.63 -10.94 17.52
N ASN D 39 78.52 -9.87 18.30
CA ASN D 39 79.15 -9.76 19.62
C ASN D 39 78.08 -9.55 20.67
N PRO D 40 77.36 -10.59 21.03
CA PRO D 40 76.26 -10.45 21.99
C PRO D 40 76.63 -9.80 23.31
N SER D 41 77.90 -9.55 23.56
CA SER D 41 78.31 -9.00 24.84
C SER D 41 78.23 -7.48 24.89
N LEU D 42 77.43 -6.84 24.05
CA LEU D 42 77.27 -5.38 24.10
C LEU D 42 75.84 -4.89 23.85
N M3L D 43 74.88 -5.78 23.98
CA M3L D 43 73.48 -5.43 23.95
CB M3L D 43 72.66 -6.41 24.78
C M3L D 43 73.13 -4.03 24.44
O M3L D 43 72.40 -3.25 23.86
H M3L D 43 75.01 -6.77 24.12
HA M3L D 43 73.13 -5.50 22.87
N GLN D 44 73.69 -3.75 25.61
CA GLN D 44 73.44 -2.49 26.30
C GLN D 44 73.70 -1.29 25.40
N GLN D 45 74.98 -1.04 25.13
CA GLN D 45 75.36 0.10 24.32
C GLN D 45 74.74 0.01 22.93
N LEU D 46 74.56 -1.19 22.41
CA LEU D 46 74.01 -1.35 21.07
C LEU D 46 72.51 -1.10 21.02
N PHE D 47 71.88 -0.96 22.17
CA PHE D 47 70.49 -0.56 22.33
C PHE D 47 70.35 0.93 22.57
N SER D 48 71.24 1.46 23.42
CA SER D 48 71.34 2.89 23.63
C SER D 48 71.71 3.63 22.36
N TYR D 49 72.37 2.96 21.41
CA TYR D 49 72.69 3.56 20.14
C TYR D 49 71.61 3.34 19.09
N ALA D 50 70.60 2.52 19.39
CA ALA D 50 69.51 2.28 18.45
C ALA D 50 68.31 3.17 18.72
N ILE D 51 67.82 3.19 19.96
CA ILE D 51 66.61 3.98 20.20
C ILE D 51 66.85 5.48 20.09
N LEU D 52 68.07 5.94 20.41
CA LEU D 52 68.47 7.29 20.03
C LEU D 52 68.06 7.59 18.58
N GLY D 53 68.53 6.76 17.66
CA GLY D 53 68.23 6.99 16.26
C GLY D 53 66.75 6.84 15.96
N PHE D 54 66.09 5.91 16.63
CA PHE D 54 64.63 5.81 16.54
C PHE D 54 63.98 7.17 16.83
N ALA D 55 64.37 7.79 17.94
CA ALA D 55 63.84 9.09 18.31
C ALA D 55 64.06 10.10 17.19
N LEU D 56 65.30 10.23 16.76
CA LEU D 56 65.62 11.16 15.68
C LEU D 56 64.67 10.98 14.51
N SER D 57 64.64 9.77 13.96
CA SER D 57 63.93 9.52 12.72
C SER D 57 62.43 9.53 12.88
N GLU D 58 61.91 9.42 14.09
CA GLU D 58 60.48 9.62 14.28
C GLU D 58 60.13 11.10 14.36
N ALA D 59 60.86 11.84 15.21
CA ALA D 59 60.71 13.29 15.24
C ALA D 59 60.62 13.87 13.84
N MET D 60 61.50 13.40 12.94
CA MET D 60 61.53 14.05 11.63
C MET D 60 60.37 13.62 10.70
N GLY D 61 59.34 12.91 11.14
CA GLY D 61 58.10 12.79 10.38
C GLY D 61 56.92 13.30 11.16
N LEU D 62 57.02 13.17 12.49
CA LEU D 62 56.00 13.76 13.35
C LEU D 62 55.93 15.26 13.14
N PHE D 63 57.08 15.91 12.92
CA PHE D 63 57.02 17.32 12.54
C PHE D 63 56.10 17.54 11.35
N CYS D 64 56.27 16.71 10.32
CA CYS D 64 55.52 16.93 9.09
C CYS D 64 54.02 16.76 9.30
N LEU D 65 53.63 15.76 10.08
CA LEU D 65 52.21 15.61 10.37
C LEU D 65 51.68 16.77 11.20
N MET D 66 52.49 17.27 12.14
CA MET D 66 52.10 18.48 12.86
C MET D 66 51.86 19.63 11.90
N VAL D 67 52.68 19.72 10.85
CA VAL D 67 52.51 20.80 9.88
C VAL D 67 51.25 20.60 9.06
N ALA D 68 50.93 19.36 8.73
CA ALA D 68 49.66 19.10 8.04
C ALA D 68 48.48 19.55 8.88
N PHE D 69 48.47 19.18 10.16
CA PHE D 69 47.43 19.64 11.07
C PHE D 69 47.35 21.16 11.07
N LEU D 70 48.51 21.82 11.19
CA LEU D 70 48.53 23.28 11.18
C LEU D 70 47.88 23.84 9.92
N ILE D 71 48.31 23.37 8.76
CA ILE D 71 47.73 23.83 7.51
C ILE D 71 46.22 23.67 7.52
N LEU D 72 45.74 22.53 8.01
CA LEU D 72 44.30 22.32 8.05
C LEU D 72 43.61 23.34 8.94
N PHE D 73 43.91 23.32 10.23
CA PHE D 73 43.11 24.01 11.24
C PHE D 73 43.70 25.37 11.61
N ALA D 74 44.34 26.06 10.67
CA ALA D 74 44.89 27.37 10.93
C ALA D 74 45.49 27.97 9.66
N ASP E 1 30.37 18.85 -2.67
CA ASP E 1 30.88 17.98 -3.78
C ASP E 1 32.37 18.22 -3.97
N ILE E 2 32.72 19.47 -4.24
CA ILE E 2 34.11 19.81 -4.48
C ILE E 2 34.96 19.52 -3.24
N ASP E 3 34.49 19.95 -2.07
CA ASP E 3 35.14 19.56 -0.83
C ASP E 3 35.16 18.04 -0.68
N THR E 4 34.12 17.38 -1.18
CA THR E 4 34.06 15.92 -1.11
C THR E 4 35.22 15.30 -1.89
N ALA E 5 35.30 15.62 -3.17
CA ALA E 5 36.39 15.09 -3.99
C ALA E 5 37.75 15.50 -3.44
N ALA E 6 37.83 16.67 -2.81
CA ALA E 6 39.10 17.09 -2.24
C ALA E 6 39.49 16.23 -1.05
N LYS E 7 38.51 15.92 -0.19
CA LYS E 7 38.73 14.93 0.86
C LYS E 7 39.22 13.62 0.25
N PHE E 8 38.55 13.17 -0.80
CA PHE E 8 38.95 11.94 -1.48
C PHE E 8 40.42 11.98 -1.88
N ILE E 9 40.83 13.10 -2.45
CA ILE E 9 42.20 13.22 -2.96
C ILE E 9 43.19 13.21 -1.81
N GLY E 10 42.96 14.06 -0.82
CA GLY E 10 43.81 14.06 0.36
C GLY E 10 43.95 12.67 0.96
N ALA E 11 42.87 11.90 0.91
CA ALA E 11 42.91 10.54 1.45
C ALA E 11 43.79 9.64 0.59
N GLY E 12 43.55 9.65 -0.72
CA GLY E 12 44.35 8.84 -1.61
C GLY E 12 45.82 9.19 -1.55
N ALA E 13 46.13 10.42 -1.13
CA ALA E 13 47.51 10.83 -0.99
C ALA E 13 48.10 10.35 0.33
N ALA E 14 47.38 10.57 1.43
CA ALA E 14 47.88 10.16 2.72
C ALA E 14 48.00 8.65 2.85
N THR E 15 47.36 7.91 1.94
CA THR E 15 47.47 6.45 1.99
C THR E 15 48.91 5.96 2.00
N VAL E 16 49.84 6.74 1.43
CA VAL E 16 51.08 6.15 0.92
C VAL E 16 52.14 6.00 2.01
N GLY E 17 51.92 6.59 3.19
CA GLY E 17 52.92 6.52 4.24
C GLY E 17 53.20 5.13 4.79
N VAL E 18 52.62 4.12 4.16
CA VAL E 18 52.81 2.74 4.62
C VAL E 18 54.09 2.11 4.09
N ALA E 19 54.73 2.72 3.10
CA ALA E 19 55.85 2.07 2.45
C ALA E 19 57.06 2.01 3.37
N GLY E 20 57.30 3.07 4.13
CA GLY E 20 58.33 3.00 5.15
C GLY E 20 58.18 1.78 6.02
N SER E 21 56.94 1.46 6.38
CA SER E 21 56.69 0.33 7.26
C SER E 21 56.92 -0.99 6.54
N GLY E 22 56.37 -1.13 5.33
CA GLY E 22 56.59 -2.35 4.57
C GLY E 22 58.07 -2.64 4.42
N ALA E 23 58.84 -1.62 4.06
CA ALA E 23 60.28 -1.75 3.98
C ALA E 23 60.85 -2.21 5.31
N GLY E 24 60.75 -1.36 6.34
CA GLY E 24 61.29 -1.73 7.63
C GLY E 24 60.97 -3.15 8.02
N ILE E 25 59.78 -3.63 7.65
CA ILE E 25 59.37 -4.98 7.98
C ILE E 25 60.26 -6.00 7.29
N GLY E 26 60.28 -5.96 5.95
CA GLY E 26 61.13 -6.91 5.25
C GLY E 26 62.57 -6.80 5.66
N THR E 27 63.04 -5.58 5.89
CA THR E 27 64.41 -5.33 6.30
C THR E 27 64.74 -6.07 7.59
N VAL E 28 63.93 -5.83 8.62
CA VAL E 28 64.26 -6.39 9.92
C VAL E 28 64.10 -7.90 9.91
N PHE E 29 63.15 -8.44 9.14
CA PHE E 29 63.08 -9.89 9.06
C PHE E 29 64.29 -10.49 8.39
N GLY E 30 64.77 -9.88 7.31
CA GLY E 30 66.05 -10.31 6.76
C GLY E 30 67.16 -10.28 7.79
N SER E 31 67.25 -9.16 8.52
CA SER E 31 68.28 -9.05 9.53
C SER E 31 68.17 -10.17 10.55
N LEU E 32 66.95 -10.58 10.88
CA LEU E 32 66.74 -11.62 11.88
C LEU E 32 67.15 -12.97 11.34
N ILE E 33 66.65 -13.33 10.15
CA ILE E 33 67.03 -14.61 9.56
C ILE E 33 68.54 -14.71 9.51
N ILE E 34 69.22 -13.61 9.26
CA ILE E 34 70.68 -13.65 9.18
C ILE E 34 71.28 -13.90 10.56
N GLY E 35 71.04 -12.96 11.47
CA GLY E 35 71.57 -13.05 12.82
C GLY E 35 71.19 -14.32 13.55
N TYR E 36 70.29 -15.12 12.97
CA TYR E 36 70.03 -16.45 13.48
C TYR E 36 70.81 -17.49 12.69
N ALA E 37 70.83 -17.37 11.37
CA ALA E 37 71.59 -18.31 10.54
C ALA E 37 73.02 -18.44 11.02
N ARG E 38 73.60 -17.36 11.54
CA ARG E 38 74.95 -17.43 12.07
C ARG E 38 74.99 -17.35 13.58
N ASN E 39 73.86 -17.59 14.25
CA ASN E 39 73.89 -17.85 15.68
C ASN E 39 72.56 -18.44 16.13
N PRO E 40 72.25 -19.69 15.79
CA PRO E 40 70.92 -20.24 16.10
C PRO E 40 70.64 -20.37 17.59
N SER E 41 71.55 -19.97 18.47
CA SER E 41 71.35 -20.16 19.91
C SER E 41 70.32 -19.17 20.47
N LEU E 42 70.60 -17.88 20.36
CA LEU E 42 69.83 -16.87 21.09
C LEU E 42 68.66 -16.26 20.29
N M3L E 43 68.05 -17.16 19.52
CA M3L E 43 66.76 -16.98 18.93
CB M3L E 43 66.15 -18.37 18.71
C M3L E 43 65.76 -16.13 19.70
O M3L E 43 65.02 -15.33 19.15
H M3L E 43 68.43 -18.06 19.27
HA M3L E 43 66.90 -16.49 17.92
N GLN E 44 65.72 -16.35 21.01
CA GLN E 44 64.72 -15.69 21.84
C GLN E 44 64.87 -14.18 21.78
N GLN E 45 66.07 -13.69 22.09
CA GLN E 45 66.27 -12.24 22.08
C GLN E 45 66.23 -11.70 20.67
N LEU E 46 66.68 -12.48 19.69
CA LEU E 46 66.55 -12.01 18.31
C LEU E 46 65.09 -11.76 17.95
N PHE E 47 64.21 -12.72 18.29
CA PHE E 47 62.80 -12.56 17.98
C PHE E 47 62.18 -11.39 18.73
N SER E 48 62.51 -11.26 20.02
CA SER E 48 62.04 -10.12 20.78
C SER E 48 62.36 -8.81 20.08
N TYR E 49 63.64 -8.61 19.73
CA TYR E 49 64.04 -7.38 19.07
C TYR E 49 63.52 -7.29 17.65
N ALA E 50 62.99 -8.39 17.11
CA ALA E 50 62.28 -8.30 15.84
C ALA E 50 60.91 -7.65 16.01
N ILE E 51 60.11 -8.18 16.93
CA ILE E 51 58.75 -7.66 17.05
C ILE E 51 58.76 -6.25 17.63
N LEU E 52 59.74 -5.93 18.47
CA LEU E 52 59.78 -4.57 19.02
C LEU E 52 59.99 -3.52 17.94
N GLY E 53 60.44 -3.92 16.74
CA GLY E 53 60.61 -2.99 15.65
C GLY E 53 59.43 -3.08 14.69
N PHE E 54 58.96 -4.32 14.53
CA PHE E 54 57.67 -4.55 13.89
C PHE E 54 56.64 -3.54 14.38
N ALA E 55 56.51 -3.42 15.70
CA ALA E 55 55.53 -2.53 16.29
C ALA E 55 55.83 -1.08 15.97
N LEU E 56 57.08 -0.68 16.11
CA LEU E 56 57.46 0.72 15.91
C LEU E 56 57.46 1.13 14.46
N SER E 57 57.16 0.21 13.56
CA SER E 57 56.86 0.55 12.17
C SER E 57 55.37 0.55 11.87
N GLU E 58 54.65 -0.48 12.32
CA GLU E 58 53.21 -0.49 12.14
C GLU E 58 52.56 0.72 12.80
N ALA E 59 53.15 1.21 13.90
CA ALA E 59 52.65 2.42 14.53
C ALA E 59 52.49 3.55 13.53
N MET E 60 53.52 3.81 12.73
CA MET E 60 53.45 4.94 11.80
C MET E 60 52.58 4.60 10.60
N GLY E 61 52.64 3.35 10.13
CA GLY E 61 51.70 2.95 9.10
C GLY E 61 50.26 3.29 9.47
N LEU E 62 49.90 3.01 10.71
CA LEU E 62 48.53 3.24 11.12
C LEU E 62 48.30 4.69 11.51
N PHE E 63 49.34 5.42 11.91
CA PHE E 63 49.22 6.88 11.93
C PHE E 63 48.65 7.38 10.62
N CYS E 64 49.24 6.91 9.51
CA CYS E 64 48.83 7.42 8.21
C CYS E 64 47.40 7.00 7.88
N LEU E 65 47.09 5.71 8.03
CA LEU E 65 45.71 5.30 7.78
C LEU E 65 44.72 6.03 8.68
N MET E 66 45.11 6.30 9.92
CA MET E 66 44.24 7.00 10.86
C MET E 66 43.95 8.42 10.38
N VAL E 67 44.98 9.13 9.93
CA VAL E 67 44.72 10.48 9.42
C VAL E 67 43.85 10.41 8.18
N ALA E 68 44.04 9.40 7.34
CA ALA E 68 43.19 9.24 6.17
C ALA E 68 41.72 9.18 6.58
N PHE E 69 41.38 8.26 7.46
CA PHE E 69 40.00 8.18 7.95
C PHE E 69 39.58 9.49 8.61
N LEU E 70 40.36 9.96 9.59
CA LEU E 70 40.08 11.22 10.26
C LEU E 70 39.61 12.29 9.29
N ILE E 71 40.23 12.37 8.13
CA ILE E 71 39.76 13.29 7.10
C ILE E 71 38.46 12.79 6.50
N LEU E 72 38.47 11.56 5.99
CA LEU E 72 37.38 11.09 5.14
C LEU E 72 36.04 11.16 5.85
N PHE E 73 35.99 10.71 7.10
CA PHE E 73 34.72 10.54 7.82
C PHE E 73 34.45 11.65 8.82
N ALA E 74 35.47 12.33 9.32
CA ALA E 74 35.28 13.31 10.39
C ALA E 74 36.10 14.56 10.15
N MET E 75 36.32 14.92 8.89
CA MET E 75 37.14 16.08 8.55
C MET E 75 38.50 16.00 9.24
N ASP F 1 30.07 14.38 -13.00
CA ASP F 1 30.48 14.00 -11.61
C ASP F 1 31.92 14.37 -11.35
N ILE F 2 32.17 14.95 -10.19
CA ILE F 2 33.54 15.22 -9.75
C ILE F 2 33.89 14.20 -8.68
N ASP F 3 32.88 13.78 -7.91
CA ASP F 3 33.13 12.74 -6.91
C ASP F 3 33.57 11.44 -7.56
N THR F 4 33.03 11.12 -8.74
CA THR F 4 33.53 9.96 -9.47
C THR F 4 35.01 10.12 -9.79
N ALA F 5 35.38 11.31 -10.27
CA ALA F 5 36.79 11.58 -10.57
C ALA F 5 37.66 11.34 -9.36
N ALA F 6 37.30 11.96 -8.24
CA ALA F 6 38.13 11.83 -7.04
C ALA F 6 38.11 10.42 -6.50
N LYS F 7 37.03 9.67 -6.77
CA LYS F 7 36.99 8.27 -6.35
C LYS F 7 38.01 7.45 -7.13
N PHE F 8 37.99 7.56 -8.45
CA PHE F 8 38.96 6.82 -9.25
C PHE F 8 40.38 7.25 -8.90
N ILE F 9 40.58 8.54 -8.66
CA ILE F 9 41.91 9.05 -8.37
C ILE F 9 42.39 8.54 -7.02
N GLY F 10 41.50 8.54 -6.01
CA GLY F 10 41.86 7.95 -4.75
C GLY F 10 42.25 6.50 -4.89
N ALA F 11 41.47 5.74 -5.66
CA ALA F 11 41.81 4.33 -5.88
C ALA F 11 43.22 4.20 -6.44
N GLY F 12 43.47 4.84 -7.57
CA GLY F 12 44.79 4.78 -8.17
C GLY F 12 45.88 5.18 -7.19
N ALA F 13 45.88 6.45 -6.79
CA ALA F 13 46.98 6.98 -6.00
C ALA F 13 47.00 6.44 -4.57
N ALA F 14 46.09 5.55 -4.21
CA ALA F 14 46.18 4.83 -2.96
C ALA F 14 46.56 3.37 -3.15
N THR F 15 46.58 2.89 -4.40
CA THR F 15 47.04 1.55 -4.72
C THR F 15 48.55 1.45 -4.82
N VAL F 16 49.28 2.38 -4.19
CA VAL F 16 50.73 2.42 -4.29
C VAL F 16 51.45 1.69 -3.15
N GLY F 17 50.81 1.53 -1.99
CA GLY F 17 51.45 0.90 -0.84
C GLY F 17 52.18 -0.39 -1.16
N VAL F 18 51.88 -1.01 -2.31
CA VAL F 18 52.59 -2.18 -2.79
C VAL F 18 54.11 -2.04 -2.74
N ALA F 19 54.62 -0.81 -2.74
CA ALA F 19 56.08 -0.61 -2.66
C ALA F 19 56.66 -1.24 -1.40
N GLY F 20 56.00 -1.04 -0.26
CA GLY F 20 56.45 -1.70 0.96
C GLY F 20 56.58 -3.20 0.79
N SER F 21 55.53 -3.82 0.27
CA SER F 21 55.56 -5.26 0.02
C SER F 21 56.75 -5.64 -0.84
N GLY F 22 56.91 -4.96 -1.98
CA GLY F 22 57.96 -5.32 -2.91
C GLY F 22 59.35 -5.23 -2.30
N ALA F 23 59.65 -4.06 -1.73
CA ALA F 23 60.95 -3.87 -1.13
C ALA F 23 61.23 -4.89 -0.04
N GLY F 24 60.29 -5.07 0.89
CA GLY F 24 60.51 -6.03 1.95
C GLY F 24 60.70 -7.44 1.42
N ILE F 25 59.96 -7.80 0.36
CA ILE F 25 60.12 -9.10 -0.26
C ILE F 25 61.54 -9.28 -0.75
N GLY F 26 62.01 -8.33 -1.54
CA GLY F 26 63.36 -8.41 -2.06
C GLY F 26 64.35 -8.60 -0.93
N THR F 27 64.22 -7.75 0.08
CA THR F 27 65.20 -7.75 1.16
C THR F 27 65.21 -9.08 1.89
N VAL F 28 64.02 -9.64 2.12
CA VAL F 28 63.91 -10.87 2.88
C VAL F 28 64.48 -12.04 2.08
N PHE F 29 64.08 -12.18 0.82
CA PHE F 29 64.61 -13.27 0.02
C PHE F 29 66.13 -13.16 -0.13
N GLY F 30 66.65 -11.94 -0.21
CA GLY F 30 68.10 -11.79 -0.26
C GLY F 30 68.76 -12.24 1.04
N SER F 31 68.20 -11.81 2.17
CA SER F 31 68.75 -12.24 3.45
C SER F 31 68.73 -13.74 3.55
N LEU F 32 67.71 -14.38 2.98
CA LEU F 32 67.65 -15.84 2.96
C LEU F 32 68.82 -16.39 2.16
N ILE F 33 68.96 -15.90 0.93
CA ILE F 33 70.03 -16.36 0.07
C ILE F 33 71.36 -16.35 0.83
N ILE F 34 71.61 -15.27 1.55
CA ILE F 34 72.91 -15.11 2.21
C ILE F 34 73.02 -16.06 3.39
N GLY F 35 72.10 -15.94 4.35
CA GLY F 35 72.16 -16.80 5.52
C GLY F 35 72.22 -18.27 5.16
N TYR F 36 71.69 -18.63 3.99
CA TYR F 36 71.72 -20.01 3.53
C TYR F 36 73.08 -20.35 2.95
N ALA F 37 73.59 -19.52 2.04
CA ALA F 37 74.94 -19.72 1.52
C ALA F 37 75.92 -19.96 2.65
N ARG F 38 75.72 -19.32 3.80
CA ARG F 38 76.60 -19.58 4.92
C ARG F 38 76.41 -20.99 5.45
N ASN F 39 75.20 -21.29 5.91
CA ASN F 39 74.92 -22.53 6.63
C ASN F 39 73.76 -23.26 5.96
N PRO F 40 74.00 -24.39 5.28
CA PRO F 40 72.91 -25.04 4.54
C PRO F 40 72.06 -25.99 5.37
N SER F 41 72.18 -25.90 6.69
CA SER F 41 71.54 -26.88 7.55
C SER F 41 70.12 -26.49 7.94
N LEU F 42 69.96 -25.30 8.52
CA LEU F 42 68.71 -24.94 9.18
C LEU F 42 67.67 -24.42 8.20
N M3L F 43 67.72 -24.91 6.97
CA M3L F 43 66.89 -24.41 5.90
CB M3L F 43 66.98 -25.28 4.63
CG M3L F 43 66.53 -26.69 4.88
CD M3L F 43 66.98 -27.57 3.72
CE M3L F 43 65.92 -27.50 2.63
NZ M3L F 43 66.16 -28.25 1.33
C M3L F 43 65.42 -24.31 6.24
O M3L F 43 64.70 -23.42 5.81
CM1 M3L F 43 65.01 -29.14 0.99
CM2 M3L F 43 67.42 -29.05 1.36
CM3 M3L F 43 66.31 -27.25 0.23
H M3L F 43 68.32 -25.65 6.65
HA M3L F 43 67.24 -23.37 5.64
HB2 M3L F 43 68.06 -25.25 4.29
HB3 M3L F 43 66.37 -24.81 3.81
HG2 M3L F 43 65.42 -26.73 4.96
HG3 M3L F 43 66.97 -27.07 5.84
HD2 M3L F 43 67.10 -28.62 4.10
HD3 M3L F 43 67.98 -27.23 3.36
HE2 M3L F 43 65.77 -26.42 2.34
HE3 M3L F 43 64.96 -27.89 3.05
HM11 M3L F 43 65.12 -29.53 -0.05
HM12 M3L F 43 64.06 -28.56 1.08
HM13 M3L F 43 64.99 -30.01 1.70
HM21 M3L F 43 67.52 -29.61 0.39
HM22 M3L F 43 67.38 -29.79 2.20
HM23 M3L F 43 68.30 -28.37 1.49
HM31 M3L F 43 66.56 -27.78 -0.73
HM32 M3L F 43 67.13 -26.53 0.49
HM33 M3L F 43 65.34 -26.69 0.10
N GLN F 44 64.96 -25.24 7.06
CA GLN F 44 63.55 -25.28 7.43
C GLN F 44 63.18 -24.08 8.29
N GLN F 45 63.87 -23.92 9.42
CA GLN F 45 63.61 -22.77 10.29
C GLN F 45 63.77 -21.46 9.53
N LEU F 46 64.79 -21.41 8.67
CA LEU F 46 65.04 -20.19 7.92
C LEU F 46 63.88 -19.90 6.98
N PHE F 47 63.47 -20.88 6.18
CA PHE F 47 62.33 -20.72 5.29
C PHE F 47 61.07 -20.42 6.08
N SER F 48 61.02 -20.82 7.35
CA SER F 48 59.85 -20.52 8.16
C SER F 48 59.76 -19.02 8.43
N TYR F 49 60.83 -18.44 8.96
CA TYR F 49 60.83 -16.99 9.10
C TYR F 49 60.63 -16.32 7.75
N ALA F 50 61.07 -16.97 6.68
CA ALA F 50 60.89 -16.42 5.34
C ALA F 50 59.41 -16.28 5.00
N ILE F 51 58.64 -17.35 5.19
CA ILE F 51 57.21 -17.31 4.94
C ILE F 51 56.54 -16.30 5.88
N LEU F 52 56.99 -16.25 7.13
CA LEU F 52 56.50 -15.22 8.03
C LEU F 52 56.60 -13.84 7.38
N GLY F 53 57.78 -13.50 6.87
CA GLY F 53 57.95 -12.18 6.27
C GLY F 53 57.12 -12.02 5.00
N PHE F 54 57.18 -13.02 4.13
CA PHE F 54 56.34 -13.06 2.93
C PHE F 54 54.92 -12.59 3.23
N ALA F 55 54.24 -13.31 4.11
CA ALA F 55 52.83 -13.03 4.32
C ALA F 55 52.63 -11.77 5.17
N LEU F 56 53.56 -11.50 6.09
CA LEU F 56 53.39 -10.33 6.94
C LEU F 56 53.63 -9.02 6.20
N SER F 57 54.33 -9.04 5.07
CA SER F 57 54.45 -7.87 4.22
C SER F 57 53.27 -7.77 3.26
N GLU F 58 52.94 -8.89 2.59
CA GLU F 58 51.68 -8.89 1.86
C GLU F 58 50.52 -8.45 2.75
N ALA F 59 50.68 -8.53 4.07
CA ALA F 59 49.65 -8.05 5.00
C ALA F 59 49.38 -6.57 4.78
N MET F 60 50.37 -5.72 5.05
CA MET F 60 50.19 -4.29 4.83
C MET F 60 49.82 -4.00 3.38
N GLY F 61 50.33 -4.81 2.46
CA GLY F 61 49.90 -4.68 1.08
C GLY F 61 48.40 -4.72 0.95
N LEU F 62 47.80 -5.81 1.45
CA LEU F 62 46.35 -5.97 1.36
C LEU F 62 45.60 -4.99 2.26
N PHE F 63 46.21 -4.52 3.35
CA PHE F 63 45.61 -3.43 4.11
C PHE F 63 45.35 -2.24 3.20
N CYS F 64 46.41 -1.72 2.57
CA CYS F 64 46.27 -0.60 1.66
C CYS F 64 45.27 -0.91 0.56
N LEU F 65 45.34 -2.12 0.01
CA LEU F 65 44.48 -2.44 -1.12
C LEU F 65 43.01 -2.49 -0.72
N MET F 66 42.70 -3.03 0.45
CA MET F 66 41.32 -3.06 0.89
C MET F 66 40.82 -1.68 1.24
N VAL F 67 41.70 -0.78 1.71
CA VAL F 67 41.25 0.60 1.90
C VAL F 67 40.92 1.25 0.56
N ALA F 68 41.75 0.99 -0.45
CA ALA F 68 41.44 1.47 -1.79
C ALA F 68 40.06 1.00 -2.22
N PHE F 69 39.87 -0.32 -2.28
CA PHE F 69 38.57 -0.86 -2.66
C PHE F 69 37.48 -0.50 -1.66
N LEU F 70 37.84 0.00 -0.48
CA LEU F 70 36.86 0.49 0.49
C LEU F 70 36.25 1.80 0.01
N ILE F 71 37.10 2.72 -0.43
CA ILE F 71 36.61 4.03 -0.86
C ILE F 71 36.55 4.14 -2.38
N LEU F 72 36.68 3.04 -3.11
CA LEU F 72 36.54 3.09 -4.55
C LEU F 72 35.16 3.63 -4.93
N PHE F 73 34.14 2.83 -4.69
CA PHE F 73 32.76 3.22 -4.99
C PHE F 73 31.82 3.00 -3.81
N ALA F 74 32.10 2.03 -2.96
CA ALA F 74 31.19 1.53 -1.96
C ALA F 74 31.02 2.45 -0.76
N MET F 75 31.50 3.69 -0.81
CA MET F 75 31.41 4.60 0.33
C MET F 75 30.91 5.97 -0.12
N ASP G 1 34.37 16.02 -20.70
CA ASP G 1 34.10 15.53 -19.32
C ASP G 1 35.34 15.72 -18.45
N ILE G 2 35.09 15.97 -17.17
CA ILE G 2 36.19 16.05 -16.21
C ILE G 2 36.63 14.64 -15.82
N ASP G 3 35.68 13.74 -15.57
CA ASP G 3 36.02 12.40 -15.13
C ASP G 3 36.88 11.68 -16.15
N THR G 4 36.61 11.91 -17.44
CA THR G 4 37.41 11.27 -18.48
C THR G 4 38.88 11.65 -18.35
N ALA G 5 39.18 12.78 -17.70
CA ALA G 5 40.56 13.14 -17.43
C ALA G 5 41.11 12.32 -16.26
N ALA G 6 40.41 12.37 -15.11
CA ALA G 6 40.81 11.57 -13.98
C ALA G 6 41.05 10.13 -14.36
N LYS G 7 40.34 9.64 -15.39
CA LYS G 7 40.57 8.28 -15.88
C LYS G 7 42.05 8.04 -16.14
N PHE G 8 42.62 8.81 -17.07
CA PHE G 8 44.02 8.62 -17.44
C PHE G 8 44.94 9.07 -16.31
N ILE G 9 44.57 10.15 -15.62
CA ILE G 9 45.37 10.59 -14.47
C ILE G 9 45.65 9.43 -13.55
N GLY G 10 44.58 8.74 -13.12
CA GLY G 10 44.75 7.66 -12.17
C GLY G 10 45.37 6.43 -12.79
N ALA G 11 44.93 6.06 -14.00
CA ALA G 11 45.50 4.88 -14.65
C ALA G 11 46.99 5.06 -14.91
N GLY G 12 47.50 6.29 -14.82
CA GLY G 12 48.92 6.52 -14.90
C GLY G 12 49.58 6.56 -13.54
N ALA G 13 48.95 7.27 -12.61
CA ALA G 13 49.48 7.35 -11.25
C ALA G 13 49.52 6.00 -10.56
N ALA G 14 48.82 5.00 -11.10
CA ALA G 14 48.73 3.68 -10.49
C ALA G 14 49.90 2.78 -10.87
N THR G 15 51.04 3.36 -11.25
CA THR G 15 52.25 2.58 -11.50
C THR G 15 53.46 3.17 -10.78
N VAL G 16 53.22 4.03 -9.78
CA VAL G 16 54.29 4.56 -8.95
C VAL G 16 55.04 3.47 -8.20
N GLY G 17 54.48 2.25 -8.15
CA GLY G 17 54.91 1.29 -7.16
C GLY G 17 56.10 0.45 -7.56
N VAL G 18 56.29 0.23 -8.87
CA VAL G 18 57.32 -0.68 -9.34
C VAL G 18 58.70 -0.31 -8.80
N ALA G 19 58.81 0.87 -8.18
CA ALA G 19 59.95 1.16 -7.32
C ALA G 19 60.31 -0.04 -6.47
N GLY G 20 59.31 -0.67 -5.86
CA GLY G 20 59.57 -1.83 -5.02
C GLY G 20 60.25 -2.94 -5.79
N SER G 21 59.74 -3.24 -6.99
CA SER G 21 60.41 -4.23 -7.83
C SER G 21 61.86 -3.87 -8.04
N GLY G 22 62.12 -2.62 -8.35
CA GLY G 22 63.48 -2.18 -8.60
C GLY G 22 64.37 -2.52 -7.43
N ALA G 23 64.01 -1.97 -6.26
CA ALA G 23 64.85 -2.13 -5.09
C ALA G 23 65.01 -3.59 -4.72
N GLY G 24 63.93 -4.35 -4.82
CA GLY G 24 63.98 -5.75 -4.48
C GLY G 24 64.97 -6.46 -5.38
N ILE G 25 64.66 -6.57 -6.68
CA ILE G 25 65.54 -7.31 -7.57
C ILE G 25 66.99 -6.89 -7.39
N GLY G 26 67.22 -5.59 -7.19
CA GLY G 26 68.57 -5.16 -6.93
C GLY G 26 69.16 -5.92 -5.76
N THR G 27 68.53 -5.77 -4.60
CA THR G 27 69.08 -6.41 -3.41
C THR G 27 69.15 -7.92 -3.58
N VAL G 28 68.23 -8.46 -4.37
CA VAL G 28 68.13 -9.90 -4.54
C VAL G 28 69.35 -10.44 -5.26
N PHE G 29 69.55 -9.99 -6.50
CA PHE G 29 70.71 -10.47 -7.23
C PHE G 29 72.01 -10.02 -6.58
N GLY G 30 71.97 -9.00 -5.72
CA GLY G 30 73.17 -8.66 -4.97
C GLY G 30 73.52 -9.74 -3.97
N SER G 31 72.53 -10.15 -3.19
CA SER G 31 72.76 -11.23 -2.24
C SER G 31 73.10 -12.53 -2.96
N LEU G 32 72.59 -12.71 -4.17
CA LEU G 32 72.93 -13.91 -4.95
C LEU G 32 74.39 -13.89 -5.38
N ILE G 33 74.82 -12.77 -5.95
CA ILE G 33 76.25 -12.57 -6.21
C ILE G 33 77.06 -12.98 -5.00
N ILE G 34 76.71 -12.44 -3.83
CA ILE G 34 77.54 -12.66 -2.65
C ILE G 34 77.52 -14.14 -2.28
N GLY G 35 76.37 -14.78 -2.46
CA GLY G 35 76.28 -16.19 -2.16
C GLY G 35 77.25 -16.98 -3.02
N TYR G 36 77.03 -16.92 -4.33
CA TYR G 36 77.91 -17.66 -5.23
C TYR G 36 79.37 -17.29 -5.01
N ALA G 37 79.64 -16.10 -4.48
CA ALA G 37 81.00 -15.66 -4.25
C ALA G 37 81.52 -16.00 -2.86
N ARG G 38 80.69 -16.61 -2.02
CA ARG G 38 81.14 -17.09 -0.72
C ARG G 38 81.06 -18.61 -0.59
N ASN G 39 80.30 -19.29 -1.44
CA ASN G 39 80.11 -20.72 -1.34
C ASN G 39 79.61 -21.25 -2.68
N PRO G 40 80.47 -21.38 -3.67
CA PRO G 40 80.02 -21.68 -5.03
C PRO G 40 79.23 -22.98 -5.18
N SER G 41 79.11 -23.75 -4.12
CA SER G 41 78.44 -25.05 -4.18
C SER G 41 76.93 -24.94 -4.01
N LEU G 42 76.37 -23.75 -4.18
CA LEU G 42 74.94 -23.54 -3.97
C LEU G 42 74.28 -22.88 -5.18
N M3L G 43 75.06 -22.74 -6.25
CA M3L G 43 74.62 -22.04 -7.43
CB M3L G 43 75.45 -22.44 -8.66
C M3L G 43 73.16 -22.21 -7.81
O M3L G 43 72.38 -21.26 -7.88
H M3L G 43 75.99 -23.10 -6.35
HA M3L G 43 74.78 -20.93 -7.25
N GLN G 44 72.76 -23.45 -8.04
CA GLN G 44 71.41 -23.73 -8.53
C GLN G 44 70.35 -23.45 -7.47
N GLN G 45 70.64 -23.83 -6.22
CA GLN G 45 69.70 -23.56 -5.14
C GLN G 45 69.38 -22.07 -5.05
N LEU G 46 70.43 -21.25 -4.93
CA LEU G 46 70.21 -19.84 -4.77
C LEU G 46 69.72 -19.19 -6.05
N PHE G 47 70.04 -19.75 -7.21
CA PHE G 47 69.43 -19.28 -8.45
C PHE G 47 67.93 -19.49 -8.42
N SER G 48 67.49 -20.62 -7.86
CA SER G 48 66.05 -20.88 -7.74
C SER G 48 65.41 -19.90 -6.78
N TYR G 49 66.05 -19.66 -5.64
CA TYR G 49 65.51 -18.66 -4.72
C TYR G 49 65.44 -17.28 -5.37
N ALA G 50 66.41 -17.00 -6.25
CA ALA G 50 66.45 -15.71 -6.92
C ALA G 50 65.30 -15.57 -7.89
N ILE G 51 65.07 -16.60 -8.71
CA ILE G 51 63.93 -16.53 -9.63
C ILE G 51 62.62 -16.48 -8.86
N LEU G 52 62.57 -17.10 -7.68
CA LEU G 52 61.41 -16.96 -6.82
C LEU G 52 61.14 -15.49 -6.51
N GLY G 53 62.11 -14.82 -5.87
CA GLY G 53 61.93 -13.42 -5.53
C GLY G 53 61.64 -12.56 -6.75
N PHE G 54 62.35 -12.82 -7.83
CA PHE G 54 62.13 -12.13 -9.10
C PHE G 54 60.66 -12.20 -9.51
N ALA G 55 60.14 -13.42 -9.67
CA ALA G 55 58.75 -13.60 -10.02
C ALA G 55 57.84 -12.87 -9.04
N LEU G 56 58.10 -13.02 -7.75
CA LEU G 56 57.22 -12.44 -6.74
C LEU G 56 57.07 -10.93 -6.94
N SER G 57 58.18 -10.22 -6.87
CA SER G 57 58.10 -8.76 -6.91
C SER G 57 57.67 -8.27 -8.30
N GLU G 58 58.15 -8.94 -9.36
CA GLU G 58 57.69 -8.59 -10.69
C GLU G 58 56.18 -8.71 -10.79
N ALA G 59 55.61 -9.74 -10.15
CA ALA G 59 54.17 -9.93 -10.18
C ALA G 59 53.45 -8.83 -9.42
N MET G 60 53.98 -8.47 -8.25
CA MET G 60 53.42 -7.33 -7.53
C MET G 60 53.32 -6.12 -8.46
N GLY G 61 54.43 -5.76 -9.09
CA GLY G 61 54.44 -4.58 -9.94
C GLY G 61 53.51 -4.71 -11.13
N LEU G 62 53.45 -5.90 -11.72
CA LEU G 62 52.69 -6.04 -12.96
C LEU G 62 51.19 -6.13 -12.68
N PHE G 63 50.80 -6.65 -11.53
CA PHE G 63 49.39 -6.57 -11.16
C PHE G 63 49.01 -5.17 -10.72
N CYS G 64 49.97 -4.39 -10.18
CA CYS G 64 49.70 -2.96 -10.02
C CYS G 64 49.48 -2.30 -11.37
N LEU G 65 50.21 -2.74 -12.38
CA LEU G 65 49.99 -2.24 -13.72
C LEU G 65 48.61 -2.66 -14.24
N MET G 66 48.17 -3.86 -13.87
CA MET G 66 46.81 -4.28 -14.22
C MET G 66 45.78 -3.39 -13.55
N VAL G 67 46.06 -2.97 -12.32
CA VAL G 67 45.22 -1.97 -11.66
C VAL G 67 45.16 -0.71 -12.52
N ALA G 68 46.33 -0.20 -12.88
CA ALA G 68 46.39 0.96 -13.77
C ALA G 68 45.50 0.77 -14.99
N PHE G 69 45.58 -0.39 -15.63
CA PHE G 69 44.83 -0.62 -16.85
C PHE G 69 43.34 -0.63 -16.59
N LEU G 70 42.89 -1.49 -15.68
CA LEU G 70 41.46 -1.54 -15.37
C LEU G 70 40.92 -0.17 -15.00
N ILE G 71 41.78 0.70 -14.46
CA ILE G 71 41.37 2.09 -14.28
C ILE G 71 41.24 2.77 -15.63
N LEU G 72 42.22 2.55 -16.51
CA LEU G 72 42.16 3.13 -17.84
C LEU G 72 40.84 2.80 -18.53
N PHE G 73 40.51 1.51 -18.62
CA PHE G 73 39.36 1.08 -19.40
C PHE G 73 38.16 0.85 -18.50
N ALA G 74 38.00 1.69 -17.48
CA ALA G 74 36.87 1.61 -16.57
C ALA G 74 35.56 1.42 -17.31
N ASP H 1 42.35 22.53 -23.00
CA ASP H 1 41.42 21.38 -23.10
C ASP H 1 41.40 20.65 -21.78
N ILE H 2 40.78 19.47 -21.76
CA ILE H 2 40.73 18.66 -20.56
C ILE H 2 41.56 17.39 -20.69
N ASP H 3 41.53 16.71 -21.83
CA ASP H 3 42.36 15.53 -22.02
C ASP H 3 43.83 15.90 -22.19
N THR H 4 44.10 17.08 -22.72
CA THR H 4 45.48 17.52 -22.90
C THR H 4 46.23 17.51 -21.57
N ALA H 5 45.80 18.34 -20.63
CA ALA H 5 46.43 18.38 -19.32
C ALA H 5 46.34 17.03 -18.63
N ALA H 6 45.24 16.30 -18.87
CA ALA H 6 45.09 14.99 -18.28
C ALA H 6 46.27 14.10 -18.62
N LYS H 7 46.47 13.83 -19.90
CA LYS H 7 47.59 13.01 -20.34
C LYS H 7 48.91 13.62 -19.93
N PHE H 8 49.04 14.95 -20.01
CA PHE H 8 50.27 15.61 -19.60
C PHE H 8 50.69 15.12 -18.22
N ILE H 9 49.80 15.30 -17.25
CA ILE H 9 50.18 15.03 -15.86
C ILE H 9 50.20 13.53 -15.61
N GLY H 10 49.36 12.77 -16.33
CA GLY H 10 49.42 11.32 -16.18
C GLY H 10 50.80 10.79 -16.52
N ALA H 11 51.40 11.34 -17.58
CA ALA H 11 52.74 10.90 -17.96
C ALA H 11 53.79 11.49 -17.01
N GLY H 12 53.63 12.75 -16.65
CA GLY H 12 54.55 13.35 -15.69
C GLY H 12 54.53 12.65 -14.35
N ALA H 13 53.52 11.83 -14.10
CA ALA H 13 53.46 11.02 -12.89
C ALA H 13 54.00 9.62 -13.14
N ALA H 14 53.54 8.95 -14.19
CA ALA H 14 54.03 7.60 -14.50
C ALA H 14 55.51 7.58 -14.75
N THR H 15 56.12 8.71 -15.10
CA THR H 15 57.56 8.80 -15.31
C THR H 15 58.36 8.69 -14.02
N VAL H 16 57.71 8.43 -12.89
CA VAL H 16 58.43 8.33 -11.63
C VAL H 16 58.64 6.88 -11.20
N GLY H 17 58.15 5.92 -11.98
CA GLY H 17 58.42 4.52 -11.70
C GLY H 17 59.76 4.08 -12.23
N VAL H 18 60.77 4.93 -12.09
CA VAL H 18 62.09 4.67 -12.62
C VAL H 18 63.17 4.79 -11.55
N ALA H 19 62.95 5.57 -10.49
CA ALA H 19 63.94 5.70 -9.44
C ALA H 19 64.25 4.38 -8.78
N GLY H 20 63.25 3.51 -8.66
CA GLY H 20 63.50 2.21 -8.07
C GLY H 20 64.43 1.37 -8.92
N SER H 21 64.16 1.31 -10.22
CA SER H 21 65.06 0.60 -11.12
C SER H 21 66.47 1.19 -11.04
N GLY H 22 66.58 2.52 -10.93
CA GLY H 22 67.87 3.15 -10.80
C GLY H 22 68.63 2.65 -9.59
N ALA H 23 68.02 2.85 -8.42
CA ALA H 23 68.66 2.41 -7.19
C ALA H 23 68.94 0.92 -7.20
N GLY H 24 68.10 0.14 -7.88
CA GLY H 24 68.34 -1.28 -7.99
C GLY H 24 69.63 -1.58 -8.73
N ILE H 25 69.80 -0.93 -9.89
CA ILE H 25 71.07 -1.03 -10.61
C ILE H 25 72.22 -0.70 -9.69
N GLY H 26 72.11 0.41 -8.97
CA GLY H 26 73.21 0.82 -8.11
C GLY H 26 73.56 -0.24 -7.08
N THR H 27 72.54 -0.82 -6.46
CA THR H 27 72.78 -1.76 -5.39
C THR H 27 73.34 -3.07 -5.92
N VAL H 28 72.84 -3.52 -7.07
CA VAL H 28 73.36 -4.74 -7.65
C VAL H 28 74.83 -4.57 -7.99
N PHE H 29 75.21 -3.36 -8.40
CA PHE H 29 76.63 -3.12 -8.70
C PHE H 29 77.48 -3.06 -7.44
N GLY H 30 76.97 -2.48 -6.36
CA GLY H 30 77.70 -2.54 -5.10
C GLY H 30 77.93 -3.97 -4.66
N SER H 31 76.89 -4.80 -4.80
CA SER H 31 77.03 -6.20 -4.41
C SER H 31 78.04 -6.92 -5.28
N LEU H 32 78.01 -6.67 -6.60
CA LEU H 32 79.07 -7.19 -7.46
C LEU H 32 80.44 -6.83 -6.93
N ILE H 33 80.63 -5.56 -6.61
CA ILE H 33 81.92 -5.13 -6.08
C ILE H 33 82.34 -6.01 -4.92
N ILE H 34 81.49 -6.15 -3.90
CA ILE H 34 81.92 -6.89 -2.72
C ILE H 34 82.24 -8.33 -3.09
N GLY H 35 81.30 -8.98 -3.77
CA GLY H 35 81.51 -10.36 -4.15
C GLY H 35 82.84 -10.57 -4.84
N TYR H 36 83.14 -9.73 -5.83
CA TYR H 36 84.42 -9.84 -6.52
C TYR H 36 85.57 -9.67 -5.54
N ALA H 37 85.51 -8.62 -4.71
CA ALA H 37 86.59 -8.35 -3.77
C ALA H 37 86.79 -9.48 -2.78
N ARG H 38 85.86 -10.44 -2.71
CA ARG H 38 86.14 -11.63 -1.91
C ARG H 38 86.80 -12.72 -2.74
N ASN H 39 86.30 -12.97 -3.94
CA ASN H 39 86.71 -14.07 -4.80
C ASN H 39 87.05 -13.49 -6.17
N PRO H 40 88.29 -13.05 -6.38
CA PRO H 40 88.61 -12.30 -7.60
C PRO H 40 88.75 -13.18 -8.84
N SER H 41 88.32 -14.43 -8.77
CA SER H 41 88.57 -15.38 -9.85
C SER H 41 87.32 -15.78 -10.62
N LEU H 42 86.15 -15.36 -10.18
CA LEU H 42 84.91 -15.73 -10.85
C LEU H 42 84.24 -14.49 -11.46
N M3L H 43 85.08 -13.49 -11.68
CA M3L H 43 84.69 -12.26 -12.29
CB M3L H 43 85.94 -11.58 -12.86
C M3L H 43 83.66 -12.40 -13.39
O M3L H 43 82.65 -11.70 -13.49
H M3L H 43 86.05 -13.48 -11.45
HA M3L H 43 84.24 -11.59 -11.49
N GLN H 44 83.95 -13.34 -14.28
CA GLN H 44 83.17 -13.53 -15.49
C GLN H 44 81.71 -13.79 -15.14
N GLN H 45 81.52 -14.76 -14.23
CA GLN H 45 80.16 -15.17 -13.91
C GLN H 45 79.47 -14.13 -13.05
N LEU H 46 80.20 -13.53 -12.10
CA LEU H 46 79.62 -12.41 -11.36
C LEU H 46 79.05 -11.38 -12.34
N PHE H 47 79.83 -11.08 -13.39
CA PHE H 47 79.45 -10.01 -14.30
C PHE H 47 78.27 -10.44 -15.16
N SER H 48 78.25 -11.69 -15.62
CA SER H 48 77.09 -12.18 -16.35
C SER H 48 75.82 -11.98 -15.53
N TYR H 49 75.84 -12.45 -14.29
CA TYR H 49 74.68 -12.30 -13.42
C TYR H 49 74.28 -10.83 -13.28
N ALA H 50 75.27 -9.96 -13.03
CA ALA H 50 74.95 -8.56 -12.81
C ALA H 50 74.32 -7.92 -14.04
N ILE H 51 74.87 -8.21 -15.21
CA ILE H 51 74.34 -7.60 -16.42
C ILE H 51 72.93 -8.10 -16.67
N LEU H 52 72.65 -9.35 -16.30
CA LEU H 52 71.28 -9.83 -16.41
C LEU H 52 70.34 -9.01 -15.53
N GLY H 53 70.71 -8.85 -14.26
CA GLY H 53 69.89 -8.04 -13.37
C GLY H 53 69.65 -6.65 -13.94
N PHE H 54 70.67 -6.08 -14.56
CA PHE H 54 70.52 -4.77 -15.19
C PHE H 54 69.49 -4.82 -16.31
N ALA H 55 69.60 -5.82 -17.19
CA ALA H 55 68.60 -5.99 -18.23
C ALA H 55 67.20 -5.95 -17.64
N LEU H 56 67.00 -6.68 -16.55
CA LEU H 56 65.64 -6.80 -16.01
C LEU H 56 65.13 -5.48 -15.45
N SER H 57 65.92 -4.84 -14.57
CA SER H 57 65.48 -3.58 -13.99
C SER H 57 65.24 -2.53 -15.06
N GLU H 58 66.16 -2.44 -16.04
CA GLU H 58 65.99 -1.50 -17.13
C GLU H 58 64.73 -1.79 -17.91
N ALA H 59 64.42 -3.07 -18.12
CA ALA H 59 63.19 -3.44 -18.80
C ALA H 59 61.98 -2.90 -18.06
N MET H 60 61.97 -3.07 -16.73
CA MET H 60 60.83 -2.61 -15.96
C MET H 60 60.65 -1.11 -16.08
N GLY H 61 61.74 -0.36 -15.91
CA GLY H 61 61.65 1.08 -16.05
C GLY H 61 61.20 1.49 -17.44
N LEU H 62 61.72 0.82 -18.47
CA LEU H 62 61.36 1.16 -19.85
C LEU H 62 59.89 0.91 -20.10
N PHE H 63 59.32 -0.13 -19.49
CA PHE H 63 57.88 -0.33 -19.63
C PHE H 63 57.10 0.76 -18.92
N CYS H 64 57.55 1.12 -17.71
CA CYS H 64 56.87 2.19 -16.99
C CYS H 64 56.91 3.50 -17.77
N LEU H 65 57.90 3.66 -18.64
CA LEU H 65 58.00 4.88 -19.43
C LEU H 65 57.25 4.77 -20.75
N MET H 66 57.26 3.59 -21.37
CA MET H 66 56.40 3.36 -22.52
C MET H 66 54.95 3.65 -22.18
N VAL H 67 54.55 3.35 -20.94
CA VAL H 67 53.25 3.78 -20.46
C VAL H 67 53.07 5.27 -20.70
N ALA H 68 54.05 6.07 -20.29
CA ALA H 68 53.94 7.51 -20.42
C ALA H 68 53.84 7.93 -21.87
N PHE H 69 54.61 7.28 -22.74
CA PHE H 69 54.54 7.61 -24.17
C PHE H 69 53.14 7.33 -24.71
N LEU H 70 52.56 6.19 -24.33
CA LEU H 70 51.22 5.87 -24.78
C LEU H 70 50.22 6.88 -24.25
N ILE H 71 50.36 7.28 -22.98
CA ILE H 71 49.52 8.34 -22.44
C ILE H 71 49.62 9.58 -23.31
N LEU H 72 50.84 9.99 -23.62
CA LEU H 72 51.04 11.10 -24.53
C LEU H 72 50.21 10.92 -25.79
N PHE H 73 50.26 9.73 -26.37
CA PHE H 73 49.62 9.50 -27.66
C PHE H 73 48.58 8.39 -27.55
N ALA H 74 47.86 8.35 -26.44
CA ALA H 74 46.76 7.39 -26.27
C ALA H 74 45.58 7.78 -27.16
N ASP I 1 46.97 30.27 -21.43
CA ASP I 1 46.06 29.10 -21.53
C ASP I 1 46.34 28.11 -20.40
N ILE I 2 45.28 27.44 -19.94
CA ILE I 2 45.42 26.51 -18.82
C ILE I 2 46.45 25.44 -19.10
N ASP I 3 46.66 25.08 -20.37
CA ASP I 3 47.66 24.08 -20.70
C ASP I 3 49.05 24.50 -20.23
N THR I 4 49.30 25.79 -20.04
CA THR I 4 50.56 26.22 -19.47
C THR I 4 50.70 25.75 -18.02
N ALA I 5 49.68 26.02 -17.21
CA ALA I 5 49.61 25.46 -15.87
C ALA I 5 49.82 23.96 -15.89
N ALA I 6 49.14 23.27 -16.79
CA ALA I 6 49.24 21.82 -16.84
C ALA I 6 50.66 21.38 -17.21
N LYS I 7 51.32 22.15 -18.07
CA LYS I 7 52.70 21.85 -18.43
C LYS I 7 53.60 21.94 -17.21
N PHE I 8 53.48 23.05 -16.47
CA PHE I 8 54.30 23.21 -15.26
C PHE I 8 54.00 22.10 -14.27
N ILE I 9 52.74 21.66 -14.23
CA ILE I 9 52.35 20.58 -13.32
C ILE I 9 53.04 19.29 -13.70
N GLY I 10 52.93 18.90 -14.97
CA GLY I 10 53.61 17.71 -15.43
C GLY I 10 55.09 17.75 -15.17
N ALA I 11 55.72 18.93 -15.35
CA ALA I 11 57.15 19.05 -15.10
C ALA I 11 57.46 18.79 -13.63
N GLY I 12 56.73 19.44 -12.73
CA GLY I 12 56.96 19.23 -11.32
C GLY I 12 56.69 17.80 -10.89
N ALA I 13 55.75 17.13 -11.55
CA ALA I 13 55.47 15.73 -11.24
C ALA I 13 56.57 14.82 -11.73
N ALA I 14 57.17 15.14 -12.87
CA ALA I 14 58.09 14.22 -13.53
C ALA I 14 59.51 14.34 -13.01
N THR I 15 59.97 15.54 -12.69
CA THR I 15 61.39 15.70 -12.34
C THR I 15 61.77 14.91 -11.10
N VAL I 16 60.80 14.53 -10.29
CA VAL I 16 61.03 14.07 -8.92
C VAL I 16 61.86 12.80 -8.86
N GLY I 17 61.93 12.06 -9.96
CA GLY I 17 62.39 10.68 -9.91
C GLY I 17 63.89 10.50 -9.83
N VAL I 18 64.66 11.55 -9.58
CA VAL I 18 66.12 11.47 -9.62
C VAL I 18 66.65 10.86 -8.31
N ALA I 19 65.76 10.68 -7.35
CA ALA I 19 66.20 10.12 -6.07
C ALA I 19 66.72 8.71 -6.22
N GLY I 20 66.18 7.96 -7.17
CA GLY I 20 66.71 6.62 -7.43
C GLY I 20 68.17 6.65 -7.85
N SER I 21 68.52 7.57 -8.75
CA SER I 21 69.92 7.73 -9.12
C SER I 21 70.76 8.19 -7.95
N GLY I 22 70.25 9.12 -7.16
CA GLY I 22 70.96 9.51 -5.94
C GLY I 22 71.30 8.30 -5.09
N ALA I 23 70.30 7.44 -4.87
CA ALA I 23 70.52 6.22 -4.12
C ALA I 23 71.63 5.40 -4.75
N GLY I 24 71.41 4.93 -5.98
CA GLY I 24 72.41 4.09 -6.63
C GLY I 24 73.82 4.64 -6.49
N ILE I 25 73.95 5.97 -6.61
CA ILE I 25 75.25 6.61 -6.45
C ILE I 25 75.82 6.31 -5.07
N GLY I 26 75.08 6.71 -4.04
CA GLY I 26 75.56 6.48 -2.69
C GLY I 26 75.87 5.01 -2.45
N THR I 27 75.05 4.14 -3.03
CA THR I 27 75.18 2.71 -2.82
C THR I 27 76.49 2.20 -3.38
N VAL I 28 76.76 2.49 -4.66
CA VAL I 28 77.99 1.99 -5.26
C VAL I 28 79.19 2.53 -4.53
N PHE I 29 79.16 3.80 -4.14
CA PHE I 29 80.36 4.33 -3.50
C PHE I 29 80.59 3.69 -2.14
N GLY I 30 79.51 3.40 -1.39
CA GLY I 30 79.70 2.70 -0.13
C GLY I 30 80.24 1.30 -0.33
N SER I 31 79.66 0.57 -1.28
CA SER I 31 80.12 -0.79 -1.53
C SER I 31 81.57 -0.81 -2.00
N LEU I 32 81.94 0.16 -2.84
CA LEU I 32 83.33 0.34 -3.23
C LEU I 32 84.23 0.50 -2.03
N ILE I 33 83.81 1.32 -1.07
CA ILE I 33 84.67 1.52 0.10
C ILE I 33 84.84 0.20 0.84
N ILE I 34 83.75 -0.53 1.03
CA ILE I 34 83.84 -1.83 1.68
C ILE I 34 84.88 -2.68 0.98
N GLY I 35 84.70 -2.87 -0.32
CA GLY I 35 85.59 -3.69 -1.10
C GLY I 35 87.03 -3.28 -0.90
N TYR I 36 87.36 -2.06 -1.36
CA TYR I 36 88.72 -1.57 -1.21
C TYR I 36 89.25 -1.76 0.20
N ALA I 37 88.40 -1.80 1.22
CA ALA I 37 88.88 -2.05 2.56
C ALA I 37 89.10 -3.51 2.84
N ARG I 38 88.56 -4.39 1.99
CA ARG I 38 88.89 -5.81 2.10
C ARG I 38 90.22 -6.13 1.41
N ASN I 39 90.40 -5.65 0.18
CA ASN I 39 91.50 -6.05 -0.70
C ASN I 39 92.18 -4.80 -1.23
N PRO I 40 92.90 -4.07 -0.38
CA PRO I 40 93.46 -2.77 -0.78
C PRO I 40 94.21 -2.76 -2.10
N SER I 41 94.58 -3.93 -2.59
CA SER I 41 95.46 -4.05 -3.74
C SER I 41 94.70 -4.42 -5.01
N LEU I 42 93.50 -3.85 -5.17
CA LEU I 42 92.70 -4.08 -6.36
C LEU I 42 92.01 -2.78 -6.78
N M3L I 43 92.53 -1.69 -6.23
CA M3L I 43 92.03 -0.36 -6.45
CB M3L I 43 93.16 0.66 -6.29
C M3L I 43 91.41 -0.01 -7.79
O M3L I 43 90.31 0.50 -7.92
H M3L I 43 93.32 -1.67 -5.62
HA M3L I 43 91.25 -0.15 -5.67
N GLN I 44 92.20 -0.29 -8.81
CA GLN I 44 91.89 0.20 -10.14
C GLN I 44 90.66 -0.48 -10.66
N GLN I 45 90.65 -1.80 -10.55
CA GLN I 45 89.49 -2.55 -11.02
C GLN I 45 88.26 -2.22 -10.18
N LEU I 46 88.45 -1.99 -8.88
CA LEU I 46 87.32 -1.54 -8.05
C LEU I 46 86.72 -0.26 -8.61
N PHE I 47 87.52 0.79 -8.67
CA PHE I 47 87.07 2.07 -9.19
C PHE I 47 86.39 1.92 -10.55
N SER I 48 86.99 1.11 -11.42
CA SER I 48 86.43 0.97 -12.76
C SER I 48 85.06 0.32 -12.72
N TYR I 49 84.91 -0.76 -11.96
CA TYR I 49 83.58 -1.34 -11.77
C TYR I 49 82.60 -0.29 -11.28
N ALA I 50 83.04 0.54 -10.32
CA ALA I 50 82.17 1.58 -9.78
C ALA I 50 81.63 2.47 -10.89
N ILE I 51 82.53 3.02 -11.70
CA ILE I 51 82.15 4.04 -12.67
C ILE I 51 81.05 3.54 -13.58
N LEU I 52 81.15 2.29 -14.03
CA LEU I 52 80.15 1.71 -14.90
C LEU I 52 78.75 1.97 -14.36
N GLY I 53 78.45 1.43 -13.18
CA GLY I 53 77.11 1.52 -12.65
C GLY I 53 76.74 2.95 -12.29
N PHE I 54 77.70 3.69 -11.75
CA PHE I 54 77.49 5.12 -11.53
C PHE I 54 76.83 5.76 -12.75
N ALA I 55 77.49 5.63 -13.90
CA ALA I 55 77.00 6.27 -15.11
C ALA I 55 75.68 5.66 -15.56
N LEU I 56 75.54 4.34 -15.42
CA LEU I 56 74.32 3.70 -15.90
C LEU I 56 73.11 4.08 -15.06
N SER I 57 73.33 4.54 -13.83
CA SER I 57 72.23 5.05 -13.01
C SER I 57 71.89 6.48 -13.39
N GLU I 58 72.91 7.33 -13.50
CA GLU I 58 72.61 8.68 -13.99
C GLU I 58 72.00 8.63 -15.38
N ALA I 59 72.16 7.54 -16.11
CA ALA I 59 71.49 7.38 -17.39
C ALA I 59 69.98 7.49 -17.23
N MET I 60 69.42 6.69 -16.33
CA MET I 60 67.98 6.76 -16.08
C MET I 60 67.60 8.13 -15.52
N GLY I 61 68.43 8.66 -14.62
CA GLY I 61 68.14 10.00 -14.10
C GLY I 61 67.97 11.00 -15.23
N LEU I 62 68.87 10.95 -16.20
CA LEU I 62 68.83 11.91 -17.30
C LEU I 62 67.70 11.59 -18.26
N PHE I 63 67.31 10.32 -18.39
CA PHE I 63 66.11 10.01 -19.16
C PHE I 63 64.90 10.72 -18.57
N CYS I 64 64.80 10.70 -17.24
CA CYS I 64 63.71 11.39 -16.56
C CYS I 64 63.77 12.89 -16.83
N LEU I 65 64.93 13.49 -16.59
CA LEU I 65 65.04 14.92 -16.84
C LEU I 65 64.80 15.26 -18.30
N MET I 66 65.05 14.31 -19.20
CA MET I 66 64.91 14.58 -20.62
C MET I 66 63.44 14.60 -21.01
N VAL I 67 62.68 13.60 -20.56
CA VAL I 67 61.24 13.68 -20.77
C VAL I 67 60.69 14.95 -20.13
N ALA I 68 61.27 15.36 -18.99
CA ALA I 68 60.82 16.60 -18.36
C ALA I 68 60.96 17.78 -19.31
N PHE I 69 62.18 17.98 -19.82
CA PHE I 69 62.41 19.08 -20.75
C PHE I 69 61.47 18.98 -21.94
N LEU I 70 61.44 17.81 -22.58
CA LEU I 70 60.60 17.63 -23.77
C LEU I 70 59.17 18.04 -23.49
N ILE I 71 58.56 17.47 -22.44
CA ILE I 71 57.16 17.75 -22.16
C ILE I 71 56.96 19.22 -21.86
N LEU I 72 57.65 19.73 -20.83
CA LEU I 72 57.45 21.11 -20.42
C LEU I 72 57.55 22.06 -21.60
N PHE I 73 58.68 22.00 -22.31
CA PHE I 73 58.97 23.01 -23.32
C PHE I 73 58.25 22.74 -24.63
N ALA I 74 58.51 21.58 -25.23
CA ALA I 74 57.98 21.32 -26.57
C ALA I 74 56.53 20.88 -26.52
N MET I 75 56.25 19.76 -25.87
CA MET I 75 54.91 19.22 -25.83
C MET I 75 54.82 18.08 -24.82
N ASN J 4 30.31 10.85 13.57
CA ASN J 4 29.54 9.62 13.68
C ASN J 4 30.21 8.64 14.64
N LEU J 5 31.54 8.70 14.69
CA LEU J 5 32.33 7.72 15.41
C LEU J 5 33.42 8.31 16.30
N PHE J 6 33.70 9.60 16.20
CA PHE J 6 34.54 10.26 17.19
C PHE J 6 33.84 10.26 18.54
N ALA J 7 32.59 9.80 18.57
CA ALA J 7 31.81 9.78 19.79
C ALA J 7 32.63 9.23 20.96
N SER J 8 33.20 8.04 20.79
CA SER J 8 33.87 7.36 21.89
C SER J 8 34.98 8.20 22.52
N PHE J 9 35.41 9.26 21.86
CA PHE J 9 36.41 10.16 22.42
C PHE J 9 35.79 11.37 23.10
N ILE J 10 34.49 11.57 22.91
CA ILE J 10 33.80 12.67 23.58
C ILE J 10 33.83 12.43 25.08
N ALA J 11 34.09 13.49 25.83
CA ALA J 11 34.20 13.37 27.27
C ALA J 11 32.82 13.09 27.86
N PRO J 12 32.67 12.06 28.69
CA PRO J 12 31.34 11.69 29.17
C PRO J 12 31.01 12.30 30.52
N THR J 13 29.74 12.64 30.70
CA THR J 13 29.17 12.92 32.01
C THR J 13 27.71 12.50 31.96
N MET J 14 27.40 11.40 32.65
CA MET J 14 26.05 10.86 32.58
C MET J 14 24.99 11.96 32.77
N MET J 15 25.35 13.01 33.50
CA MET J 15 24.52 14.18 33.65
C MET J 15 25.47 15.37 33.79
N GLY J 16 24.95 16.49 34.27
CA GLY J 16 25.79 17.67 34.43
C GLY J 16 26.66 17.63 35.66
N LEU J 17 27.58 16.67 35.73
CA LEU J 17 28.46 16.52 36.88
C LEU J 17 29.82 16.02 36.42
N PRO J 18 30.86 16.18 37.26
CA PRO J 18 32.22 15.78 36.86
C PRO J 18 32.55 14.31 37.10
N ILE J 19 32.21 13.43 36.15
CA ILE J 19 32.43 12.00 36.36
C ILE J 19 33.82 11.53 35.92
N VAL J 20 34.33 12.05 34.80
CA VAL J 20 35.42 11.41 34.09
C VAL J 20 36.64 11.22 34.98
N THR J 21 36.66 11.85 36.14
CA THR J 21 37.72 11.62 37.11
C THR J 21 37.55 10.31 37.86
N LEU J 22 36.58 9.48 37.46
CA LEU J 22 36.44 8.14 38.00
C LEU J 22 36.84 7.06 37.03
N ILE J 23 36.76 7.35 35.72
CA ILE J 23 37.32 6.48 34.71
C ILE J 23 38.83 6.35 34.86
N ILE J 24 39.44 7.21 35.66
CA ILE J 24 40.90 7.31 35.72
C ILE J 24 41.46 6.66 36.97
N MET J 25 40.73 6.71 38.07
CA MET J 25 41.20 6.07 39.30
C MET J 25 40.71 4.63 39.44
N PHE J 26 39.90 4.15 38.50
CA PHE J 26 39.42 2.77 38.63
C PHE J 26 40.57 1.78 38.62
N PRO J 27 41.48 1.79 37.65
CA PRO J 27 42.63 0.89 37.70
C PRO J 27 43.33 0.81 39.04
N SER J 28 43.27 1.87 39.84
CA SER J 28 44.06 1.92 41.07
C SER J 28 43.83 0.70 41.94
N LEU J 29 42.71 0.00 41.75
CA LEU J 29 42.34 -1.11 42.62
C LEU J 29 42.33 -2.46 41.90
N LEU J 30 42.79 -2.52 40.65
CA LEU J 30 43.24 -3.76 40.06
C LEU J 30 44.69 -4.06 40.38
N PHE J 31 45.25 -3.39 41.38
CA PHE J 31 46.64 -3.59 41.79
C PHE J 31 46.71 -3.34 43.28
N PRO J 32 46.02 -4.15 44.06
CA PRO J 32 45.97 -3.93 45.51
C PRO J 32 47.33 -4.06 46.16
N THR J 33 47.37 -3.68 47.43
CA THR J 33 48.59 -3.64 48.20
C THR J 33 48.55 -4.69 49.29
N PRO J 34 49.68 -5.35 49.57
CA PRO J 34 49.70 -6.42 50.55
C PRO J 34 50.07 -5.93 51.95
N LYS J 35 49.56 -6.66 52.93
CA LYS J 35 49.87 -6.39 54.33
C LYS J 35 50.44 -7.60 55.05
N ARG J 36 50.00 -8.79 54.70
CA ARG J 36 50.63 -10.01 55.18
C ARG J 36 52.00 -10.11 54.53
N LEU J 37 52.79 -11.10 54.94
CA LEU J 37 54.06 -11.35 54.25
C LEU J 37 53.81 -12.11 52.96
N ILE J 38 53.30 -13.30 53.08
CA ILE J 38 52.81 -14.05 51.92
C ILE J 38 51.42 -13.52 51.63
N ASN J 39 50.95 -13.74 50.41
CA ASN J 39 49.66 -13.23 50.00
C ASN J 39 49.07 -14.20 48.98
N ASN J 40 48.01 -13.75 48.32
CA ASN J 40 47.35 -14.57 47.33
C ASN J 40 48.12 -14.53 46.02
N ARG J 41 47.49 -15.02 44.96
CA ARG J 41 48.14 -15.08 43.66
C ARG J 41 48.29 -13.69 43.05
N THR J 42 47.16 -13.03 42.83
CA THR J 42 47.11 -11.78 42.07
C THR J 42 48.10 -10.75 42.58
N ILE J 43 48.62 -10.88 43.79
CA ILE J 43 49.61 -9.97 44.31
C ILE J 43 51.02 -10.51 44.10
N SER J 44 51.23 -11.80 44.40
CA SER J 44 52.53 -12.40 44.18
C SER J 44 52.96 -12.22 42.73
N ILE J 45 52.03 -12.39 41.80
CA ILE J 45 52.37 -12.29 40.38
C ILE J 45 52.91 -10.91 40.06
N GLN J 46 52.09 -9.88 40.31
CA GLN J 46 52.50 -8.52 39.99
C GLN J 46 53.77 -8.14 40.74
N GLN J 47 53.93 -8.64 41.96
CA GLN J 47 55.14 -8.35 42.73
C GLN J 47 56.38 -8.86 42.00
N TRP J 48 56.36 -10.13 41.63
CA TRP J 48 57.44 -10.71 40.82
C TRP J 48 57.66 -9.89 39.55
N LEU J 49 56.59 -9.65 38.81
CA LEU J 49 56.67 -8.86 37.59
C LEU J 49 57.46 -7.59 37.80
N ILE J 50 57.17 -6.88 38.89
CA ILE J 50 57.78 -5.56 39.09
C ILE J 50 59.23 -5.69 39.49
N GLN J 51 59.54 -6.59 40.43
CA GLN J 51 60.94 -6.85 40.74
C GLN J 51 61.73 -7.06 39.46
N LEU J 52 61.19 -7.92 38.60
CA LEU J 52 61.82 -8.25 37.33
C LEU J 52 62.06 -7.00 36.50
N THR J 53 60.99 -6.27 36.19
CA THR J 53 61.12 -5.19 35.24
C THR J 53 62.05 -4.10 35.76
N SER J 54 62.05 -3.85 37.07
CA SER J 54 62.98 -2.87 37.62
C SER J 54 64.42 -3.36 37.45
N LYS J 55 64.71 -4.54 38.01
CA LYS J 55 66.06 -5.09 37.86
C LYS J 55 66.53 -5.02 36.42
N GLN J 56 65.61 -5.04 35.47
CA GLN J 56 66.01 -4.98 34.07
C GLN J 56 66.28 -3.55 33.61
N MET J 57 65.32 -2.64 33.75
CA MET J 57 65.48 -1.32 33.14
C MET J 57 66.37 -0.37 33.93
N MET J 58 66.37 -0.40 35.26
CA MET J 58 67.14 0.58 36.01
C MET J 58 68.57 0.14 36.27
N ALA J 59 69.13 -0.65 35.37
CA ALA J 59 70.51 -1.07 35.51
C ALA J 59 71.49 0.05 35.16
N ILE J 60 71.33 0.64 33.98
CA ILE J 60 72.31 1.59 33.46
C ILE J 60 72.48 2.80 34.37
N HIS J 61 71.37 3.37 34.83
CA HIS J 61 71.42 4.63 35.54
C HIS J 61 72.44 4.60 36.67
N ASN J 62 72.99 5.77 36.97
CA ASN J 62 73.92 5.92 38.07
C ASN J 62 73.15 5.90 39.39
N GLN J 63 73.83 6.20 40.48
CA GLN J 63 73.20 6.04 41.79
C GLN J 63 72.22 7.16 42.07
N LYS J 64 72.61 8.40 41.76
CA LYS J 64 71.68 9.51 41.91
C LYS J 64 70.44 9.29 41.07
N GLY J 65 70.62 8.88 39.82
CA GLY J 65 69.49 8.67 38.93
C GLY J 65 68.58 7.52 39.33
N GLN J 66 68.97 6.75 40.36
CA GLN J 66 68.19 5.61 40.81
C GLN J 66 67.15 5.98 41.86
N THR J 67 66.77 7.25 41.91
CA THR J 67 65.75 7.70 42.84
C THR J 67 64.37 7.78 42.21
N TRP J 68 64.28 7.60 40.90
CA TRP J 68 63.04 7.77 40.16
C TRP J 68 62.34 6.46 39.86
N SER J 69 62.80 5.36 40.46
CA SER J 69 62.20 4.06 40.18
C SER J 69 60.70 4.10 40.38
N LEU J 70 60.27 4.65 41.52
CA LEU J 70 58.86 4.77 41.82
C LEU J 70 58.12 5.45 40.68
N MET J 71 58.57 6.64 40.29
CA MET J 71 57.84 7.40 39.28
C MET J 71 57.74 6.63 37.98
N LEU J 72 58.86 6.07 37.52
CA LEU J 72 58.86 5.42 36.21
C LEU J 72 57.96 4.20 36.22
N MET J 73 58.10 3.33 37.22
CA MET J 73 57.30 2.12 37.21
C MET J 73 55.83 2.42 37.48
N SER J 74 55.52 3.46 38.22
CA SER J 74 54.13 3.83 38.40
C SER J 74 53.55 4.35 37.11
N LEU J 75 54.29 5.23 36.45
CA LEU J 75 53.91 5.71 35.13
C LEU J 75 53.57 4.54 34.20
N ILE J 76 54.49 3.58 34.10
CA ILE J 76 54.30 2.51 33.13
C ILE J 76 53.15 1.61 33.54
N MET J 77 52.97 1.38 34.84
CA MET J 77 51.87 0.56 35.31
C MET J 77 50.52 1.21 35.01
N PHE J 78 50.38 2.47 35.39
CA PHE J 78 49.17 3.23 35.12
C PHE J 78 48.80 3.17 33.64
N ILE J 79 49.77 3.46 32.77
CA ILE J 79 49.45 3.53 31.35
C ILE J 79 49.14 2.15 30.81
N GLY J 80 49.90 1.13 31.20
CA GLY J 80 49.63 -0.20 30.74
C GLY J 80 48.27 -0.70 31.15
N SER J 81 47.79 -0.23 32.31
CA SER J 81 46.42 -0.53 32.69
C SER J 81 45.44 0.19 31.77
N THR J 82 45.48 1.52 31.77
CA THR J 82 44.53 2.30 31.01
C THR J 82 44.38 1.79 29.59
N ASN J 83 45.51 1.58 28.90
CA ASN J 83 45.45 1.27 27.49
C ASN J 83 44.94 -0.13 27.20
N ILE J 84 44.93 -1.01 28.21
CA ILE J 84 44.31 -2.31 28.07
C ILE J 84 42.82 -2.16 28.31
N LEU J 85 42.47 -1.69 29.51
CA LEU J 85 41.08 -1.51 29.86
C LEU J 85 40.30 -0.85 28.75
N GLY J 86 40.87 0.17 28.12
CA GLY J 86 40.18 0.84 27.03
C GLY J 86 39.75 -0.07 25.90
N LEU J 87 40.26 -1.30 25.86
CA LEU J 87 39.93 -2.20 24.77
C LEU J 87 38.48 -2.63 24.78
N LEU J 88 37.87 -2.69 25.95
CA LEU J 88 36.60 -3.36 26.10
C LEU J 88 35.55 -2.77 25.16
N PRO J 89 34.43 -3.47 24.99
CA PRO J 89 33.37 -3.00 24.09
C PRO J 89 33.06 -1.52 24.14
N HIS J 90 32.73 -1.00 25.31
CA HIS J 90 32.21 0.35 25.47
C HIS J 90 32.96 1.10 26.56
N SER J 91 34.28 1.06 26.51
CA SER J 91 35.09 1.72 27.51
C SER J 91 35.81 2.92 26.92
N PHE J 92 36.27 3.79 27.82
CA PHE J 92 36.86 5.08 27.46
C PHE J 92 38.35 5.06 27.75
N THR J 93 39.12 5.61 26.82
CA THR J 93 40.57 5.69 26.97
C THR J 93 40.95 7.09 27.41
N PRO J 94 41.16 7.34 28.70
CA PRO J 94 41.50 8.69 29.16
C PRO J 94 42.85 9.20 28.67
N THR J 95 43.60 8.41 27.90
CA THR J 95 44.85 8.90 27.32
C THR J 95 44.62 9.65 26.02
N THR J 96 43.78 9.12 25.13
CA THR J 96 43.52 9.74 23.85
C THR J 96 43.02 11.17 23.99
N GLN J 97 42.70 11.61 25.20
CA GLN J 97 42.49 13.02 25.46
C GLN J 97 43.86 13.69 25.47
N LEU J 98 44.27 14.18 24.31
CA LEU J 98 45.62 14.69 24.10
C LEU J 98 46.13 15.50 25.28
N SER J 99 45.24 16.24 25.92
CA SER J 99 45.65 17.09 27.02
C SER J 99 46.33 16.27 28.11
N MET J 100 45.76 15.12 28.44
CA MET J 100 46.36 14.29 29.47
C MET J 100 47.78 13.93 29.09
N ASN J 101 48.00 13.59 27.82
CA ASN J 101 49.34 13.21 27.39
C ASN J 101 50.31 14.38 27.50
N LEU J 102 49.89 15.58 27.12
CA LEU J 102 50.77 16.73 27.28
C LEU J 102 51.11 16.98 28.74
N GLY J 103 50.11 16.91 29.61
CA GLY J 103 50.35 17.15 31.01
C GLY J 103 51.15 16.07 31.68
N MET J 104 51.21 14.89 31.08
CA MET J 104 52.05 13.83 31.59
C MET J 104 53.45 13.87 31.02
N ALA J 105 53.63 14.46 29.84
CA ALA J 105 54.93 14.52 29.21
C ALA J 105 55.74 15.70 29.73
N ILE J 106 55.20 16.90 29.56
CA ILE J 106 56.01 18.10 29.73
C ILE J 106 56.74 18.13 31.07
N PRO J 107 56.06 18.20 32.21
CA PRO J 107 56.78 18.36 33.49
C PRO J 107 58.02 17.50 33.61
N LEU J 108 57.93 16.24 33.18
CA LEU J 108 59.06 15.33 33.35
C LEU J 108 60.26 15.77 32.53
N TRP J 109 60.03 15.98 31.24
CA TRP J 109 61.09 16.45 30.35
C TRP J 109 61.70 17.74 30.86
N SER J 110 60.84 18.69 31.26
CA SER J 110 61.35 19.96 31.73
C SER J 110 62.20 19.80 32.98
N ALA J 111 61.74 18.96 33.91
CA ALA J 111 62.47 18.80 35.17
C ALA J 111 63.80 18.10 34.94
N THR J 112 63.84 17.19 33.96
CA THR J 112 65.11 16.57 33.59
C THR J 112 66.08 17.63 33.07
N VAL J 113 65.63 18.42 32.09
CA VAL J 113 66.46 19.49 31.57
C VAL J 113 66.93 20.41 32.68
N PHE J 114 66.08 20.62 33.69
CA PHE J 114 66.43 21.57 34.74
C PHE J 114 67.45 20.98 35.70
N THR J 115 67.37 19.68 35.96
CA THR J 115 68.45 19.03 36.67
C THR J 115 69.74 19.04 35.88
N GLY J 116 69.64 19.02 34.56
CA GLY J 116 70.81 19.07 33.71
C GLY J 116 71.46 20.43 33.58
N PHE J 117 70.69 21.50 33.79
CA PHE J 117 71.23 22.85 33.71
C PHE J 117 71.45 23.48 35.07
N ARG J 118 70.88 22.92 36.14
CA ARG J 118 71.23 23.34 37.49
C ARG J 118 72.59 22.79 37.88
N TYR J 119 72.84 21.54 37.56
CA TYR J 119 74.14 20.92 37.73
C TYR J 119 74.67 20.54 36.36
N LYS J 120 76.00 20.49 36.24
CA LYS J 120 76.64 20.13 34.99
C LYS J 120 76.36 21.18 33.92
N THR J 121 76.36 22.46 34.34
CA THR J 121 75.97 23.53 33.45
C THR J 121 76.80 23.52 32.18
N LYS J 122 78.12 23.66 32.33
CA LYS J 122 78.98 23.70 31.15
C LYS J 122 78.82 22.43 30.33
N THR J 123 78.66 21.29 31.00
CA THR J 123 78.63 20.03 30.26
C THR J 123 77.30 19.86 29.54
N SER J 124 76.20 20.21 30.21
CA SER J 124 74.90 20.16 29.57
C SER J 124 74.87 21.07 28.35
N LEU J 125 75.40 22.29 28.50
CA LEU J 125 75.60 23.17 27.36
C LEU J 125 76.43 22.47 26.30
N ALA J 126 77.41 21.68 26.73
CA ALA J 126 78.34 21.06 25.81
C ALA J 126 77.66 19.99 24.96
N HIS J 127 76.72 19.26 25.55
CA HIS J 127 76.04 18.21 24.79
C HIS J 127 75.39 18.76 23.54
N PHE J 128 75.33 20.08 23.40
CA PHE J 128 74.87 20.70 22.17
C PHE J 128 75.89 20.61 21.06
N LEU J 129 77.13 20.27 21.38
CA LEU J 129 78.17 20.21 20.35
C LEU J 129 78.85 18.85 20.45
N PRO J 130 78.50 17.90 19.59
CA PRO J 130 79.18 16.59 19.62
C PRO J 130 80.69 16.74 19.53
N GLN J 131 81.38 15.77 20.09
CA GLN J 131 82.79 15.95 20.39
C GLN J 131 83.62 16.11 19.13
N GLY J 132 84.35 17.22 19.07
CA GLY J 132 85.36 17.42 18.03
C GLY J 132 84.84 17.29 16.61
N THR J 133 83.61 17.69 16.37
CA THR J 133 83.10 17.69 15.01
C THR J 133 83.96 18.60 14.14
N PRO J 134 83.91 18.40 12.82
CA PRO J 134 84.46 19.40 11.91
C PRO J 134 84.11 20.81 12.36
N ALA J 135 85.11 21.68 12.43
CA ALA J 135 84.90 23.08 12.77
C ALA J 135 84.43 23.90 11.59
N LEU J 136 84.01 23.25 10.51
CA LEU J 136 83.44 23.94 9.36
C LEU J 136 81.98 24.34 9.55
N LEU J 137 81.23 23.58 10.37
CA LEU J 137 79.77 23.64 10.31
C LEU J 137 79.11 23.91 11.66
N ILE J 138 79.90 24.22 12.69
CA ILE J 138 79.40 24.32 14.06
C ILE J 138 77.98 24.88 14.15
N PRO J 139 77.71 26.07 13.63
CA PRO J 139 76.35 26.61 13.74
C PRO J 139 75.31 25.70 13.10
N MET J 140 75.60 25.15 11.92
CA MET J 140 74.66 24.27 11.26
C MET J 140 74.44 22.96 11.99
N LEU J 141 75.05 22.80 13.17
CA LEU J 141 74.89 21.63 14.01
C LEU J 141 74.30 21.96 15.36
N VAL J 142 74.74 23.09 15.94
CA VAL J 142 74.20 23.57 17.20
C VAL J 142 72.90 24.34 16.98
N ILE J 143 72.43 24.44 15.74
CA ILE J 143 71.03 24.74 15.48
C ILE J 143 70.20 23.47 15.50
N ILE J 144 70.69 22.43 14.86
CA ILE J 144 69.93 21.19 14.71
C ILE J 144 69.72 20.54 16.06
N GLU J 145 70.79 20.40 16.84
CA GLU J 145 70.65 19.75 18.13
C GLU J 145 69.66 20.50 19.02
N THR J 146 69.68 21.83 18.96
CA THR J 146 68.85 22.62 19.86
C THR J 146 67.43 22.75 19.36
N ILE J 147 67.18 22.49 18.09
CA ILE J 147 65.78 22.43 17.65
C ILE J 147 65.23 21.04 17.89
N SER J 148 66.00 19.99 17.63
CA SER J 148 65.57 18.63 17.89
C SER J 148 65.65 18.26 19.36
N LEU J 149 66.01 19.21 20.23
CA LEU J 149 65.77 19.00 21.66
C LEU J 149 64.34 19.34 22.04
N PHE J 150 63.95 20.59 21.83
CA PHE J 150 62.60 21.03 22.18
C PHE J 150 61.54 20.15 21.53
N ILE J 151 61.90 19.42 20.48
CA ILE J 151 60.96 18.52 19.83
C ILE J 151 60.67 17.28 20.66
N GLN J 152 61.28 17.15 21.83
CA GLN J 152 61.18 15.91 22.60
C GLN J 152 59.77 15.68 23.10
N PRO J 153 59.28 16.49 24.06
CA PRO J 153 57.98 16.20 24.65
C PRO J 153 56.84 16.12 23.65
N VAL J 154 56.84 17.00 22.65
CA VAL J 154 55.76 17.00 21.68
C VAL J 154 55.56 15.62 21.10
N ALA J 155 56.60 15.06 20.50
CA ALA J 155 56.48 13.73 19.94
C ALA J 155 56.25 12.71 21.05
N LEU J 156 57.02 12.83 22.14
CA LEU J 156 56.90 11.91 23.26
C LEU J 156 55.46 11.67 23.66
N ALA J 157 54.61 12.67 23.46
CA ALA J 157 53.19 12.52 23.73
C ALA J 157 52.39 12.12 22.50
N VAL J 158 52.50 12.91 21.43
CA VAL J 158 51.67 12.69 20.26
C VAL J 158 51.78 11.27 19.73
N ARG J 159 52.98 10.70 19.76
CA ARG J 159 53.14 9.33 19.29
C ARG J 159 52.13 8.42 19.97
N LEU J 160 52.24 8.35 21.30
CA LEU J 160 51.34 7.54 22.10
C LEU J 160 49.88 7.85 21.78
N THR J 161 49.52 9.12 21.90
CA THR J 161 48.15 9.55 21.67
C THR J 161 47.58 8.93 20.40
N ALA J 162 48.18 9.27 19.26
CA ALA J 162 47.57 8.89 17.99
C ALA J 162 47.70 7.39 17.75
N ASN J 163 48.81 6.80 18.18
CA ASN J 163 48.98 5.36 18.12
C ASN J 163 47.78 4.65 18.73
N ILE J 164 47.47 4.97 19.97
CA ILE J 164 46.29 4.41 20.62
C ILE J 164 45.05 4.68 19.79
N THR J 165 44.72 5.94 19.57
CA THR J 165 43.47 6.29 18.89
C THR J 165 43.21 5.41 17.66
N ALA J 166 44.23 5.27 16.82
CA ALA J 166 44.01 4.64 15.52
C ALA J 166 43.43 3.24 15.66
N GLY J 167 43.87 2.50 16.68
CA GLY J 167 43.40 1.13 16.82
C GLY J 167 41.91 1.07 17.10
N HIS J 168 41.45 1.86 18.06
CA HIS J 168 40.02 1.92 18.35
C HIS J 168 39.25 2.26 17.10
N LEU J 169 39.70 3.27 16.38
CA LEU J 169 38.95 3.68 15.20
C LEU J 169 38.88 2.57 14.17
N LEU J 170 39.99 1.87 13.98
CA LEU J 170 40.06 0.83 12.96
C LEU J 170 39.16 -0.34 13.32
N ILE J 171 39.12 -0.71 14.60
CA ILE J 171 38.26 -1.82 15.00
C ILE J 171 36.79 -1.45 14.85
N HIS J 172 36.40 -0.24 15.29
CA HIS J 172 35.04 0.20 15.06
C HIS J 172 34.67 0.04 13.59
N LEU J 173 35.53 0.55 12.70
CA LEU J 173 35.15 0.57 11.29
C LEU J 173 35.08 -0.83 10.71
N ILE J 174 36.04 -1.69 11.08
CA ILE J 174 36.03 -3.05 10.55
C ILE J 174 34.79 -3.80 11.01
N GLY J 175 34.39 -3.61 12.26
CA GLY J 175 33.18 -4.29 12.73
C GLY J 175 31.93 -3.78 12.04
N GLY J 176 31.89 -2.47 11.78
CA GLY J 176 30.76 -1.93 11.03
C GLY J 176 30.66 -2.53 9.65
N ALA J 177 31.76 -2.54 8.91
CA ALA J 177 31.74 -3.16 7.59
C ALA J 177 31.45 -4.64 7.68
N THR J 178 31.78 -5.26 8.82
CA THR J 178 31.42 -6.65 9.04
C THR J 178 29.92 -6.83 9.03
N LEU J 179 29.21 -6.10 9.89
CA LEU J 179 27.76 -6.17 9.87
C LEU J 179 27.21 -5.89 8.47
N ALA J 180 27.76 -4.86 7.81
CA ALA J 180 27.20 -4.46 6.51
C ALA J 180 27.37 -5.56 5.47
N LEU J 181 28.51 -6.26 5.50
CA LEU J 181 28.69 -7.37 4.57
C LEU J 181 27.82 -8.55 4.97
N LEU J 182 27.63 -8.76 6.27
CA LEU J 182 26.71 -9.79 6.72
C LEU J 182 25.35 -9.59 6.09
N ASN J 183 24.94 -8.33 5.91
CA ASN J 183 23.74 -8.07 5.12
C ASN J 183 23.79 -8.82 3.79
N ILE J 184 24.96 -8.84 3.15
CA ILE J 184 25.09 -9.49 1.84
C ILE J 184 25.27 -10.99 2.00
N ASN J 185 26.34 -11.40 2.67
CA ASN J 185 26.78 -12.79 2.60
C ASN J 185 27.43 -13.18 3.92
N THR J 186 27.90 -14.43 3.98
CA THR J 186 28.31 -15.02 5.24
C THR J 186 29.82 -15.05 5.40
N MET J 187 30.53 -15.51 4.38
CA MET J 187 31.94 -15.84 4.54
C MET J 187 32.78 -14.58 4.75
N THR J 188 32.46 -13.50 4.04
CA THR J 188 33.16 -12.24 4.24
C THR J 188 33.15 -11.83 5.71
N ALA J 189 32.01 -12.03 6.38
CA ALA J 189 31.92 -11.68 7.79
C ALA J 189 32.96 -12.43 8.61
N PHE J 190 33.13 -13.72 8.34
CA PHE J 190 34.12 -14.50 9.09
C PHE J 190 35.52 -14.03 8.76
N ILE J 191 35.77 -13.71 7.50
CA ILE J 191 37.06 -13.13 7.10
C ILE J 191 37.37 -11.92 7.99
N THR J 192 36.46 -10.95 8.00
CA THR J 192 36.71 -9.74 8.75
C THR J 192 36.72 -9.99 10.25
N PHE J 193 36.04 -11.03 10.72
CA PHE J 193 36.07 -11.32 12.15
C PHE J 193 37.46 -11.83 12.55
N THR J 194 38.03 -12.70 11.74
CA THR J 194 39.39 -13.15 12.01
C THR J 194 40.37 -12.00 11.94
N ILE J 195 40.25 -11.18 10.89
CA ILE J 195 41.00 -9.93 10.83
C ILE J 195 40.90 -9.19 12.16
N LEU J 196 39.67 -9.11 12.69
CA LEU J 196 39.44 -8.39 13.93
C LEU J 196 40.18 -9.03 15.09
N ILE J 197 40.23 -10.36 15.10
CA ILE J 197 40.93 -11.03 16.19
C ILE J 197 42.40 -10.65 16.15
N LEU J 198 42.98 -10.70 14.95
CA LEU J 198 44.38 -10.32 14.79
C LEU J 198 44.60 -8.89 15.29
N LEU J 199 43.77 -7.96 14.82
CA LEU J 199 43.90 -6.57 15.25
C LEU J 199 43.81 -6.44 16.76
N THR J 200 42.91 -7.20 17.36
CA THR J 200 42.71 -7.11 18.80
C THR J 200 43.97 -7.52 19.53
N ILE J 201 44.61 -8.60 19.06
CA ILE J 201 45.85 -9.03 19.69
C ILE J 201 46.91 -7.96 19.53
N LEU J 202 47.04 -7.45 18.30
CA LEU J 202 48.06 -6.45 18.03
C LEU J 202 47.88 -5.23 18.92
N GLU J 203 46.64 -4.89 19.26
CA GLU J 203 46.41 -3.76 20.13
C GLU J 203 46.76 -4.11 21.57
N PHE J 204 46.35 -5.29 22.03
CA PHE J 204 46.83 -5.79 23.30
C PHE J 204 48.33 -5.61 23.41
N ALA J 205 49.03 -5.68 22.29
CA ALA J 205 50.49 -5.60 22.30
C ALA J 205 50.99 -4.16 22.34
N VAL J 206 50.56 -3.37 21.36
CA VAL J 206 51.04 -1.98 21.31
C VAL J 206 50.75 -1.27 22.62
N ALA J 207 49.64 -1.63 23.27
CA ALA J 207 49.22 -0.90 24.46
C ALA J 207 50.24 -0.99 25.58
N LEU J 208 51.20 -1.89 25.47
CA LEU J 208 52.28 -2.00 26.44
C LEU J 208 53.61 -1.62 25.84
N ILE J 209 53.81 -2.00 24.58
CA ILE J 209 54.97 -1.51 23.87
C ILE J 209 55.14 -0.03 24.10
N GLN J 210 54.05 0.73 24.03
CA GLN J 210 54.16 2.17 24.13
C GLN J 210 54.50 2.62 25.54
N ALA J 211 54.03 1.88 26.55
CA ALA J 211 54.41 2.21 27.91
C ALA J 211 55.91 2.06 28.09
N TYR J 212 56.45 0.93 27.61
CA TYR J 212 57.88 0.72 27.73
C TYR J 212 58.65 1.82 27.00
N VAL J 213 58.29 2.07 25.74
CA VAL J 213 58.85 3.18 25.00
C VAL J 213 58.88 4.45 25.84
N PHE J 214 57.73 4.82 26.39
CA PHE J 214 57.60 6.08 27.08
C PHE J 214 58.56 6.17 28.26
N THR J 215 58.41 5.25 29.21
CA THR J 215 59.21 5.31 30.42
C THR J 215 60.65 4.88 30.19
N LEU J 216 61.02 4.52 28.97
CA LEU J 216 62.41 4.26 28.60
C LEU J 216 63.08 5.48 28.00
N LEU J 217 62.43 6.08 27.00
CA LEU J 217 62.78 7.42 26.59
C LEU J 217 63.09 8.27 27.80
N VAL J 218 62.17 8.33 28.75
CA VAL J 218 62.38 9.19 29.91
C VAL J 218 63.59 8.72 30.71
N SER J 219 63.71 7.41 30.90
CA SER J 219 64.80 6.90 31.72
C SER J 219 66.13 7.36 31.16
N LEU J 220 66.33 7.24 29.86
CA LEU J 220 67.63 7.62 29.32
C LEU J 220 67.77 9.12 29.17
N TYR J 221 66.67 9.85 29.02
CA TYR J 221 66.76 11.30 29.08
C TYR J 221 67.27 11.73 30.44
N LEU J 222 66.95 10.95 31.47
CA LEU J 222 67.55 11.23 32.77
C LEU J 222 68.98 10.75 32.82
N HIS J 223 69.28 9.65 32.13
CA HIS J 223 70.65 9.16 32.05
C HIS J 223 71.58 10.24 31.50
N ASP J 224 71.14 10.94 30.46
CA ASP J 224 71.94 12.00 29.87
C ASP J 224 72.13 13.16 30.85
N ASN J 225 71.04 13.79 31.26
CA ASN J 225 71.08 15.05 31.99
C ASN J 225 71.02 14.86 33.50
N THR J 226 71.61 13.79 34.02
CA THR J 226 71.64 13.58 35.46
C THR J 226 72.81 14.31 36.08
N PRO K 1 50.88 -12.58 63.81
CA PRO K 1 49.55 -12.32 64.35
C PRO K 1 48.53 -11.99 63.26
N VAL K 2 48.30 -12.94 62.36
CA VAL K 2 47.41 -12.71 61.23
C VAL K 2 46.65 -13.99 60.93
N PRO K 3 45.47 -13.93 60.31
CA PRO K 3 44.70 -15.14 60.09
C PRO K 3 45.07 -15.81 58.76
N PRO K 4 44.79 -17.09 58.63
CA PRO K 4 45.00 -17.78 57.35
C PRO K 4 43.84 -17.61 56.38
N LEU K 5 43.88 -18.35 55.29
CA LEU K 5 42.91 -18.28 54.22
C LEU K 5 42.24 -19.63 53.96
N PRO K 6 41.15 -19.64 53.22
CA PRO K 6 40.59 -20.90 52.74
C PRO K 6 41.45 -21.53 51.66
N GLU K 7 40.97 -22.65 51.10
CA GLU K 7 41.61 -23.25 49.95
C GLU K 7 41.05 -22.73 48.65
N HIS K 8 39.75 -22.44 48.60
CA HIS K 8 39.14 -21.78 47.46
C HIS K 8 37.75 -21.29 47.86
N GLY K 9 37.48 -20.02 47.59
CA GLY K 9 36.26 -19.39 48.09
C GLY K 9 35.02 -19.84 47.37
N GLY K 10 34.04 -18.95 47.30
CA GLY K 10 32.76 -19.28 46.70
C GLY K 10 32.88 -19.87 45.32
N LYS K 11 32.51 -21.13 45.18
CA LYS K 11 32.45 -21.75 43.87
C LYS K 11 31.46 -20.98 43.00
N VAL K 12 31.58 -21.17 41.69
CA VAL K 12 30.92 -20.29 40.73
C VAL K 12 30.57 -21.09 39.49
N ARG K 13 29.49 -20.67 38.83
CA ARG K 13 28.99 -21.34 37.63
C ARG K 13 29.25 -20.45 36.42
N LEU K 14 29.63 -21.07 35.32
CA LEU K 14 30.03 -20.37 34.11
C LEU K 14 31.23 -19.47 34.35
N GLY K 15 31.88 -19.62 35.51
CA GLY K 15 32.98 -18.77 35.87
C GLY K 15 32.59 -17.34 36.15
N LEU K 16 31.32 -16.99 36.03
CA LEU K 16 30.87 -15.61 36.15
C LEU K 16 29.86 -15.40 37.26
N ILE K 17 28.82 -16.22 37.34
CA ILE K 17 27.73 -16.04 38.29
C ILE K 17 27.90 -17.05 39.42
N PRO K 18 27.63 -16.69 40.68
CA PRO K 18 27.73 -17.66 41.77
C PRO K 18 26.55 -18.62 41.77
N GLU K 19 26.73 -19.71 42.52
CA GLU K 19 25.72 -20.76 42.57
C GLU K 19 24.69 -20.49 43.65
N GLU K 20 25.11 -19.87 44.75
CA GLU K 20 24.23 -19.59 45.88
C GLU K 20 22.87 -19.14 45.39
N PHE K 21 22.89 -18.34 44.33
CA PHE K 21 21.67 -18.05 43.57
C PHE K 21 20.86 -19.31 43.31
N PHE K 22 21.48 -20.29 42.65
CA PHE K 22 20.76 -21.50 42.27
C PHE K 22 20.12 -22.15 43.48
N GLN K 23 20.88 -22.33 44.56
CA GLN K 23 20.35 -23.01 45.74
C GLN K 23 19.19 -22.21 46.34
N PHE K 24 19.41 -20.92 46.59
CA PHE K 24 18.34 -20.05 47.02
C PHE K 24 17.07 -20.26 46.18
N LEU K 25 17.22 -20.57 44.89
CA LEU K 25 16.09 -20.81 44.01
C LEU K 25 15.64 -22.27 43.99
N TYR K 26 16.38 -23.17 44.63
CA TYR K 26 16.01 -24.58 44.56
C TYR K 26 14.60 -24.84 45.07
N PRO K 27 14.22 -24.36 46.26
CA PRO K 27 12.89 -24.70 46.79
C PRO K 27 11.75 -24.64 45.80
N LYS K 28 11.70 -23.61 44.96
CA LYS K 28 10.49 -23.35 44.17
C LYS K 28 10.53 -24.04 42.81
N THR K 29 11.60 -23.86 42.05
CA THR K 29 11.76 -24.54 40.78
C THR K 29 12.91 -25.53 40.76
N GLY K 30 13.81 -25.48 41.74
CA GLY K 30 14.81 -26.51 41.89
C GLY K 30 16.05 -26.30 41.06
N VAL K 31 15.94 -26.59 39.76
CA VAL K 31 17.12 -26.68 38.91
C VAL K 31 16.96 -25.80 37.68
N THR K 32 15.87 -25.99 36.94
CA THR K 32 15.73 -25.38 35.61
C THR K 32 14.87 -24.13 35.67
N GLY K 33 15.01 -23.38 36.75
CA GLY K 33 14.40 -22.08 36.87
C GLY K 33 15.34 -20.95 36.48
N PRO K 34 16.51 -20.91 37.12
CA PRO K 34 17.48 -19.85 36.79
C PRO K 34 17.87 -19.80 35.31
N TYR K 35 18.08 -20.95 34.67
CA TYR K 35 18.55 -20.92 33.28
C TYR K 35 17.54 -20.28 32.37
N VAL K 36 16.29 -20.76 32.42
CA VAL K 36 15.25 -20.16 31.60
C VAL K 36 14.99 -18.72 32.03
N LEU K 37 15.12 -18.45 33.33
CA LEU K 37 15.03 -17.08 33.81
C LEU K 37 15.97 -16.16 33.04
N GLY K 38 17.25 -16.53 32.98
CA GLY K 38 18.21 -15.70 32.29
C GLY K 38 17.96 -15.66 30.79
N THR K 39 17.63 -16.81 30.21
CA THR K 39 17.30 -16.84 28.80
C THR K 39 16.19 -15.85 28.48
N GLY K 40 15.20 -15.75 29.36
CA GLY K 40 14.11 -14.82 29.11
C GLY K 40 14.52 -13.38 29.30
N LEU K 41 15.25 -13.11 30.38
CA LEU K 41 15.81 -11.78 30.59
C LEU K 41 16.49 -11.30 29.33
N ILE K 42 17.26 -12.20 28.69
CA ILE K 42 18.12 -11.80 27.59
C ILE K 42 17.31 -11.67 26.30
N LEU K 43 16.41 -12.62 26.04
CA LEU K 43 15.54 -12.49 24.89
C LEU K 43 14.66 -11.25 24.99
N TYR K 44 14.34 -10.84 26.21
CA TYR K 44 13.60 -9.61 26.42
C TYR K 44 14.45 -8.40 26.04
N LEU K 45 15.63 -8.27 26.67
CA LEU K 45 16.54 -7.18 26.32
C LEU K 45 16.69 -7.07 24.80
N LEU K 46 16.88 -8.21 24.14
CA LEU K 46 17.08 -8.18 22.70
C LEU K 46 15.82 -7.78 21.96
N SER K 47 14.66 -8.29 22.37
CA SER K 47 13.43 -8.10 21.61
C SER K 47 13.02 -6.63 21.56
N LYS K 48 12.99 -5.97 22.71
CA LYS K 48 12.58 -4.58 22.80
C LYS K 48 13.71 -3.62 22.43
N GLU K 49 14.89 -4.13 22.09
CA GLU K 49 16.01 -3.29 21.69
C GLU K 49 16.45 -2.36 22.81
N ILE K 50 16.47 -2.88 24.04
CA ILE K 50 17.26 -2.26 25.10
C ILE K 50 18.74 -2.43 24.84
N TYR K 51 19.10 -3.28 23.89
CA TYR K 51 20.49 -3.56 23.54
C TYR K 51 20.53 -3.72 22.03
N VAL K 52 20.77 -2.62 21.34
CA VAL K 52 20.92 -2.67 19.89
C VAL K 52 22.31 -3.22 19.57
N ILE K 53 22.42 -3.84 18.40
CA ILE K 53 23.62 -4.57 18.03
C ILE K 53 24.38 -3.77 16.98
N THR K 54 25.70 -3.73 17.13
CA THR K 54 26.56 -2.93 16.26
C THR K 54 27.92 -3.61 16.18
N ALA K 55 28.93 -2.87 15.72
CA ALA K 55 30.27 -3.42 15.59
C ALA K 55 30.86 -3.77 16.95
N GLU K 56 30.68 -2.88 17.93
CA GLU K 56 31.22 -3.14 19.26
C GLU K 56 30.79 -4.48 19.80
N THR K 57 29.59 -4.96 19.44
CA THR K 57 29.18 -6.31 19.80
C THR K 57 30.26 -7.31 19.43
N PHE K 58 30.58 -7.37 18.13
CA PHE K 58 31.55 -8.34 17.64
C PHE K 58 32.93 -8.09 18.21
N SER K 59 33.28 -6.82 18.47
CA SER K 59 34.54 -6.56 19.14
C SER K 59 34.57 -7.22 20.51
N ALA K 60 33.47 -7.11 21.24
CA ALA K 60 33.38 -7.74 22.55
C ALA K 60 33.46 -9.24 22.43
N ILE K 61 32.77 -9.79 21.43
CA ILE K 61 32.80 -11.23 21.20
C ILE K 61 34.23 -11.71 20.98
N SER K 62 34.97 -10.99 20.13
CA SER K 62 36.34 -11.39 19.84
C SER K 62 37.22 -11.32 21.08
N THR K 63 37.16 -10.19 21.80
CA THR K 63 37.97 -10.09 23.01
C THR K 63 37.64 -11.21 23.98
N ILE K 64 36.36 -11.54 24.12
CA ILE K 64 35.96 -12.55 25.09
C ILE K 64 36.43 -13.93 24.64
N GLY K 65 36.30 -14.23 23.34
CA GLY K 65 36.83 -15.48 22.83
C GLY K 65 38.31 -15.62 23.09
N VAL K 66 39.09 -14.59 22.75
CA VAL K 66 40.50 -14.58 23.09
C VAL K 66 40.71 -14.90 24.56
N LEU K 67 40.03 -14.17 25.44
CA LEU K 67 40.28 -14.31 26.87
C LEU K 67 40.00 -15.73 27.34
N VAL K 68 38.86 -16.31 26.93
CA VAL K 68 38.52 -17.65 27.40
C VAL K 68 39.52 -18.66 26.85
N TYR K 69 39.92 -18.50 25.60
CA TYR K 69 40.99 -19.32 25.06
C TYR K 69 42.19 -19.31 25.98
N ILE K 70 42.68 -18.10 26.28
CA ILE K 70 43.87 -17.95 27.11
C ILE K 70 43.71 -18.67 28.42
N VAL K 71 42.63 -18.40 29.13
CA VAL K 71 42.48 -19.00 30.46
C VAL K 71 42.36 -20.51 30.36
N LYS K 72 41.40 -21.00 29.59
CA LYS K 72 41.21 -22.44 29.47
C LYS K 72 42.46 -23.15 28.99
N LYS K 73 43.46 -22.43 28.48
CA LYS K 73 44.69 -23.09 28.07
C LYS K 73 45.87 -22.87 29.01
N TYR K 74 45.85 -21.85 29.86
CA TYR K 74 47.02 -21.48 30.66
C TYR K 74 46.75 -21.39 32.15
N GLY K 75 45.50 -21.54 32.57
CA GLY K 75 45.11 -21.31 33.94
C GLY K 75 45.93 -22.05 34.97
N ALA K 76 45.83 -23.38 34.99
CA ALA K 76 46.51 -24.14 36.03
C ALA K 76 48.01 -24.00 35.93
N SER K 77 48.53 -23.79 34.72
CA SER K 77 49.96 -23.50 34.58
C SER K 77 50.32 -22.29 35.40
N ILE K 78 49.52 -21.22 35.28
CA ILE K 78 49.81 -20.01 36.05
C ILE K 78 49.59 -20.24 37.53
N GLY K 79 48.58 -21.05 37.86
CA GLY K 79 48.31 -21.31 39.27
C GLY K 79 49.49 -21.97 39.95
N ALA K 80 49.98 -23.06 39.35
CA ALA K 80 51.16 -23.74 39.88
C ALA K 80 52.38 -22.84 39.80
N PHE K 81 52.49 -22.01 38.76
CA PHE K 81 53.54 -21.02 38.71
C PHE K 81 53.57 -20.21 39.99
N ALA K 82 52.42 -19.66 40.38
CA ALA K 82 52.37 -18.77 41.52
C ALA K 82 52.61 -19.50 42.82
N ASP K 83 51.97 -20.65 42.99
CA ASP K 83 52.23 -21.44 44.19
C ASP K 83 53.69 -21.82 44.27
N LYS K 84 54.34 -21.97 43.13
CA LYS K 84 55.77 -22.25 43.11
C LYS K 84 56.54 -21.06 43.64
N LEU K 85 56.20 -19.86 43.17
CA LEU K 85 56.88 -18.69 43.71
C LEU K 85 56.72 -18.61 45.21
N ASN K 86 55.53 -18.94 45.70
CA ASN K 86 55.29 -18.88 47.13
C ASN K 86 56.17 -19.87 47.88
N GLU K 87 56.09 -21.15 47.49
CA GLU K 87 56.90 -22.16 48.16
C GLU K 87 58.38 -21.85 48.01
N GLN K 88 58.75 -21.18 46.93
CA GLN K 88 60.15 -20.86 46.68
C GLN K 88 60.64 -19.79 47.62
N LYS K 89 59.81 -18.78 47.88
CA LYS K 89 60.18 -17.81 48.91
C LYS K 89 60.26 -18.48 50.27
N ILE K 90 59.28 -19.32 50.57
CA ILE K 90 59.28 -20.05 51.83
C ILE K 90 60.62 -20.76 52.02
N ALA K 91 61.03 -21.52 51.01
CA ALA K 91 62.26 -22.29 51.11
C ALA K 91 63.46 -21.37 51.18
N GLN K 92 63.65 -20.56 50.14
CA GLN K 92 64.80 -19.66 50.07
C GLN K 92 64.99 -18.88 51.35
N LEU K 93 63.92 -18.68 52.10
CA LEU K 93 64.07 -18.17 53.46
C LEU K 93 64.30 -19.31 54.43
N GLU K 94 63.47 -20.34 54.36
CA GLU K 94 63.54 -21.46 55.26
C GLU K 94 64.79 -22.28 54.98
N PRO L 126 54.23 -19.84 62.20
CA PRO L 126 54.64 -20.32 60.88
C PRO L 126 55.13 -19.17 60.01
N PHE L 127 55.01 -19.32 58.69
CA PHE L 127 55.29 -18.25 57.75
C PHE L 127 54.02 -17.50 57.37
N ASP L 128 53.03 -18.22 56.84
CA ASP L 128 51.85 -17.57 56.31
C ASP L 128 51.13 -16.70 57.33
N GLN L 129 51.24 -17.04 58.61
CA GLN L 129 50.56 -16.26 59.65
C GLN L 129 51.31 -14.98 60.00
N MET L 130 52.43 -14.71 59.35
CA MET L 130 53.31 -13.61 59.73
C MET L 130 53.28 -12.50 58.68
N THR L 131 53.95 -11.39 59.00
CA THR L 131 54.04 -10.23 58.12
C THR L 131 55.49 -9.79 58.00
N ILE L 132 55.68 -8.69 57.25
CA ILE L 132 57.02 -8.15 57.06
C ILE L 132 57.58 -7.67 58.39
N GLU L 133 56.74 -7.04 59.21
CA GLU L 133 57.19 -6.62 60.54
C GLU L 133 57.53 -7.83 61.41
N ASP L 134 56.84 -8.95 61.20
CA ASP L 134 57.20 -10.16 61.92
C ASP L 134 58.58 -10.65 61.50
N LEU L 135 59.00 -10.32 60.27
CA LEU L 135 60.34 -10.67 59.85
C LEU L 135 61.37 -9.70 60.42
N ASN L 136 61.02 -8.41 60.48
CA ASN L 136 61.79 -7.50 61.30
C ASN L 136 62.02 -8.10 62.67
N GLU L 137 60.99 -8.78 63.19
CA GLU L 137 61.08 -9.37 64.53
C GLU L 137 62.01 -10.58 64.54
N VAL L 138 61.85 -11.52 63.60
CA VAL L 138 62.62 -12.75 63.64
C VAL L 138 64.00 -12.56 63.03
N PHE L 139 64.10 -11.85 61.91
CA PHE L 139 65.38 -11.64 61.22
C PHE L 139 65.66 -10.14 61.09
N PRO L 140 66.47 -9.56 61.97
CA PRO L 140 66.86 -8.15 61.78
C PRO L 140 67.78 -7.95 60.60
N GLU L 141 68.39 -9.02 60.07
CA GLU L 141 69.28 -8.88 58.94
C GLU L 141 68.54 -8.78 57.62
N THR L 142 67.27 -9.18 57.58
CA THR L 142 66.42 -8.91 56.44
C THR L 142 65.87 -7.50 56.46
N LYS L 143 66.26 -6.69 57.43
CA LYS L 143 65.73 -5.35 57.58
C LYS L 143 66.16 -4.47 56.42
N LEU L 144 65.19 -3.82 55.78
CA LEU L 144 65.49 -2.83 54.76
C LEU L 144 65.72 -1.48 55.43
N ASP L 145 66.96 -1.20 55.81
CA ASP L 145 67.25 -0.01 56.58
C ASP L 145 66.93 1.26 55.79
N LYS L 146 66.48 2.29 56.50
CA LYS L 146 65.95 3.49 55.88
C LYS L 146 66.95 4.62 55.82
N LYS L 147 68.17 4.43 56.31
CA LYS L 147 69.16 5.51 56.32
C LYS L 147 70.02 5.48 55.06
N LYS L 148 70.73 4.39 54.85
CA LYS L 148 71.58 4.27 53.68
C LYS L 148 70.79 4.19 52.39
N TYR L 149 69.47 4.06 52.47
CA TYR L 149 68.64 3.89 51.28
C TYR L 149 67.24 4.38 51.62
N PRO L 150 67.09 5.69 51.80
CA PRO L 150 65.77 6.22 52.23
C PRO L 150 64.67 5.99 51.22
N TYR L 151 64.99 5.71 49.97
CA TYR L 151 64.03 5.70 48.89
C TYR L 151 63.55 4.28 48.63
N TRP L 152 62.79 4.12 47.55
CA TRP L 152 62.33 2.81 47.13
C TRP L 152 63.18 2.28 45.99
N PRO L 153 63.54 1.00 45.98
CA PRO L 153 63.16 -0.06 46.92
C PRO L 153 64.04 -0.16 48.14
N HIS L 154 64.45 0.97 48.70
CA HIS L 154 65.21 1.01 49.94
C HIS L 154 66.50 0.21 49.87
N ARG L 155 66.96 -0.14 48.66
CA ARG L 155 68.26 -0.75 48.49
C ARG L 155 68.60 -0.85 47.01
N PRO L 156 69.87 -1.00 46.65
CA PRO L 156 70.23 -1.03 45.23
C PRO L 156 69.85 -2.33 44.55
N ILE L 157 70.26 -2.47 43.29
CA ILE L 157 69.67 -3.47 42.40
C ILE L 157 70.70 -4.52 41.99
N GLU L 158 71.62 -4.84 42.89
CA GLU L 158 72.63 -5.85 42.62
C GLU L 158 72.00 -7.22 42.46
N PRO M 2 16.79 -35.04 38.64
CA PRO M 2 15.60 -35.31 39.44
C PRO M 2 14.58 -34.17 39.40
N PRO M 3 13.62 -34.23 38.48
CA PRO M 3 12.64 -33.14 38.37
C PRO M 3 11.95 -32.89 39.71
N VAL M 4 11.49 -31.65 39.88
CA VAL M 4 10.78 -31.20 41.07
C VAL M 4 9.40 -30.74 40.65
N GLN M 5 8.37 -31.43 41.13
CA GLN M 5 7.01 -31.14 40.73
C GLN M 5 6.68 -29.66 40.94
N VAL M 6 5.92 -29.11 40.00
CA VAL M 6 5.53 -27.70 40.04
C VAL M 6 4.64 -27.45 41.25
N SER M 7 4.91 -26.37 41.97
CA SER M 7 3.90 -25.83 42.86
C SER M 7 2.74 -25.30 42.04
N PRO M 8 1.68 -26.01 41.82
CA PRO M 8 0.80 -25.92 40.64
C PRO M 8 0.42 -24.52 40.26
N LEU M 9 0.37 -23.60 41.24
CA LEU M 9 0.10 -22.19 40.95
C LEU M 9 0.85 -21.73 39.70
N ILE M 10 2.13 -22.05 39.64
CA ILE M 10 2.97 -21.51 38.57
C ILE M 10 2.73 -22.26 37.27
N LYS M 11 2.62 -23.59 37.34
CA LYS M 11 2.31 -24.35 36.14
C LYS M 11 1.04 -23.81 35.49
N LEU M 12 0.11 -23.34 36.31
CA LEU M 12 -1.08 -22.67 35.77
C LEU M 12 -0.70 -21.33 35.16
N GLY M 13 -0.05 -20.48 35.95
CA GLY M 13 0.23 -19.12 35.52
C GLY M 13 1.02 -19.02 34.23
N ARG M 14 1.74 -20.09 33.86
CA ARG M 14 2.70 -19.95 32.76
C ARG M 14 2.05 -20.03 31.38
N TYR M 15 1.51 -21.19 31.03
CA TYR M 15 1.09 -21.43 29.65
C TYR M 15 -0.06 -20.53 29.24
N SER M 16 -0.92 -20.17 30.19
CA SER M 16 -1.92 -19.16 29.92
C SER M 16 -1.26 -17.93 29.32
N ALA M 17 -0.38 -17.29 30.10
CA ALA M 17 0.33 -16.10 29.62
C ALA M 17 1.01 -16.36 28.30
N LEU M 18 1.56 -17.56 28.12
CA LEU M 18 2.17 -17.89 26.83
C LEU M 18 1.22 -17.62 25.69
N PHE M 19 0.05 -18.27 25.73
CA PHE M 19 -0.86 -18.15 24.60
C PHE M 19 -1.47 -16.75 24.53
N LEU M 20 -1.64 -16.08 25.67
CA LEU M 20 -1.99 -14.67 25.63
C LEU M 20 -1.00 -13.91 24.77
N GLY M 21 0.30 -14.15 24.97
CA GLY M 21 1.30 -13.42 24.22
C GLY M 21 1.31 -13.80 22.75
N VAL M 22 1.02 -15.07 22.45
CA VAL M 22 0.93 -15.49 21.06
C VAL M 22 -0.17 -14.70 20.35
N ALA M 23 -1.34 -14.63 21.00
CA ALA M 23 -2.44 -13.86 20.44
C ALA M 23 -2.06 -12.39 20.29
N TYR M 24 -1.46 -11.83 21.34
CA TYR M 24 -1.01 -10.44 21.28
C TYR M 24 -0.10 -10.20 20.09
N GLY M 25 0.80 -11.14 19.82
CA GLY M 25 1.75 -10.95 18.73
C GLY M 25 1.07 -10.98 17.38
N ALA M 26 0.20 -11.97 17.16
CA ALA M 26 -0.52 -12.01 15.90
C ALA M 26 -1.35 -10.75 15.70
N LYS M 27 -2.01 -10.29 16.78
CA LYS M 27 -2.82 -9.08 16.68
C LYS M 27 -1.98 -7.87 16.33
N ARG M 28 -0.83 -7.72 16.98
CA ARG M 28 0.06 -6.60 16.69
C ARG M 28 0.49 -6.63 15.24
N TYR M 29 0.92 -7.80 14.76
CA TYR M 29 1.35 -7.93 13.37
C TYR M 29 0.27 -7.44 12.43
N ASN M 30 -0.94 -7.97 12.58
CA ASN M 30 -2.04 -7.59 11.69
C ASN M 30 -2.33 -6.11 11.79
N TYR M 31 -2.55 -5.61 13.00
CA TYR M 31 -2.92 -4.22 13.22
C TYR M 31 -1.86 -3.24 12.74
N LEU M 32 -0.59 -3.66 12.68
CA LEU M 32 0.48 -2.73 12.41
C LEU M 32 0.92 -2.72 10.95
N LYS M 33 0.88 -3.87 10.27
CA LYS M 33 1.36 -3.91 8.89
C LYS M 33 0.89 -2.73 8.03
N PRO M 34 -0.41 -2.44 7.92
CA PRO M 34 -0.86 -1.46 6.92
C PRO M 34 -0.36 -0.05 7.16
N ARG M 35 -0.37 0.39 8.41
CA ARG M 35 0.05 1.76 8.71
C ARG M 35 1.49 2.00 8.25
N ALA M 36 2.39 1.08 8.59
CA ALA M 36 3.77 1.23 8.18
C ALA M 36 3.91 1.13 6.66
N GLU M 37 3.18 0.17 6.05
CA GLU M 37 3.21 0.09 4.58
C GLU M 37 2.89 1.44 3.96
N GLU M 38 1.82 2.08 4.43
CA GLU M 38 1.36 3.30 3.79
C GLU M 38 2.29 4.47 4.10
N GLU M 39 2.75 4.58 5.35
CA GLU M 39 3.67 5.67 5.68
C GLU M 39 4.92 5.57 4.81
N ARG M 40 5.44 4.36 4.62
CA ARG M 40 6.65 4.21 3.82
C ARG M 40 6.38 4.50 2.34
N ARG M 41 5.23 4.06 1.83
CA ARG M 41 4.93 4.31 0.42
C ARG M 41 4.76 5.80 0.15
N ILE M 42 4.14 6.51 1.10
CA ILE M 42 3.96 7.95 0.92
C ILE M 42 5.29 8.67 1.09
N ALA M 43 6.16 8.16 1.97
CA ALA M 43 7.52 8.68 2.03
C ALA M 43 8.26 8.41 0.72
N ALA M 44 7.90 7.34 0.01
CA ALA M 44 8.50 7.09 -1.30
C ALA M 44 8.03 8.10 -2.32
N GLU M 45 6.75 8.43 -2.29
CA GLU M 45 6.28 9.57 -3.08
C GLU M 45 7.12 10.81 -2.77
N GLU M 46 7.33 11.07 -1.48
CA GLU M 46 8.09 12.25 -1.06
C GLU M 46 9.51 12.22 -1.59
N LYS M 47 10.16 11.05 -1.55
CA LYS M 47 11.56 10.98 -1.97
C LYS M 47 11.68 11.08 -3.48
N LYS M 48 10.73 10.52 -4.23
CA LYS M 48 10.71 10.76 -5.67
C LYS M 48 10.54 12.24 -5.97
N LYS M 49 9.70 12.93 -5.19
CA LYS M 49 9.51 14.35 -5.38
C LYS M 49 10.79 15.12 -5.11
N GLN M 50 11.49 14.74 -4.04
CA GLN M 50 12.78 15.36 -3.74
C GLN M 50 13.79 15.10 -4.86
N ASP M 51 13.78 13.89 -5.41
CA ASP M 51 14.66 13.56 -6.52
C ASP M 51 14.40 14.49 -7.70
N GLU M 52 13.14 14.62 -8.11
CA GLU M 52 12.83 15.52 -9.22
C GLU M 52 13.11 16.97 -8.87
N LEU M 53 12.97 17.33 -7.60
CA LEU M 53 13.34 18.67 -7.15
C LEU M 53 14.80 18.96 -7.46
N LYS M 54 15.70 18.14 -6.91
CA LYS M 54 17.12 18.34 -7.18
C LYS M 54 17.44 18.14 -8.66
N ARG M 55 16.59 17.42 -9.39
CA ARG M 55 16.74 17.35 -10.84
C ARG M 55 16.54 18.73 -11.47
N ILE M 56 15.46 19.42 -11.09
CA ILE M 56 15.19 20.74 -11.65
C ILE M 56 15.84 21.87 -10.86
N GLU M 57 16.21 21.64 -9.59
CA GLU M 57 16.81 22.65 -8.73
C GLU M 57 18.19 22.21 -8.27
N ARG M 58 18.96 21.63 -9.18
CA ARG M 58 20.33 21.25 -8.89
C ARG M 58 21.21 22.47 -8.68
N PRO N 5 14.94 -10.02 68.91
CA PRO N 5 15.84 -9.71 70.02
C PRO N 5 16.85 -8.61 69.70
N LEU N 6 16.73 -7.98 68.52
CA LEU N 6 17.67 -6.99 68.07
C LEU N 6 16.95 -5.90 67.29
N LYS N 7 17.44 -4.66 67.42
CA LYS N 7 16.84 -3.54 66.69
C LYS N 7 17.34 -3.52 65.25
N ASP N 8 18.64 -3.64 65.06
CA ASP N 8 19.27 -3.60 63.75
C ASP N 8 19.59 -5.01 63.30
N ARG N 9 19.14 -5.37 62.10
CA ARG N 9 19.37 -6.69 61.54
C ARG N 9 19.66 -6.55 60.04
N ARG N 10 20.13 -7.63 59.45
CA ARG N 10 20.37 -7.63 58.01
C ARG N 10 19.07 -7.32 57.30
N LEU N 11 19.13 -6.36 56.37
CA LEU N 11 17.92 -5.88 55.71
C LEU N 11 17.08 -7.03 55.16
N LEU N 12 17.66 -8.21 54.96
CA LEU N 12 16.87 -9.37 54.60
C LEU N 12 16.14 -9.95 55.81
N GLU N 13 16.75 -9.89 56.99
CA GLU N 13 16.11 -10.38 58.20
C GLU N 13 14.85 -9.57 58.51
N VAL N 14 14.96 -8.24 58.44
CA VAL N 14 13.85 -7.39 58.81
C VAL N 14 12.63 -7.68 57.93
N LYS N 15 11.45 -7.38 58.47
CA LYS N 15 10.21 -7.62 57.76
C LYS N 15 9.75 -6.36 57.02
N LEU N 16 8.65 -6.52 56.29
CA LEU N 16 8.10 -5.39 55.55
C LEU N 16 7.37 -4.41 56.45
N GLY N 17 6.67 -4.92 57.46
CA GLY N 17 5.98 -4.03 58.39
C GLY N 17 6.95 -3.14 59.13
N GLU N 18 8.00 -3.71 59.70
CA GLU N 18 9.07 -2.96 60.34
C GLU N 18 10.10 -2.43 59.35
N LEU N 19 9.83 -2.55 58.05
CA LEU N 19 10.71 -2.04 57.02
C LEU N 19 11.15 -0.62 57.38
N PRO N 20 10.21 0.30 57.61
CA PRO N 20 10.63 1.66 57.94
C PRO N 20 11.38 1.73 59.26
N SER N 21 11.10 0.82 60.18
CA SER N 21 11.88 0.75 61.40
C SER N 21 13.36 0.57 61.08
N TRP N 22 13.67 -0.33 60.15
CA TRP N 22 15.05 -0.50 59.72
C TRP N 22 15.54 0.74 58.99
N ILE N 23 14.69 1.33 58.16
CA ILE N 23 15.10 2.49 57.38
C ILE N 23 15.45 3.66 58.30
N LEU N 24 14.88 3.68 59.51
CA LEU N 24 15.07 4.80 60.42
C LEU N 24 16.04 4.50 61.55
N MET N 25 16.30 3.23 61.84
CA MET N 25 17.32 2.87 62.82
C MET N 25 18.73 3.06 62.27
N ARG N 26 18.89 3.01 60.96
CA ARG N 26 20.18 3.10 60.30
C ARG N 26 20.53 4.56 60.01
N ASP N 27 21.82 4.82 59.82
CA ASP N 27 22.32 6.17 59.61
C ASP N 27 22.52 6.45 58.12
N PHE N 28 22.85 7.72 57.81
CA PHE N 28 22.93 8.14 56.43
C PHE N 28 24.08 9.11 56.14
N THR N 29 24.92 9.44 57.12
CA THR N 29 25.93 10.46 56.89
C THR N 29 27.04 9.92 56.00
N PRO N 30 27.63 10.77 55.14
CA PRO N 30 28.67 10.30 54.21
C PRO N 30 29.72 9.41 54.84
N SER N 31 30.10 9.66 56.08
CA SER N 31 30.95 8.70 56.78
C SER N 31 30.32 7.32 56.78
N GLY N 32 29.02 7.25 57.04
CA GLY N 32 28.27 6.02 56.93
C GLY N 32 27.99 5.57 55.52
N ILE N 33 28.51 6.28 54.53
CA ILE N 33 28.50 5.85 53.14
C ILE N 33 29.82 5.18 52.76
N ALA N 34 30.92 5.80 53.17
CA ALA N 34 32.22 5.15 53.05
C ALA N 34 32.25 3.87 53.87
N GLY N 35 31.67 3.90 55.07
CA GLY N 35 31.60 2.72 55.92
C GLY N 35 30.62 1.69 55.43
N ALA N 36 30.13 1.87 54.20
CA ALA N 36 29.33 0.88 53.49
C ALA N 36 30.03 0.39 52.24
N PHE N 37 30.50 1.32 51.41
CA PHE N 37 31.30 0.95 50.26
C PHE N 37 32.47 0.07 50.69
N GLN N 38 33.10 0.41 51.81
CA GLN N 38 34.19 -0.41 52.31
C GLN N 38 33.73 -1.82 52.63
N ARG N 39 32.57 -1.95 53.29
CA ARG N 39 32.08 -3.27 53.65
C ARG N 39 31.81 -4.10 52.41
N GLY N 40 31.26 -3.47 51.37
CA GLY N 40 31.00 -4.20 50.14
C GLY N 40 32.28 -4.69 49.50
N TYR N 41 33.23 -3.76 49.30
CA TYR N 41 34.51 -4.13 48.72
C TYR N 41 35.15 -5.27 49.50
N TYR N 42 35.10 -5.20 50.83
CA TYR N 42 35.81 -6.17 51.64
C TYR N 42 35.10 -7.52 51.67
N ARG N 43 33.77 -7.53 51.64
CA ARG N 43 33.08 -8.79 51.46
C ARG N 43 33.54 -9.48 50.17
N TYR N 44 33.45 -8.75 49.05
CA TYR N 44 33.90 -9.31 47.78
C TYR N 44 35.33 -9.81 47.89
N TYR N 45 36.22 -8.97 48.38
CA TYR N 45 37.64 -9.26 48.47
C TYR N 45 37.89 -10.52 49.29
N ASN N 46 37.47 -10.52 50.55
CA ASN N 46 37.74 -11.65 51.44
C ASN N 46 36.93 -12.88 51.09
N LYS N 47 36.02 -12.81 50.13
CA LYS N 47 35.24 -14.00 49.78
C LYS N 47 35.61 -14.62 48.44
N TYR N 48 36.09 -13.82 47.50
CA TYR N 48 36.37 -14.31 46.15
C TYR N 48 37.79 -14.07 45.69
N VAL N 49 38.60 -13.38 46.47
CA VAL N 49 39.93 -12.97 46.05
C VAL N 49 41.01 -13.43 47.02
N ASN N 50 40.86 -13.06 48.29
CA ASN N 50 41.90 -13.37 49.26
C ASN N 50 41.82 -14.84 49.64
N VAL N 51 41.96 -15.74 48.67
CA VAL N 51 41.98 -17.17 48.90
C VAL N 51 43.10 -17.77 48.06
N LYS N 52 43.69 -18.86 48.58
CA LYS N 52 44.95 -19.37 48.04
C LYS N 52 44.83 -19.94 46.64
N LYS N 53 43.64 -20.02 46.07
CA LYS N 53 43.49 -20.52 44.71
C LYS N 53 42.45 -19.69 43.97
N GLY N 54 42.47 -18.39 44.21
CA GLY N 54 41.66 -17.46 43.46
C GLY N 54 41.61 -17.77 41.98
N SER N 55 40.45 -17.60 41.38
CA SER N 55 40.22 -17.95 39.99
C SER N 55 39.82 -16.72 39.19
N VAL N 56 39.44 -16.97 37.93
CA VAL N 56 38.95 -15.91 37.08
C VAL N 56 37.75 -15.22 37.71
N ALA N 57 36.76 -16.01 38.15
CA ALA N 57 35.56 -15.43 38.71
C ALA N 57 35.88 -14.52 39.87
N GLY N 58 37.04 -14.71 40.51
CA GLY N 58 37.49 -13.75 41.50
C GLY N 58 37.78 -12.38 40.94
N LEU N 59 37.82 -12.25 39.61
CA LEU N 59 38.08 -10.97 38.97
C LEU N 59 37.06 -10.62 37.89
N SER N 60 36.61 -11.61 37.11
CA SER N 60 35.80 -11.32 35.93
C SER N 60 34.57 -10.50 36.27
N MET N 61 34.09 -10.59 37.50
CA MET N 61 32.84 -9.95 37.88
C MET N 61 32.96 -8.44 37.77
N VAL N 62 34.03 -7.87 38.34
CA VAL N 62 34.17 -6.43 38.35
C VAL N 62 34.34 -5.91 36.93
N LEU N 63 35.02 -6.69 36.08
CA LEU N 63 35.17 -6.31 34.68
C LEU N 63 33.82 -6.25 33.99
N ALA N 64 33.06 -7.34 34.06
CA ALA N 64 31.78 -7.39 33.38
C ALA N 64 30.75 -6.50 34.06
N ALA N 65 31.08 -5.94 35.22
CA ALA N 65 30.28 -4.91 35.85
C ALA N 65 30.58 -3.53 35.28
N TYR N 66 31.85 -3.12 35.33
CA TYR N 66 32.30 -1.91 34.65
C TYR N 66 31.77 -1.85 33.23
N VAL N 67 31.75 -2.99 32.54
CA VAL N 67 31.15 -3.04 31.20
C VAL N 67 29.74 -2.49 31.21
N VAL N 68 28.87 -3.04 32.06
CA VAL N 68 27.46 -2.64 32.05
C VAL N 68 27.34 -1.19 32.49
N PHE N 69 28.17 -0.78 33.44
CA PHE N 69 28.22 0.63 33.82
C PHE N 69 28.39 1.51 32.59
N ASN N 70 29.49 1.31 31.88
CA ASN N 70 29.77 2.14 30.72
C ASN N 70 28.83 1.88 29.57
N TYR N 71 28.02 0.83 29.64
CA TYR N 71 26.96 0.70 28.64
C TYR N 71 25.78 1.58 28.99
N CYS N 72 25.36 1.55 30.26
CA CYS N 72 24.28 2.41 30.69
C CYS N 72 24.63 3.88 30.44
N ARG N 73 25.86 4.27 30.78
CA ARG N 73 26.33 5.62 30.48
C ARG N 73 25.99 6.06 29.07
N SER N 74 25.94 5.11 28.14
CA SER N 74 25.91 5.40 26.71
C SER N 74 24.55 5.22 26.07
N TYR N 75 23.53 4.86 26.83
CA TYR N 75 22.26 4.48 26.23
C TYR N 75 21.70 5.57 25.35
N LYS N 76 21.82 6.83 25.78
CA LYS N 76 21.20 7.93 25.05
C LYS N 76 21.62 7.92 23.59
N GLU N 77 22.93 7.90 23.34
CA GLU N 77 23.44 8.05 21.98
C GLU N 77 23.20 6.83 21.12
N LEU N 78 22.46 5.84 21.61
CA LEU N 78 22.24 4.60 20.89
C LEU N 78 20.79 4.40 20.50
N LYS N 79 19.89 5.30 20.90
CA LYS N 79 18.51 5.23 20.46
C LYS N 79 18.31 5.78 19.06
N HIS N 80 19.39 6.10 18.35
CA HIS N 80 19.30 6.76 17.05
C HIS N 80 19.56 5.82 15.89
N GLU N 81 19.79 4.54 16.16
CA GLU N 81 20.07 3.59 15.08
C GLU N 81 19.38 2.24 15.28
N ARG N 82 18.42 2.15 16.19
CA ARG N 82 17.65 0.91 16.32
C ARG N 82 17.17 0.48 14.95
N LEU N 83 17.48 -0.76 14.59
CA LEU N 83 17.21 -1.22 13.23
C LEU N 83 15.72 -1.21 12.92
N ARG N 84 14.88 -1.41 13.93
CA ARG N 84 13.44 -1.42 13.76
C ARG N 84 12.83 -0.31 14.59
N LYS N 85 11.80 0.34 14.03
CA LYS N 85 11.24 1.53 14.66
C LYS N 85 10.29 1.17 15.79
N TYR N 86 9.27 0.37 15.49
CA TYR N 86 8.24 0.02 16.48
C TYR N 86 8.69 -1.25 17.19
N HIS N 87 9.22 -1.08 18.40
CA HIS N 87 9.69 -2.20 19.20
C HIS N 87 8.73 -2.48 20.35
N ALA O 1 47.11 -31.06 2.83
CA ALA O 1 46.32 -31.36 1.60
C ALA O 1 45.51 -32.64 1.82
N GLN O 2 45.96 -33.76 1.26
CA GLN O 2 45.28 -35.05 1.50
C GLN O 2 45.41 -35.38 2.99
N PHE O 3 46.56 -35.08 3.59
CA PHE O 3 46.76 -35.30 5.04
C PHE O 3 45.77 -34.44 5.82
N VAL O 4 45.55 -33.20 5.37
CA VAL O 4 44.55 -32.32 6.03
C VAL O 4 43.17 -32.95 5.88
N ARG O 5 42.87 -33.52 4.70
CA ARG O 5 41.58 -34.20 4.50
C ARG O 5 41.48 -35.41 5.43
N ASN O 6 42.59 -36.14 5.59
CA ASN O 6 42.62 -37.29 6.53
C ASN O 6 42.38 -36.77 7.94
N LEU O 7 43.00 -35.62 8.26
CA LEU O 7 42.79 -35.00 9.59
C LEU O 7 41.31 -34.65 9.75
N ALA O 8 40.68 -34.19 8.66
CA ALA O 8 39.24 -33.87 8.70
C ALA O 8 38.43 -35.14 9.01
N GLU O 9 38.84 -36.28 8.44
CA GLU O 9 38.15 -37.55 8.74
C GLU O 9 38.29 -37.86 10.23
N LYS O 10 39.49 -37.64 10.78
CA LYS O 10 39.70 -37.85 12.24
C LYS O 10 38.85 -36.84 13.00
N ALA O 11 38.76 -35.60 12.49
CA ALA O 11 37.95 -34.54 13.14
C ALA O 11 36.48 -34.97 13.13
N PRO O 12 36.04 -35.62 12.05
CA PRO O 12 34.64 -36.11 11.97
C PRO O 12 34.42 -37.14 13.08
N VAL O 13 35.41 -38.02 13.30
CA VAL O 13 35.31 -39.00 14.40
C VAL O 13 35.26 -38.24 15.73
N LEU O 14 36.06 -37.19 15.85
CA LEU O 14 36.08 -36.36 17.08
C LEU O 14 34.71 -35.70 17.27
N VAL O 15 34.10 -35.23 16.17
CA VAL O 15 32.77 -34.60 16.24
C VAL O 15 31.75 -35.64 16.72
N ASN O 16 31.87 -36.88 16.25
CA ASN O 16 30.96 -37.96 16.71
C ASN O 16 31.15 -38.16 18.22
N ALA O 17 32.41 -38.11 18.68
CA ALA O 17 32.69 -38.21 20.13
C ALA O 17 32.07 -37.03 20.86
N ALA O 18 32.13 -35.83 20.26
CA ALA O 18 31.53 -34.64 20.88
C ALA O 18 30.02 -34.85 21.03
N VAL O 19 29.39 -35.41 19.99
CA VAL O 19 27.94 -35.73 20.07
C VAL O 19 27.75 -36.78 21.17
N THR O 20 28.66 -37.76 21.24
CA THR O 20 28.52 -38.86 22.20
C THR O 20 28.52 -38.34 23.64
N TYR O 21 29.42 -37.43 24.00
CA TYR O 21 29.54 -36.86 25.38
C TYR O 21 28.33 -35.97 25.68
N SER O 22 27.84 -35.20 24.71
CA SER O 22 26.71 -34.26 24.91
C SER O 22 25.43 -35.02 25.27
N LYS O 23 25.20 -36.17 24.65
CA LYS O 23 23.91 -36.92 24.80
C LYS O 23 23.56 -37.34 26.24
N PRO O 24 24.45 -37.89 27.11
CA PRO O 24 24.06 -38.19 28.49
C PRO O 24 23.70 -36.94 29.31
N ARG O 25 24.43 -35.84 29.16
CA ARG O 25 24.09 -34.56 29.85
C ARG O 25 22.71 -34.16 29.34
N LEU O 26 22.49 -34.26 28.03
CA LEU O 26 21.18 -33.96 27.40
C LEU O 26 20.13 -34.93 27.93
N ALA O 27 20.48 -36.20 28.16
CA ALA O 27 19.56 -37.23 28.70
C ALA O 27 19.12 -36.84 30.11
N THR O 28 20.01 -36.27 30.93
CA THR O 28 19.64 -35.78 32.29
C THR O 28 18.63 -34.65 32.12
N PHE O 29 18.86 -33.74 31.17
CA PHE O 29 17.90 -32.63 30.91
C PHE O 29 16.60 -33.26 30.42
N TRP O 30 16.68 -34.30 29.59
CA TRP O 30 15.49 -35.02 29.07
C TRP O 30 14.73 -35.63 30.24
N HIS O 31 15.42 -36.16 31.26
CA HIS O 31 14.74 -36.82 32.41
C HIS O 31 13.84 -35.77 33.07
N TYR O 32 14.33 -34.54 33.24
CA TYR O 32 13.53 -33.42 33.80
C TYR O 32 12.39 -33.08 32.83
N ALA O 33 12.64 -33.14 31.50
CA ALA O 33 11.66 -32.77 30.45
C ALA O 33 10.76 -33.95 30.03
N LYS O 34 10.95 -35.17 30.57
CA LYS O 34 10.20 -36.38 30.13
C LYS O 34 8.89 -36.52 30.91
N VAL O 35 8.59 -35.61 31.83
CA VAL O 35 7.39 -35.70 32.72
C VAL O 35 6.10 -35.68 31.90
N GLU O 36 6.01 -34.89 30.82
CA GLU O 36 4.75 -34.70 30.03
C GLU O 36 4.91 -35.04 28.55
N LEU O 37 4.15 -36.01 28.03
CA LEU O 37 4.09 -36.32 26.57
C LEU O 37 2.74 -35.80 26.05
N VAL O 38 1.92 -35.17 26.91
CA VAL O 38 0.54 -34.69 26.56
C VAL O 38 0.30 -33.45 27.43
N PRO O 39 -0.75 -32.61 27.23
CA PRO O 39 -0.93 -31.38 28.01
C PRO O 39 -1.15 -31.64 29.51
N PRO O 40 -0.87 -30.69 30.45
CA PRO O 40 -0.95 -30.96 31.90
C PRO O 40 -2.35 -31.31 32.42
N THR O 41 -2.43 -32.08 33.51
CA THR O 41 -3.72 -32.55 34.10
C THR O 41 -4.59 -31.37 34.55
N PRO O 42 -5.95 -31.40 34.43
CA PRO O 42 -6.83 -30.35 34.97
C PRO O 42 -7.29 -30.76 36.39
N ALA O 43 -6.54 -31.63 37.07
CA ALA O 43 -6.87 -32.19 38.38
C ALA O 43 -6.43 -31.28 39.53
N GLU O 44 -5.29 -30.62 39.39
CA GLU O 44 -4.76 -29.76 40.44
C GLU O 44 -5.22 -28.32 40.29
N ILE O 45 -5.89 -27.98 39.21
CA ILE O 45 -6.51 -26.67 39.02
C ILE O 45 -7.21 -26.26 40.31
N PRO O 46 -7.99 -27.14 40.96
CA PRO O 46 -8.57 -26.77 42.26
C PRO O 46 -7.53 -26.32 43.27
N THR O 47 -6.44 -27.08 43.42
CA THR O 47 -5.42 -26.70 44.39
C THR O 47 -4.89 -25.30 44.08
N ALA O 48 -4.67 -25.01 42.80
CA ALA O 48 -4.07 -23.73 42.43
C ALA O 48 -5.03 -22.58 42.66
N ILE O 49 -6.29 -22.74 42.23
CA ILE O 49 -7.27 -21.68 42.45
C ILE O 49 -7.47 -21.45 43.95
N GLN O 50 -7.44 -22.51 44.75
CA GLN O 50 -7.63 -22.33 46.19
C GLN O 50 -6.43 -21.62 46.81
N SER O 51 -5.22 -21.97 46.36
CA SER O 51 -4.04 -21.25 46.84
C SER O 51 -4.11 -19.77 46.44
N LEU O 52 -4.63 -19.50 45.25
CA LEU O 52 -4.81 -18.13 44.81
C LEU O 52 -5.77 -17.39 45.73
N LYS O 53 -6.89 -18.02 46.05
CA LYS O 53 -7.86 -17.38 46.93
C LYS O 53 -7.27 -17.18 48.32
N LYS O 54 -6.42 -18.10 48.77
CA LYS O 54 -5.77 -17.92 50.07
C LYS O 54 -4.79 -16.76 50.03
N ILE O 55 -4.11 -16.58 48.90
CA ILE O 55 -3.28 -15.38 48.71
C ILE O 55 -4.14 -14.13 48.81
N VAL O 56 -5.30 -14.15 48.15
CA VAL O 56 -6.19 -13.00 48.21
C VAL O 56 -6.62 -12.73 49.65
N ASN O 57 -6.82 -13.80 50.41
CA ASN O 57 -7.18 -13.65 51.82
C ASN O 57 -6.05 -12.99 52.59
N SER O 58 -4.85 -13.55 52.51
CA SER O 58 -3.69 -12.94 53.14
C SER O 58 -3.50 -11.49 52.73
N ALA O 59 -3.94 -11.13 51.53
CA ALA O 59 -3.75 -9.77 51.03
C ALA O 59 -4.80 -8.82 51.60
N GLN O 60 -6.08 -9.16 51.47
CA GLN O 60 -7.15 -8.22 51.76
C GLN O 60 -7.06 -7.69 53.17
N THR O 61 -6.78 -8.56 54.15
CA THR O 61 -6.77 -8.14 55.53
C THR O 61 -5.48 -7.40 55.90
N GLY O 62 -4.42 -7.58 55.13
CA GLY O 62 -3.14 -6.99 55.48
C GLY O 62 -2.39 -7.81 56.49
N SER O 63 -2.31 -9.12 56.25
CA SER O 63 -1.57 -10.03 57.11
C SER O 63 -0.27 -10.50 56.50
N PHE O 64 -0.18 -10.58 55.18
CA PHE O 64 1.07 -10.92 54.51
C PHE O 64 2.16 -9.89 54.78
N LYS O 65 1.81 -8.73 55.28
CA LYS O 65 2.76 -7.66 55.62
C LYS O 65 3.63 -8.00 56.81
N GLN O 66 3.55 -9.22 57.32
CA GLN O 66 4.44 -9.69 58.38
C GLN O 66 5.57 -10.55 57.82
N LEU O 67 5.66 -10.67 56.50
CA LEU O 67 6.67 -11.51 55.88
C LEU O 67 8.06 -10.90 56.04
N THR O 68 9.07 -11.74 55.81
CA THR O 68 10.44 -11.29 55.66
C THR O 68 10.71 -10.98 54.20
N VAL O 69 11.84 -10.32 53.94
CA VAL O 69 12.11 -9.81 52.61
C VAL O 69 12.40 -10.97 51.65
N LYS O 70 13.41 -11.77 51.97
CA LYS O 70 13.87 -12.81 51.05
C LYS O 70 12.71 -13.53 50.40
N GLU O 71 11.66 -13.81 51.16
CA GLU O 71 10.52 -14.55 50.63
C GLU O 71 9.84 -13.74 49.54
N ALA O 72 9.61 -12.45 49.80
CA ALA O 72 8.94 -11.62 48.82
C ALA O 72 9.82 -11.39 47.60
N LEU O 73 11.13 -11.24 47.81
CA LEU O 73 12.04 -11.17 46.69
C LEU O 73 11.89 -12.39 45.80
N LEU O 74 11.99 -13.58 46.40
CA LEU O 74 11.82 -14.82 45.64
C LEU O 74 10.51 -14.80 44.86
N ASN O 75 9.42 -14.48 45.54
CA ASN O 75 8.11 -14.49 44.90
C ASN O 75 8.11 -13.57 43.68
N GLY O 76 8.66 -12.38 43.83
CA GLY O 76 8.63 -11.43 42.73
C GLY O 76 9.50 -11.86 41.58
N LEU O 77 10.64 -12.48 41.89
CA LEU O 77 11.53 -12.93 40.83
C LEU O 77 10.88 -14.03 40.02
N VAL O 78 10.21 -14.96 40.68
CA VAL O 78 9.52 -16.00 39.93
C VAL O 78 8.32 -15.42 39.20
N ALA O 79 7.72 -14.36 39.74
CA ALA O 79 6.65 -13.68 39.03
C ALA O 79 7.16 -13.14 37.70
N THR O 80 8.27 -12.43 37.75
CA THR O 80 8.87 -11.92 36.52
C THR O 80 9.29 -13.05 35.59
N GLU O 81 9.73 -14.17 36.17
CA GLU O 81 9.98 -15.36 35.37
C GLU O 81 8.76 -15.71 34.54
N VAL O 82 7.64 -15.98 35.22
CA VAL O 82 6.39 -16.25 34.50
C VAL O 82 6.14 -15.16 33.47
N LEU O 83 6.49 -13.92 33.80
CA LEU O 83 6.13 -12.81 32.94
C LEU O 83 6.87 -12.88 31.60
N MET O 84 8.16 -13.20 31.64
CA MET O 84 8.96 -13.18 30.41
C MET O 84 8.32 -14.00 29.31
N TRP O 85 7.54 -15.02 29.66
CA TRP O 85 6.95 -15.87 28.65
C TRP O 85 5.95 -15.08 27.80
N PHE O 86 5.42 -13.98 28.33
CA PHE O 86 4.52 -13.14 27.54
C PHE O 86 5.26 -12.56 26.35
N TYR O 87 6.40 -11.92 26.60
CA TYR O 87 7.23 -11.45 25.50
C TYR O 87 7.67 -12.61 24.64
N VAL O 88 7.86 -13.79 25.22
CA VAL O 88 8.21 -14.97 24.42
C VAL O 88 7.13 -15.24 23.38
N GLY O 89 5.88 -15.20 23.81
CA GLY O 89 4.78 -15.36 22.89
C GLY O 89 4.81 -14.30 21.80
N GLU O 90 5.08 -13.05 22.21
CA GLU O 90 5.25 -12.01 21.20
C GLU O 90 6.31 -12.41 20.19
N ILE O 91 7.41 -13.00 20.66
CA ILE O 91 8.46 -13.46 19.76
C ILE O 91 7.86 -14.41 18.74
N ILE O 92 7.11 -15.39 19.23
CA ILE O 92 6.40 -16.29 18.31
C ILE O 92 5.57 -15.48 17.33
N ALA O 93 5.10 -14.31 17.77
CA ALA O 93 4.37 -13.42 16.90
C ALA O 93 5.28 -12.55 16.07
N LEU P 2 40.23 15.48 57.98
CA LEU P 2 41.30 15.30 57.00
C LEU P 2 42.52 14.64 57.63
N GLN P 3 42.47 14.39 58.94
CA GLN P 3 43.64 13.92 59.65
C GLN P 3 44.06 12.53 59.15
N SER P 4 43.09 11.64 58.96
CA SER P 4 43.40 10.36 58.33
C SER P 4 44.00 10.57 56.95
N LEU P 5 43.49 11.54 56.20
CA LEU P 5 44.00 11.80 54.87
C LEU P 5 45.48 12.18 54.90
N ILE P 6 45.84 13.15 55.74
CA ILE P 6 47.22 13.58 55.84
C ILE P 6 48.10 12.45 56.37
N LYS P 7 47.59 11.67 57.33
CA LYS P 7 48.39 10.59 57.88
C LYS P 7 48.47 9.39 56.96
N ASN P 8 47.72 9.40 55.86
CA ASN P 8 47.90 8.39 54.83
C ASN P 8 48.71 8.88 53.64
N VAL P 9 48.75 10.18 53.37
CA VAL P 9 49.38 10.66 52.15
C VAL P 9 50.41 11.77 52.41
N TRP P 10 50.90 11.89 53.63
CA TRP P 10 51.98 12.84 53.90
C TRP P 10 53.08 12.28 54.79
N ILE P 11 52.87 11.14 55.43
CA ILE P 11 53.95 10.47 56.16
C ILE P 11 54.92 9.90 55.12
N PRO P 12 54.46 9.05 54.22
CA PRO P 12 55.37 8.40 53.28
C PRO P 12 55.87 9.32 52.18
N LEU P 13 54.98 10.11 51.62
CA LEU P 13 55.23 10.84 50.38
C LEU P 13 55.92 12.18 50.62
N LYS P 14 56.43 12.42 51.82
CA LYS P 14 57.08 13.70 52.08
C LYS P 14 58.45 13.77 51.43
N PRO P 15 59.40 12.86 51.72
CA PRO P 15 60.74 12.98 51.16
C PRO P 15 60.79 13.09 49.65
N TYR P 16 59.70 12.82 48.95
CA TYR P 16 59.67 12.85 47.50
C TYR P 16 59.34 14.24 46.99
N TYR P 17 58.28 14.85 47.53
CA TYR P 17 57.84 16.15 47.03
C TYR P 17 58.85 17.24 47.37
N THR P 18 59.64 17.06 48.41
CA THR P 18 60.59 18.07 48.86
C THR P 18 61.96 17.91 48.23
N GLN P 19 62.54 16.72 48.32
CA GLN P 19 63.92 16.49 47.92
C GLN P 19 64.04 16.26 46.41
N VAL P 20 63.17 15.41 45.86
CA VAL P 20 63.30 15.01 44.47
C VAL P 20 62.46 15.90 43.55
N TYR P 21 61.17 15.95 43.80
CA TYR P 21 60.20 16.47 42.84
C TYR P 21 60.16 18.00 42.81
N GLN P 22 61.18 18.66 43.37
CA GLN P 22 61.22 20.11 43.28
C GLN P 22 61.11 20.58 41.84
N GLU P 23 61.61 19.77 40.91
CA GLU P 23 61.81 20.20 39.54
C GLU P 23 60.65 19.87 38.63
N ILE P 24 59.71 19.04 39.09
CA ILE P 24 58.54 18.73 38.26
C ILE P 24 57.41 19.72 38.51
N TRP P 25 57.30 20.26 39.73
CA TRP P 25 56.25 21.24 40.00
C TRP P 25 56.41 22.47 39.14
N VAL P 26 57.65 22.92 38.97
CA VAL P 26 57.92 24.01 38.03
C VAL P 26 57.36 23.66 36.66
N GLY P 27 57.59 22.44 36.20
CA GLY P 27 57.09 22.05 34.91
C GLY P 27 55.58 22.06 34.86
N MET P 28 54.94 21.69 35.96
CA MET P 28 53.49 21.71 35.99
C MET P 28 52.97 23.13 35.96
N GLY P 29 53.71 24.06 36.54
CA GLY P 29 53.33 25.46 36.43
C GLY P 29 53.42 25.93 34.99
N LEU P 30 54.46 25.49 34.29
CA LEU P 30 54.57 25.81 32.87
C LEU P 30 53.40 25.21 32.09
N MET P 31 53.03 23.98 32.43
CA MET P 31 51.89 23.33 31.82
C MET P 31 50.63 24.17 32.02
N GLY P 32 50.44 24.70 33.23
CA GLY P 32 49.30 25.54 33.49
C GLY P 32 49.33 26.81 32.67
N PHE P 33 50.51 27.43 32.59
CA PHE P 33 50.71 28.57 31.71
C PHE P 33 50.16 28.27 30.32
N ILE P 34 50.64 27.18 29.73
CA ILE P 34 50.33 26.90 28.33
C ILE P 34 48.84 26.61 28.15
N VAL P 35 48.28 25.78 29.04
CA VAL P 35 46.86 25.46 28.89
C VAL P 35 46.01 26.73 29.02
N TYR P 36 46.39 27.62 29.94
CA TYR P 36 45.70 28.89 30.03
C TYR P 36 45.76 29.63 28.71
N LYS P 37 46.97 29.75 28.16
CA LYS P 37 47.13 30.47 26.91
C LYS P 37 46.21 29.92 25.83
N ILE P 38 46.16 28.59 25.71
CA ILE P 38 45.46 28.01 24.57
C ILE P 38 43.95 28.10 24.77
N ARG P 39 43.47 27.84 25.99
CA ARG P 39 42.05 27.98 26.23
C ARG P 39 41.62 29.42 26.00
N SER P 40 42.46 30.37 26.40
CA SER P 40 42.14 31.77 26.15
C SER P 40 42.07 32.06 24.66
N ALA P 41 43.02 31.51 23.89
CA ALA P 41 43.02 31.76 22.46
C ALA P 41 41.76 31.25 21.80
N ASP P 42 41.37 30.01 22.11
CA ASP P 42 40.17 29.47 21.47
C ASP P 42 38.91 30.17 21.95
N LYS P 43 38.85 30.52 23.24
CA LYS P 43 37.74 31.30 23.75
C LYS P 43 37.62 32.61 22.98
N ARG P 44 38.76 33.25 22.72
CA ARG P 44 38.76 34.47 21.93
C ARG P 44 38.22 34.22 20.53
N SER P 45 38.74 33.20 19.86
CA SER P 45 38.41 33.01 18.46
C SER P 45 36.94 32.63 18.28
N LYS P 46 36.37 31.91 19.23
CA LYS P 46 34.95 31.57 19.14
C LYS P 46 34.05 32.68 19.63
N ALA P 47 34.50 33.49 20.60
CA ALA P 47 33.78 34.71 20.93
C ALA P 47 33.59 35.58 19.70
N LEU P 48 34.53 35.53 18.77
CA LEU P 48 34.39 36.26 17.51
C LEU P 48 33.18 35.76 16.73
N LYS P 49 33.18 34.48 16.39
CA LYS P 49 32.13 33.90 15.54
C LYS P 49 30.80 33.85 16.28
N GLY Q 13 96.45 28.85 20.76
CA GLY Q 13 95.82 29.49 19.62
C GLY Q 13 94.31 29.59 19.78
N ILE Q 14 93.62 29.87 18.67
CA ILE Q 14 92.18 30.01 18.71
C ILE Q 14 91.51 28.65 18.51
N LYS Q 15 92.08 27.79 17.67
CA LYS Q 15 91.59 26.41 17.61
C LYS Q 15 91.91 25.64 18.88
N LYS Q 16 92.54 26.28 19.86
CA LYS Q 16 92.65 25.77 21.22
C LYS Q 16 91.90 26.66 22.20
N TYR Q 17 91.42 27.81 21.74
CA TYR Q 17 90.53 28.68 22.51
C TYR Q 17 89.07 28.54 22.09
N PHE Q 18 88.82 27.94 20.92
CA PHE Q 18 87.48 27.58 20.47
C PHE Q 18 87.40 26.07 20.28
N ASN Q 19 87.89 25.33 21.27
CA ASN Q 19 87.99 23.87 21.14
C ASN Q 19 86.65 23.27 20.74
N SER Q 20 86.72 22.14 20.05
CA SER Q 20 85.55 21.36 19.70
C SER Q 20 85.53 19.98 20.35
N TYR Q 21 86.58 19.62 21.09
CA TYR Q 21 86.73 18.29 21.65
C TYR Q 21 86.56 18.25 23.16
N THR Q 22 87.13 19.22 23.87
CA THR Q 22 86.98 19.29 25.32
C THR Q 22 85.62 19.88 25.65
N LEU Q 23 85.43 20.25 26.91
CA LEU Q 23 84.19 20.86 27.36
C LEU Q 23 84.15 22.36 27.13
N THR Q 24 85.22 23.05 27.55
CA THR Q 24 85.22 24.51 27.53
C THR Q 24 84.95 25.05 26.12
N GLY Q 25 85.84 24.76 25.19
CA GLY Q 25 85.73 25.34 23.86
C GLY Q 25 84.35 25.14 23.27
N ARG Q 26 83.77 23.97 23.49
CA ARG Q 26 82.43 23.70 22.99
C ARG Q 26 81.43 24.71 23.56
N MET Q 27 81.51 24.92 24.87
CA MET Q 27 80.63 25.88 25.52
C MET Q 27 80.82 27.28 24.96
N ASN Q 28 82.08 27.70 24.84
CA ASN Q 28 82.36 29.04 24.34
C ASN Q 28 81.79 29.23 22.93
N CYS Q 29 81.92 28.21 22.08
CA CYS Q 29 81.43 28.34 20.72
C CYS Q 29 79.91 28.40 20.67
N VAL Q 30 79.23 27.50 21.40
CA VAL Q 30 77.78 27.53 21.42
C VAL Q 30 77.29 28.87 21.95
N LEU Q 31 77.97 29.43 22.94
CA LEU Q 31 77.56 30.73 23.47
C LEU Q 31 77.78 31.82 22.45
N ALA Q 32 78.90 31.78 21.74
CA ALA Q 32 79.15 32.75 20.69
C ALA Q 32 78.02 32.75 19.68
N THR Q 33 77.57 31.56 19.28
CA THR Q 33 76.54 31.50 18.25
C THR Q 33 75.16 31.87 18.78
N TYR Q 34 74.83 31.53 20.03
CA TYR Q 34 73.60 32.04 20.61
C TYR Q 34 73.60 33.56 20.68
N GLY Q 35 74.70 34.15 21.16
CA GLY Q 35 74.80 35.59 21.16
C GLY Q 35 74.62 36.19 19.78
N GLY Q 36 75.33 35.63 18.79
CA GLY Q 36 75.24 36.16 17.44
C GLY Q 36 73.83 36.08 16.87
N ILE Q 37 73.16 34.94 17.05
CA ILE Q 37 71.81 34.82 16.54
C ILE Q 37 70.88 35.79 17.26
N ALA Q 38 71.09 36.01 18.55
CA ALA Q 38 70.30 37.00 19.27
C ALA Q 38 70.50 38.38 18.67
N LEU Q 39 71.75 38.78 18.46
CA LEU Q 39 72.01 40.11 17.94
C LEU Q 39 71.42 40.29 16.55
N LEU Q 40 71.49 39.25 15.71
CA LEU Q 40 70.95 39.41 14.37
C LEU Q 40 69.43 39.47 14.40
N VAL Q 41 68.77 38.70 15.26
CA VAL Q 41 67.32 38.78 15.31
C VAL Q 41 66.90 40.15 15.82
N LEU Q 42 67.64 40.72 16.77
CA LEU Q 42 67.30 42.05 17.27
C LEU Q 42 67.70 43.15 16.30
N TYR Q 43 68.59 42.85 15.35
CA TYR Q 43 68.93 43.82 14.32
C TYR Q 43 67.94 43.76 13.15
N PHE Q 44 67.34 42.60 12.92
CA PHE Q 44 66.38 42.44 11.84
C PHE Q 44 64.95 42.73 12.27
N LYS Q 45 64.66 42.67 13.56
CA LYS Q 45 63.32 43.03 14.02
C LYS Q 45 62.96 44.46 13.64
N LEU Q 46 63.96 45.34 13.57
CA LEU Q 46 63.70 46.71 13.14
C LEU Q 46 63.06 46.74 11.76
N ARG Q 47 63.42 45.79 10.90
CA ARG Q 47 62.91 45.74 9.55
C ARG Q 47 61.84 44.67 9.41
N MET R 1 -7.20 -25.55 -27.75
CA MET R 1 -7.11 -26.94 -27.22
C MET R 1 -8.36 -27.31 -26.43
N PRO R 2 -9.26 -28.07 -27.05
CA PRO R 2 -10.47 -28.50 -26.35
C PRO R 2 -10.24 -29.58 -25.31
N GLN R 3 -9.02 -30.09 -25.20
CA GLN R 3 -8.70 -30.97 -24.08
C GLN R 3 -8.51 -30.21 -22.79
N LEU R 4 -8.68 -28.89 -22.81
CA LEU R 4 -8.45 -28.03 -21.67
C LEU R 4 -9.71 -27.34 -21.16
N ASP R 5 -10.83 -27.45 -21.89
CA ASP R 5 -12.12 -27.01 -21.38
C ASP R 5 -12.54 -28.05 -20.36
N THR R 6 -12.11 -27.83 -19.12
CA THR R 6 -12.07 -28.87 -18.09
C THR R 6 -13.44 -29.37 -17.69
N SER R 7 -14.50 -28.76 -18.23
CA SER R 7 -15.85 -29.05 -17.76
C SER R 7 -16.13 -30.54 -17.69
N THR R 8 -15.62 -31.31 -18.65
CA THR R 8 -16.05 -32.68 -18.86
C THR R 8 -15.15 -33.70 -18.19
N TRP R 9 -14.06 -33.28 -17.56
CA TRP R 9 -13.07 -34.24 -17.11
C TRP R 9 -13.67 -35.29 -16.18
N PHE R 10 -14.55 -34.87 -15.30
CA PHE R 10 -15.08 -35.79 -14.29
C PHE R 10 -15.70 -37.02 -14.94
N ILE R 11 -16.55 -36.83 -15.95
CA ILE R 11 -17.29 -37.95 -16.50
C ILE R 11 -16.37 -38.85 -17.29
N THR R 12 -15.56 -38.26 -18.17
CA THR R 12 -14.56 -39.03 -18.89
C THR R 12 -13.79 -39.94 -17.95
N ILE R 13 -13.25 -39.37 -16.87
CA ILE R 13 -12.44 -40.16 -15.95
C ILE R 13 -13.27 -41.28 -15.35
N THR R 14 -14.45 -40.95 -14.82
CA THR R 14 -15.23 -41.95 -14.12
C THR R 14 -15.59 -43.10 -15.03
N SER R 15 -15.93 -42.80 -16.28
CA SER R 15 -16.31 -43.84 -17.21
C SER R 15 -15.13 -44.70 -17.60
N MET R 16 -13.99 -44.08 -17.89
CA MET R 16 -12.76 -44.83 -18.08
C MET R 16 -12.57 -45.83 -16.96
N ILE R 17 -12.67 -45.35 -15.72
CA ILE R 17 -12.52 -46.25 -14.57
C ILE R 17 -13.49 -47.40 -14.66
N MET R 18 -14.79 -47.06 -14.71
CA MET R 18 -15.85 -48.06 -14.74
C MET R 18 -15.53 -49.16 -15.75
N THR R 19 -15.03 -48.75 -16.92
CA THR R 19 -14.72 -49.73 -17.95
C THR R 19 -13.48 -50.53 -17.59
N LEU R 20 -12.34 -49.84 -17.46
CA LEU R 20 -11.06 -50.49 -17.35
C LEU R 20 -10.98 -51.43 -16.16
N PHE R 21 -11.76 -51.18 -15.12
CA PHE R 21 -11.67 -51.98 -13.91
C PHE R 21 -12.91 -52.80 -13.62
N ILE R 22 -13.89 -52.86 -14.52
CA ILE R 22 -15.05 -53.71 -14.35
C ILE R 22 -15.24 -54.67 -15.52
N LEU R 23 -15.58 -54.14 -16.69
CA LEU R 23 -16.05 -55.00 -17.76
C LEU R 23 -14.98 -55.98 -18.21
N PHE R 24 -13.81 -55.47 -18.58
CA PHE R 24 -12.76 -56.35 -19.07
C PHE R 24 -12.34 -57.34 -18.01
N GLN R 25 -12.19 -56.88 -16.78
CA GLN R 25 -11.93 -57.80 -15.69
C GLN R 25 -13.04 -58.82 -15.51
N LEU R 26 -14.16 -58.66 -16.22
CA LEU R 26 -15.17 -59.71 -16.28
C LEU R 26 -14.96 -60.62 -17.48
N LYS R 27 -14.87 -60.04 -18.67
CA LYS R 27 -14.72 -60.81 -19.89
C LYS R 27 -13.45 -61.64 -19.85
N ILE R 28 -12.32 -60.95 -19.85
CA ILE R 28 -11.01 -61.60 -19.94
C ILE R 28 -10.79 -62.53 -18.76
N SER R 29 -11.50 -62.31 -17.66
CA SER R 29 -11.35 -63.17 -16.49
C SER R 29 -11.93 -64.54 -16.76
N ASN R 30 -12.58 -64.69 -17.91
CA ASN R 30 -13.24 -65.94 -18.26
C ASN R 30 -12.50 -66.72 -19.34
N TYR R 31 -11.51 -66.11 -19.99
CA TYR R 31 -10.73 -66.82 -21.00
C TYR R 31 -10.05 -68.03 -20.36
N SER R 32 -9.71 -69.00 -21.20
CA SER R 32 -9.27 -70.30 -20.74
C SER R 32 -7.87 -70.62 -21.23
N TYR R 33 -7.35 -71.71 -20.72
CA TYR R 33 -6.01 -72.18 -20.98
C TYR R 33 -6.03 -73.32 -22.00
N PRO R 34 -4.95 -73.50 -22.77
CA PRO R 34 -4.82 -74.71 -23.58
C PRO R 34 -4.89 -76.00 -22.76
N ASP S 1 19.28 0.75 -39.83
CA ASP S 1 18.66 0.51 -41.15
C ASP S 1 17.89 -0.80 -41.09
N ILE S 2 17.45 -1.28 -42.26
CA ILE S 2 16.74 -2.54 -42.33
C ILE S 2 17.55 -3.63 -43.02
N ASP S 3 18.25 -3.30 -44.11
CA ASP S 3 19.09 -4.29 -44.78
C ASP S 3 20.35 -4.58 -43.97
N THR S 4 20.82 -3.62 -43.19
CA THR S 4 22.00 -3.83 -42.36
C THR S 4 21.81 -5.01 -41.42
N ALA S 5 20.85 -4.91 -40.51
CA ALA S 5 20.57 -6.01 -39.59
C ALA S 5 20.17 -7.26 -40.36
N ALA S 6 19.48 -7.08 -41.48
CA ALA S 6 19.06 -8.22 -42.28
C ALA S 6 20.27 -9.08 -42.64
N LYS S 7 21.21 -8.51 -43.39
CA LYS S 7 22.41 -9.24 -43.77
C LYS S 7 23.19 -9.69 -42.54
N PHE S 8 23.27 -8.85 -41.51
CA PHE S 8 23.97 -9.25 -40.29
C PHE S 8 23.50 -10.62 -39.83
N ILE S 9 22.20 -10.75 -39.59
CA ILE S 9 21.69 -11.97 -38.99
C ILE S 9 21.64 -13.08 -40.02
N GLY S 10 21.44 -12.75 -41.30
CA GLY S 10 21.50 -13.77 -42.33
C GLY S 10 22.83 -14.49 -42.33
N ALA S 11 23.91 -13.73 -42.16
CA ALA S 11 25.23 -14.34 -42.13
C ALA S 11 25.47 -15.04 -40.79
N GLY S 12 25.04 -14.41 -39.70
CA GLY S 12 25.16 -15.05 -38.40
C GLY S 12 24.40 -16.34 -38.31
N ALA S 13 23.48 -16.58 -39.24
CA ALA S 13 22.76 -17.83 -39.32
C ALA S 13 23.43 -18.80 -40.29
N ALA S 14 23.72 -18.34 -41.51
CA ALA S 14 24.37 -19.20 -42.50
C ALA S 14 25.72 -19.70 -42.02
N THR S 15 26.34 -19.03 -41.06
CA THR S 15 27.61 -19.47 -40.50
C THR S 15 27.48 -20.71 -39.64
N VAL S 16 26.30 -21.33 -39.57
CA VAL S 16 26.13 -22.51 -38.74
C VAL S 16 26.13 -23.79 -39.57
N GLY S 17 26.26 -23.68 -40.89
CA GLY S 17 26.38 -24.85 -41.73
C GLY S 17 27.80 -25.39 -41.77
N VAL S 18 28.46 -25.37 -40.62
CA VAL S 18 29.86 -25.78 -40.53
C VAL S 18 30.07 -26.87 -39.48
N ALA S 19 29.21 -26.96 -38.47
CA ALA S 19 29.37 -27.98 -37.45
C ALA S 19 29.31 -29.37 -38.04
N GLY S 20 28.48 -29.56 -39.06
CA GLY S 20 28.40 -30.87 -39.68
C GLY S 20 29.69 -31.25 -40.36
N SER S 21 30.26 -30.34 -41.15
CA SER S 21 31.56 -30.59 -41.73
C SER S 21 32.61 -30.89 -40.66
N GLY S 22 32.56 -30.17 -39.54
CA GLY S 22 33.48 -30.42 -38.46
C GLY S 22 33.38 -31.85 -37.94
N ALA S 23 32.19 -32.21 -37.48
CA ALA S 23 31.98 -33.55 -36.97
C ALA S 23 32.30 -34.61 -38.02
N GLY S 24 32.08 -34.29 -39.29
CA GLY S 24 32.42 -35.23 -40.34
C GLY S 24 33.91 -35.50 -40.40
N ILE S 25 34.70 -34.43 -40.38
CA ILE S 25 36.15 -34.57 -40.28
C ILE S 25 36.51 -35.47 -39.11
N GLY S 26 35.92 -35.18 -37.95
CA GLY S 26 36.26 -35.95 -36.77
C GLY S 26 35.98 -37.44 -36.95
N THR S 27 34.83 -37.75 -37.52
CA THR S 27 34.44 -39.15 -37.64
C THR S 27 35.28 -39.86 -38.67
N VAL S 28 35.58 -39.20 -39.78
CA VAL S 28 36.43 -39.81 -40.80
C VAL S 28 37.79 -40.13 -40.21
N PHE S 29 38.29 -39.27 -39.32
CA PHE S 29 39.57 -39.54 -38.69
C PHE S 29 39.50 -40.70 -37.69
N GLY S 30 38.41 -40.80 -36.94
CA GLY S 30 38.24 -41.96 -36.08
C GLY S 30 38.24 -43.25 -36.88
N SER S 31 37.55 -43.23 -38.00
CA SER S 31 37.50 -44.42 -38.86
C SER S 31 38.88 -44.75 -39.41
N LEU S 32 39.62 -43.73 -39.86
CA LEU S 32 41.01 -43.96 -40.24
C LEU S 32 41.77 -44.68 -39.14
N ILE S 33 41.66 -44.18 -37.92
CA ILE S 33 42.34 -44.81 -36.80
C ILE S 33 42.04 -46.30 -36.75
N ILE S 34 40.75 -46.65 -36.73
CA ILE S 34 40.44 -48.07 -36.55
C ILE S 34 40.99 -48.88 -37.72
N GLY S 35 40.70 -48.44 -38.94
CA GLY S 35 41.16 -49.15 -40.10
C GLY S 35 42.65 -49.42 -40.04
N TYR S 36 43.44 -48.39 -39.75
CA TYR S 36 44.88 -48.58 -39.64
C TYR S 36 45.20 -49.60 -38.55
N ALA S 37 44.60 -49.44 -37.38
CA ALA S 37 44.89 -50.34 -36.27
C ALA S 37 44.50 -51.79 -36.58
N ARG S 38 43.79 -52.04 -37.66
CA ARG S 38 43.59 -53.42 -38.09
C ARG S 38 44.68 -53.86 -39.06
N ASN S 39 45.01 -53.03 -40.04
CA ASN S 39 45.92 -53.35 -41.13
C ASN S 39 46.98 -52.25 -41.20
N PRO S 40 48.06 -52.38 -40.44
CA PRO S 40 49.01 -51.26 -40.32
C PRO S 40 49.92 -51.08 -41.53
N SER S 41 49.60 -51.72 -42.66
CA SER S 41 50.49 -51.75 -43.80
C SER S 41 49.99 -50.95 -44.99
N LEU S 42 48.76 -50.44 -44.94
CA LEU S 42 48.19 -49.71 -46.07
C LEU S 42 47.95 -48.26 -45.67
N M3L S 43 48.69 -47.85 -44.65
CA M3L S 43 48.68 -46.51 -44.15
CB M3L S 43 49.98 -46.27 -43.38
C M3L S 43 48.53 -45.45 -45.21
O M3L S 43 47.74 -44.50 -45.14
H M3L S 43 49.34 -48.42 -44.14
HA M3L S 43 47.81 -46.41 -43.45
N GLN S 44 49.34 -45.60 -46.25
CA GLN S 44 49.45 -44.60 -47.29
C GLN S 44 48.10 -44.36 -47.93
N GLN S 45 47.45 -45.44 -48.32
CA GLN S 45 46.20 -45.33 -49.05
C GLN S 45 45.07 -44.92 -48.12
N LEU S 46 45.05 -45.46 -46.91
CA LEU S 46 44.08 -44.99 -45.92
C LEU S 46 44.16 -43.47 -45.82
N PHE S 47 45.38 -42.94 -45.77
CA PHE S 47 45.56 -41.52 -45.54
C PHE S 47 45.17 -40.72 -46.77
N SER S 48 45.50 -41.21 -47.96
CA SER S 48 45.03 -40.54 -49.17
C SER S 48 43.52 -40.39 -49.16
N TYR S 49 42.81 -41.49 -48.90
CA TYR S 49 41.36 -41.44 -48.85
C TYR S 49 40.87 -40.43 -47.81
N ALA S 50 41.45 -40.48 -46.62
CA ALA S 50 41.00 -39.60 -45.55
C ALA S 50 41.19 -38.13 -45.92
N ILE S 51 42.36 -37.80 -46.46
CA ILE S 51 42.62 -36.40 -46.79
C ILE S 51 41.67 -35.95 -47.89
N LEU S 52 41.30 -36.85 -48.80
CA LEU S 52 40.29 -36.48 -49.79
C LEU S 52 38.97 -36.12 -49.12
N GLY S 53 38.49 -37.00 -48.23
CA GLY S 53 37.26 -36.70 -47.52
C GLY S 53 37.33 -35.36 -46.81
N PHE S 54 38.49 -35.04 -46.25
CA PHE S 54 38.68 -33.75 -45.60
C PHE S 54 38.52 -32.61 -46.59
N ALA S 55 39.19 -32.73 -47.74
CA ALA S 55 39.02 -31.73 -48.78
C ALA S 55 37.56 -31.47 -49.06
N LEU S 56 36.77 -32.54 -49.18
CA LEU S 56 35.37 -32.39 -49.58
C LEU S 56 34.55 -31.68 -48.50
N SER S 57 34.62 -32.19 -47.27
CA SER S 57 33.85 -31.57 -46.19
C SER S 57 34.25 -30.11 -45.98
N GLU S 58 35.56 -29.84 -46.00
CA GLU S 58 36.03 -28.47 -45.86
C GLU S 58 35.49 -27.60 -46.99
N ALA S 59 35.45 -28.14 -48.20
CA ALA S 59 34.90 -27.39 -49.32
C ALA S 59 33.45 -27.01 -49.05
N MET S 60 32.67 -27.95 -48.56
CA MET S 60 31.25 -27.67 -48.30
C MET S 60 31.10 -26.57 -47.26
N GLY S 61 31.83 -26.68 -46.15
CA GLY S 61 31.77 -25.64 -45.14
C GLY S 61 32.22 -24.29 -45.68
N LEU S 62 33.27 -24.28 -46.48
CA LEU S 62 33.80 -23.04 -47.01
C LEU S 62 32.79 -22.38 -47.95
N PHE S 63 32.03 -23.17 -48.70
CA PHE S 63 30.97 -22.58 -49.51
C PHE S 63 29.86 -22.01 -48.64
N CYS S 64 29.47 -22.76 -47.61
CA CYS S 64 28.44 -22.26 -46.70
C CYS S 64 28.86 -20.95 -46.05
N LEU S 65 30.17 -20.72 -45.93
CA LEU S 65 30.65 -19.49 -45.32
C LEU S 65 30.85 -18.38 -46.35
N MET S 66 31.30 -18.72 -47.55
CA MET S 66 31.31 -17.75 -48.65
C MET S 66 29.93 -17.16 -48.85
N VAL S 67 28.89 -17.97 -48.65
CA VAL S 67 27.53 -17.44 -48.64
C VAL S 67 27.45 -16.27 -47.67
N ALA S 68 27.95 -16.46 -46.45
CA ALA S 68 27.84 -15.42 -45.43
C ALA S 68 28.62 -14.18 -45.85
N PHE S 69 29.79 -14.36 -46.45
CA PHE S 69 30.56 -13.22 -46.91
C PHE S 69 29.79 -12.43 -47.96
N LEU S 70 29.17 -13.15 -48.90
CA LEU S 70 28.38 -12.46 -49.91
C LEU S 70 27.20 -11.73 -49.29
N ILE S 71 26.54 -12.36 -48.32
CA ILE S 71 25.47 -11.68 -47.59
C ILE S 71 26.00 -10.38 -47.00
N LEU S 72 27.14 -10.46 -46.32
CA LEU S 72 27.79 -9.25 -45.82
C LEU S 72 27.89 -8.19 -46.91
N PHE S 73 28.34 -8.59 -48.08
CA PHE S 73 28.61 -7.63 -49.14
C PHE S 73 27.78 -7.94 -50.38
N ALA S 74 26.54 -8.37 -50.18
CA ALA S 74 25.62 -8.60 -51.30
C ALA S 74 25.19 -7.28 -51.92
N ASP T 1 21.59 2.61 -31.18
CA ASP T 1 20.98 2.33 -32.50
C ASP T 1 20.59 0.86 -32.61
N ILE T 2 19.50 0.60 -33.35
CA ILE T 2 19.00 -0.75 -33.48
C ILE T 2 20.06 -1.71 -34.02
N ASP T 3 21.00 -1.21 -34.82
CA ASP T 3 22.06 -2.07 -35.33
C ASP T 3 22.86 -2.70 -34.21
N THR T 4 22.86 -2.13 -33.01
CA THR T 4 23.52 -2.78 -31.88
C THR T 4 22.79 -4.06 -31.50
N ALA T 5 21.47 -3.96 -31.33
CA ALA T 5 20.64 -5.15 -31.14
C ALA T 5 20.91 -6.18 -32.23
N ALA T 6 20.94 -5.73 -33.49
CA ALA T 6 21.14 -6.66 -34.59
C ALA T 6 22.52 -7.32 -34.52
N LYS T 7 23.52 -6.57 -34.05
CA LYS T 7 24.85 -7.12 -33.88
C LYS T 7 24.84 -8.25 -32.86
N PHE T 8 24.24 -7.98 -31.70
CA PHE T 8 24.15 -9.00 -30.66
C PHE T 8 23.39 -10.21 -31.17
N ILE T 9 22.38 -9.97 -32.01
CA ILE T 9 21.59 -11.06 -32.56
C ILE T 9 22.44 -11.92 -33.47
N GLY T 10 23.13 -11.29 -34.42
CA GLY T 10 24.02 -12.05 -35.29
C GLY T 10 25.05 -12.85 -34.51
N ALA T 11 25.58 -12.27 -33.44
CA ALA T 11 26.56 -12.98 -32.63
C ALA T 11 25.96 -14.22 -31.99
N GLY T 12 24.80 -14.06 -31.37
CA GLY T 12 24.15 -15.20 -30.76
C GLY T 12 23.77 -16.26 -31.77
N ALA T 13 23.45 -15.85 -33.00
CA ALA T 13 23.12 -16.80 -34.05
C ALA T 13 24.35 -17.55 -34.53
N ALA T 14 25.48 -16.87 -34.58
CA ALA T 14 26.66 -17.43 -35.22
C ALA T 14 27.48 -18.31 -34.30
N THR T 15 27.59 -17.97 -33.02
CA THR T 15 28.51 -18.70 -32.15
C THR T 15 28.11 -20.17 -32.01
N VAL T 16 26.86 -20.50 -32.32
CA VAL T 16 26.26 -21.78 -31.92
C VAL T 16 26.97 -22.98 -32.54
N GLY T 17 27.71 -22.76 -33.61
CA GLY T 17 28.14 -23.86 -34.45
C GLY T 17 29.30 -24.68 -33.94
N VAL T 18 29.71 -24.52 -32.68
CA VAL T 18 30.89 -25.19 -32.18
C VAL T 18 30.58 -26.62 -31.79
N ALA T 19 29.29 -26.99 -31.84
CA ALA T 19 28.92 -28.34 -31.48
C ALA T 19 29.51 -29.36 -32.43
N GLY T 20 29.68 -28.99 -33.69
CA GLY T 20 30.33 -29.89 -34.63
C GLY T 20 31.74 -30.24 -34.21
N SER T 21 32.51 -29.25 -33.78
CA SER T 21 33.85 -29.51 -33.27
C SER T 21 33.80 -30.35 -32.00
N GLY T 22 32.86 -30.04 -31.09
CA GLY T 22 32.68 -30.89 -29.94
C GLY T 22 32.50 -32.35 -30.32
N ALA T 23 31.62 -32.59 -31.28
CA ALA T 23 31.42 -33.94 -31.78
C ALA T 23 32.73 -34.54 -32.26
N GLY T 24 33.32 -33.95 -33.30
CA GLY T 24 34.56 -34.49 -33.84
C GLY T 24 35.56 -34.84 -32.77
N ILE T 25 35.67 -34.00 -31.76
CA ILE T 25 36.58 -34.26 -30.65
C ILE T 25 36.22 -35.58 -29.97
N GLY T 26 34.98 -35.67 -29.48
CA GLY T 26 34.57 -36.90 -28.82
C GLY T 26 34.76 -38.10 -29.71
N THR T 27 34.49 -37.93 -31.00
CA THR T 27 34.56 -39.02 -31.95
C THR T 27 35.98 -39.56 -32.07
N VAL T 28 36.94 -38.66 -32.34
CA VAL T 28 38.31 -39.13 -32.52
C VAL T 28 38.80 -39.79 -31.25
N PHE T 29 38.47 -39.22 -30.09
CA PHE T 29 39.01 -39.83 -28.89
C PHE T 29 38.42 -41.21 -28.64
N GLY T 30 37.14 -41.39 -28.94
CA GLY T 30 36.57 -42.72 -28.81
C GLY T 30 37.19 -43.72 -29.77
N SER T 31 37.35 -43.31 -31.02
CA SER T 31 37.94 -44.21 -32.01
C SER T 31 39.38 -44.56 -31.64
N LEU T 32 40.12 -43.56 -31.15
CA LEU T 32 41.46 -43.80 -30.63
C LEU T 32 41.45 -44.87 -29.54
N ILE T 33 40.50 -44.78 -28.62
CA ILE T 33 40.47 -45.78 -27.57
C ILE T 33 40.24 -47.17 -28.15
N ILE T 34 39.29 -47.27 -29.08
CA ILE T 34 39.05 -48.55 -29.73
C ILE T 34 40.35 -49.09 -30.31
N GLY T 35 40.99 -48.29 -31.14
CA GLY T 35 42.22 -48.70 -31.79
C GLY T 35 43.23 -49.20 -30.78
N TYR T 36 43.69 -48.29 -29.92
CA TYR T 36 44.67 -48.66 -28.90
C TYR T 36 44.26 -49.92 -28.16
N ALA T 37 42.97 -50.22 -28.06
CA ALA T 37 42.56 -51.45 -27.39
C ALA T 37 42.65 -52.65 -28.32
N ARG T 38 42.78 -52.43 -29.62
CA ARG T 38 43.07 -53.53 -30.53
C ARG T 38 44.55 -53.87 -30.57
N ASN T 39 45.40 -52.85 -30.71
CA ASN T 39 46.83 -53.02 -30.98
C ASN T 39 47.63 -52.19 -29.98
N PRO T 40 47.65 -52.59 -28.71
CA PRO T 40 48.26 -51.76 -27.66
C PRO T 40 49.64 -51.23 -27.98
N SER T 41 50.31 -51.82 -28.97
CA SER T 41 51.71 -51.54 -29.26
C SER T 41 51.87 -50.61 -30.46
N LEU T 42 50.99 -49.64 -30.59
CA LEU T 42 51.07 -48.66 -31.67
C LEU T 42 50.68 -47.28 -31.14
N M3L T 43 50.72 -47.17 -29.82
CA M3L T 43 50.38 -45.98 -29.11
CB M3L T 43 51.13 -45.92 -27.77
C M3L T 43 50.66 -44.63 -29.73
O M3L T 43 49.83 -43.73 -29.85
H M3L T 43 50.99 -47.89 -29.19
HA M3L T 43 49.27 -46.00 -28.89
N GLN T 44 51.92 -44.48 -30.11
CA GLN T 44 52.45 -43.19 -30.49
C GLN T 44 51.81 -42.74 -31.78
N GLN T 45 51.80 -43.65 -32.76
CA GLN T 45 51.21 -43.31 -34.03
C GLN T 45 49.71 -43.11 -33.90
N LEU T 46 49.06 -43.87 -33.02
CA LEU T 46 47.64 -43.64 -32.74
C LEU T 46 47.42 -42.21 -32.26
N PHE T 47 48.04 -41.85 -31.14
CA PHE T 47 47.92 -40.52 -30.58
C PHE T 47 48.20 -39.45 -31.62
N SER T 48 49.24 -39.65 -32.43
CA SER T 48 49.60 -38.64 -33.42
C SER T 48 48.53 -38.48 -34.47
N TYR T 49 48.00 -39.57 -35.00
CA TYR T 49 46.86 -39.48 -35.90
C TYR T 49 45.73 -38.72 -35.25
N ALA T 50 45.46 -38.99 -33.98
CA ALA T 50 44.39 -38.32 -33.28
C ALA T 50 44.56 -36.80 -33.34
N ILE T 51 45.74 -36.33 -32.91
CA ILE T 51 45.95 -34.90 -32.76
C ILE T 51 45.64 -34.15 -34.04
N LEU T 52 46.07 -34.70 -35.17
CA LEU T 52 45.83 -34.04 -36.45
C LEU T 52 44.36 -33.62 -36.58
N GLY T 53 43.46 -34.60 -36.56
CA GLY T 53 42.05 -34.30 -36.77
C GLY T 53 41.46 -33.47 -35.65
N PHE T 54 41.86 -33.76 -34.42
CA PHE T 54 41.49 -32.92 -33.30
C PHE T 54 41.66 -31.44 -33.66
N ALA T 55 42.87 -31.07 -34.04
CA ALA T 55 43.17 -29.67 -34.33
C ALA T 55 42.42 -29.19 -35.56
N LEU T 56 42.29 -30.05 -36.57
CA LEU T 56 41.64 -29.62 -37.80
C LEU T 56 40.15 -29.39 -37.60
N SER T 57 39.56 -30.00 -36.57
CA SER T 57 38.17 -29.72 -36.24
C SER T 57 38.04 -28.41 -35.45
N GLU T 58 38.87 -28.25 -34.42
CA GLU T 58 38.86 -26.97 -33.74
C GLU T 58 39.21 -25.84 -34.69
N ALA T 59 39.83 -26.13 -35.83
CA ALA T 59 40.07 -25.11 -36.84
C ALA T 59 38.75 -24.48 -37.30
N MET T 60 37.82 -25.32 -37.72
CA MET T 60 36.52 -24.80 -38.14
C MET T 60 35.80 -24.15 -36.97
N GLY T 61 35.89 -24.74 -35.79
CA GLY T 61 35.27 -24.11 -34.62
C GLY T 61 35.76 -22.68 -34.44
N LEU T 62 37.07 -22.48 -34.58
CA LEU T 62 37.63 -21.15 -34.38
C LEU T 62 37.32 -20.25 -35.56
N PHE T 63 37.15 -20.79 -36.76
CA PHE T 63 36.68 -19.96 -37.87
C PHE T 63 35.32 -19.37 -37.53
N CYS T 64 34.44 -20.20 -36.96
CA CYS T 64 33.13 -19.72 -36.55
C CYS T 64 33.25 -18.64 -35.49
N LEU T 65 34.00 -18.91 -34.43
CA LEU T 65 34.16 -17.90 -33.39
C LEU T 65 34.82 -16.64 -33.93
N MET T 66 35.61 -16.77 -35.00
CA MET T 66 36.32 -15.63 -35.53
C MET T 66 35.39 -14.72 -36.31
N VAL T 67 34.57 -15.30 -37.18
CA VAL T 67 33.54 -14.49 -37.81
C VAL T 67 32.64 -13.88 -36.74
N ALA T 68 32.40 -14.59 -35.64
CA ALA T 68 31.59 -14.02 -34.57
C ALA T 68 32.21 -12.73 -34.05
N PHE T 69 33.48 -12.80 -33.64
CA PHE T 69 34.15 -11.61 -33.13
C PHE T 69 34.13 -10.50 -34.17
N LEU T 70 34.54 -10.82 -35.39
CA LEU T 70 34.59 -9.81 -36.45
C LEU T 70 33.26 -9.09 -36.59
N ILE T 71 32.19 -9.86 -36.79
CA ILE T 71 30.88 -9.26 -37.01
C ILE T 71 30.46 -8.43 -35.80
N LEU T 72 30.36 -9.08 -34.64
CA LEU T 72 29.88 -8.40 -33.45
C LEU T 72 30.62 -7.08 -33.25
N PHE T 73 31.95 -7.14 -33.16
CA PHE T 73 32.72 -5.99 -32.74
C PHE T 73 32.96 -5.00 -33.87
N ALA T 74 33.58 -5.46 -34.96
CA ALA T 74 33.98 -4.54 -36.01
C ALA T 74 32.81 -4.20 -36.93
N MET T 75 32.27 -5.21 -37.60
CA MET T 75 31.19 -4.99 -38.55
C MET T 75 30.58 -6.31 -39.00
N ASP U 1 15.36 -1.24 -22.42
CA ASP U 1 15.24 -0.90 -23.86
C ASP U 1 15.41 -2.16 -24.71
N ILE U 2 15.20 -2.03 -26.02
CA ILE U 2 15.29 -3.19 -26.89
C ILE U 2 16.69 -3.79 -26.90
N ASP U 3 17.69 -3.03 -26.43
CA ASP U 3 19.00 -3.62 -26.23
C ASP U 3 18.89 -4.86 -25.35
N THR U 4 18.12 -4.77 -24.28
CA THR U 4 17.87 -5.94 -23.44
C THR U 4 17.24 -7.06 -24.25
N ALA U 5 16.29 -6.72 -25.12
CA ALA U 5 15.64 -7.72 -25.95
C ALA U 5 16.68 -8.49 -26.77
N ALA U 6 17.41 -7.76 -27.63
CA ALA U 6 18.37 -8.41 -28.50
C ALA U 6 19.44 -9.14 -27.72
N LYS U 7 19.83 -8.63 -26.56
CA LYS U 7 20.86 -9.31 -25.78
C LYS U 7 20.34 -10.63 -25.24
N PHE U 8 19.13 -10.63 -24.69
CA PHE U 8 18.53 -11.86 -24.22
C PHE U 8 18.42 -12.86 -25.35
N ILE U 9 17.99 -12.39 -26.51
CA ILE U 9 17.83 -13.26 -27.67
C ILE U 9 19.17 -13.89 -28.03
N GLY U 10 20.17 -13.07 -28.30
CA GLY U 10 21.47 -13.57 -28.71
C GLY U 10 22.09 -14.48 -27.67
N ALA U 11 21.84 -14.23 -26.39
CA ALA U 11 22.45 -15.06 -25.36
C ALA U 11 21.77 -16.42 -25.31
N GLY U 12 20.45 -16.42 -25.15
CA GLY U 12 19.74 -17.69 -25.13
C GLY U 12 19.88 -18.45 -26.44
N ALA U 13 20.34 -17.78 -27.49
CA ALA U 13 20.66 -18.48 -28.72
C ALA U 13 22.05 -19.08 -28.66
N ALA U 14 23.06 -18.23 -28.43
CA ALA U 14 24.43 -18.70 -28.34
C ALA U 14 24.56 -19.88 -27.40
N THR U 15 23.70 -19.98 -26.39
CA THR U 15 23.83 -21.05 -25.42
C THR U 15 23.49 -22.42 -26.01
N VAL U 16 23.27 -22.50 -27.32
CA VAL U 16 23.11 -23.78 -28.00
C VAL U 16 24.38 -24.62 -27.91
N GLY U 17 25.54 -23.98 -27.80
CA GLY U 17 26.82 -24.65 -27.95
C GLY U 17 27.05 -25.87 -27.09
N VAL U 18 26.16 -26.12 -26.12
CA VAL U 18 26.34 -27.24 -25.20
C VAL U 18 25.78 -28.54 -25.73
N ALA U 19 24.95 -28.47 -26.76
CA ALA U 19 24.51 -29.68 -27.45
C ALA U 19 25.69 -30.53 -27.87
N GLY U 20 26.63 -29.94 -28.60
CA GLY U 20 27.80 -30.68 -29.03
C GLY U 20 28.57 -31.27 -27.87
N SER U 21 28.65 -30.53 -26.77
CA SER U 21 29.35 -31.05 -25.60
C SER U 21 28.68 -32.32 -25.10
N GLY U 22 27.36 -32.28 -24.92
CA GLY U 22 26.66 -33.47 -24.48
C GLY U 22 26.88 -34.63 -25.43
N ALA U 23 26.75 -34.37 -26.72
CA ALA U 23 26.87 -35.44 -27.71
C ALA U 23 28.25 -36.06 -27.69
N GLY U 24 29.28 -35.23 -27.75
CA GLY U 24 30.63 -35.69 -27.64
C GLY U 24 30.77 -36.57 -26.42
N ILE U 25 30.58 -35.99 -25.24
CA ILE U 25 30.75 -36.74 -24.01
C ILE U 25 30.12 -38.12 -24.11
N GLY U 26 28.92 -38.19 -24.65
CA GLY U 26 28.25 -39.47 -24.75
C GLY U 26 29.00 -40.45 -25.62
N THR U 27 29.36 -40.00 -26.83
CA THR U 27 30.08 -40.86 -27.73
C THR U 27 31.39 -41.34 -27.12
N VAL U 28 32.07 -40.43 -26.43
CA VAL U 28 33.30 -40.77 -25.74
C VAL U 28 33.09 -41.93 -24.80
N PHE U 29 32.16 -41.77 -23.86
CA PHE U 29 31.99 -42.83 -22.88
C PHE U 29 31.55 -44.12 -23.54
N GLY U 30 30.80 -44.04 -24.64
CA GLY U 30 30.42 -45.27 -25.33
C GLY U 30 31.62 -46.02 -25.87
N SER U 31 32.45 -45.32 -26.63
CA SER U 31 33.67 -45.92 -27.14
C SER U 31 34.50 -46.52 -26.03
N LEU U 32 34.68 -45.78 -24.93
CA LEU U 32 35.45 -46.31 -23.83
C LEU U 32 34.83 -47.58 -23.27
N ILE U 33 33.51 -47.58 -23.14
CA ILE U 33 32.84 -48.74 -22.58
C ILE U 33 33.16 -49.96 -23.43
N ILE U 34 33.11 -49.80 -24.74
CA ILE U 34 33.50 -50.88 -25.65
C ILE U 34 34.94 -51.30 -25.38
N GLY U 35 35.84 -50.36 -25.60
CA GLY U 35 37.26 -50.66 -25.55
C GLY U 35 37.65 -51.41 -24.31
N TYR U 36 37.04 -51.05 -23.18
CA TYR U 36 37.29 -51.79 -21.96
C TYR U 36 36.54 -53.12 -21.97
N ALA U 37 35.39 -53.15 -22.63
CA ALA U 37 34.61 -54.38 -22.69
C ALA U 37 35.45 -55.51 -23.26
N ARG U 38 36.37 -55.18 -24.16
CA ARG U 38 37.14 -56.25 -24.80
C ARG U 38 38.50 -56.46 -24.18
N ASN U 39 39.00 -55.53 -23.39
CA ASN U 39 40.44 -55.39 -23.18
C ASN U 39 40.73 -54.77 -21.83
N PRO U 40 40.47 -55.50 -20.75
CA PRO U 40 40.47 -54.89 -19.41
C PRO U 40 41.83 -54.76 -18.74
N SER U 41 42.91 -54.92 -19.50
CA SER U 41 44.25 -54.77 -18.95
C SER U 41 44.79 -53.37 -19.17
N LEU U 42 43.90 -52.38 -19.22
CA LEU U 42 44.27 -51.05 -19.66
C LEU U 42 43.60 -49.96 -18.83
N M3L U 43 42.82 -50.38 -17.84
CA M3L U 43 42.01 -49.49 -17.05
CB M3L U 43 41.81 -50.00 -15.63
C M3L U 43 42.53 -48.07 -16.89
O M3L U 43 41.85 -47.08 -17.14
H M3L U 43 42.70 -51.34 -17.55
HA M3L U 43 40.99 -49.40 -17.54
N GLN U 44 43.77 -47.98 -16.46
CA GLN U 44 44.34 -46.69 -16.09
C GLN U 44 44.50 -45.80 -17.31
N GLN U 45 45.22 -46.31 -18.31
CA GLN U 45 45.46 -45.53 -19.52
C GLN U 45 44.14 -45.19 -20.21
N LEU U 46 43.22 -46.15 -20.20
CA LEU U 46 41.89 -45.93 -20.74
C LEU U 46 41.22 -44.75 -20.07
N PHE U 47 41.02 -44.85 -18.76
CA PHE U 47 40.43 -43.79 -17.96
C PHE U 47 41.09 -42.45 -18.23
N SER U 48 42.41 -42.46 -18.42
CA SER U 48 43.12 -41.20 -18.63
C SER U 48 42.71 -40.56 -19.96
N TYR U 49 42.80 -41.33 -21.04
CA TYR U 49 42.34 -40.81 -22.32
C TYR U 49 40.89 -40.37 -22.23
N ALA U 50 40.09 -41.09 -21.45
CA ALA U 50 38.68 -40.78 -21.29
C ALA U 50 38.49 -39.40 -20.69
N ILE U 51 39.17 -39.17 -19.58
CA ILE U 51 39.04 -37.90 -18.88
C ILE U 51 39.53 -36.77 -19.77
N LEU U 52 40.60 -37.02 -20.52
CA LEU U 52 41.09 -35.99 -21.43
C LEU U 52 40.01 -35.60 -22.44
N GLY U 53 39.40 -36.60 -23.09
CA GLY U 53 38.38 -36.30 -24.07
C GLY U 53 37.20 -35.57 -23.45
N PHE U 54 36.73 -36.05 -22.31
CA PHE U 54 35.68 -35.38 -21.57
C PHE U 54 36.00 -33.91 -21.39
N ALA U 55 37.19 -33.62 -20.87
CA ALA U 55 37.55 -32.24 -20.59
C ALA U 55 37.57 -31.40 -21.86
N LEU U 56 38.11 -31.95 -22.93
CA LEU U 56 38.19 -31.19 -24.18
C LEU U 56 36.80 -30.80 -24.67
N SER U 57 35.89 -31.77 -24.73
CA SER U 57 34.54 -31.46 -25.21
C SER U 57 33.85 -30.48 -24.27
N GLU U 58 33.90 -30.76 -22.96
CA GLU U 58 33.25 -29.88 -22.01
C GLU U 58 33.78 -28.46 -22.12
N ALA U 59 35.07 -28.30 -22.45
CA ALA U 59 35.63 -26.97 -22.58
C ALA U 59 35.19 -26.31 -23.87
N MET U 60 35.11 -27.07 -24.96
CA MET U 60 34.62 -26.50 -26.20
C MET U 60 33.15 -26.12 -26.12
N GLY U 61 32.45 -26.57 -25.08
CA GLY U 61 31.12 -26.04 -24.79
C GLY U 61 31.14 -24.89 -23.80
N LEU U 62 32.05 -25.02 -22.83
CA LEU U 62 32.18 -24.01 -21.79
C LEU U 62 32.56 -22.67 -22.38
N PHE U 63 33.36 -22.67 -23.45
CA PHE U 63 33.70 -21.40 -24.09
C PHE U 63 32.45 -20.62 -24.46
N CYS U 64 31.55 -21.27 -25.19
CA CYS U 64 30.33 -20.59 -25.63
C CYS U 64 29.45 -20.22 -24.45
N LEU U 65 29.32 -21.11 -23.46
CA LEU U 65 28.50 -20.77 -22.29
C LEU U 65 29.04 -19.53 -21.58
N MET U 66 30.34 -19.52 -21.29
CA MET U 66 30.95 -18.41 -20.58
C MET U 66 30.83 -17.12 -21.36
N VAL U 67 31.04 -17.17 -22.68
CA VAL U 67 30.90 -15.94 -23.45
C VAL U 67 29.45 -15.50 -23.55
N ALA U 68 28.50 -16.43 -23.42
CA ALA U 68 27.10 -16.02 -23.32
C ALA U 68 26.86 -15.24 -22.03
N PHE U 69 27.31 -15.79 -20.90
CA PHE U 69 27.22 -15.05 -19.65
C PHE U 69 27.92 -13.70 -19.76
N LEU U 70 29.03 -13.65 -20.50
CA LEU U 70 29.69 -12.38 -20.79
C LEU U 70 28.74 -11.42 -21.50
N ILE U 71 28.21 -11.83 -22.64
CA ILE U 71 27.34 -10.97 -23.43
C ILE U 71 26.18 -10.47 -22.57
N LEU U 72 25.74 -11.28 -21.61
CA LEU U 72 24.64 -10.84 -20.76
C LEU U 72 25.12 -9.82 -19.74
N PHE U 73 26.04 -10.20 -18.86
CA PHE U 73 26.56 -9.32 -17.84
C PHE U 73 27.59 -8.33 -18.37
N ALA U 74 27.93 -8.39 -19.65
CA ALA U 74 28.89 -7.47 -20.25
C ALA U 74 28.60 -7.35 -21.73
N MET U 75 29.06 -6.25 -22.31
CA MET U 75 28.80 -5.96 -23.72
C MET U 75 29.59 -4.76 -24.20
N ASP V 1 5.17 -4.45 -22.89
CA ASP V 1 6.56 -4.12 -23.29
C ASP V 1 7.17 -5.28 -24.07
N ILE V 2 7.82 -4.95 -25.18
CA ILE V 2 8.54 -5.96 -25.94
C ILE V 2 9.71 -6.54 -25.15
N ASP V 3 10.10 -5.88 -24.05
CA ASP V 3 11.12 -6.43 -23.17
C ASP V 3 10.75 -7.83 -22.72
N THR V 4 9.59 -7.97 -22.07
CA THR V 4 9.15 -9.30 -21.63
C THR V 4 8.97 -10.24 -22.80
N ALA V 5 8.58 -9.71 -23.96
CA ALA V 5 8.45 -10.54 -25.15
C ALA V 5 9.73 -11.29 -25.45
N ALA V 6 10.84 -10.55 -25.57
CA ALA V 6 12.10 -11.21 -25.92
C ALA V 6 12.67 -11.98 -24.75
N LYS V 7 12.36 -11.59 -23.52
CA LYS V 7 12.69 -12.45 -22.38
C LYS V 7 12.11 -13.84 -22.58
N PHE V 8 10.81 -13.88 -22.87
CA PHE V 8 10.14 -15.15 -23.15
C PHE V 8 10.81 -15.88 -24.30
N ILE V 9 11.02 -15.19 -25.42
CA ILE V 9 11.59 -15.84 -26.61
C ILE V 9 12.95 -16.41 -26.30
N GLY V 10 13.74 -15.69 -25.50
CA GLY V 10 15.08 -16.15 -25.18
C GLY V 10 15.06 -17.41 -24.33
N ALA V 11 14.22 -17.43 -23.29
CA ALA V 11 14.04 -18.68 -22.55
C ALA V 11 13.66 -19.80 -23.49
N GLY V 12 12.75 -19.52 -24.42
CA GLY V 12 12.20 -20.58 -25.25
C GLY V 12 13.22 -21.17 -26.21
N ALA V 13 14.03 -20.32 -26.83
CA ALA V 13 15.04 -20.80 -27.75
C ALA V 13 16.37 -21.10 -27.08
N ALA V 14 16.47 -20.89 -25.76
CA ALA V 14 17.63 -21.31 -25.00
C ALA V 14 17.44 -22.66 -24.34
N THR V 15 16.20 -23.06 -24.10
CA THR V 15 16.02 -24.42 -23.59
C THR V 15 16.30 -25.49 -24.63
N VAL V 16 16.86 -25.13 -25.80
CA VAL V 16 17.15 -26.13 -26.83
C VAL V 16 18.38 -26.95 -26.52
N GLY V 17 19.21 -26.52 -25.58
CA GLY V 17 20.43 -27.24 -25.29
C GLY V 17 20.21 -28.53 -24.52
N VAL V 18 19.27 -29.36 -24.99
CA VAL V 18 19.03 -30.67 -24.40
C VAL V 18 18.98 -31.78 -25.43
N ALA V 19 18.78 -31.49 -26.72
CA ALA V 19 18.94 -32.52 -27.73
C ALA V 19 20.33 -33.15 -27.66
N GLY V 20 21.31 -32.38 -27.23
CA GLY V 20 22.62 -32.92 -26.93
C GLY V 20 22.43 -34.10 -26.00
N SER V 21 22.04 -33.81 -24.75
CA SER V 21 21.84 -34.87 -23.78
C SER V 21 21.09 -36.05 -24.40
N GLY V 22 20.06 -35.76 -25.18
CA GLY V 22 19.32 -36.81 -25.84
C GLY V 22 20.19 -37.77 -26.62
N ALA V 23 20.80 -37.26 -27.68
CA ALA V 23 21.59 -38.12 -28.56
C ALA V 23 22.78 -38.72 -27.84
N GLY V 24 23.43 -37.93 -26.97
CA GLY V 24 24.54 -38.45 -26.21
C GLY V 24 24.16 -39.68 -25.41
N ILE V 25 23.03 -39.61 -24.70
CA ILE V 25 22.61 -40.73 -23.88
C ILE V 25 22.19 -41.90 -24.76
N GLY V 26 21.59 -41.63 -25.91
CA GLY V 26 21.23 -42.70 -26.82
C GLY V 26 22.44 -43.53 -27.18
N THR V 27 23.45 -42.82 -27.68
CA THR V 27 24.68 -43.46 -28.10
C THR V 27 25.34 -44.19 -26.94
N VAL V 28 25.39 -43.56 -25.77
CA VAL V 28 25.97 -44.20 -24.60
C VAL V 28 25.33 -45.54 -24.35
N PHE V 29 24.00 -45.57 -24.34
CA PHE V 29 23.32 -46.78 -23.94
C PHE V 29 23.46 -47.87 -24.99
N GLY V 30 23.50 -47.49 -26.27
CA GLY V 30 23.82 -48.49 -27.29
C GLY V 30 25.18 -49.11 -27.09
N SER V 31 26.18 -48.26 -26.84
CA SER V 31 27.52 -48.79 -26.57
C SER V 31 27.49 -49.76 -25.40
N LEU V 32 26.70 -49.44 -24.38
CA LEU V 32 26.59 -50.35 -23.24
C LEU V 32 25.98 -51.67 -23.67
N ILE V 33 24.96 -51.62 -24.52
CA ILE V 33 24.37 -52.84 -25.07
C ILE V 33 25.46 -53.74 -25.61
N ILE V 34 26.26 -53.21 -26.54
CA ILE V 34 27.26 -54.05 -27.18
C ILE V 34 28.28 -54.55 -26.16
N GLY V 35 28.93 -53.61 -25.47
CA GLY V 35 29.99 -53.96 -24.54
C GLY V 35 29.53 -54.81 -23.38
N TYR V 36 28.22 -55.03 -23.27
CA TYR V 36 27.74 -56.09 -22.40
C TYR V 36 27.64 -57.39 -23.17
N ALA V 37 27.19 -57.31 -24.42
CA ALA V 37 27.07 -58.51 -25.24
C ALA V 37 28.38 -59.29 -25.28
N ARG V 38 29.47 -58.61 -25.67
CA ARG V 38 30.72 -59.35 -25.88
C ARG V 38 31.42 -59.76 -24.61
N ASN V 39 30.87 -59.45 -23.44
CA ASN V 39 31.58 -59.65 -22.18
C ASN V 39 30.60 -59.61 -21.02
N PRO V 40 29.79 -60.65 -20.87
CA PRO V 40 28.69 -60.60 -19.91
C PRO V 40 29.09 -60.82 -18.47
N SER V 41 30.37 -60.77 -18.16
CA SER V 41 30.84 -60.94 -16.79
C SER V 41 31.61 -59.72 -16.29
N LEU V 42 31.28 -58.54 -16.82
CA LEU V 42 31.81 -57.29 -16.28
C LEU V 42 30.68 -56.29 -16.05
N M3L V 43 29.45 -56.79 -16.18
CA M3L V 43 28.24 -56.08 -15.90
CB M3L V 43 27.23 -57.09 -15.32
C M3L V 43 28.36 -54.90 -14.96
O M3L V 43 27.91 -53.77 -15.18
H M3L V 43 29.24 -57.72 -16.50
HA M3L V 43 27.83 -55.67 -16.88
N GLN V 44 29.02 -55.16 -13.84
CA GLN V 44 29.07 -54.24 -12.72
C GLN V 44 29.87 -53.00 -13.08
N GLN V 45 31.17 -53.20 -13.27
CA GLN V 45 32.03 -52.10 -13.68
C GLN V 45 31.48 -51.42 -14.92
N LEU V 46 30.81 -52.17 -15.78
CA LEU V 46 30.28 -51.60 -17.01
C LEU V 46 29.17 -50.61 -16.70
N PHE V 47 28.21 -51.02 -15.87
CA PHE V 47 27.11 -50.14 -15.51
C PHE V 47 27.63 -48.92 -14.76
N SER V 48 28.70 -49.09 -13.99
CA SER V 48 29.23 -47.95 -13.25
C SER V 48 29.84 -46.93 -14.20
N TYR V 49 30.68 -47.39 -15.13
CA TYR V 49 31.24 -46.47 -16.12
C TYR V 49 30.19 -45.97 -17.10
N ALA V 50 29.01 -46.60 -17.14
CA ALA V 50 27.91 -46.07 -17.94
C ALA V 50 27.19 -44.94 -17.22
N ILE V 51 26.97 -45.10 -15.92
CA ILE V 51 26.36 -44.04 -15.13
C ILE V 51 27.25 -42.82 -15.07
N LEU V 52 28.56 -43.03 -14.87
CA LEU V 52 29.47 -41.90 -14.92
C LEU V 52 29.22 -41.03 -16.14
N GLY V 53 28.76 -41.63 -17.23
CA GLY V 53 28.61 -40.90 -18.47
C GLY V 53 27.22 -40.29 -18.59
N PHE V 54 26.23 -41.09 -18.22
CA PHE V 54 24.86 -40.60 -18.23
C PHE V 54 24.73 -39.35 -17.38
N ALA V 55 25.36 -39.32 -16.21
CA ALA V 55 25.24 -38.17 -15.35
C ALA V 55 25.79 -36.92 -16.02
N LEU V 56 27.11 -36.89 -16.25
CA LEU V 56 27.74 -35.72 -16.83
C LEU V 56 27.29 -35.43 -18.24
N SER V 57 26.43 -36.25 -18.83
CA SER V 57 25.69 -35.78 -19.99
C SER V 57 24.45 -35.01 -19.56
N GLU V 58 23.68 -35.59 -18.64
CA GLU V 58 22.43 -34.97 -18.22
C GLU V 58 22.66 -33.61 -17.59
N ALA V 59 23.72 -33.49 -16.79
CA ALA V 59 23.99 -32.24 -16.10
C ALA V 59 24.20 -31.09 -17.07
N MET V 60 25.17 -31.25 -17.96
CA MET V 60 25.48 -30.20 -18.92
C MET V 60 24.42 -30.07 -19.99
N GLY V 61 23.48 -31.01 -20.09
CA GLY V 61 22.33 -30.79 -20.94
C GLY V 61 21.23 -30.04 -20.22
N LEU V 62 21.20 -30.14 -18.89
CA LEU V 62 20.19 -29.50 -18.06
C LEU V 62 20.53 -28.06 -17.70
N PHE V 63 21.80 -27.70 -17.75
CA PHE V 63 22.15 -26.31 -17.45
C PHE V 63 21.39 -25.33 -18.31
N CYS V 64 21.04 -25.71 -19.54
CA CYS V 64 20.29 -24.81 -20.41
C CYS V 64 18.86 -24.63 -19.90
N LEU V 65 18.20 -25.74 -19.56
CA LEU V 65 16.91 -25.67 -18.89
C LEU V 65 16.95 -24.74 -17.69
N MET V 66 17.92 -24.95 -16.80
CA MET V 66 18.03 -24.13 -15.60
C MET V 66 18.26 -22.67 -15.95
N VAL V 67 19.04 -22.41 -16.99
CA VAL V 67 19.28 -21.04 -17.42
C VAL V 67 18.00 -20.39 -17.90
N ALA V 68 17.15 -21.14 -18.61
CA ALA V 68 15.89 -20.55 -19.06
C ALA V 68 14.99 -20.24 -17.87
N PHE V 69 14.83 -21.19 -16.95
CA PHE V 69 14.01 -20.92 -15.77
C PHE V 69 14.53 -19.70 -15.01
N LEU V 70 15.84 -19.64 -14.82
CA LEU V 70 16.43 -18.49 -14.14
C LEU V 70 16.13 -17.21 -14.90
N ILE V 71 16.67 -17.09 -16.13
CA ILE V 71 16.52 -15.87 -16.89
C ILE V 71 15.06 -15.42 -16.93
N LEU V 72 14.11 -16.35 -16.82
CA LEU V 72 12.72 -15.93 -16.82
C LEU V 72 12.30 -15.37 -15.46
N PHE V 73 12.40 -16.19 -14.41
CA PHE V 73 11.92 -15.74 -13.11
C PHE V 73 12.72 -14.55 -12.59
N ALA V 74 14.05 -14.67 -12.60
CA ALA V 74 14.93 -13.56 -12.23
C ALA V 74 15.99 -13.36 -13.31
N MET V 75 16.84 -12.35 -13.16
CA MET V 75 17.87 -12.08 -14.16
C MET V 75 19.07 -11.39 -13.55
N ASP W 1 -0.74 -8.88 -31.45
CA ASP W 1 -0.03 -8.22 -30.32
C ASP W 1 1.36 -8.81 -30.14
N ILE W 2 2.36 -7.93 -30.03
CA ILE W 2 3.74 -8.37 -29.88
C ILE W 2 3.89 -9.20 -28.61
N ASP W 3 3.24 -8.78 -27.54
CA ASP W 3 3.38 -9.43 -26.23
C ASP W 3 2.94 -10.89 -26.24
N THR W 4 2.31 -11.35 -27.32
CA THR W 4 1.96 -12.75 -27.48
C THR W 4 2.54 -13.37 -28.72
N ALA W 5 2.73 -12.58 -29.78
CA ALA W 5 3.56 -13.01 -30.90
C ALA W 5 4.88 -13.56 -30.37
N ALA W 6 5.43 -12.94 -29.34
CA ALA W 6 6.67 -13.45 -28.75
C ALA W 6 6.47 -14.83 -28.15
N LYS W 7 5.32 -15.07 -27.52
CA LYS W 7 5.02 -16.41 -27.04
C LYS W 7 5.04 -17.40 -28.20
N PHE W 8 4.42 -17.03 -29.32
CA PHE W 8 4.42 -17.89 -30.49
C PHE W 8 5.85 -18.20 -30.92
N ILE W 9 6.68 -17.16 -30.99
CA ILE W 9 8.08 -17.32 -31.37
C ILE W 9 8.78 -18.30 -30.44
N GLY W 10 8.63 -18.09 -29.13
CA GLY W 10 9.34 -18.92 -28.17
C GLY W 10 8.95 -20.37 -28.25
N ALA W 11 7.65 -20.64 -28.35
CA ALA W 11 7.21 -22.03 -28.41
C ALA W 11 7.64 -22.69 -29.71
N GLY W 12 7.46 -22.01 -30.84
CA GLY W 12 7.91 -22.56 -32.10
C GLY W 12 9.40 -22.82 -32.13
N ALA W 13 10.17 -22.03 -31.38
CA ALA W 13 11.60 -22.27 -31.26
C ALA W 13 11.88 -23.51 -30.43
N ALA W 14 11.30 -23.57 -29.23
CA ALA W 14 11.59 -24.66 -28.31
C ALA W 14 11.05 -26.01 -28.79
N THR W 15 10.17 -26.01 -29.79
CA THR W 15 9.63 -27.29 -30.27
C THR W 15 10.73 -28.31 -30.55
N VAL W 16 11.87 -27.85 -31.07
CA VAL W 16 12.85 -28.73 -31.69
C VAL W 16 13.61 -29.56 -30.67
N GLY W 17 13.29 -29.39 -29.39
CA GLY W 17 14.04 -30.07 -28.35
C GLY W 17 14.18 -31.56 -28.59
N VAL W 18 13.12 -32.20 -29.11
CA VAL W 18 13.07 -33.66 -29.19
C VAL W 18 13.89 -34.24 -30.34
N ALA W 19 14.63 -33.41 -31.09
CA ALA W 19 15.48 -33.96 -32.13
C ALA W 19 16.57 -34.86 -31.53
N GLY W 20 17.15 -34.44 -30.40
CA GLY W 20 18.08 -35.31 -29.72
C GLY W 20 17.45 -36.62 -29.34
N SER W 21 16.16 -36.61 -29.02
CA SER W 21 15.48 -37.85 -28.66
C SER W 21 15.28 -38.73 -29.88
N GLY W 22 14.81 -38.14 -30.98
CA GLY W 22 14.78 -38.88 -32.24
C GLY W 22 16.07 -39.61 -32.48
N ALA W 23 17.18 -38.88 -32.40
CA ALA W 23 18.49 -39.49 -32.58
C ALA W 23 18.70 -40.64 -31.60
N GLY W 24 18.73 -40.33 -30.31
CA GLY W 24 19.08 -41.34 -29.32
C GLY W 24 18.24 -42.59 -29.46
N ILE W 25 16.98 -42.43 -29.80
CA ILE W 25 16.11 -43.59 -29.94
C ILE W 25 16.57 -44.46 -31.11
N GLY W 26 16.73 -43.85 -32.29
CA GLY W 26 17.19 -44.62 -33.43
C GLY W 26 18.52 -45.30 -33.16
N THR W 27 19.46 -44.53 -32.59
CA THR W 27 20.78 -45.06 -32.28
C THR W 27 20.68 -46.29 -31.37
N VAL W 28 19.92 -46.17 -30.29
CA VAL W 28 19.86 -47.27 -29.34
C VAL W 28 19.29 -48.50 -30.00
N PHE W 29 18.24 -48.33 -30.79
CA PHE W 29 17.61 -49.54 -31.31
C PHE W 29 18.46 -50.17 -32.42
N GLY W 30 19.29 -49.38 -33.11
CA GLY W 30 20.29 -49.99 -33.98
C GLY W 30 21.33 -50.77 -33.20
N SER W 31 21.84 -50.19 -32.12
CA SER W 31 22.79 -50.89 -31.28
C SER W 31 22.19 -52.18 -30.75
N LEU W 32 20.89 -52.20 -30.54
CA LEU W 32 20.24 -53.41 -30.06
C LEU W 32 20.10 -54.44 -31.17
N ILE W 33 19.78 -54.00 -32.38
CA ILE W 33 19.90 -54.89 -33.54
C ILE W 33 21.23 -55.61 -33.48
N ILE W 34 22.31 -54.83 -33.38
CA ILE W 34 23.64 -55.42 -33.49
C ILE W 34 23.89 -56.39 -32.35
N GLY W 35 23.79 -55.91 -31.11
CA GLY W 35 24.09 -56.76 -29.98
C GLY W 35 23.10 -57.88 -29.77
N TYR W 36 22.04 -57.94 -30.56
CA TYR W 36 21.22 -59.15 -30.61
C TYR W 36 21.67 -60.08 -31.73
N ALA W 37 22.25 -59.52 -32.81
CA ALA W 37 22.77 -60.35 -33.88
C ALA W 37 24.05 -61.06 -33.46
N ARG W 38 24.90 -60.38 -32.68
CA ARG W 38 26.16 -60.98 -32.27
C ARG W 38 25.93 -62.19 -31.37
N ASN W 39 25.32 -61.98 -30.21
CA ASN W 39 25.03 -63.03 -29.24
C ASN W 39 23.52 -63.10 -29.00
N PRO W 40 22.79 -63.66 -29.95
CA PRO W 40 21.33 -63.73 -29.83
C PRO W 40 20.80 -64.32 -28.54
N SER W 41 21.66 -64.88 -27.70
CA SER W 41 21.18 -65.53 -26.49
C SER W 41 21.00 -64.58 -25.32
N LEU W 42 20.83 -63.28 -25.57
CA LEU W 42 20.59 -62.33 -24.48
C LEU W 42 19.57 -61.23 -24.80
N M3L W 43 18.77 -61.46 -25.84
CA M3L W 43 17.66 -60.61 -26.16
CB M3L W 43 16.55 -61.41 -26.85
C M3L W 43 16.99 -59.89 -24.99
O M3L W 43 16.72 -58.71 -24.95
H M3L W 43 18.85 -62.22 -26.48
HA M3L W 43 18.02 -59.80 -26.87
N GLN W 44 16.73 -60.70 -23.97
CA GLN W 44 16.04 -60.24 -22.77
C GLN W 44 16.72 -59.02 -22.15
N GLN W 45 17.89 -59.26 -21.56
CA GLN W 45 18.61 -58.18 -20.91
C GLN W 45 18.95 -57.07 -21.91
N LEU W 46 19.19 -57.42 -23.16
CA LEU W 46 19.57 -56.42 -24.15
C LEU W 46 18.39 -55.57 -24.60
N PHE W 47 17.18 -55.95 -24.20
CA PHE W 47 15.95 -55.19 -24.39
C PHE W 47 15.62 -54.35 -23.17
N SER W 48 15.80 -54.95 -22.00
CA SER W 48 15.66 -54.23 -20.74
C SER W 48 16.67 -53.10 -20.63
N TYR W 49 17.80 -53.21 -21.33
CA TYR W 49 18.79 -52.14 -21.34
C TYR W 49 18.57 -51.16 -22.46
N ALA W 50 17.63 -51.41 -23.36
CA ALA W 50 17.34 -50.49 -24.45
C ALA W 50 16.17 -49.57 -24.13
N ILE W 51 15.03 -50.14 -23.72
CA ILE W 51 13.88 -49.27 -23.51
C ILE W 51 14.05 -48.37 -22.29
N LEU W 52 14.80 -48.81 -21.28
CA LEU W 52 15.26 -47.89 -20.25
C LEU W 52 15.79 -46.59 -20.87
N GLY W 53 16.76 -46.72 -21.77
CA GLY W 53 17.35 -45.55 -22.39
C GLY W 53 16.35 -44.80 -23.25
N PHE W 54 15.47 -45.53 -23.93
CA PHE W 54 14.37 -44.91 -24.65
C PHE W 54 13.61 -43.95 -23.73
N ALA W 55 13.22 -44.45 -22.55
CA ALA W 55 12.50 -43.63 -21.59
C ALA W 55 13.28 -42.38 -21.25
N LEU W 56 14.53 -42.56 -20.84
CA LEU W 56 15.37 -41.42 -20.50
C LEU W 56 15.33 -40.36 -21.61
N SER W 57 15.70 -40.76 -22.81
CA SER W 57 15.90 -39.81 -23.89
C SER W 57 14.60 -39.24 -24.43
N GLU W 58 13.46 -39.88 -24.15
CA GLU W 58 12.19 -39.24 -24.49
C GLU W 58 11.78 -38.21 -23.45
N ALA W 59 11.81 -38.61 -22.18
CA ALA W 59 11.59 -37.64 -21.10
C ALA W 59 12.33 -36.35 -21.36
N MET W 60 13.59 -36.45 -21.78
CA MET W 60 14.36 -35.21 -21.90
C MET W 60 14.02 -34.37 -23.15
N GLY W 61 12.97 -34.66 -23.92
CA GLY W 61 12.44 -33.70 -24.89
C GLY W 61 11.00 -33.37 -24.61
N LEU W 62 10.30 -34.34 -24.04
CA LEU W 62 8.94 -34.08 -23.58
C LEU W 62 8.92 -32.97 -22.55
N PHE W 63 9.93 -32.92 -21.68
CA PHE W 63 10.03 -31.77 -20.79
C PHE W 63 9.99 -30.46 -21.58
N CYS W 64 10.79 -30.39 -22.64
CA CYS W 64 10.92 -29.13 -23.37
C CYS W 64 9.61 -28.74 -24.02
N LEU W 65 8.88 -29.70 -24.58
CA LEU W 65 7.58 -29.35 -25.15
C LEU W 65 6.60 -28.93 -24.06
N MET W 66 6.65 -29.57 -22.89
CA MET W 66 5.84 -29.10 -21.77
C MET W 66 6.16 -27.65 -21.45
N VAL W 67 7.44 -27.28 -21.54
CA VAL W 67 7.82 -25.91 -21.24
C VAL W 67 7.32 -24.95 -22.31
N ALA W 68 7.32 -25.38 -23.57
CA ALA W 68 6.75 -24.54 -24.61
C ALA W 68 5.26 -24.29 -24.35
N PHE W 69 4.52 -25.34 -24.03
CA PHE W 69 3.12 -25.17 -23.67
C PHE W 69 2.96 -24.19 -22.51
N LEU W 70 3.79 -24.35 -21.47
CA LEU W 70 3.72 -23.44 -20.34
C LEU W 70 3.92 -21.99 -20.78
N ILE W 71 4.99 -21.73 -21.53
CA ILE W 71 5.25 -20.38 -21.99
C ILE W 71 4.04 -19.83 -22.74
N LEU W 72 3.44 -20.65 -23.59
CA LEU W 72 2.27 -20.19 -24.34
C LEU W 72 1.13 -19.81 -23.39
N PHE W 73 0.60 -20.78 -22.67
CA PHE W 73 -0.69 -20.65 -21.98
C PHE W 73 -0.52 -20.28 -20.51
N ALA W 74 0.52 -19.53 -20.17
CA ALA W 74 0.73 -19.11 -18.80
C ALA W 74 1.94 -18.18 -18.68
N ASP X 1 -2.25 -9.40 -37.91
CA ASP X 1 -1.14 -9.47 -38.89
C ASP X 1 0.16 -9.82 -38.19
N ILE X 2 0.53 -9.02 -37.20
CA ILE X 2 1.77 -9.26 -36.47
C ILE X 2 1.72 -10.61 -35.76
N ASP X 3 0.62 -10.89 -35.06
CA ASP X 3 0.43 -12.22 -34.50
C ASP X 3 0.42 -13.27 -35.60
N THR X 4 -0.07 -12.92 -36.77
CA THR X 4 -0.07 -13.86 -37.90
C THR X 4 1.35 -14.25 -38.27
N ALA X 5 2.18 -13.27 -38.61
CA ALA X 5 3.56 -13.55 -38.96
C ALA X 5 4.30 -14.24 -37.83
N ALA X 6 3.92 -13.94 -36.58
CA ALA X 6 4.57 -14.59 -35.45
C ALA X 6 4.22 -16.07 -35.39
N LYS X 7 2.94 -16.40 -35.62
CA LYS X 7 2.55 -17.79 -35.80
C LYS X 7 3.37 -18.44 -36.90
N PHE X 8 3.49 -17.74 -38.03
CA PHE X 8 4.28 -18.27 -39.15
C PHE X 8 5.69 -18.62 -38.69
N ILE X 9 6.31 -17.72 -37.92
CA ILE X 9 7.69 -17.92 -37.53
C ILE X 9 7.80 -19.10 -36.56
N GLY X 10 6.97 -19.09 -35.52
CA GLY X 10 6.95 -20.23 -34.61
C GLY X 10 6.78 -21.54 -35.34
N ALA X 11 5.99 -21.53 -36.41
CA ALA X 11 5.78 -22.75 -37.19
C ALA X 11 7.05 -23.15 -37.92
N GLY X 12 7.64 -22.20 -38.65
CA GLY X 12 8.86 -22.48 -39.37
C GLY X 12 9.97 -22.95 -38.46
N ALA X 13 9.90 -22.57 -37.18
CA ALA X 13 10.90 -23.01 -36.23
C ALA X 13 10.61 -24.42 -35.72
N ALA X 14 9.36 -24.67 -35.33
CA ALA X 14 9.01 -25.98 -34.81
C ALA X 14 9.12 -27.06 -35.88
N THR X 15 9.18 -26.67 -37.15
CA THR X 15 9.33 -27.66 -38.21
C THR X 15 10.50 -28.60 -37.99
N VAL X 16 11.54 -28.15 -37.27
CA VAL X 16 12.86 -28.74 -37.46
C VAL X 16 13.07 -30.00 -36.61
N GLY X 17 12.16 -30.29 -35.70
CA GLY X 17 12.33 -31.44 -34.83
C GLY X 17 12.31 -32.78 -35.53
N VAL X 18 12.28 -32.77 -36.86
CA VAL X 18 12.23 -34.02 -37.62
C VAL X 18 13.61 -34.64 -37.83
N ALA X 19 14.67 -33.89 -37.57
CA ALA X 19 16.00 -34.38 -37.92
C ALA X 19 16.41 -35.53 -37.03
N GLY X 20 16.09 -35.46 -35.74
CA GLY X 20 16.31 -36.60 -34.88
C GLY X 20 15.74 -37.87 -35.47
N SER X 21 14.56 -37.76 -36.06
CA SER X 21 13.89 -38.93 -36.63
C SER X 21 14.58 -39.40 -37.89
N GLY X 22 14.88 -38.47 -38.80
CA GLY X 22 15.58 -38.85 -40.01
C GLY X 22 16.87 -39.58 -39.71
N ALA X 23 17.63 -39.03 -38.76
CA ALA X 23 18.84 -39.70 -38.32
C ALA X 23 18.54 -41.09 -37.80
N GLY X 24 17.78 -41.17 -36.70
CA GLY X 24 17.46 -42.47 -36.13
C GLY X 24 17.06 -43.48 -37.18
N ILE X 25 16.35 -43.02 -38.23
CA ILE X 25 15.90 -43.90 -39.28
C ILE X 25 17.09 -44.49 -40.03
N GLY X 26 17.89 -43.62 -40.63
CA GLY X 26 19.06 -44.13 -41.36
C GLY X 26 19.95 -44.96 -40.48
N THR X 27 20.12 -44.53 -39.23
CA THR X 27 20.96 -45.25 -38.27
C THR X 27 20.49 -46.67 -38.09
N VAL X 28 19.21 -46.84 -37.74
CA VAL X 28 18.73 -48.17 -37.43
C VAL X 28 18.69 -49.05 -38.66
N PHE X 29 18.43 -48.47 -39.84
CA PHE X 29 18.49 -49.31 -41.03
C PHE X 29 19.91 -49.78 -41.32
N GLY X 30 20.90 -48.92 -41.17
CA GLY X 30 22.27 -49.39 -41.24
C GLY X 30 22.54 -50.52 -40.25
N SER X 31 22.12 -50.32 -39.01
CA SER X 31 22.33 -51.35 -38.00
C SER X 31 21.70 -52.66 -38.43
N LEU X 32 20.54 -52.59 -39.09
CA LEU X 32 19.84 -53.80 -39.50
C LEU X 32 20.56 -54.49 -40.65
N ILE X 33 20.89 -53.73 -41.70
CA ILE X 33 21.62 -54.32 -42.81
C ILE X 33 22.87 -55.01 -42.31
N ILE X 34 23.51 -54.47 -41.27
CA ILE X 34 24.72 -55.08 -40.75
C ILE X 34 24.38 -56.38 -40.04
N GLY X 35 23.59 -56.27 -38.96
CA GLY X 35 23.21 -57.43 -38.18
C GLY X 35 22.56 -58.52 -38.96
N TYR X 36 22.22 -58.26 -40.22
CA TYR X 36 21.78 -59.31 -41.13
C TYR X 36 22.94 -59.81 -41.99
N ALA X 37 23.74 -58.89 -42.52
CA ALA X 37 24.90 -59.27 -43.33
C ALA X 37 25.75 -60.29 -42.61
N ARG X 38 25.85 -60.20 -41.28
CA ARG X 38 26.62 -61.18 -40.53
C ARG X 38 25.73 -62.11 -39.72
N ASN X 39 24.45 -62.21 -40.06
CA ASN X 39 23.63 -63.30 -39.56
C ASN X 39 22.32 -63.38 -40.35
N PRO X 40 22.36 -63.81 -41.62
CA PRO X 40 21.14 -63.78 -42.43
C PRO X 40 20.03 -64.69 -41.95
N SER X 41 20.22 -65.41 -40.84
CA SER X 41 19.19 -66.35 -40.37
C SER X 41 17.99 -65.64 -39.78
N LEU X 42 18.21 -64.88 -38.70
CA LEU X 42 17.11 -64.38 -37.89
C LEU X 42 16.61 -62.97 -38.30
N M3L X 43 16.63 -62.78 -39.61
CA M3L X 43 15.94 -61.72 -40.28
CB M3L X 43 15.66 -62.19 -41.71
C M3L X 43 14.63 -61.25 -39.67
O M3L X 43 14.32 -60.06 -39.61
H M3L X 43 17.13 -63.36 -40.26
HA M3L X 43 16.63 -60.82 -40.32
N GLN X 44 13.83 -62.21 -39.23
CA GLN X 44 12.49 -61.89 -38.74
C GLN X 44 12.57 -60.96 -37.53
N GLN X 45 13.31 -61.37 -36.50
CA GLN X 45 13.40 -60.55 -35.31
C GLN X 45 14.18 -59.28 -35.58
N LEU X 46 15.16 -59.34 -36.47
CA LEU X 46 15.86 -58.10 -36.81
C LEU X 46 14.89 -57.08 -37.40
N PHE X 47 14.04 -57.51 -38.34
CA PHE X 47 13.09 -56.59 -38.95
C PHE X 47 12.08 -56.07 -37.93
N SER X 48 11.57 -56.97 -37.08
CA SER X 48 10.67 -56.54 -36.02
C SER X 48 11.28 -55.39 -35.22
N TYR X 49 12.49 -55.60 -34.72
CA TYR X 49 13.13 -54.58 -33.91
C TYR X 49 13.57 -53.38 -34.73
N ALA X 50 13.52 -53.49 -36.05
CA ALA X 50 13.72 -52.31 -36.89
C ALA X 50 12.48 -51.42 -36.87
N ILE X 51 11.31 -51.99 -37.16
CA ILE X 51 10.13 -51.14 -37.27
C ILE X 51 9.71 -50.64 -35.89
N LEU X 52 9.98 -51.41 -34.83
CA LEU X 52 9.61 -50.92 -33.51
C LEU X 52 10.37 -49.66 -33.14
N GLY X 53 11.45 -49.34 -33.82
CA GLY X 53 12.20 -48.12 -33.56
C GLY X 53 11.83 -47.05 -34.58
N PHE X 54 11.63 -47.52 -35.80
CA PHE X 54 10.99 -46.69 -36.81
C PHE X 54 9.81 -45.92 -36.24
N ALA X 55 8.92 -46.64 -35.56
CA ALA X 55 7.72 -46.02 -35.00
C ALA X 55 8.08 -45.03 -33.90
N LEU X 56 8.97 -45.41 -33.00
CA LEU X 56 9.31 -44.59 -31.86
C LEU X 56 10.16 -43.39 -32.24
N SER X 57 10.51 -43.25 -33.51
CA SER X 57 11.08 -42.01 -34.03
C SER X 57 10.07 -41.17 -34.79
N GLU X 58 9.29 -41.80 -35.67
CA GLU X 58 8.23 -41.08 -36.36
C GLU X 58 7.26 -40.45 -35.37
N ALA X 59 7.05 -41.09 -34.23
CA ALA X 59 6.19 -40.51 -33.19
C ALA X 59 6.60 -39.09 -32.86
N MET X 60 7.89 -38.86 -32.61
CA MET X 60 8.33 -37.53 -32.22
C MET X 60 8.37 -36.59 -33.42
N GLY X 61 8.77 -37.10 -34.58
CA GLY X 61 8.66 -36.28 -35.78
C GLY X 61 7.28 -35.68 -35.92
N LEU X 62 6.25 -36.49 -35.70
CA LEU X 62 4.89 -36.02 -35.90
C LEU X 62 4.40 -35.26 -34.68
N PHE X 63 4.95 -35.50 -33.49
CA PHE X 63 4.76 -34.55 -32.40
C PHE X 63 5.06 -33.14 -32.87
N CYS X 64 6.20 -32.98 -33.52
CA CYS X 64 6.63 -31.64 -33.91
C CYS X 64 5.71 -31.07 -34.99
N LEU X 65 5.45 -31.85 -36.05
CA LEU X 65 4.52 -31.34 -37.07
C LEU X 65 3.15 -31.03 -36.48
N MET X 66 2.71 -31.83 -35.50
CA MET X 66 1.41 -31.61 -34.88
C MET X 66 1.39 -30.29 -34.14
N VAL X 67 2.44 -29.99 -33.37
CA VAL X 67 2.45 -28.70 -32.67
C VAL X 67 2.50 -27.56 -33.67
N ALA X 68 3.22 -27.75 -34.78
CA ALA X 68 3.24 -26.73 -35.81
C ALA X 68 1.83 -26.39 -36.27
N PHE X 69 1.08 -27.39 -36.71
CA PHE X 69 -0.30 -27.14 -37.10
C PHE X 69 -1.11 -26.56 -35.95
N LEU X 70 -1.10 -27.24 -34.79
CA LEU X 70 -1.80 -26.75 -33.62
C LEU X 70 -1.66 -25.25 -33.45
N ILE X 71 -0.46 -24.73 -33.69
CA ILE X 71 -0.28 -23.27 -33.66
C ILE X 71 -0.93 -22.64 -34.87
N LEU X 72 -0.55 -23.09 -36.06
CA LEU X 72 -0.88 -22.37 -37.29
C LEU X 72 -2.39 -22.19 -37.44
N PHE X 73 -3.15 -23.26 -37.21
CA PHE X 73 -4.58 -23.27 -37.52
C PHE X 73 -5.47 -23.10 -36.29
N ALA X 74 -4.98 -23.44 -35.11
CA ALA X 74 -5.82 -23.42 -33.92
C ALA X 74 -5.10 -22.84 -32.72
N MET X 75 -4.19 -21.90 -32.95
CA MET X 75 -3.40 -21.31 -31.89
C MET X 75 -2.72 -22.40 -31.05
N ASP Y 1 3.94 -5.45 -46.43
CA ASP Y 1 3.46 -6.76 -45.90
C ASP Y 1 4.44 -7.32 -44.89
N ILE Y 2 3.91 -7.80 -43.77
CA ILE Y 2 4.72 -8.52 -42.79
C ILE Y 2 4.41 -10.00 -42.92
N ASP Y 3 3.18 -10.33 -43.30
CA ASP Y 3 2.83 -11.72 -43.52
C ASP Y 3 3.65 -12.31 -44.65
N THR Y 4 3.94 -11.53 -45.69
CA THR Y 4 4.84 -12.01 -46.74
C THR Y 4 6.21 -12.34 -46.16
N ALA Y 5 6.73 -11.45 -45.30
CA ALA Y 5 8.02 -11.70 -44.66
C ALA Y 5 8.00 -13.02 -43.91
N ALA Y 6 7.01 -13.19 -43.04
CA ALA Y 6 6.96 -14.40 -42.23
C ALA Y 6 6.70 -15.62 -43.07
N LYS Y 7 6.05 -15.45 -44.23
CA LYS Y 7 5.84 -16.59 -45.13
C LYS Y 7 7.17 -17.05 -45.70
N PHE Y 8 7.93 -16.12 -46.28
CA PHE Y 8 9.23 -16.49 -46.83
C PHE Y 8 10.13 -17.06 -45.74
N ILE Y 9 10.08 -16.49 -44.54
CA ILE Y 9 10.94 -16.96 -43.46
C ILE Y 9 10.53 -18.34 -43.01
N GLY Y 10 9.23 -18.60 -42.89
CA GLY Y 10 8.79 -19.94 -42.59
C GLY Y 10 9.26 -20.94 -43.62
N ALA Y 11 9.16 -20.58 -44.90
CA ALA Y 11 9.63 -21.47 -45.96
C ALA Y 11 11.10 -21.81 -45.75
N GLY Y 12 11.94 -20.79 -45.69
CA GLY Y 12 13.36 -21.01 -45.47
C GLY Y 12 13.62 -21.87 -44.24
N ALA Y 13 13.31 -21.32 -43.07
CA ALA Y 13 13.68 -21.98 -41.82
C ALA Y 13 12.88 -23.25 -41.54
N ALA Y 14 11.98 -23.64 -42.44
CA ALA Y 14 11.36 -24.95 -42.36
C ALA Y 14 11.85 -25.90 -43.44
N THR Y 15 12.65 -25.41 -44.39
CA THR Y 15 13.27 -26.26 -45.39
C THR Y 15 14.55 -26.91 -44.90
N VAL Y 16 14.70 -27.05 -43.58
CA VAL Y 16 15.92 -27.60 -42.99
C VAL Y 16 15.86 -29.09 -42.71
N GLY Y 17 14.66 -29.66 -42.54
CA GLY Y 17 14.52 -31.07 -42.21
C GLY Y 17 15.37 -32.00 -43.07
N VAL Y 18 15.85 -31.52 -44.22
CA VAL Y 18 16.78 -32.27 -45.07
C VAL Y 18 17.95 -32.87 -44.31
N ALA Y 19 18.29 -32.32 -43.13
CA ALA Y 19 19.39 -32.87 -42.35
C ALA Y 19 19.13 -34.33 -41.99
N GLY Y 20 17.91 -34.65 -41.57
CA GLY Y 20 17.58 -36.05 -41.31
C GLY Y 20 17.88 -36.94 -42.49
N SER Y 21 17.37 -36.55 -43.66
CA SER Y 21 17.64 -37.30 -44.88
C SER Y 21 19.12 -37.51 -45.09
N GLY Y 22 19.89 -36.43 -45.05
CA GLY Y 22 21.31 -36.51 -45.34
C GLY Y 22 22.05 -37.44 -44.41
N ALA Y 23 21.88 -37.21 -43.10
CA ALA Y 23 22.55 -38.04 -42.12
C ALA Y 23 22.18 -39.51 -42.27
N GLY Y 24 20.88 -39.80 -42.36
CA GLY Y 24 20.48 -41.19 -42.51
C GLY Y 24 21.04 -41.81 -43.78
N ILE Y 25 21.09 -41.05 -44.86
CA ILE Y 25 21.66 -41.54 -46.11
C ILE Y 25 23.11 -41.95 -45.90
N GLY Y 26 23.91 -41.05 -45.33
CA GLY Y 26 25.29 -41.36 -45.10
C GLY Y 26 25.43 -42.63 -44.29
N THR Y 27 24.66 -42.69 -43.20
CA THR Y 27 24.80 -43.81 -42.28
C THR Y 27 24.44 -45.12 -42.96
N VAL Y 28 23.39 -45.10 -43.76
CA VAL Y 28 22.92 -46.32 -44.41
C VAL Y 28 23.91 -46.79 -45.46
N PHE Y 29 24.36 -45.89 -46.33
CA PHE Y 29 25.33 -46.30 -47.34
C PHE Y 29 26.62 -46.79 -46.71
N GLY Y 30 27.03 -46.20 -45.58
CA GLY Y 30 28.19 -46.71 -44.89
C GLY Y 30 27.97 -48.11 -44.35
N SER Y 31 26.82 -48.33 -43.71
CA SER Y 31 26.51 -49.65 -43.19
C SER Y 31 26.53 -50.67 -44.32
N LEU Y 32 26.09 -50.25 -45.51
CA LEU Y 32 26.15 -51.13 -46.67
C LEU Y 32 27.58 -51.47 -47.00
N ILE Y 33 28.41 -50.44 -47.15
CA ILE Y 33 29.81 -50.65 -47.47
C ILE Y 33 30.41 -51.70 -46.55
N ILE Y 34 30.10 -51.60 -45.26
CA ILE Y 34 30.75 -52.49 -44.30
C ILE Y 34 30.19 -53.89 -44.43
N GLY Y 35 28.88 -54.03 -44.25
CA GLY Y 35 28.27 -55.35 -44.33
C GLY Y 35 28.61 -56.07 -45.62
N TYR Y 36 28.91 -55.31 -46.67
CA TYR Y 36 29.29 -55.90 -47.94
C TYR Y 36 30.74 -56.34 -47.93
N ALA Y 37 31.65 -55.45 -47.51
CA ALA Y 37 33.05 -55.83 -47.35
C ALA Y 37 33.19 -57.14 -46.59
N ARG Y 38 32.29 -57.38 -45.64
CA ARG Y 38 32.34 -58.65 -44.93
C ARG Y 38 31.94 -59.79 -45.84
N ASN Y 39 30.72 -59.76 -46.36
CA ASN Y 39 30.14 -60.87 -47.09
C ASN Y 39 29.65 -60.40 -48.46
N PRO Y 40 30.31 -60.78 -49.56
CA PRO Y 40 29.92 -60.23 -50.87
C PRO Y 40 28.81 -61.00 -51.55
N SER Y 41 28.10 -61.84 -50.81
CA SER Y 41 27.13 -62.74 -51.42
C SER Y 41 25.74 -62.12 -51.51
N LEU Y 42 25.20 -61.67 -50.39
CA LEU Y 42 23.79 -61.32 -50.31
C LEU Y 42 23.51 -59.91 -50.80
N M3L Y 43 24.32 -59.45 -51.75
CA M3L Y 43 24.27 -58.08 -52.22
CB M3L Y 43 25.15 -57.85 -53.46
C M3L Y 43 22.88 -57.60 -52.58
O M3L Y 43 22.50 -56.45 -52.39
H M3L Y 43 25.02 -59.96 -52.23
HA M3L Y 43 24.64 -57.41 -51.39
N GLN Y 44 22.07 -58.51 -53.11
CA GLN Y 44 20.72 -58.16 -53.54
C GLN Y 44 19.84 -57.80 -52.35
N GLN Y 45 19.71 -58.71 -51.41
CA GLN Y 45 18.91 -58.44 -50.21
C GLN Y 45 19.43 -57.20 -49.48
N LEU Y 46 20.75 -57.06 -49.43
CA LEU Y 46 21.34 -55.92 -48.74
C LEU Y 46 20.95 -54.62 -49.45
N PHE Y 47 21.17 -54.55 -50.77
CA PHE Y 47 20.77 -53.38 -51.53
C PHE Y 47 19.27 -53.15 -51.45
N SER Y 48 18.50 -54.19 -51.16
CA SER Y 48 17.06 -54.02 -51.03
C SER Y 48 16.74 -53.21 -49.78
N TYR Y 49 17.25 -53.66 -48.63
CA TYR Y 49 17.08 -52.83 -47.44
C TYR Y 49 17.69 -51.45 -47.64
N ALA Y 50 18.72 -51.36 -48.49
CA ALA Y 50 19.34 -50.07 -48.78
C ALA Y 50 18.37 -49.12 -49.45
N ILE Y 51 17.70 -49.59 -50.50
CA ILE Y 51 16.68 -48.77 -51.17
C ILE Y 51 15.55 -48.45 -50.22
N LEU Y 52 15.16 -49.41 -49.40
CA LEU Y 52 14.16 -49.14 -48.37
C LEU Y 52 14.56 -47.89 -47.58
N GLY Y 53 15.79 -47.86 -47.06
CA GLY Y 53 16.21 -46.71 -46.27
C GLY Y 53 16.29 -45.44 -47.09
N PHE Y 54 16.91 -45.53 -48.26
CA PHE Y 54 16.96 -44.42 -49.21
C PHE Y 54 15.63 -43.70 -49.28
N ALA Y 55 14.59 -44.42 -49.71
CA ALA Y 55 13.32 -43.77 -49.97
C ALA Y 55 12.59 -43.44 -48.68
N LEU Y 56 12.76 -44.26 -47.64
CA LEU Y 56 12.05 -44.00 -46.39
C LEU Y 56 12.60 -42.79 -45.64
N SER Y 57 13.84 -42.40 -45.90
CA SER Y 57 14.39 -41.16 -45.35
C SER Y 57 14.01 -39.97 -46.22
N GLU Y 58 14.21 -40.10 -47.54
CA GLU Y 58 13.64 -39.08 -48.41
C GLU Y 58 12.16 -38.87 -48.13
N ALA Y 59 11.50 -39.84 -47.49
CA ALA Y 59 10.10 -39.68 -47.10
C ALA Y 59 9.91 -38.49 -46.17
N MET Y 60 10.51 -38.56 -44.99
CA MET Y 60 10.41 -37.44 -44.05
C MET Y 60 10.96 -36.16 -44.67
N GLY Y 61 11.98 -36.30 -45.53
CA GLY Y 61 12.45 -35.15 -46.26
C GLY Y 61 11.32 -34.43 -46.97
N LEU Y 62 10.62 -35.17 -47.83
CA LEU Y 62 9.51 -34.60 -48.59
C LEU Y 62 8.33 -34.22 -47.72
N PHE Y 63 8.13 -34.89 -46.58
CA PHE Y 63 7.14 -34.43 -45.62
C PHE Y 63 7.40 -32.98 -45.25
N CYS Y 64 8.60 -32.72 -44.70
CA CYS Y 64 8.96 -31.37 -44.32
C CYS Y 64 8.84 -30.42 -45.50
N LEU Y 65 9.30 -30.85 -46.68
CA LEU Y 65 9.31 -29.96 -47.83
C LEU Y 65 7.90 -29.61 -48.28
N MET Y 66 6.97 -30.56 -48.26
CA MET Y 66 5.61 -30.27 -48.65
C MET Y 66 4.92 -29.40 -47.61
N VAL Y 67 5.30 -29.52 -46.33
CA VAL Y 67 4.75 -28.58 -45.35
C VAL Y 67 5.24 -27.16 -45.63
N ALA Y 68 6.53 -27.04 -45.98
CA ALA Y 68 7.05 -25.74 -46.37
C ALA Y 68 6.24 -25.16 -47.51
N PHE Y 69 6.20 -25.86 -48.64
CA PHE Y 69 5.42 -25.39 -49.78
C PHE Y 69 3.92 -25.34 -49.47
N LEU Y 70 3.48 -25.93 -48.37
CA LEU Y 70 2.09 -25.83 -47.94
C LEU Y 70 1.81 -24.43 -47.41
N ILE Y 71 2.69 -23.93 -46.54
CA ILE Y 71 2.49 -22.62 -45.95
C ILE Y 71 3.35 -21.54 -46.60
N LEU Y 72 3.95 -21.83 -47.75
CA LEU Y 72 4.70 -20.80 -48.46
C LEU Y 72 3.80 -19.62 -48.79
N PHE Y 73 2.87 -19.83 -49.72
CA PHE Y 73 1.93 -18.80 -50.13
C PHE Y 73 0.49 -19.27 -50.13
N ALA Y 74 0.27 -20.56 -50.35
CA ALA Y 74 -1.04 -21.12 -50.64
C ALA Y 74 -1.94 -21.24 -49.42
N MET Y 75 -1.60 -20.63 -48.29
CA MET Y 75 -2.41 -20.76 -47.08
C MET Y 75 -2.61 -19.39 -46.44
N ASP Z 1 11.89 -1.34 -47.08
CA ASP Z 1 10.88 -2.42 -46.90
C ASP Z 1 11.33 -3.39 -45.83
N ILE Z 2 10.35 -3.95 -45.11
CA ILE Z 2 10.65 -5.00 -44.15
C ILE Z 2 10.85 -6.33 -44.86
N ASP Z 3 9.99 -6.64 -45.84
CA ASP Z 3 10.09 -7.92 -46.52
C ASP Z 3 11.42 -8.09 -47.23
N THR Z 4 11.97 -7.00 -47.76
CA THR Z 4 13.26 -7.08 -48.43
C THR Z 4 14.34 -7.58 -47.46
N ALA Z 5 14.12 -7.41 -46.16
CA ALA Z 5 15.04 -7.96 -45.18
C ALA Z 5 14.83 -9.46 -45.03
N ALA Z 6 13.59 -9.86 -44.73
CA ALA Z 6 13.26 -11.27 -44.64
C ALA Z 6 13.77 -12.04 -45.84
N LYS Z 7 13.86 -11.38 -47.00
CA LYS Z 7 14.40 -12.01 -48.19
C LYS Z 7 15.76 -12.64 -47.89
N PHE Z 8 16.73 -11.81 -47.51
CA PHE Z 8 18.08 -12.31 -47.25
C PHE Z 8 18.11 -13.15 -45.98
N ILE Z 9 17.34 -12.76 -44.97
CA ILE Z 9 17.26 -13.55 -43.75
C ILE Z 9 17.00 -15.01 -44.10
N GLY Z 10 15.94 -15.25 -44.86
CA GLY Z 10 15.56 -16.62 -45.17
C GLY Z 10 16.50 -17.27 -46.17
N ALA Z 11 16.90 -16.53 -47.21
CA ALA Z 11 17.81 -17.11 -48.20
C ALA Z 11 19.14 -17.48 -47.58
N GLY Z 12 19.41 -16.98 -46.37
CA GLY Z 12 20.60 -17.40 -45.65
C GLY Z 12 20.30 -18.53 -44.69
N ALA Z 13 19.20 -18.41 -43.94
CA ALA Z 13 18.81 -19.46 -43.02
C ALA Z 13 18.50 -20.78 -43.73
N ALA Z 14 18.32 -20.75 -45.04
CA ALA Z 14 17.96 -21.94 -45.81
C ALA Z 14 19.17 -22.77 -46.20
N THR Z 15 20.28 -22.67 -45.46
CA THR Z 15 21.44 -23.51 -45.68
C THR Z 15 21.94 -24.14 -44.39
N VAL Z 16 21.11 -24.13 -43.34
CA VAL Z 16 21.43 -24.80 -42.09
C VAL Z 16 21.64 -26.30 -42.27
N GLY Z 17 21.24 -26.85 -43.41
CA GLY Z 17 21.04 -28.28 -43.52
C GLY Z 17 22.28 -29.07 -43.86
N VAL Z 18 23.23 -28.46 -44.57
CA VAL Z 18 24.38 -29.17 -45.09
C VAL Z 18 25.14 -29.88 -43.97
N ALA Z 19 24.80 -29.59 -42.72
CA ALA Z 19 25.18 -30.46 -41.61
C ALA Z 19 25.03 -31.92 -41.97
N GLY Z 20 23.90 -32.27 -42.59
CA GLY Z 20 23.66 -33.64 -42.97
C GLY Z 20 24.73 -34.15 -43.92
N SER Z 21 25.06 -33.35 -44.94
CA SER Z 21 26.14 -33.72 -45.84
C SER Z 21 27.42 -34.00 -45.06
N GLY Z 22 27.74 -33.12 -44.12
CA GLY Z 22 28.95 -33.29 -43.34
C GLY Z 22 28.98 -34.64 -42.67
N ALA Z 23 27.96 -34.88 -41.84
CA ALA Z 23 27.95 -36.11 -41.06
C ALA Z 23 27.93 -37.33 -41.95
N GLY Z 24 27.17 -37.27 -43.03
CA GLY Z 24 27.09 -38.39 -43.93
C GLY Z 24 28.45 -38.69 -44.50
N ILE Z 25 28.99 -37.80 -45.34
CA ILE Z 25 30.27 -38.07 -45.98
C ILE Z 25 31.30 -38.55 -44.96
N GLY Z 26 31.29 -37.97 -43.76
CA GLY Z 26 32.19 -38.46 -42.75
C GLY Z 26 32.00 -39.94 -42.54
N THR Z 27 30.80 -40.32 -42.13
CA THR Z 27 30.55 -41.72 -41.82
C THR Z 27 30.81 -42.60 -43.04
N VAL Z 28 30.58 -42.03 -44.22
CA VAL Z 28 30.67 -42.78 -45.47
C VAL Z 28 32.12 -43.18 -45.72
N PHE Z 29 33.00 -42.19 -45.88
CA PHE Z 29 34.39 -42.54 -46.12
C PHE Z 29 35.00 -43.25 -44.93
N GLY Z 30 34.40 -43.13 -43.74
CA GLY Z 30 34.89 -43.92 -42.63
C GLY Z 30 34.63 -45.40 -42.83
N SER Z 31 33.40 -45.72 -43.20
CA SER Z 31 33.08 -47.11 -43.47
C SER Z 31 33.85 -47.62 -44.68
N LEU Z 32 34.19 -46.73 -45.62
CA LEU Z 32 34.98 -47.14 -46.77
C LEU Z 32 36.41 -47.49 -46.37
N ILE Z 33 37.03 -46.61 -45.59
CA ILE Z 33 38.32 -46.93 -44.98
C ILE Z 33 38.26 -48.32 -44.38
N ILE Z 34 37.25 -48.58 -43.54
CA ILE Z 34 37.23 -49.84 -42.81
C ILE Z 34 37.06 -50.99 -43.79
N GLY Z 35 36.30 -50.79 -44.84
CA GLY Z 35 36.13 -51.83 -45.83
C GLY Z 35 37.46 -52.20 -46.45
N TYR Z 36 38.07 -51.23 -47.12
CA TYR Z 36 39.35 -51.49 -47.75
C TYR Z 36 40.36 -52.05 -46.76
N ALA Z 37 40.19 -51.75 -45.48
CA ALA Z 37 41.12 -52.22 -44.47
C ALA Z 37 40.71 -53.54 -43.84
N ARG Z 38 39.59 -54.11 -44.26
CA ARG Z 38 39.20 -55.44 -43.84
C ARG Z 38 39.14 -56.45 -44.98
N ASN Z 39 39.08 -56.00 -46.22
CA ASN Z 39 38.95 -56.88 -47.36
C ASN Z 39 39.37 -56.13 -48.62
N PRO Z 40 40.67 -55.96 -48.84
CA PRO Z 40 41.14 -55.07 -49.91
C PRO Z 40 40.68 -55.44 -51.31
N SER Z 41 39.98 -56.56 -51.45
CA SER Z 41 39.56 -57.05 -52.76
C SER Z 41 38.25 -56.44 -53.22
N LEU Z 42 37.83 -55.33 -52.61
CA LEU Z 42 36.54 -54.71 -52.94
C LEU Z 42 36.71 -53.23 -53.28
N M3L Z 43 37.96 -52.79 -53.36
CA M3L Z 43 38.29 -51.40 -53.56
CB M3L Z 43 39.71 -51.22 -54.13
C M3L Z 43 37.36 -50.62 -54.48
O M3L Z 43 36.73 -49.64 -54.10
H M3L Z 43 38.78 -53.36 -53.31
HA M3L Z 43 38.24 -50.89 -52.56
N GLN Z 44 37.25 -51.08 -55.72
CA GLN Z 44 36.47 -50.35 -56.73
C GLN Z 44 34.97 -50.40 -56.45
N GLN Z 45 34.48 -51.56 -56.02
CA GLN Z 45 33.07 -51.69 -55.68
C GLN Z 45 32.68 -50.67 -54.62
N LEU Z 46 33.39 -50.69 -53.50
CA LEU Z 46 33.04 -49.80 -52.41
C LEU Z 46 33.38 -48.36 -52.73
N PHE Z 47 34.36 -48.11 -53.59
CA PHE Z 47 34.59 -46.75 -54.06
C PHE Z 47 33.38 -46.25 -54.84
N SER Z 48 32.76 -47.12 -55.62
CA SER Z 48 31.56 -46.73 -56.36
C SER Z 48 30.41 -46.45 -55.40
N TYR Z 49 30.23 -47.31 -54.40
CA TYR Z 49 29.19 -47.04 -53.41
C TYR Z 49 29.44 -45.72 -52.69
N ALA Z 50 30.72 -45.41 -52.48
CA ALA Z 50 31.08 -44.17 -51.79
C ALA Z 50 30.74 -42.95 -52.63
N ILE Z 51 31.09 -42.98 -53.91
CA ILE Z 51 30.75 -41.85 -54.77
C ILE Z 51 29.23 -41.74 -54.90
N LEU Z 52 28.53 -42.87 -54.85
CA LEU Z 52 27.07 -42.82 -54.80
C LEU Z 52 26.59 -41.98 -53.62
N GLY Z 53 26.95 -42.40 -52.40
CA GLY Z 53 26.51 -41.66 -51.23
C GLY Z 53 26.97 -40.21 -51.25
N PHE Z 54 28.19 -39.98 -51.69
CA PHE Z 54 28.73 -38.63 -51.85
C PHE Z 54 27.81 -37.78 -52.70
N ALA Z 55 27.56 -38.22 -53.94
CA ALA Z 55 26.66 -37.49 -54.83
C ALA Z 55 25.31 -37.26 -54.17
N LEU Z 56 24.75 -38.30 -53.56
CA LEU Z 56 23.41 -38.20 -52.99
C LEU Z 56 23.33 -37.06 -51.98
N SER Z 57 24.14 -37.15 -50.92
CA SER Z 57 24.01 -36.16 -49.86
C SER Z 57 24.47 -34.78 -50.32
N GLU Z 58 25.52 -34.73 -51.15
CA GLU Z 58 25.95 -33.44 -51.70
C GLU Z 58 24.79 -32.80 -52.48
N ALA Z 59 24.01 -33.61 -53.20
CA ALA Z 59 22.90 -33.08 -53.95
C ALA Z 59 21.81 -32.56 -53.03
N MET Z 60 21.51 -33.32 -51.98
CA MET Z 60 20.57 -32.83 -50.98
C MET Z 60 20.97 -31.42 -50.53
N GLY Z 61 22.22 -31.27 -50.10
CA GLY Z 61 22.66 -29.99 -49.59
C GLY Z 61 22.64 -28.90 -50.63
N LEU Z 62 23.01 -29.24 -51.86
CA LEU Z 62 23.16 -28.20 -52.88
C LEU Z 62 21.80 -27.78 -53.44
N PHE Z 63 20.82 -28.68 -53.45
CA PHE Z 63 19.47 -28.26 -53.80
C PHE Z 63 18.83 -27.48 -52.65
N CYS Z 64 19.22 -27.76 -51.41
CA CYS Z 64 18.83 -26.85 -50.33
C CYS Z 64 19.42 -25.47 -50.55
N LEU Z 65 20.64 -25.42 -51.07
CA LEU Z 65 21.24 -24.14 -51.42
C LEU Z 65 20.47 -23.47 -52.57
N MET Z 66 19.96 -24.27 -53.51
CA MET Z 66 19.11 -23.72 -54.55
C MET Z 66 17.84 -23.14 -53.97
N VAL Z 67 17.30 -23.79 -52.93
CA VAL Z 67 16.18 -23.22 -52.19
C VAL Z 67 16.57 -21.84 -51.65
N ALA Z 68 17.69 -21.80 -50.94
CA ALA Z 68 18.22 -20.53 -50.46
C ALA Z 68 18.23 -19.47 -51.55
N PHE Z 69 18.74 -19.84 -52.72
CA PHE Z 69 18.90 -18.86 -53.79
C PHE Z 69 17.55 -18.38 -54.30
N LEU Z 70 16.69 -19.31 -54.72
CA LEU Z 70 15.36 -18.92 -55.19
C LEU Z 70 14.64 -18.06 -54.17
N ILE Z 71 14.95 -18.23 -52.88
CA ILE Z 71 14.44 -17.30 -51.90
C ILE Z 71 15.11 -15.94 -52.06
N LEU Z 72 16.42 -15.94 -52.25
CA LEU Z 72 17.14 -14.68 -52.46
C LEU Z 72 16.53 -13.88 -53.60
N PHE Z 73 16.38 -14.49 -54.77
CA PHE Z 73 15.96 -13.77 -55.96
C PHE Z 73 14.46 -13.96 -56.21
N ALA Z 74 13.68 -14.02 -55.14
CA ALA Z 74 12.23 -14.17 -55.22
C ALA Z 74 11.65 -13.23 -56.27
N ASN AA 4 -11.56 -24.85 -36.35
CA ASN AA 4 -12.18 -25.36 -37.57
C ASN AA 4 -12.15 -26.88 -37.60
N LEU AA 5 -11.13 -27.45 -36.98
CA LEU AA 5 -10.88 -28.88 -37.06
C LEU AA 5 -10.58 -29.55 -35.73
N PHE AA 6 -10.36 -28.80 -34.65
CA PHE AA 6 -10.31 -29.40 -33.32
C PHE AA 6 -11.68 -29.96 -32.96
N ALA AA 7 -12.67 -29.70 -33.82
CA ALA AA 7 -14.03 -30.18 -33.58
C ALA AA 7 -14.04 -31.63 -33.12
N SER AA 8 -13.41 -32.51 -33.88
CA SER AA 8 -13.50 -33.95 -33.60
C SER AA 8 -13.04 -34.31 -32.20
N PHE AA 9 -12.36 -33.40 -31.51
CA PHE AA 9 -11.95 -33.63 -30.13
C PHE AA 9 -12.91 -33.03 -29.13
N ILE AA 10 -13.85 -32.22 -29.60
CA ILE AA 10 -14.86 -31.65 -28.72
C ILE AA 10 -15.73 -32.78 -28.16
N ALA AA 11 -16.02 -32.71 -26.88
CA ALA AA 11 -16.80 -33.76 -26.25
C ALA AA 11 -18.23 -33.71 -26.74
N PRO AA 12 -18.80 -34.83 -27.21
CA PRO AA 12 -20.13 -34.79 -27.82
C PRO AA 12 -21.23 -35.13 -26.83
N THR AA 13 -22.37 -34.47 -27.00
CA THR AA 13 -23.62 -34.89 -26.40
C THR AA 13 -24.73 -34.49 -27.35
N MET AA 14 -25.34 -35.48 -28.00
CA MET AA 14 -26.36 -35.19 -29.01
C MET AA 14 -27.37 -34.17 -28.51
N MET AA 15 -27.57 -34.13 -27.19
CA MET AA 15 -28.39 -33.13 -26.55
C MET AA 15 -27.78 -32.88 -25.17
N GLY AA 16 -28.56 -32.26 -24.29
CA GLY AA 16 -28.04 -31.98 -22.96
C GLY AA 16 -28.08 -33.19 -22.04
N LEU AA 17 -27.34 -34.23 -22.37
CA LEU AA 17 -27.31 -35.46 -21.58
C LEU AA 17 -25.92 -36.06 -21.62
N PRO AA 18 -25.59 -36.96 -20.66
CA PRO AA 18 -24.25 -37.55 -20.60
C PRO AA 18 -24.05 -38.77 -21.49
N ILE AA 19 -23.71 -38.57 -22.76
CA ILE AA 19 -23.57 -39.70 -23.68
C ILE AA 19 -22.17 -40.31 -23.68
N VAL AA 20 -21.13 -39.49 -23.60
CA VAL AA 20 -19.78 -39.91 -23.99
C VAL AA 20 -19.32 -41.13 -23.21
N THR AA 21 -20.05 -41.49 -22.16
CA THR AA 21 -19.78 -42.71 -21.43
C THR AA 21 -20.29 -43.96 -22.15
N LEU AA 22 -20.77 -43.80 -23.38
CA LEU AA 22 -21.13 -44.93 -24.22
C LEU AA 22 -20.17 -45.15 -25.36
N ILE AA 23 -19.48 -44.10 -25.80
CA ILE AA 23 -18.37 -44.24 -26.72
C ILE AA 23 -17.24 -45.07 -26.13
N ILE AA 24 -17.27 -45.33 -24.83
CA ILE AA 24 -16.16 -45.92 -24.13
C ILE AA 24 -16.41 -47.38 -23.79
N MET AA 25 -17.66 -47.76 -23.54
CA MET AA 25 -17.98 -49.14 -23.25
C MET AA 25 -18.37 -49.93 -24.50
N PHE AA 26 -18.44 -49.28 -25.65
CA PHE AA 26 -18.82 -50.01 -26.85
C PHE AA 26 -17.84 -51.14 -27.16
N PRO AA 27 -16.54 -50.90 -27.24
CA PRO AA 27 -15.59 -52.00 -27.42
C PRO AA 27 -15.82 -53.21 -26.56
N SER AA 28 -16.41 -53.03 -25.38
CA SER AA 28 -16.52 -54.13 -24.43
C SER AA 28 -17.16 -55.37 -25.05
N LEU AA 29 -17.89 -55.20 -26.15
CA LEU AA 29 -18.64 -56.30 -26.74
C LEU AA 29 -18.15 -56.68 -28.13
N LEU AA 30 -17.04 -56.11 -28.59
CA LEU AA 30 -16.25 -56.71 -29.65
C LEU AA 30 -15.26 -57.74 -29.12
N PHE AA 31 -15.46 -58.20 -27.90
CA PHE AA 31 -14.58 -59.20 -27.29
C PHE AA 31 -15.43 -60.04 -26.35
N PRO AA 32 -16.41 -60.74 -26.89
CA PRO AA 32 -17.32 -61.52 -26.05
C PRO AA 32 -16.61 -62.60 -25.27
N THR AA 33 -17.37 -63.20 -24.35
CA THR AA 33 -16.85 -64.20 -23.45
C THR AA 33 -17.47 -65.55 -23.75
N PRO AA 34 -16.70 -66.63 -23.66
CA PRO AA 34 -17.22 -67.95 -24.02
C PRO AA 34 -17.78 -68.69 -22.83
N LYS AA 35 -18.73 -69.57 -23.12
CA LYS AA 35 -19.33 -70.43 -22.11
C LYS AA 35 -19.24 -71.90 -22.48
N ARG AA 36 -19.33 -72.24 -23.76
CA ARG AA 36 -19.04 -73.60 -24.20
C ARG AA 36 -17.54 -73.83 -24.02
N LEU AA 37 -17.10 -75.07 -24.26
CA LEU AA 37 -15.66 -75.33 -24.26
C LEU AA 37 -15.05 -74.87 -25.58
N ILE AA 38 -15.45 -75.48 -26.65
CA ILE AA 38 -15.12 -74.99 -27.99
C ILE AA 38 -16.08 -73.87 -28.29
N ASN AA 39 -15.71 -73.01 -29.24
CA ASN AA 39 -16.52 -71.86 -29.58
C ASN AA 39 -16.33 -71.56 -31.06
N ASN AA 40 -16.81 -70.39 -31.46
CA ASN AA 40 -16.70 -69.99 -32.85
C ASN AA 40 -15.30 -69.45 -33.13
N ARG AA 41 -15.15 -68.81 -34.28
CA ARG AA 41 -13.84 -68.30 -34.67
C ARG AA 41 -13.45 -67.09 -33.83
N THR AA 42 -14.25 -66.03 -33.89
CA THR AA 42 -13.90 -64.75 -33.30
C THR AA 42 -13.47 -64.84 -31.84
N ILE AA 43 -13.78 -65.94 -31.16
CA ILE AA 43 -13.34 -66.14 -29.79
C ILE AA 43 -12.07 -66.96 -29.72
N SER AA 44 -12.01 -68.04 -30.50
CA SER AA 44 -10.80 -68.84 -30.54
C SER AA 44 -9.59 -67.99 -30.91
N ILE AA 45 -9.78 -67.10 -31.87
CA ILE AA 45 -8.67 -66.27 -32.34
C ILE AA 45 -8.13 -65.43 -31.19
N GLN AA 46 -8.97 -64.59 -30.61
CA GLN AA 46 -8.54 -63.71 -29.55
C GLN AA 46 -7.98 -64.51 -28.36
N GLN AA 47 -8.56 -65.67 -28.10
CA GLN AA 47 -8.07 -66.51 -27.01
C GLN AA 47 -6.62 -66.90 -27.24
N TRP AA 48 -6.34 -67.46 -28.42
CA TRP AA 48 -4.96 -67.76 -28.80
C TRP AA 48 -4.07 -66.53 -28.68
N LEU AA 49 -4.50 -65.44 -29.29
CA LEU AA 49 -3.75 -64.20 -29.23
C LEU AA 49 -3.32 -63.87 -27.81
N ILE AA 50 -4.24 -64.00 -26.86
CA ILE AA 50 -3.95 -63.57 -25.50
C ILE AA 50 -3.01 -64.55 -24.82
N GLN AA 51 -3.28 -65.85 -24.93
CA GLN AA 51 -2.34 -66.82 -24.39
C GLN AA 51 -0.93 -66.48 -24.86
N LEU AA 52 -0.79 -66.23 -26.15
CA LEU AA 52 0.49 -65.89 -26.75
C LEU AA 52 1.11 -64.67 -26.08
N THR AA 53 0.40 -63.55 -26.11
CA THR AA 53 1.01 -62.30 -25.67
C THR AA 53 1.38 -62.36 -24.19
N SER AA 54 0.58 -63.06 -23.37
CA SER AA 54 0.94 -63.20 -21.97
C SER AA 54 2.20 -64.03 -21.83
N LYS AA 55 2.19 -65.26 -22.36
CA LYS AA 55 3.37 -66.09 -22.30
C LYS AA 55 4.61 -65.33 -22.75
N GLN AA 56 4.45 -64.32 -23.60
CA GLN AA 56 5.60 -63.57 -24.05
C GLN AA 56 6.01 -62.49 -23.06
N MET AA 57 5.11 -61.59 -22.67
CA MET AA 57 5.52 -60.43 -21.87
C MET AA 57 5.72 -60.73 -20.40
N MET AA 58 4.92 -61.61 -19.78
CA MET AA 58 5.02 -61.81 -18.34
C MET AA 58 6.03 -62.87 -17.97
N ALA AA 59 7.08 -63.04 -18.78
CA ALA AA 59 8.13 -63.99 -18.47
C ALA AA 59 9.05 -63.48 -17.36
N ILE AA 60 9.59 -62.28 -17.53
CA ILE AA 60 10.64 -61.79 -16.65
C ILE AA 60 10.14 -61.69 -15.21
N HIS AA 61 8.96 -61.14 -15.00
CA HIS AA 61 8.50 -60.82 -13.66
C HIS AA 61 8.63 -62.01 -12.73
N ASN AA 62 8.83 -61.71 -11.45
CA ASN AA 62 8.91 -62.73 -10.42
C ASN AA 62 7.50 -63.24 -10.12
N GLN AA 63 7.37 -64.07 -9.09
CA GLN AA 63 6.11 -64.74 -8.84
C GLN AA 63 5.10 -63.77 -8.24
N LYS AA 64 5.51 -62.96 -7.28
CA LYS AA 64 4.63 -61.96 -6.73
C LYS AA 64 4.14 -61.01 -7.81
N GLY AA 65 5.05 -60.53 -8.66
CA GLY AA 65 4.70 -59.61 -9.72
C GLY AA 65 3.80 -60.20 -10.79
N GLN AA 66 3.54 -61.51 -10.73
CA GLN AA 66 2.70 -62.17 -11.72
C GLN AA 66 1.23 -62.16 -11.35
N THR AA 67 0.82 -61.24 -10.50
CA THR AA 67 -0.58 -61.10 -10.13
C THR AA 67 -1.30 -60.05 -10.95
N TRP AA 68 -0.58 -59.28 -11.76
CA TRP AA 68 -1.14 -58.15 -12.48
C TRP AA 68 -1.45 -58.48 -13.94
N SER AA 69 -1.38 -59.76 -14.31
CA SER AA 69 -1.61 -60.14 -15.69
C SER AA 69 -2.94 -59.58 -16.18
N LEU AA 70 -3.98 -59.79 -15.40
CA LEU AA 70 -5.31 -59.28 -15.74
C LEU AA 70 -5.25 -57.80 -16.08
N MET AA 71 -4.72 -57.00 -15.15
CA MET AA 71 -4.74 -55.56 -15.34
C MET AA 71 -4.00 -55.16 -16.60
N LEU AA 72 -2.80 -55.70 -16.80
CA LEU AA 72 -1.99 -55.28 -17.92
C LEU AA 72 -2.64 -55.65 -19.24
N MET AA 73 -3.08 -56.90 -19.37
CA MET AA 73 -3.65 -57.32 -20.64
C MET AA 73 -4.99 -56.66 -20.90
N SER AA 74 -5.75 -56.35 -19.85
CA SER AA 74 -6.99 -55.62 -20.06
C SER AA 74 -6.70 -54.21 -20.52
N LEU AA 75 -5.77 -53.55 -19.85
CA LEU AA 75 -5.31 -52.24 -20.26
C LEU AA 75 -4.95 -52.22 -21.74
N ILE AA 76 -4.12 -53.17 -22.17
CA ILE AA 76 -3.63 -53.13 -23.54
C ILE AA 76 -4.74 -53.47 -24.52
N MET AA 77 -5.64 -54.37 -24.15
CA MET AA 77 -6.76 -54.71 -25.02
C MET AA 77 -7.69 -53.52 -25.20
N PHE AA 78 -8.10 -52.90 -24.09
CA PHE AA 78 -8.95 -51.72 -24.15
C PHE AA 78 -8.35 -50.65 -25.05
N ILE AA 79 -7.07 -50.34 -24.84
CA ILE AA 79 -6.48 -49.23 -25.60
C ILE AA 79 -6.33 -49.62 -27.06
N GLY AA 80 -5.90 -50.85 -27.34
CA GLY AA 80 -5.76 -51.26 -28.72
C GLY AA 80 -7.08 -51.26 -29.45
N SER AA 81 -8.18 -51.49 -28.75
CA SER AA 81 -9.48 -51.33 -29.36
C SER AA 81 -9.76 -49.87 -29.66
N THR AA 82 -9.80 -49.04 -28.60
CA THR AA 82 -10.15 -47.63 -28.75
C THR AA 82 -9.38 -46.98 -29.89
N ASN AA 83 -8.07 -47.17 -29.92
CA ASN AA 83 -7.24 -46.42 -30.86
C ASN AA 83 -7.40 -46.90 -32.29
N ILE AA 84 -7.96 -48.10 -32.48
CA ILE AA 84 -8.30 -48.57 -33.83
C ILE AA 84 -9.65 -47.97 -34.21
N LEU AA 85 -10.67 -48.30 -33.41
CA LEU AA 85 -12.01 -47.81 -33.68
C LEU AA 85 -12.00 -46.33 -34.03
N GLY AA 86 -11.22 -45.53 -33.30
CA GLY AA 86 -11.16 -44.11 -33.59
C GLY AA 86 -10.77 -43.78 -35.01
N LEU AA 87 -10.28 -44.74 -35.77
CA LEU AA 87 -9.83 -44.45 -37.12
C LEU AA 87 -10.98 -44.11 -38.05
N LEU AA 88 -12.16 -44.64 -37.80
CA LEU AA 88 -13.24 -44.59 -38.77
C LEU AA 88 -13.53 -43.16 -39.20
N PRO AA 89 -14.29 -43.00 -40.28
CA PRO AA 89 -14.63 -41.67 -40.79
C PRO AA 89 -14.98 -40.62 -39.74
N HIS AA 90 -15.98 -40.91 -38.91
CA HIS AA 90 -16.57 -39.93 -38.01
C HIS AA 90 -16.67 -40.49 -36.60
N SER AA 91 -15.58 -41.05 -36.11
CA SER AA 91 -15.56 -41.64 -34.78
C SER AA 91 -14.70 -40.82 -33.82
N PHE AA 92 -14.92 -41.06 -32.54
CA PHE AA 92 -14.32 -40.27 -31.47
C PHE AA 92 -13.29 -41.11 -30.73
N THR AA 93 -12.15 -40.51 -30.43
CA THR AA 93 -11.09 -41.18 -29.70
C THR AA 93 -11.13 -40.75 -28.24
N PRO AA 94 -11.74 -41.52 -27.35
CA PRO AA 94 -11.82 -41.12 -25.94
C PRO AA 94 -10.48 -41.07 -25.22
N THR AA 95 -9.38 -41.39 -25.89
CA THR AA 95 -8.06 -41.25 -25.28
C THR AA 95 -7.51 -39.84 -25.41
N THR AA 96 -7.61 -39.25 -26.59
CA THR AA 96 -7.09 -37.92 -26.82
C THR AA 96 -7.65 -36.89 -25.86
N GLN AA 97 -8.67 -37.24 -25.08
CA GLN AA 97 -9.07 -36.44 -23.94
C GLN AA 97 -8.02 -36.62 -22.86
N LEU AA 98 -7.02 -35.73 -22.87
CA LEU AA 98 -5.85 -35.89 -22.02
C LEU AA 98 -6.19 -36.35 -20.61
N SER AA 99 -7.33 -35.90 -20.09
CA SER AA 99 -7.71 -36.26 -18.73
C SER AA 99 -7.77 -37.77 -18.57
N MET AA 100 -8.36 -38.45 -19.54
CA MET AA 100 -8.44 -39.90 -19.45
C MET AA 100 -7.06 -40.51 -19.32
N ASN AA 101 -6.10 -40.00 -20.10
CA ASN AA 101 -4.75 -40.54 -20.04
C ASN AA 101 -4.11 -40.30 -18.69
N LEU AA 102 -4.29 -39.11 -18.11
CA LEU AA 102 -3.75 -38.87 -16.77
C LEU AA 102 -4.36 -39.81 -15.76
N GLY AA 103 -5.68 -39.97 -15.80
CA GLY AA 103 -6.34 -40.83 -14.85
C GLY AA 103 -6.04 -42.29 -15.03
N MET AA 104 -5.56 -42.67 -16.21
CA MET AA 104 -5.14 -44.04 -16.44
C MET AA 104 -3.68 -44.26 -16.10
N ALA AA 105 -2.88 -43.19 -16.13
CA ALA AA 105 -1.45 -43.33 -15.85
C ALA AA 105 -1.18 -43.26 -14.36
N ILE AA 106 -1.58 -42.17 -13.73
CA ILE AA 106 -1.11 -41.88 -12.37
C ILE AA 106 -1.33 -43.04 -11.41
N PRO AA 107 -2.56 -43.43 -11.09
CA PRO AA 107 -2.76 -44.46 -10.07
C PRO AA 107 -1.79 -45.62 -10.16
N LEU AA 108 -1.53 -46.11 -11.37
CA LEU AA 108 -0.68 -47.29 -11.53
C LEU AA 108 0.75 -47.00 -11.09
N TRP AA 109 1.33 -45.93 -11.65
CA TRP AA 109 2.68 -45.53 -11.27
C TRP AA 109 2.79 -45.31 -9.77
N SER AA 110 1.81 -44.61 -9.20
CA SER AA 110 1.85 -44.32 -7.77
C SER AA 110 1.80 -45.61 -6.96
N ALA AA 111 0.92 -46.53 -7.35
CA ALA AA 111 0.77 -47.75 -6.57
C ALA AA 111 2.00 -48.62 -6.67
N THR AA 112 2.68 -48.59 -7.82
CA THR AA 112 3.95 -49.30 -7.95
C THR AA 112 4.97 -48.72 -6.99
N VAL AA 113 5.15 -47.40 -7.03
CA VAL AA 113 6.07 -46.75 -6.11
C VAL AA 113 5.72 -47.09 -4.67
N PHE AA 114 4.43 -47.23 -4.37
CA PHE AA 114 4.02 -47.47 -2.99
C PHE AA 114 4.30 -48.89 -2.57
N THR AA 115 4.16 -49.84 -3.48
CA THR AA 115 4.63 -51.19 -3.20
C THR AA 115 6.13 -51.23 -3.03
N GLY AA 116 6.84 -50.34 -3.72
CA GLY AA 116 8.29 -50.28 -3.60
C GLY AA 116 8.81 -49.62 -2.35
N PHE AA 117 8.01 -48.74 -1.74
CA PHE AA 117 8.40 -48.09 -0.50
C PHE AA 117 7.72 -48.67 0.73
N ARG AA 118 6.66 -49.45 0.57
CA ARG AA 118 6.12 -50.20 1.69
C ARG AA 118 7.00 -51.39 2.00
N TYR AA 119 7.47 -52.10 0.98
CA TYR AA 119 8.45 -53.16 1.13
C TYR AA 119 9.70 -52.74 0.40
N LYS AA 120 10.83 -53.29 0.85
CA LYS AA 120 12.12 -52.99 0.23
C LYS AA 120 12.47 -51.51 0.42
N THR AA 121 12.15 -50.98 1.61
CA THR AA 121 12.31 -49.56 1.85
C THR AA 121 13.75 -49.12 1.57
N LYS AA 122 14.70 -49.69 2.31
CA LYS AA 122 16.09 -49.29 2.14
C LYS AA 122 16.52 -49.49 0.69
N THR AA 123 16.06 -50.56 0.06
CA THR AA 123 16.55 -50.87 -1.29
C THR AA 123 15.92 -49.94 -2.31
N SER AA 124 14.62 -49.67 -2.17
CA SER AA 124 13.97 -48.71 -3.06
C SER AA 124 14.62 -47.35 -2.93
N LEU AA 125 14.89 -46.92 -1.70
CA LEU AA 125 15.68 -45.73 -1.49
C LEU AA 125 17.02 -45.83 -2.19
N ALA AA 126 17.59 -47.04 -2.19
CA ALA AA 126 18.91 -47.24 -2.74
C ALA AA 126 18.95 -47.08 -4.24
N HIS AA 127 17.89 -47.51 -4.93
CA HIS AA 127 17.86 -47.39 -6.38
C HIS AA 127 18.05 -45.94 -6.82
N PHE AA 128 18.01 -45.00 -5.89
CA PHE AA 128 18.34 -43.61 -6.20
C PHE AA 128 19.83 -43.40 -6.36
N LEU AA 129 20.65 -44.35 -5.96
CA LEU AA 129 22.09 -44.20 -6.07
C LEU AA 129 22.67 -45.41 -6.79
N PRO AA 130 22.95 -45.31 -8.09
CA PRO AA 130 23.54 -46.43 -8.81
C PRO AA 130 24.80 -46.94 -8.11
N GLN AA 131 25.07 -48.22 -8.31
CA GLN AA 131 26.00 -48.93 -7.45
C GLN AA 131 27.41 -48.37 -7.59
N GLY AA 132 27.98 -47.95 -6.46
CA GLY AA 132 29.38 -47.60 -6.37
C GLY AA 132 29.83 -46.54 -7.37
N THR AA 133 28.97 -45.59 -7.68
CA THR AA 133 29.37 -44.50 -8.54
C THR AA 133 30.52 -43.73 -7.90
N PRO AA 134 31.29 -43.00 -8.71
CA PRO AA 134 32.22 -42.02 -8.14
C PRO AA 134 31.59 -41.27 -6.97
N ALA AA 135 32.31 -41.21 -5.86
CA ALA AA 135 31.86 -40.46 -4.70
C ALA AA 135 32.13 -38.97 -4.82
N LEU AA 136 32.47 -38.50 -6.02
CA LEU AA 136 32.67 -37.08 -6.28
C LEU AA 136 31.38 -36.32 -6.47
N LEU AA 137 30.32 -36.99 -6.97
CA LEU AA 137 29.18 -36.29 -7.56
C LEU AA 137 27.85 -36.69 -6.97
N ILE AA 138 27.83 -37.50 -5.92
CA ILE AA 138 26.61 -38.11 -5.40
C ILE AA 138 25.40 -37.19 -5.51
N PRO AA 139 25.42 -35.98 -4.93
CA PRO AA 139 24.23 -35.12 -5.04
C PRO AA 139 23.83 -34.82 -6.47
N MET AA 140 24.80 -34.56 -7.34
CA MET AA 140 24.50 -34.26 -8.74
C MET AA 140 23.97 -35.47 -9.49
N LEU AA 141 23.76 -36.58 -8.80
CA LEU AA 141 23.20 -37.80 -9.37
C LEU AA 141 21.90 -38.19 -8.70
N VAL AA 142 21.84 -38.06 -7.37
CA VAL AA 142 20.61 -38.31 -6.62
C VAL AA 142 19.67 -37.12 -6.67
N ILE AA 143 20.03 -36.06 -7.38
CA ILE AA 143 19.05 -35.09 -7.84
C ILE AA 143 18.43 -35.54 -9.16
N ILE AA 144 19.28 -36.00 -10.08
CA ILE AA 144 18.83 -36.35 -11.42
C ILE AA 144 17.89 -37.54 -11.37
N GLU AA 145 18.29 -38.60 -10.66
CA GLU AA 145 17.43 -39.78 -10.60
C GLU AA 145 16.07 -39.44 -10.00
N THR AA 146 16.05 -38.58 -8.99
CA THR AA 146 14.81 -38.29 -8.30
C THR AA 146 13.95 -37.28 -9.02
N ILE AA 147 14.53 -36.50 -9.93
CA ILE AA 147 13.69 -35.66 -10.77
C ILE AA 147 13.18 -36.45 -11.96
N SER AA 148 14.01 -37.28 -12.58
CA SER AA 148 13.59 -38.10 -13.69
C SER AA 148 12.79 -39.32 -13.23
N LEU AA 149 12.51 -39.44 -11.94
CA LEU AA 149 11.48 -40.39 -11.51
C LEU AA 149 10.09 -39.79 -11.66
N PHE AA 150 9.83 -38.69 -10.95
CA PHE AA 150 8.51 -38.06 -11.00
C PHE AA 150 8.09 -37.73 -12.42
N ILE AA 151 9.06 -37.68 -13.35
CA ILE AA 151 8.75 -37.42 -14.75
C ILE AA 151 8.08 -38.60 -15.42
N GLN AA 152 7.89 -39.70 -14.71
CA GLN AA 152 7.42 -40.93 -15.35
C GLN AA 152 6.00 -40.78 -15.87
N PRO AA 153 5.00 -40.68 -14.99
CA PRO AA 153 3.61 -40.67 -15.47
C PRO AA 153 3.30 -39.58 -16.47
N VAL AA 154 3.85 -38.40 -16.28
CA VAL AA 154 3.58 -37.29 -17.18
C VAL AA 154 3.84 -37.71 -18.62
N ALA AA 155 5.06 -38.12 -18.91
CA ALA AA 155 5.38 -38.56 -20.26
C ALA AA 155 4.59 -39.81 -20.61
N LEU AA 156 4.54 -40.76 -19.67
CA LEU AA 156 3.84 -42.01 -19.90
C LEU AA 156 2.46 -41.78 -20.49
N ALA AA 157 1.83 -40.66 -20.17
CA ALA AA 157 0.54 -40.30 -20.74
C ALA AA 157 0.66 -39.42 -21.97
N VAL AA 158 1.35 -38.29 -21.82
CA VAL AA 158 1.40 -37.30 -22.89
C VAL AA 158 1.88 -37.91 -24.20
N ARG AA 159 2.86 -38.81 -24.14
CA ARG AA 159 3.35 -39.44 -25.36
C ARG AA 159 2.19 -40.02 -26.15
N LEU AA 160 1.49 -40.96 -25.53
CA LEU AA 160 0.33 -41.59 -26.15
C LEU AA 160 -0.66 -40.56 -26.66
N THR AA 161 -1.10 -39.67 -25.76
CA THR AA 161 -2.08 -38.66 -26.12
C THR AA 161 -1.74 -37.98 -27.43
N ALA AA 162 -0.59 -37.30 -27.47
CA ALA AA 162 -0.30 -36.46 -28.63
C ALA AA 162 0.03 -37.30 -29.85
N ASN AA 163 0.69 -38.43 -29.63
CA ASN AA 163 0.95 -39.37 -30.71
C ASN AA 163 -0.33 -39.69 -31.46
N ILE AA 164 -1.35 -40.15 -30.75
CA ILE AA 164 -2.64 -40.40 -31.36
C ILE AA 164 -3.15 -39.16 -32.07
N THR AA 165 -3.36 -38.08 -31.33
CA THR AA 165 -3.97 -36.88 -31.91
C THR AA 165 -3.40 -36.54 -33.27
N ALA AA 166 -2.07 -36.52 -33.38
CA ALA AA 166 -1.42 -35.99 -34.57
C ALA AA 166 -1.90 -36.70 -35.82
N GLY AA 167 -2.11 -38.01 -35.73
CA GLY AA 167 -2.50 -38.76 -36.91
C GLY AA 167 -3.85 -38.33 -37.45
N HIS AA 168 -4.84 -38.26 -36.56
CA HIS AA 168 -6.15 -37.78 -36.96
C HIS AA 168 -6.05 -36.43 -37.63
N LEU AA 169 -5.31 -35.52 -37.01
CA LEU AA 169 -5.23 -34.17 -37.55
C LEU AA 169 -4.60 -34.19 -38.94
N LEU AA 170 -3.56 -34.99 -39.12
CA LEU AA 170 -2.84 -35.01 -40.38
C LEU AA 170 -3.71 -35.59 -41.48
N ILE AA 171 -4.48 -36.63 -41.18
CA ILE AA 171 -5.35 -37.21 -42.19
C ILE AA 171 -6.45 -36.24 -42.59
N HIS AA 172 -7.09 -35.60 -41.60
CA HIS AA 172 -8.07 -34.57 -41.94
C HIS AA 172 -7.47 -33.58 -42.92
N LEU AA 173 -6.29 -33.05 -42.59
CA LEU AA 173 -5.74 -31.97 -43.40
C LEU AA 173 -5.37 -32.45 -44.79
N ILE AA 174 -4.79 -33.64 -44.89
CA ILE AA 174 -4.40 -34.16 -46.21
C ILE AA 174 -5.62 -34.37 -47.08
N GLY AA 175 -6.71 -34.90 -46.50
CA GLY AA 175 -7.91 -35.09 -47.29
C GLY AA 175 -8.52 -33.78 -47.74
N GLY AA 176 -8.47 -32.77 -46.87
CA GLY AA 176 -8.96 -31.46 -47.28
C GLY AA 176 -8.19 -30.90 -48.45
N ALA AA 177 -6.86 -30.92 -48.35
CA ALA AA 177 -6.05 -30.45 -49.47
C ALA AA 177 -6.25 -31.32 -50.70
N THR AA 178 -6.63 -32.58 -50.49
CA THR AA 178 -6.97 -33.45 -51.62
C THR AA 178 -8.16 -32.89 -52.39
N LEU AA 179 -9.28 -32.68 -51.70
CA LEU AA 179 -10.43 -32.07 -52.36
C LEU AA 179 -10.03 -30.76 -53.04
N ALA AA 180 -9.26 -29.92 -52.34
CA ALA AA 180 -8.96 -28.60 -52.87
C ALA AA 180 -8.13 -28.70 -54.15
N LEU AA 181 -7.20 -29.65 -54.22
CA LEU AA 181 -6.44 -29.83 -55.45
C LEU AA 181 -7.30 -30.45 -56.54
N LEU AA 182 -8.22 -31.34 -56.14
CA LEU AA 182 -9.17 -31.88 -57.10
C LEU AA 182 -9.89 -30.75 -57.82
N ASN AA 183 -10.18 -29.65 -57.10
CA ASN AA 183 -10.68 -28.47 -57.77
C ASN AA 183 -9.80 -28.11 -58.97
N ILE AA 184 -8.48 -28.22 -58.81
CA ILE AA 184 -7.57 -27.85 -59.88
C ILE AA 184 -7.44 -28.97 -60.89
N ASN AA 185 -6.94 -30.12 -60.45
CA ASN AA 185 -6.47 -31.15 -61.36
C ASN AA 185 -6.71 -32.52 -60.78
N THR AA 186 -6.31 -33.55 -61.53
CA THR AA 186 -6.72 -34.91 -61.21
C THR AA 186 -5.60 -35.69 -60.53
N MET AA 187 -4.38 -35.63 -61.09
CA MET AA 187 -3.33 -36.56 -60.67
C MET AA 187 -2.87 -36.28 -59.25
N THR AA 188 -2.76 -34.99 -58.89
CA THR AA 188 -2.39 -34.63 -57.52
C THR AA 188 -3.30 -35.31 -56.51
N ALA AA 189 -4.59 -35.37 -56.82
CA ALA AA 189 -5.53 -36.02 -55.91
C ALA AA 189 -5.15 -37.47 -55.67
N PHE AA 190 -4.78 -38.19 -56.73
CA PHE AA 190 -4.39 -39.59 -56.56
C PHE AA 190 -3.11 -39.70 -55.78
N ILE AA 191 -2.17 -38.79 -56.03
CA ILE AA 191 -0.95 -38.74 -55.24
C ILE AA 191 -1.29 -38.68 -53.75
N THR AA 192 -2.08 -37.68 -53.36
CA THR AA 192 -2.40 -37.50 -51.97
C THR AA 192 -3.27 -38.64 -51.44
N PHE AA 193 -4.05 -39.29 -52.30
CA PHE AA 193 -4.85 -40.41 -51.82
C PHE AA 193 -3.96 -41.59 -51.45
N THR AA 194 -2.96 -41.87 -52.28
CA THR AA 194 -2.01 -42.93 -51.94
C THR AA 194 -1.24 -42.57 -50.67
N ILE AA 195 -0.76 -41.33 -50.59
CA ILE AA 195 -0.20 -40.84 -49.35
C ILE AA 195 -1.12 -41.17 -48.18
N LEU AA 196 -2.42 -40.94 -48.37
CA LEU AA 196 -3.38 -41.18 -47.31
C LEU AA 196 -3.45 -42.65 -46.95
N ILE AA 197 -3.34 -43.52 -47.94
CA ILE AA 197 -3.39 -44.95 -47.66
C ILE AA 197 -2.22 -45.32 -46.78
N LEU AA 198 -1.04 -44.83 -47.15
CA LEU AA 198 0.15 -45.09 -46.35
C LEU AA 198 -0.04 -44.62 -44.92
N LEU AA 199 -0.49 -43.37 -44.76
CA LEU AA 199 -0.71 -42.82 -43.42
C LEU AA 199 -1.70 -43.68 -42.63
N THR AA 200 -2.74 -44.16 -43.31
CA THR AA 200 -3.76 -44.93 -42.64
C THR AA 200 -3.16 -46.21 -42.09
N ILE AA 201 -2.32 -46.87 -42.88
CA ILE AA 201 -1.68 -48.08 -42.41
C ILE AA 201 -0.78 -47.77 -41.21
N LEU AA 202 0.02 -46.71 -41.34
CA LEU AA 202 0.93 -46.35 -40.28
C LEU AA 202 0.19 -46.08 -38.99
N GLU AA 203 -1.02 -45.54 -39.08
CA GLU AA 203 -1.80 -45.29 -37.88
C GLU AA 203 -2.36 -46.58 -37.31
N PHE AA 204 -2.89 -47.44 -38.18
CA PHE AA 204 -3.23 -48.78 -37.75
C PHE AA 204 -2.11 -49.40 -36.93
N ALA AA 205 -0.88 -49.03 -37.25
CA ALA AA 205 0.27 -49.63 -36.58
C ALA AA 205 0.56 -48.96 -35.24
N VAL AA 206 0.77 -47.64 -35.25
CA VAL AA 206 1.10 -46.95 -34.02
C VAL AA 206 0.04 -47.21 -32.97
N ALA AA 207 -1.21 -47.38 -33.39
CA ALA AA 207 -2.30 -47.50 -32.43
C ALA AA 207 -2.15 -48.72 -31.54
N LEU AA 208 -1.26 -49.64 -31.89
CA LEU AA 208 -0.99 -50.80 -31.07
C LEU AA 208 0.42 -50.76 -30.51
N ILE AA 209 1.35 -50.27 -31.32
CA ILE AA 209 2.69 -50.02 -30.81
C ILE AA 209 2.61 -49.30 -29.47
N GLN AA 210 1.73 -48.30 -29.38
CA GLN AA 210 1.67 -47.50 -28.16
C GLN AA 210 1.08 -48.29 -27.00
N ALA AA 211 0.14 -49.18 -27.29
CA ALA AA 211 -0.39 -50.01 -26.22
C ALA AA 211 0.71 -50.88 -25.63
N TYR AA 212 1.48 -51.52 -26.50
CA TYR AA 212 2.58 -52.35 -26.03
C TYR AA 212 3.55 -51.53 -25.20
N VAL AA 213 4.01 -50.41 -25.77
CA VAL AA 213 4.84 -49.48 -25.03
C VAL AA 213 4.29 -49.23 -23.64
N PHE AA 214 3.02 -48.85 -23.56
CA PHE AA 214 2.43 -48.44 -22.30
C PHE AA 214 2.49 -49.56 -21.28
N THR AA 215 1.86 -50.69 -21.60
CA THR AA 215 1.77 -51.77 -20.64
C THR AA 215 3.09 -52.54 -20.49
N LEU AA 216 4.13 -52.12 -21.20
CA LEU AA 216 5.47 -52.66 -21.00
C LEU AA 216 6.29 -51.79 -20.07
N LEU AA 217 6.34 -50.50 -20.35
CA LEU AA 217 6.79 -49.54 -19.35
C LEU AA 217 6.28 -49.92 -17.99
N VAL AA 218 4.96 -50.09 -17.87
CA VAL AA 218 4.39 -50.39 -16.56
C VAL AA 218 4.89 -51.72 -16.05
N SER AA 219 4.95 -52.73 -16.92
CA SER AA 219 5.36 -54.05 -16.48
C SER AA 219 6.74 -53.98 -15.83
N LEU AA 220 7.68 -53.30 -16.46
CA LEU AA 220 9.02 -53.29 -15.89
C LEU AA 220 9.13 -52.31 -14.74
N TYR AA 221 8.30 -51.27 -14.71
CA TYR AA 221 8.26 -50.44 -13.51
C TYR AA 221 7.83 -51.26 -12.31
N LEU AA 222 7.01 -52.27 -12.56
CA LEU AA 222 6.69 -53.20 -11.49
C LEU AA 222 7.84 -54.16 -11.24
N HIS AA 223 8.54 -54.53 -12.29
CA HIS AA 223 9.72 -55.39 -12.14
C HIS AA 223 10.72 -54.76 -11.18
N ASP AA 224 10.95 -53.46 -11.32
CA ASP AA 224 11.88 -52.76 -10.46
C ASP AA 224 11.39 -52.74 -9.01
N ASN AA 225 10.23 -52.13 -8.78
CA ASN AA 225 9.75 -51.83 -7.44
C ASN AA 225 8.82 -52.89 -6.87
N THR AA 226 9.05 -54.16 -7.22
CA THR AA 226 8.21 -55.23 -6.69
C THR AA 226 8.74 -55.68 -5.34
N PRO BA 1 -23.85 -80.86 -21.96
CA PRO BA 1 -25.26 -80.46 -22.05
C PRO BA 1 -25.43 -79.12 -22.72
N VAL BA 2 -25.03 -79.03 -24.00
CA VAL BA 2 -25.07 -77.77 -24.73
C VAL BA 2 -25.43 -78.05 -26.19
N PRO BA 3 -26.00 -77.09 -26.92
CA PRO BA 3 -26.41 -77.39 -28.28
C PRO BA 3 -25.30 -77.11 -29.28
N PRO BA 4 -25.36 -77.72 -30.46
CA PRO BA 4 -24.39 -77.42 -31.52
C PRO BA 4 -24.75 -76.18 -32.32
N LEU BA 5 -24.01 -75.96 -33.40
CA LEU BA 5 -24.16 -74.81 -34.27
C LEU BA 5 -24.46 -75.21 -35.70
N PRO BA 6 -24.89 -74.26 -36.52
CA PRO BA 6 -24.98 -74.50 -37.96
C PRO BA 6 -23.62 -74.57 -38.61
N GLU BA 7 -23.59 -74.70 -39.93
CA GLU BA 7 -22.36 -74.64 -40.68
C GLU BA 7 -22.06 -73.21 -41.14
N HIS BA 8 -23.09 -72.44 -41.48
CA HIS BA 8 -22.93 -71.03 -41.76
C HIS BA 8 -24.31 -70.36 -41.77
N GLY BA 9 -24.44 -69.27 -41.02
CA GLY BA 9 -25.74 -68.68 -40.80
C GLY BA 9 -26.28 -67.95 -42.00
N GLY BA 10 -27.08 -66.91 -41.75
CA GLY BA 10 -27.72 -66.18 -42.83
C GLY BA 10 -26.76 -65.71 -43.90
N LYS BA 11 -26.91 -66.26 -45.09
CA LYS BA 11 -26.13 -65.78 -46.22
C LYS BA 11 -26.45 -64.30 -46.45
N VAL BA 12 -25.56 -63.64 -47.17
CA VAL BA 12 -25.55 -62.18 -47.22
C VAL BA 12 -25.05 -61.72 -48.58
N ARG BA 13 -25.54 -60.57 -49.03
CA ARG BA 13 -25.18 -60.01 -50.32
C ARG BA 13 -24.31 -58.78 -50.10
N LEU BA 14 -23.31 -58.63 -50.95
CA LEU BA 14 -22.31 -57.58 -50.82
C LEU BA 14 -21.54 -57.69 -49.52
N GLY BA 15 -21.71 -58.81 -48.81
CA GLY BA 15 -21.08 -58.99 -47.52
C GLY BA 15 -21.65 -58.10 -46.44
N LEU BA 16 -22.61 -57.26 -46.76
CA LEU BA 16 -23.12 -56.26 -45.81
C LEU BA 16 -24.61 -56.41 -45.53
N ILE BA 17 -25.44 -56.52 -46.57
CA ILE BA 17 -26.88 -56.55 -46.42
C ILE BA 17 -27.37 -57.98 -46.60
N PRO BA 18 -28.35 -58.43 -45.82
CA PRO BA 18 -28.87 -59.79 -46.01
C PRO BA 18 -29.76 -59.88 -47.24
N GLU BA 19 -30.01 -61.12 -47.66
CA GLU BA 19 -30.78 -61.38 -48.86
C GLU BA 19 -32.28 -61.45 -48.56
N GLU BA 20 -32.63 -61.96 -47.38
CA GLU BA 20 -34.03 -62.12 -46.98
C GLU BA 20 -34.84 -60.93 -47.44
N PHE BA 21 -34.25 -59.75 -47.32
CA PHE BA 21 -34.77 -58.55 -47.95
C PHE BA 21 -35.19 -58.82 -49.39
N PHE BA 22 -34.26 -59.29 -50.21
CA PHE BA 22 -34.53 -59.49 -51.63
C PHE BA 22 -35.73 -60.41 -51.82
N GLN BA 23 -35.76 -61.54 -51.12
CA GLN BA 23 -36.85 -62.49 -51.30
C GLN BA 23 -38.17 -61.88 -50.88
N PHE BA 24 -38.23 -61.32 -49.66
CA PHE BA 24 -39.39 -60.57 -49.23
C PHE BA 24 -39.88 -59.62 -50.31
N LEU BA 25 -38.97 -59.05 -51.11
CA LEU BA 25 -39.35 -58.14 -52.19
C LEU BA 25 -39.61 -58.84 -53.51
N TYR BA 26 -39.35 -60.15 -53.60
CA TYR BA 26 -39.52 -60.84 -54.88
C TYR BA 26 -40.94 -60.71 -55.42
N PRO BA 27 -41.99 -61.00 -54.64
CA PRO BA 27 -43.35 -60.98 -55.19
C PRO BA 27 -43.66 -59.81 -56.10
N LYS BA 28 -43.26 -58.59 -55.73
CA LYS BA 28 -43.76 -57.40 -56.40
C LYS BA 28 -42.89 -56.97 -57.56
N THR BA 29 -41.59 -56.85 -57.35
CA THR BA 29 -40.66 -56.52 -58.42
C THR BA 29 -39.66 -57.63 -58.71
N GLY BA 30 -39.55 -58.62 -57.84
CA GLY BA 30 -38.78 -59.81 -58.15
C GLY BA 30 -37.29 -59.68 -57.87
N VAL BA 31 -36.59 -58.99 -58.76
CA VAL BA 31 -35.14 -59.01 -58.75
C VAL BA 31 -34.57 -57.59 -58.73
N THR BA 32 -34.99 -56.76 -59.67
CA THR BA 32 -34.34 -55.47 -59.90
C THR BA 32 -35.13 -54.34 -59.25
N GLY BA 33 -35.71 -54.62 -58.10
CA GLY BA 33 -36.35 -53.61 -57.29
C GLY BA 33 -35.43 -53.06 -56.21
N PRO BA 34 -34.88 -53.96 -55.39
CA PRO BA 34 -33.97 -53.51 -54.33
C PRO BA 34 -32.77 -52.70 -54.83
N TYR BA 35 -32.16 -53.09 -55.95
CA TYR BA 35 -30.95 -52.39 -56.39
C TYR BA 35 -31.25 -50.95 -56.76
N VAL BA 36 -32.25 -50.74 -57.62
CA VAL BA 36 -32.63 -49.38 -57.97
C VAL BA 36 -33.17 -48.65 -56.76
N LEU BA 37 -33.86 -49.36 -55.86
CA LEU BA 37 -34.30 -48.77 -54.61
C LEU BA 37 -33.14 -48.11 -53.89
N GLY BA 38 -32.07 -48.86 -53.67
CA GLY BA 38 -30.92 -48.32 -52.97
C GLY BA 38 -30.24 -47.22 -53.76
N THR BA 39 -30.08 -47.42 -55.07
CA THR BA 39 -29.49 -46.39 -55.89
C THR BA 39 -30.24 -45.08 -55.74
N GLY BA 40 -31.57 -45.15 -55.64
CA GLY BA 40 -32.36 -43.93 -55.51
C GLY BA 40 -32.22 -43.33 -54.12
N LEU BA 41 -32.30 -44.18 -53.09
CA LEU BA 41 -32.05 -43.71 -51.73
C LEU BA 41 -30.77 -42.89 -51.68
N ILE BA 42 -29.74 -43.38 -52.36
CA ILE BA 42 -28.41 -42.79 -52.22
C ILE BA 42 -28.29 -41.54 -53.07
N LEU BA 43 -28.80 -41.58 -54.31
CA LEU BA 43 -28.82 -40.37 -55.12
C LEU BA 43 -29.65 -39.28 -54.48
N TYR BA 44 -30.66 -39.66 -53.71
CA TYR BA 44 -31.43 -38.69 -52.95
C TYR BA 44 -30.60 -38.07 -51.85
N LEU BA 45 -30.04 -38.90 -50.96
CA LEU BA 45 -29.17 -38.37 -49.92
C LEU BA 45 -28.16 -37.40 -50.49
N LEU BA 46 -27.54 -37.78 -51.61
CA LEU BA 46 -26.51 -36.93 -52.20
C LEU BA 46 -27.10 -35.65 -52.76
N SER BA 47 -28.24 -35.73 -53.44
CA SER BA 47 -28.78 -34.58 -54.15
C SER BA 47 -29.17 -33.45 -53.21
N LYS BA 48 -29.92 -33.76 -52.17
CA LYS BA 48 -30.37 -32.76 -51.21
C LYS BA 48 -29.31 -32.40 -50.18
N GLU BA 49 -28.14 -33.02 -50.25
CA GLU BA 49 -27.04 -32.73 -49.33
C GLU BA 49 -27.41 -33.06 -47.89
N ILE BA 50 -28.11 -34.18 -47.70
CA ILE BA 50 -28.15 -34.81 -46.39
C ILE BA 50 -26.80 -35.40 -46.02
N TYR BA 51 -25.90 -35.48 -46.99
CA TYR BA 51 -24.56 -36.05 -46.81
C TYR BA 51 -23.61 -35.19 -47.63
N VAL BA 52 -23.07 -34.14 -47.01
CA VAL BA 52 -22.08 -33.33 -47.68
C VAL BA 52 -20.75 -34.07 -47.69
N ILE BA 53 -19.92 -33.76 -48.68
CA ILE BA 53 -18.70 -34.50 -48.93
C ILE BA 53 -17.51 -33.65 -48.50
N THR BA 54 -16.55 -34.30 -47.84
CA THR BA 54 -15.39 -33.61 -47.29
C THR BA 54 -14.21 -34.59 -47.30
N ALA BA 55 -13.17 -34.26 -46.53
CA ALA BA 55 -12.00 -35.11 -46.45
C ALA BA 55 -12.32 -36.47 -45.84
N GLU BA 56 -13.10 -36.46 -44.76
CA GLU BA 56 -13.45 -37.71 -44.09
C GLU BA 56 -14.05 -38.72 -45.05
N THR BA 57 -14.75 -38.25 -46.09
CA THR BA 57 -15.22 -39.17 -47.13
C THR BA 57 -14.07 -40.02 -47.64
N PHE BA 58 -13.03 -39.36 -48.17
CA PHE BA 58 -11.93 -40.09 -48.76
C PHE BA 58 -11.17 -40.90 -47.72
N SER BA 59 -11.13 -40.42 -46.47
CA SER BA 59 -10.53 -41.24 -45.42
C SER BA 59 -11.29 -42.55 -45.27
N ALA BA 60 -12.62 -42.47 -45.29
CA ALA BA 60 -13.43 -43.67 -45.18
C ALA BA 60 -13.21 -44.58 -46.38
N ILE BA 61 -13.13 -43.98 -47.57
CA ILE BA 61 -12.89 -44.74 -48.78
C ILE BA 61 -11.58 -45.52 -48.67
N SER BA 62 -10.53 -44.85 -48.21
CA SER BA 62 -9.23 -45.52 -48.09
C SER BA 62 -9.28 -46.64 -47.07
N THR BA 63 -9.81 -46.38 -45.89
CA THR BA 63 -9.91 -47.44 -44.90
C THR BA 63 -10.68 -48.63 -45.44
N ILE BA 64 -11.77 -48.38 -46.14
CA ILE BA 64 -12.62 -49.45 -46.63
C ILE BA 64 -11.89 -50.23 -47.72
N GLY BA 65 -11.21 -49.53 -48.63
CA GLY BA 65 -10.40 -50.23 -49.62
C GLY BA 65 -9.37 -51.13 -48.99
N VAL BA 66 -8.60 -50.60 -48.04
CA VAL BA 66 -7.67 -51.42 -47.29
C VAL BA 66 -8.36 -52.66 -46.74
N LEU BA 67 -9.47 -52.46 -46.03
CA LEU BA 67 -10.12 -53.59 -45.37
C LEU BA 67 -10.55 -54.66 -46.35
N VAL BA 68 -11.17 -54.26 -47.47
CA VAL BA 68 -11.66 -55.27 -48.41
C VAL BA 68 -10.48 -55.99 -49.05
N TYR BA 69 -9.41 -55.26 -49.37
CA TYR BA 69 -8.18 -55.89 -49.82
C TYR BA 69 -7.78 -57.00 -48.86
N ILE BA 70 -7.64 -56.64 -47.59
CA ILE BA 70 -7.19 -57.59 -46.58
C ILE BA 70 -8.06 -58.83 -46.58
N VAL BA 71 -9.37 -58.65 -46.47
CA VAL BA 71 -10.25 -59.80 -46.36
C VAL BA 71 -10.20 -60.64 -47.62
N LYS BA 72 -10.47 -60.03 -48.78
CA LYS BA 72 -10.48 -60.79 -50.02
C LYS BA 72 -9.14 -61.47 -50.30
N LYS BA 73 -8.09 -61.13 -49.56
CA LYS BA 73 -6.81 -61.81 -49.76
C LYS BA 73 -6.44 -62.79 -48.66
N TYR BA 74 -7.03 -62.69 -47.45
CA TYR BA 74 -6.59 -63.48 -46.31
C TYR BA 74 -7.71 -64.26 -45.64
N GLY BA 75 -8.95 -64.08 -46.08
CA GLY BA 75 -10.10 -64.65 -45.40
C GLY BA 75 -10.01 -66.13 -45.14
N ALA BA 76 -10.04 -66.94 -46.20
CA ALA BA 76 -10.07 -68.39 -46.02
C ALA BA 76 -8.82 -68.88 -45.33
N SER BA 77 -7.68 -68.20 -45.53
CA SER BA 77 -6.49 -68.55 -44.79
C SER BA 77 -6.75 -68.47 -43.30
N ILE BA 78 -7.39 -67.38 -42.87
CA ILE BA 78 -7.68 -67.23 -41.45
C ILE BA 78 -8.73 -68.23 -41.01
N GLY BA 79 -9.69 -68.52 -41.88
CA GLY BA 79 -10.73 -69.47 -41.52
C GLY BA 79 -10.15 -70.84 -41.23
N ALA BA 80 -9.34 -71.34 -42.16
CA ALA BA 80 -8.68 -72.63 -41.94
C ALA BA 80 -7.71 -72.55 -40.77
N PHE BA 81 -7.05 -71.41 -40.59
CA PHE BA 81 -6.23 -71.20 -39.41
C PHE BA 81 -7.02 -71.53 -38.15
N ALA BA 82 -8.20 -70.94 -38.02
CA ALA BA 82 -8.98 -71.08 -36.80
C ALA BA 82 -9.52 -72.49 -36.64
N ASP BA 83 -10.07 -73.04 -37.73
CA ASP BA 83 -10.54 -74.42 -37.66
C ASP BA 83 -9.39 -75.35 -37.30
N LYS BA 84 -8.17 -74.99 -37.70
CA LYS BA 84 -7.01 -75.78 -37.34
C LYS BA 84 -6.78 -75.71 -35.84
N LEU BA 85 -6.84 -74.51 -35.28
CA LEU BA 85 -6.68 -74.41 -33.82
C LEU BA 85 -7.72 -75.25 -33.11
N ASN BA 86 -8.94 -75.26 -33.62
CA ASN BA 86 -10.00 -76.04 -32.99
C ASN BA 86 -9.69 -77.53 -33.05
N GLU BA 87 -9.44 -78.05 -34.25
CA GLU BA 87 -9.13 -79.46 -34.38
C GLU BA 87 -7.88 -79.81 -33.59
N GLN BA 88 -6.97 -78.86 -33.45
CA GLN BA 88 -5.72 -79.11 -32.75
C GLN BA 88 -5.96 -79.26 -31.25
N LYS BA 89 -6.84 -78.43 -30.69
CA LYS BA 89 -7.20 -78.63 -29.30
C LYS BA 89 -7.92 -79.96 -29.14
N ILE BA 90 -8.84 -80.27 -30.05
CA ILE BA 90 -9.55 -81.54 -30.01
C ILE BA 90 -8.55 -82.69 -29.92
N ALA BA 91 -7.59 -82.70 -30.82
CA ALA BA 91 -6.61 -83.79 -30.85
C ALA BA 91 -5.74 -83.77 -29.61
N GLN BA 92 -5.00 -82.67 -29.40
CA GLN BA 92 -4.10 -82.56 -28.27
C GLN BA 92 -4.76 -82.98 -26.97
N LEU BA 93 -6.09 -82.87 -26.89
CA LEU BA 93 -6.80 -83.49 -25.79
C LEU BA 93 -7.14 -84.94 -26.11
N GLU BA 94 -7.69 -85.17 -27.29
CA GLU BA 94 -8.11 -86.49 -27.69
C GLU BA 94 -6.90 -87.37 -27.94
N PRO CA 126 -19.79 -85.86 -26.98
CA PRO CA 126 -18.65 -85.50 -27.80
C PRO CA 126 -17.80 -84.42 -27.13
N PHE CA 127 -17.10 -83.62 -27.93
CA PHE CA 127 -16.38 -82.47 -27.43
C PHE CA 127 -17.21 -81.19 -27.55
N ASP CA 128 -17.64 -80.87 -28.78
CA ASP CA 128 -18.31 -79.60 -29.02
C ASP CA 128 -19.54 -79.40 -28.16
N GLN CA 129 -20.22 -80.48 -27.76
CA GLN CA 129 -21.41 -80.36 -26.93
C GLN CA 129 -21.09 -80.11 -25.46
N MET CA 130 -19.82 -80.01 -25.10
CA MET CA 130 -19.42 -79.95 -23.70
C MET CA 130 -18.87 -78.56 -23.36
N THR CA 131 -18.59 -78.35 -22.07
CA THR CA 131 -18.06 -77.10 -21.55
C THR CA 131 -16.85 -77.38 -20.67
N ILE CA 132 -16.32 -76.30 -20.10
CA ILE CA 132 -15.16 -76.42 -19.22
C ILE CA 132 -15.54 -77.21 -17.98
N GLU CA 133 -16.74 -76.97 -17.44
CA GLU CA 133 -17.20 -77.77 -16.30
C GLU CA 133 -17.37 -79.22 -16.68
N ASP CA 134 -17.74 -79.49 -17.93
CA ASP CA 134 -17.81 -80.88 -18.38
C ASP CA 134 -16.42 -81.52 -18.38
N LEU CA 135 -15.38 -80.71 -18.54
CA LEU CA 135 -14.03 -81.24 -18.46
C LEU CA 135 -13.60 -81.45 -17.02
N ASN CA 136 -13.99 -80.52 -16.14
CA ASN CA 136 -13.91 -80.81 -14.72
C ASN CA 136 -14.53 -82.17 -14.43
N GLU CA 137 -15.62 -82.49 -15.13
CA GLU CA 137 -16.31 -83.75 -14.92
C GLU CA 137 -15.51 -84.93 -15.46
N VAL CA 138 -15.02 -84.84 -16.70
CA VAL CA 138 -14.36 -85.99 -17.32
C VAL CA 138 -12.90 -86.08 -16.89
N PHE CA 139 -12.19 -84.95 -16.83
CA PHE CA 139 -10.77 -84.93 -16.47
C PHE CA 139 -10.55 -84.03 -15.26
N PRO CA 140 -10.47 -84.58 -14.05
CA PRO CA 140 -10.12 -83.74 -12.91
C PRO CA 140 -8.69 -83.26 -12.92
N GLU CA 141 -7.83 -83.85 -13.75
CA GLU CA 141 -6.44 -83.43 -13.81
C GLU CA 141 -6.25 -82.20 -14.67
N THR CA 142 -7.22 -81.88 -15.53
CA THR CA 142 -7.24 -80.59 -16.22
C THR CA 142 -7.77 -79.47 -15.34
N LYS CA 143 -8.08 -79.76 -14.09
CA LYS CA 143 -8.67 -78.78 -13.20
C LYS CA 143 -7.68 -77.67 -12.90
N LEU CA 144 -8.11 -76.43 -13.10
CA LEU CA 144 -7.32 -75.28 -12.70
C LEU CA 144 -7.61 -74.96 -11.24
N ASP CA 145 -6.87 -75.57 -10.33
CA ASP CA 145 -7.16 -75.44 -8.91
C ASP CA 145 -7.01 -74.00 -8.45
N LYS CA 146 -7.85 -73.61 -7.49
CA LYS CA 146 -7.98 -72.23 -7.07
C LYS CA 146 -7.20 -71.91 -5.81
N LYS CA 147 -6.51 -72.87 -5.22
CA LYS CA 147 -5.79 -72.63 -3.97
C LYS CA 147 -4.35 -72.22 -4.24
N LYS CA 148 -3.59 -73.09 -4.90
CA LYS CA 148 -2.21 -72.78 -5.19
C LYS CA 148 -2.07 -71.65 -6.20
N TYR CA 149 -3.16 -71.21 -6.82
CA TYR CA 149 -3.11 -70.19 -7.84
C TYR CA 149 -4.45 -69.49 -7.88
N PRO CA 150 -4.76 -68.71 -6.85
CA PRO CA 150 -6.09 -68.07 -6.78
C PRO CA 150 -6.36 -67.08 -7.90
N TYR CA 151 -5.33 -66.61 -8.58
CA TYR CA 151 -5.46 -65.50 -9.50
C TYR CA 151 -5.59 -66.00 -10.92
N TRP CA 152 -5.55 -65.09 -11.89
CA TRP CA 152 -5.60 -65.45 -13.29
C TRP CA 152 -4.20 -65.41 -13.89
N PRO CA 153 -3.85 -66.37 -14.75
CA PRO CA 153 -4.65 -67.48 -15.27
C PRO CA 153 -4.66 -68.73 -14.40
N HIS CA 154 -4.74 -68.54 -13.08
CA HIS CA 154 -4.87 -69.64 -12.14
C HIS CA 154 -3.75 -70.67 -12.27
N ARG CA 155 -2.65 -70.31 -12.93
CA ARG CA 155 -1.46 -71.15 -12.94
C ARG CA 155 -0.30 -70.41 -13.58
N PRO CA 156 0.94 -70.83 -13.36
CA PRO CA 156 2.08 -70.09 -13.90
C PRO CA 156 2.25 -70.30 -15.39
N ILE CA 157 3.33 -69.77 -15.94
CA ILE CA 157 3.46 -69.56 -17.38
C ILE CA 157 4.58 -70.42 -17.97
N GLU CA 158 4.80 -71.59 -17.40
CA GLU CA 158 5.83 -72.49 -17.89
C GLU CA 158 5.49 -72.99 -19.29
N PRO DA 2 -36.03 -66.31 -62.29
CA PRO DA 2 -37.39 -66.29 -62.82
C PRO DA 2 -38.08 -64.93 -62.65
N PRO DA 3 -37.99 -64.07 -63.67
CA PRO DA 3 -38.62 -62.76 -63.54
C PRO DA 3 -40.09 -62.85 -63.18
N VAL DA 4 -40.58 -61.81 -62.53
CA VAL DA 4 -41.98 -61.71 -62.11
C VAL DA 4 -42.58 -60.48 -62.78
N GLN DA 5 -43.57 -60.72 -63.64
CA GLN DA 5 -44.17 -59.64 -64.41
C GLN DA 5 -44.63 -58.49 -63.51
N VAL DA 6 -44.43 -57.27 -63.99
CA VAL DA 6 -44.80 -56.08 -63.24
C VAL DA 6 -46.31 -56.03 -63.06
N SER DA 7 -46.75 -55.72 -61.85
CA SER DA 7 -48.11 -55.25 -61.66
C SER DA 7 -48.26 -53.89 -62.34
N PRO DA 8 -49.25 -53.72 -63.22
CA PRO DA 8 -49.25 -52.52 -64.09
C PRO DA 8 -49.42 -51.22 -63.33
N LEU DA 9 -50.09 -51.25 -62.18
CA LEU DA 9 -50.21 -50.07 -61.34
C LEU DA 9 -48.90 -49.30 -61.26
N ILE DA 10 -47.80 -50.02 -61.01
CA ILE DA 10 -46.53 -49.36 -60.76
C ILE DA 10 -45.90 -48.89 -62.06
N LYS DA 11 -45.95 -49.73 -63.10
CA LYS DA 11 -45.45 -49.29 -64.39
C LYS DA 11 -46.10 -47.99 -64.82
N LEU DA 12 -47.37 -47.81 -64.45
CA LEU DA 12 -48.03 -46.53 -64.67
C LEU DA 12 -47.44 -45.46 -63.77
N GLY DA 13 -47.44 -45.71 -62.46
CA GLY DA 13 -47.03 -44.70 -61.51
C GLY DA 13 -45.64 -44.16 -61.72
N ARG DA 14 -44.77 -44.90 -62.41
CA ARG DA 14 -43.36 -44.53 -62.45
C ARG DA 14 -43.04 -43.40 -63.44
N TYR DA 15 -43.21 -43.67 -64.72
CA TYR DA 15 -42.69 -42.76 -65.74
C TYR DA 15 -43.42 -41.42 -65.71
N SER DA 16 -44.70 -41.44 -65.34
CA SER DA 16 -45.40 -40.18 -65.09
C SER DA 16 -44.58 -39.31 -64.16
N ALA DA 17 -44.38 -39.79 -62.93
CA ALA DA 17 -43.60 -39.05 -61.94
C ALA DA 17 -42.23 -38.66 -62.49
N LEU DA 18 -41.63 -39.54 -63.29
CA LEU DA 18 -40.35 -39.19 -63.91
C LEU DA 18 -40.45 -37.86 -64.64
N PHE DA 19 -41.36 -37.79 -65.60
CA PHE DA 19 -41.43 -36.59 -66.42
C PHE DA 19 -41.95 -35.40 -65.63
N LEU DA 20 -42.81 -35.64 -64.64
CA LEU DA 20 -43.14 -34.57 -63.69
C LEU DA 20 -41.88 -33.97 -63.12
N GLY DA 21 -40.95 -34.82 -62.67
CA GLY DA 21 -39.74 -34.31 -62.05
C GLY DA 21 -38.83 -33.61 -63.05
N VAL DA 22 -38.81 -34.10 -64.29
CA VAL DA 22 -38.02 -33.42 -65.31
C VAL DA 22 -38.53 -31.99 -65.49
N ALA DA 23 -39.85 -31.85 -65.63
CA ALA DA 23 -40.45 -30.53 -65.75
C ALA DA 23 -40.13 -29.68 -64.53
N TYR DA 24 -40.31 -30.26 -63.33
CA TYR DA 24 -40.00 -29.54 -62.10
C TYR DA 24 -38.57 -29.02 -62.11
N GLY DA 25 -37.63 -29.84 -62.58
CA GLY DA 25 -36.24 -29.43 -62.58
C GLY DA 25 -35.97 -28.28 -63.53
N ALA DA 26 -36.48 -28.39 -64.76
CA ALA DA 26 -36.30 -27.29 -65.70
C ALA DA 26 -36.91 -26.00 -65.14
N LYS DA 27 -38.11 -26.11 -64.55
CA LYS DA 27 -38.77 -24.94 -64.00
C LYS DA 27 -37.95 -24.32 -62.88
N ARG DA 28 -37.44 -25.15 -61.97
CA ARG DA 28 -36.61 -24.64 -60.89
C ARG DA 28 -35.39 -23.92 -61.42
N TYR DA 29 -34.71 -24.54 -62.38
CA TYR DA 29 -33.52 -23.92 -62.97
C TYR DA 29 -33.85 -22.52 -63.49
N ASN DA 30 -34.88 -22.42 -64.33
CA ASN DA 30 -35.25 -21.14 -64.91
C ASN DA 30 -35.62 -20.14 -63.83
N TYR DA 31 -36.55 -20.50 -62.96
CA TYR DA 31 -37.06 -19.62 -61.93
C TYR DA 31 -35.97 -19.15 -60.96
N LEU DA 32 -34.90 -19.94 -60.79
CA LEU DA 32 -33.94 -19.63 -59.75
C LEU DA 32 -32.71 -18.89 -60.27
N LYS DA 33 -32.27 -19.15 -61.49
CA LYS DA 33 -31.06 -18.50 -62.00
C LYS DA 33 -30.99 -17.00 -61.69
N PRO DA 34 -31.99 -16.18 -62.05
CA PRO DA 34 -31.80 -14.73 -61.96
C PRO DA 34 -31.62 -14.22 -60.54
N ARG DA 35 -32.39 -14.73 -59.60
CA ARG DA 35 -32.31 -14.24 -58.23
C ARG DA 35 -30.91 -14.43 -57.68
N ALA DA 36 -30.34 -15.61 -57.85
CA ALA DA 36 -28.99 -15.85 -57.36
C ALA DA 36 -27.98 -15.00 -58.11
N GLU DA 37 -28.13 -14.90 -59.44
CA GLU DA 37 -27.23 -14.03 -60.18
C GLU DA 37 -27.19 -12.63 -59.57
N GLU DA 38 -28.37 -12.06 -59.30
CA GLU DA 38 -28.41 -10.68 -58.85
C GLU DA 38 -27.92 -10.55 -57.41
N GLU DA 39 -28.31 -11.48 -56.54
CA GLU DA 39 -27.83 -11.41 -55.16
C GLU DA 39 -26.32 -11.47 -55.13
N ARG DA 40 -25.72 -12.33 -55.95
CA ARG DA 40 -24.26 -12.44 -55.94
C ARG DA 40 -23.61 -11.19 -56.54
N ARG DA 41 -24.19 -10.63 -57.61
CA ARG DA 41 -23.59 -9.44 -58.20
C ARG DA 41 -23.66 -8.26 -57.25
N ILE DA 42 -24.76 -8.14 -56.50
CA ILE DA 42 -24.88 -7.05 -55.54
C ILE DA 42 -23.97 -7.28 -54.36
N ALA DA 43 -23.77 -8.54 -53.97
CA ALA DA 43 -22.75 -8.85 -52.99
C ALA DA 43 -21.36 -8.50 -53.50
N ALA DA 44 -21.16 -8.56 -54.83
CA ALA DA 44 -19.88 -8.15 -55.40
C ALA DA 44 -19.70 -6.65 -55.30
N GLU DA 45 -20.77 -5.89 -55.56
CA GLU DA 45 -20.73 -4.47 -55.24
C GLU DA 45 -20.32 -4.25 -53.79
N GLU DA 46 -20.94 -5.02 -52.89
CA GLU DA 46 -20.65 -4.86 -51.46
C GLU DA 46 -19.18 -5.17 -51.15
N LYS DA 47 -18.63 -6.21 -51.76
CA LYS DA 47 -17.26 -6.59 -51.44
C LYS DA 47 -16.26 -5.61 -52.03
N LYS DA 48 -16.54 -5.07 -53.22
CA LYS DA 48 -15.71 -3.99 -53.73
C LYS DA 48 -15.75 -2.79 -52.80
N LYS DA 49 -16.93 -2.50 -52.24
CA LYS DA 49 -17.04 -1.38 -51.31
C LYS DA 49 -16.23 -1.64 -50.06
N GLN DA 50 -16.28 -2.87 -49.55
CA GLN DA 50 -15.47 -3.23 -48.38
C GLN DA 50 -13.98 -3.12 -48.70
N ASP DA 51 -13.59 -3.52 -49.92
CA ASP DA 51 -12.20 -3.40 -50.33
C ASP DA 51 -11.76 -1.94 -50.29
N GLU DA 52 -12.53 -1.05 -50.90
CA GLU DA 52 -12.16 0.36 -50.87
C GLU DA 52 -12.23 0.93 -49.46
N LEU DA 53 -13.12 0.40 -48.62
CA LEU DA 53 -13.17 0.80 -47.22
C LEU DA 53 -11.83 0.54 -46.55
N LYS DA 54 -11.40 -0.72 -46.54
CA LYS DA 54 -10.11 -1.04 -45.94
C LYS DA 54 -8.96 -0.36 -46.66
N ARG DA 55 -9.16 0.03 -47.92
CA ARG DA 55 -8.17 0.85 -48.61
C ARG DA 55 -8.04 2.21 -47.93
N ILE DA 56 -9.16 2.87 -47.65
CA ILE DA 56 -9.12 4.18 -47.01
C ILE DA 56 -9.13 4.10 -45.49
N GLU DA 57 -9.59 2.99 -44.91
CA GLU DA 57 -9.68 2.81 -43.46
C GLU DA 57 -8.82 1.63 -43.02
N ARG DA 58 -7.63 1.52 -43.58
CA ARG DA 58 -6.68 0.49 -43.17
C ARG DA 58 -6.19 0.73 -41.76
N PRO EA 5 -55.77 -66.85 -32.39
CA PRO EA 5 -55.73 -67.75 -31.24
C PRO EA 5 -54.79 -67.29 -30.13
N LEU EA 6 -54.23 -66.09 -30.26
CA LEU EA 6 -53.26 -65.59 -29.31
C LEU EA 6 -53.43 -64.08 -29.15
N LYS EA 7 -53.20 -63.61 -27.92
CA LYS EA 7 -53.29 -62.17 -27.65
C LYS EA 7 -52.04 -61.44 -28.11
N ASP EA 8 -50.88 -61.97 -27.76
CA ASP EA 8 -49.59 -61.37 -28.11
C ASP EA 8 -48.98 -62.11 -29.28
N ARG EA 9 -48.61 -61.37 -30.31
CA ARG EA 9 -48.01 -61.94 -31.51
C ARG EA 9 -46.89 -61.02 -31.99
N ARG EA 10 -46.10 -61.53 -32.92
CA ARG EA 10 -45.05 -60.70 -33.51
C ARG EA 10 -45.68 -59.48 -34.15
N LEU EA 11 -45.14 -58.31 -33.83
CA LEU EA 11 -45.73 -57.05 -34.27
C LEU EA 11 -46.02 -57.05 -35.77
N LEU EA 12 -45.36 -57.92 -36.54
CA LEU EA 12 -45.70 -58.08 -37.94
C LEU EA 12 -46.98 -58.90 -38.11
N GLU EA 13 -47.19 -59.89 -37.25
CA GLU EA 13 -48.41 -60.70 -37.30
C GLU EA 13 -49.65 -59.84 -37.06
N VAL EA 14 -49.59 -59.00 -36.03
CA VAL EA 14 -50.75 -58.22 -35.64
C VAL EA 14 -51.18 -57.30 -36.78
N LYS EA 15 -52.46 -56.94 -36.79
CA LYS EA 15 -53.02 -56.09 -37.83
C LYS EA 15 -53.01 -54.63 -37.39
N LEU EA 16 -53.45 -53.78 -38.31
CA LEU EA 16 -53.51 -52.36 -38.03
C LEU EA 16 -54.68 -52.01 -37.13
N GLY EA 17 -55.82 -52.67 -37.34
CA GLY EA 17 -56.98 -52.41 -36.49
C GLY EA 17 -56.69 -52.73 -35.04
N GLU EA 18 -56.17 -53.92 -34.78
CA GLU EA 18 -55.74 -54.32 -33.45
C GLU EA 18 -54.36 -53.80 -33.09
N LEU EA 19 -53.79 -52.93 -33.92
CA LEU EA 19 -52.49 -52.32 -33.64
C LEU EA 19 -52.43 -51.86 -32.19
N PRO EA 20 -53.37 -51.02 -31.76
CA PRO EA 20 -53.32 -50.56 -30.36
C PRO EA 20 -53.51 -51.69 -29.38
N SER EA 21 -54.23 -52.74 -29.77
CA SER EA 21 -54.34 -53.91 -28.90
C SER EA 21 -52.96 -54.46 -28.59
N TRP EA 22 -52.10 -54.56 -29.60
CA TRP EA 22 -50.73 -54.99 -29.37
C TRP EA 22 -49.96 -53.96 -28.55
N ILE EA 23 -50.18 -52.68 -28.84
CA ILE EA 23 -49.45 -51.63 -28.14
C ILE EA 23 -49.80 -51.64 -26.66
N LEU EA 24 -50.96 -52.15 -26.30
CA LEU EA 24 -51.43 -52.11 -24.92
C LEU EA 24 -51.32 -53.45 -24.21
N MET EA 25 -51.20 -54.56 -24.95
CA MET EA 25 -50.96 -55.85 -24.35
C MET EA 25 -49.51 -55.99 -23.87
N ARG EA 26 -48.60 -55.25 -24.47
CA ARG EA 26 -47.18 -55.33 -24.18
C ARG EA 26 -46.81 -54.38 -23.05
N ASP EA 27 -45.68 -54.66 -22.40
CA ASP EA 27 -45.23 -53.90 -21.25
C ASP EA 27 -44.20 -52.85 -21.66
N PHE EA 28 -43.82 -51.99 -20.70
CA PHE EA 28 -42.95 -50.87 -21.00
C PHE EA 28 -41.91 -50.58 -19.91
N THR EA 29 -41.85 -51.36 -18.84
CA THR EA 29 -40.97 -51.02 -17.74
C THR EA 29 -39.50 -51.27 -18.12
N PRO EA 30 -38.58 -50.44 -17.63
CA PRO EA 30 -37.16 -50.59 -18.01
C PRO EA 30 -36.64 -52.01 -17.97
N SER EA 31 -37.10 -52.83 -17.02
CA SER EA 31 -36.78 -54.24 -17.07
C SER EA 31 -37.21 -54.84 -18.40
N GLY EA 32 -38.40 -54.48 -18.87
CA GLY EA 32 -38.86 -54.86 -20.19
C GLY EA 32 -38.22 -54.12 -21.33
N ILE EA 33 -37.25 -53.26 -21.03
CA ILE EA 33 -36.40 -52.63 -22.04
C ILE EA 33 -35.09 -53.39 -22.19
N ALA EA 34 -34.48 -53.74 -21.05
CA ALA EA 34 -33.34 -54.63 -21.08
C ALA EA 34 -33.73 -55.98 -21.67
N GLY EA 35 -34.91 -56.48 -21.32
CA GLY EA 35 -35.40 -57.74 -21.84
C GLY EA 35 -35.84 -57.64 -23.29
N ALA EA 36 -35.51 -56.53 -23.94
CA ALA EA 36 -35.67 -56.36 -25.38
C ALA EA 36 -34.33 -56.16 -26.07
N PHE EA 37 -33.52 -55.25 -25.55
CA PHE EA 37 -32.17 -55.09 -26.07
C PHE EA 37 -31.43 -56.42 -26.05
N GLN EA 38 -31.62 -57.21 -24.99
CA GLN EA 38 -31.00 -58.52 -24.93
C GLN EA 38 -31.49 -59.41 -26.07
N ARG EA 39 -32.80 -59.42 -26.33
CA ARG EA 39 -33.33 -60.27 -27.38
C ARG EA 39 -32.75 -59.87 -28.73
N GLY EA 40 -32.61 -58.57 -28.97
CA GLY EA 40 -32.03 -58.12 -30.23
C GLY EA 40 -30.60 -58.58 -30.38
N TYR EA 41 -29.78 -58.28 -29.37
CA TYR EA 41 -28.38 -58.70 -29.40
C TYR EA 41 -28.28 -60.19 -29.64
N TYR EA 42 -29.11 -60.98 -28.97
CA TYR EA 42 -28.98 -62.42 -29.05
C TYR EA 42 -29.49 -62.98 -30.37
N ARG EA 43 -30.53 -62.39 -30.95
CA ARG EA 43 -30.90 -62.78 -32.30
C ARG EA 43 -29.72 -62.58 -33.24
N TYR EA 44 -29.17 -61.36 -33.27
CA TYR EA 44 -28.02 -61.09 -34.12
C TYR EA 44 -26.91 -62.10 -33.87
N TYR EA 45 -26.54 -62.28 -32.61
CA TYR EA 45 -25.45 -63.14 -32.20
C TYR EA 45 -25.66 -64.56 -32.68
N ASN EA 46 -26.75 -65.19 -32.25
CA ASN EA 46 -27.00 -66.58 -32.58
C ASN EA 46 -27.37 -66.79 -34.05
N LYS EA 47 -27.53 -65.73 -34.84
CA LYS EA 47 -27.88 -65.92 -36.23
C LYS EA 47 -26.75 -65.61 -37.20
N TYR EA 48 -25.84 -64.71 -36.84
CA TYR EA 48 -24.79 -64.27 -37.76
C TYR EA 48 -23.39 -64.45 -37.20
N VAL EA 49 -23.25 -64.87 -35.95
CA VAL EA 49 -21.95 -64.91 -35.28
C VAL EA 49 -21.65 -66.30 -34.73
N ASN EA 50 -22.54 -66.82 -33.90
CA ASN EA 50 -22.28 -68.09 -33.25
C ASN EA 50 -22.49 -69.24 -34.24
N VAL EA 51 -21.74 -69.22 -35.33
CA VAL EA 51 -21.78 -70.29 -36.33
C VAL EA 51 -20.35 -70.62 -36.74
N LYS EA 52 -20.13 -71.89 -37.08
CA LYS EA 52 -18.78 -72.41 -37.22
C LYS EA 52 -18.00 -71.82 -38.38
N LYS EA 53 -18.61 -70.99 -39.21
CA LYS EA 53 -17.88 -70.37 -40.30
C LYS EA 53 -18.31 -68.91 -40.45
N GLY EA 54 -18.51 -68.26 -39.31
CA GLY EA 54 -18.77 -66.83 -39.29
C GLY EA 54 -17.90 -66.06 -40.25
N SER EA 55 -18.48 -65.05 -40.90
CA SER EA 55 -17.81 -64.28 -41.93
C SER EA 55 -17.73 -62.82 -41.52
N VAL EA 56 -17.27 -62.01 -42.47
CA VAL EA 56 -17.20 -60.57 -42.27
C VAL EA 56 -18.58 -60.02 -41.93
N ALA EA 57 -19.59 -60.37 -42.73
CA ALA EA 57 -20.92 -59.84 -42.51
C ALA EA 57 -21.41 -60.16 -41.12
N GLY EA 58 -20.85 -61.18 -40.48
CA GLY EA 58 -21.13 -61.42 -39.08
C GLY EA 58 -20.65 -60.32 -38.17
N LEU EA 59 -19.83 -59.41 -38.68
CA LEU EA 59 -19.31 -58.30 -37.89
C LEU EA 59 -19.51 -56.95 -38.55
N SER EA 60 -19.34 -56.86 -39.88
CA SER EA 60 -19.29 -55.57 -40.55
C SER EA 60 -20.53 -54.74 -40.28
N MET EA 61 -21.64 -55.38 -39.95
CA MET EA 61 -22.89 -54.67 -39.79
C MET EA 61 -22.83 -53.70 -38.61
N VAL EA 62 -22.35 -54.18 -37.47
CA VAL EA 62 -22.33 -53.34 -36.28
C VAL EA 62 -21.36 -52.18 -36.50
N LEU EA 63 -20.27 -52.41 -37.22
CA LEU EA 63 -19.34 -51.34 -37.53
C LEU EA 63 -20.00 -50.27 -38.38
N ALA EA 64 -20.59 -50.67 -39.51
CA ALA EA 64 -21.21 -49.71 -40.40
C ALA EA 64 -22.48 -49.13 -39.80
N ALA EA 65 -22.95 -49.66 -38.69
CA ALA EA 65 -24.02 -49.07 -37.91
C ALA EA 65 -23.52 -47.97 -36.99
N TYR EA 66 -22.56 -48.30 -36.13
CA TYR EA 66 -21.86 -47.29 -35.34
C TYR EA 66 -21.43 -46.11 -36.19
N VAL EA 67 -20.97 -46.37 -37.41
CA VAL EA 67 -20.66 -45.29 -38.33
C VAL EA 67 -21.82 -44.33 -38.47
N VAL EA 68 -22.99 -44.85 -38.87
CA VAL EA 68 -24.12 -43.98 -39.14
C VAL EA 68 -24.58 -43.29 -37.85
N PHE EA 69 -24.50 -44.00 -36.73
CA PHE EA 69 -24.77 -43.38 -35.44
C PHE EA 69 -23.95 -42.11 -35.29
N ASN EA 70 -22.63 -42.26 -35.32
CA ASN EA 70 -21.75 -41.11 -35.12
C ASN EA 70 -21.80 -40.13 -36.26
N TYR EA 71 -22.44 -40.48 -37.37
CA TYR EA 71 -22.68 -39.47 -38.39
C TYR EA 71 -23.88 -38.62 -38.03
N CYS EA 72 -24.98 -39.26 -37.62
CA CYS EA 72 -26.16 -38.53 -37.18
C CYS EA 72 -25.80 -37.60 -36.03
N ARG EA 73 -25.04 -38.11 -35.06
CA ARG EA 73 -24.58 -37.27 -33.96
C ARG EA 73 -24.01 -35.94 -34.44
N SER EA 74 -23.45 -35.91 -35.63
CA SER EA 74 -22.63 -34.80 -36.10
C SER EA 74 -23.32 -33.91 -37.12
N TYR EA 75 -24.58 -34.19 -37.45
CA TYR EA 75 -25.21 -33.49 -38.57
C TYR EA 75 -25.19 -31.98 -38.37
N LYS EA 76 -25.43 -31.52 -37.13
CA LYS EA 76 -25.54 -30.09 -36.88
C LYS EA 76 -24.33 -29.34 -37.41
N GLU EA 77 -23.15 -29.76 -37.01
CA GLU EA 77 -21.93 -29.02 -37.33
C GLU EA 77 -21.53 -29.13 -38.79
N LEU EA 78 -22.36 -29.74 -39.63
CA LEU EA 78 -22.03 -29.96 -41.02
C LEU EA 78 -22.95 -29.21 -41.97
N LYS EA 79 -23.96 -28.51 -41.45
CA LYS EA 79 -24.80 -27.66 -42.29
C LYS EA 79 -24.15 -26.32 -42.61
N HIS EA 80 -22.88 -26.14 -42.25
CA HIS EA 80 -22.21 -24.85 -42.40
C HIS EA 80 -21.26 -24.81 -43.58
N GLU EA 81 -21.16 -25.90 -44.36
CA GLU EA 81 -20.24 -25.92 -45.48
C GLU EA 81 -20.83 -26.59 -46.72
N ARG EA 82 -22.14 -26.82 -46.76
CA ARG EA 82 -22.76 -27.34 -47.97
C ARG EA 82 -22.30 -26.52 -49.16
N LEU EA 83 -21.76 -27.21 -50.17
CA LEU EA 83 -21.14 -26.50 -51.27
C LEU EA 83 -22.15 -25.66 -52.03
N ARG EA 84 -23.41 -26.08 -52.05
CA ARG EA 84 -24.46 -25.34 -52.73
C ARG EA 84 -25.51 -24.90 -51.73
N LYS EA 85 -26.03 -23.68 -51.93
CA LYS EA 85 -26.93 -23.10 -50.93
C LYS EA 85 -28.34 -23.64 -51.07
N TYR EA 86 -28.94 -23.49 -52.25
CA TYR EA 86 -30.33 -23.91 -52.48
C TYR EA 86 -30.32 -25.36 -52.93
N HIS EA 87 -30.63 -26.26 -52.00
CA HIS EA 87 -30.67 -27.68 -52.29
C HIS EA 87 -32.11 -28.17 -52.36
N THR FA 20 -12.42 -56.83 -68.68
CA THR FA 20 -13.17 -56.80 -67.43
C THR FA 20 -14.46 -57.59 -67.56
N TYR FA 21 -15.17 -57.76 -66.44
CA TYR FA 21 -16.41 -58.53 -66.41
C TYR FA 21 -17.65 -57.66 -66.58
N SER FA 22 -17.53 -56.53 -67.28
CA SER FA 22 -18.70 -55.69 -67.52
C SER FA 22 -19.70 -56.39 -68.43
N LYS FA 23 -19.23 -57.04 -69.48
CA LYS FA 23 -20.14 -57.66 -70.45
C LYS FA 23 -21.06 -58.68 -69.81
N PRO FA 24 -20.57 -59.68 -69.05
CA PRO FA 24 -21.45 -60.73 -68.55
C PRO FA 24 -22.60 -60.20 -67.72
N ARG FA 25 -22.28 -59.46 -66.66
CA ARG FA 25 -23.33 -58.99 -65.77
C ARG FA 25 -24.16 -57.90 -66.42
N LEU FA 26 -23.58 -57.12 -67.34
CA LEU FA 26 -24.40 -56.13 -68.05
C LEU FA 26 -25.44 -56.81 -68.91
N ALA FA 27 -25.08 -57.91 -69.57
CA ALA FA 27 -26.07 -58.65 -70.33
C ALA FA 27 -27.07 -59.34 -69.40
N THR FA 28 -26.60 -59.87 -68.28
CA THR FA 28 -27.51 -60.44 -67.29
C THR FA 28 -28.53 -59.41 -66.85
N PHE FA 29 -28.13 -58.15 -66.79
CA PHE FA 29 -29.03 -57.09 -66.37
C PHE FA 29 -29.96 -56.68 -67.50
N TRP FA 30 -29.45 -56.61 -68.73
CA TRP FA 30 -30.32 -56.35 -69.87
C TRP FA 30 -31.42 -57.40 -69.96
N HIS FA 31 -31.09 -58.65 -69.65
CA HIS FA 31 -32.08 -59.72 -69.63
C HIS FA 31 -33.32 -59.30 -68.86
N TYR FA 32 -33.15 -58.89 -67.61
CA TYR FA 32 -34.27 -58.44 -66.79
C TYR FA 32 -34.73 -57.03 -67.14
N ALA FA 33 -33.88 -56.25 -67.81
CA ALA FA 33 -34.22 -54.86 -68.09
C ALA FA 33 -35.26 -54.75 -69.18
N LYS FA 34 -35.03 -55.43 -70.30
CA LYS FA 34 -35.99 -55.36 -71.40
C LYS FA 34 -37.35 -55.97 -71.04
N VAL FA 35 -37.50 -56.49 -69.82
CA VAL FA 35 -38.79 -57.02 -69.38
C VAL FA 35 -39.28 -56.36 -68.10
N GLU FA 36 -38.47 -55.56 -67.42
CA GLU FA 36 -38.87 -54.89 -66.20
C GLU FA 36 -38.68 -53.38 -66.22
N LEU FA 37 -37.73 -52.86 -66.99
CA LEU FA 37 -37.57 -51.42 -67.20
C LEU FA 37 -38.47 -50.92 -68.32
N VAL FA 38 -39.51 -51.68 -68.66
CA VAL FA 38 -40.32 -51.40 -69.85
C VAL FA 38 -41.40 -50.38 -69.50
N PRO FA 39 -41.64 -49.38 -70.36
CA PRO FA 39 -42.76 -48.47 -70.12
C PRO FA 39 -44.08 -49.22 -70.13
N PRO FA 40 -45.13 -48.63 -69.60
CA PRO FA 40 -46.44 -49.29 -69.62
C PRO FA 40 -47.11 -49.18 -70.97
N THR FA 41 -47.97 -50.14 -71.26
CA THR FA 41 -48.66 -50.18 -72.54
C THR FA 41 -50.01 -49.49 -72.45
N PRO FA 42 -50.50 -48.91 -73.56
CA PRO FA 42 -51.85 -48.32 -73.54
C PRO FA 42 -52.98 -49.34 -73.40
N ALA FA 43 -52.66 -50.62 -73.25
CA ALA FA 43 -53.67 -51.66 -73.19
C ALA FA 43 -54.06 -52.02 -71.76
N GLU FA 44 -53.11 -52.02 -70.84
CA GLU FA 44 -53.35 -52.38 -69.45
C GLU FA 44 -53.73 -51.18 -68.59
N ILE FA 45 -53.63 -49.98 -69.14
CA ILE FA 45 -54.09 -48.77 -68.46
C ILE FA 45 -55.45 -49.02 -67.82
N PRO FA 46 -56.39 -49.65 -68.51
CA PRO FA 46 -57.66 -50.00 -67.84
C PRO FA 46 -57.46 -50.82 -66.57
N THR FA 47 -56.65 -51.88 -66.64
CA THR FA 47 -56.42 -52.70 -65.45
C THR FA 47 -55.90 -51.86 -64.31
N ALA FA 48 -54.97 -50.94 -64.60
CA ALA FA 48 -54.34 -50.17 -63.54
C ALA FA 48 -55.32 -49.17 -62.94
N ILE FA 49 -56.06 -48.45 -63.79
CA ILE FA 49 -57.03 -47.50 -63.27
C ILE FA 49 -58.10 -48.22 -62.46
N GLN FA 50 -58.49 -49.42 -62.88
CA GLN FA 50 -59.50 -50.15 -62.13
C GLN FA 50 -58.97 -50.62 -60.79
N SER FA 51 -57.72 -51.09 -60.77
CA SER FA 51 -57.10 -51.44 -59.50
C SER FA 51 -57.00 -50.23 -58.58
N LEU FA 52 -56.72 -49.06 -59.15
CA LEU FA 52 -56.67 -47.83 -58.36
C LEU FA 52 -58.03 -47.54 -57.75
N LYS FA 53 -59.09 -47.66 -58.55
CA LYS FA 53 -60.42 -47.41 -58.04
C LYS FA 53 -60.80 -48.43 -56.97
N LYS FA 54 -60.34 -49.67 -57.11
CA LYS FA 54 -60.60 -50.67 -56.09
C LYS FA 54 -59.86 -50.34 -54.80
N ILE FA 55 -58.65 -49.79 -54.91
CA ILE FA 55 -57.94 -49.29 -53.75
C ILE FA 55 -58.76 -48.19 -53.08
N VAL FA 56 -59.28 -47.27 -53.89
CA VAL FA 56 -60.10 -46.19 -53.34
C VAL FA 56 -61.32 -46.76 -52.62
N ASN FA 57 -61.88 -47.85 -53.16
CA ASN FA 57 -63.02 -48.49 -52.52
C ASN FA 57 -62.62 -49.07 -51.17
N SER FA 58 -61.57 -49.89 -51.16
CA SER FA 58 -61.06 -50.42 -49.89
C SER FA 58 -60.74 -49.33 -48.89
N ALA FA 59 -60.40 -48.13 -49.38
CA ALA FA 59 -60.03 -47.04 -48.49
C ALA FA 59 -61.26 -46.35 -47.90
N GLN FA 60 -62.18 -45.92 -48.76
CA GLN FA 60 -63.27 -45.05 -48.34
C GLN FA 60 -64.07 -45.67 -47.20
N THR FA 61 -64.38 -46.95 -47.31
CA THR FA 61 -65.23 -47.59 -46.30
C THR FA 61 -64.46 -47.93 -45.03
N GLY FA 62 -63.14 -48.01 -45.10
CA GLY FA 62 -62.36 -48.41 -43.94
C GLY FA 62 -62.31 -49.92 -43.79
N SER FA 63 -62.04 -50.62 -44.89
CA SER FA 63 -61.92 -52.07 -44.88
C SER FA 63 -60.48 -52.54 -44.99
N PHE FA 64 -59.61 -51.77 -45.66
CA PHE FA 64 -58.20 -52.10 -45.71
C PHE FA 64 -57.53 -52.11 -44.34
N LYS FA 65 -58.18 -51.55 -43.33
CA LYS FA 65 -57.70 -51.50 -41.96
C LYS FA 65 -57.69 -52.86 -41.29
N GLN FA 66 -57.99 -53.93 -42.02
CA GLN FA 66 -57.88 -55.29 -41.51
C GLN FA 66 -56.60 -55.96 -41.98
N LEU FA 67 -55.73 -55.23 -42.68
CA LEU FA 67 -54.50 -55.81 -43.20
C LEU FA 67 -53.52 -56.13 -42.08
N THR FA 68 -52.52 -56.94 -42.42
CA THR FA 68 -51.36 -57.17 -41.57
C THR FA 68 -50.29 -56.16 -41.93
N VAL FA 69 -49.28 -56.06 -41.07
CA VAL FA 69 -48.30 -55.00 -41.21
C VAL FA 69 -47.43 -55.24 -42.44
N LYS FA 70 -46.76 -56.39 -42.49
CA LYS FA 70 -45.78 -56.66 -43.54
C LYS FA 70 -46.28 -56.18 -44.90
N GLU FA 71 -47.56 -56.40 -45.18
CA GLU FA 71 -48.10 -56.02 -46.47
C GLU FA 71 -48.05 -54.51 -46.65
N ALA FA 72 -48.46 -53.77 -45.62
CA ALA FA 72 -48.45 -52.31 -45.73
C ALA FA 72 -47.03 -51.77 -45.77
N LEU FA 73 -46.13 -52.39 -45.01
CA LEU FA 73 -44.72 -52.03 -45.10
C LEU FA 73 -44.25 -52.16 -46.55
N LEU FA 74 -44.46 -53.32 -47.14
CA LEU FA 74 -44.07 -53.55 -48.53
C LEU FA 74 -44.65 -52.47 -49.44
N ASN FA 75 -45.95 -52.23 -49.32
CA ASN FA 75 -46.61 -51.25 -50.17
C ASN FA 75 -45.94 -49.89 -50.04
N GLY FA 76 -45.64 -49.47 -48.81
CA GLY FA 76 -45.07 -48.15 -48.62
C GLY FA 76 -43.66 -48.06 -49.14
N LEU FA 77 -42.90 -49.15 -49.00
CA LEU FA 77 -41.53 -49.14 -49.49
C LEU FA 77 -41.51 -49.02 -51.00
N VAL FA 78 -42.39 -49.75 -51.69
CA VAL FA 78 -42.42 -49.62 -53.13
C VAL FA 78 -42.98 -48.26 -53.54
N ALA FA 79 -43.84 -47.68 -52.70
CA ALA FA 79 -44.31 -46.33 -52.96
C ALA FA 79 -43.14 -45.36 -52.96
N THR FA 80 -42.31 -45.43 -51.93
CA THR FA 80 -41.13 -44.58 -51.86
C THR FA 80 -40.18 -44.88 -53.01
N GLU FA 81 -40.10 -46.15 -53.43
CA GLU FA 81 -39.36 -46.49 -54.63
C GLU FA 81 -39.83 -45.65 -55.80
N VAL FA 82 -41.11 -45.76 -56.15
CA VAL FA 82 -41.67 -44.93 -57.21
C VAL FA 82 -41.31 -43.47 -56.98
N LEU FA 83 -41.30 -43.06 -55.71
CA LEU FA 83 -41.12 -41.64 -55.41
C LEU FA 83 -39.74 -41.15 -55.79
N MET FA 84 -38.70 -41.94 -55.49
CA MET FA 84 -37.33 -41.48 -55.73
C MET FA 84 -37.14 -41.01 -57.16
N TRP FA 85 -37.92 -41.55 -58.10
CA TRP FA 85 -37.73 -41.16 -59.49
C TRP FA 85 -38.07 -39.69 -59.70
N PHE FA 86 -38.88 -39.10 -58.82
CA PHE FA 86 -39.18 -37.68 -58.92
C PHE FA 86 -37.90 -36.86 -58.73
N TYR FA 87 -37.18 -37.13 -57.64
CA TYR FA 87 -35.88 -36.49 -57.46
C TYR FA 87 -34.94 -36.85 -58.59
N VAL FA 88 -35.07 -38.06 -59.15
CA VAL FA 88 -34.25 -38.44 -60.30
C VAL FA 88 -34.48 -37.47 -61.45
N GLY FA 89 -35.74 -37.17 -61.73
CA GLY FA 89 -36.04 -36.20 -62.76
C GLY FA 89 -35.44 -34.85 -62.43
N GLU FA 90 -35.54 -34.44 -61.17
CA GLU FA 90 -34.86 -33.21 -60.77
C GLU FA 90 -33.38 -33.27 -61.12
N ILE FA 91 -32.76 -34.43 -60.89
CA ILE FA 91 -31.35 -34.60 -61.26
C ILE FA 91 -31.16 -34.28 -62.72
N ILE FA 92 -31.99 -34.89 -63.56
CA ILE FA 92 -31.96 -34.56 -64.98
C ILE FA 92 -32.08 -33.05 -65.17
N ALA FA 93 -32.78 -32.39 -64.26
CA ALA FA 93 -32.90 -30.94 -64.29
C ALA FA 93 -31.73 -30.27 -63.63
N LEU GA 2 -30.46 -54.79 -7.42
CA LEU GA 2 -29.02 -54.76 -7.59
C LEU GA 2 -28.38 -56.10 -7.29
N GLN GA 3 -29.19 -57.07 -6.87
CA GLN GA 3 -28.65 -58.34 -6.42
C GLN GA 3 -27.94 -59.07 -7.55
N SER GA 4 -28.55 -59.09 -8.74
CA SER GA 4 -27.85 -59.63 -9.91
C SER GA 4 -26.55 -58.88 -10.16
N LEU GA 5 -26.57 -57.56 -9.97
CA LEU GA 5 -25.37 -56.76 -10.20
C LEU GA 5 -24.25 -57.20 -9.28
N ILE GA 6 -24.53 -57.27 -7.97
CA ILE GA 6 -23.49 -57.67 -7.03
C ILE GA 6 -23.05 -59.11 -7.28
N LYS GA 7 -23.98 -59.98 -7.64
CA LYS GA 7 -23.61 -61.37 -7.88
C LYS GA 7 -22.93 -61.58 -9.21
N ASN GA 8 -22.86 -60.53 -10.04
CA ASN GA 8 -22.05 -60.58 -11.24
C ASN GA 8 -20.71 -59.87 -11.10
N VAL GA 9 -20.59 -58.89 -10.21
CA VAL GA 9 -19.39 -58.07 -10.16
C VAL GA 9 -18.79 -57.99 -8.76
N TRP GA 10 -19.13 -58.92 -7.87
CA TRP GA 10 -18.49 -58.97 -6.56
C TRP GA 10 -18.12 -60.36 -6.11
N ILE GA 11 -18.58 -61.41 -6.77
CA ILE GA 11 -18.13 -62.77 -6.49
C ILE GA 11 -16.71 -62.89 -7.03
N PRO GA 12 -16.48 -62.63 -8.32
CA PRO GA 12 -15.15 -62.84 -8.88
C PRO GA 12 -14.15 -61.77 -8.50
N LEU GA 13 -14.58 -60.52 -8.52
CA LEU GA 13 -13.67 -59.38 -8.44
C LEU GA 13 -13.34 -58.99 -7.01
N LYS GA 14 -13.65 -59.84 -6.04
CA LYS GA 14 -13.37 -59.49 -4.65
C LYS GA 14 -11.90 -59.62 -4.34
N PRO GA 15 -11.27 -60.79 -4.52
CA PRO GA 15 -9.86 -60.94 -4.13
C PRO GA 15 -8.92 -59.93 -4.76
N TYR GA 16 -9.36 -59.17 -5.76
CA TYR GA 16 -8.52 -58.20 -6.43
C TYR GA 16 -8.56 -56.85 -5.73
N TYR GA 17 -9.75 -56.36 -5.44
CA TYR GA 17 -9.88 -55.03 -4.85
C TYR GA 17 -9.34 -54.99 -3.44
N THR GA 18 -9.33 -56.12 -2.75
CA THR GA 18 -8.89 -56.19 -1.36
C THR GA 18 -7.41 -56.48 -1.21
N GLN GA 19 -6.93 -57.55 -1.86
CA GLN GA 19 -5.57 -58.02 -1.66
C GLN GA 19 -4.57 -57.26 -2.51
N VAL GA 20 -4.88 -57.05 -3.78
CA VAL GA 20 -3.92 -56.47 -4.71
C VAL GA 20 -4.09 -54.97 -4.81
N TYR GA 21 -5.29 -54.52 -5.19
CA TYR GA 21 -5.51 -53.16 -5.64
C TYR GA 21 -5.61 -52.17 -4.48
N GLN GA 22 -5.17 -52.55 -3.28
CA GLN GA 22 -5.16 -51.59 -2.18
C GLN GA 22 -4.42 -50.33 -2.55
N GLU GA 23 -3.42 -50.46 -3.42
CA GLU GA 23 -2.46 -49.39 -3.66
C GLU GA 23 -2.83 -48.51 -4.84
N ILE GA 24 -3.79 -48.91 -5.65
CA ILE GA 24 -4.23 -48.07 -6.76
C ILE GA 24 -5.34 -47.11 -6.34
N TRP GA 25 -6.18 -47.50 -5.39
CA TRP GA 25 -7.24 -46.61 -4.94
C TRP GA 25 -6.66 -45.34 -4.33
N VAL GA 26 -5.59 -45.50 -3.55
CA VAL GA 26 -4.88 -44.32 -3.05
C VAL GA 26 -4.49 -43.41 -4.20
N GLY GA 27 -3.96 -43.99 -5.27
CA GLY GA 27 -3.57 -43.20 -6.41
C GLY GA 27 -4.74 -42.49 -7.04
N MET GA 28 -5.89 -43.16 -7.06
CA MET GA 28 -7.07 -42.53 -7.64
C MET GA 28 -7.55 -41.38 -6.76
N GLY GA 29 -7.36 -41.50 -5.45
CA GLY GA 29 -7.67 -40.38 -4.58
C GLY GA 29 -6.77 -39.20 -4.87
N LEU GA 30 -5.50 -39.48 -5.12
CA LEU GA 30 -4.57 -38.42 -5.51
C LEU GA 30 -5.01 -37.78 -6.82
N MET GA 31 -5.43 -38.61 -7.76
CA MET GA 31 -5.95 -38.12 -9.04
C MET GA 31 -7.13 -37.18 -8.81
N GLY GA 32 -8.02 -37.55 -7.90
CA GLY GA 32 -9.15 -36.68 -7.59
C GLY GA 32 -8.69 -35.37 -6.98
N PHE GA 33 -7.75 -35.44 -6.05
CA PHE GA 33 -7.13 -34.24 -5.52
C PHE GA 33 -6.70 -33.31 -6.63
N ILE GA 34 -5.90 -33.82 -7.57
CA ILE GA 34 -5.31 -32.96 -8.59
C ILE GA 34 -6.37 -32.38 -9.51
N VAL GA 35 -7.31 -33.22 -9.96
CA VAL GA 35 -8.35 -32.71 -10.86
C VAL GA 35 -9.16 -31.63 -10.18
N TYR GA 36 -9.47 -31.82 -8.89
CA TYR GA 36 -10.14 -30.78 -8.13
C TYR GA 36 -9.35 -29.50 -8.17
N LYS GA 37 -8.06 -29.59 -7.85
CA LYS GA 37 -7.21 -28.40 -7.81
C LYS GA 37 -7.28 -27.66 -9.14
N ILE GA 38 -7.17 -28.39 -10.25
CA ILE GA 38 -7.02 -27.72 -11.54
C ILE GA 38 -8.34 -27.13 -12.00
N ARG GA 39 -9.43 -27.86 -11.82
CA ARG GA 39 -10.73 -27.32 -12.18
C ARG GA 39 -11.02 -26.08 -11.35
N SER GA 40 -10.64 -26.09 -10.07
CA SER GA 40 -10.82 -24.92 -9.23
C SER GA 40 -10.00 -23.75 -9.74
N ALA GA 41 -8.76 -24.01 -10.15
CA ALA GA 41 -7.91 -22.94 -10.64
C ALA GA 41 -8.50 -22.29 -11.88
N ASP GA 42 -8.93 -23.09 -12.86
CA ASP GA 42 -9.46 -22.50 -14.07
C ASP GA 42 -10.80 -21.81 -13.82
N LYS GA 43 -11.64 -22.41 -12.96
CA LYS GA 43 -12.88 -21.76 -12.58
C LYS GA 43 -12.59 -20.39 -11.97
N ARG GA 44 -11.55 -20.31 -11.13
CA ARG GA 44 -11.16 -19.03 -10.56
C ARG GA 44 -10.75 -18.06 -11.65
N SER GA 45 -9.85 -18.49 -12.54
CA SER GA 45 -9.28 -17.57 -13.51
C SER GA 45 -10.32 -17.04 -14.48
N LYS GA 46 -11.31 -17.87 -14.83
CA LYS GA 46 -12.36 -17.40 -15.72
C LYS GA 46 -13.45 -16.62 -14.99
N ALA GA 47 -13.70 -16.94 -13.72
CA ALA GA 47 -14.55 -16.06 -12.92
C ALA GA 47 -14.02 -14.65 -12.91
N LEU GA 48 -12.70 -14.49 -13.00
CA LEU GA 48 -12.11 -13.16 -13.10
C LEU GA 48 -12.57 -12.45 -14.36
N LYS GA 49 -12.29 -13.03 -15.52
CA LYS GA 49 -12.59 -12.40 -16.79
C LYS GA 49 -14.10 -12.32 -17.04
N GLY HA 13 35.98 -46.99 8.37
CA GLY HA 13 36.11 -45.58 8.06
C GLY HA 13 34.81 -44.95 7.59
N ILE HA 14 34.90 -43.77 7.00
CA ILE HA 14 33.72 -43.08 6.52
C ILE HA 14 33.38 -43.51 5.09
N LYS HA 15 34.38 -43.77 4.26
CA LYS HA 15 34.11 -44.39 2.97
C LYS HA 15 33.64 -45.83 3.10
N LYS HA 16 33.53 -46.32 4.34
CA LYS HA 16 32.84 -47.57 4.64
C LYS HA 16 31.60 -47.31 5.49
N TYR HA 17 31.42 -46.08 5.96
CA TYR HA 17 30.20 -45.63 6.62
C TYR HA 17 29.30 -44.82 5.71
N PHE HA 18 29.83 -44.33 4.58
CA PHE HA 18 29.04 -43.69 3.54
C PHE HA 18 29.18 -44.48 2.25
N ASN HA 19 29.03 -45.80 2.34
CA ASN HA 19 29.26 -46.67 1.20
C ASN HA 19 28.47 -46.22 -0.01
N SER HA 20 29.01 -46.52 -1.19
CA SER HA 20 28.32 -46.27 -2.45
C SER HA 20 28.00 -47.55 -3.21
N TYR HA 21 28.40 -48.71 -2.70
CA TYR HA 21 28.28 -49.98 -3.41
C TYR HA 21 27.23 -50.90 -2.77
N THR HA 22 27.21 -50.99 -1.45
CA THR HA 22 26.22 -51.80 -0.77
C THR HA 22 24.90 -51.05 -0.71
N LEU HA 23 23.97 -51.55 0.10
CA LEU HA 23 22.67 -50.92 0.27
C LEU HA 23 22.70 -49.81 1.31
N THR HA 24 23.26 -50.10 2.49
CA THR HA 24 23.19 -49.17 3.61
C THR HA 24 23.79 -47.81 3.24
N GLY HA 25 25.08 -47.78 2.93
CA GLY HA 25 25.74 -46.52 2.71
C GLY HA 25 25.01 -45.66 1.69
N ARG HA 26 24.47 -46.29 0.64
CA ARG HA 26 23.72 -45.54 -0.35
C ARG HA 26 22.53 -44.85 0.29
N MET HA 27 21.80 -45.58 1.12
CA MET HA 27 20.64 -45.02 1.81
C MET HA 27 21.05 -43.87 2.71
N ASN HA 28 22.11 -44.06 3.49
CA ASN HA 28 22.55 -43.02 4.41
C ASN HA 28 22.94 -41.75 3.65
N CYS HA 29 23.61 -41.91 2.51
CA CYS HA 29 24.02 -40.73 1.74
C CYS HA 29 22.83 -40.00 1.14
N VAL HA 30 21.90 -40.74 0.51
CA VAL HA 30 20.73 -40.10 -0.06
C VAL HA 30 19.94 -39.38 1.04
N LEU HA 31 19.86 -39.97 2.22
CA LEU HA 31 19.14 -39.32 3.31
C LEU HA 31 19.87 -38.05 3.76
N ALA HA 32 21.20 -38.12 3.85
CA ALA HA 32 21.97 -36.94 4.20
C ALA HA 32 21.66 -35.81 3.25
N THR HA 33 21.61 -36.10 1.96
CA THR HA 33 21.40 -35.03 0.98
C THR HA 33 19.97 -34.53 0.97
N TYR HA 34 18.98 -35.40 1.17
CA TYR HA 34 17.61 -34.91 1.32
C TYR HA 34 17.49 -34.01 2.53
N GLY HA 35 18.06 -34.42 3.67
CA GLY HA 35 18.04 -33.55 4.83
C GLY HA 35 18.70 -32.22 4.56
N GLY HA 36 19.89 -32.24 3.95
CA GLY HA 36 20.59 -31.00 3.67
C GLY HA 36 19.81 -30.07 2.77
N ILE HA 37 19.24 -30.61 1.69
CA ILE HA 37 18.46 -29.77 0.79
C ILE HA 37 17.25 -29.20 1.50
N ALA HA 38 16.62 -30.00 2.38
CA ALA HA 38 15.50 -29.49 3.17
C ALA HA 38 15.94 -28.32 4.03
N LEU HA 39 17.05 -28.48 4.74
CA LEU HA 39 17.48 -27.43 5.65
C LEU HA 39 17.84 -26.17 4.87
N LEU HA 40 18.45 -26.31 3.69
CA LEU HA 40 18.82 -25.11 2.95
C LEU HA 40 17.59 -24.43 2.39
N VAL HA 41 16.58 -25.19 1.93
CA VAL HA 41 15.39 -24.53 1.42
C VAL HA 41 14.67 -23.80 2.55
N LEU HA 42 14.66 -24.39 3.76
CA LEU HA 42 14.00 -23.71 4.87
C LEU HA 42 14.86 -22.58 5.43
N TYR HA 43 16.14 -22.55 5.11
CA TYR HA 43 16.98 -21.41 5.51
C TYR HA 43 16.89 -20.29 4.50
N PHE HA 44 16.61 -20.60 3.24
CA PHE HA 44 16.51 -19.58 2.20
C PHE HA 44 15.09 -19.05 2.04
N LYS HA 45 14.08 -19.79 2.49
CA LYS HA 45 12.72 -19.27 2.43
C LYS HA 45 12.58 -17.97 3.21
N LEU HA 46 13.37 -17.81 4.27
CA LEU HA 46 13.34 -16.56 5.03
C LEU HA 46 13.65 -15.38 4.12
N ARG HA 47 14.51 -15.58 3.13
CA ARG HA 47 14.92 -14.51 2.22
C ARG HA 47 14.21 -14.63 0.89
N MET IA 1 -34.44 -8.78 -26.28
CA MET IA 1 -35.72 -9.46 -25.95
C MET IA 1 -35.58 -10.98 -25.96
N PRO IA 2 -35.44 -11.58 -24.78
CA PRO IA 2 -35.33 -13.03 -24.70
C PRO IA 2 -36.63 -13.77 -24.97
N GLN IA 3 -37.74 -13.07 -25.16
CA GLN IA 3 -38.95 -13.71 -25.63
C GLN IA 3 -38.90 -14.02 -27.12
N LEU IA 4 -37.79 -13.72 -27.77
CA LEU IA 4 -37.63 -13.89 -29.20
C LEU IA 4 -36.57 -14.91 -29.58
N ASP IA 5 -35.81 -15.40 -28.62
CA ASP IA 5 -34.91 -16.53 -28.86
C ASP IA 5 -35.81 -17.76 -28.93
N THR IA 6 -36.29 -18.04 -30.14
CA THR IA 6 -37.43 -18.89 -30.38
C THR IA 6 -37.19 -20.34 -29.97
N SER IA 7 -35.96 -20.66 -29.57
CA SER IA 7 -35.57 -22.06 -29.35
C SER IA 7 -36.58 -22.80 -28.48
N THR IA 8 -37.14 -22.13 -27.48
CA THR IA 8 -37.88 -22.79 -26.41
C THR IA 8 -39.39 -22.81 -26.64
N TRP IA 9 -39.87 -22.17 -27.71
CA TRP IA 9 -41.31 -21.96 -27.82
C TRP IA 9 -42.09 -23.27 -27.77
N PHE IA 10 -41.56 -24.31 -28.41
CA PHE IA 10 -42.29 -25.56 -28.51
C PHE IA 10 -42.69 -26.08 -27.14
N ILE IA 11 -41.74 -26.12 -26.21
CA ILE IA 11 -41.99 -26.76 -24.91
C ILE IA 11 -42.94 -25.91 -24.09
N THR IA 12 -42.66 -24.62 -24.00
CA THR IA 12 -43.55 -23.69 -23.32
C THR IA 12 -44.99 -23.91 -23.78
N ILE IA 13 -45.20 -23.90 -25.10
CA ILE IA 13 -46.55 -24.05 -25.62
C ILE IA 13 -47.15 -25.37 -25.20
N THR IA 14 -46.42 -26.46 -25.44
CA THR IA 14 -46.98 -27.78 -25.18
C THR IA 14 -47.36 -27.94 -23.72
N SER IA 15 -46.53 -27.42 -22.82
CA SER IA 15 -46.81 -27.54 -21.40
C SER IA 15 -48.01 -26.69 -20.99
N MET IA 16 -48.06 -25.45 -21.46
CA MET IA 16 -49.26 -24.64 -21.28
C MET IA 16 -50.50 -25.44 -21.65
N ILE IA 17 -50.48 -26.03 -22.84
CA ILE IA 17 -51.63 -26.84 -23.28
C ILE IA 17 -51.93 -27.91 -22.25
N MET IA 18 -50.94 -28.77 -22.00
CA MET IA 18 -51.11 -29.90 -21.10
C MET IA 18 -51.79 -29.46 -19.81
N THR IA 19 -51.38 -28.30 -19.29
CA THR IA 19 -51.95 -27.82 -18.05
C THR IA 19 -53.37 -27.32 -18.27
N LEU IA 20 -53.51 -26.29 -19.11
CA LEU IA 20 -54.77 -25.58 -19.23
C LEU IA 20 -55.92 -26.48 -19.65
N PHE IA 21 -55.63 -27.57 -20.35
CA PHE IA 21 -56.70 -28.41 -20.86
C PHE IA 21 -56.73 -29.79 -20.24
N ILE IA 22 -55.93 -30.08 -19.20
CA ILE IA 22 -55.99 -31.35 -18.50
C ILE IA 22 -56.24 -31.16 -17.01
N LEU IA 23 -55.26 -30.61 -16.30
CA LEU IA 23 -55.30 -30.67 -14.84
C LEU IA 23 -56.51 -29.92 -14.29
N PHE IA 24 -56.65 -28.66 -14.66
CA PHE IA 24 -57.73 -27.86 -14.11
C PHE IA 24 -59.07 -28.44 -14.51
N GLN IA 25 -59.21 -28.84 -15.76
CA GLN IA 25 -60.42 -29.54 -16.18
C GLN IA 25 -60.63 -30.82 -15.39
N LEU IA 26 -59.66 -31.25 -14.58
CA LEU IA 26 -59.88 -32.34 -13.64
C LEU IA 26 -60.30 -31.82 -12.27
N LYS IA 27 -59.51 -30.90 -11.71
CA LYS IA 27 -59.79 -30.38 -10.38
C LYS IA 27 -61.15 -29.69 -10.35
N ILE IA 28 -61.24 -28.58 -11.09
CA ILE IA 28 -62.43 -27.75 -11.07
C ILE IA 28 -63.66 -28.53 -11.53
N SER IA 29 -63.46 -29.60 -12.28
CA SER IA 29 -64.58 -30.40 -12.75
C SER IA 29 -65.22 -31.15 -11.59
N ASN IA 30 -64.60 -31.08 -10.41
CA ASN IA 30 -65.06 -31.79 -9.25
C ASN IA 30 -65.71 -30.89 -8.21
N TYR IA 31 -65.60 -29.58 -8.36
CA TYR IA 31 -66.24 -28.66 -7.43
C TYR IA 31 -67.74 -28.87 -7.46
N SER IA 32 -68.40 -28.46 -6.38
CA SER IA 32 -69.79 -28.81 -6.15
C SER IA 32 -70.65 -27.56 -6.03
N TYR IA 33 -71.95 -27.79 -5.98
CA TYR IA 33 -72.96 -26.76 -5.93
C TYR IA 33 -73.49 -26.60 -4.51
N PRO IA 34 -73.98 -25.40 -4.15
CA PRO IA 34 -74.70 -25.25 -2.88
C PRO IA 34 -75.92 -26.17 -2.77
N ASP JA 1 -30.13 13.63 -50.93
CA ASP JA 1 -29.33 14.43 -49.97
C ASP JA 1 -30.11 14.61 -48.68
N ILE JA 2 -29.47 15.20 -47.68
CA ILE JA 2 -30.11 15.38 -46.39
C ILE JA 2 -31.34 16.27 -46.49
N ASP JA 3 -31.48 17.03 -47.57
CA ASP JA 3 -32.72 17.74 -47.81
C ASP JA 3 -33.90 16.78 -47.76
N THR JA 4 -33.74 15.62 -48.39
CA THR JA 4 -34.77 14.59 -48.32
C THR JA 4 -35.02 14.18 -46.88
N ALA JA 5 -33.95 14.03 -46.10
CA ALA JA 5 -34.09 13.66 -44.71
C ALA JA 5 -34.97 14.66 -43.96
N ALA JA 6 -34.55 15.92 -43.93
CA ALA JA 6 -35.29 16.94 -43.21
C ALA JA 6 -36.70 17.10 -43.73
N LYS JA 7 -36.91 16.93 -45.03
CA LYS JA 7 -38.25 17.07 -45.57
C LYS JA 7 -39.14 15.96 -45.09
N PHE JA 8 -38.65 14.72 -45.15
CA PHE JA 8 -39.42 13.59 -44.62
C PHE JA 8 -39.75 13.80 -43.16
N ILE JA 9 -38.76 14.26 -42.40
CA ILE JA 9 -38.96 14.49 -40.97
C ILE JA 9 -40.07 15.51 -40.75
N GLY JA 10 -39.90 16.70 -41.32
CA GLY JA 10 -40.88 17.75 -41.14
C GLY JA 10 -42.26 17.38 -41.62
N ALA JA 11 -42.35 16.57 -42.67
CA ALA JA 11 -43.67 16.20 -43.19
C ALA JA 11 -44.35 15.21 -42.27
N GLY JA 12 -43.67 14.10 -41.97
CA GLY JA 12 -44.24 13.13 -41.05
C GLY JA 12 -44.48 13.70 -39.68
N ALA JA 13 -43.86 14.85 -39.38
CA ALA JA 13 -44.17 15.54 -38.14
C ALA JA 13 -45.44 16.39 -38.29
N ALA JA 14 -45.42 17.32 -39.25
CA ALA JA 14 -46.57 18.17 -39.49
C ALA JA 14 -47.85 17.38 -39.59
N THR JA 15 -47.78 16.13 -40.05
CA THR JA 15 -48.99 15.35 -40.23
C THR JA 15 -49.65 14.95 -38.92
N VAL JA 16 -49.16 15.49 -37.79
CA VAL JA 16 -49.83 15.31 -36.51
C VAL JA 16 -51.21 15.96 -36.51
N GLY JA 17 -51.40 17.01 -37.31
CA GLY JA 17 -52.56 17.85 -37.21
C GLY JA 17 -53.92 17.16 -37.28
N VAL JA 18 -53.92 15.88 -37.60
CA VAL JA 18 -55.19 15.15 -37.75
C VAL JA 18 -55.70 14.58 -36.44
N ALA JA 19 -54.84 14.52 -35.42
CA ALA JA 19 -55.30 14.15 -34.08
C ALA JA 19 -56.47 15.02 -33.65
N GLY JA 20 -56.30 16.34 -33.71
CA GLY JA 20 -57.37 17.24 -33.34
C GLY JA 20 -58.62 17.01 -34.14
N SER JA 21 -58.48 16.71 -35.43
CA SER JA 21 -59.63 16.44 -36.26
C SER JA 21 -60.40 15.23 -35.73
N GLY JA 22 -59.70 14.13 -35.47
CA GLY JA 22 -60.37 12.96 -34.93
C GLY JA 22 -61.07 13.27 -33.62
N ALA JA 23 -60.36 13.97 -32.73
CA ALA JA 23 -60.92 14.24 -31.42
C ALA JA 23 -62.17 15.10 -31.52
N GLY JA 24 -62.09 16.19 -32.26
CA GLY JA 24 -63.23 17.04 -32.50
C GLY JA 24 -64.38 16.18 -32.98
N ILE JA 25 -64.22 15.59 -34.16
CA ILE JA 25 -65.29 14.80 -34.76
C ILE JA 25 -65.97 13.91 -33.71
N GLY JA 26 -65.17 13.26 -32.88
CA GLY JA 26 -65.74 12.38 -31.89
C GLY JA 26 -66.62 13.11 -30.90
N THR JA 27 -66.08 14.19 -30.33
CA THR JA 27 -66.85 14.98 -29.37
C THR JA 27 -68.13 15.49 -29.99
N VAL JA 28 -68.04 15.94 -31.24
CA VAL JA 28 -69.20 16.40 -31.98
C VAL JA 28 -70.30 15.34 -31.98
N PHE JA 29 -69.96 14.17 -32.49
CA PHE JA 29 -70.99 13.15 -32.61
C PHE JA 29 -71.52 12.75 -31.25
N GLY JA 30 -70.69 12.79 -30.22
CA GLY JA 30 -71.19 12.47 -28.88
C GLY JA 30 -72.25 13.45 -28.42
N SER JA 31 -71.93 14.74 -28.48
CA SER JA 31 -72.90 15.76 -28.13
C SER JA 31 -74.19 15.59 -28.92
N LEU JA 32 -74.08 15.39 -30.23
CA LEU JA 32 -75.27 15.20 -31.03
C LEU JA 32 -76.07 14.02 -30.56
N ILE JA 33 -75.39 12.92 -30.25
CA ILE JA 33 -76.10 11.72 -29.82
C ILE JA 33 -76.92 12.02 -28.59
N ILE JA 34 -76.34 12.76 -27.65
CA ILE JA 34 -77.08 13.19 -26.48
C ILE JA 34 -78.30 14.02 -26.89
N GLY JA 35 -78.00 15.15 -27.52
CA GLY JA 35 -79.04 16.12 -27.84
C GLY JA 35 -80.23 15.49 -28.51
N TYR JA 36 -79.99 14.53 -29.38
CA TYR JA 36 -81.09 13.81 -29.98
C TYR JA 36 -81.69 12.81 -29.01
N ALA JA 37 -80.86 12.27 -28.13
CA ALA JA 37 -81.34 11.30 -27.15
C ALA JA 37 -82.49 11.89 -26.35
N ARG JA 38 -82.46 13.20 -26.12
CA ARG JA 38 -83.49 13.80 -25.26
C ARG JA 38 -84.61 14.44 -26.05
N ASN JA 39 -84.44 14.69 -27.35
CA ASN JA 39 -85.20 15.74 -28.02
C ASN JA 39 -85.32 15.42 -29.50
N PRO JA 40 -86.09 14.39 -29.85
CA PRO JA 40 -86.07 13.86 -31.22
C PRO JA 40 -86.94 14.59 -32.22
N SER JA 41 -87.42 15.78 -31.90
CA SER JA 41 -88.22 16.57 -32.82
C SER JA 41 -87.38 17.56 -33.60
N LEU JA 42 -86.12 17.22 -33.83
CA LEU JA 42 -85.16 18.18 -34.35
C LEU JA 42 -84.22 17.56 -35.38
N M3L JA 43 -84.44 16.28 -35.67
CA M3L JA 43 -83.56 15.52 -36.52
CB M3L JA 43 -84.31 14.41 -37.27
C M3L JA 43 -82.82 16.29 -37.59
O M3L JA 43 -81.60 16.24 -37.75
H M3L JA 43 -85.20 15.72 -35.34
HA M3L JA 43 -82.77 15.03 -35.87
N GLN JA 44 -83.57 17.05 -38.37
CA GLN JA 44 -83.04 17.71 -39.54
C GLN JA 44 -82.04 18.79 -39.15
N GLN JA 45 -82.50 19.72 -38.32
CA GLN JA 45 -81.64 20.82 -37.90
C GLN JA 45 -80.43 20.29 -37.14
N LEU JA 46 -80.65 19.26 -36.33
CA LEU JA 46 -79.57 18.61 -35.62
C LEU JA 46 -78.51 18.11 -36.59
N PHE JA 47 -78.91 17.19 -37.47
CA PHE JA 47 -78.03 16.66 -38.49
C PHE JA 47 -77.29 17.75 -39.24
N SER JA 48 -77.96 18.87 -39.50
CA SER JA 48 -77.33 19.95 -40.25
C SER JA 48 -76.17 20.55 -39.47
N TYR JA 49 -76.46 20.98 -38.23
CA TYR JA 49 -75.39 21.49 -37.39
C TYR JA 49 -74.27 20.46 -37.26
N ALA JA 50 -74.64 19.18 -37.21
CA ALA JA 50 -73.67 18.11 -37.06
C ALA JA 50 -72.72 18.08 -38.23
N ILE JA 51 -73.27 18.07 -39.44
CA ILE JA 51 -72.46 18.01 -40.64
C ILE JA 51 -71.58 19.24 -40.72
N LEU JA 52 -72.11 20.39 -40.35
CA LEU JA 52 -71.30 21.61 -40.37
C LEU JA 52 -70.08 21.45 -39.47
N GLY JA 53 -70.29 21.01 -38.23
CA GLY JA 53 -69.16 20.86 -37.32
C GLY JA 53 -68.15 19.85 -37.84
N PHE JA 54 -68.65 18.70 -38.30
CA PHE JA 54 -67.78 17.71 -38.91
C PHE JA 54 -66.89 18.33 -39.97
N ALA JA 55 -67.50 19.06 -40.91
CA ALA JA 55 -66.74 19.63 -42.01
C ALA JA 55 -65.70 20.62 -41.50
N LEU JA 56 -66.07 21.45 -40.53
CA LEU JA 56 -65.12 22.43 -40.02
C LEU JA 56 -63.89 21.76 -39.42
N SER JA 57 -64.10 20.77 -38.55
CA SER JA 57 -62.96 20.10 -37.95
C SER JA 57 -62.13 19.36 -39.00
N GLU JA 58 -62.81 18.61 -39.87
CA GLU JA 58 -62.08 17.86 -40.89
C GLU JA 58 -61.26 18.80 -41.76
N ALA JA 59 -61.75 20.02 -41.98
CA ALA JA 59 -61.00 20.96 -42.80
C ALA JA 59 -59.82 21.54 -42.04
N MET JA 60 -60.01 21.83 -40.75
CA MET JA 60 -58.90 22.32 -39.95
C MET JA 60 -57.82 21.26 -39.78
N GLY JA 61 -58.11 20.00 -40.11
CA GLY JA 61 -57.06 19.00 -40.21
C GLY JA 61 -56.52 18.85 -41.62
N LEU JA 62 -57.44 18.97 -42.58
CA LEU JA 62 -57.08 18.84 -43.99
C LEU JA 62 -56.07 19.89 -44.40
N PHE JA 63 -56.16 21.09 -43.82
CA PHE JA 63 -55.18 22.11 -44.14
C PHE JA 63 -53.77 21.61 -43.90
N CYS JA 64 -53.51 21.09 -42.69
CA CYS JA 64 -52.18 20.63 -42.36
C CYS JA 64 -51.79 19.41 -43.20
N LEU JA 65 -52.72 18.48 -43.42
CA LEU JA 65 -52.39 17.33 -44.26
C LEU JA 65 -51.98 17.76 -45.66
N MET JA 66 -52.80 18.61 -46.29
CA MET JA 66 -52.52 19.04 -47.65
C MET JA 66 -51.20 19.80 -47.73
N VAL JA 67 -50.92 20.67 -46.75
CA VAL JA 67 -49.65 21.39 -46.80
C VAL JA 67 -48.49 20.46 -46.52
N ALA JA 68 -48.71 19.36 -45.81
CA ALA JA 68 -47.65 18.35 -45.68
C ALA JA 68 -47.34 17.72 -47.03
N PHE JA 69 -48.38 17.28 -47.73
CA PHE JA 69 -48.18 16.77 -49.08
C PHE JA 69 -47.50 17.80 -49.96
N LEU JA 70 -47.84 19.07 -49.77
CA LEU JA 70 -47.13 20.16 -50.46
C LEU JA 70 -45.64 20.12 -50.15
N ILE JA 71 -45.28 20.21 -48.87
CA ILE JA 71 -43.88 20.25 -48.47
C ILE JA 71 -43.14 19.05 -49.05
N LEU JA 72 -43.83 17.92 -49.21
CA LEU JA 72 -43.16 16.75 -49.76
C LEU JA 72 -42.98 16.89 -51.28
N PHE JA 73 -44.08 17.00 -52.01
CA PHE JA 73 -44.03 17.12 -53.46
C PHE JA 73 -43.66 18.53 -53.92
N ALA JA 74 -43.48 19.48 -53.00
CA ALA JA 74 -43.11 20.84 -53.36
C ALA JA 74 -42.37 21.47 -52.19
N MET JA 75 -41.60 22.50 -52.49
CA MET JA 75 -40.78 23.16 -51.49
C MET JA 75 -40.14 24.42 -52.05
N ASP KA 1 -26.78 4.98 -45.61
CA ASP KA 1 -27.16 6.37 -45.92
C ASP KA 1 -28.13 6.89 -44.88
N ILE KA 2 -27.88 8.11 -44.40
CA ILE KA 2 -28.80 8.75 -43.47
C ILE KA 2 -30.14 9.03 -44.13
N ASP KA 3 -30.22 8.96 -45.45
CA ASP KA 3 -31.49 9.08 -46.15
C ASP KA 3 -32.51 8.08 -45.60
N THR KA 4 -32.18 6.79 -45.67
CA THR KA 4 -33.09 5.78 -45.13
C THR KA 4 -33.33 5.97 -43.65
N ALA KA 5 -32.33 6.48 -42.94
CA ALA KA 5 -32.51 6.75 -41.51
C ALA KA 5 -33.69 7.67 -41.27
N ALA KA 6 -33.71 8.83 -41.92
CA ALA KA 6 -34.78 9.78 -41.68
C ALA KA 6 -36.08 9.33 -42.33
N LYS KA 7 -36.01 8.54 -43.40
CA LYS KA 7 -37.22 7.89 -43.90
C LYS KA 7 -37.89 7.09 -42.79
N PHE KA 8 -37.11 6.24 -42.14
CA PHE KA 8 -37.62 5.46 -41.00
C PHE KA 8 -38.18 6.37 -39.93
N ILE KA 9 -37.40 7.37 -39.51
CA ILE KA 9 -37.82 8.24 -38.42
C ILE KA 9 -39.12 8.95 -38.76
N GLY KA 10 -39.26 9.35 -40.03
CA GLY KA 10 -40.47 10.05 -40.42
C GLY KA 10 -41.69 9.16 -40.38
N ALA KA 11 -41.58 7.95 -40.90
CA ALA KA 11 -42.68 6.99 -40.73
C ALA KA 11 -43.02 6.85 -39.25
N GLY KA 12 -41.99 6.75 -38.41
CA GLY KA 12 -42.23 6.43 -37.01
C GLY KA 12 -42.93 7.55 -36.27
N ALA KA 13 -42.53 8.80 -36.51
CA ALA KA 13 -43.16 9.92 -35.84
C ALA KA 13 -44.34 10.48 -36.61
N ALA KA 14 -44.66 9.90 -37.78
CA ALA KA 14 -45.89 10.24 -38.49
C ALA KA 14 -47.03 9.30 -38.18
N THR KA 15 -46.73 8.08 -37.76
CA THR KA 15 -47.83 7.22 -37.34
C THR KA 15 -48.45 7.66 -36.03
N VAL KA 16 -48.11 8.84 -35.51
CA VAL KA 16 -48.70 9.30 -34.25
C VAL KA 16 -50.12 9.82 -34.41
N GLY KA 17 -50.56 10.09 -35.64
CA GLY KA 17 -51.88 10.63 -35.84
C GLY KA 17 -52.99 9.62 -35.65
N VAL KA 18 -52.95 8.89 -34.53
CA VAL KA 18 -54.00 7.95 -34.18
C VAL KA 18 -54.50 8.11 -32.75
N ALA KA 19 -53.74 8.76 -31.85
CA ALA KA 19 -54.29 9.09 -30.56
C ALA KA 19 -55.56 9.92 -30.69
N GLY KA 20 -55.66 10.70 -31.76
CA GLY KA 20 -56.89 11.36 -32.09
C GLY KA 20 -58.00 10.33 -32.09
N SER KA 21 -57.97 9.44 -33.09
CA SER KA 21 -58.99 8.41 -33.20
C SER KA 21 -59.27 7.78 -31.84
N GLY KA 22 -58.23 7.51 -31.07
CA GLY KA 22 -58.39 6.95 -29.74
C GLY KA 22 -59.36 7.75 -28.88
N ALA KA 23 -58.96 8.96 -28.54
CA ALA KA 23 -59.77 9.76 -27.62
C ALA KA 23 -61.13 10.09 -28.22
N GLY KA 24 -61.16 10.38 -29.52
CA GLY KA 24 -62.43 10.65 -30.17
C GLY KA 24 -63.41 9.52 -29.98
N ILE KA 25 -62.97 8.28 -30.22
CA ILE KA 25 -63.86 7.15 -30.09
C ILE KA 25 -64.24 6.93 -28.64
N GLY KA 26 -63.31 7.18 -27.72
CA GLY KA 26 -63.63 7.04 -26.31
C GLY KA 26 -64.81 7.91 -25.94
N THR KA 27 -64.68 9.19 -26.27
CA THR KA 27 -65.72 10.16 -25.97
C THR KA 27 -67.02 9.79 -26.66
N VAL KA 28 -66.95 9.40 -27.93
CA VAL KA 28 -68.14 9.01 -28.67
C VAL KA 28 -68.90 7.92 -27.90
N PHE KA 29 -68.17 6.89 -27.49
CA PHE KA 29 -68.86 5.74 -26.90
C PHE KA 29 -69.42 6.08 -25.53
N GLY KA 30 -68.73 6.92 -24.77
CA GLY KA 30 -69.34 7.41 -23.52
C GLY KA 30 -70.63 8.16 -23.76
N SER KA 31 -70.64 9.06 -24.74
CA SER KA 31 -71.86 9.77 -25.07
C SER KA 31 -72.97 8.80 -25.42
N LEU KA 32 -72.63 7.73 -26.14
CA LEU KA 32 -73.64 6.74 -26.47
C LEU KA 32 -74.16 6.07 -25.21
N ILE KA 33 -73.27 5.75 -24.27
CA ILE KA 33 -73.70 5.20 -22.99
C ILE KA 33 -74.82 6.04 -22.41
N ILE KA 34 -74.55 7.34 -22.23
CA ILE KA 34 -75.54 8.20 -21.59
C ILE KA 34 -76.82 8.26 -22.42
N GLY KA 35 -76.69 8.70 -23.67
CA GLY KA 35 -77.85 8.89 -24.53
C GLY KA 35 -78.63 7.62 -24.79
N TYR KA 36 -78.10 6.48 -24.36
CA TYR KA 36 -78.94 5.29 -24.28
C TYR KA 36 -79.61 5.20 -22.94
N ALA KA 37 -78.90 5.57 -21.88
CA ALA KA 37 -79.49 5.53 -20.55
C ALA KA 37 -80.79 6.31 -20.49
N ARG KA 38 -80.76 7.59 -20.90
CA ARG KA 38 -81.94 8.43 -20.71
C ARG KA 38 -83.07 8.13 -21.69
N ASN KA 39 -82.90 7.17 -22.59
CA ASN KA 39 -83.86 6.97 -23.68
C ASN KA 39 -83.66 5.59 -24.28
N PRO KA 40 -84.06 4.55 -23.56
CA PRO KA 40 -83.72 3.19 -23.99
C PRO KA 40 -84.59 2.64 -25.10
N SER KA 41 -85.37 3.48 -25.78
CA SER KA 41 -86.21 3.03 -26.88
C SER KA 41 -85.86 3.76 -28.18
N LEU KA 42 -84.59 4.16 -28.33
CA LEU KA 42 -84.12 4.68 -29.60
C LEU KA 42 -82.80 4.01 -29.98
N M3L KA 43 -82.46 2.98 -29.22
CA M3L KA 43 -81.32 2.13 -29.46
CB M3L KA 43 -81.73 0.71 -29.03
C M3L KA 43 -80.81 2.08 -30.88
O M3L KA 43 -79.63 2.23 -31.19
H M3L KA 43 -82.94 2.69 -28.39
HA M3L KA 43 -80.47 2.48 -28.81
N GLN KA 44 -81.74 1.90 -31.80
CA GLN KA 44 -81.42 1.62 -33.18
C GLN KA 44 -80.80 2.84 -33.86
N GLN KA 45 -81.62 3.88 -34.00
CA GLN KA 45 -81.12 5.13 -34.55
C GLN KA 45 -79.89 5.60 -33.81
N LEU KA 46 -79.81 5.31 -32.52
CA LEU KA 46 -78.67 5.76 -31.73
C LEU KA 46 -77.40 5.05 -32.18
N PHE KA 47 -77.46 3.73 -32.28
CA PHE KA 47 -76.29 2.98 -32.71
C PHE KA 47 -75.89 3.37 -34.13
N SER KA 48 -76.87 3.70 -34.96
CA SER KA 48 -76.54 4.08 -36.33
C SER KA 48 -75.78 5.41 -36.36
N TYR KA 49 -76.30 6.41 -35.64
CA TYR KA 49 -75.58 7.69 -35.56
C TYR KA 49 -74.30 7.58 -34.76
N ALA KA 50 -74.11 6.48 -34.02
CA ALA KA 50 -72.83 6.25 -33.35
C ALA KA 50 -71.80 5.67 -34.32
N ILE KA 51 -72.23 4.74 -35.16
CA ILE KA 51 -71.34 4.16 -36.17
C ILE KA 51 -70.92 5.23 -37.16
N LEU KA 52 -71.87 6.06 -37.61
CA LEU KA 52 -71.50 7.16 -38.49
C LEU KA 52 -70.31 7.91 -37.95
N GLY KA 53 -70.13 7.96 -36.63
CA GLY KA 53 -69.09 8.76 -36.03
C GLY KA 53 -67.83 7.95 -35.85
N PHE KA 54 -68.00 6.73 -35.39
CA PHE KA 54 -66.86 5.83 -35.22
C PHE KA 54 -66.10 5.68 -36.53
N ALA KA 55 -66.82 5.54 -37.64
CA ALA KA 55 -66.16 5.34 -38.92
C ALA KA 55 -65.29 6.55 -39.27
N LEU KA 56 -65.92 7.69 -39.51
CA LEU KA 56 -65.20 8.88 -39.92
C LEU KA 56 -64.25 9.40 -38.86
N SER KA 57 -64.21 8.79 -37.67
CA SER KA 57 -63.06 9.00 -36.80
C SER KA 57 -61.92 8.07 -37.18
N GLU KA 58 -62.24 6.78 -37.32
CA GLU KA 58 -61.21 5.78 -37.60
C GLU KA 58 -60.50 6.07 -38.92
N ALA KA 59 -61.26 6.48 -39.93
CA ALA KA 59 -60.69 6.71 -41.25
C ALA KA 59 -59.61 7.79 -41.20
N MET KA 60 -59.97 8.98 -40.73
CA MET KA 60 -59.03 10.08 -40.67
C MET KA 60 -57.99 9.89 -39.58
N GLY KA 61 -58.16 8.92 -38.70
CA GLY KA 61 -57.07 8.56 -37.81
C GLY KA 61 -56.12 7.56 -38.43
N LEU KA 62 -56.61 6.78 -39.39
CA LEU KA 62 -55.84 5.76 -40.09
C LEU KA 62 -55.05 6.29 -41.26
N PHE KA 63 -55.46 7.42 -41.82
CA PHE KA 63 -54.69 7.97 -42.94
C PHE KA 63 -53.23 8.18 -42.58
N CYS KA 64 -52.92 8.47 -41.31
CA CYS KA 64 -51.54 8.65 -40.90
C CYS KA 64 -50.77 7.32 -40.95
N LEU KA 65 -51.36 6.27 -40.40
CA LEU KA 65 -50.83 4.91 -40.55
C LEU KA 65 -50.52 4.61 -42.00
N MET KA 66 -51.52 4.81 -42.88
CA MET KA 66 -51.33 4.49 -44.28
C MET KA 66 -50.23 5.33 -44.90
N VAL KA 67 -50.13 6.59 -44.48
CA VAL KA 67 -49.08 7.47 -44.99
C VAL KA 67 -47.72 6.95 -44.59
N ALA KA 68 -47.59 6.43 -43.36
CA ALA KA 68 -46.29 5.90 -42.95
C ALA KA 68 -45.93 4.66 -43.75
N PHE KA 69 -46.87 3.73 -43.89
CA PHE KA 69 -46.59 2.53 -44.69
C PHE KA 69 -46.20 2.91 -46.12
N LEU KA 70 -46.95 3.84 -46.70
CA LEU KA 70 -46.62 4.30 -48.05
C LEU KA 70 -45.22 4.91 -48.08
N ILE KA 71 -45.04 6.03 -47.38
CA ILE KA 71 -43.75 6.73 -47.42
C ILE KA 71 -42.60 5.78 -47.18
N LEU KA 72 -42.82 4.68 -46.46
CA LEU KA 72 -41.73 3.74 -46.26
C LEU KA 72 -41.51 2.86 -47.49
N PHE KA 73 -42.53 2.09 -47.87
CA PHE KA 73 -42.35 1.15 -48.98
C PHE KA 73 -42.05 1.88 -50.28
N ALA KA 74 -42.87 2.86 -50.63
CA ALA KA 74 -42.64 3.71 -51.80
C ALA KA 74 -42.72 5.18 -51.41
N MET KA 75 -42.48 6.08 -52.35
CA MET KA 75 -42.51 7.51 -52.05
C MET KA 75 -42.86 8.33 -53.28
N ASP LA 1 -24.07 3.65 -34.73
CA ASP LA 1 -24.33 3.80 -36.17
C ASP LA 1 -25.61 4.59 -36.42
N ILE LA 2 -25.52 5.58 -37.31
CA ILE LA 2 -26.69 6.41 -37.61
C ILE LA 2 -27.82 5.57 -38.17
N ASP LA 3 -27.49 4.61 -39.04
CA ASP LA 3 -28.48 3.81 -39.72
C ASP LA 3 -29.35 3.00 -38.76
N THR LA 4 -29.00 2.94 -37.48
CA THR LA 4 -29.83 2.29 -36.47
C THR LA 4 -30.22 3.24 -35.35
N ALA LA 5 -29.36 4.21 -35.02
CA ALA LA 5 -29.80 5.32 -34.19
C ALA LA 5 -31.12 5.88 -34.69
N ALA LA 6 -31.29 5.93 -36.01
CA ALA LA 6 -32.56 6.40 -36.57
C ALA LA 6 -33.70 5.47 -36.20
N LYS LA 7 -33.45 4.16 -36.19
CA LYS LA 7 -34.47 3.23 -35.72
C LYS LA 7 -34.86 3.56 -34.27
N PHE LA 8 -33.86 3.80 -33.44
CA PHE LA 8 -34.14 4.17 -32.05
C PHE LA 8 -35.03 5.41 -31.99
N ILE LA 9 -34.68 6.43 -32.78
CA ILE LA 9 -35.45 7.66 -32.83
C ILE LA 9 -36.88 7.37 -33.22
N GLY LA 10 -37.07 6.61 -34.29
CA GLY LA 10 -38.41 6.36 -34.80
C GLY LA 10 -39.28 5.63 -33.81
N ALA LA 11 -38.73 4.60 -33.17
CA ALA LA 11 -39.52 3.83 -32.22
C ALA LA 11 -39.85 4.67 -30.98
N GLY LA 12 -38.85 5.37 -30.44
CA GLY LA 12 -39.11 6.22 -29.29
C GLY LA 12 -40.14 7.30 -29.60
N ALA LA 13 -40.19 7.75 -30.85
CA ALA LA 13 -41.22 8.71 -31.25
C ALA LA 13 -42.58 8.05 -31.30
N ALA LA 14 -42.71 6.94 -32.00
CA ALA LA 14 -44.00 6.31 -32.19
C ALA LA 14 -44.58 5.72 -30.91
N THR LA 15 -43.77 5.56 -29.86
CA THR LA 15 -44.28 5.00 -28.62
C THR LA 15 -45.58 5.68 -28.17
N VAL LA 16 -45.70 6.99 -28.38
CA VAL LA 16 -46.71 7.80 -27.71
C VAL LA 16 -48.10 7.57 -28.28
N GLY LA 17 -48.21 6.67 -29.26
CA GLY LA 17 -49.48 6.46 -29.91
C GLY LA 17 -50.63 6.20 -28.95
N VAL LA 18 -50.35 5.46 -27.86
CA VAL LA 18 -51.41 5.00 -26.97
C VAL LA 18 -51.93 6.06 -26.02
N ALA LA 19 -51.47 7.31 -26.14
CA ALA LA 19 -52.03 8.37 -25.30
C ALA LA 19 -53.51 8.58 -25.59
N GLY LA 20 -53.88 8.55 -26.87
CA GLY LA 20 -55.29 8.61 -27.20
C GLY LA 20 -56.07 7.49 -26.57
N SER LA 21 -55.44 6.32 -26.43
CA SER LA 21 -56.12 5.20 -25.80
C SER LA 21 -56.29 5.42 -24.30
N GLY LA 22 -55.22 5.85 -23.63
CA GLY LA 22 -55.35 6.28 -22.25
C GLY LA 22 -56.56 7.16 -22.06
N ALA LA 23 -56.64 8.22 -22.88
CA ALA LA 23 -57.78 9.13 -22.80
C ALA LA 23 -59.08 8.38 -22.97
N GLY LA 24 -59.29 7.80 -24.16
CA GLY LA 24 -60.58 7.21 -24.46
C GLY LA 24 -61.03 6.22 -23.41
N ILE LA 25 -60.08 5.48 -22.83
CA ILE LA 25 -60.45 4.51 -21.81
C ILE LA 25 -60.98 5.22 -20.58
N GLY LA 26 -60.21 6.18 -20.06
CA GLY LA 26 -60.69 6.91 -18.89
C GLY LA 26 -62.04 7.57 -19.14
N THR LA 27 -62.16 8.25 -20.28
CA THR LA 27 -63.40 8.91 -20.65
C THR LA 27 -64.57 7.94 -20.63
N VAL LA 28 -64.43 6.81 -21.30
CA VAL LA 28 -65.54 5.88 -21.40
C VAL LA 28 -65.95 5.39 -20.03
N PHE LA 29 -64.98 5.07 -19.19
CA PHE LA 29 -65.38 4.49 -17.92
C PHE LA 29 -65.97 5.54 -16.98
N GLY LA 30 -65.61 6.80 -17.15
CA GLY LA 30 -66.34 7.86 -16.44
C GLY LA 30 -67.77 7.98 -16.93
N SER LA 31 -67.95 7.97 -18.25
CA SER LA 31 -69.31 8.03 -18.80
C SER LA 31 -70.14 6.85 -18.31
N LEU LA 32 -69.49 5.72 -18.04
CA LEU LA 32 -70.21 4.56 -17.55
C LEU LA 32 -70.56 4.73 -16.07
N ILE LA 33 -69.64 5.29 -15.28
CA ILE LA 33 -70.01 5.72 -13.94
C ILE LA 33 -71.32 6.48 -13.98
N ILE LA 34 -71.36 7.51 -14.82
CA ILE LA 34 -72.51 8.41 -14.85
C ILE LA 34 -73.76 7.66 -15.25
N GLY LA 35 -73.76 7.07 -16.45
CA GLY LA 35 -74.93 6.39 -16.94
C GLY LA 35 -75.32 5.15 -16.17
N TYR LA 36 -74.52 4.74 -15.19
CA TYR LA 36 -74.97 3.75 -14.24
C TYR LA 36 -75.55 4.40 -12.99
N ALA LA 37 -75.09 5.62 -12.66
CA ALA LA 37 -75.67 6.33 -11.53
C ALA LA 37 -77.05 6.87 -11.85
N ARG LA 38 -77.27 7.32 -13.09
CA ARG LA 38 -78.57 7.87 -13.47
C ARG LA 38 -79.65 6.80 -13.43
N ASN LA 39 -79.52 5.77 -14.25
CA ASN LA 39 -80.48 4.67 -14.31
C ASN LA 39 -79.79 3.36 -13.98
N PRO LA 40 -79.50 3.12 -12.72
CA PRO LA 40 -78.78 1.92 -12.32
C PRO LA 40 -79.36 0.60 -12.82
N SER LA 41 -80.53 0.63 -13.41
CA SER LA 41 -81.17 -0.61 -13.84
C SER LA 41 -80.72 -1.08 -15.22
N LEU LA 42 -79.55 -0.66 -15.69
CA LEU LA 42 -79.05 -1.13 -16.99
C LEU LA 42 -77.55 -1.38 -17.03
N M3L LA 43 -76.93 -1.51 -15.86
CA M3L LA 43 -75.55 -1.91 -15.74
CB M3L LA 43 -75.32 -2.65 -14.41
C M3L LA 43 -75.03 -2.83 -16.83
O M3L LA 43 -73.97 -2.67 -17.44
H M3L LA 43 -77.35 -1.34 -14.97
HA M3L LA 43 -74.90 -0.98 -15.75
N GLN LA 44 -75.83 -3.85 -17.09
CA GLN LA 44 -75.49 -4.88 -18.05
C GLN LA 44 -75.14 -4.30 -19.42
N GLN LA 45 -76.15 -3.80 -20.10
CA GLN LA 45 -75.95 -3.25 -21.43
C GLN LA 45 -74.97 -2.09 -21.39
N LEU LA 46 -74.96 -1.32 -20.30
CA LEU LA 46 -74.08 -0.17 -20.21
C LEU LA 46 -72.62 -0.56 -19.97
N PHE LA 47 -72.38 -1.83 -19.69
CA PHE LA 47 -71.05 -2.42 -19.58
C PHE LA 47 -70.62 -3.08 -20.89
N SER LA 48 -71.56 -3.78 -21.52
CA SER LA 48 -71.34 -4.33 -22.85
C SER LA 48 -71.09 -3.24 -23.87
N TYR LA 49 -71.56 -2.03 -23.63
CA TYR LA 49 -71.29 -0.91 -24.51
C TYR LA 49 -70.04 -0.14 -24.14
N ALA LA 50 -69.42 -0.47 -23.00
CA ALA LA 50 -68.20 0.21 -22.59
C ALA LA 50 -66.96 -0.57 -22.98
N ILE LA 51 -66.90 -1.86 -22.61
CA ILE LA 51 -65.66 -2.59 -22.92
C ILE LA 51 -65.47 -2.81 -24.41
N LEU LA 52 -66.55 -2.94 -25.17
CA LEU LA 52 -66.44 -2.85 -26.63
C LEU LA 52 -65.54 -1.68 -27.02
N GLY LA 53 -65.89 -0.47 -26.57
CA GLY LA 53 -65.11 0.70 -26.93
C GLY LA 53 -63.70 0.65 -26.37
N PHE LA 54 -63.55 0.11 -25.16
CA PHE LA 54 -62.22 -0.16 -24.62
C PHE LA 54 -61.37 -0.93 -25.62
N ALA LA 55 -61.93 -2.04 -26.12
CA ALA LA 55 -61.21 -2.85 -27.10
C ALA LA 55 -60.80 -2.03 -28.31
N LEU LA 56 -61.77 -1.34 -28.90
CA LEU LA 56 -61.47 -0.50 -30.07
C LEU LA 56 -60.28 0.40 -29.80
N SER LA 57 -60.40 1.22 -28.75
CA SER LA 57 -59.42 2.27 -28.51
C SER LA 57 -58.09 1.75 -28.00
N GLU LA 58 -58.03 0.51 -27.52
CA GLU LA 58 -56.73 -0.07 -27.21
C GLU LA 58 -56.06 -0.62 -28.46
N ALA LA 59 -56.79 -1.43 -29.23
CA ALA LA 59 -56.29 -1.88 -30.52
C ALA LA 59 -55.62 -0.74 -31.27
N MET LA 60 -56.26 0.44 -31.28
CA MET LA 60 -55.71 1.50 -32.13
C MET LA 60 -54.46 2.19 -31.52
N GLY LA 61 -53.85 1.72 -30.44
CA GLY LA 61 -52.51 2.15 -30.07
C GLY LA 61 -51.54 0.99 -30.01
N LEU LA 62 -52.08 -0.19 -29.70
CA LEU LA 62 -51.28 -1.40 -29.78
C LEU LA 62 -50.76 -1.61 -31.18
N PHE LA 63 -51.57 -1.30 -32.19
CA PHE LA 63 -51.03 -1.33 -33.55
C PHE LA 63 -49.76 -0.50 -33.66
N CYS LA 64 -49.80 0.72 -33.13
CA CYS LA 64 -48.68 1.63 -33.31
C CYS LA 64 -47.42 1.10 -32.62
N LEU LA 65 -47.57 0.53 -31.42
CA LEU LA 65 -46.40 -0.04 -30.78
C LEU LA 65 -45.89 -1.26 -31.55
N MET LA 66 -46.78 -2.07 -32.10
CA MET LA 66 -46.35 -3.16 -32.98
C MET LA 66 -45.52 -2.62 -34.13
N VAL LA 67 -45.92 -1.45 -34.66
CA VAL LA 67 -45.19 -0.87 -35.79
C VAL LA 67 -43.82 -0.37 -35.34
N ALA LA 68 -43.74 0.19 -34.14
CA ALA LA 68 -42.44 0.58 -33.61
C ALA LA 68 -41.50 -0.62 -33.50
N PHE LA 69 -42.00 -1.72 -32.91
CA PHE LA 69 -41.20 -2.93 -32.85
C PHE LA 69 -40.75 -3.36 -34.25
N LEU LA 70 -41.67 -3.35 -35.21
CA LEU LA 70 -41.31 -3.73 -36.57
C LEU LA 70 -40.18 -2.86 -37.10
N ILE LA 71 -40.33 -1.54 -37.00
CA ILE LA 71 -39.29 -0.64 -37.47
C ILE LA 71 -37.95 -1.00 -36.83
N LEU LA 72 -37.95 -1.26 -35.52
CA LEU LA 72 -36.72 -1.60 -34.85
C LEU LA 72 -36.09 -2.87 -35.43
N PHE LA 73 -36.79 -3.99 -35.28
CA PHE LA 73 -36.20 -5.31 -35.49
C PHE LA 73 -36.50 -5.87 -36.88
N ALA LA 74 -36.60 -5.01 -37.89
CA ALA LA 74 -36.85 -5.46 -39.25
C ALA LA 74 -36.84 -4.29 -40.22
N ASP MA 1 -21.51 5.85 -28.99
CA ASP MA 1 -21.85 7.22 -28.54
C ASP MA 1 -23.08 7.73 -29.28
N ILE MA 2 -23.00 7.72 -30.61
CA ILE MA 2 -24.10 8.21 -31.42
C ILE MA 2 -25.34 7.34 -31.20
N ASP MA 3 -25.17 6.02 -31.25
CA ASP MA 3 -26.27 5.13 -30.88
C ASP MA 3 -26.72 5.39 -29.44
N THR MA 4 -25.79 5.77 -28.57
CA THR MA 4 -26.14 6.08 -27.19
C THR MA 4 -27.10 7.25 -27.13
N ALA MA 5 -26.69 8.39 -27.68
CA ALA MA 5 -27.56 9.56 -27.68
C ALA MA 5 -28.87 9.27 -28.40
N ALA MA 6 -28.84 8.40 -29.40
CA ALA MA 6 -30.07 8.07 -30.12
C ALA MA 6 -31.03 7.28 -29.22
N LYS MA 7 -30.49 6.32 -28.47
CA LYS MA 7 -31.28 5.66 -27.44
C LYS MA 7 -31.87 6.69 -26.49
N PHE MA 8 -31.03 7.63 -26.03
CA PHE MA 8 -31.51 8.67 -25.13
C PHE MA 8 -32.71 9.40 -25.73
N ILE MA 9 -32.62 9.75 -27.01
CA ILE MA 9 -33.68 10.53 -27.64
C ILE MA 9 -34.95 9.70 -27.76
N GLY MA 10 -34.83 8.50 -28.31
CA GLY MA 10 -35.98 7.62 -28.36
C GLY MA 10 -36.64 7.46 -27.01
N ALA MA 11 -35.86 7.43 -25.95
CA ALA MA 11 -36.41 7.30 -24.61
C ALA MA 11 -37.18 8.55 -24.22
N GLY MA 12 -36.54 9.71 -24.36
CA GLY MA 12 -37.19 10.95 -24.03
C GLY MA 12 -38.47 11.16 -24.83
N ALA MA 13 -38.56 10.53 -25.99
CA ALA MA 13 -39.77 10.64 -26.80
C ALA MA 13 -40.84 9.67 -26.32
N ALA MA 14 -40.47 8.41 -26.09
CA ALA MA 14 -41.45 7.44 -25.64
C ALA MA 14 -41.99 7.75 -24.26
N THR MA 15 -41.31 8.62 -23.52
CA THR MA 15 -41.80 8.99 -22.19
C THR MA 15 -43.24 9.48 -22.20
N VAL MA 16 -43.72 10.03 -23.33
CA VAL MA 16 -44.84 10.96 -23.26
C VAL MA 16 -46.18 10.25 -23.28
N GLY MA 17 -46.20 8.95 -23.54
CA GLY MA 17 -47.46 8.23 -23.63
C GLY MA 17 -48.25 8.15 -22.34
N VAL MA 18 -47.79 8.86 -21.30
CA VAL MA 18 -48.47 8.84 -20.01
C VAL MA 18 -49.64 9.81 -19.94
N ALA MA 19 -49.74 10.74 -20.88
CA ALA MA 19 -50.73 11.80 -20.76
C ALA MA 19 -52.14 11.25 -20.93
N GLY MA 20 -52.32 10.32 -21.87
CA GLY MA 20 -53.60 9.64 -21.96
C GLY MA 20 -54.06 9.11 -20.63
N SER MA 21 -53.12 8.55 -19.86
CA SER MA 21 -53.46 7.97 -18.57
C SER MA 21 -53.79 9.05 -17.54
N GLY MA 22 -52.94 10.07 -17.45
CA GLY MA 22 -53.23 11.15 -16.52
C GLY MA 22 -54.61 11.74 -16.75
N ALA MA 23 -54.92 12.00 -18.02
CA ALA MA 23 -56.25 12.47 -18.38
C ALA MA 23 -57.31 11.50 -17.91
N GLY MA 24 -57.31 10.28 -18.48
CA GLY MA 24 -58.31 9.30 -18.09
C GLY MA 24 -58.52 9.23 -16.59
N ILE MA 25 -57.44 9.42 -15.83
CA ILE MA 25 -57.51 9.35 -14.37
C ILE MA 25 -58.37 10.49 -13.84
N GLY MA 26 -57.96 11.72 -14.11
CA GLY MA 26 -58.75 12.85 -13.63
C GLY MA 26 -60.18 12.79 -14.12
N THR MA 27 -60.35 12.38 -15.38
CA THR MA 27 -61.68 12.26 -15.98
C THR MA 27 -62.57 11.34 -15.18
N VAL MA 28 -62.10 10.11 -14.95
CA VAL MA 28 -62.96 9.13 -14.31
C VAL MA 28 -63.20 9.49 -12.86
N PHE MA 29 -62.23 10.12 -12.19
CA PHE MA 29 -62.50 10.55 -10.82
C PHE MA 29 -63.56 11.65 -10.78
N GLY MA 30 -63.50 12.61 -11.68
CA GLY MA 30 -64.61 13.55 -11.79
C GLY MA 30 -65.94 12.86 -12.02
N SER MA 31 -65.95 11.90 -12.94
CA SER MA 31 -67.19 11.18 -13.22
C SER MA 31 -67.71 10.50 -11.96
N LEU MA 32 -66.80 10.00 -11.14
CA LEU MA 32 -67.19 9.29 -9.93
C LEU MA 32 -67.74 10.25 -8.88
N ILE MA 33 -67.01 11.33 -8.60
CA ILE MA 33 -67.50 12.30 -7.64
C ILE MA 33 -68.89 12.75 -8.03
N ILE MA 34 -69.15 12.87 -9.33
CA ILE MA 34 -70.47 13.31 -9.78
C ILE MA 34 -71.51 12.24 -9.50
N GLY MA 35 -71.34 11.08 -10.13
CA GLY MA 35 -72.27 9.98 -9.98
C GLY MA 35 -72.48 9.55 -8.56
N TYR MA 36 -71.68 10.07 -7.63
CA TYR MA 36 -71.94 9.88 -6.21
C TYR MA 36 -72.69 11.08 -5.63
N ALA MA 37 -72.26 12.30 -5.98
CA ALA MA 37 -72.94 13.49 -5.50
C ALA MA 37 -74.43 13.43 -5.76
N ARG MA 38 -74.83 12.82 -6.86
CA ARG MA 38 -76.26 12.67 -7.14
C ARG MA 38 -76.74 11.25 -6.97
N ASN MA 39 -75.99 10.41 -6.26
CA ASN MA 39 -76.53 9.15 -5.77
C ASN MA 39 -75.62 8.55 -4.72
N PRO MA 40 -75.54 9.13 -3.51
CA PRO MA 40 -74.58 8.64 -2.52
C PRO MA 40 -74.82 7.21 -2.04
N SER MA 41 -75.84 6.52 -2.55
CA SER MA 41 -76.14 5.18 -2.07
C SER MA 41 -75.12 4.15 -2.56
N LEU MA 42 -75.02 3.98 -3.86
CA LEU MA 42 -74.28 2.84 -4.43
C LEU MA 42 -72.80 3.15 -4.76
N M3L MA 43 -72.24 3.94 -3.85
CA M3L MA 43 -70.82 4.12 -3.70
CB M3L MA 43 -70.56 4.53 -2.25
C M3L MA 43 -69.94 2.93 -4.03
O M3L MA 43 -68.88 3.04 -4.64
H M3L MA 43 -72.74 4.50 -3.18
HA M3L MA 43 -70.51 4.98 -4.39
N GLN MA 44 -70.37 1.76 -3.59
CA GLN MA 44 -69.54 0.57 -3.73
C GLN MA 44 -69.27 0.26 -5.21
N GLN MA 45 -70.34 0.14 -6.00
CA GLN MA 45 -70.15 -0.18 -7.40
C GLN MA 45 -69.52 0.99 -8.13
N LEU MA 46 -69.82 2.22 -7.73
CA LEU MA 46 -69.15 3.35 -8.37
C LEU MA 46 -67.64 3.24 -8.18
N PHE MA 47 -67.19 2.97 -6.95
CA PHE MA 47 -65.76 2.87 -6.69
C PHE MA 47 -65.13 1.70 -7.45
N SER MA 48 -65.81 0.56 -7.46
CA SER MA 48 -65.33 -0.58 -8.24
C SER MA 48 -65.06 -0.18 -9.67
N TYR MA 49 -66.06 0.42 -10.33
CA TYR MA 49 -65.90 0.80 -11.73
C TYR MA 49 -64.95 1.97 -11.89
N ALA MA 50 -64.57 2.63 -10.79
CA ALA MA 50 -63.51 3.62 -10.87
C ALA MA 50 -62.15 2.95 -10.99
N ILE MA 51 -61.85 2.02 -10.09
CA ILE MA 51 -60.51 1.44 -10.10
C ILE MA 51 -60.34 0.54 -11.31
N LEU MA 52 -61.42 -0.10 -11.78
CA LEU MA 52 -61.27 -0.94 -12.96
C LEU MA 52 -60.85 -0.15 -14.20
N GLY MA 53 -60.98 1.17 -14.18
CA GLY MA 53 -60.55 2.00 -15.28
C GLY MA 53 -59.20 2.61 -14.99
N PHE MA 54 -59.03 2.97 -13.72
CA PHE MA 54 -57.71 3.30 -13.20
C PHE MA 54 -56.66 2.34 -13.71
N ALA MA 55 -56.94 1.04 -13.55
CA ALA MA 55 -55.99 0.01 -13.95
C ALA MA 55 -55.79 0.01 -15.45
N LEU MA 56 -56.88 0.08 -16.22
CA LEU MA 56 -56.80 0.00 -17.67
C LEU MA 56 -56.23 1.24 -18.31
N SER MA 57 -55.90 2.25 -17.51
CA SER MA 57 -55.11 3.38 -17.97
C SER MA 57 -53.65 3.29 -17.54
N GLU MA 58 -53.42 2.96 -16.27
CA GLU MA 58 -52.04 2.77 -15.82
C GLU MA 58 -51.35 1.68 -16.64
N ALA MA 59 -52.10 0.68 -17.08
CA ALA MA 59 -51.54 -0.37 -17.93
C ALA MA 59 -50.78 0.24 -19.11
N MET MA 60 -51.40 1.17 -19.83
CA MET MA 60 -50.75 1.73 -21.00
C MET MA 60 -49.66 2.73 -20.62
N GLY MA 61 -49.89 3.50 -19.57
CA GLY MA 61 -48.81 4.34 -19.06
C GLY MA 61 -47.54 3.54 -18.85
N LEU MA 62 -47.67 2.37 -18.26
CA LEU MA 62 -46.49 1.58 -17.95
C LEU MA 62 -46.03 0.78 -19.15
N PHE MA 63 -46.90 0.48 -20.11
CA PHE MA 63 -46.43 0.04 -21.42
C PHE MA 63 -45.36 1.00 -21.92
N CYS MA 64 -45.67 2.29 -21.88
CA CYS MA 64 -44.76 3.27 -22.45
C CYS MA 64 -43.45 3.33 -21.65
N LEU MA 65 -43.56 3.46 -20.32
CA LEU MA 65 -42.32 3.46 -19.54
C LEU MA 65 -41.51 2.18 -19.74
N MET MA 66 -42.19 1.05 -19.90
CA MET MA 66 -41.51 -0.22 -20.11
C MET MA 66 -40.73 -0.22 -21.41
N VAL MA 67 -41.34 0.27 -22.49
CA VAL MA 67 -40.59 0.32 -23.74
C VAL MA 67 -39.42 1.28 -23.62
N ALA MA 68 -39.60 2.38 -22.88
CA ALA MA 68 -38.50 3.30 -22.67
C ALA MA 68 -37.30 2.56 -22.07
N PHE MA 69 -37.50 1.90 -20.93
CA PHE MA 69 -36.42 1.13 -20.34
C PHE MA 69 -35.90 0.06 -21.30
N LEU MA 70 -36.81 -0.78 -21.82
CA LEU MA 70 -36.43 -1.81 -22.78
C LEU MA 70 -35.42 -1.29 -23.79
N ILE MA 71 -35.60 -0.07 -24.27
CA ILE MA 71 -34.61 0.51 -25.16
C ILE MA 71 -33.35 0.89 -24.38
N LEU MA 72 -33.52 1.69 -23.32
CA LEU MA 72 -32.39 2.34 -22.68
C LEU MA 72 -31.36 1.32 -22.19
N PHE MA 73 -31.83 0.26 -21.54
CA PHE MA 73 -30.95 -0.68 -20.84
C PHE MA 73 -30.72 -1.98 -21.60
N ALA MA 74 -31.64 -2.35 -22.49
CA ALA MA 74 -31.55 -3.66 -23.15
C ALA MA 74 -31.90 -3.56 -24.62
N MET MA 75 -31.61 -2.44 -25.25
CA MET MA 75 -31.95 -2.21 -26.65
C MET MA 75 -33.43 -2.50 -26.89
N ASP NA 1 -19.14 16.56 -26.54
CA ASP NA 1 -20.04 15.48 -26.08
C ASP NA 1 -21.35 15.51 -26.84
N ILE NA 2 -21.79 14.33 -27.27
CA ILE NA 2 -23.10 14.18 -27.88
C ILE NA 2 -24.03 13.54 -26.87
N ASP NA 3 -23.46 12.68 -26.00
CA ASP NA 3 -24.27 12.09 -24.95
C ASP NA 3 -24.81 13.14 -24.00
N THR NA 4 -24.03 14.19 -23.72
CA THR NA 4 -24.54 15.29 -22.94
C THR NA 4 -25.75 15.92 -23.63
N ALA NA 5 -25.64 16.15 -24.94
CA ALA NA 5 -26.75 16.71 -25.69
C ALA NA 5 -28.00 15.86 -25.53
N ALA NA 6 -27.86 14.56 -25.80
CA ALA NA 6 -29.03 13.68 -25.74
C ALA NA 6 -29.54 13.55 -24.33
N LYS NA 7 -28.68 13.73 -23.32
CA LYS NA 7 -29.13 13.69 -21.95
C LYS NA 7 -30.03 14.88 -21.65
N PHE NA 8 -29.56 16.09 -21.97
CA PHE NA 8 -30.38 17.27 -21.74
C PHE NA 8 -31.68 17.19 -22.54
N ILE NA 9 -31.60 16.67 -23.77
CA ILE NA 9 -32.79 16.59 -24.61
C ILE NA 9 -33.77 15.58 -24.05
N GLY NA 10 -33.29 14.44 -23.60
CA GLY NA 10 -34.17 13.48 -22.94
C GLY NA 10 -34.85 14.09 -21.74
N ALA NA 11 -34.10 14.83 -20.93
CA ALA NA 11 -34.69 15.48 -19.76
C ALA NA 11 -35.85 16.39 -20.20
N GLY NA 12 -35.55 17.34 -21.07
CA GLY NA 12 -36.58 18.23 -21.55
C GLY NA 12 -37.77 17.49 -22.10
N ALA NA 13 -37.58 16.78 -23.21
CA ALA NA 13 -38.69 16.17 -23.93
C ALA NA 13 -39.31 15.00 -23.19
N ALA NA 14 -38.82 14.67 -21.99
CA ALA NA 14 -39.48 13.72 -21.13
C ALA NA 14 -40.14 14.36 -19.93
N THR NA 15 -39.89 15.66 -19.73
CA THR NA 15 -40.55 16.43 -18.67
C THR NA 15 -41.93 16.93 -19.09
N VAL NA 16 -42.56 16.27 -20.07
CA VAL NA 16 -43.84 16.71 -20.60
C VAL NA 16 -45.04 16.02 -19.97
N GLY NA 17 -44.87 14.83 -19.41
CA GLY NA 17 -45.98 14.08 -18.83
C GLY NA 17 -46.88 14.89 -17.91
N VAL NA 18 -46.41 16.05 -17.44
CA VAL NA 18 -47.21 16.98 -16.66
C VAL NA 18 -48.57 17.28 -17.29
N ALA NA 19 -48.72 17.08 -18.60
CA ALA NA 19 -50.01 17.32 -19.23
C ALA NA 19 -51.10 16.45 -18.62
N GLY NA 20 -50.81 15.16 -18.39
CA GLY NA 20 -51.78 14.31 -17.71
C GLY NA 20 -52.24 14.91 -16.39
N SER NA 21 -51.27 15.29 -15.55
CA SER NA 21 -51.59 15.91 -14.28
C SER NA 21 -52.51 17.11 -14.46
N GLY NA 22 -52.12 18.02 -15.33
CA GLY NA 22 -52.88 19.25 -15.51
C GLY NA 22 -54.31 19.00 -15.94
N ALA NA 23 -54.46 18.24 -17.01
CA ALA NA 23 -55.79 17.95 -17.51
C ALA NA 23 -56.66 17.27 -16.47
N GLY NA 24 -56.14 16.22 -15.84
CA GLY NA 24 -56.93 15.54 -14.82
C GLY NA 24 -57.30 16.45 -13.66
N ILE NA 25 -56.38 17.33 -13.28
CA ILE NA 25 -56.67 18.30 -12.23
C ILE NA 25 -57.86 19.16 -12.61
N GLY NA 26 -57.79 19.76 -13.79
CA GLY NA 26 -58.88 20.60 -14.24
C GLY NA 26 -60.19 19.85 -14.19
N THR NA 27 -60.16 18.65 -14.76
CA THR NA 27 -61.41 17.89 -14.89
C THR NA 27 -61.97 17.55 -13.53
N VAL NA 28 -61.11 17.20 -12.58
CA VAL NA 28 -61.58 16.78 -11.26
C VAL NA 28 -62.15 17.98 -10.51
N PHE NA 29 -61.42 19.09 -10.47
CA PHE NA 29 -61.94 20.25 -9.76
C PHE NA 29 -63.24 20.75 -10.39
N GLY NA 30 -63.39 20.63 -11.71
CA GLY NA 30 -64.64 20.98 -12.33
C GLY NA 30 -65.77 20.07 -11.88
N SER NA 31 -65.51 18.75 -11.91
CA SER NA 31 -66.52 17.81 -11.47
C SER NA 31 -66.94 18.10 -10.04
N LEU NA 32 -65.98 18.56 -9.22
CA LEU NA 32 -66.30 18.94 -7.86
C LEU NA 32 -67.26 20.12 -7.85
N ILE NA 33 -66.88 21.17 -8.57
CA ILE NA 33 -67.70 22.36 -8.65
C ILE NA 33 -69.15 21.98 -8.95
N ILE NA 34 -69.32 21.08 -9.90
CA ILE NA 34 -70.67 20.75 -10.36
C ILE NA 34 -71.40 19.93 -9.30
N GLY NA 35 -70.83 18.77 -8.96
CA GLY NA 35 -71.48 17.92 -7.97
C GLY NA 35 -71.80 18.66 -6.68
N TYR NA 36 -71.03 19.71 -6.38
CA TYR NA 36 -71.27 20.51 -5.19
C TYR NA 36 -72.42 21.49 -5.41
N ALA NA 37 -72.38 22.23 -6.51
CA ALA NA 37 -73.51 23.11 -6.86
C ALA NA 37 -74.82 22.36 -6.77
N ARG NA 38 -74.83 21.07 -7.08
CA ARG NA 38 -76.07 20.32 -6.93
C ARG NA 38 -76.42 20.14 -5.47
N ASN NA 39 -75.54 19.48 -4.71
CA ASN NA 39 -75.83 19.08 -3.34
C ASN NA 39 -74.75 19.59 -2.41
N PRO NA 40 -75.04 20.58 -1.55
CA PRO NA 40 -73.98 21.18 -0.72
C PRO NA 40 -73.72 20.44 0.57
N SER NA 41 -74.21 19.22 0.69
CA SER NA 41 -74.16 18.51 1.96
C SER NA 41 -72.89 17.69 2.12
N LEU NA 42 -72.61 16.81 1.18
CA LEU NA 42 -71.60 15.79 1.36
C LEU NA 42 -70.19 16.31 1.04
N M3L NA 43 -69.98 17.60 1.26
CA M3L NA 43 -68.76 18.26 0.88
CB M3L NA 43 -68.66 19.69 1.43
C M3L NA 43 -67.49 17.55 1.32
O M3L NA 43 -66.47 17.54 0.65
H M3L NA 43 -70.61 18.23 1.70
HA M3L NA 43 -68.73 18.30 -0.25
N GLN NA 44 -67.57 16.90 2.49
CA GLN NA 44 -66.42 16.22 3.04
C GLN NA 44 -66.04 15.01 2.19
N GLN NA 45 -66.98 14.09 2.03
CA GLN NA 45 -66.72 12.91 1.20
C GLN NA 45 -66.29 13.32 -0.21
N LEU NA 46 -66.93 14.37 -0.74
CA LEU NA 46 -66.61 14.80 -2.09
C LEU NA 46 -65.18 15.32 -2.15
N PHE NA 47 -64.81 16.22 -1.24
CA PHE NA 47 -63.45 16.72 -1.18
C PHE NA 47 -62.47 15.59 -0.90
N SER NA 48 -62.93 14.50 -0.30
CA SER NA 48 -62.04 13.38 -0.05
C SER NA 48 -61.65 12.71 -1.37
N TYR NA 49 -62.65 12.33 -2.16
CA TYR NA 49 -62.31 11.82 -3.49
C TYR NA 49 -61.53 12.85 -4.30
N ALA NA 50 -61.76 14.14 -4.00
CA ALA NA 50 -61.03 15.19 -4.69
C ALA NA 50 -59.53 15.10 -4.41
N ILE NA 51 -59.18 15.02 -3.13
CA ILE NA 51 -57.77 14.88 -2.75
C ILE NA 51 -57.21 13.58 -3.30
N LEU NA 52 -57.99 12.52 -3.28
CA LEU NA 52 -57.56 11.28 -3.92
C LEU NA 52 -57.09 11.55 -5.35
N GLY NA 53 -57.92 12.22 -6.14
CA GLY NA 53 -57.54 12.49 -7.53
C GLY NA 53 -56.34 13.42 -7.63
N PHE NA 54 -56.37 14.51 -6.86
CA PHE NA 54 -55.24 15.43 -6.77
C PHE NA 54 -53.93 14.68 -6.70
N ALA NA 55 -53.76 13.87 -5.65
CA ALA NA 55 -52.47 13.24 -5.42
C ALA NA 55 -52.24 12.09 -6.37
N LEU NA 56 -53.29 11.38 -6.76
CA LEU NA 56 -53.11 10.24 -7.65
C LEU NA 56 -52.76 10.65 -9.07
N SER NA 57 -53.06 11.88 -9.47
CA SER NA 57 -52.59 12.39 -10.76
C SER NA 57 -51.18 12.97 -10.63
N GLU NA 58 -50.96 13.81 -9.60
CA GLU NA 58 -49.58 14.17 -9.32
C GLU NA 58 -48.68 12.95 -9.20
N ALA NA 59 -49.26 11.77 -8.94
CA ALA NA 59 -48.50 10.53 -8.90
C ALA NA 59 -47.79 10.28 -10.22
N MET NA 60 -48.56 10.06 -11.28
CA MET NA 60 -47.96 9.83 -12.59
C MET NA 60 -47.09 11.02 -13.00
N GLY NA 61 -47.47 12.22 -12.57
CA GLY NA 61 -46.62 13.37 -12.79
C GLY NA 61 -45.21 13.11 -12.30
N LEU NA 62 -45.10 12.80 -11.01
CA LEU NA 62 -43.80 12.55 -10.39
C LEU NA 62 -43.14 11.28 -10.90
N PHE NA 63 -43.92 10.29 -11.35
CA PHE NA 63 -43.33 9.15 -12.04
C PHE NA 63 -42.49 9.62 -13.22
N CYS NA 64 -43.13 10.32 -14.14
CA CYS NA 64 -42.43 10.84 -15.31
C CYS NA 64 -41.24 11.71 -14.89
N LEU NA 65 -41.45 12.56 -13.89
CA LEU NA 65 -40.40 13.48 -13.49
C LEU NA 65 -39.19 12.76 -12.91
N MET NA 66 -39.42 11.72 -12.11
CA MET NA 66 -38.30 10.99 -11.54
C MET NA 66 -37.61 10.16 -12.61
N VAL NA 67 -38.32 9.72 -13.65
CA VAL NA 67 -37.62 9.07 -14.75
C VAL NA 67 -36.72 10.06 -15.48
N ALA NA 68 -37.22 11.28 -15.69
CA ALA NA 68 -36.39 12.32 -16.27
C ALA NA 68 -35.12 12.50 -15.45
N PHE NA 69 -35.27 12.87 -14.18
CA PHE NA 69 -34.10 13.04 -13.32
C PHE NA 69 -33.33 11.73 -13.13
N LEU NA 70 -33.90 10.59 -13.51
CA LEU NA 70 -33.18 9.33 -13.46
C LEU NA 70 -32.14 9.28 -14.56
N ILE NA 71 -32.54 9.64 -15.79
CA ILE NA 71 -31.62 9.59 -16.92
C ILE NA 71 -31.05 10.95 -17.27
N LEU NA 72 -31.23 11.95 -16.41
CA LEU NA 72 -30.62 13.26 -16.67
C LEU NA 72 -29.11 13.13 -16.79
N PHE NA 73 -28.46 12.86 -15.68
CA PHE NA 73 -27.01 12.69 -15.64
C PHE NA 73 -26.58 11.43 -14.94
N ALA NA 74 -27.36 10.96 -13.97
CA ALA NA 74 -26.97 9.92 -13.03
C ALA NA 74 -26.96 8.52 -13.63
N MET NA 75 -27.06 8.37 -14.94
CA MET NA 75 -27.10 7.04 -15.55
C MET NA 75 -26.15 6.97 -16.74
N ASP OA 1 -20.20 24.39 -30.81
CA ASP OA 1 -20.52 23.17 -30.03
C ASP OA 1 -21.87 22.61 -30.45
N ILE OA 2 -21.98 21.29 -30.37
CA ILE OA 2 -23.27 20.65 -30.63
C ILE OA 2 -24.16 20.76 -29.41
N ASP OA 3 -23.59 20.53 -28.23
CA ASP OA 3 -24.40 20.55 -27.02
C ASP OA 3 -25.05 21.91 -26.79
N THR OA 4 -24.34 22.98 -27.15
CA THR OA 4 -24.91 24.32 -27.00
C THR OA 4 -26.20 24.47 -27.80
N ALA OA 5 -26.37 23.63 -28.83
CA ALA OA 5 -27.64 23.63 -29.57
C ALA OA 5 -28.70 22.89 -28.78
N ALA OA 6 -28.42 21.64 -28.40
CA ALA OA 6 -29.35 20.88 -27.59
C ALA OA 6 -29.82 21.69 -26.38
N LYS OA 7 -28.99 22.59 -25.89
CA LYS OA 7 -29.39 23.46 -24.79
C LYS OA 7 -30.71 24.14 -25.09
N PHE OA 8 -30.74 24.95 -26.15
CA PHE OA 8 -31.96 25.69 -26.49
C PHE OA 8 -33.04 24.75 -27.01
N ILE OA 9 -32.63 23.73 -27.77
CA ILE OA 9 -33.60 22.74 -28.25
C ILE OA 9 -34.46 22.26 -27.08
N GLY OA 10 -33.80 21.78 -26.03
CA GLY OA 10 -34.54 21.21 -24.91
C GLY OA 10 -35.23 22.26 -24.08
N ALA OA 11 -34.55 23.38 -23.81
CA ALA OA 11 -35.16 24.43 -23.00
C ALA OA 11 -36.39 25.00 -23.70
N GLY OA 12 -36.55 24.72 -24.99
CA GLY OA 12 -37.77 25.10 -25.68
C GLY OA 12 -38.79 23.98 -25.70
N ALA OA 13 -38.33 22.75 -25.99
CA ALA OA 13 -39.22 21.61 -26.00
C ALA OA 13 -39.82 21.32 -24.63
N ALA OA 14 -39.27 21.91 -23.58
CA ALA OA 14 -39.73 21.67 -22.21
C ALA OA 14 -40.91 22.54 -21.82
N THR OA 15 -41.68 23.03 -22.79
CA THR OA 15 -42.90 23.77 -22.51
C THR OA 15 -44.08 23.24 -23.31
N VAL OA 16 -43.96 22.04 -23.87
CA VAL OA 16 -45.06 21.38 -24.56
C VAL OA 16 -46.26 21.15 -23.65
N GLY OA 17 -46.09 21.29 -22.34
CA GLY OA 17 -47.04 20.72 -21.41
C GLY OA 17 -48.22 21.62 -21.09
N VAL OA 18 -48.03 22.94 -21.17
CA VAL OA 18 -49.06 23.87 -20.74
C VAL OA 18 -50.39 23.61 -21.44
N ALA OA 19 -50.39 22.76 -22.46
CA ALA OA 19 -51.62 22.16 -22.95
C ALA OA 19 -52.54 21.76 -21.81
N GLY OA 20 -51.98 21.12 -20.79
CA GLY OA 20 -52.77 20.71 -19.65
C GLY OA 20 -53.44 21.88 -18.97
N SER OA 21 -52.68 22.95 -18.73
CA SER OA 21 -53.27 24.16 -18.17
C SER OA 21 -54.45 24.62 -19.02
N GLY OA 22 -54.25 24.66 -20.33
CA GLY OA 22 -55.31 25.11 -21.21
C GLY OA 22 -56.58 24.32 -20.99
N ALA OA 23 -56.47 23.00 -21.17
CA ALA OA 23 -57.66 22.16 -21.10
C ALA OA 23 -58.29 22.23 -19.72
N GLY OA 24 -57.47 22.26 -18.68
CA GLY OA 24 -57.99 22.32 -17.35
C GLY OA 24 -58.79 23.59 -17.16
N ILE OA 25 -58.13 24.75 -17.19
CA ILE OA 25 -58.84 26.00 -16.93
C ILE OA 25 -60.11 26.08 -17.76
N GLY OA 26 -60.05 25.62 -19.01
CA GLY OA 26 -61.25 25.59 -19.80
C GLY OA 26 -62.35 24.85 -19.08
N THR OA 27 -62.11 23.57 -18.82
CA THR OA 27 -63.14 22.75 -18.19
C THR OA 27 -63.55 23.33 -16.84
N VAL OA 28 -62.61 23.99 -16.18
CA VAL OA 28 -62.83 24.50 -14.84
C VAL OA 28 -63.85 25.61 -14.86
N PHE OA 29 -63.54 26.70 -15.57
CA PHE OA 29 -64.49 27.79 -15.61
C PHE OA 29 -65.77 27.39 -16.34
N GLY OA 30 -65.73 26.31 -17.13
CA GLY OA 30 -66.97 25.82 -17.70
C GLY OA 30 -67.88 25.26 -16.63
N SER OA 31 -67.34 24.40 -15.79
CA SER OA 31 -68.13 23.85 -14.71
C SER OA 31 -68.55 24.93 -13.73
N LEU OA 32 -67.75 26.00 -13.61
CA LEU OA 32 -68.13 27.11 -12.74
C LEU OA 32 -69.32 27.87 -13.30
N ILE OA 33 -69.24 28.22 -14.59
CA ILE OA 33 -70.41 28.77 -15.27
C ILE OA 33 -71.64 27.95 -14.95
N ILE OA 34 -71.54 26.63 -15.14
CA ILE OA 34 -72.73 25.80 -14.99
C ILE OA 34 -73.21 25.82 -13.55
N GLY OA 35 -72.28 25.89 -12.61
CA GLY OA 35 -72.65 25.95 -11.22
C GLY OA 35 -73.46 27.19 -10.95
N TYR OA 36 -72.85 28.35 -11.16
CA TYR OA 36 -73.55 29.60 -10.92
C TYR OA 36 -74.86 29.66 -11.69
N ALA OA 37 -74.96 28.92 -12.79
CA ALA OA 37 -76.17 28.93 -13.60
C ALA OA 37 -77.16 27.86 -13.22
N ARG OA 38 -76.84 27.02 -12.23
CA ARG OA 38 -77.78 26.05 -11.70
C ARG OA 38 -78.14 26.30 -10.24
N ASN OA 39 -77.35 27.09 -9.52
CA ASN OA 39 -77.58 27.32 -8.10
C ASN OA 39 -76.83 28.58 -7.68
N PRO OA 40 -77.35 29.75 -8.01
CA PRO OA 40 -76.58 30.99 -7.82
C PRO OA 40 -76.14 31.27 -6.40
N SER OA 41 -76.58 30.46 -5.44
CA SER OA 41 -76.28 30.68 -4.04
C SER OA 41 -74.93 30.12 -3.62
N LEU OA 42 -74.05 29.84 -4.57
CA LEU OA 42 -72.76 29.23 -4.26
C LEU OA 42 -71.61 30.01 -4.87
N M3L OA 43 -71.94 31.17 -5.44
CA M3L OA 43 -71.00 31.98 -6.16
CB M3L OA 43 -71.46 33.45 -6.27
C M3L OA 43 -69.57 32.02 -5.60
O M3L OA 43 -68.60 31.64 -6.24
H M3L OA 43 -72.84 31.59 -5.43
HA M3L OA 43 -70.90 31.56 -7.21
N GLN OA 44 -69.46 32.47 -4.36
CA GLN OA 44 -68.15 32.66 -3.74
C GLN OA 44 -67.44 31.32 -3.47
N GLN OA 45 -68.20 30.33 -3.00
CA GLN OA 45 -67.62 29.02 -2.75
C GLN OA 45 -66.97 28.47 -4.01
N LEU OA 46 -67.75 28.41 -5.10
CA LEU OA 46 -67.23 27.83 -6.32
C LEU OA 46 -66.21 28.73 -6.98
N PHE OA 47 -66.28 30.04 -6.76
CA PHE OA 47 -65.22 30.92 -7.22
C PHE OA 47 -63.91 30.58 -6.53
N SER OA 48 -63.98 30.24 -5.24
CA SER OA 48 -62.78 29.85 -4.51
C SER OA 48 -62.23 28.54 -5.05
N TYR OA 49 -63.11 27.56 -5.28
CA TYR OA 49 -62.66 26.30 -5.87
C TYR OA 49 -62.03 26.54 -7.24
N ALA OA 50 -62.56 27.52 -7.98
CA ALA OA 50 -62.05 27.81 -9.31
C ALA OA 50 -60.65 28.40 -9.23
N ILE OA 51 -60.45 29.37 -8.34
CA ILE OA 51 -59.10 29.94 -8.20
C ILE OA 51 -58.14 28.88 -7.69
N LEU OA 52 -58.64 27.93 -6.88
CA LEU OA 52 -57.81 26.80 -6.49
C LEU OA 52 -57.28 26.06 -7.72
N GLY OA 53 -58.19 25.54 -8.54
CA GLY OA 53 -57.78 24.81 -9.73
C GLY OA 53 -56.91 25.63 -10.65
N PHE OA 54 -57.27 26.90 -10.82
CA PHE OA 54 -56.49 27.84 -11.61
C PHE OA 54 -55.04 27.87 -11.15
N ALA OA 55 -54.83 28.21 -9.87
CA ALA OA 55 -53.49 28.24 -9.31
C ALA OA 55 -52.78 26.92 -9.52
N LEU OA 56 -53.47 25.82 -9.24
CA LEU OA 56 -52.83 24.50 -9.32
C LEU OA 56 -52.25 24.26 -10.71
N SER OA 57 -53.10 24.27 -11.72
CA SER OA 57 -52.63 23.92 -13.06
C SER OA 57 -51.68 24.98 -13.61
N GLU OA 58 -51.95 26.25 -13.33
CA GLU OA 58 -51.02 27.30 -13.75
C GLU OA 58 -49.64 27.05 -13.15
N ALA OA 59 -49.59 26.58 -11.91
CA ALA OA 59 -48.31 26.30 -11.27
C ALA OA 59 -47.62 25.13 -11.92
N MET OA 60 -48.37 24.07 -12.22
CA MET OA 60 -47.80 22.96 -12.99
C MET OA 60 -47.10 23.48 -14.23
N GLY OA 61 -47.82 24.25 -15.03
CA GLY OA 61 -47.26 24.74 -16.28
C GLY OA 61 -46.06 25.65 -16.08
N LEU OA 62 -46.13 26.51 -15.06
CA LEU OA 62 -45.08 27.50 -14.88
C LEU OA 62 -43.82 26.90 -14.27
N PHE OA 63 -43.96 25.85 -13.46
CA PHE OA 63 -42.77 25.15 -13.01
C PHE OA 63 -42.21 24.27 -14.13
N CYS OA 64 -43.04 23.81 -15.05
CA CYS OA 64 -42.48 23.21 -16.27
C CYS OA 64 -41.69 24.24 -17.05
N LEU OA 65 -42.16 25.48 -17.05
CA LEU OA 65 -41.39 26.55 -17.68
C LEU OA 65 -40.08 26.79 -16.93
N MET OA 66 -40.10 26.66 -15.61
CA MET OA 66 -38.86 26.76 -14.84
C MET OA 66 -37.91 25.64 -15.22
N VAL OA 67 -38.43 24.45 -15.48
CA VAL OA 67 -37.62 23.37 -16.03
C VAL OA 67 -36.96 23.83 -17.33
N ALA OA 68 -37.78 24.32 -18.25
CA ALA OA 68 -37.27 24.86 -19.49
C ALA OA 68 -36.11 25.82 -19.24
N PHE OA 69 -36.29 26.74 -18.29
CA PHE OA 69 -35.28 27.76 -18.06
C PHE OA 69 -34.00 27.16 -17.52
N LEU OA 70 -34.10 26.41 -16.42
CA LEU OA 70 -32.90 25.79 -15.85
C LEU OA 70 -32.17 24.94 -16.88
N ILE OA 71 -32.90 24.43 -17.88
CA ILE OA 71 -32.23 23.79 -19.00
C ILE OA 71 -31.50 24.84 -19.84
N LEU OA 72 -32.18 25.97 -20.10
CA LEU OA 72 -31.56 27.05 -20.86
C LEU OA 72 -30.22 27.44 -20.24
N PHE OA 73 -30.22 27.77 -18.95
CA PHE OA 73 -29.04 28.33 -18.30
C PHE OA 73 -28.27 27.26 -17.55
N ALA OA 74 -28.24 26.04 -18.10
CA ALA OA 74 -27.52 24.93 -17.51
C ALA OA 74 -26.13 25.35 -17.03
N ASP PA 1 -25.08 26.82 -39.85
CA ASP PA 1 -24.49 26.99 -38.50
C ASP PA 1 -25.08 25.93 -37.58
N ILE PA 2 -24.82 26.07 -36.28
CA ILE PA 2 -25.36 25.16 -35.30
C ILE PA 2 -26.41 25.81 -34.42
N ASP PA 3 -26.20 27.04 -33.97
CA ASP PA 3 -27.20 27.73 -33.17
C ASP PA 3 -28.39 28.17 -34.02
N THR PA 4 -28.17 28.41 -35.32
CA THR PA 4 -29.25 28.81 -36.20
C THR PA 4 -30.37 27.76 -36.20
N ALA PA 5 -30.05 26.56 -36.67
CA ALA PA 5 -31.04 25.48 -36.67
C ALA PA 5 -31.52 25.17 -35.27
N ALA PA 6 -30.63 25.32 -34.28
CA ALA PA 6 -31.02 25.06 -32.90
C ALA PA 6 -32.22 25.91 -32.51
N LYS PA 7 -32.06 27.23 -32.56
CA LYS PA 7 -33.16 28.13 -32.23
C LYS PA 7 -34.35 27.91 -33.17
N PHE PA 8 -34.09 27.67 -34.46
CA PHE PA 8 -35.17 27.42 -35.40
C PHE PA 8 -36.11 26.36 -34.83
N ILE PA 9 -35.57 25.19 -34.54
CA ILE PA 9 -36.41 24.07 -34.17
C ILE PA 9 -36.91 24.23 -32.74
N GLY PA 10 -36.11 24.89 -31.88
CA GLY PA 10 -36.59 25.16 -30.54
C GLY PA 10 -37.87 25.96 -30.55
N ALA PA 11 -37.94 26.95 -31.44
CA ALA PA 11 -39.16 27.74 -31.53
C ALA PA 11 -40.26 26.97 -32.25
N GLY PA 12 -39.91 26.25 -33.31
CA GLY PA 12 -40.89 25.43 -33.99
C GLY PA 12 -41.48 24.36 -33.11
N ALA PA 13 -40.85 24.08 -31.97
CA ALA PA 13 -41.38 23.17 -30.98
C ALA PA 13 -42.17 23.90 -29.91
N ALA PA 14 -41.58 24.94 -29.31
CA ALA PA 14 -42.28 25.69 -28.28
C ALA PA 14 -43.57 26.31 -28.79
N THR PA 15 -43.71 26.48 -30.09
CA THR PA 15 -44.95 27.02 -30.67
C THR PA 15 -46.11 26.05 -30.60
N VAL PA 16 -45.93 24.89 -29.95
CA VAL PA 16 -47.02 23.92 -29.88
C VAL PA 16 -47.72 23.96 -28.53
N GLY PA 17 -47.28 24.81 -27.61
CA GLY PA 17 -47.96 24.99 -26.35
C GLY PA 17 -49.15 25.93 -26.46
N VAL PA 18 -49.88 25.81 -27.56
CA VAL PA 18 -51.00 26.71 -27.84
C VAL PA 18 -52.29 25.95 -28.11
N ALA PA 19 -52.21 24.70 -28.57
CA ALA PA 19 -53.42 23.94 -28.84
C ALA PA 19 -54.25 23.75 -27.59
N GLY PA 20 -53.61 23.61 -26.44
CA GLY PA 20 -54.35 23.46 -25.21
C GLY PA 20 -55.15 24.71 -24.88
N SER PA 21 -54.51 25.87 -24.95
CA SER PA 21 -55.23 27.11 -24.76
C SER PA 21 -56.39 27.24 -25.75
N GLY PA 22 -56.18 26.82 -26.99
CA GLY PA 22 -57.24 26.86 -27.97
C GLY PA 22 -58.44 26.03 -27.55
N ALA PA 23 -58.21 24.74 -27.33
CA ALA PA 23 -59.29 23.86 -26.92
C ALA PA 23 -59.93 24.34 -25.63
N GLY PA 24 -59.14 24.98 -24.74
CA GLY PA 24 -59.71 25.51 -23.52
C GLY PA 24 -60.72 26.60 -23.79
N ILE PA 25 -60.35 27.55 -24.66
CA ILE PA 25 -61.29 28.56 -25.10
C ILE PA 25 -62.57 27.90 -25.62
N GLY PA 26 -62.40 26.92 -26.49
CA GLY PA 26 -63.57 26.27 -27.07
C GLY PA 26 -64.48 25.68 -26.02
N THR PA 27 -63.89 25.00 -25.05
CA THR PA 27 -64.70 24.30 -24.06
C THR PA 27 -65.38 25.29 -23.12
N VAL PA 28 -64.68 26.35 -22.73
CA VAL PA 28 -65.29 27.35 -21.87
C VAL PA 28 -66.47 27.98 -22.57
N PHE PA 29 -66.39 28.15 -23.90
CA PHE PA 29 -67.52 28.71 -24.62
C PHE PA 29 -68.69 27.72 -24.73
N GLY PA 30 -68.41 26.44 -24.92
CA GLY PA 30 -69.48 25.46 -24.87
C GLY PA 30 -70.20 25.48 -23.54
N SER PA 31 -69.43 25.57 -22.47
CA SER PA 31 -70.03 25.62 -21.14
C SER PA 31 -70.88 26.87 -20.95
N LEU PA 32 -70.37 28.02 -21.41
CA LEU PA 32 -71.19 29.23 -21.42
C LEU PA 32 -72.52 28.98 -22.10
N ILE PA 33 -72.47 28.39 -23.29
CA ILE PA 33 -73.69 28.09 -24.01
C ILE PA 33 -74.68 27.36 -23.12
N ILE PA 34 -74.25 26.23 -22.55
CA ILE PA 34 -75.21 25.43 -21.79
C ILE PA 34 -75.76 26.23 -20.62
N GLY PA 35 -74.85 26.81 -19.83
CA GLY PA 35 -75.28 27.57 -18.68
C GLY PA 35 -76.33 28.60 -19.04
N TYR PA 36 -76.08 29.38 -20.09
CA TYR PA 36 -77.05 30.37 -20.52
C TYR PA 36 -78.38 29.69 -20.88
N ALA PA 37 -78.31 28.64 -21.70
CA ALA PA 37 -79.52 27.96 -22.12
C ALA PA 37 -80.31 27.37 -20.97
N ARG PA 38 -79.73 27.33 -19.77
CA ARG PA 38 -80.55 26.96 -18.62
C ARG PA 38 -81.17 28.18 -17.96
N ASN PA 39 -80.39 29.25 -17.77
CA ASN PA 39 -80.79 30.45 -17.03
C ASN PA 39 -80.52 31.65 -17.92
N PRO PA 40 -81.47 32.03 -18.77
CA PRO PA 40 -81.18 33.06 -19.78
C PRO PA 40 -81.15 34.49 -19.23
N SER PA 41 -81.09 34.64 -17.91
CA SER PA 41 -81.23 35.95 -17.30
C SER PA 41 -79.96 36.47 -16.66
N LEU PA 42 -78.90 35.66 -16.60
CA LEU PA 42 -77.66 36.08 -15.97
C LEU PA 42 -76.54 36.15 -17.00
N M3L PA 43 -76.98 36.30 -18.25
CA M3L PA 43 -76.11 36.45 -19.36
CB M3L PA 43 -76.90 37.11 -20.50
C M3L PA 43 -74.86 37.26 -19.10
O M3L PA 43 -73.72 36.92 -19.43
H M3L PA 43 -77.94 36.33 -18.52
HA M3L PA 43 -75.78 35.42 -19.70
N GLN PA 44 -75.09 38.40 -18.47
CA GLN PA 44 -74.04 39.38 -18.26
C GLN PA 44 -72.89 38.77 -17.48
N GLN PA 45 -73.24 38.13 -16.37
CA GLN PA 45 -72.23 37.60 -15.48
C GLN PA 45 -71.59 36.35 -16.07
N LEU PA 46 -72.39 35.49 -16.70
CA LEU PA 46 -71.81 34.37 -17.42
C LEU PA 46 -70.73 34.87 -18.37
N PHE PA 47 -71.02 35.95 -19.08
CA PHE PA 47 -70.11 36.44 -20.11
C PHE PA 47 -68.87 37.06 -19.49
N SER PA 48 -69.03 37.80 -18.40
CA SER PA 48 -67.87 38.33 -17.69
C SER PA 48 -66.92 37.20 -17.31
N TYR PA 49 -67.45 36.16 -16.67
CA TYR PA 49 -66.62 35.02 -16.29
C TYR PA 49 -65.93 34.42 -17.49
N ALA PA 50 -66.68 34.20 -18.58
CA ALA PA 50 -66.10 33.54 -19.74
C ALA PA 50 -64.98 34.37 -20.34
N ILE PA 51 -65.18 35.68 -20.47
CA ILE PA 51 -64.15 36.51 -21.06
C ILE PA 51 -62.92 36.53 -20.19
N LEU PA 52 -63.09 36.44 -18.87
CA LEU PA 52 -61.93 36.33 -18.00
C LEU PA 52 -61.15 35.05 -18.30
N GLY PA 53 -61.84 33.92 -18.35
CA GLY PA 53 -61.16 32.68 -18.69
C GLY PA 53 -60.41 32.78 -19.99
N PHE PA 54 -61.00 33.47 -20.97
CA PHE PA 54 -60.33 33.68 -22.24
C PHE PA 54 -59.05 34.48 -22.05
N ALA PA 55 -59.12 35.58 -21.32
CA ALA PA 55 -57.93 36.36 -21.02
C ALA PA 55 -56.83 35.45 -20.49
N LEU PA 56 -57.16 34.56 -19.57
CA LEU PA 56 -56.15 33.76 -18.91
C LEU PA 56 -55.50 32.77 -19.88
N SER PA 57 -56.33 31.97 -20.57
CA SER PA 57 -55.78 30.99 -21.50
C SER PA 57 -54.96 31.67 -22.60
N GLU PA 58 -55.48 32.78 -23.14
CA GLU PA 58 -54.73 33.50 -24.16
C GLU PA 58 -53.41 34.00 -23.61
N ALA PA 59 -53.39 34.45 -22.35
CA ALA PA 59 -52.15 34.88 -21.73
C ALA PA 59 -51.13 33.74 -21.71
N MET PA 60 -51.59 32.55 -21.32
CA MET PA 60 -50.68 31.41 -21.24
C MET PA 60 -50.09 31.09 -22.60
N GLY PA 61 -50.94 31.01 -23.62
CA GLY PA 61 -50.44 30.75 -24.96
C GLY PA 61 -49.48 31.83 -25.44
N LEU PA 62 -49.80 33.09 -25.15
CA LEU PA 62 -48.96 34.19 -25.60
C LEU PA 62 -47.59 34.13 -24.93
N PHE PA 63 -47.53 33.70 -23.68
CA PHE PA 63 -46.23 33.51 -23.05
C PHE PA 63 -45.47 32.37 -23.69
N CYS PA 64 -46.15 31.26 -23.94
CA CYS PA 64 -45.49 30.14 -24.60
C CYS PA 64 -44.95 30.53 -25.96
N LEU PA 65 -45.53 31.55 -26.59
CA LEU PA 65 -45.06 31.99 -27.89
C LEU PA 65 -43.99 33.07 -27.79
N MET PA 66 -44.10 33.96 -26.80
CA MET PA 66 -43.02 34.89 -26.50
C MET PA 66 -41.73 34.12 -26.24
N VAL PA 67 -41.83 32.95 -25.62
CA VAL PA 67 -40.68 32.06 -25.51
C VAL PA 67 -40.05 31.85 -26.88
N ALA PA 68 -40.87 31.51 -27.87
CA ALA PA 68 -40.36 31.22 -29.20
C ALA PA 68 -39.70 32.44 -29.81
N PHE PA 69 -40.30 33.61 -29.61
CA PHE PA 69 -39.70 34.84 -30.14
C PHE PA 69 -38.33 35.07 -29.51
N LEU PA 70 -38.21 34.86 -28.20
CA LEU PA 70 -36.92 35.03 -27.56
C LEU PA 70 -35.92 34.03 -28.08
N ILE PA 71 -36.34 32.78 -28.27
CA ILE PA 71 -35.47 31.78 -28.89
C ILE PA 71 -34.97 32.29 -30.21
N LEU PA 72 -35.88 32.78 -31.05
CA LEU PA 72 -35.48 33.39 -32.31
C LEU PA 72 -34.37 34.41 -32.10
N PHE PA 73 -34.55 35.28 -31.11
CA PHE PA 73 -33.60 36.37 -30.91
C PHE PA 73 -32.98 36.31 -29.53
N ALA PA 74 -32.68 35.10 -29.06
CA ALA PA 74 -31.99 34.92 -27.79
C ALA PA 74 -30.53 35.36 -27.91
N ASP QA 1 -27.77 24.47 -48.27
CA ASP QA 1 -27.22 24.64 -46.90
C ASP QA 1 -28.08 23.91 -45.88
N ILE QA 2 -27.43 23.40 -44.83
CA ILE QA 2 -28.15 22.64 -43.82
C ILE QA 2 -29.29 23.44 -43.21
N ASP QA 3 -29.17 24.77 -43.16
CA ASP QA 3 -30.25 25.58 -42.61
C ASP QA 3 -31.55 25.38 -43.37
N THR QA 4 -31.50 24.91 -44.62
CA THR QA 4 -32.73 24.58 -45.33
C THR QA 4 -33.44 23.40 -44.68
N ALA QA 5 -32.69 22.32 -44.46
CA ALA QA 5 -33.19 21.20 -43.69
C ALA QA 5 -33.77 21.67 -42.36
N ALA QA 6 -33.03 22.52 -41.65
CA ALA QA 6 -33.50 22.97 -40.34
C ALA QA 6 -34.78 23.78 -40.46
N LYS QA 7 -34.92 24.53 -41.55
CA LYS QA 7 -36.14 25.30 -41.78
C LYS QA 7 -37.31 24.35 -41.94
N PHE QA 8 -37.16 23.35 -42.80
CA PHE QA 8 -38.23 22.39 -43.01
C PHE QA 8 -38.57 21.68 -41.71
N ILE QA 9 -37.56 21.44 -40.88
CA ILE QA 9 -37.77 20.77 -39.60
C ILE QA 9 -38.61 21.64 -38.68
N GLY QA 10 -38.20 22.90 -38.51
CA GLY QA 10 -38.99 23.81 -37.70
C GLY QA 10 -40.42 23.93 -38.18
N ALA QA 11 -40.62 23.94 -39.49
CA ALA QA 11 -41.97 24.03 -40.03
C ALA QA 11 -42.80 22.81 -39.63
N GLY QA 12 -42.23 21.62 -39.85
CA GLY QA 12 -42.95 20.41 -39.47
C GLY QA 12 -43.21 20.32 -37.99
N ALA QA 13 -42.32 20.89 -37.18
CA ALA QA 13 -42.52 20.89 -35.74
C ALA QA 13 -43.61 21.86 -35.32
N ALA QA 14 -43.71 22.99 -36.02
CA ALA QA 14 -44.59 24.06 -35.57
C ALA QA 14 -46.02 23.91 -36.06
N THR QA 15 -46.22 23.40 -37.27
CA THR QA 15 -47.58 23.39 -37.82
C THR QA 15 -48.53 22.54 -36.99
N VAL QA 16 -48.00 21.63 -36.18
CA VAL QA 16 -48.75 20.53 -35.59
C VAL QA 16 -49.87 21.02 -34.66
N GLY QA 17 -49.77 22.26 -34.19
CA GLY QA 17 -50.57 22.68 -33.05
C GLY QA 17 -52.01 23.03 -33.35
N VAL QA 18 -52.51 22.72 -34.54
CA VAL QA 18 -53.87 23.14 -34.93
C VAL QA 18 -54.91 22.22 -34.32
N ALA QA 19 -54.45 21.14 -33.68
CA ALA QA 19 -55.40 20.19 -33.10
C ALA QA 19 -56.20 20.84 -31.98
N GLY QA 20 -55.60 21.79 -31.27
CA GLY QA 20 -56.34 22.51 -30.25
C GLY QA 20 -57.53 23.26 -30.81
N SER QA 21 -57.34 23.93 -31.95
CA SER QA 21 -58.45 24.59 -32.60
C SER QA 21 -59.47 23.59 -33.10
N GLY QA 22 -59.02 22.48 -33.66
CA GLY QA 22 -59.95 21.42 -34.04
C GLY QA 22 -60.83 21.02 -32.88
N ALA QA 23 -60.21 20.79 -31.72
CA ALA QA 23 -60.97 20.48 -30.52
C ALA QA 23 -62.00 21.56 -30.23
N GLY QA 24 -61.53 22.77 -29.94
CA GLY QA 24 -62.45 23.84 -29.60
C GLY QA 24 -63.63 23.92 -30.54
N ILE QA 25 -63.38 23.72 -31.83
CA ILE QA 25 -64.45 23.72 -32.82
C ILE QA 25 -65.48 22.65 -32.50
N GLY QA 26 -65.03 21.40 -32.45
CA GLY QA 26 -65.95 20.32 -32.14
C GLY QA 26 -66.69 20.56 -30.84
N THR QA 27 -65.99 21.12 -29.87
CA THR QA 27 -66.54 21.33 -28.54
C THR QA 27 -67.69 22.32 -28.59
N VAL QA 28 -67.46 23.50 -29.18
CA VAL QA 28 -68.52 24.50 -29.21
C VAL QA 28 -69.71 23.97 -29.98
N PHE QA 29 -69.48 23.26 -31.07
CA PHE QA 29 -70.64 22.83 -31.84
C PHE QA 29 -71.44 21.78 -31.08
N GLY QA 30 -70.77 20.90 -30.34
CA GLY QA 30 -71.52 19.96 -29.53
C GLY QA 30 -72.31 20.64 -28.43
N SER QA 31 -71.68 21.57 -27.74
CA SER QA 31 -72.37 22.28 -26.67
C SER QA 31 -73.55 23.07 -27.20
N LEU QA 32 -73.37 23.70 -28.37
CA LEU QA 32 -74.47 24.37 -29.05
C LEU QA 32 -75.63 23.43 -29.29
N ILE QA 33 -75.33 22.21 -29.75
CA ILE QA 33 -76.44 21.29 -30.00
C ILE QA 33 -77.16 20.99 -28.70
N ILE QA 34 -76.42 20.72 -27.64
CA ILE QA 34 -77.05 20.47 -26.35
C ILE QA 34 -77.99 21.61 -26.01
N GLY QA 35 -77.46 22.82 -26.01
CA GLY QA 35 -78.25 23.99 -25.67
C GLY QA 35 -79.51 24.06 -26.49
N TYR QA 36 -79.37 24.25 -27.80
CA TYR QA 36 -80.52 24.31 -28.67
C TYR QA 36 -81.50 23.19 -28.42
N ALA QA 37 -81.05 22.04 -27.93
CA ALA QA 37 -81.98 20.97 -27.63
C ALA QA 37 -82.65 21.15 -26.29
N ARG QA 38 -82.12 22.03 -25.44
CA ARG QA 38 -82.82 22.39 -24.21
C ARG QA 38 -83.89 23.45 -24.46
N ASN QA 39 -83.54 24.51 -25.18
CA ASN QA 39 -84.38 25.70 -25.32
C ASN QA 39 -84.51 26.05 -26.80
N PRO QA 40 -85.25 25.23 -27.56
CA PRO QA 40 -85.28 25.40 -29.02
C PRO QA 40 -85.56 26.82 -29.50
N SER QA 41 -86.05 27.67 -28.63
CA SER QA 41 -86.52 29.00 -28.99
C SER QA 41 -85.51 30.09 -28.62
N LEU QA 42 -84.23 29.80 -28.80
CA LEU QA 42 -83.18 30.77 -28.54
C LEU QA 42 -82.07 30.64 -29.59
N M3L QA 43 -82.44 29.98 -30.67
CA M3L QA 43 -81.58 29.71 -31.79
CB M3L QA 43 -82.38 29.58 -33.08
C M3L QA 43 -80.50 30.71 -32.14
O M3L QA 43 -79.31 30.43 -32.29
H M3L QA 43 -83.35 29.60 -30.85
HA M3L QA 43 -81.05 28.73 -31.59
N GLN QA 44 -80.96 31.94 -32.33
CA GLN QA 44 -80.14 32.97 -32.91
C GLN QA 44 -79.02 33.33 -31.97
N GLN QA 45 -79.38 33.56 -30.71
CA GLN QA 45 -78.39 33.92 -29.73
C GLN QA 45 -77.43 32.74 -29.48
N LEU QA 46 -77.96 31.51 -29.54
CA LEU QA 46 -77.08 30.35 -29.44
C LEU QA 46 -76.01 30.38 -30.53
N PHE QA 47 -76.46 30.37 -31.78
CA PHE QA 47 -75.55 30.39 -32.93
C PHE QA 47 -74.55 31.53 -32.80
N SER QA 48 -75.01 32.71 -32.40
CA SER QA 48 -74.12 33.86 -32.31
C SER QA 48 -73.05 33.65 -31.26
N TYR QA 49 -73.44 33.18 -30.07
CA TYR QA 49 -72.44 32.83 -29.06
C TYR QA 49 -71.42 31.85 -29.64
N ALA QA 50 -71.91 30.86 -30.38
CA ALA QA 50 -71.02 29.87 -30.98
C ALA QA 50 -69.95 30.53 -31.82
N ILE QA 51 -70.37 31.35 -32.78
CA ILE QA 51 -69.44 31.90 -33.77
C ILE QA 51 -68.28 32.61 -33.10
N LEU QA 52 -68.56 33.38 -32.05
CA LEU QA 52 -67.52 34.10 -31.35
C LEU QA 52 -66.34 33.18 -31.04
N GLY QA 53 -66.60 32.15 -30.22
CA GLY QA 53 -65.51 31.29 -29.78
C GLY QA 53 -64.92 30.49 -30.93
N PHE QA 54 -65.78 30.03 -31.84
CA PHE QA 54 -65.28 29.40 -33.06
C PHE QA 54 -64.13 30.20 -33.65
N ALA QA 55 -64.39 31.48 -33.95
CA ALA QA 55 -63.40 32.31 -34.59
C ALA QA 55 -62.21 32.56 -33.67
N LEU QA 56 -62.47 32.74 -32.38
CA LEU QA 56 -61.37 33.06 -31.48
C LEU QA 56 -60.44 31.87 -31.29
N SER QA 57 -60.90 30.66 -31.56
CA SER QA 57 -60.03 29.49 -31.54
C SER QA 57 -59.22 29.39 -32.84
N GLU QA 58 -59.90 29.52 -33.97
CA GLU QA 58 -59.13 29.55 -35.20
C GLU QA 58 -58.15 30.70 -35.21
N ALA QA 59 -58.35 31.72 -34.37
CA ALA QA 59 -57.36 32.79 -34.24
C ALA QA 59 -56.00 32.22 -33.82
N MET QA 60 -55.99 31.46 -32.74
CA MET QA 60 -54.74 30.85 -32.29
C MET QA 60 -54.21 29.88 -33.34
N GLY QA 61 -55.10 29.11 -33.95
CA GLY QA 61 -54.66 28.21 -35.01
C GLY QA 61 -53.90 28.94 -36.08
N LEU QA 62 -54.42 30.09 -36.50
CA LEU QA 62 -53.79 30.85 -37.57
C LEU QA 62 -52.54 31.55 -37.07
N PHE QA 63 -52.47 31.90 -35.80
CA PHE QA 63 -51.21 32.41 -35.26
C PHE QA 63 -50.12 31.36 -35.41
N CYS QA 64 -50.45 30.12 -35.13
CA CYS QA 64 -49.49 29.03 -35.29
C CYS QA 64 -49.07 28.90 -36.75
N LEU QA 65 -50.05 28.80 -37.66
CA LEU QA 65 -49.71 28.69 -39.06
C LEU QA 65 -48.93 29.91 -39.55
N MET QA 66 -49.12 31.06 -38.91
CA MET QA 66 -48.47 32.28 -39.36
C MET QA 66 -47.00 32.28 -38.97
N VAL QA 67 -46.70 31.92 -37.73
CA VAL QA 67 -45.31 31.73 -37.37
C VAL QA 67 -44.69 30.66 -38.25
N ALA QA 68 -45.46 29.65 -38.62
CA ALA QA 68 -44.93 28.62 -39.52
C ALA QA 68 -44.46 29.24 -40.83
N PHE QA 69 -45.35 29.96 -41.50
CA PHE QA 69 -44.99 30.60 -42.76
C PHE QA 69 -43.77 31.50 -42.57
N LEU QA 70 -43.84 32.39 -41.58
CA LEU QA 70 -42.76 33.33 -41.35
C LEU QA 70 -41.43 32.62 -41.22
N ILE QA 71 -41.35 31.65 -40.31
CA ILE QA 71 -40.09 30.96 -40.06
C ILE QA 71 -39.62 30.24 -41.32
N LEU QA 72 -40.44 29.31 -41.82
CA LEU QA 72 -40.04 28.52 -42.98
C LEU QA 72 -39.52 29.40 -44.10
N PHE QA 73 -40.33 30.37 -44.54
CA PHE QA 73 -40.02 31.12 -45.74
C PHE QA 73 -39.02 32.24 -45.49
N ALA QA 74 -39.35 33.15 -44.59
CA ALA QA 74 -38.53 34.34 -44.42
C ALA QA 74 -37.33 34.05 -43.54
N MET QA 75 -37.57 33.67 -42.29
CA MET QA 75 -36.49 33.43 -41.35
C MET QA 75 -37.02 32.78 -40.07
N ASN RA 4 -28.66 -7.22 -18.69
CA ASN RA 4 -28.31 -7.20 -17.27
C ASN RA 4 -29.47 -7.66 -16.42
N LEU RA 5 -30.68 -7.39 -16.90
CA LEU RA 5 -31.89 -7.62 -16.12
C LEU RA 5 -33.01 -8.33 -16.86
N PHE RA 6 -32.91 -8.51 -18.17
CA PHE RA 6 -33.82 -9.40 -18.88
C PHE RA 6 -33.61 -10.83 -18.42
N ALA RA 7 -32.59 -11.04 -17.59
CA ALA RA 7 -32.27 -12.37 -17.09
C ALA RA 7 -33.52 -13.11 -16.64
N SER RA 8 -34.31 -12.49 -15.75
CA SER RA 8 -35.44 -13.18 -15.15
C SER RA 8 -36.43 -13.71 -16.17
N PHE RA 9 -36.35 -13.27 -17.42
CA PHE RA 9 -37.19 -13.78 -18.48
C PHE RA 9 -36.53 -14.87 -19.29
N ILE RA 10 -35.23 -15.08 -19.09
CA ILE RA 10 -34.53 -16.16 -19.76
C ILE RA 10 -35.09 -17.49 -19.30
N ALA RA 11 -35.29 -18.40 -20.23
CA ALA RA 11 -35.88 -19.69 -19.89
C ALA RA 11 -34.88 -20.51 -19.09
N PRO RA 12 -35.27 -21.05 -17.94
CA PRO RA 12 -34.30 -21.73 -17.07
C PRO RA 12 -34.28 -23.23 -17.31
N THR RA 13 -33.08 -23.80 -17.19
CA THR RA 13 -32.91 -25.24 -17.02
C THR RA 13 -31.67 -25.44 -16.17
N MET RA 14 -31.88 -25.89 -14.93
CA MET RA 14 -30.76 -26.01 -13.99
C MET RA 14 -29.58 -26.74 -14.64
N MET RA 15 -29.87 -27.60 -15.60
CA MET RA 15 -28.86 -28.26 -16.40
C MET RA 15 -29.45 -28.46 -17.79
N GLY RA 16 -28.84 -29.33 -18.58
CA GLY RA 16 -29.35 -29.57 -19.92
C GLY RA 16 -30.55 -30.51 -19.94
N LEU RA 17 -31.65 -30.09 -19.34
CA LEU RA 17 -32.86 -30.90 -19.28
C LEU RA 17 -34.08 -30.00 -19.33
N PRO RA 18 -35.26 -30.57 -19.68
CA PRO RA 18 -36.48 -29.75 -19.81
C PRO RA 18 -37.24 -29.52 -18.51
N ILE RA 19 -36.86 -28.49 -17.75
CA ILE RA 19 -37.50 -28.25 -16.46
C ILE RA 19 -38.74 -27.37 -16.56
N VAL RA 20 -38.72 -26.34 -17.40
CA VAL RA 20 -39.65 -25.23 -17.28
C VAL RA 20 -41.10 -25.70 -17.34
N THR RA 21 -41.32 -26.95 -17.72
CA THR RA 21 -42.65 -27.54 -17.69
C THR RA 21 -43.08 -27.94 -16.29
N LEU RA 22 -42.29 -27.59 -15.27
CA LEU RA 22 -42.67 -27.78 -13.88
C LEU RA 22 -43.00 -26.48 -13.18
N ILE RA 23 -42.44 -25.36 -13.65
CA ILE RA 23 -42.86 -24.05 -13.21
C ILE RA 23 -44.31 -23.78 -13.55
N ILE RA 24 -44.91 -24.59 -14.40
CA ILE RA 24 -46.23 -24.32 -14.96
C ILE RA 24 -47.31 -25.17 -14.32
N MET RA 25 -46.98 -26.39 -13.93
CA MET RA 25 -47.95 -27.25 -13.27
C MET RA 25 -47.93 -27.13 -11.76
N PHE RA 26 -47.03 -26.33 -11.21
CA PHE RA 26 -46.98 -26.21 -9.76
C PHE RA 26 -48.28 -25.66 -9.21
N PRO RA 27 -48.79 -24.53 -9.67
CA PRO RA 27 -50.10 -24.06 -9.22
C PRO RA 27 -51.18 -25.11 -9.13
N SER RA 28 -51.10 -26.14 -9.96
CA SER RA 28 -52.19 -27.11 -10.04
C SER RA 28 -52.58 -27.67 -8.68
N LEU RA 29 -51.69 -27.58 -7.70
CA LEU RA 29 -51.91 -28.19 -6.39
C LEU RA 29 -52.02 -27.17 -5.26
N LEU RA 30 -52.06 -25.88 -5.58
CA LEU RA 30 -52.61 -24.88 -4.66
C LEU RA 30 -54.11 -24.74 -4.82
N PHE RA 31 -54.77 -25.72 -5.43
CA PHE RA 31 -56.21 -25.69 -5.63
C PHE RA 31 -56.68 -27.14 -5.63
N PRO RA 32 -56.51 -27.83 -4.50
CA PRO RA 32 -56.86 -29.24 -4.44
C PRO RA 32 -58.34 -29.48 -4.65
N THR RA 33 -58.68 -30.75 -4.79
CA THR RA 33 -60.03 -31.18 -5.10
C THR RA 33 -60.62 -31.94 -3.92
N PRO RA 34 -61.90 -31.73 -3.63
CA PRO RA 34 -62.51 -32.37 -2.46
C PRO RA 34 -63.16 -33.70 -2.79
N LYS RA 35 -63.20 -34.56 -1.79
CA LYS RA 35 -63.85 -35.86 -1.88
C LYS RA 35 -64.91 -36.06 -0.82
N ARG RA 36 -64.70 -35.54 0.38
CA ARG RA 36 -65.74 -35.52 1.39
C ARG RA 36 -66.82 -34.54 0.93
N LEU RA 37 -67.93 -34.47 1.65
CA LEU RA 37 -68.93 -33.45 1.35
C LEU RA 37 -68.49 -32.10 1.92
N ILE RA 38 -68.38 -32.03 3.22
CA ILE RA 38 -67.75 -30.88 3.86
C ILE RA 38 -66.26 -31.09 3.77
N ASN RA 39 -65.51 -30.01 3.92
CA ASN RA 39 -64.07 -30.07 3.80
C ASN RA 39 -63.45 -29.02 4.70
N ASN RA 40 -62.16 -28.78 4.52
CA ASN RA 40 -61.45 -27.80 5.32
C ASN RA 40 -61.73 -26.41 4.80
N ARG RA 41 -60.95 -25.44 5.28
CA ARG RA 41 -61.16 -24.06 4.89
C ARG RA 41 -60.73 -23.82 3.45
N THR RA 42 -59.46 -24.06 3.16
CA THR RA 42 -58.86 -23.70 1.88
C THR RA 42 -59.65 -24.20 0.68
N ILE RA 43 -60.54 -25.16 0.86
CA ILE RA 43 -61.37 -25.63 -0.23
C ILE RA 43 -62.73 -24.95 -0.21
N SER RA 44 -63.34 -24.85 0.97
CA SER RA 44 -64.62 -24.15 1.07
C SER RA 44 -64.51 -22.75 0.51
N ILE RA 45 -63.41 -22.06 0.80
CA ILE RA 45 -63.25 -20.69 0.36
C ILE RA 45 -63.28 -20.61 -1.16
N GLN RA 46 -62.35 -21.32 -1.81
CA GLN RA 46 -62.27 -21.28 -3.26
C GLN RA 46 -63.58 -21.75 -3.89
N GLN RA 47 -64.23 -22.72 -3.28
CA GLN RA 47 -65.50 -23.21 -3.80
C GLN RA 47 -66.53 -22.09 -3.85
N TRP RA 48 -66.73 -21.41 -2.72
CA TRP RA 48 -67.60 -20.24 -2.69
C TRP RA 48 -67.20 -19.23 -3.74
N LEU RA 49 -65.93 -18.86 -3.75
CA LEU RA 49 -65.41 -17.91 -4.72
C LEU RA 49 -65.87 -18.25 -6.12
N ILE RA 50 -65.76 -19.52 -6.50
CA ILE RA 50 -66.03 -19.90 -7.88
C ILE RA 50 -67.52 -19.87 -8.16
N GLN RA 51 -68.34 -20.44 -7.25
CA GLN RA 51 -69.79 -20.32 -7.42
C GLN RA 51 -70.14 -18.87 -7.70
N LEU RA 52 -69.60 -17.98 -6.88
CA LEU RA 52 -69.87 -16.55 -7.01
C LEU RA 52 -69.50 -16.03 -8.39
N THR RA 53 -68.24 -16.21 -8.77
CA THR RA 53 -67.77 -15.58 -9.99
C THR RA 53 -68.51 -16.12 -11.21
N SER RA 54 -68.85 -17.41 -11.21
CA SER RA 54 -69.63 -17.94 -12.32
C SER RA 54 -71.01 -17.30 -12.37
N LYS RA 55 -71.76 -17.44 -11.27
CA LYS RA 55 -73.08 -16.82 -11.21
C LYS RA 55 -73.04 -15.38 -11.69
N GLN RA 56 -71.91 -14.71 -11.54
CA GLN RA 56 -71.82 -13.33 -11.97
C GLN RA 56 -71.55 -13.20 -13.47
N MET RA 57 -70.48 -13.82 -13.98
CA MET RA 57 -70.09 -13.56 -15.36
C MET RA 57 -70.91 -14.32 -16.40
N MET RA 58 -71.34 -15.55 -16.14
CA MET RA 58 -72.02 -16.33 -17.17
C MET RA 58 -73.52 -16.09 -17.17
N ALA RA 59 -73.95 -14.89 -16.79
CA ALA RA 59 -75.37 -14.57 -16.81
C ALA RA 59 -75.86 -14.30 -18.24
N ILE RA 60 -75.18 -13.39 -18.95
CA ILE RA 60 -75.68 -12.91 -20.23
C ILE RA 60 -75.81 -14.04 -21.24
N HIS RA 61 -74.79 -14.90 -21.33
CA HIS RA 61 -74.73 -15.88 -22.40
C HIS RA 61 -76.02 -16.66 -22.51
N ASN RA 62 -76.31 -17.12 -23.72
CA ASN RA 62 -77.48 -17.95 -23.96
C ASN RA 62 -77.18 -19.36 -23.48
N GLN RA 63 -78.09 -20.30 -23.77
CA GLN RA 63 -77.97 -21.63 -23.19
C GLN RA 63 -76.86 -22.42 -23.87
N LYS RA 64 -76.80 -22.37 -25.20
CA LYS RA 64 -75.72 -23.03 -25.91
C LYS RA 64 -74.36 -22.50 -25.44
N GLY RA 65 -74.24 -21.17 -25.34
CA GLY RA 65 -72.98 -20.57 -24.93
C GLY RA 65 -72.59 -20.87 -23.51
N GLN RA 66 -73.46 -21.53 -22.73
CA GLN RA 66 -73.19 -21.84 -21.33
C GLN RA 66 -72.47 -23.17 -21.18
N THR RA 67 -71.81 -23.66 -22.22
CA THR RA 67 -71.07 -24.90 -22.15
C THR RA 67 -69.59 -24.67 -21.87
N TRP RA 68 -69.13 -23.42 -21.91
CA TRP RA 68 -67.72 -23.09 -21.80
C TRP RA 68 -67.34 -22.64 -20.40
N SER RA 69 -68.23 -22.80 -19.43
CA SER RA 69 -67.93 -22.34 -18.07
C SER RA 69 -66.60 -22.92 -17.58
N LEU RA 70 -66.43 -24.22 -17.76
CA LEU RA 70 -65.20 -24.88 -17.36
C LEU RA 70 -64.00 -24.17 -17.95
N MET RA 71 -63.99 -24.01 -19.27
CA MET RA 71 -62.81 -23.45 -19.92
C MET RA 71 -62.50 -22.06 -19.39
N LEU RA 72 -63.52 -21.21 -19.32
CA LEU RA 72 -63.28 -19.82 -18.94
C LEU RA 72 -62.77 -19.73 -17.51
N MET RA 73 -63.44 -20.41 -16.58
CA MET RA 73 -63.02 -20.27 -15.19
C MET RA 73 -61.68 -20.96 -14.94
N SER RA 74 -61.36 -22.02 -15.69
CA SER RA 74 -60.06 -22.63 -15.55
C SER RA 74 -58.98 -21.70 -16.07
N LEU RA 75 -59.22 -21.12 -17.24
CA LEU RA 75 -58.34 -20.11 -17.79
C LEU RA 75 -58.04 -19.03 -16.78
N ILE RA 76 -59.08 -18.46 -16.18
CA ILE RA 76 -58.89 -17.32 -15.30
C ILE RA 76 -58.20 -17.75 -14.01
N MET RA 77 -58.52 -18.95 -13.51
CA MET RA 77 -57.87 -19.45 -12.31
C MET RA 77 -56.37 -19.67 -12.54
N PHE RA 78 -56.04 -20.39 -13.60
CA PHE RA 78 -54.65 -20.63 -13.95
C PHE RA 78 -53.87 -19.33 -14.04
N ILE RA 79 -54.39 -18.35 -14.77
CA ILE RA 79 -53.64 -17.13 -14.98
C ILE RA 79 -53.53 -16.33 -13.70
N GLY RA 80 -54.63 -16.25 -12.93
CA GLY RA 80 -54.58 -15.53 -11.68
C GLY RA 80 -53.59 -16.13 -10.71
N SER RA 81 -53.40 -17.45 -10.79
CA SER RA 81 -52.34 -18.07 -9.99
C SER RA 81 -50.97 -17.64 -10.50
N THR RA 82 -50.67 -17.99 -11.75
CA THR RA 82 -49.35 -17.71 -12.31
C THR RA 82 -48.90 -16.28 -12.04
N ASN RA 83 -49.77 -15.32 -12.32
CA ASN RA 83 -49.34 -13.92 -12.27
C ASN RA 83 -49.16 -13.42 -10.84
N ILE RA 84 -49.70 -14.13 -9.85
CA ILE RA 84 -49.42 -13.82 -8.46
C ILE RA 84 -48.10 -14.46 -8.08
N LEU RA 85 -48.04 -15.78 -8.19
CA LEU RA 85 -46.84 -16.51 -7.84
C LEU RA 85 -45.60 -15.83 -8.39
N GLY RA 86 -45.66 -15.36 -9.64
CA GLY RA 86 -44.52 -14.70 -10.23
C GLY RA 86 -44.00 -13.52 -9.45
N LEU RA 87 -44.77 -13.03 -8.48
CA LEU RA 87 -44.35 -11.85 -7.73
C LEU RA 87 -43.14 -12.11 -6.85
N LEU RA 88 -42.98 -13.34 -6.38
CA LEU RA 88 -42.03 -13.62 -5.33
C LEU RA 88 -40.63 -13.15 -5.70
N PRO RA 89 -39.72 -13.09 -4.73
CA PRO RA 89 -38.36 -12.64 -4.97
C PRO RA 89 -37.70 -13.15 -6.24
N HIS RA 90 -37.65 -14.46 -6.41
CA HIS RA 90 -36.86 -15.10 -7.47
C HIS RA 90 -37.70 -16.12 -8.21
N SER RA 91 -38.90 -15.74 -8.62
CA SER RA 91 -39.79 -16.63 -9.32
C SER RA 91 -39.95 -16.23 -10.77
N PHE RA 92 -40.42 -17.18 -11.57
CA PHE RA 92 -40.51 -17.04 -13.01
C PHE RA 92 -41.96 -16.93 -13.44
N THR RA 93 -42.24 -16.02 -14.36
CA THR RA 93 -43.59 -15.81 -14.88
C THR RA 93 -43.71 -16.50 -16.24
N PRO RA 94 -44.26 -17.72 -16.30
CA PRO RA 94 -44.36 -18.41 -17.58
C PRO RA 94 -45.30 -17.75 -18.58
N THR RA 95 -45.94 -16.65 -18.23
CA THR RA 95 -46.77 -15.91 -19.19
C THR RA 95 -45.95 -14.96 -20.04
N THR RA 96 -45.06 -14.19 -19.43
CA THR RA 96 -44.25 -13.24 -20.15
C THR RA 96 -43.47 -13.87 -21.29
N GLN RA 97 -43.44 -15.19 -21.38
CA GLN RA 97 -42.96 -15.85 -22.58
C GLN RA 97 -44.04 -15.70 -23.64
N LEU RA 98 -43.92 -14.64 -24.44
CA LEU RA 98 -44.96 -14.24 -25.38
C LEU RA 98 -45.59 -15.43 -26.09
N SER RA 99 -44.78 -16.45 -26.39
CA SER RA 99 -45.30 -17.59 -27.11
C SER RA 99 -46.47 -18.23 -26.39
N MET RA 100 -46.34 -18.37 -25.08
CA MET RA 100 -47.44 -18.96 -24.31
C MET RA 100 -48.71 -18.16 -24.50
N ASN RA 101 -48.60 -16.83 -24.50
CA ASN RA 101 -49.78 -15.99 -24.65
C ASN RA 101 -50.39 -16.17 -26.02
N LEU RA 102 -49.58 -16.23 -27.07
CA LEU RA 102 -50.14 -16.46 -28.41
C LEU RA 102 -50.85 -17.80 -28.48
N GLY RA 103 -50.22 -18.85 -27.95
CA GLY RA 103 -50.82 -20.16 -28.00
C GLY RA 103 -52.05 -20.30 -27.13
N MET RA 104 -52.21 -19.41 -26.16
CA MET RA 104 -53.41 -19.41 -25.36
C MET RA 104 -54.51 -18.54 -25.95
N ALA RA 105 -54.14 -17.56 -26.77
CA ALA RA 105 -55.12 -16.65 -27.36
C ALA RA 105 -55.71 -17.24 -28.62
N ILE RA 106 -54.86 -17.54 -29.59
CA ILE RA 106 -55.34 -17.81 -30.95
C ILE RA 106 -56.41 -18.89 -30.97
N PRO RA 107 -56.14 -20.14 -30.61
CA PRO RA 107 -57.16 -21.19 -30.77
C PRO RA 107 -58.55 -20.77 -30.35
N LEU RA 108 -58.67 -20.06 -29.23
CA LEU RA 108 -59.99 -19.71 -28.72
C LEU RA 108 -60.70 -18.76 -29.67
N TRP RA 109 -60.04 -17.66 -30.01
CA TRP RA 109 -60.60 -16.69 -30.94
C TRP RA 109 -60.98 -17.36 -32.26
N SER RA 110 -60.08 -18.19 -32.79
CA SER RA 110 -60.37 -18.84 -34.06
C SER RA 110 -61.57 -19.75 -33.96
N ALA RA 111 -61.67 -20.52 -32.87
CA ALA RA 111 -62.78 -21.46 -32.74
C ALA RA 111 -64.09 -20.72 -32.56
N THR RA 112 -64.07 -19.57 -31.89
CA THR RA 112 -65.26 -18.75 -31.80
C THR RA 112 -65.71 -18.30 -33.19
N VAL RA 113 -64.78 -17.71 -33.94
CA VAL RA 113 -65.10 -17.29 -35.30
C VAL RA 113 -65.64 -18.46 -36.11
N PHE RA 114 -65.13 -19.66 -35.86
CA PHE RA 114 -65.53 -20.80 -36.66
C PHE RA 114 -66.93 -21.28 -36.29
N THR RA 115 -67.27 -21.20 -35.01
CA THR RA 115 -68.65 -21.44 -34.63
C THR RA 115 -69.57 -20.38 -35.19
N GLY RA 116 -69.06 -19.17 -35.38
CA GLY RA 116 -69.85 -18.10 -35.95
C GLY RA 116 -70.05 -18.17 -37.44
N PHE RA 117 -69.13 -18.83 -38.16
CA PHE RA 117 -69.25 -18.99 -39.59
C PHE RA 117 -69.72 -20.38 -40.01
N ARG RA 118 -69.68 -21.36 -39.12
CA ARG RA 118 -70.32 -22.64 -39.40
C ARG RA 118 -71.83 -22.52 -39.25
N TYR RA 119 -72.29 -21.83 -38.22
CA TYR RA 119 -73.68 -21.51 -38.04
C TYR RA 119 -73.83 -20.00 -38.11
N LYS RA 120 -75.02 -19.55 -38.50
CA LYS RA 120 -75.30 -18.12 -38.59
C LYS RA 120 -74.44 -17.47 -39.67
N THR RA 121 -74.25 -18.19 -40.78
CA THR RA 121 -73.32 -17.74 -41.81
C THR RA 121 -73.69 -16.34 -42.29
N LYS RA 122 -74.89 -16.19 -42.84
CA LYS RA 122 -75.31 -14.90 -43.35
C LYS RA 122 -75.23 -13.84 -42.27
N THR RA 123 -75.59 -14.20 -41.03
CA THR RA 123 -75.65 -13.19 -39.97
C THR RA 123 -74.26 -12.81 -39.51
N SER RA 124 -73.37 -13.79 -39.37
CA SER RA 124 -72.00 -13.50 -39.01
C SER RA 124 -71.35 -12.62 -40.06
N LEU RA 125 -71.58 -12.95 -41.34
CA LEU RA 125 -71.16 -12.07 -42.42
C LEU RA 125 -71.76 -10.69 -42.23
N ALA RA 126 -73.00 -10.64 -41.74
CA ALA RA 126 -73.71 -9.38 -41.62
C ALA RA 126 -73.11 -8.48 -40.56
N HIS RA 127 -72.63 -9.08 -39.46
CA HIS RA 127 -72.04 -8.26 -38.40
C HIS RA 127 -70.90 -7.40 -38.93
N PHE RA 128 -70.46 -7.63 -40.15
CA PHE RA 128 -69.49 -6.75 -40.79
C PHE RA 128 -70.10 -5.45 -41.25
N LEU RA 129 -71.41 -5.35 -41.28
CA LEU RA 129 -72.06 -4.12 -41.73
C LEU RA 129 -73.07 -3.68 -40.67
N PRO RA 130 -72.72 -2.71 -39.82
CA PRO RA 130 -73.68 -2.23 -38.82
C PRO RA 130 -74.99 -1.81 -39.46
N GLN RA 131 -76.05 -1.91 -38.68
CA GLN RA 131 -77.39 -1.90 -39.25
C GLN RA 131 -77.70 -0.55 -39.89
N GLY RA 132 -78.06 -0.60 -41.17
CA GLY RA 132 -78.60 0.56 -41.86
C GLY RA 132 -77.73 1.80 -41.84
N THR RA 133 -76.41 1.61 -41.85
CA THR RA 133 -75.52 2.75 -41.92
C THR RA 133 -75.79 3.53 -43.20
N PRO RA 134 -75.38 4.80 -43.22
CA PRO RA 134 -75.35 5.53 -44.49
C PRO RA 134 -74.80 4.66 -45.62
N ALA RA 135 -75.51 4.62 -46.73
CA ALA RA 135 -75.07 3.88 -47.90
C ALA RA 135 -74.04 4.64 -48.72
N LEU RA 136 -73.49 5.71 -48.17
CA LEU RA 136 -72.43 6.47 -48.82
C LEU RA 136 -71.06 5.82 -48.69
N LEU RA 137 -70.81 5.07 -47.60
CA LEU RA 137 -69.46 4.75 -47.18
C LEU RA 137 -69.22 3.26 -46.99
N ILE RA 138 -70.18 2.40 -47.36
CA ILE RA 138 -70.14 0.98 -47.04
C ILE RA 138 -68.72 0.40 -47.09
N PRO RA 139 -68.00 0.51 -48.21
CA PRO RA 139 -66.64 -0.08 -48.23
C PRO RA 139 -65.73 0.49 -47.18
N MET RA 140 -65.78 1.81 -46.96
CA MET RA 140 -64.93 2.43 -45.95
C MET RA 140 -65.31 2.03 -44.54
N LEU RA 141 -66.27 1.14 -44.38
CA LEU RA 141 -66.70 0.62 -43.09
C LEU RA 141 -66.50 -0.88 -42.98
N VAL RA 142 -66.80 -1.60 -44.07
CA VAL RA 142 -66.55 -3.04 -44.12
C VAL RA 142 -65.11 -3.36 -44.45
N ILE RA 143 -64.27 -2.34 -44.60
CA ILE RA 143 -62.84 -2.53 -44.48
C ILE RA 143 -62.40 -2.42 -43.03
N ILE RA 144 -62.92 -1.42 -42.33
CA ILE RA 144 -62.50 -1.16 -40.96
C ILE RA 144 -62.91 -2.30 -40.05
N GLU RA 145 -64.17 -2.72 -40.13
CA GLU RA 145 -64.61 -3.80 -39.25
C GLU RA 145 -63.79 -5.06 -39.47
N THR RA 146 -63.46 -5.35 -40.73
CA THR RA 146 -62.78 -6.60 -41.03
C THR RA 146 -61.28 -6.52 -40.77
N ILE RA 147 -60.72 -5.33 -40.68
CA ILE RA 147 -59.32 -5.25 -40.25
C ILE RA 147 -59.25 -5.25 -38.74
N SER RA 148 -60.15 -4.54 -38.05
CA SER RA 148 -60.18 -4.53 -36.61
C SER RA 148 -60.82 -5.79 -36.03
N LEU RA 149 -61.17 -6.76 -36.88
CA LEU RA 149 -61.47 -8.09 -36.36
C LEU RA 149 -60.19 -8.89 -36.14
N PHE RA 150 -59.44 -9.12 -37.22
CA PHE RA 150 -58.21 -9.90 -37.12
C PHE RA 150 -57.26 -9.34 -36.08
N ILE RA 151 -57.45 -8.07 -35.70
CA ILE RA 151 -56.63 -7.45 -34.67
C ILE RA 151 -56.93 -7.99 -33.28
N GLN RA 152 -57.90 -8.89 -33.15
CA GLN RA 152 -58.37 -9.30 -31.84
C GLN RA 152 -57.29 -10.06 -31.07
N PRO RA 153 -56.95 -11.28 -31.49
CA PRO RA 153 -56.02 -12.09 -30.70
C PRO RA 153 -54.69 -11.42 -30.44
N VAL RA 154 -54.14 -10.71 -31.43
CA VAL RA 154 -52.85 -10.08 -31.25
C VAL RA 154 -52.85 -9.22 -30.00
N ALA RA 155 -53.76 -8.26 -29.93
CA ALA RA 155 -53.82 -7.42 -28.74
C ALA RA 155 -54.22 -8.24 -27.52
N LEU RA 156 -55.23 -9.11 -27.70
CA LEU RA 156 -55.72 -9.93 -26.61
C LEU RA 156 -54.58 -10.59 -25.85
N ALA RA 157 -53.48 -10.89 -26.54
CA ALA RA 157 -52.31 -11.46 -25.89
C ALA RA 157 -51.30 -10.41 -25.47
N VAL RA 158 -50.85 -9.58 -26.43
CA VAL RA 158 -49.78 -8.63 -26.17
C VAL RA 158 -50.09 -7.75 -24.98
N ARG RA 159 -51.34 -7.33 -24.82
CA ARG RA 159 -51.70 -6.49 -23.69
C ARG RA 159 -51.22 -7.14 -22.39
N LEU RA 160 -51.76 -8.32 -22.13
CA LEU RA 160 -51.40 -9.08 -20.94
C LEU RA 160 -49.90 -9.23 -20.82
N THR RA 161 -49.28 -9.77 -21.86
CA THR RA 161 -47.84 -10.01 -21.85
C THR RA 161 -47.07 -8.80 -21.32
N ALA RA 162 -47.17 -7.67 -22.02
CA ALA RA 162 -46.32 -6.54 -21.69
C ALA RA 162 -46.74 -5.89 -20.38
N ASN RA 163 -48.05 -5.87 -20.11
CA ASN RA 163 -48.55 -5.39 -18.85
C ASN RA 163 -47.83 -6.07 -17.69
N ILE RA 164 -47.86 -7.39 -17.68
CA ILE RA 164 -47.13 -8.13 -16.66
C ILE RA 164 -45.67 -7.74 -16.64
N THR RA 165 -44.97 -7.95 -17.75
CA THR RA 165 -43.52 -7.72 -17.78
C THR RA 165 -43.14 -6.41 -17.10
N ALA RA 166 -43.83 -5.32 -17.45
CA ALA RA 166 -43.39 -4.01 -17.02
C ALA RA 166 -43.26 -3.92 -15.51
N GLY RA 167 -44.17 -4.57 -14.79
CA GLY RA 167 -44.15 -4.46 -13.34
C GLY RA 167 -42.90 -5.07 -12.75
N HIS RA 168 -42.57 -6.29 -13.16
CA HIS RA 168 -41.35 -6.93 -12.70
C HIS RA 168 -40.15 -6.05 -12.98
N LEU RA 169 -40.08 -5.52 -14.20
CA LEU RA 169 -38.91 -4.72 -14.56
C LEU RA 169 -38.81 -3.49 -13.67
N LEU RA 170 -39.95 -2.84 -13.42
CA LEU RA 170 -39.95 -1.61 -12.65
C LEU RA 170 -39.54 -1.86 -11.21
N ILE RA 171 -40.01 -2.96 -10.62
CA ILE RA 171 -39.64 -3.26 -9.24
C ILE RA 171 -38.16 -3.58 -9.14
N HIS RA 172 -37.63 -4.40 -10.06
CA HIS RA 172 -36.19 -4.63 -10.06
C HIS RA 172 -35.44 -3.31 -10.05
N LEU RA 173 -35.80 -2.41 -10.96
CA LEU RA 173 -35.02 -1.20 -11.11
C LEU RA 173 -35.14 -0.31 -9.88
N ILE RA 174 -36.34 -0.19 -9.32
CA ILE RA 174 -36.52 0.66 -8.16
C ILE RA 174 -35.72 0.12 -6.98
N GLY RA 175 -35.71 -1.20 -6.79
CA GLY RA 175 -34.93 -1.76 -5.70
C GLY RA 175 -33.44 -1.56 -5.89
N GLY RA 176 -32.98 -1.66 -7.14
CA GLY RA 176 -31.58 -1.40 -7.40
C GLY RA 176 -31.19 0.02 -7.06
N ALA RA 177 -31.98 1.00 -7.52
CA ALA RA 177 -31.70 2.38 -7.18
C ALA RA 177 -31.85 2.61 -5.69
N THR RA 178 -32.67 1.80 -5.03
CA THR RA 178 -32.77 1.87 -3.57
C THR RA 178 -31.44 1.55 -2.92
N LEU RA 179 -30.88 0.38 -3.23
CA LEU RA 179 -29.55 0.06 -2.69
C LEU RA 179 -28.55 1.16 -3.03
N ALA RA 180 -28.57 1.63 -4.27
CA ALA RA 180 -27.56 2.59 -4.69
C ALA RA 180 -27.67 3.90 -3.90
N LEU RA 181 -28.89 4.34 -3.61
CA LEU RA 181 -29.05 5.54 -2.80
C LEU RA 181 -28.69 5.27 -1.35
N LEU RA 182 -28.99 4.06 -0.87
CA LEU RA 182 -28.55 3.68 0.46
C LEU RA 182 -27.06 3.89 0.61
N ASN RA 183 -26.30 3.62 -0.46
CA ASN RA 183 -24.89 3.99 -0.45
C ASN RA 183 -24.71 5.43 -0.01
N ILE RA 184 -25.58 6.33 -0.47
CA ILE RA 184 -25.46 7.75 -0.14
C ILE RA 184 -26.06 8.04 1.22
N ASN RA 185 -27.35 7.80 1.37
CA ASN RA 185 -28.10 8.32 2.51
C ASN RA 185 -29.21 7.37 2.88
N THR RA 186 -29.97 7.76 3.91
CA THR RA 186 -30.89 6.83 4.55
C THR RA 186 -32.34 7.06 4.12
N MET RA 187 -32.78 8.32 4.14
CA MET RA 187 -34.21 8.60 4.01
C MET RA 187 -34.71 8.28 2.60
N THR RA 188 -33.91 8.59 1.58
CA THR RA 188 -34.29 8.24 0.21
C THR RA 188 -34.64 6.76 0.09
N ALA RA 189 -33.86 5.90 0.76
CA ALA RA 189 -34.13 4.48 0.71
C ALA RA 189 -35.54 4.17 1.23
N PHE RA 190 -35.94 4.80 2.33
CA PHE RA 190 -37.28 4.55 2.85
C PHE RA 190 -38.33 5.08 1.90
N ILE RA 191 -38.08 6.24 1.31
CA ILE RA 191 -38.98 6.76 0.29
C ILE RA 191 -39.23 5.71 -0.79
N THR RA 192 -38.15 5.22 -1.40
CA THR RA 192 -38.30 4.25 -2.47
C THR RA 192 -38.86 2.93 -1.98
N PHE RA 193 -38.65 2.59 -0.71
CA PHE RA 193 -39.21 1.35 -0.20
C PHE RA 193 -40.73 1.45 -0.11
N THR RA 194 -41.22 2.57 0.38
CA THR RA 194 -42.67 2.78 0.41
C THR RA 194 -43.24 2.79 -1.00
N ILE RA 195 -42.58 3.52 -1.91
CA ILE RA 195 -42.93 3.44 -3.32
C ILE RA 195 -43.05 1.98 -3.74
N LEU RA 196 -42.10 1.16 -3.33
CA LEU RA 196 -42.09 -0.24 -3.71
C LEU RA 196 -43.30 -0.97 -3.16
N ILE RA 197 -43.69 -0.63 -1.93
CA ILE RA 197 -44.85 -1.28 -1.34
C ILE RA 197 -46.07 -0.99 -2.18
N LEU RA 198 -46.24 0.29 -2.54
CA LEU RA 198 -47.36 0.68 -3.37
C LEU RA 198 -47.36 -0.10 -4.68
N LEU RA 199 -46.22 -0.12 -5.36
CA LEU RA 199 -46.10 -0.85 -6.62
C LEU RA 199 -46.47 -2.31 -6.44
N THR RA 200 -46.03 -2.90 -5.34
CA THR RA 200 -46.28 -4.31 -5.11
C THR RA 200 -47.77 -4.56 -5.00
N ILE RA 201 -48.48 -3.70 -4.29
CA ILE RA 201 -49.92 -3.87 -4.18
C ILE RA 201 -50.56 -3.72 -5.55
N LEU RA 202 -50.16 -2.68 -6.28
CA LEU RA 202 -50.74 -2.43 -7.59
C LEU RA 202 -50.55 -3.64 -8.51
N GLU RA 203 -49.43 -4.34 -8.36
CA GLU RA 203 -49.20 -5.52 -9.19
C GLU RA 203 -50.07 -6.69 -8.73
N PHE RA 204 -50.15 -6.90 -7.41
CA PHE RA 204 -51.12 -7.84 -6.89
C PHE RA 204 -52.48 -7.61 -7.52
N ALA RA 205 -52.78 -6.37 -7.87
CA ALA RA 205 -54.09 -6.04 -8.42
C ALA RA 205 -54.18 -6.34 -9.91
N VAL RA 206 -53.29 -5.74 -10.69
CA VAL RA 206 -53.35 -5.93 -12.13
C VAL RA 206 -53.30 -7.41 -12.46
N ALA RA 207 -52.60 -8.20 -11.66
CA ALA RA 207 -52.40 -9.60 -11.99
C ALA RA 207 -53.70 -10.37 -12.05
N LEU RA 208 -54.78 -9.78 -11.54
CA LEU RA 208 -56.11 -10.40 -11.61
C LEU RA 208 -57.03 -9.62 -12.51
N ILE RA 209 -56.91 -8.29 -12.44
CA ILE RA 209 -57.62 -7.46 -13.39
C ILE RA 209 -57.47 -8.02 -14.80
N GLN RA 210 -56.25 -8.43 -15.16
CA GLN RA 210 -56.01 -8.87 -16.52
C GLN RA 210 -56.65 -10.22 -16.79
N ALA RA 211 -56.73 -11.08 -15.78
CA ALA RA 211 -57.42 -12.34 -15.98
C ALA RA 211 -58.89 -12.10 -16.28
N TYR RA 212 -59.52 -11.22 -15.50
CA TYR RA 212 -60.91 -10.91 -15.74
C TYR RA 212 -61.10 -10.34 -17.15
N VAL RA 213 -60.31 -9.33 -17.47
CA VAL RA 213 -60.30 -8.78 -18.83
C VAL RA 213 -60.26 -9.89 -19.86
N PHE RA 214 -59.29 -10.79 -19.73
CA PHE RA 214 -59.07 -11.79 -20.75
C PHE RA 214 -60.30 -12.68 -20.93
N THR RA 215 -60.70 -13.36 -19.87
CA THR RA 215 -61.79 -14.30 -19.98
C THR RA 215 -63.15 -13.62 -20.07
N LEU RA 216 -63.18 -12.29 -20.08
CA LEU RA 216 -64.40 -11.54 -20.34
C LEU RA 216 -64.51 -11.13 -21.81
N LEU RA 217 -63.45 -10.53 -22.32
CA LEU RA 217 -63.30 -10.40 -23.76
C LEU RA 217 -63.74 -11.68 -24.44
N VAL RA 218 -63.18 -12.81 -24.03
CA VAL RA 218 -63.52 -14.06 -24.69
C VAL RA 218 -65.00 -14.38 -24.51
N SER RA 219 -65.51 -14.19 -23.30
CA SER RA 219 -66.89 -14.55 -23.03
C SER RA 219 -67.82 -13.82 -23.99
N LEU RA 220 -67.61 -12.52 -24.16
CA LEU RA 220 -68.52 -11.80 -25.03
C LEU RA 220 -68.22 -12.02 -26.50
N TYR RA 221 -66.98 -12.34 -26.85
CA TYR RA 221 -66.70 -12.76 -28.22
C TYR RA 221 -67.49 -14.01 -28.55
N LEU RA 222 -67.73 -14.84 -27.54
CA LEU RA 222 -68.61 -15.98 -27.76
C LEU RA 222 -70.07 -15.54 -27.78
N HIS RA 223 -70.40 -14.53 -26.97
CA HIS RA 223 -71.75 -14.00 -26.97
C HIS RA 223 -72.14 -13.55 -28.38
N ASP RA 224 -71.23 -12.86 -29.06
CA ASP RA 224 -71.50 -12.39 -30.42
C ASP RA 224 -71.69 -13.56 -31.38
N ASN RA 225 -70.65 -14.37 -31.54
CA ASN RA 225 -70.59 -15.38 -32.59
C ASN RA 225 -71.08 -16.75 -32.14
N THR RA 226 -72.05 -16.80 -31.24
CA THR RA 226 -72.58 -18.09 -30.80
C THR RA 226 -73.66 -18.57 -31.76
N PRO SA 1 -69.37 -42.83 5.20
CA PRO SA 1 -68.26 -43.73 5.48
C PRO SA 1 -66.89 -43.05 5.31
N VAL SA 2 -66.64 -42.02 6.12
CA VAL SA 2 -65.42 -41.24 6.00
C VAL SA 2 -64.96 -40.81 7.39
N PRO SA 3 -63.66 -40.55 7.60
CA PRO SA 3 -63.21 -40.22 8.94
C PRO SA 3 -63.29 -38.72 9.21
N PRO SA 4 -63.33 -38.32 10.48
CA PRO SA 4 -63.30 -36.90 10.82
C PRO SA 4 -61.90 -36.32 10.87
N LEU SA 5 -61.78 -35.09 11.35
CA LEU SA 5 -60.54 -34.36 11.41
C LEU SA 5 -60.20 -33.94 12.83
N PRO SA 6 -58.96 -33.52 13.07
CA PRO SA 6 -58.63 -32.88 14.34
C PRO SA 6 -59.24 -31.49 14.46
N GLU SA 7 -58.91 -30.80 15.55
CA GLU SA 7 -59.29 -29.41 15.71
C GLU SA 7 -58.23 -28.47 15.17
N HIS SA 8 -56.96 -28.82 15.32
CA HIS SA 8 -55.87 -28.09 14.70
C HIS SA 8 -54.60 -28.93 14.76
N GLY SA 9 -53.93 -29.08 13.63
CA GLY SA 9 -52.82 -30.01 13.53
C GLY SA 9 -51.58 -29.54 14.22
N GLY SA 10 -50.43 -29.94 13.69
CA GLY SA 10 -49.16 -29.62 14.31
C GLY SA 10 -48.98 -28.14 14.58
N LYS SA 11 -48.92 -27.77 15.86
CA LYS SA 11 -48.61 -26.40 16.21
C LYS SA 11 -47.24 -26.04 15.67
N VAL SA 12 -46.99 -24.74 15.58
CA VAL SA 12 -45.86 -24.24 14.80
C VAL SA 12 -45.34 -22.96 15.45
N ARG SA 13 -44.05 -22.72 15.30
CA ARG SA 13 -43.40 -21.56 15.86
C ARG SA 13 -43.00 -20.60 14.75
N LEU SA 14 -43.18 -19.30 15.01
CA LEU SA 14 -42.97 -18.27 14.02
C LEU SA 14 -43.91 -18.43 12.83
N GLY SA 15 -44.90 -19.31 12.96
CA GLY SA 15 -45.81 -19.59 11.88
C GLY SA 15 -45.17 -20.32 10.71
N LEU SA 16 -43.88 -20.62 10.79
CA LEU SA 16 -43.16 -21.21 9.68
C LEU SA 16 -42.52 -22.55 10.00
N ILE SA 17 -41.81 -22.66 11.11
CA ILE SA 17 -41.08 -23.87 11.47
C ILE SA 17 -41.84 -24.62 12.55
N PRO SA 18 -41.90 -25.95 12.51
CA PRO SA 18 -42.59 -26.68 13.57
C PRO SA 18 -41.76 -26.73 14.85
N GLU SA 19 -42.44 -27.09 15.94
CA GLU SA 19 -41.81 -27.11 17.25
C GLU SA 19 -41.14 -28.45 17.52
N GLU SA 20 -41.71 -29.55 17.01
CA GLU SA 20 -41.19 -30.89 17.23
C GLU SA 20 -39.67 -30.88 17.17
N PHE SA 21 -39.15 -30.10 16.24
CA PHE SA 21 -37.73 -29.76 16.21
C PHE SA 21 -37.23 -29.39 17.61
N PHE SA 22 -37.84 -28.37 18.20
CA PHE SA 22 -37.38 -27.88 19.50
C PHE SA 22 -37.34 -28.99 20.53
N GLN SA 23 -38.43 -29.76 20.63
CA GLN SA 23 -38.49 -30.83 21.64
C GLN SA 23 -37.42 -31.88 21.39
N PHE SA 24 -37.37 -32.39 20.16
CA PHE SA 24 -36.29 -33.29 19.76
C PHE SA 24 -34.93 -32.76 20.22
N LEU SA 25 -34.75 -31.45 20.24
CA LEU SA 25 -33.49 -30.85 20.68
C LEU SA 25 -33.45 -30.55 22.17
N TYR SA 26 -34.55 -30.72 22.88
CA TYR SA 26 -34.57 -30.39 24.31
C TYR SA 26 -33.51 -31.14 25.09
N PRO SA 27 -33.41 -32.47 24.98
CA PRO SA 27 -32.45 -33.22 25.82
C PRO SA 27 -31.08 -32.58 25.95
N LYS SA 28 -30.50 -32.08 24.87
CA LYS SA 28 -29.09 -31.71 24.88
C LYS SA 28 -28.86 -30.25 25.27
N THR SA 29 -29.56 -29.32 24.62
CA THR SA 29 -29.48 -27.92 24.99
C THR SA 29 -30.79 -27.36 25.51
N GLY SA 30 -31.89 -28.07 25.36
CA GLY SA 30 -33.13 -27.69 26.02
C GLY SA 30 -33.94 -26.66 25.28
N VAL SA 31 -33.51 -25.40 25.36
CA VAL SA 31 -34.34 -24.29 24.90
C VAL SA 31 -33.57 -23.41 23.92
N THR SA 32 -32.40 -22.95 24.32
CA THR SA 32 -31.70 -21.90 23.57
C THR SA 32 -30.60 -22.49 22.70
N GLY SA 33 -30.88 -23.67 22.14
CA GLY SA 33 -30.02 -24.26 21.16
C GLY SA 33 -30.46 -23.98 19.73
N PRO SA 34 -31.72 -24.29 19.43
CA PRO SA 34 -32.23 -24.01 18.07
C PRO SA 34 -32.11 -22.55 17.64
N TYR SA 35 -32.39 -21.60 18.53
CA TYR SA 35 -32.38 -20.20 18.10
C TYR SA 35 -30.99 -19.76 17.68
N VAL SA 36 -29.99 -19.99 18.53
CA VAL SA 36 -28.63 -19.64 18.17
C VAL SA 36 -28.17 -20.49 17.00
N LEU SA 37 -28.62 -21.74 16.93
CA LEU SA 37 -28.34 -22.58 15.76
C LEU SA 37 -28.71 -21.86 14.47
N GLY SA 38 -29.95 -21.39 14.39
CA GLY SA 38 -30.41 -20.72 13.19
C GLY SA 38 -29.69 -19.41 12.97
N THR SA 39 -29.50 -18.64 14.05
CA THR SA 39 -28.76 -17.39 13.93
C THR SA 39 -27.39 -17.63 13.31
N GLY SA 40 -26.74 -18.73 13.69
CA GLY SA 40 -25.43 -19.00 13.14
C GLY SA 40 -25.49 -19.46 11.71
N LEU SA 41 -26.43 -20.36 11.41
CA LEU SA 41 -26.66 -20.76 10.02
C LEU SA 41 -26.77 -19.54 9.14
N ILE SA 42 -27.49 -18.53 9.61
CA ILE SA 42 -27.82 -17.38 8.77
C ILE SA 42 -26.64 -16.42 8.68
N LEU SA 43 -25.99 -16.15 9.81
CA LEU SA 43 -24.79 -15.33 9.77
C LEU SA 43 -23.71 -15.96 8.93
N TYR SA 44 -23.69 -17.29 8.86
CA TYR SA 44 -22.77 -17.98 7.98
C TYR SA 44 -23.12 -17.74 6.53
N LEU SA 45 -24.35 -18.07 6.13
CA LEU SA 45 -24.78 -17.80 4.76
C LEU SA 45 -24.41 -16.38 4.35
N LEU SA 46 -24.67 -15.42 5.22
CA LEU SA 46 -24.40 -14.03 4.89
C LEU SA 46 -22.91 -13.75 4.80
N SER SA 47 -22.11 -14.29 5.72
CA SER SA 47 -20.70 -13.94 5.79
C SER SA 47 -19.94 -14.39 4.56
N LYS SA 48 -20.09 -15.64 4.17
CA LYS SA 48 -19.39 -16.18 3.01
C LYS SA 48 -20.05 -15.82 1.69
N GLU SA 49 -21.15 -15.07 1.73
CA GLU SA 49 -21.83 -14.64 0.51
C GLU SA 49 -22.35 -15.81 -0.30
N ILE SA 50 -22.89 -16.82 0.39
CA ILE SA 50 -23.77 -17.77 -0.26
C ILE SA 50 -25.09 -17.12 -0.64
N TYR SA 51 -25.35 -15.93 -0.12
CA TYR SA 51 -26.57 -15.18 -0.36
C TYR SA 51 -26.18 -13.71 -0.50
N VAL SA 52 -25.88 -13.30 -1.73
CA VAL SA 52 -25.59 -11.90 -1.97
C VAL SA 52 -26.89 -11.11 -1.97
N ILE SA 53 -26.79 -9.84 -1.63
CA ILE SA 53 -27.95 -9.00 -1.41
C ILE SA 53 -28.10 -8.04 -2.58
N THR SA 54 -29.35 -7.86 -3.03
CA THR SA 54 -29.64 -7.04 -4.19
C THR SA 54 -31.04 -6.45 -4.02
N ALA SA 55 -31.62 -5.96 -5.12
CA ALA SA 55 -32.95 -5.38 -5.06
C ALA SA 55 -34.01 -6.40 -4.68
N GLU SA 56 -33.93 -7.60 -5.28
CA GLU SA 56 -34.91 -8.63 -4.99
C GLU SA 56 -35.03 -8.90 -3.49
N THR SA 57 -33.95 -8.73 -2.74
CA THR SA 57 -34.04 -8.82 -1.30
C THR SA 57 -35.16 -7.93 -0.77
N PHE SA 58 -35.06 -6.63 -1.05
CA PHE SA 58 -36.04 -5.68 -0.54
C PHE SA 58 -37.42 -5.94 -1.14
N SER SA 59 -37.49 -6.43 -2.36
CA SER SA 59 -38.79 -6.81 -2.91
C SER SA 59 -39.41 -7.90 -2.05
N ALA SA 60 -38.61 -8.89 -1.67
CA ALA SA 60 -39.11 -9.96 -0.84
C ALA SA 60 -39.53 -9.44 0.51
N ILE SA 61 -38.73 -8.53 1.07
CA ILE SA 61 -39.06 -7.93 2.37
C ILE SA 61 -40.41 -7.24 2.30
N SER SA 62 -40.64 -6.46 1.25
CA SER SA 62 -41.90 -5.75 1.12
C SER SA 62 -43.07 -6.70 0.99
N THR SA 63 -42.96 -7.68 0.09
CA THR SA 63 -44.05 -8.64 -0.05
C THR SA 63 -44.35 -9.33 1.26
N ILE SA 64 -43.31 -9.69 2.00
CA ILE SA 64 -43.52 -10.43 3.24
C ILE SA 64 -44.14 -9.53 4.30
N GLY SA 65 -43.71 -8.28 4.39
CA GLY SA 65 -44.35 -7.34 5.29
C GLY SA 65 -45.82 -7.18 4.99
N VAL SA 66 -46.15 -6.93 3.73
CA VAL SA 66 -47.55 -6.90 3.31
C VAL SA 66 -48.29 -8.15 3.79
N LEU SA 67 -47.75 -9.32 3.49
CA LEU SA 67 -48.47 -10.55 3.79
C LEU SA 67 -48.73 -10.69 5.29
N VAL SA 68 -47.72 -10.43 6.12
CA VAL SA 68 -47.91 -10.62 7.55
C VAL SA 68 -48.90 -9.59 8.08
N TYR SA 69 -48.82 -8.35 7.58
CA TYR SA 69 -49.85 -7.37 7.90
C TYR SA 69 -51.24 -7.95 7.66
N ILE SA 70 -51.46 -8.41 6.43
CA ILE SA 70 -52.76 -8.92 6.04
C ILE SA 70 -53.22 -10.01 7.00
N VAL SA 71 -52.39 -11.01 7.23
CA VAL SA 71 -52.83 -12.13 8.06
C VAL SA 71 -53.07 -11.68 9.48
N LYS SA 72 -52.08 -11.05 10.12
CA LYS SA 72 -52.25 -10.62 11.50
C LYS SA 72 -53.41 -9.66 11.67
N LYS SA 73 -53.99 -9.14 10.59
CA LYS SA 73 -55.16 -8.28 10.73
C LYS SA 73 -56.47 -8.92 10.30
N TYR SA 74 -56.45 -9.99 9.51
CA TYR SA 74 -57.69 -10.53 8.93
C TYR SA 74 -57.88 -12.02 9.18
N GLY SA 75 -56.91 -12.68 9.82
CA GLY SA 75 -56.94 -14.12 9.97
C GLY SA 75 -58.20 -14.68 10.57
N ALA SA 76 -58.45 -14.38 11.84
CA ALA SA 76 -59.60 -14.97 12.51
C ALA SA 76 -60.90 -14.55 11.87
N SER SA 77 -60.93 -13.34 11.30
CA SER SA 77 -62.12 -12.94 10.54
C SER SA 77 -62.40 -13.93 9.43
N ILE SA 78 -61.36 -14.30 8.69
CA ILE SA 78 -61.54 -15.25 7.61
C ILE SA 78 -61.87 -16.63 8.15
N GLY SA 79 -61.27 -16.99 9.28
CA GLY SA 79 -61.53 -18.29 9.86
C GLY SA 79 -63.00 -18.45 10.22
N ALA SA 80 -63.54 -17.49 10.96
CA ALA SA 80 -64.95 -17.52 11.30
C ALA SA 80 -65.81 -17.38 10.06
N PHE SA 81 -65.36 -16.60 9.08
CA PHE SA 81 -66.06 -16.55 7.80
C PHE SA 81 -66.28 -17.95 7.25
N ALA SA 82 -65.20 -18.74 7.20
CA ALA SA 82 -65.28 -20.05 6.57
C ALA SA 82 -66.11 -21.01 7.41
N ASP SA 83 -65.88 -21.03 8.72
CA ASP SA 83 -66.69 -21.88 9.58
C ASP SA 83 -68.15 -21.49 9.47
N LYS SA 84 -68.43 -20.21 9.19
CA LYS SA 84 -69.79 -19.77 8.99
C LYS SA 84 -70.36 -20.38 7.72
N LEU SA 85 -69.59 -20.35 6.64
CA LEU SA 85 -70.08 -20.99 5.42
C LEU SA 85 -70.39 -22.45 5.66
N ASN SA 86 -69.54 -23.11 6.45
CA ASN SA 86 -69.75 -24.54 6.71
C ASN SA 86 -71.05 -24.76 7.49
N GLU SA 87 -71.19 -24.07 8.62
CA GLU SA 87 -72.40 -24.23 9.42
C GLU SA 87 -73.62 -23.81 8.62
N GLN SA 88 -73.45 -22.87 7.69
CA GLN SA 88 -74.56 -22.38 6.91
C GLN SA 88 -75.03 -23.42 5.91
N LYS SA 89 -74.09 -24.14 5.29
CA LYS SA 89 -74.49 -25.24 4.44
C LYS SA 89 -75.18 -26.32 5.28
N ILE SA 90 -74.60 -26.62 6.44
CA ILE SA 90 -75.19 -27.61 7.34
C ILE SA 90 -76.65 -27.27 7.59
N ALA SA 91 -76.90 -26.03 7.99
CA ALA SA 91 -78.26 -25.61 8.32
C ALA SA 91 -79.14 -25.62 7.09
N GLN SA 92 -78.77 -24.81 6.09
CA GLN SA 92 -79.56 -24.70 4.87
C GLN SA 92 -79.94 -26.05 4.31
N LEU SA 93 -79.15 -27.08 4.60
CA LEU SA 93 -79.58 -28.43 4.31
C LEU SA 93 -80.40 -28.99 5.47
N GLU SA 94 -79.88 -28.85 6.68
CA GLU SA 94 -80.52 -29.38 7.87
C GLU SA 94 -81.80 -28.60 8.17
N PRO TA 126 -73.79 -38.59 10.58
CA PRO TA 126 -73.88 -37.13 10.65
C PRO TA 126 -73.75 -36.49 9.28
N PHE TA 127 -73.27 -35.26 9.24
CA PHE TA 127 -72.95 -34.60 7.98
C PHE TA 127 -71.48 -34.75 7.64
N ASP TA 128 -70.59 -34.32 8.53
CA ASP TA 128 -69.17 -34.27 8.22
C ASP TA 128 -68.61 -35.64 7.82
N GLN TA 129 -69.19 -36.73 8.33
CA GLN TA 129 -68.71 -38.05 8.00
C GLN TA 129 -69.18 -38.54 6.63
N MET TA 130 -69.92 -37.72 5.90
CA MET TA 130 -70.56 -38.15 4.66
C MET TA 130 -69.91 -37.47 3.46
N THR TA 131 -70.34 -37.88 2.27
CA THR TA 131 -69.84 -37.36 1.00
C THR TA 131 -71.01 -37.00 0.10
N ILE TA 132 -70.68 -36.54 -1.11
CA ILE TA 132 -71.69 -36.18 -2.09
C ILE TA 132 -72.49 -37.40 -2.48
N GLU TA 133 -71.83 -38.54 -2.64
CA GLU TA 133 -72.55 -39.77 -2.95
C GLU TA 133 -73.45 -40.17 -1.79
N ASP TA 134 -73.03 -39.86 -0.56
CA ASP TA 134 -73.90 -40.13 0.58
C ASP TA 134 -75.16 -39.26 0.51
N LEU TA 135 -75.07 -38.10 -0.15
CA LEU TA 135 -76.26 -37.28 -0.34
C LEU TA 135 -77.11 -37.81 -1.46
N ASN TA 136 -76.49 -38.28 -2.53
CA ASN TA 136 -77.22 -39.10 -3.50
C ASN TA 136 -78.01 -40.17 -2.77
N GLU TA 137 -77.42 -40.73 -1.71
CA GLU TA 137 -78.07 -41.79 -0.96
C GLU TA 137 -79.24 -41.27 -0.14
N VAL TA 138 -79.03 -40.18 0.62
CA VAL TA 138 -80.08 -39.72 1.53
C VAL TA 138 -81.10 -38.85 0.79
N PHE TA 139 -80.65 -37.97 -0.09
CA PHE TA 139 -81.54 -37.07 -0.83
C PHE TA 139 -81.37 -37.26 -2.33
N PRO TA 140 -82.23 -38.03 -2.98
CA PRO TA 140 -82.15 -38.12 -4.44
C PRO TA 140 -82.58 -36.85 -5.15
N GLU TA 141 -83.24 -35.93 -4.44
CA GLU TA 141 -83.66 -34.69 -5.07
C GLU TA 141 -82.54 -33.66 -5.14
N THR TA 142 -81.48 -33.84 -4.37
CA THR TA 142 -80.27 -33.05 -4.53
C THR TA 142 -79.41 -33.58 -5.67
N LYS TA 143 -79.87 -34.60 -6.37
CA LYS TA 143 -79.07 -35.23 -7.42
C LYS TA 143 -78.87 -34.27 -8.58
N LEU TA 144 -77.62 -34.08 -8.98
CA LEU TA 144 -77.31 -33.31 -10.18
C LEU TA 144 -77.38 -34.24 -11.39
N ASP TA 145 -78.57 -34.36 -11.99
CA ASP TA 145 -78.77 -35.32 -13.06
C ASP TA 145 -77.90 -34.98 -14.26
N LYS TA 146 -77.45 -36.04 -14.95
CA LYS TA 146 -76.46 -35.91 -16.01
C LYS TA 146 -77.06 -35.89 -17.40
N LYS TA 147 -78.38 -35.99 -17.53
CA LYS TA 147 -79.00 -36.04 -18.86
C LYS TA 147 -79.39 -34.65 -19.32
N LYS TA 148 -80.27 -33.99 -18.57
CA LYS TA 148 -80.70 -32.66 -18.95
C LYS TA 148 -79.58 -31.63 -18.85
N TYR TA 149 -78.44 -32.00 -18.27
CA TYR TA 149 -77.35 -31.06 -18.06
C TYR TA 149 -76.05 -31.84 -18.01
N PRO TA 150 -75.63 -32.39 -19.14
CA PRO TA 150 -74.43 -33.25 -19.14
C PRO TA 150 -73.17 -32.52 -18.74
N TYR TA 151 -73.14 -31.21 -18.79
CA TYR TA 151 -71.92 -30.44 -18.67
C TYR TA 151 -71.77 -29.93 -17.24
N TRP TA 152 -70.79 -29.07 -17.03
CA TRP TA 152 -70.56 -28.46 -15.73
C TRP TA 152 -71.12 -27.05 -15.72
N PRO TA 153 -71.76 -26.62 -14.64
CA PRO TA 153 -71.99 -27.31 -13.37
C PRO TA 153 -73.22 -28.20 -13.34
N HIS TA 154 -73.47 -28.92 -14.44
CA HIS TA 154 -74.55 -29.89 -14.51
C HIS TA 154 -75.91 -29.29 -14.19
N ARG TA 155 -76.03 -27.96 -14.22
CA ARG TA 155 -77.33 -27.32 -14.11
C ARG TA 155 -77.20 -25.83 -14.39
N PRO TA 156 -78.28 -25.14 -14.71
CA PRO TA 156 -78.17 -23.72 -15.07
C PRO TA 156 -77.94 -22.84 -13.85
N ILE TA 157 -77.95 -21.52 -14.06
CA ILE TA 157 -77.39 -20.58 -13.11
C ILE TA 157 -78.48 -19.67 -12.52
N GLU TA 158 -79.68 -20.19 -12.38
CA GLU TA 158 -80.78 -19.43 -11.82
C GLU TA 158 -80.51 -19.09 -10.36
N PRO UA 2 -36.13 -21.94 32.74
CA PRO UA 2 -35.35 -22.90 33.53
C PRO UA 2 -34.12 -23.41 32.78
N PRO UA 3 -32.96 -22.78 32.98
CA PRO UA 3 -31.75 -23.22 32.28
C PRO UA 3 -31.48 -24.70 32.49
N VAL UA 4 -30.78 -25.29 31.52
CA VAL UA 4 -30.41 -26.69 31.54
C VAL UA 4 -28.89 -26.77 31.48
N GLN UA 5 -28.29 -27.29 32.54
CA GLN UA 5 -26.84 -27.33 32.65
C GLN UA 5 -26.23 -28.00 31.42
N VAL UA 6 -25.09 -27.44 30.99
CA VAL UA 6 -24.39 -27.96 29.82
C VAL UA 6 -23.88 -29.37 30.09
N SER UA 7 -24.08 -30.25 29.12
CA SER UA 7 -23.31 -31.47 29.10
C SER UA 7 -21.84 -31.14 28.82
N PRO UA 8 -21.00 -31.01 29.80
CA PRO UA 8 -19.79 -30.16 29.80
C PRO UA 8 -18.95 -30.27 28.55
N LEU UA 9 -18.98 -31.42 27.88
CA LEU UA 9 -18.29 -31.59 26.61
C LEU UA 9 -18.45 -30.37 25.73
N ILE UA 10 -19.69 -29.90 25.58
CA ILE UA 10 -19.98 -28.84 24.62
C ILE UA 10 -19.54 -27.49 25.18
N LYS UA 11 -19.81 -27.24 26.46
CA LYS UA 11 -19.35 -26.00 27.06
C LYS UA 11 -17.84 -25.84 26.86
N LEU UA 12 -17.12 -26.97 26.87
CA LEU UA 12 -15.71 -26.93 26.54
C LEU UA 12 -15.51 -26.62 25.05
N GLY UA 13 -16.13 -27.42 24.20
CA GLY UA 13 -15.89 -27.30 22.76
C GLY UA 13 -16.18 -25.92 22.20
N ARG UA 14 -17.00 -25.13 22.88
CA ARG UA 14 -17.49 -23.89 22.25
C ARG UA 14 -16.49 -22.75 22.28
N TYR UA 15 -16.18 -22.26 23.49
CA TYR UA 15 -15.43 -21.00 23.60
C TYR UA 15 -14.02 -21.15 23.07
N SER UA 16 -13.44 -22.34 23.18
CA SER UA 16 -12.17 -22.60 22.51
C SER UA 16 -12.27 -22.20 21.05
N ALA UA 17 -13.15 -22.88 20.31
CA ALA UA 17 -13.34 -22.57 18.90
C ALA UA 17 -13.61 -21.09 18.67
N LEU UA 18 -14.36 -20.47 19.59
CA LEU UA 18 -14.60 -19.04 19.47
C LEU UA 18 -13.30 -18.29 19.33
N PHE UA 19 -12.42 -18.44 20.31
CA PHE UA 19 -11.19 -17.65 20.30
C PHE UA 19 -10.25 -18.09 19.19
N LEU UA 20 -10.28 -19.38 18.83
CA LEU UA 20 -9.60 -19.80 17.61
C LEU UA 20 -10.02 -18.95 16.43
N GLY UA 21 -11.33 -18.74 16.28
CA GLY UA 21 -11.82 -17.99 15.14
C GLY UA 21 -11.47 -16.52 15.24
N VAL UA 22 -11.45 -15.98 16.45
CA VAL UA 22 -11.02 -14.59 16.62
C VAL UA 22 -9.59 -14.42 16.13
N ALA UA 23 -8.71 -15.32 16.56
CA ALA UA 23 -7.33 -15.28 16.10
C ALA UA 23 -7.25 -15.43 14.58
N TYR UA 24 -7.98 -16.41 14.04
CA TYR UA 24 -8.02 -16.61 12.59
C TYR UA 24 -8.41 -15.33 11.88
N GLY UA 25 -9.40 -14.61 12.41
CA GLY UA 25 -9.86 -13.42 11.74
C GLY UA 25 -8.83 -12.31 11.75
N ALA UA 26 -8.22 -12.07 12.91
CA ALA UA 26 -7.17 -11.05 12.97
C ALA UA 26 -6.03 -11.41 12.02
N LYS UA 27 -5.65 -12.69 11.99
CA LYS UA 27 -4.57 -13.12 11.13
C LYS UA 27 -4.90 -12.90 9.66
N ARG UA 28 -6.12 -13.28 9.27
CA ARG UA 28 -6.55 -13.07 7.89
C ARG UA 28 -6.50 -11.59 7.52
N TYR UA 29 -7.04 -10.74 8.39
CA TYR UA 29 -7.03 -9.30 8.13
C TYR UA 29 -5.61 -8.82 7.85
N ASN UA 30 -4.70 -9.13 8.77
CA ASN UA 30 -3.32 -8.67 8.62
C ASN UA 30 -2.69 -9.22 7.34
N TYR UA 31 -2.75 -10.53 7.16
CA TYR UA 31 -2.12 -11.20 6.03
C TYR UA 31 -2.69 -10.74 4.70
N LEU UA 32 -3.92 -10.26 4.67
CA LEU UA 32 -4.57 -9.98 3.39
C LEU UA 32 -4.52 -8.52 3.00
N LYS UA 33 -4.57 -7.59 3.95
CA LYS UA 33 -4.57 -6.17 3.60
C LYS UA 33 -3.57 -5.80 2.50
N PRO UA 34 -2.28 -6.10 2.64
CA PRO UA 34 -1.29 -5.53 1.69
C PRO UA 34 -1.47 -6.00 0.27
N ARG UA 35 -1.74 -7.29 0.07
CA ARG UA 35 -1.86 -7.81 -1.28
C ARG UA 35 -2.96 -7.09 -2.05
N ALA UA 36 -4.13 -6.94 -1.43
CA ALA UA 36 -5.22 -6.25 -2.09
C ALA UA 36 -4.89 -4.78 -2.30
N GLU UA 37 -4.29 -4.14 -1.29
CA GLU UA 37 -3.87 -2.75 -1.48
C GLU UA 37 -3.03 -2.60 -2.73
N GLU UA 38 -2.03 -3.46 -2.89
CA GLU UA 38 -1.10 -3.31 -4.00
C GLU UA 38 -1.74 -3.67 -5.34
N GLU UA 39 -2.52 -4.75 -5.36
CA GLU UA 39 -3.19 -5.11 -6.62
C GLU UA 39 -4.08 -3.98 -7.09
N ARG UA 40 -4.81 -3.35 -6.16
CA ARG UA 40 -5.70 -2.26 -6.56
C ARG UA 40 -4.91 -1.02 -6.99
N ARG UA 41 -3.81 -0.71 -6.30
CA ARG UA 41 -3.04 0.46 -6.68
C ARG UA 41 -2.41 0.27 -8.06
N ILE UA 42 -1.95 -0.94 -8.36
CA ILE UA 42 -1.36 -1.20 -9.66
C ILE UA 42 -2.44 -1.21 -10.73
N ALA UA 43 -3.64 -1.69 -10.39
CA ALA UA 43 -4.77 -1.54 -11.30
C ALA UA 43 -5.09 -0.07 -11.52
N ALA UA 44 -4.82 0.78 -10.54
CA ALA UA 44 -5.03 2.22 -10.72
C ALA UA 44 -4.01 2.79 -11.69
N GLU UA 45 -2.77 2.36 -11.58
CA GLU UA 45 -1.80 2.67 -12.62
C GLU UA 45 -2.34 2.27 -13.99
N GLU UA 46 -2.88 1.05 -14.07
CA GLU UA 46 -3.39 0.54 -15.34
C GLU UA 46 -4.53 1.40 -15.87
N LYS UA 47 -5.44 1.83 -14.99
CA LYS UA 47 -6.59 2.59 -15.46
C LYS UA 47 -6.20 4.00 -15.85
N LYS UA 48 -5.24 4.60 -15.15
CA LYS UA 48 -4.72 5.89 -15.62
C LYS UA 48 -4.08 5.73 -16.99
N LYS UA 49 -3.39 4.61 -17.22
CA LYS UA 49 -2.77 4.38 -18.52
C LYS UA 49 -3.83 4.23 -19.59
N GLN UA 50 -4.91 3.52 -19.29
CA GLN UA 50 -6.02 3.39 -20.23
C GLN UA 50 -6.66 4.74 -20.52
N ASP UA 51 -6.78 5.58 -19.48
CA ASP UA 51 -7.32 6.92 -19.65
C ASP UA 51 -6.47 7.71 -20.63
N GLU UA 52 -5.16 7.74 -20.42
CA GLU UA 52 -4.29 8.47 -21.34
C GLU UA 52 -4.28 7.84 -22.72
N LEU UA 53 -4.47 6.52 -22.80
CA LEU UA 53 -4.60 5.85 -24.08
C LEU UA 53 -5.75 6.42 -24.87
N LYS UA 54 -6.96 6.34 -24.31
CA LYS UA 54 -8.12 6.90 -25.01
C LYS UA 54 -8.01 8.40 -25.18
N ARG UA 55 -7.18 9.07 -24.36
CA ARG UA 55 -6.88 10.46 -24.60
C ARG UA 55 -6.14 10.65 -25.92
N ILE UA 56 -5.10 9.84 -26.16
CA ILE UA 56 -4.33 9.95 -27.39
C ILE UA 56 -4.88 9.08 -28.51
N GLU UA 57 -5.67 8.06 -28.20
CA GLU UA 57 -6.23 7.14 -29.19
C GLU UA 57 -7.75 7.17 -29.15
N ARG UA 58 -8.32 8.36 -29.02
CA ARG UA 58 -9.77 8.53 -29.05
C ARG UA 58 -10.31 8.22 -30.44
N PRO VA 5 -37.51 -57.17 15.37
CA PRO VA 5 -38.60 -58.07 14.98
C PRO VA 5 -39.13 -57.81 13.57
N LEU VA 6 -38.49 -56.91 12.84
CA LEU VA 6 -38.96 -56.50 11.52
C LEU VA 6 -37.76 -56.25 10.61
N LYS VA 7 -37.92 -56.58 9.32
CA LYS VA 7 -36.86 -56.33 8.35
C LYS VA 7 -36.85 -54.87 7.91
N ASP VA 8 -38.03 -54.34 7.57
CA ASP VA 8 -38.16 -52.96 7.10
C ASP VA 8 -38.68 -52.09 8.23
N ARG VA 9 -37.98 -51.00 8.50
CA ARG VA 9 -38.36 -50.07 9.55
C ARG VA 9 -38.13 -48.65 9.06
N ARG VA 10 -38.64 -47.68 9.81
CA ARG VA 10 -38.41 -46.29 9.49
C ARG VA 10 -36.91 -46.02 9.50
N LEU VA 11 -36.41 -45.40 8.42
CA LEU VA 11 -34.99 -45.21 8.26
C LEU VA 11 -34.33 -44.60 9.49
N LEU VA 12 -35.12 -43.96 10.36
CA LEU VA 12 -34.58 -43.52 11.64
C LEU VA 12 -34.44 -44.67 12.62
N GLU VA 13 -35.36 -45.64 12.58
CA GLU VA 13 -35.28 -46.80 13.45
C GLU VA 13 -34.03 -47.61 13.16
N VAL VA 14 -33.75 -47.87 11.88
CA VAL VA 14 -32.65 -48.72 11.51
C VAL VA 14 -31.33 -48.12 12.02
N LYS VA 15 -30.34 -48.99 12.22
CA LYS VA 15 -29.04 -48.58 12.72
C LYS VA 15 -28.06 -48.33 11.58
N LEU VA 16 -26.87 -47.89 11.94
CA LEU VA 16 -25.85 -47.62 10.95
C LEU VA 16 -25.22 -48.90 10.43
N GLY VA 17 -25.03 -49.89 11.31
CA GLY VA 17 -24.47 -51.16 10.88
C GLY VA 17 -25.35 -51.84 9.84
N GLU VA 18 -26.63 -51.95 10.15
CA GLU VA 18 -27.61 -52.49 9.21
C GLU VA 18 -28.10 -51.45 8.21
N LEU VA 19 -27.47 -50.27 8.19
CA LEU VA 19 -27.83 -49.23 7.23
C LEU VA 19 -27.98 -49.82 5.85
N PRO VA 20 -26.95 -50.52 5.33
CA PRO VA 20 -27.09 -51.08 3.99
C PRO VA 20 -28.17 -52.14 3.91
N SER VA 21 -28.44 -52.82 5.02
CA SER VA 21 -29.56 -53.76 5.04
C SER VA 21 -30.86 -53.04 4.67
N TRP VA 22 -31.07 -51.86 5.24
CA TRP VA 22 -32.24 -51.08 4.87
C TRP VA 22 -32.14 -50.60 3.43
N ILE VA 23 -30.95 -50.18 3.02
CA ILE VA 23 -30.78 -49.66 1.67
C ILE VA 23 -31.08 -50.74 0.63
N LEU VA 24 -30.94 -52.01 1.00
CA LEU VA 24 -31.11 -53.11 0.06
C LEU VA 24 -32.43 -53.84 0.23
N MET VA 25 -33.09 -53.71 1.38
CA MET VA 25 -34.42 -54.28 1.55
C MET VA 25 -35.48 -53.47 0.82
N ARG VA 26 -35.23 -52.19 0.59
CA ARG VA 26 -36.17 -51.29 -0.03
C ARG VA 26 -36.02 -51.31 -1.56
N ASP VA 27 -37.07 -50.88 -2.25
CA ASP VA 27 -37.12 -50.91 -3.70
C ASP VA 27 -36.76 -49.56 -4.29
N PHE VA 28 -36.62 -49.51 -5.62
CA PHE VA 28 -36.15 -48.31 -6.29
C PHE VA 28 -36.86 -48.00 -7.61
N THR VA 29 -37.85 -48.80 -8.02
CA THR VA 29 -38.43 -48.60 -9.34
C THR VA 29 -39.32 -47.35 -9.35
N PRO VA 30 -39.35 -46.64 -10.48
CA PRO VA 30 -40.13 -45.39 -10.54
C PRO VA 30 -41.52 -45.47 -9.94
N SER VA 31 -42.20 -46.61 -10.08
CA SER VA 31 -43.45 -46.80 -9.35
C SER VA 31 -43.22 -46.59 -7.86
N GLY VA 32 -42.13 -47.14 -7.33
CA GLY VA 32 -41.74 -46.90 -5.96
C GLY VA 32 -41.15 -45.53 -5.70
N ILE VA 33 -41.13 -44.66 -6.70
CA ILE VA 33 -40.79 -43.26 -6.53
C ILE VA 33 -42.05 -42.41 -6.41
N ALA VA 34 -43.02 -42.67 -7.28
CA ALA VA 34 -44.34 -42.07 -7.11
C ALA VA 34 -44.96 -42.49 -5.79
N GLY VA 35 -44.80 -43.76 -5.41
CA GLY VA 35 -45.31 -44.26 -4.16
C GLY VA 35 -44.53 -43.77 -2.95
N ALA VA 36 -43.65 -42.80 -3.17
CA ALA VA 36 -42.95 -42.08 -2.11
C ALA VA 36 -43.32 -40.62 -2.12
N PHE VA 37 -43.24 -39.96 -3.28
CA PHE VA 37 -43.70 -38.60 -3.39
C PHE VA 37 -45.14 -38.48 -2.88
N GLN VA 38 -45.98 -39.45 -3.20
CA GLN VA 38 -47.35 -39.43 -2.71
C GLN VA 38 -47.38 -39.48 -1.19
N ARG VA 39 -46.57 -40.34 -0.58
CA ARG VA 39 -46.58 -40.46 0.87
C ARG VA 39 -46.16 -39.15 1.52
N GLY VA 40 -45.17 -38.48 0.93
CA GLY VA 40 -44.73 -37.20 1.47
C GLY VA 40 -45.83 -36.16 1.39
N TYR VA 41 -46.38 -35.99 0.19
CA TYR VA 41 -47.47 -35.02 0.02
C TYR VA 41 -48.60 -35.30 1.00
N TYR VA 42 -48.96 -36.57 1.18
CA TYR VA 42 -50.11 -36.89 2.00
C TYR VA 42 -49.82 -36.75 3.50
N ARG VA 43 -48.59 -37.03 3.93
CA ARG VA 43 -48.24 -36.72 5.31
C ARG VA 43 -48.42 -35.23 5.56
N TYR VA 44 -47.80 -34.39 4.71
CA TYR VA 44 -47.95 -32.95 4.87
C TYR VA 44 -49.42 -32.56 4.90
N TYR VA 45 -50.18 -33.02 3.91
CA TYR VA 45 -51.57 -32.68 3.73
C TYR VA 45 -52.39 -33.05 4.96
N ASN VA 46 -52.41 -34.33 5.31
CA ASN VA 46 -53.23 -34.79 6.43
C ASN VA 46 -52.69 -34.35 7.79
N LYS VA 47 -51.55 -33.69 7.84
CA LYS VA 47 -51.03 -33.25 9.14
C LYS VA 47 -51.11 -31.76 9.36
N TYR VA 48 -51.04 -30.95 8.30
CA TYR VA 48 -50.99 -29.51 8.44
C TYR VA 48 -52.08 -28.78 7.66
N VAL VA 49 -52.89 -29.50 6.89
CA VAL VA 49 -53.87 -28.88 6.00
C VAL VA 49 -55.27 -29.39 6.26
N ASN VA 50 -55.45 -30.71 6.19
CA ASN VA 50 -56.78 -31.28 6.31
C ASN VA 50 -57.21 -31.28 7.77
N VAL VA 51 -57.26 -30.10 8.38
CA VAL VA 51 -57.72 -29.93 9.75
C VAL VA 51 -58.64 -28.71 9.81
N LYS VA 52 -59.62 -28.76 10.71
CA LYS VA 52 -60.72 -27.82 10.68
C LYS VA 52 -60.33 -26.39 11.01
N LYS VA 53 -59.08 -26.13 11.37
CA LYS VA 53 -58.64 -24.77 11.64
C LYS VA 53 -57.25 -24.55 11.08
N GLY VA 54 -57.00 -25.11 9.90
CA GLY VA 54 -55.78 -24.86 9.17
C GLY VA 54 -55.36 -23.41 9.21
N SER VA 55 -54.06 -23.18 9.33
CA SER VA 55 -53.50 -21.85 9.48
C SER VA 55 -52.57 -21.52 8.33
N VAL VA 56 -51.90 -20.39 8.47
CA VAL VA 56 -50.89 -19.98 7.49
C VAL VA 56 -49.82 -21.05 7.36
N ALA VA 57 -49.26 -21.50 8.49
CA ALA VA 57 -48.19 -22.47 8.44
C ALA VA 57 -48.62 -23.72 7.68
N GLY VA 58 -49.92 -23.98 7.59
CA GLY VA 58 -50.40 -25.04 6.74
C GLY VA 58 -50.14 -24.79 5.27
N LEU VA 59 -49.72 -23.59 4.90
CA LEU VA 59 -49.42 -23.26 3.51
C LEU VA 59 -48.06 -22.61 3.34
N SER VA 60 -47.66 -21.73 4.25
CA SER VA 60 -46.46 -20.90 4.04
C SER VA 60 -45.24 -21.73 3.75
N MET VA 61 -45.22 -22.98 4.21
CA MET VA 61 -44.03 -23.81 4.06
C MET VA 61 -43.71 -24.08 2.61
N VAL VA 62 -44.72 -24.49 1.84
CA VAL VA 62 -44.48 -24.84 0.45
C VAL VA 62 -44.07 -23.61 -0.33
N LEU VA 63 -44.60 -22.45 0.02
CA LEU VA 63 -44.20 -21.21 -0.63
C LEU VA 63 -42.74 -20.91 -0.36
N ALA VA 64 -42.35 -20.88 0.91
CA ALA VA 64 -40.97 -20.55 1.26
C ALA VA 64 -40.01 -21.67 0.88
N ALA VA 65 -40.54 -22.81 0.45
CA ALA VA 65 -39.75 -23.87 -0.13
C ALA VA 65 -39.48 -23.63 -1.62
N TYR VA 66 -40.55 -23.47 -2.40
CA TYR VA 66 -40.43 -23.04 -3.78
C TYR VA 66 -39.48 -21.86 -3.92
N VAL VA 67 -39.54 -20.91 -2.98
CA VAL VA 67 -38.59 -19.81 -2.97
C VAL VA 67 -37.15 -20.33 -3.02
N VAL VA 68 -36.78 -21.18 -2.07
CA VAL VA 68 -35.39 -21.62 -2.00
C VAL VA 68 -35.04 -22.45 -3.22
N PHE VA 69 -35.99 -23.23 -3.71
CA PHE VA 69 -35.79 -23.95 -4.98
C PHE VA 69 -35.32 -22.99 -6.06
N ASN VA 70 -36.16 -21.99 -6.36
CA ASN VA 70 -35.84 -21.06 -7.43
C ASN VA 70 -34.68 -20.15 -7.08
N TYR VA 71 -34.23 -20.14 -5.83
CA TYR VA 71 -32.99 -19.45 -5.53
C TYR VA 71 -31.79 -20.30 -5.91
N CYS VA 72 -31.81 -21.57 -5.52
CA CYS VA 72 -30.74 -22.48 -5.91
C CYS VA 72 -30.61 -22.54 -7.42
N ARG VA 73 -31.73 -22.65 -8.13
CA ARG VA 73 -31.72 -22.61 -9.58
C ARG VA 73 -30.85 -21.48 -10.12
N SER VA 74 -30.75 -20.38 -9.40
CA SER VA 74 -30.20 -19.14 -9.91
C SER VA 74 -28.80 -18.82 -9.41
N TYR VA 75 -28.21 -19.71 -8.61
CA TYR VA 75 -26.96 -19.35 -7.94
C TYR VA 75 -25.88 -18.95 -8.94
N LYS VA 76 -25.81 -19.66 -10.06
CA LYS VA 76 -24.73 -19.42 -11.02
C LYS VA 76 -24.65 -17.95 -11.41
N GLU VA 77 -25.77 -17.39 -11.85
CA GLU VA 77 -25.77 -16.03 -12.39
C GLU VA 77 -25.60 -14.98 -11.33
N LEU VA 78 -25.33 -15.36 -10.09
CA LEU VA 78 -25.22 -14.41 -8.99
C LEU VA 78 -23.83 -14.36 -8.39
N LYS VA 79 -22.91 -15.18 -8.87
CA LYS VA 79 -21.52 -15.10 -8.44
C LYS VA 79 -20.75 -14.00 -9.14
N HIS VA 80 -21.42 -13.14 -9.90
CA HIS VA 80 -20.76 -12.13 -10.72
C HIS VA 80 -20.87 -10.73 -10.12
N GLU VA 81 -21.51 -10.59 -8.95
CA GLU VA 81 -21.67 -9.27 -8.36
C GLU VA 81 -21.46 -9.27 -6.86
N ARG VA 82 -20.89 -10.34 -6.29
CA ARG VA 82 -20.54 -10.33 -4.87
C ARG VA 82 -19.78 -9.06 -4.55
N LEU VA 83 -20.27 -8.31 -3.56
CA LEU VA 83 -19.72 -6.99 -3.29
C LEU VA 83 -18.26 -7.07 -2.87
N ARG VA 84 -17.87 -8.17 -2.22
CA ARG VA 84 -16.50 -8.38 -1.78
C ARG VA 84 -15.91 -9.59 -2.48
N LYS VA 85 -14.63 -9.50 -2.84
CA LYS VA 85 -14.01 -10.53 -3.66
C LYS VA 85 -13.60 -11.73 -2.81
N TYR VA 86 -12.76 -11.49 -1.79
CA TYR VA 86 -12.24 -12.57 -0.96
C TYR VA 86 -13.20 -12.79 0.21
N HIS VA 87 -14.02 -13.82 0.08
CA HIS VA 87 -14.99 -14.16 1.11
C HIS VA 87 -14.55 -15.40 1.88
N ALA WA 1 -51.45 17.95 12.94
CA ALA WA 1 -50.43 18.98 13.26
C ALA WA 1 -50.09 18.90 14.75
N GLN WA 2 -50.61 19.83 15.55
CA GLN WA 2 -50.40 19.78 17.01
C GLN WA 2 -51.07 18.51 17.54
N PHE WA 3 -52.23 18.15 16.99
CA PHE WA 3 -52.92 16.91 17.39
C PHE WA 3 -52.05 15.71 17.04
N VAL WA 4 -51.39 15.74 15.88
CA VAL WA 4 -50.46 14.66 15.50
C VAL WA 4 -49.32 14.62 16.51
N ARG WA 5 -48.81 15.78 16.93
CA ARG WA 5 -47.74 15.85 17.94
C ARG WA 5 -48.26 15.27 19.26
N ASN WA 6 -49.51 15.58 19.61
CA ASN WA 6 -50.13 15.02 20.84
C ASN WA 6 -50.23 13.50 20.67
N LEU WA 7 -50.59 13.06 19.47
CA LEU WA 7 -50.67 11.60 19.18
C LEU WA 7 -49.28 11.00 19.37
N ALA WA 8 -48.24 11.73 18.96
CA ALA WA 8 -46.86 11.26 19.13
C ALA WA 8 -46.54 11.11 20.62
N GLU WA 9 -47.03 12.03 21.46
CA GLU WA 9 -46.82 11.91 22.92
C GLU WA 9 -47.51 10.63 23.42
N LYS WA 10 -48.71 10.36 22.93
CA LYS WA 10 -49.42 9.11 23.30
C LYS WA 10 -48.61 7.92 22.77
N ALA WA 11 -48.06 8.05 21.56
CA ALA WA 11 -47.25 6.97 20.96
C ALA WA 11 -46.02 6.73 21.82
N PRO WA 12 -45.44 7.80 22.38
CA PRO WA 12 -44.27 7.65 23.28
C PRO WA 12 -44.69 6.84 24.50
N VAL WA 13 -45.88 7.10 25.04
CA VAL WA 13 -46.39 6.31 26.17
C VAL WA 13 -46.56 4.87 25.71
N LEU WA 14 -47.07 4.67 24.49
CA LEU WA 14 -47.25 3.30 23.95
C LEU WA 14 -45.90 2.62 23.81
N VAL WA 15 -44.88 3.37 23.37
CA VAL WA 15 -43.51 2.82 23.24
C VAL WA 15 -43.01 2.38 24.61
N ASN WA 16 -43.29 3.17 25.64
CA ASN WA 16 -42.89 2.79 27.02
C ASN WA 16 -43.59 1.49 27.40
N ALA WA 17 -44.86 1.36 27.03
CA ALA WA 17 -45.61 0.11 27.30
C ALA WA 17 -44.96 -1.05 26.53
N ALA WA 18 -44.52 -0.78 25.30
CA ALA WA 18 -43.86 -1.82 24.47
C ALA WA 18 -42.58 -2.28 25.19
N VAL WA 19 -41.82 -1.32 25.74
CA VAL WA 19 -40.61 -1.68 26.51
C VAL WA 19 -41.06 -2.47 27.75
N THR WA 20 -42.17 -2.05 28.36
CA THR WA 20 -42.62 -2.69 29.61
C THR WA 20 -42.94 -4.17 29.38
N TYR WA 21 -43.64 -4.52 28.30
CA TYR WA 21 -44.04 -5.92 27.98
C TYR WA 21 -42.80 -6.74 27.60
N SER WA 22 -41.85 -6.16 26.86
CA SER WA 22 -40.64 -6.88 26.39
C SER WA 22 -39.78 -7.31 27.57
N LYS WA 23 -39.67 -6.50 28.62
CA LYS WA 23 -38.73 -6.76 29.76
C LYS WA 23 -38.98 -8.08 30.50
N PRO WA 24 -40.20 -8.53 30.88
CA PRO WA 24 -40.36 -9.84 31.54
C PRO WA 24 -39.97 -11.01 30.64
N ARG WA 25 -40.31 -10.98 29.35
CA ARG WA 25 -39.88 -12.04 28.38
C ARG WA 25 -38.36 -12.02 28.37
N LEU WA 26 -37.77 -10.83 28.31
CA LEU WA 26 -36.30 -10.63 28.34
C LEU WA 26 -35.76 -11.15 29.68
N ALA WA 27 -36.48 -10.95 30.78
CA ALA WA 27 -36.07 -11.40 32.14
C ALA WA 27 -36.01 -12.93 32.16
N THR WA 28 -36.94 -13.62 31.49
CA THR WA 28 -36.90 -15.10 31.39
C THR WA 28 -35.64 -15.50 30.64
N PHE WA 29 -35.30 -14.80 29.55
CA PHE WA 29 -34.07 -15.07 28.78
C PHE WA 29 -32.89 -14.78 29.71
N TRP WA 30 -32.97 -13.71 30.50
CA TRP WA 30 -31.91 -13.33 31.46
C TRP WA 30 -31.75 -14.45 32.48
N HIS WA 31 -32.82 -15.10 32.94
CA HIS WA 31 -32.74 -16.16 33.97
C HIS WA 31 -31.86 -17.27 33.40
N TYR WA 32 -32.04 -17.65 32.12
CA TYR WA 32 -31.19 -18.65 31.44
C TYR WA 32 -29.77 -18.11 31.33
N ALA WA 33 -29.59 -16.81 31.07
CA ALA WA 33 -28.26 -16.16 30.86
C ALA WA 33 -27.61 -15.68 32.17
N LYS WA 34 -28.27 -15.82 33.33
CA LYS WA 34 -27.77 -15.28 34.63
C LYS WA 34 -26.85 -16.29 35.32
N VAL WA 35 -26.63 -17.47 34.73
CA VAL WA 35 -25.84 -18.57 35.37
C VAL WA 35 -24.39 -18.13 35.62
N GLU WA 36 -23.77 -17.34 34.72
CA GLU WA 36 -22.33 -16.99 34.82
C GLU WA 36 -22.09 -15.47 34.82
N LEU WA 37 -21.48 -14.92 35.88
CA LEU WA 37 -21.04 -13.49 35.94
C LEU WA 37 -19.51 -13.48 35.81
N VAL WA 38 -18.88 -14.63 35.62
CA VAL WA 38 -17.39 -14.78 35.57
C VAL WA 38 -17.11 -15.99 34.65
N PRO WA 39 -15.87 -16.28 34.18
CA PRO WA 39 -15.64 -17.38 33.22
C PRO WA 39 -15.98 -18.77 33.79
N PRO WA 40 -16.29 -19.81 32.99
CA PRO WA 40 -16.74 -21.12 33.52
C PRO WA 40 -15.72 -21.86 34.39
N THR WA 41 -16.19 -22.69 35.33
CA THR WA 41 -15.32 -23.44 36.28
C THR WA 41 -14.36 -24.39 35.54
N PRO WA 42 -13.09 -24.61 35.99
CA PRO WA 42 -12.18 -25.60 35.39
C PRO WA 42 -12.32 -26.92 36.17
N ALA WA 43 -13.45 -27.16 36.86
CA ALA WA 43 -13.71 -28.31 37.71
C ALA WA 43 -14.23 -29.50 36.93
N GLU WA 44 -15.06 -29.27 35.92
CA GLU WA 44 -15.65 -30.34 35.13
C GLU WA 44 -14.81 -30.70 33.91
N ILE WA 45 -13.76 -29.94 33.64
CA ILE WA 45 -12.80 -30.27 32.58
C ILE WA 45 -12.46 -31.75 32.65
N PRO WA 46 -12.19 -32.31 33.83
CA PRO WA 46 -11.97 -33.76 33.91
C PRO WA 46 -13.13 -34.57 33.33
N THR WA 47 -14.36 -34.25 33.71
CA THR WA 47 -15.50 -34.99 33.19
C THR WA 47 -15.52 -34.94 31.66
N ALA WA 48 -15.24 -33.76 31.10
CA ALA WA 48 -15.34 -33.60 29.65
C ALA WA 48 -14.24 -34.36 28.93
N ILE WA 49 -13.00 -34.24 29.42
CA ILE WA 49 -11.90 -34.96 28.79
C ILE WA 49 -12.13 -36.46 28.89
N GLN WA 50 -12.69 -36.92 30.02
CA GLN WA 50 -12.93 -38.36 30.16
C GLN WA 50 -14.03 -38.83 29.23
N SER WA 51 -15.08 -38.03 29.07
CA SER WA 51 -16.12 -38.36 28.11
C SER WA 51 -15.55 -38.39 26.70
N LEU WA 52 -14.63 -37.48 26.39
CA LEU WA 52 -13.97 -37.48 25.09
C LEU WA 52 -13.19 -38.76 24.88
N LYS WA 53 -12.43 -39.18 25.89
CA LYS WA 53 -11.66 -40.40 25.77
C LYS WA 53 -12.57 -41.62 25.63
N LYS WA 54 -13.74 -41.58 26.29
CA LYS WA 54 -14.70 -42.66 26.13
C LYS WA 54 -15.28 -42.69 24.73
N ILE WA 55 -15.50 -41.52 24.14
CA ILE WA 55 -15.88 -41.46 22.74
C ILE WA 55 -14.81 -42.09 21.87
N VAL WA 56 -13.55 -41.75 22.14
CA VAL WA 56 -12.45 -42.33 21.37
C VAL WA 56 -12.45 -43.85 21.52
N ASN WA 57 -12.79 -44.34 22.70
CA ASN WA 57 -12.85 -45.78 22.92
C ASN WA 57 -13.96 -46.40 22.09
N SER WA 58 -15.18 -45.86 22.20
CA SER WA 58 -16.29 -46.33 21.36
C SER WA 58 -15.94 -46.27 19.88
N ALA WA 59 -15.07 -45.36 19.49
CA ALA WA 59 -14.73 -45.21 18.07
C ALA WA 59 -13.71 -46.25 17.63
N GLN WA 60 -12.59 -46.34 18.35
CA GLN WA 60 -11.46 -47.13 17.86
C GLN WA 60 -11.86 -48.57 17.59
N THR WA 61 -12.64 -49.18 18.48
CA THR WA 61 -12.98 -50.59 18.32
C THR WA 61 -14.08 -50.81 17.28
N GLY WA 62 -14.86 -49.77 16.98
CA GLY WA 62 -15.98 -49.92 16.07
C GLY WA 62 -17.20 -50.47 16.77
N SER WA 63 -17.53 -49.89 17.91
CA SER WA 63 -18.71 -50.27 18.68
C SER WA 63 -19.83 -49.25 18.59
N PHE WA 64 -19.51 -47.97 18.39
CA PHE WA 64 -20.53 -46.95 18.19
C PHE WA 64 -21.36 -47.20 16.93
N LYS WA 65 -20.89 -48.07 16.05
CA LYS WA 65 -21.58 -48.42 14.81
C LYS WA 65 -22.84 -49.23 15.04
N GLN WA 66 -23.25 -49.41 16.29
CA GLN WA 66 -24.51 -50.04 16.62
C GLN WA 66 -25.58 -49.02 16.97
N LEU WA 67 -25.28 -47.73 16.83
CA LEU WA 67 -26.23 -46.69 17.16
C LEU WA 67 -27.39 -46.65 16.17
N THR WA 68 -28.46 -45.96 16.58
CA THR WA 68 -29.55 -45.60 15.69
C THR WA 68 -29.25 -44.25 15.06
N VAL WA 69 -30.04 -43.91 14.04
CA VAL WA 69 -29.72 -42.73 13.25
C VAL WA 69 -29.98 -41.47 14.06
N LYS WA 70 -31.21 -41.30 14.53
CA LYS WA 70 -31.62 -40.06 15.19
C LYS WA 70 -30.54 -39.54 16.13
N GLU WA 71 -29.89 -40.44 16.86
CA GLU WA 71 -28.88 -40.03 17.82
C GLU WA 71 -27.69 -39.39 17.10
N ALA WA 72 -27.24 -40.03 16.02
CA ALA WA 72 -26.09 -39.51 15.30
C ALA WA 72 -26.46 -38.21 14.58
N LEU WA 73 -27.67 -38.13 14.05
CA LEU WA 73 -28.15 -36.88 13.49
C LEU WA 73 -28.04 -35.76 14.52
N LEU WA 74 -28.62 -35.98 15.70
CA LEU WA 74 -28.55 -34.99 16.77
C LEU WA 74 -27.11 -34.59 17.05
N ASN WA 75 -26.25 -35.58 17.23
CA ASN WA 75 -24.86 -35.31 17.54
C ASN WA 75 -24.23 -34.42 16.48
N GLY WA 76 -24.47 -34.73 15.21
CA GLY WA 76 -23.84 -33.96 14.15
C GLY WA 76 -24.40 -32.55 14.06
N LEU WA 77 -25.69 -32.40 14.33
CA LEU WA 77 -26.28 -31.07 14.28
C LEU WA 77 -25.71 -30.18 15.36
N VAL WA 78 -25.55 -30.73 16.57
CA VAL WA 78 -24.96 -29.93 17.63
C VAL WA 78 -23.48 -29.70 17.35
N ALA WA 79 -22.83 -30.63 16.65
CA ALA WA 79 -21.45 -30.41 16.24
C ALA WA 79 -21.36 -29.18 15.34
N THR WA 80 -22.22 -29.13 14.33
CA THR WA 80 -22.24 -27.97 13.44
C THR WA 80 -22.61 -26.72 14.20
N GLU WA 81 -23.49 -26.85 15.19
CA GLU WA 81 -23.77 -25.72 16.07
C GLU WA 81 -22.49 -25.16 16.66
N VAL WA 82 -21.75 -26.01 17.38
CA VAL WA 82 -20.46 -25.58 17.92
C VAL WA 82 -19.61 -24.96 16.82
N LEU WA 83 -19.72 -25.51 15.60
CA LEU WA 83 -18.83 -25.08 14.53
C LEU WA 83 -19.10 -23.64 14.13
N MET WA 84 -20.38 -23.26 14.01
CA MET WA 84 -20.71 -21.92 13.51
C MET WA 84 -19.99 -20.83 14.29
N TRP WA 85 -19.66 -21.10 15.55
CA TRP WA 85 -19.01 -20.07 16.35
C TRP WA 85 -17.63 -19.74 15.80
N PHE WA 86 -17.02 -20.66 15.05
CA PHE WA 86 -15.75 -20.36 14.42
C PHE WA 86 -15.88 -19.22 13.43
N TYR WA 87 -16.84 -19.35 12.51
CA TYR WA 87 -17.14 -18.23 11.61
C TYR WA 87 -17.56 -17.01 12.39
N VAL WA 88 -18.23 -17.20 13.53
CA VAL WA 88 -18.60 -16.06 14.37
C VAL WA 88 -17.35 -15.29 14.79
N GLY WA 89 -16.33 -16.02 15.23
CA GLY WA 89 -15.08 -15.37 15.59
C GLY WA 89 -14.49 -14.64 14.39
N GLU WA 90 -14.54 -15.28 13.22
CA GLU WA 90 -14.11 -14.56 12.02
C GLU WA 90 -14.86 -13.25 11.88
N ILE WA 91 -16.17 -13.28 12.14
CA ILE WA 91 -16.96 -12.04 12.08
C ILE WA 91 -16.34 -11.00 12.98
N ILE WA 92 -16.07 -11.38 14.22
CA ILE WA 92 -15.37 -10.47 15.12
C ILE WA 92 -14.09 -9.97 14.46
N ALA WA 93 -13.49 -10.80 13.60
CA ALA WA 93 -12.32 -10.40 12.86
C ALA WA 93 -12.66 -9.64 11.60
N LEU XA 2 -50.53 -47.37 -18.45
CA LEU XA 2 -51.26 -46.16 -18.80
C LEU XA 2 -52.73 -46.26 -18.47
N GLN XA 3 -53.15 -47.44 -18.00
CA GLN XA 3 -54.58 -47.68 -17.81
C GLN XA 3 -55.16 -46.75 -16.75
N SER XA 4 -54.45 -46.58 -15.64
CA SER XA 4 -54.86 -45.58 -14.65
C SER XA 4 -54.92 -44.20 -15.28
N LEU XA 5 -53.98 -43.89 -16.15
CA LEU XA 5 -53.95 -42.57 -16.80
C LEU XA 5 -55.22 -42.36 -17.61
N ILE XA 6 -55.55 -43.29 -18.48
CA ILE XA 6 -56.73 -43.15 -19.32
C ILE XA 6 -57.99 -43.14 -18.46
N LYS XA 7 -58.02 -43.95 -17.41
CA LYS XA 7 -59.22 -43.98 -16.57
C LYS XA 7 -59.31 -42.79 -15.64
N ASN XA 8 -58.29 -41.95 -15.61
CA ASN XA 8 -58.38 -40.69 -14.89
C ASN XA 8 -58.62 -39.50 -15.82
N VAL XA 9 -58.23 -39.58 -17.09
CA VAL XA 9 -58.29 -38.41 -17.95
C VAL XA 9 -59.02 -38.68 -19.27
N TRP XA 10 -59.84 -39.74 -19.33
CA TRP XA 10 -60.66 -39.98 -20.52
C TRP XA 10 -62.08 -40.38 -20.20
N ILE XA 11 -62.40 -40.73 -18.96
CA ILE XA 11 -63.78 -40.97 -18.56
C ILE XA 11 -64.48 -39.61 -18.52
N PRO XA 12 -63.99 -38.66 -17.74
CA PRO XA 12 -64.71 -37.39 -17.60
C PRO XA 12 -64.58 -36.48 -18.81
N LEU XA 13 -63.37 -36.39 -19.35
CA LEU XA 13 -63.03 -35.35 -20.33
C LEU XA 13 -63.39 -35.75 -21.76
N LYS XA 14 -64.18 -36.81 -21.94
CA LYS XA 14 -64.52 -37.24 -23.29
C LYS XA 14 -65.55 -36.30 -23.91
N PRO XA 15 -66.73 -36.10 -23.32
CA PRO XA 15 -67.75 -35.28 -23.97
C PRO XA 15 -67.29 -33.89 -24.34
N TYR XA 16 -66.15 -33.44 -23.86
CA TYR XA 16 -65.65 -32.10 -24.14
C TYR XA 16 -64.83 -32.07 -25.42
N TYR XA 17 -63.89 -32.99 -25.55
CA TYR XA 17 -62.98 -32.97 -26.69
C TYR XA 17 -63.72 -33.33 -27.98
N THR XA 18 -64.82 -34.06 -27.88
CA THR XA 18 -65.57 -34.50 -29.05
C THR XA 18 -66.66 -33.53 -29.46
N GLN XA 19 -67.52 -33.16 -28.53
CA GLN XA 19 -68.72 -32.38 -28.82
C GLN XA 19 -68.41 -30.88 -28.92
N VAL XA 20 -67.67 -30.36 -27.95
CA VAL XA 20 -67.43 -28.94 -27.85
C VAL XA 20 -66.17 -28.52 -28.57
N TYR XA 21 -65.04 -29.09 -28.15
CA TYR XA 21 -63.73 -28.57 -28.50
C TYR XA 21 -63.29 -28.95 -29.90
N GLN XA 22 -64.22 -29.39 -30.75
CA GLN XA 22 -63.85 -29.68 -32.13
C GLN XA 22 -63.18 -28.49 -32.78
N GLU XA 23 -63.55 -27.28 -32.35
CA GLU XA 23 -63.19 -26.07 -33.06
C GLU XA 23 -61.93 -25.41 -32.53
N ILE XA 24 -61.43 -25.85 -31.38
CA ILE XA 24 -60.18 -25.31 -30.85
C ILE XA 24 -58.97 -26.08 -31.37
N TRP XA 25 -59.11 -27.38 -31.62
CA TRP XA 25 -57.99 -28.15 -32.13
C TRP XA 25 -57.54 -27.63 -33.49
N VAL XA 26 -58.50 -27.28 -34.34
CA VAL XA 26 -58.18 -26.61 -35.60
C VAL XA 26 -57.31 -25.39 -35.34
N GLY XA 27 -57.71 -24.59 -34.36
CA GLY XA 27 -56.94 -23.40 -34.05
C GLY XA 27 -55.54 -23.73 -33.58
N MET XA 28 -55.40 -24.82 -32.83
CA MET XA 28 -54.08 -25.22 -32.38
C MET XA 28 -53.22 -25.69 -33.55
N GLY XA 29 -53.84 -26.30 -34.55
CA GLY XA 29 -53.10 -26.65 -35.74
C GLY XA 29 -52.61 -25.41 -36.47
N LEU XA 30 -53.45 -24.38 -36.51
CA LEU XA 30 -53.03 -23.11 -37.09
C LEU XA 30 -51.86 -22.53 -36.30
N MET XA 31 -51.95 -22.60 -34.98
CA MET XA 31 -50.88 -22.15 -34.10
C MET XA 31 -49.57 -22.87 -34.43
N GLY XA 32 -49.66 -24.18 -34.65
CA GLY XA 32 -48.47 -24.94 -35.03
C GLY XA 32 -47.92 -24.49 -36.36
N PHE XA 33 -48.81 -24.29 -37.33
CA PHE XA 33 -48.41 -23.71 -38.61
C PHE XA 33 -47.56 -22.47 -38.40
N ILE XA 34 -48.09 -21.51 -37.64
CA ILE XA 34 -47.43 -20.22 -37.51
C ILE XA 34 -46.10 -20.35 -36.80
N VAL XA 35 -46.07 -21.10 -35.69
CA VAL XA 35 -44.81 -21.23 -34.96
C VAL XA 35 -43.76 -21.89 -35.84
N TYR XA 36 -44.15 -22.89 -36.63
CA TYR XA 36 -43.23 -23.49 -37.57
C TYR XA 36 -42.67 -22.44 -38.51
N LYS XA 37 -43.57 -21.64 -39.11
CA LYS XA 37 -43.14 -20.62 -40.06
C LYS XA 37 -42.10 -19.70 -39.43
N ILE XA 38 -42.36 -19.25 -38.21
CA ILE XA 38 -41.51 -18.21 -37.63
C ILE XA 38 -40.17 -18.79 -37.20
N ARG XA 39 -40.19 -19.98 -36.58
CA ARG XA 39 -38.92 -20.60 -36.21
C ARG XA 39 -38.09 -20.86 -37.45
N SER XA 40 -38.74 -21.28 -38.54
CA SER XA 40 -38.01 -21.50 -39.78
C SER XA 40 -37.41 -20.20 -40.29
N ALA XA 41 -38.16 -19.11 -40.22
CA ALA XA 41 -37.66 -17.83 -40.71
C ALA XA 41 -36.42 -17.40 -39.93
N ASP XA 42 -36.48 -17.45 -38.60
CA ASP XA 42 -35.33 -17.01 -37.82
C ASP XA 42 -34.15 -17.96 -37.98
N LYS XA 43 -34.41 -19.26 -38.05
CA LYS XA 43 -33.35 -20.23 -38.33
C LYS XA 43 -32.67 -19.88 -39.64
N ARG XA 44 -33.46 -19.53 -40.66
CA ARG XA 44 -32.88 -19.11 -41.93
C ARG XA 44 -32.02 -17.88 -41.76
N SER XA 45 -32.55 -16.85 -41.10
CA SER XA 45 -31.85 -15.57 -41.06
C SER XA 45 -30.56 -15.68 -40.27
N LYS XA 46 -30.51 -16.51 -39.25
CA LYS XA 46 -29.29 -16.68 -38.49
C LYS XA 46 -28.33 -17.67 -39.14
N ALA XA 47 -28.84 -18.66 -39.87
CA ALA XA 47 -27.97 -19.47 -40.71
C ALA XA 47 -27.18 -18.60 -41.67
N LEU XA 48 -27.77 -17.49 -42.10
CA LEU XA 48 -27.04 -16.53 -42.95
C LEU XA 48 -25.82 -15.98 -42.22
N LYS XA 49 -26.05 -15.32 -41.09
CA LYS XA 49 -24.98 -14.65 -40.37
C LYS XA 49 -24.00 -15.64 -39.76
N GLY YA 13 -86.64 -2.21 -55.62
CA GLY YA 13 -85.53 -1.49 -56.21
C GLY YA 13 -84.18 -2.03 -55.79
N ILE YA 14 -83.13 -1.24 -56.02
CA ILE YA 14 -81.78 -1.67 -55.66
C ILE YA 14 -81.46 -1.29 -54.22
N LYS YA 15 -81.94 -0.15 -53.76
CA LYS YA 15 -81.83 0.15 -52.33
C LYS YA 15 -82.72 -0.76 -51.48
N LYS YA 16 -83.44 -1.67 -52.12
CA LYS YA 16 -84.11 -2.78 -51.44
C LYS YA 16 -83.51 -4.12 -51.86
N TYR YA 17 -82.62 -4.11 -52.85
CA TYR YA 17 -81.83 -5.27 -53.24
C TYR YA 17 -80.39 -5.21 -52.70
N PHE YA 18 -79.95 -4.02 -52.27
CA PHE YA 18 -78.68 -3.84 -51.58
C PHE YA 18 -78.94 -3.29 -50.18
N ASN YA 19 -79.89 -3.90 -49.48
CA ASN YA 19 -80.31 -3.38 -48.18
C ASN YA 19 -79.12 -3.17 -47.26
N SER YA 20 -79.27 -2.22 -46.34
CA SER YA 20 -78.29 -1.98 -45.31
C SER YA 20 -78.84 -2.22 -43.91
N TYR YA 21 -80.12 -2.56 -43.77
CA TYR YA 21 -80.78 -2.70 -42.49
C TYR YA 21 -81.11 -4.14 -42.14
N THR YA 22 -81.60 -4.91 -43.10
CA THR YA 22 -81.91 -6.32 -42.87
C THR YA 22 -80.61 -7.12 -42.92
N LEU YA 23 -80.75 -8.44 -42.98
CA LEU YA 23 -79.59 -9.33 -43.05
C LEU YA 23 -79.11 -9.51 -44.48
N THR YA 24 -80.03 -9.83 -45.40
CA THR YA 24 -79.64 -10.18 -46.76
C THR YA 24 -78.81 -9.09 -47.42
N GLY YA 25 -79.42 -7.91 -47.60
CA GLY YA 25 -78.74 -6.85 -48.33
C GLY YA 25 -77.35 -6.59 -47.81
N ARG YA 26 -77.18 -6.63 -46.48
CA ARG YA 26 -75.87 -6.43 -45.90
C ARG YA 26 -74.89 -7.47 -46.40
N MET YA 27 -75.30 -8.73 -46.41
CA MET YA 27 -74.46 -9.82 -46.89
C MET YA 27 -74.10 -9.61 -48.36
N ASN YA 28 -75.10 -9.29 -49.17
CA ASN YA 28 -74.85 -9.11 -50.60
C ASN YA 28 -73.85 -7.98 -50.84
N CYS YA 29 -73.96 -6.90 -50.08
CA CYS YA 29 -73.04 -5.78 -50.28
C CYS YA 29 -71.63 -6.13 -49.85
N VAL YA 30 -71.47 -6.74 -48.67
CA VAL YA 30 -70.14 -7.12 -48.23
C VAL YA 30 -69.50 -8.09 -49.22
N LEU YA 31 -70.31 -9.00 -49.78
CA LEU YA 31 -69.77 -9.93 -50.76
C LEU YA 31 -69.35 -9.21 -52.03
N ALA YA 32 -70.17 -8.26 -52.48
CA ALA YA 32 -69.80 -7.47 -53.64
C ALA YA 32 -68.45 -6.82 -53.45
N THR YA 33 -68.23 -6.24 -52.27
CA THR YA 33 -66.99 -5.52 -52.05
C THR YA 33 -65.79 -6.45 -51.87
N TYR YA 34 -65.98 -7.61 -51.24
CA TYR YA 34 -64.90 -8.59 -51.19
C TYR YA 34 -64.53 -9.05 -52.60
N GLY YA 35 -65.53 -9.37 -53.42
CA GLY YA 35 -65.25 -9.73 -54.79
C GLY YA 35 -64.50 -8.65 -55.54
N GLY YA 36 -64.98 -7.41 -55.41
CA GLY YA 36 -64.32 -6.30 -56.12
C GLY YA 36 -62.89 -6.10 -55.68
N ILE YA 37 -62.63 -6.14 -54.38
CA ILE YA 37 -61.26 -5.97 -53.91
C ILE YA 37 -60.39 -7.12 -54.40
N ALA YA 38 -60.94 -8.33 -54.44
CA ALA YA 38 -60.19 -9.47 -54.98
C ALA YA 38 -59.81 -9.21 -56.43
N LEU YA 39 -60.79 -8.80 -57.24
CA LEU YA 39 -60.52 -8.61 -58.65
C LEU YA 39 -59.50 -7.50 -58.87
N LEU YA 40 -59.56 -6.44 -58.07
CA LEU YA 40 -58.60 -5.35 -58.28
C LEU YA 40 -57.21 -5.77 -57.84
N VAL YA 41 -57.09 -6.55 -56.76
CA VAL YA 41 -55.75 -6.97 -56.36
C VAL YA 41 -55.17 -7.92 -57.42
N LEU YA 42 -56.00 -8.77 -58.01
CA LEU YA 42 -55.50 -9.67 -59.04
C LEU YA 42 -55.28 -8.95 -60.38
N TYR YA 43 -55.87 -7.76 -60.55
CA TYR YA 43 -55.60 -6.97 -61.74
C TYR YA 43 -54.35 -6.12 -61.57
N PHE YA 44 -54.03 -5.75 -60.33
CA PHE YA 44 -52.85 -4.93 -60.06
C PHE YA 44 -51.61 -5.76 -59.80
N LYS YA 45 -51.76 -7.03 -59.41
CA LYS YA 45 -50.59 -7.88 -59.23
C LYS YA 45 -49.78 -7.99 -60.51
N LEU YA 46 -50.43 -7.90 -61.67
CA LEU YA 46 -49.71 -7.93 -62.93
C LEU YA 46 -48.68 -6.81 -62.99
N ARG YA 47 -48.99 -5.67 -62.39
CA ARG YA 47 -48.11 -4.51 -62.41
C ARG YA 47 -47.36 -4.37 -61.09
N ASP ZA 1 3.05 48.05 -10.23
CA ASP ZA 1 3.66 47.90 -8.89
C ASP ZA 1 2.67 47.25 -7.93
N ILE ZA 2 3.20 46.47 -7.00
CA ILE ZA 2 2.37 45.91 -5.94
C ILE ZA 2 2.09 46.95 -4.87
N ASP ZA 3 3.11 47.71 -4.49
CA ASP ZA 3 2.94 48.69 -3.42
C ASP ZA 3 1.90 49.73 -3.79
N THR ZA 4 1.83 50.12 -5.06
CA THR ZA 4 0.85 51.09 -5.49
C THR ZA 4 -0.57 50.60 -5.19
N ALA ZA 5 -0.74 49.29 -5.07
CA ALA ZA 5 -2.04 48.74 -4.67
C ALA ZA 5 -2.25 48.92 -3.18
N ALA ZA 6 -1.32 48.42 -2.38
CA ALA ZA 6 -1.39 48.60 -0.94
C ALA ZA 6 -1.66 50.05 -0.57
N LYS ZA 7 -1.19 50.99 -1.41
CA LYS ZA 7 -1.47 52.40 -1.17
C LYS ZA 7 -2.96 52.63 -0.95
N PHE ZA 8 -3.77 52.33 -1.96
CA PHE ZA 8 -5.20 52.56 -1.86
C PHE ZA 8 -5.85 51.59 -0.88
N ILE ZA 9 -5.38 50.35 -0.86
CA ILE ZA 9 -5.89 49.39 0.12
C ILE ZA 9 -5.89 50.01 1.51
N GLY ZA 10 -4.74 50.50 1.94
CA GLY ZA 10 -4.62 51.03 3.29
C GLY ZA 10 -5.31 52.37 3.44
N ALA ZA 11 -5.16 53.26 2.45
CA ALA ZA 11 -5.81 54.55 2.56
C ALA ZA 11 -7.32 54.42 2.60
N GLY ZA 12 -7.84 53.25 2.25
CA GLY ZA 12 -9.25 52.98 2.40
C GLY ZA 12 -9.58 52.30 3.71
N ALA ZA 13 -8.77 51.28 4.07
CA ALA ZA 13 -8.98 50.58 5.32
C ALA ZA 13 -8.78 51.47 6.53
N ALA ZA 14 -8.19 52.65 6.34
CA ALA ZA 14 -7.90 53.56 7.44
C ALA ZA 14 -9.08 54.46 7.79
N THR ZA 15 -10.30 54.04 7.47
CA THR ZA 15 -11.51 54.76 7.88
C THR ZA 15 -12.52 53.84 8.52
N VAL ZA 16 -12.10 52.64 8.94
CA VAL ZA 16 -12.96 51.73 9.67
C VAL ZA 16 -13.45 52.32 10.98
N GLY ZA 17 -12.85 53.42 11.44
CA GLY ZA 17 -12.98 53.81 12.83
C GLY ZA 17 -14.20 54.66 13.13
N VAL ZA 18 -14.68 55.42 12.15
CA VAL ZA 18 -15.76 56.38 12.38
C VAL ZA 18 -16.98 55.72 13.00
N ALA ZA 19 -17.00 54.38 13.04
CA ALA ZA 19 -17.91 53.66 13.91
C ALA ZA 19 -18.00 54.32 15.28
N GLY ZA 20 -16.86 54.69 15.84
CA GLY ZA 20 -16.86 55.33 17.15
C GLY ZA 20 -17.65 56.62 17.14
N SER ZA 21 -17.43 57.46 16.12
CA SER ZA 21 -18.22 58.67 15.99
C SER ZA 21 -19.71 58.34 15.99
N GLY ZA 22 -20.09 57.35 15.21
CA GLY ZA 22 -21.49 56.98 15.13
C GLY ZA 22 -22.07 56.68 16.50
N ALA ZA 23 -21.46 55.71 17.18
CA ALA ZA 23 -21.99 55.27 18.46
C ALA ZA 23 -21.99 56.41 19.46
N GLY ZA 24 -20.92 57.20 19.46
CA GLY ZA 24 -20.83 58.30 20.39
C GLY ZA 24 -21.98 59.25 20.16
N ILE ZA 25 -21.98 59.95 19.03
CA ILE ZA 25 -23.01 60.96 18.78
C ILE ZA 25 -24.39 60.41 19.09
N GLY ZA 26 -24.63 59.14 18.74
CA GLY ZA 26 -25.89 58.55 19.09
C GLY ZA 26 -26.16 58.67 20.57
N THR ZA 27 -25.27 58.07 21.37
CA THR ZA 27 -25.49 58.06 22.81
C THR ZA 27 -25.54 59.48 23.35
N VAL ZA 28 -24.81 60.39 22.69
CA VAL ZA 28 -24.68 61.76 23.16
C VAL ZA 28 -26.02 62.47 23.06
N PHE ZA 29 -26.53 62.61 21.84
CA PHE ZA 29 -27.81 63.28 21.70
C PHE ZA 29 -28.93 62.51 22.36
N GLY ZA 30 -28.73 61.21 22.64
CA GLY ZA 30 -29.73 60.50 23.41
C GLY ZA 30 -29.78 60.99 24.84
N SER ZA 31 -28.61 61.08 25.47
CA SER ZA 31 -28.57 61.60 26.82
C SER ZA 31 -29.01 63.06 26.86
N LEU ZA 32 -28.80 63.80 25.77
CA LEU ZA 32 -29.26 65.19 25.72
C LEU ZA 32 -30.78 65.27 25.68
N ILE ZA 33 -31.39 64.49 24.79
CA ILE ZA 33 -32.83 64.33 24.81
C ILE ZA 33 -33.33 64.11 26.22
N ILE ZA 34 -32.73 63.13 26.91
CA ILE ZA 34 -33.24 62.75 28.22
C ILE ZA 34 -33.06 63.90 29.19
N GLY ZA 35 -31.98 64.64 29.06
CA GLY ZA 35 -31.75 65.78 29.92
C GLY ZA 35 -32.85 66.79 29.77
N TYR ZA 36 -32.96 67.34 28.56
CA TYR ZA 36 -33.99 68.33 28.31
C TYR ZA 36 -35.38 67.80 28.69
N ALA ZA 37 -35.56 66.49 28.68
CA ALA ZA 37 -36.85 65.91 28.98
C ALA ZA 37 -37.00 65.55 30.46
N ARG ZA 38 -35.97 65.79 31.27
CA ARG ZA 38 -36.07 65.61 32.71
C ARG ZA 38 -35.89 66.91 33.48
N ASN ZA 39 -35.33 67.94 32.87
CA ASN ZA 39 -35.06 69.19 33.55
C ASN ZA 39 -34.86 70.29 32.52
N PRO ZA 40 -35.93 70.78 31.92
CA PRO ZA 40 -35.81 71.69 30.77
C PRO ZA 40 -35.02 72.97 31.03
N SER ZA 41 -34.61 73.20 32.27
CA SER ZA 41 -33.92 74.43 32.65
C SER ZA 41 -32.42 74.36 32.39
N LEU ZA 42 -31.97 73.42 31.58
CA LEU ZA 42 -30.54 73.23 31.34
C LEU ZA 42 -30.22 73.22 29.84
N M3L ZA 43 -31.23 73.52 29.04
CA M3L ZA 43 -31.14 73.45 27.60
CB M3L ZA 43 -32.20 74.30 26.90
C M3L ZA 43 -29.79 73.86 27.01
O M3L ZA 43 -29.10 73.09 26.34
H M3L ZA 43 -32.15 73.82 29.32
HA M3L ZA 43 -31.29 72.36 27.30
N GLN ZA 44 -29.40 75.11 27.26
CA GLN ZA 44 -28.19 75.66 26.66
C GLN ZA 44 -26.93 75.01 27.21
N GLN ZA 45 -26.89 74.77 28.52
CA GLN ZA 45 -25.74 74.12 29.12
C GLN ZA 45 -25.48 72.77 28.45
N LEU ZA 46 -26.50 71.92 28.43
CA LEU ZA 46 -26.31 70.59 27.89
C LEU ZA 46 -26.16 70.62 26.38
N PHE ZA 47 -26.73 71.62 25.71
CA PHE ZA 47 -26.46 71.78 24.29
C PHE ZA 47 -24.98 72.07 24.05
N SER ZA 48 -24.37 72.85 24.93
CA SER ZA 48 -22.95 73.13 24.82
C SER ZA 48 -22.13 71.87 25.05
N TYR ZA 49 -22.49 71.10 26.08
CA TYR ZA 49 -21.79 69.83 26.31
C TYR ZA 49 -21.95 68.90 25.11
N ALA ZA 50 -23.11 68.97 24.46
CA ALA ZA 50 -23.36 68.11 23.30
C ALA ZA 50 -22.48 68.50 22.14
N ILE ZA 51 -22.40 69.79 21.84
CA ILE ZA 51 -21.53 70.23 20.75
C ILE ZA 51 -20.08 69.93 21.09
N LEU ZA 52 -19.72 69.97 22.37
CA LEU ZA 52 -18.39 69.53 22.79
C LEU ZA 52 -18.12 68.10 22.33
N GLY ZA 53 -18.94 67.15 22.81
CA GLY ZA 53 -18.75 65.76 22.44
C GLY ZA 53 -18.80 65.55 20.93
N PHE ZA 54 -19.73 66.23 20.27
CA PHE ZA 54 -19.85 66.17 18.82
C PHE ZA 54 -18.52 66.51 18.16
N ALA ZA 55 -18.00 67.71 18.44
CA ALA ZA 55 -16.72 68.13 17.89
C ALA ZA 55 -15.64 67.10 18.20
N LEU ZA 56 -15.58 66.64 19.45
CA LEU ZA 56 -14.50 65.74 19.86
C LEU ZA 56 -14.48 64.48 18.98
N SER ZA 57 -15.58 63.73 18.98
CA SER ZA 57 -15.57 62.46 18.26
C SER ZA 57 -15.51 62.67 16.76
N GLU ZA 58 -16.18 63.71 16.25
CA GLU ZA 58 -16.08 64.02 14.83
C GLU ZA 58 -14.63 64.28 14.45
N ALA ZA 59 -13.89 64.93 15.33
CA ALA ZA 59 -12.49 65.23 15.05
C ALA ZA 59 -11.66 63.95 15.05
N MET ZA 60 -11.90 63.09 16.02
CA MET ZA 60 -11.25 61.78 16.00
C MET ZA 60 -11.42 61.11 14.64
N GLY ZA 61 -12.67 61.01 14.20
CA GLY ZA 61 -12.92 60.32 12.94
C GLY ZA 61 -12.31 61.03 11.75
N LEU ZA 62 -12.34 62.36 11.75
CA LEU ZA 62 -11.89 63.09 10.58
C LEU ZA 62 -10.36 63.14 10.50
N PHE ZA 63 -9.68 63.13 11.64
CA PHE ZA 63 -8.23 62.99 11.60
C PHE ZA 63 -7.83 61.55 11.26
N CYS ZA 64 -8.65 60.57 11.60
CA CYS ZA 64 -8.42 59.24 11.04
C CYS ZA 64 -8.56 59.25 9.53
N LEU ZA 65 -9.50 60.05 9.03
CA LEU ZA 65 -9.61 60.22 7.58
C LEU ZA 65 -8.38 60.90 7.01
N MET ZA 66 -7.82 61.86 7.76
CA MET ZA 66 -6.56 62.47 7.33
C MET ZA 66 -5.44 61.44 7.27
N VAL ZA 67 -5.43 60.50 8.21
CA VAL ZA 67 -4.51 59.37 8.13
C VAL ZA 67 -4.71 58.64 6.82
N ALA ZA 68 -5.95 58.26 6.54
CA ALA ZA 68 -6.29 57.62 5.28
C ALA ZA 68 -5.69 58.38 4.10
N PHE ZA 69 -5.88 59.70 4.09
CA PHE ZA 69 -5.44 60.50 2.96
C PHE ZA 69 -3.92 60.50 2.84
N LEU ZA 70 -3.23 60.88 3.90
CA LEU ZA 70 -1.77 60.90 3.86
C LEU ZA 70 -1.22 59.55 3.45
N ILE ZA 71 -1.96 58.46 3.72
CA ILE ZA 71 -1.58 57.17 3.16
C ILE ZA 71 -1.82 57.16 1.66
N LEU ZA 72 -2.96 57.69 1.22
CA LEU ZA 72 -3.25 57.77 -0.20
C LEU ZA 72 -2.12 58.46 -0.96
N PHE ZA 73 -1.76 59.66 -0.53
CA PHE ZA 73 -0.82 60.49 -1.27
C PHE ZA 73 0.58 60.37 -0.68
N ALA ZA 74 0.93 59.18 -0.21
CA ALA ZA 74 2.26 58.91 0.35
C ALA ZA 74 3.36 59.51 -0.51
N ASP AB 1 -5.55 42.71 -13.26
CA ASP AB 1 -4.61 43.84 -13.06
C ASP AB 1 -4.23 43.91 -11.59
N ILE AB 2 -3.57 45.00 -11.20
CA ILE AB 2 -3.20 45.19 -9.82
C ILE AB 2 -3.99 46.32 -9.16
N ASP AB 3 -4.20 47.44 -9.85
CA ASP AB 3 -4.99 48.53 -9.29
C ASP AB 3 -6.47 48.18 -9.27
N THR AB 4 -6.92 47.34 -10.19
CA THR AB 4 -8.32 46.93 -10.22
C THR AB 4 -8.74 46.30 -8.90
N ALA AB 5 -8.12 45.16 -8.55
CA ALA AB 5 -8.42 44.50 -7.28
C ALA AB 5 -8.12 45.42 -6.11
N ALA AB 6 -7.09 46.24 -6.25
CA ALA AB 6 -6.72 47.17 -5.18
C ALA AB 6 -7.91 48.03 -4.80
N LYS AB 7 -8.40 48.82 -5.75
CA LYS AB 7 -9.56 49.68 -5.50
C LYS AB 7 -10.77 48.86 -5.11
N PHE AB 8 -10.96 47.70 -5.75
CA PHE AB 8 -12.09 46.84 -5.40
C PHE AB 8 -12.15 46.64 -3.89
N ILE AB 9 -11.06 46.11 -3.34
CA ILE AB 9 -11.09 45.71 -1.93
C ILE AB 9 -10.99 46.94 -1.04
N GLY AB 10 -10.31 48.00 -1.51
CA GLY AB 10 -10.27 49.22 -0.73
C GLY AB 10 -11.66 49.76 -0.46
N ALA AB 11 -12.53 49.70 -1.48
CA ALA AB 11 -13.90 50.16 -1.30
C ALA AB 11 -14.70 49.14 -0.50
N GLY AB 12 -14.53 47.86 -0.79
CA GLY AB 12 -15.21 46.85 -0.01
C GLY AB 12 -14.85 46.88 1.46
N ALA AB 13 -13.76 47.57 1.80
CA ALA AB 13 -13.38 47.77 3.19
C ALA AB 13 -13.91 49.09 3.73
N ALA AB 14 -13.67 50.19 3.01
CA ALA AB 14 -14.16 51.49 3.46
C ALA AB 14 -15.67 51.52 3.60
N THR AB 15 -16.39 50.61 2.93
CA THR AB 15 -17.83 50.54 3.05
C THR AB 15 -18.30 50.02 4.40
N VAL AB 16 -17.39 49.79 5.35
CA VAL AB 16 -17.79 49.26 6.64
C VAL AB 16 -17.83 50.36 7.70
N GLY AB 17 -17.49 51.59 7.35
CA GLY AB 17 -17.63 52.70 8.27
C GLY AB 17 -19.04 53.24 8.33
N VAL AB 18 -20.01 52.33 8.31
CA VAL AB 18 -21.41 52.72 8.27
C VAL AB 18 -22.21 52.07 9.40
N ALA AB 19 -21.77 50.93 9.91
CA ALA AB 19 -22.48 50.26 10.98
C ALA AB 19 -22.58 51.15 12.22
N GLY AB 20 -21.54 51.93 12.48
CA GLY AB 20 -21.57 52.82 13.63
C GLY AB 20 -22.63 53.88 13.49
N SER AB 21 -22.68 54.53 12.33
CA SER AB 21 -23.75 55.49 12.08
C SER AB 21 -25.12 54.83 12.22
N GLY AB 22 -25.26 53.60 11.73
CA GLY AB 22 -26.52 52.89 11.86
C GLY AB 22 -26.94 52.74 13.32
N ALA AB 23 -26.08 52.09 14.10
CA ALA AB 23 -26.38 51.89 15.51
C ALA AB 23 -26.59 53.21 16.22
N GLY AB 24 -25.90 54.27 15.78
CA GLY AB 24 -26.10 55.57 16.38
C GLY AB 24 -27.51 56.07 16.17
N ILE AB 25 -27.99 55.99 14.92
CA ILE AB 25 -29.38 56.32 14.64
C ILE AB 25 -30.30 55.54 15.56
N GLY AB 26 -30.07 54.23 15.66
CA GLY AB 26 -30.95 53.41 16.48
C GLY AB 26 -30.99 53.88 17.92
N THR AB 27 -29.82 54.19 18.47
CA THR AB 27 -29.76 54.54 19.89
C THR AB 27 -30.38 55.90 20.13
N VAL AB 28 -30.13 56.85 19.23
CA VAL AB 28 -30.74 58.18 19.39
C VAL AB 28 -32.25 58.06 19.36
N PHE AB 29 -32.77 57.14 18.55
CA PHE AB 29 -34.22 56.97 18.53
C PHE AB 29 -34.75 56.30 19.79
N GLY AB 30 -34.03 55.33 20.34
CA GLY AB 30 -34.43 54.78 21.62
C GLY AB 30 -34.49 55.84 22.70
N SER AB 31 -33.48 56.72 22.71
CA SER AB 31 -33.45 57.79 23.70
C SER AB 31 -34.62 58.75 23.51
N LEU AB 32 -34.92 59.10 22.25
CA LEU AB 32 -36.11 59.89 21.98
C LEU AB 32 -37.33 59.24 22.60
N ILE AB 33 -37.50 57.94 22.36
CA ILE AB 33 -38.64 57.24 22.92
C ILE AB 33 -38.74 57.49 24.42
N ILE AB 34 -37.66 57.22 25.15
CA ILE AB 34 -37.76 57.32 26.61
C ILE AB 34 -38.09 58.75 27.00
N GLY AB 35 -37.32 59.70 26.48
CA GLY AB 35 -37.55 61.09 26.82
C GLY AB 35 -39.00 61.49 26.63
N TYR AB 36 -39.56 61.15 25.47
CA TYR AB 36 -40.96 61.48 25.22
C TYR AB 36 -41.85 60.81 26.26
N ALA AB 37 -41.65 59.52 26.49
CA ALA AB 37 -42.48 58.79 27.44
C ALA AB 37 -42.39 59.33 28.84
N ARG AB 38 -41.43 60.22 29.12
CA ARG AB 38 -41.44 60.91 30.40
C ARG AB 38 -42.25 62.21 30.34
N ASN AB 39 -42.03 62.99 29.28
CA ASN AB 39 -42.59 64.34 29.13
C ASN AB 39 -43.27 64.41 27.77
N PRO AB 40 -44.54 64.01 27.68
CA PRO AB 40 -45.18 63.88 26.36
C PRO AB 40 -45.57 65.19 25.72
N SER AB 41 -45.08 66.32 26.23
CA SER AB 41 -45.53 67.62 25.79
C SER AB 41 -44.49 68.40 25.01
N LEU AB 42 -43.26 67.90 24.92
CA LEU AB 42 -42.20 68.62 24.22
C LEU AB 42 -41.75 67.84 23.00
N M3L AB 43 -42.66 66.98 22.55
CA M3L AB 43 -42.49 66.18 21.38
CB M3L AB 43 -43.87 65.74 20.89
C M3L AB 43 -41.75 66.87 20.25
O M3L AB 43 -40.82 66.35 19.62
H M3L AB 43 -43.55 66.80 22.97
HA M3L AB 43 -41.90 65.26 21.67
N GLN AB 44 -42.20 68.08 19.98
CA GLN AB 44 -41.72 68.83 18.84
C GLN AB 44 -40.22 69.01 18.92
N GLN AB 45 -39.77 69.48 20.07
CA GLN AB 45 -38.36 69.81 20.23
C GLN AB 45 -37.53 68.54 20.34
N LEU AB 46 -38.03 67.53 21.06
CA LEU AB 46 -37.35 66.24 21.07
C LEU AB 46 -37.08 65.80 19.64
N PHE AB 47 -38.08 65.93 18.78
CA PHE AB 47 -37.99 65.42 17.42
C PHE AB 47 -37.04 66.26 16.59
N SER AB 48 -37.06 67.58 16.75
CA SER AB 48 -36.09 68.42 16.07
C SER AB 48 -34.67 67.97 16.40
N TYR AB 49 -34.37 67.83 17.68
CA TYR AB 49 -33.05 67.39 18.09
C TYR AB 49 -32.70 66.04 17.47
N ALA AB 50 -33.62 65.09 17.53
CA ALA AB 50 -33.34 63.75 17.01
C ALA AB 50 -33.04 63.78 15.52
N ILE AB 51 -33.86 64.52 14.76
CA ILE AB 51 -33.65 64.55 13.32
C ILE AB 51 -32.32 65.20 13.00
N LEU AB 52 -31.90 66.18 13.81
CA LEU AB 52 -30.57 66.74 13.61
C LEU AB 52 -29.49 65.68 13.79
N GLY AB 53 -29.55 64.95 14.90
CA GLY AB 53 -28.58 63.89 15.12
C GLY AB 53 -28.54 62.91 13.95
N PHE AB 54 -29.72 62.61 13.39
CA PHE AB 54 -29.78 61.74 12.23
C PHE AB 54 -29.05 62.34 11.05
N ALA AB 55 -29.31 63.61 10.76
CA ALA AB 55 -28.58 64.31 9.70
C ALA AB 55 -27.08 64.10 9.87
N LEU AB 56 -26.59 64.28 11.09
CA LEU AB 56 -25.15 64.24 11.30
C LEU AB 56 -24.58 62.84 11.08
N SER AB 57 -25.16 61.83 11.73
CA SER AB 57 -24.64 60.48 11.56
C SER AB 57 -24.73 60.04 10.11
N GLU AB 58 -25.85 60.32 9.44
CA GLU AB 58 -25.99 59.98 8.04
C GLU AB 58 -24.93 60.67 7.20
N ALA AB 59 -24.64 61.93 7.53
CA ALA AB 59 -23.58 62.64 6.81
C ALA AB 59 -22.25 61.91 6.93
N MET AB 60 -21.92 61.48 8.14
CA MET AB 60 -20.65 60.80 8.35
C MET AB 60 -20.58 59.52 7.53
N GLY AB 61 -21.62 58.70 7.60
CA GLY AB 61 -21.64 57.48 6.80
C GLY AB 61 -21.55 57.77 5.31
N LEU AB 62 -22.26 58.79 4.86
CA LEU AB 62 -22.27 59.12 3.44
C LEU AB 62 -20.89 59.56 2.97
N PHE AB 63 -20.14 60.25 3.83
CA PHE AB 63 -18.77 60.59 3.46
C PHE AB 63 -17.89 59.35 3.41
N CYS AB 64 -18.05 58.46 4.40
CA CYS AB 64 -17.26 57.23 4.39
C CYS AB 64 -17.55 56.41 3.14
N LEU AB 65 -18.74 56.59 2.55
CA LEU AB 65 -19.07 55.84 1.35
C LEU AB 65 -18.66 56.57 0.07
N MET AB 66 -18.76 57.89 0.07
CA MET AB 66 -18.19 58.68 -1.03
C MET AB 66 -16.72 58.36 -1.19
N VAL AB 67 -16.03 58.11 -0.08
CA VAL AB 67 -14.66 57.60 -0.16
C VAL AB 67 -14.61 56.39 -1.09
N ALA AB 68 -15.51 55.42 -0.85
CA ALA AB 68 -15.49 54.19 -1.63
C ALA AB 68 -15.76 54.48 -3.09
N PHE AB 69 -16.69 55.39 -3.38
CA PHE AB 69 -16.96 55.74 -4.76
C PHE AB 69 -15.73 56.31 -5.44
N LEU AB 70 -15.02 57.21 -4.73
CA LEU AB 70 -13.81 57.78 -5.31
C LEU AB 70 -12.76 56.70 -5.52
N ILE AB 71 -12.61 55.78 -4.58
CA ILE AB 71 -11.71 54.65 -4.77
C ILE AB 71 -12.07 53.92 -6.05
N LEU AB 72 -13.35 53.62 -6.22
CA LEU AB 72 -13.81 53.00 -7.46
C LEU AB 72 -13.31 53.78 -8.66
N PHE AB 73 -13.44 55.10 -8.63
CA PHE AB 73 -13.11 55.93 -9.78
C PHE AB 73 -12.03 56.94 -9.44
N ALA AB 74 -11.06 56.54 -8.63
CA ALA AB 74 -9.92 57.38 -8.31
C ALA AB 74 -9.00 57.52 -9.53
N ASP BB 1 -9.98 34.78 -14.30
CA ASP BB 1 -9.07 35.93 -14.07
C ASP BB 1 -9.03 36.29 -12.59
N ILE BB 2 -7.86 36.77 -12.14
CA ILE BB 2 -7.69 37.09 -10.73
C ILE BB 2 -8.72 38.11 -10.25
N ASP BB 3 -9.20 38.97 -11.13
CA ASP BB 3 -10.21 39.94 -10.74
C ASP BB 3 -11.47 39.27 -10.20
N THR BB 4 -11.71 38.01 -10.54
CA THR BB 4 -12.83 37.28 -9.95
C THR BB 4 -12.59 37.06 -8.46
N ALA BB 5 -11.42 36.53 -8.13
CA ALA BB 5 -11.00 36.43 -6.73
C ALA BB 5 -11.15 37.77 -6.02
N ALA BB 6 -10.67 38.84 -6.66
CA ALA BB 6 -10.72 40.15 -6.01
C ALA BB 6 -12.16 40.61 -5.83
N LYS BB 7 -13.04 40.24 -6.75
CA LYS BB 7 -14.46 40.58 -6.61
C LYS BB 7 -15.03 39.90 -5.38
N PHE BB 8 -14.80 38.59 -5.26
CA PHE BB 8 -15.31 37.86 -4.12
C PHE BB 8 -14.73 38.43 -2.82
N ILE BB 9 -13.48 38.89 -2.88
CA ILE BB 9 -12.84 39.47 -1.71
C ILE BB 9 -13.54 40.75 -1.30
N GLY BB 10 -13.72 41.67 -2.26
CA GLY BB 10 -14.44 42.89 -1.96
C GLY BB 10 -15.82 42.64 -1.40
N ALA BB 11 -16.51 41.63 -1.93
CA ALA BB 11 -17.85 41.31 -1.44
C ALA BB 11 -17.80 40.88 0.02
N GLY BB 12 -16.90 39.94 0.33
CA GLY BB 12 -16.77 39.49 1.70
C GLY BB 12 -16.35 40.58 2.64
N ALA BB 13 -15.56 41.55 2.15
CA ALA BB 13 -15.15 42.68 2.97
C ALA BB 13 -16.30 43.64 3.21
N ALA BB 14 -17.17 43.82 2.24
CA ALA BB 14 -18.17 44.86 2.29
C ALA BB 14 -19.44 44.44 3.01
N THR BB 15 -19.85 43.18 2.87
CA THR BB 15 -21.15 42.79 3.42
C THR BB 15 -21.20 42.92 4.94
N VAL BB 16 -20.04 42.96 5.58
CA VAL BB 16 -19.92 42.75 7.02
C VAL BB 16 -20.65 43.81 7.84
N GLY BB 17 -20.94 44.95 7.23
CA GLY BB 17 -21.31 46.13 8.00
C GLY BB 17 -22.75 46.16 8.50
N VAL BB 18 -23.49 45.05 8.42
CA VAL BB 18 -24.91 45.05 8.78
C VAL BB 18 -25.08 44.98 10.28
N ALA BB 19 -23.98 44.77 11.00
CA ALA BB 19 -24.08 44.67 12.45
C ALA BB 19 -24.56 45.96 13.07
N GLY BB 20 -24.23 47.09 12.46
CA GLY BB 20 -24.74 48.36 12.96
C GLY BB 20 -26.26 48.43 12.93
N SER BB 21 -26.85 47.98 11.82
CA SER BB 21 -28.30 47.92 11.75
C SER BB 21 -28.87 46.92 12.75
N GLY BB 22 -28.22 45.77 12.90
CA GLY BB 22 -28.64 44.84 13.94
C GLY BB 22 -28.71 45.52 15.30
N ALA BB 23 -27.65 46.25 15.64
CA ALA BB 23 -27.63 46.99 16.89
C ALA BB 23 -28.82 47.94 16.97
N GLY BB 24 -28.88 48.91 16.05
CA GLY BB 24 -29.97 49.88 16.11
C GLY BB 24 -31.32 49.23 16.30
N ILE BB 25 -31.54 48.10 15.65
CA ILE BB 25 -32.79 47.37 15.80
C ILE BB 25 -33.00 46.98 17.25
N GLY BB 26 -32.06 46.21 17.80
CA GLY BB 26 -32.18 45.79 19.18
C GLY BB 26 -32.37 46.98 20.11
N THR BB 27 -31.66 48.06 19.81
CA THR BB 27 -31.68 49.24 20.66
C THR BB 27 -33.07 49.86 20.71
N VAL BB 28 -33.64 50.14 19.54
CA VAL BB 28 -34.95 50.78 19.53
C VAL BB 28 -35.97 49.89 20.21
N PHE BB 29 -35.91 48.58 19.96
CA PHE BB 29 -36.93 47.76 20.56
C PHE BB 29 -36.81 47.70 22.08
N GLY BB 30 -35.58 47.70 22.59
CA GLY BB 30 -35.43 47.76 24.03
C GLY BB 30 -35.93 49.05 24.63
N SER BB 31 -35.57 50.17 24.00
CA SER BB 31 -36.01 51.46 24.49
C SER BB 31 -37.52 51.58 24.43
N LEU BB 32 -38.13 51.07 23.36
CA LEU BB 32 -39.58 51.00 23.26
C LEU BB 32 -40.18 50.26 24.43
N ILE BB 33 -39.57 49.12 24.81
CA ILE BB 33 -40.14 48.38 25.92
C ILE BB 33 -40.07 49.21 27.19
N ILE BB 34 -38.93 49.85 27.42
CA ILE BB 34 -38.80 50.71 28.60
C ILE BB 34 -39.94 51.73 28.62
N GLY BB 35 -40.08 52.47 27.53
CA GLY BB 35 -41.08 53.50 27.44
C GLY BB 35 -42.45 52.94 27.74
N TYR BB 36 -42.94 52.04 26.90
CA TYR BB 36 -44.24 51.44 27.11
C TYR BB 36 -44.42 50.95 28.55
N ALA BB 37 -43.33 50.59 29.23
CA ALA BB 37 -43.48 50.17 30.63
C ALA BB 37 -43.55 51.36 31.57
N ARG BB 38 -43.20 52.55 31.12
CA ARG BB 38 -43.43 53.75 31.91
C ARG BB 38 -44.87 54.26 31.77
N ASN BB 39 -45.35 54.36 30.53
CA ASN BB 39 -46.61 55.02 30.21
C ASN BB 39 -47.46 54.09 29.34
N PRO BB 40 -47.98 53.02 29.92
CA PRO BB 40 -48.67 52.00 29.13
C PRO BB 40 -49.72 52.52 28.17
N SER BB 41 -50.15 53.76 28.35
CA SER BB 41 -51.28 54.33 27.62
C SER BB 41 -50.81 55.26 26.50
N LEU BB 42 -49.72 54.91 25.83
CA LEU BB 42 -49.22 55.69 24.71
C LEU BB 42 -48.69 54.76 23.61
N M3L BB 43 -49.13 53.51 23.72
CA M3L BB 43 -48.76 52.46 22.82
CB M3L BB 43 -49.86 51.40 22.75
C M3L BB 43 -48.49 52.78 21.38
O M3L BB 43 -47.48 52.45 20.76
H M3L BB 43 -49.75 53.17 24.42
HA M3L BB 43 -47.82 51.97 23.22
N GLN BB 44 -49.48 53.43 20.79
CA GLN BB 44 -49.53 53.60 19.35
C GLN BB 44 -48.42 54.53 18.92
N GLN BB 45 -48.32 55.66 19.61
CA GLN BB 45 -47.28 56.62 19.27
C GLN BB 45 -45.91 56.04 19.55
N LEU BB 46 -45.78 55.23 20.61
CA LEU BB 46 -44.52 54.55 20.86
C LEU BB 46 -44.12 53.69 19.67
N PHE BB 47 -44.97 52.72 19.34
CA PHE BB 47 -44.71 51.83 18.21
C PHE BB 47 -44.37 52.62 16.96
N SER BB 48 -45.11 53.69 16.69
CA SER BB 48 -44.88 54.45 15.47
C SER BB 48 -43.52 55.11 15.48
N TYR BB 49 -43.13 55.74 16.58
CA TYR BB 49 -41.78 56.26 16.70
C TYR BB 49 -40.76 55.17 16.42
N ALA BB 50 -41.00 53.99 16.98
CA ALA BB 50 -40.08 52.87 16.78
C ALA BB 50 -39.85 52.60 15.30
N ILE BB 51 -40.95 52.40 14.57
CA ILE BB 51 -40.85 51.95 13.19
C ILE BB 51 -39.97 52.89 12.36
N LEU BB 52 -40.13 54.19 12.56
CA LEU BB 52 -39.33 55.15 11.82
C LEU BB 52 -37.86 54.78 11.85
N GLY BB 53 -37.28 54.77 13.05
CA GLY BB 53 -35.85 54.53 13.15
C GLY BB 53 -35.47 53.12 12.75
N PHE BB 54 -36.30 52.16 13.10
CA PHE BB 54 -36.11 50.80 12.60
C PHE BB 54 -35.79 50.81 11.12
N ALA BB 55 -36.69 51.39 10.33
CA ALA BB 55 -36.53 51.39 8.88
C ALA BB 55 -35.34 52.22 8.46
N LEU BB 56 -35.10 53.36 9.14
CA LEU BB 56 -34.01 54.21 8.73
C LEU BB 56 -32.65 53.58 9.00
N SER BB 57 -32.58 52.62 9.91
CA SER BB 57 -31.35 51.88 10.12
C SER BB 57 -31.18 50.79 9.08
N GLU BB 58 -32.23 50.00 8.85
CA GLU BB 58 -32.12 49.05 7.75
C GLU BB 58 -31.85 49.73 6.43
N ALA BB 59 -32.14 51.04 6.33
CA ALA BB 59 -31.78 51.79 5.13
C ALA BB 59 -30.29 51.71 4.87
N MET BB 60 -29.48 52.07 5.87
CA MET BB 60 -28.04 51.99 5.72
C MET BB 60 -27.60 50.55 5.50
N GLY BB 61 -28.21 49.62 6.23
CA GLY BB 61 -27.86 48.22 6.02
C GLY BB 61 -28.01 47.82 4.56
N LEU BB 62 -29.12 48.24 3.95
CA LEU BB 62 -29.39 47.88 2.57
C LEU BB 62 -28.50 48.66 1.61
N PHE BB 63 -28.10 49.88 1.98
CA PHE BB 63 -27.10 50.57 1.17
C PHE BB 63 -25.82 49.76 1.09
N CYS BB 64 -25.41 49.21 2.23
CA CYS BB 64 -24.22 48.37 2.24
C CYS BB 64 -24.41 47.14 1.36
N LEU BB 65 -25.50 46.41 1.57
CA LEU BB 65 -25.74 45.23 0.73
C LEU BB 65 -25.86 45.60 -0.74
N MET BB 66 -26.28 46.83 -1.03
CA MET BB 66 -26.49 47.24 -2.41
C MET BB 66 -25.16 47.49 -3.10
N VAL BB 67 -24.27 48.23 -2.45
CA VAL BB 67 -22.92 48.35 -2.99
C VAL BB 67 -22.30 46.96 -3.12
N ALA BB 68 -22.60 46.05 -2.19
CA ALA BB 68 -22.08 44.70 -2.31
C ALA BB 68 -22.49 44.05 -3.62
N PHE BB 69 -23.80 44.02 -3.87
CA PHE BB 69 -24.30 43.43 -5.11
C PHE BB 69 -23.67 44.11 -6.32
N LEU BB 70 -23.74 45.44 -6.35
CA LEU BB 70 -23.20 46.19 -7.48
C LEU BB 70 -21.76 45.79 -7.76
N ILE BB 71 -20.90 45.88 -6.75
CA ILE BB 71 -19.49 45.61 -6.96
C ILE BB 71 -19.29 44.17 -7.40
N LEU BB 72 -19.73 43.21 -6.58
CA LEU BB 72 -19.50 41.81 -6.88
C LEU BB 72 -19.93 41.48 -8.31
N PHE BB 73 -21.18 41.77 -8.64
CA PHE BB 73 -21.76 41.29 -9.89
C PHE BB 73 -21.36 42.17 -11.07
N ALA BB 74 -21.70 43.45 -11.01
CA ALA BB 74 -21.50 44.32 -12.17
C ALA BB 74 -20.05 44.78 -12.27
N MET BB 75 -19.59 45.51 -11.27
CA MET BB 75 -18.24 46.07 -11.31
C MET BB 75 -17.86 46.65 -9.95
N ASP CB 1 -8.03 25.94 -7.34
CA ASP CB 1 -7.37 27.17 -7.87
C ASP CB 1 -7.57 28.31 -6.88
N ILE CB 2 -6.91 29.45 -7.15
CA ILE CB 2 -7.00 30.58 -6.24
C ILE CB 2 -8.42 31.09 -6.11
N ASP CB 3 -9.30 30.73 -7.04
CA ASP CB 3 -10.72 31.04 -6.86
C ASP CB 3 -11.20 30.51 -5.51
N THR CB 4 -10.81 29.27 -5.18
CA THR CB 4 -11.13 28.71 -3.88
C THR CB 4 -10.57 29.58 -2.77
N ALA CB 5 -9.34 30.06 -2.95
CA ALA CB 5 -8.73 30.92 -1.94
C ALA CB 5 -9.59 32.14 -1.67
N ALA CB 6 -9.81 32.95 -2.71
CA ALA CB 6 -10.56 34.17 -2.55
C ALA CB 6 -11.97 33.91 -2.05
N LYS CB 7 -12.58 32.81 -2.46
CA LYS CB 7 -13.94 32.52 -2.02
C LYS CB 7 -13.95 32.20 -0.53
N PHE CB 8 -13.02 31.37 -0.07
CA PHE CB 8 -12.93 31.08 1.35
C PHE CB 8 -12.69 32.36 2.14
N ILE CB 9 -11.81 33.22 1.63
CA ILE CB 9 -11.51 34.47 2.31
C ILE CB 9 -12.77 35.31 2.44
N GLY CB 10 -13.39 35.63 1.30
CA GLY CB 10 -14.58 36.46 1.31
C GLY CB 10 -15.70 35.89 2.15
N ALA CB 11 -15.83 34.56 2.20
CA ALA CB 11 -16.91 33.97 2.97
C ALA CB 11 -16.65 34.08 4.46
N GLY CB 12 -15.48 33.59 4.89
CA GLY CB 12 -15.15 33.70 6.30
C GLY CB 12 -15.04 35.15 6.75
N ALA CB 13 -14.96 36.08 5.80
CA ALA CB 13 -15.03 37.49 6.16
C ALA CB 13 -16.47 37.94 6.31
N ALA CB 14 -17.25 37.79 5.25
CA ALA CB 14 -18.65 38.17 5.28
C ALA CB 14 -19.37 37.63 6.51
N THR CB 15 -18.93 36.49 7.02
CA THR CB 15 -19.61 35.88 8.15
C THR CB 15 -19.44 36.67 9.45
N VAL CB 16 -18.84 37.86 9.37
CA VAL CB 16 -18.79 38.77 10.51
C VAL CB 16 -20.18 39.22 10.93
N GLY CB 17 -21.12 39.27 10.00
CA GLY CB 17 -22.40 39.91 10.20
C GLY CB 17 -23.19 39.47 11.41
N VAL CB 18 -22.75 38.40 12.08
CA VAL CB 18 -23.48 37.87 13.23
C VAL CB 18 -23.11 38.54 14.53
N ALA CB 19 -21.99 39.26 14.55
CA ALA CB 19 -21.66 40.09 15.71
C ALA CB 19 -22.82 41.00 16.09
N GLY CB 20 -23.30 41.78 15.11
CA GLY CB 20 -24.41 42.67 15.38
C GLY CB 20 -25.64 41.93 15.89
N SER CB 21 -25.88 40.75 15.35
CA SER CB 21 -27.02 39.97 15.81
C SER CB 21 -26.88 39.65 17.30
N GLY CB 22 -25.72 39.12 17.69
CA GLY CB 22 -25.51 38.82 19.10
C GLY CB 22 -25.69 40.05 19.96
N ALA CB 23 -25.09 41.16 19.54
CA ALA CB 23 -25.13 42.37 20.35
C ALA CB 23 -26.56 42.88 20.51
N GLY CB 24 -27.28 42.99 19.41
CA GLY CB 24 -28.67 43.36 19.45
C GLY CB 24 -29.40 42.49 20.43
N ILE CB 25 -29.46 41.19 20.14
CA ILE CB 25 -30.20 40.26 20.99
C ILE CB 25 -29.92 40.54 22.46
N GLY CB 26 -28.65 40.74 22.80
CA GLY CB 26 -28.32 40.97 24.19
C GLY CB 26 -28.97 42.23 24.74
N THR CB 27 -28.80 43.33 24.00
CA THR CB 27 -29.38 44.59 24.45
C THR CB 27 -30.89 44.48 24.59
N VAL CB 28 -31.52 43.79 23.64
CA VAL CB 28 -32.95 43.55 23.69
C VAL CB 28 -33.33 42.90 25.01
N PHE CB 29 -32.74 41.75 25.30
CA PHE CB 29 -33.16 41.06 26.50
C PHE CB 29 -32.86 41.88 27.76
N GLY CB 30 -31.80 42.68 27.73
CA GLY CB 30 -31.52 43.53 28.88
C GLY CB 30 -32.63 44.53 29.12
N SER CB 31 -32.98 45.29 28.09
CA SER CB 31 -34.07 46.23 28.21
C SER CB 31 -35.34 45.56 28.69
N LEU CB 32 -35.68 44.41 28.11
CA LEU CB 32 -36.88 43.70 28.56
C LEU CB 32 -36.79 43.34 30.03
N ILE CB 33 -35.62 42.87 30.45
CA ILE CB 33 -35.48 42.46 31.84
C ILE CB 33 -35.79 43.64 32.75
N ILE CB 34 -35.28 44.81 32.41
CA ILE CB 34 -35.60 46.02 33.15
C ILE CB 34 -37.10 46.25 33.15
N GLY CB 35 -37.63 46.47 31.94
CA GLY CB 35 -39.02 46.87 31.81
C GLY CB 35 -39.96 45.99 32.60
N TYR CB 36 -39.67 44.69 32.62
CA TYR CB 36 -40.48 43.81 33.44
C TYR CB 36 -40.11 43.95 34.91
N ALA CB 37 -38.85 44.26 35.20
CA ALA CB 37 -38.42 44.43 36.57
C ALA CB 37 -39.28 45.45 37.28
N ARG CB 38 -39.75 46.45 36.54
CA ARG CB 38 -40.50 47.53 37.21
C ARG CB 38 -42.01 47.36 37.09
N ASN CB 39 -42.49 46.51 36.20
CA ASN CB 39 -43.84 46.67 35.65
C ASN CB 39 -44.39 45.32 35.21
N PRO CB 40 -44.68 44.43 36.15
CA PRO CB 40 -44.96 43.04 35.80
C PRO CB 40 -46.39 42.74 35.37
N SER CB 41 -47.18 43.76 35.07
CA SER CB 41 -48.55 43.56 34.61
C SER CB 41 -48.63 43.56 33.09
N LEU CB 42 -47.56 43.12 32.44
CA LEU CB 42 -47.43 43.31 30.99
C LEU CB 42 -46.82 42.08 30.31
N M3L CB 43 -46.53 41.06 31.11
CA M3L CB 43 -45.83 39.89 30.65
CB M3L CB 43 -46.22 38.63 31.42
C M3L CB 43 -46.00 39.52 29.18
O M3L CB 43 -45.07 39.34 28.41
H M3L CB 43 -46.74 40.99 32.08
HA M3L CB 43 -44.71 40.06 30.80
N GLN CB 44 -47.26 39.43 28.79
CA GLN CB 44 -47.59 38.92 27.47
C GLN CB 44 -47.13 39.87 26.38
N GLN CB 45 -47.59 41.12 26.47
CA GLN CB 45 -47.23 42.12 25.47
C GLN CB 45 -45.72 42.32 25.45
N LEU CB 46 -45.11 42.32 26.63
CA LEU CB 46 -43.66 42.42 26.75
C LEU CB 46 -42.98 41.33 25.95
N PHE CB 47 -43.24 40.07 26.32
CA PHE CB 47 -42.70 38.92 25.64
C PHE CB 47 -42.90 39.01 24.14
N SER CB 48 -44.05 39.54 23.70
CA SER CB 48 -44.32 39.61 22.27
C SER CB 48 -43.37 40.57 21.58
N TYR CB 49 -43.29 41.80 22.09
CA TYR CB 49 -42.33 42.74 21.54
C TYR CB 49 -40.92 42.16 21.58
N ALA CB 50 -40.63 41.41 22.64
CA ALA CB 50 -39.31 40.82 22.80
C ALA CB 50 -38.99 39.86 21.67
N ILE CB 51 -39.92 38.94 21.43
CA ILE CB 51 -39.72 37.94 20.38
C ILE CB 51 -39.60 38.62 19.03
N LEU CB 52 -40.40 39.66 18.81
CA LEU CB 52 -40.31 40.39 17.55
C LEU CB 52 -38.90 40.95 17.36
N GLY CB 53 -38.38 41.65 18.37
CA GLY CB 53 -37.05 42.21 18.24
C GLY CB 53 -35.98 41.15 18.01
N PHE CB 54 -36.06 40.07 18.79
CA PHE CB 54 -35.16 38.95 18.60
C PHE CB 54 -35.16 38.50 17.16
N ALA CB 55 -36.34 38.25 16.61
CA ALA CB 55 -36.43 37.74 15.24
C ALA CB 55 -35.84 38.72 14.25
N LEU CB 56 -36.12 40.01 14.43
CA LEU CB 56 -35.60 40.99 13.49
C LEU CB 56 -34.08 41.00 13.46
N SER CB 57 -33.46 41.05 14.64
CA SER CB 57 -32.01 41.07 14.68
C SER CB 57 -31.43 39.76 14.13
N GLU CB 58 -31.97 38.63 14.58
CA GLU CB 58 -31.47 37.35 14.11
C GLU CB 58 -31.58 37.24 12.60
N ALA CB 59 -32.60 37.85 12.02
CA ALA CB 59 -32.76 37.79 10.57
C ALA CB 59 -31.78 38.71 9.86
N MET CB 60 -31.54 39.90 10.44
CA MET CB 60 -30.55 40.79 9.84
C MET CB 60 -29.14 40.22 9.94
N GLY CB 61 -28.94 39.19 10.76
CA GLY CB 61 -27.69 38.44 10.71
C GLY CB 61 -27.76 37.23 9.79
N LEU CB 62 -28.93 36.60 9.79
CA LEU CB 62 -29.15 35.41 8.97
C LEU CB 62 -28.97 35.73 7.49
N PHE CB 63 -29.35 36.94 7.08
CA PHE CB 63 -29.17 37.31 5.69
C PHE CB 63 -27.72 37.14 5.27
N CYS CB 64 -26.80 37.74 6.04
CA CYS CB 64 -25.39 37.67 5.70
C CYS CB 64 -24.86 36.24 5.83
N LEU CB 65 -25.28 35.50 6.85
CA LEU CB 65 -24.83 34.11 6.97
C LEU CB 65 -25.25 33.28 5.76
N MET CB 66 -26.53 33.36 5.41
CA MET CB 66 -27.05 32.57 4.30
C MET CB 66 -26.37 32.95 2.99
N VAL CB 67 -26.15 34.24 2.76
CA VAL CB 67 -25.48 34.63 1.53
C VAL CB 67 -24.02 34.23 1.54
N ALA CB 68 -23.40 34.09 2.72
CA ALA CB 68 -22.07 33.52 2.78
C ALA CB 68 -22.07 32.06 2.34
N PHE CB 69 -22.98 31.27 2.89
CA PHE CB 69 -23.12 29.89 2.42
C PHE CB 69 -23.40 29.84 0.93
N LEU CB 70 -24.17 30.81 0.43
CA LEU CB 70 -24.37 30.94 -1.01
C LEU CB 70 -23.03 31.11 -1.73
N ILE CB 71 -22.29 32.15 -1.38
CA ILE CB 71 -21.02 32.43 -2.05
C ILE CB 71 -20.12 31.21 -2.03
N LEU CB 72 -20.23 30.39 -0.98
CA LEU CB 72 -19.38 29.20 -0.91
C LEU CB 72 -19.90 28.12 -1.85
N PHE CB 73 -21.13 27.65 -1.62
CA PHE CB 73 -21.72 26.61 -2.45
C PHE CB 73 -22.25 27.13 -3.77
N ALA CB 74 -22.16 28.43 -4.03
CA ALA CB 74 -22.62 29.00 -5.29
C ALA CB 74 -21.85 30.29 -5.55
N MET CB 75 -21.82 30.68 -6.82
CA MET CB 75 -21.05 31.85 -7.23
C MET CB 75 -21.34 32.20 -8.69
N ASP DB 1 0.67 24.52 -1.30
CA ASP DB 1 -0.39 25.16 -2.10
C ASP DB 1 -0.98 26.33 -1.33
N ILE DB 2 -1.15 27.46 -2.02
CA ILE DB 2 -1.79 28.61 -1.41
C ILE DB 2 -3.25 28.33 -1.11
N ASP DB 3 -3.81 27.24 -1.66
CA ASP DB 3 -5.16 26.82 -1.32
C ASP DB 3 -5.31 26.65 0.20
N THR DB 4 -4.49 25.77 0.79
CA THR DB 4 -4.55 25.57 2.22
C THR DB 4 -4.24 26.85 2.97
N ALA DB 5 -3.38 27.70 2.41
CA ALA DB 5 -3.07 28.98 3.04
C ALA DB 5 -4.34 29.79 3.29
N ALA DB 6 -5.13 30.01 2.25
CA ALA DB 6 -6.32 30.82 2.42
C ALA DB 6 -7.42 30.08 3.17
N LYS DB 7 -7.43 28.75 3.09
CA LYS DB 7 -8.31 27.98 3.98
C LYS DB 7 -8.05 28.37 5.44
N PHE DB 8 -6.78 28.31 5.83
CA PHE DB 8 -6.37 28.71 7.17
C PHE DB 8 -6.80 30.13 7.46
N ILE DB 9 -6.46 31.07 6.56
CA ILE DB 9 -6.76 32.48 6.81
C ILE DB 9 -8.25 32.69 6.97
N GLY DB 10 -9.05 31.97 6.19
CA GLY DB 10 -10.50 32.14 6.28
C GLY DB 10 -11.04 31.65 7.60
N ALA DB 11 -10.62 30.47 8.04
CA ALA DB 11 -10.99 30.05 9.38
C ALA DB 11 -10.62 31.10 10.41
N GLY DB 12 -9.42 31.67 10.27
CA GLY DB 12 -8.90 32.56 11.29
C GLY DB 12 -9.66 33.86 11.37
N ALA DB 13 -10.01 34.44 10.23
CA ALA DB 13 -10.75 35.69 10.23
C ALA DB 13 -12.26 35.48 10.20
N ALA DB 14 -12.73 34.22 10.19
CA ALA DB 14 -14.14 33.93 10.36
C ALA DB 14 -14.49 33.60 11.79
N THR DB 15 -13.54 33.14 12.59
CA THR DB 15 -13.86 32.95 14.00
C THR DB 15 -14.05 34.27 14.74
N VAL DB 16 -14.10 35.41 14.05
CA VAL DB 16 -14.27 36.70 14.72
C VAL DB 16 -15.69 36.94 15.17
N GLY DB 17 -16.66 36.18 14.67
CA GLY DB 17 -18.04 36.40 15.02
C GLY DB 17 -18.39 35.94 16.42
N VAL DB 18 -17.59 36.34 17.40
CA VAL DB 18 -17.86 36.06 18.80
C VAL DB 18 -17.76 37.28 19.70
N ALA DB 19 -17.10 38.36 19.27
CA ALA DB 19 -17.17 39.59 20.03
C ALA DB 19 -18.60 40.04 20.21
N GLY DB 20 -19.47 39.70 19.25
CA GLY DB 20 -20.88 39.91 19.41
C GLY DB 20 -21.29 39.29 20.73
N SER DB 21 -21.28 37.96 20.78
CA SER DB 21 -21.65 37.26 22.00
C SER DB 21 -21.06 37.91 23.22
N GLY DB 22 -19.80 38.31 23.13
CA GLY DB 22 -19.16 38.99 24.25
C GLY DB 22 -19.94 40.19 24.76
N ALA DB 23 -20.03 41.21 23.91
CA ALA DB 23 -20.67 42.45 24.34
C ALA DB 23 -22.15 42.24 24.65
N GLY DB 24 -22.82 41.41 23.86
CA GLY DB 24 -24.21 41.11 24.13
C GLY DB 24 -24.42 40.57 25.53
N ILE DB 25 -23.59 39.61 25.92
CA ILE DB 25 -23.74 39.01 27.24
C ILE DB 25 -23.37 40.00 28.31
N GLY DB 26 -22.38 40.84 28.06
CA GLY DB 26 -22.01 41.87 29.02
C GLY DB 26 -23.20 42.73 29.37
N THR DB 27 -23.80 43.28 28.31
CA THR DB 27 -24.95 44.16 28.48
C THR DB 27 -26.10 43.43 29.16
N VAL DB 28 -26.37 42.20 28.74
CA VAL DB 28 -27.44 41.41 29.34
C VAL DB 28 -27.25 41.34 30.85
N PHE DB 29 -26.04 40.99 31.27
CA PHE DB 29 -25.85 40.75 32.69
C PHE DB 29 -25.90 42.04 33.49
N GLY DB 30 -25.43 43.14 32.92
CA GLY DB 30 -25.63 44.43 33.59
C GLY DB 30 -27.10 44.75 33.78
N SER DB 31 -27.89 44.56 32.73
CA SER DB 31 -29.33 44.80 32.86
C SER DB 31 -29.91 43.94 33.96
N LEU DB 32 -29.44 42.70 34.08
CA LEU DB 32 -29.92 41.85 35.15
C LEU DB 32 -29.54 42.41 36.51
N ILE DB 33 -28.32 42.92 36.63
CA ILE DB 33 -27.90 43.57 37.87
C ILE DB 33 -28.95 44.59 38.29
N ILE DB 34 -29.25 45.53 37.40
CA ILE DB 34 -30.17 46.61 37.77
C ILE DB 34 -31.55 46.04 38.09
N GLY DB 35 -32.14 45.34 37.13
CA GLY DB 35 -33.50 44.83 37.28
C GLY DB 35 -33.64 43.85 38.41
N TYR DB 36 -32.54 43.45 39.04
CA TYR DB 36 -32.64 42.78 40.33
C TYR DB 36 -32.61 43.79 41.45
N ALA DB 37 -31.78 44.83 41.31
CA ALA DB 37 -31.70 45.85 42.33
C ALA DB 37 -33.07 46.43 42.65
N ARG DB 38 -33.78 46.91 41.62
CA ARG DB 38 -35.03 47.63 41.90
C ARG DB 38 -36.19 46.71 42.27
N ASN DB 39 -35.98 45.40 42.35
CA ASN DB 39 -37.09 44.46 42.52
C ASN DB 39 -36.55 43.11 42.97
N PRO DB 40 -36.11 43.02 44.22
CA PRO DB 40 -35.40 41.83 44.67
C PRO DB 40 -36.28 40.64 45.00
N SER DB 41 -37.55 40.67 44.59
CA SER DB 41 -38.45 39.57 44.84
C SER DB 41 -39.03 39.00 43.54
N LEU DB 42 -38.27 39.11 42.45
CA LEU DB 42 -38.62 38.43 41.21
C LEU DB 42 -37.41 37.68 40.66
N M3L DB 43 -36.37 37.60 41.48
CA M3L DB 43 -35.18 36.84 41.22
CB M3L DB 43 -34.69 36.29 42.57
C M3L DB 43 -35.31 35.70 40.23
O M3L DB 43 -34.56 35.52 39.28
H M3L DB 43 -36.30 38.06 42.36
HA M3L DB 43 -34.39 37.55 40.80
N GLN DB 44 -36.35 34.90 40.46
CA GLN DB 44 -36.51 33.64 39.77
C GLN DB 44 -36.84 33.87 38.30
N GLN DB 45 -38.01 34.45 38.06
CA GLN DB 45 -38.39 34.79 36.69
C GLN DB 45 -37.33 35.62 36.02
N LEU DB 46 -36.62 36.44 36.80
CA LEU DB 46 -35.60 37.30 36.22
C LEU DB 46 -34.45 36.48 35.67
N PHE DB 47 -33.94 35.56 36.49
CA PHE DB 47 -32.84 34.71 36.06
C PHE DB 47 -33.25 33.85 34.88
N SER DB 48 -34.52 33.44 34.84
CA SER DB 48 -34.97 32.62 33.73
C SER DB 48 -34.99 33.41 32.43
N TYR DB 49 -35.56 34.61 32.46
CA TYR DB 49 -35.54 35.45 31.26
C TYR DB 49 -34.14 35.97 30.95
N ALA DB 50 -33.20 35.85 31.89
CA ALA DB 50 -31.81 36.19 31.60
C ALA DB 50 -31.11 35.04 30.87
N ILE DB 51 -31.36 33.81 31.30
CA ILE DB 51 -30.79 32.64 30.63
C ILE DB 51 -31.34 32.52 29.22
N LEU DB 52 -32.65 32.73 29.05
CA LEU DB 52 -33.20 32.73 27.70
C LEU DB 52 -32.37 33.59 26.77
N GLY DB 53 -31.74 34.64 27.29
CA GLY DB 53 -31.02 35.57 26.45
C GLY DB 53 -29.57 35.17 26.29
N PHE DB 54 -28.97 34.76 27.40
CA PHE DB 54 -27.60 34.29 27.35
C PHE DB 54 -27.43 33.16 26.35
N ALA DB 55 -28.38 32.23 26.33
CA ALA DB 55 -28.28 31.09 25.42
C ALA DB 55 -28.27 31.56 23.98
N LEU DB 56 -29.38 32.11 23.52
CA LEU DB 56 -29.51 32.52 22.13
C LEU DB 56 -28.57 33.65 21.75
N SER DB 57 -27.78 34.18 22.70
CA SER DB 57 -26.62 34.96 22.30
C SER DB 57 -25.44 34.04 22.02
N GLU DB 58 -25.16 33.12 22.94
CA GLU DB 58 -24.00 32.25 22.82
C GLU DB 58 -24.09 31.38 21.58
N ALA DB 59 -25.28 30.88 21.27
CA ALA DB 59 -25.46 29.99 20.13
C ALA DB 59 -25.06 30.67 18.83
N MET DB 60 -25.71 31.81 18.53
CA MET DB 60 -25.43 32.51 17.29
C MET DB 60 -24.08 33.21 17.32
N GLY DB 61 -23.42 33.29 18.48
CA GLY DB 61 -22.02 33.72 18.48
C GLY DB 61 -21.08 32.57 18.23
N LEU DB 62 -21.50 31.35 18.54
CA LEU DB 62 -20.69 30.16 18.39
C LEU DB 62 -20.76 29.55 17.00
N PHE DB 63 -21.83 29.84 16.25
CA PHE DB 63 -21.91 29.29 14.90
C PHE DB 63 -20.69 29.67 14.07
N CYS DB 64 -20.08 30.82 14.33
CA CYS DB 64 -18.88 31.20 13.58
C CYS DB 64 -17.70 30.32 13.93
N LEU DB 65 -17.48 30.10 15.23
CA LEU DB 65 -16.49 29.11 15.67
C LEU DB 65 -16.69 27.77 14.98
N MET DB 66 -17.92 27.26 15.02
CA MET DB 66 -18.20 25.96 14.42
C MET DB 66 -17.94 25.99 12.93
N VAL DB 67 -18.26 27.10 12.28
CA VAL DB 67 -18.02 27.22 10.85
C VAL DB 67 -16.53 27.18 10.54
N ALA DB 68 -15.72 27.79 11.39
CA ALA DB 68 -14.27 27.73 11.16
C ALA DB 68 -13.75 26.31 11.33
N PHE DB 69 -14.13 25.65 12.42
CA PHE DB 69 -13.69 24.27 12.61
C PHE DB 69 -14.12 23.39 11.44
N LEU DB 70 -15.36 23.54 11.00
CA LEU DB 70 -15.84 22.78 9.86
C LEU DB 70 -15.02 23.10 8.62
N ILE DB 71 -15.08 24.34 8.15
CA ILE DB 71 -14.40 24.72 6.91
C ILE DB 71 -12.95 24.27 6.94
N LEU DB 72 -12.35 24.14 8.12
CA LEU DB 72 -10.97 23.67 8.15
C LEU DB 72 -10.89 22.17 7.97
N PHE DB 73 -11.51 21.41 8.88
CA PHE DB 73 -11.39 19.95 8.83
C PHE DB 73 -11.99 19.39 7.55
N ALA DB 74 -13.23 19.76 7.25
CA ALA DB 74 -13.89 19.38 6.00
C ALA DB 74 -14.47 20.61 5.31
N MET DB 75 -15.06 20.45 4.13
CA MET DB 75 -15.60 21.59 3.40
C MET DB 75 -16.74 21.16 2.49
N ASP EB 1 7.76 32.04 3.25
CA ASP EB 1 6.92 31.01 2.60
C ASP EB 1 5.44 31.36 2.76
N ILE EB 2 4.70 31.29 1.65
CA ILE EB 2 3.29 31.62 1.67
C ILE EB 2 2.54 30.68 2.61
N ASP EB 3 2.89 29.40 2.59
CA ASP EB 3 2.19 28.39 3.36
C ASP EB 3 2.23 28.65 4.86
N THR EB 4 3.06 29.60 5.31
CA THR EB 4 3.09 30.00 6.72
C THR EB 4 2.80 31.48 6.90
N ALA EB 5 3.17 32.32 5.94
CA ALA EB 5 2.65 33.67 5.91
C ALA EB 5 1.14 33.68 6.10
N ALA EB 6 0.45 32.69 5.52
CA ALA EB 6 -0.99 32.59 5.71
C ALA EB 6 -1.34 32.32 7.17
N LYS EB 7 -0.54 31.50 7.84
CA LYS EB 7 -0.74 31.31 9.28
C LYS EB 7 -0.63 32.63 10.02
N PHE EB 8 0.39 33.41 9.67
CA PHE EB 8 0.55 34.74 10.29
C PHE EB 8 -0.69 35.58 10.07
N ILE EB 9 -1.18 35.61 8.83
CA ILE EB 9 -2.38 36.38 8.50
C ILE EB 9 -3.54 35.93 9.36
N GLY EB 10 -3.78 34.62 9.42
CA GLY EB 10 -4.94 34.12 10.12
C GLY EB 10 -4.91 34.44 11.60
N ALA EB 11 -3.75 34.27 12.23
CA ALA EB 11 -3.66 34.55 13.66
C ALA EB 11 -3.81 36.04 13.94
N GLY EB 12 -3.11 36.87 13.16
CA GLY EB 12 -3.25 38.31 13.33
C GLY EB 12 -4.68 38.79 13.13
N ALA EB 13 -5.42 38.10 12.26
CA ALA EB 13 -6.83 38.42 12.07
C ALA EB 13 -7.65 38.02 13.29
N ALA EB 14 -7.52 36.77 13.71
CA ALA EB 14 -8.35 36.26 14.80
C ALA EB 14 -8.02 36.90 16.14
N THR EB 15 -6.89 37.60 16.27
CA THR EB 15 -6.56 38.22 17.55
C THR EB 15 -7.73 39.03 18.12
N VAL EB 16 -8.49 39.69 17.25
CA VAL EB 16 -9.40 40.76 17.69
C VAL EB 16 -10.62 40.21 18.39
N GLY EB 17 -10.70 38.88 18.54
CA GLY EB 17 -11.89 38.29 19.12
C GLY EB 17 -12.30 38.91 20.45
N VAL EB 18 -11.31 39.28 21.27
CA VAL EB 18 -11.60 39.70 22.65
C VAL EB 18 -12.11 41.13 22.75
N ALA EB 19 -12.35 41.81 21.63
CA ALA EB 19 -12.94 43.15 21.71
C ALA EB 19 -14.33 43.10 22.32
N GLY EB 20 -15.13 42.10 21.93
CA GLY EB 20 -16.41 41.92 22.58
C GLY EB 20 -16.28 41.72 24.08
N SER EB 21 -15.19 41.08 24.50
CA SER EB 21 -14.98 40.87 25.92
C SER EB 21 -14.62 42.18 26.62
N GLY EB 22 -13.69 42.94 26.03
CA GLY EB 22 -13.44 44.29 26.53
C GLY EB 22 -14.74 45.03 26.78
N ALA EB 23 -15.59 45.07 25.76
CA ALA EB 23 -16.88 45.73 25.92
C ALA EB 23 -17.65 45.16 27.09
N GLY EB 24 -18.03 43.89 26.99
CA GLY EB 24 -18.91 43.31 27.99
C GLY EB 24 -18.41 43.52 29.40
N ILE EB 25 -17.09 43.47 29.59
CA ILE EB 25 -16.53 43.66 30.92
C ILE EB 25 -16.79 45.09 31.40
N GLY EB 26 -16.41 46.07 30.59
CA GLY EB 26 -16.66 47.45 30.98
C GLY EB 26 -18.12 47.72 31.25
N THR EB 27 -18.98 47.25 30.34
CA THR EB 27 -20.42 47.43 30.49
C THR EB 27 -20.91 46.87 31.80
N VAL EB 28 -20.54 45.62 32.10
CA VAL EB 28 -21.05 44.99 33.32
C VAL EB 28 -20.62 45.77 34.54
N PHE EB 29 -19.35 46.19 34.57
CA PHE EB 29 -18.92 46.82 35.81
C PHE EB 29 -19.47 48.22 35.96
N GLY EB 30 -19.83 48.88 34.85
CA GLY EB 30 -20.61 50.11 34.97
C GLY EB 30 -22.00 49.85 35.52
N SER EB 31 -22.67 48.82 34.99
CA SER EB 31 -23.99 48.48 35.50
C SER EB 31 -23.93 48.14 36.98
N LEU EB 32 -22.80 47.61 37.43
CA LEU EB 32 -22.67 47.29 38.84
C LEU EB 32 -22.43 48.55 39.67
N ILE EB 33 -21.63 49.48 39.16
CA ILE EB 33 -21.59 50.82 39.76
C ILE EB 33 -22.99 51.29 40.04
N ILE EB 34 -23.83 51.29 39.01
CA ILE EB 34 -25.15 51.88 39.12
C ILE EB 34 -25.98 51.12 40.16
N GLY EB 35 -26.18 49.83 39.93
CA GLY EB 35 -27.02 49.05 40.83
C GLY EB 35 -26.45 48.87 42.21
N TYR EB 36 -25.24 49.36 42.47
CA TYR EB 36 -24.78 49.49 43.83
C TYR EB 36 -25.03 50.88 44.39
N ALA EB 37 -25.09 51.89 43.51
CA ALA EB 37 -25.42 53.24 43.97
C ALA EB 37 -26.90 53.37 44.29
N ARG EB 38 -27.76 52.69 43.54
CA ARG EB 38 -29.21 52.78 43.78
C ARG EB 38 -29.57 52.18 45.13
N ASN EB 39 -29.32 50.88 45.29
CA ASN EB 39 -29.63 50.17 46.54
C ASN EB 39 -28.35 49.58 47.11
N PRO EB 40 -27.51 50.40 47.70
CA PRO EB 40 -26.22 49.93 48.23
C PRO EB 40 -26.30 48.73 49.16
N SER EB 41 -27.49 48.32 49.56
CA SER EB 41 -27.60 47.23 50.51
C SER EB 41 -27.57 45.84 49.86
N LEU EB 42 -27.03 45.71 48.66
CA LEU EB 42 -26.92 44.39 48.01
C LEU EB 42 -25.63 44.15 47.25
N M3L EB 43 -24.61 44.97 47.53
CA M3L EB 43 -23.29 44.77 47.02
CB M3L EB 43 -22.25 45.32 48.00
C M3L EB 43 -22.88 43.32 46.75
O M3L EB 43 -22.35 42.92 45.71
H M3L EB 43 -24.66 45.77 48.13
HA M3L EB 43 -23.19 45.32 46.04
N GLN EB 44 -23.16 42.50 47.75
CA GLN EB 44 -22.82 41.09 47.73
C GLN EB 44 -23.33 40.39 46.48
N GLN EB 45 -24.65 40.20 46.43
CA GLN EB 45 -25.26 39.52 45.31
C GLN EB 45 -24.99 40.26 44.00
N LEU EB 46 -24.89 41.58 44.06
CA LEU EB 46 -24.67 42.35 42.83
C LEU EB 46 -23.24 42.25 42.33
N PHE EB 47 -22.36 41.66 43.13
CA PHE EB 47 -20.98 41.32 42.76
C PHE EB 47 -20.87 39.89 42.26
N SER EB 48 -21.55 38.98 42.97
CA SER EB 48 -21.66 37.60 42.53
C SER EB 48 -22.35 37.48 41.18
N TYR EB 49 -23.18 38.46 40.83
CA TYR EB 49 -23.83 38.47 39.53
C TYR EB 49 -23.03 39.21 38.48
N ALA EB 50 -21.93 39.86 38.87
CA ALA EB 50 -21.10 40.58 37.91
C ALA EB 50 -19.90 39.75 37.46
N ILE EB 51 -19.14 39.21 38.41
CA ILE EB 51 -17.94 38.48 37.98
C ILE EB 51 -18.27 37.17 37.28
N LEU EB 52 -19.39 36.54 37.63
CA LEU EB 52 -19.91 35.47 36.79
C LEU EB 52 -19.89 35.86 35.32
N GLY EB 53 -20.52 36.99 34.99
CA GLY EB 53 -20.58 37.43 33.61
C GLY EB 53 -19.21 37.78 33.07
N PHE EB 54 -18.37 38.37 33.91
CA PHE EB 54 -16.97 38.60 33.54
C PHE EB 54 -16.33 37.30 33.04
N ALA EB 55 -16.48 36.23 33.81
CA ALA EB 55 -15.94 34.93 33.43
C ALA EB 55 -16.45 34.51 32.07
N LEU EB 56 -17.76 34.51 31.91
CA LEU EB 56 -18.37 34.13 30.65
C LEU EB 56 -17.72 34.88 29.48
N SER EB 57 -17.77 36.21 29.55
CA SER EB 57 -17.38 37.03 28.42
C SER EB 57 -15.88 37.05 28.20
N GLU EB 58 -15.08 36.64 29.18
CA GLU EB 58 -13.65 36.47 28.91
C GLU EB 58 -13.37 35.14 28.25
N ALA EB 59 -13.89 34.05 28.82
CA ALA EB 59 -13.80 32.75 28.17
C ALA EB 59 -14.08 32.87 26.68
N MET EB 60 -15.13 33.62 26.32
CA MET EB 60 -15.50 33.61 24.91
C MET EB 60 -14.58 34.49 24.02
N GLY EB 61 -13.44 35.01 24.48
CA GLY EB 61 -12.42 35.54 23.58
C GLY EB 61 -11.10 34.82 23.75
N LEU EB 62 -10.88 34.34 24.98
CA LEU EB 62 -9.72 33.50 25.22
C LEU EB 62 -9.77 32.25 24.36
N PHE EB 63 -10.96 31.69 24.14
CA PHE EB 63 -11.06 30.60 23.18
C PHE EB 63 -10.45 31.01 21.84
N CYS EB 64 -10.83 32.18 21.34
CA CYS EB 64 -10.42 32.58 20.01
C CYS EB 64 -8.90 32.75 19.93
N LEU EB 65 -8.29 33.33 20.96
CA LEU EB 65 -6.83 33.42 20.94
C LEU EB 65 -6.17 32.04 21.03
N MET EB 66 -6.76 31.13 21.80
CA MET EB 66 -6.26 29.76 21.79
C MET EB 66 -6.31 29.18 20.38
N VAL EB 67 -7.36 29.51 19.63
CA VAL EB 67 -7.48 28.98 18.28
C VAL EB 67 -6.44 29.61 17.36
N ALA EB 68 -6.15 30.89 17.55
CA ALA EB 68 -5.08 31.51 16.77
C ALA EB 68 -3.74 30.81 17.03
N PHE EB 69 -3.42 30.58 18.31
CA PHE EB 69 -2.20 29.83 18.63
C PHE EB 69 -2.20 28.48 17.94
N LEU EB 70 -3.33 27.76 18.01
CA LEU EB 70 -3.41 26.46 17.37
C LEU EB 70 -3.11 26.56 15.88
N ILE EB 71 -3.78 27.47 15.18
CA ILE EB 71 -3.53 27.65 13.75
C ILE EB 71 -2.06 27.88 13.49
N LEU EB 72 -1.42 28.72 14.31
CA LEU EB 72 -0.02 28.99 14.11
C LEU EB 72 0.82 27.73 14.25
N PHE EB 73 0.84 27.16 15.45
CA PHE EB 73 1.83 26.14 15.82
C PHE EB 73 1.29 24.72 15.67
N ALA EB 74 0.41 24.49 14.71
CA ALA EB 74 -0.13 23.15 14.47
C ALA EB 74 -1.04 23.15 13.25
N ASP FB 1 11.10 37.79 3.14
CA ASP FB 1 10.39 39.02 2.70
C ASP FB 1 8.88 38.80 2.76
N ILE FB 2 8.42 37.76 2.06
CA ILE FB 2 6.99 37.48 2.02
C ILE FB 2 6.48 37.13 3.42
N ASP FB 3 7.19 36.26 4.13
CA ASP FB 3 6.88 36.01 5.52
C ASP FB 3 6.97 37.30 6.33
N THR FB 4 7.89 38.19 5.96
CA THR FB 4 8.02 39.46 6.65
C THR FB 4 6.74 40.28 6.53
N ALA FB 5 6.34 40.57 5.30
CA ALA FB 5 5.12 41.33 5.08
C ALA FB 5 3.91 40.63 5.70
N ALA FB 6 3.93 39.30 5.74
CA ALA FB 6 2.81 38.57 6.33
C ALA FB 6 2.76 38.79 7.84
N LYS FB 7 3.92 38.76 8.49
CA LYS FB 7 4.00 39.16 9.89
C LYS FB 7 3.45 40.56 10.07
N PHE FB 8 3.87 41.49 9.20
CA PHE FB 8 3.38 42.85 9.26
C PHE FB 8 1.85 42.90 9.23
N ILE FB 9 1.25 42.12 8.33
CA ILE FB 9 -0.19 42.15 8.17
C ILE FB 9 -0.88 41.58 9.39
N GLY FB 10 -0.46 40.39 9.81
CA GLY FB 10 -1.01 39.82 11.03
C GLY FB 10 -0.93 40.79 12.19
N ALA FB 11 0.14 41.57 12.25
CA ALA FB 11 0.29 42.53 13.33
C ALA FB 11 -0.73 43.66 13.20
N GLY FB 12 -0.80 44.26 12.00
CA GLY FB 12 -1.76 45.32 11.79
C GLY FB 12 -3.19 44.88 12.03
N ALA FB 13 -3.44 43.57 11.91
CA ALA FB 13 -4.77 43.05 12.17
C ALA FB 13 -5.01 42.85 13.66
N ALA FB 14 -4.05 42.22 14.35
CA ALA FB 14 -4.20 41.98 15.77
C ALA FB 14 -4.23 43.27 16.57
N THR FB 15 -3.79 44.37 15.98
CA THR FB 15 -3.81 45.64 16.69
C THR FB 15 -5.19 45.98 17.24
N VAL FB 16 -6.27 45.47 16.64
CA VAL FB 16 -7.55 46.14 16.74
C VAL FB 16 -8.32 45.72 18.00
N GLY FB 17 -7.85 44.69 18.70
CA GLY FB 17 -8.57 44.21 19.87
C GLY FB 17 -8.65 45.19 21.02
N VAL FB 18 -8.19 46.43 20.81
CA VAL FB 18 -8.20 47.43 21.86
C VAL FB 18 -9.55 48.14 21.99
N ALA FB 19 -10.42 47.99 21.00
CA ALA FB 19 -11.65 48.79 21.00
C ALA FB 19 -12.59 48.36 22.10
N GLY FB 20 -12.69 47.05 22.35
CA GLY FB 20 -13.45 46.58 23.49
C GLY FB 20 -13.04 47.30 24.76
N SER FB 21 -11.74 47.51 24.92
CA SER FB 21 -11.23 48.15 26.13
C SER FB 21 -11.57 49.63 26.14
N GLY FB 22 -11.32 50.32 25.04
CA GLY FB 22 -11.65 51.74 24.98
C GLY FB 22 -13.12 51.97 25.33
N ALA FB 23 -13.99 51.16 24.73
CA ALA FB 23 -15.40 51.22 25.05
C ALA FB 23 -15.62 51.00 26.53
N GLY FB 24 -15.31 49.81 27.03
CA GLY FB 24 -15.51 49.51 28.43
C GLY FB 24 -15.05 50.63 29.34
N ILE FB 25 -13.96 51.30 28.95
CA ILE FB 25 -13.41 52.40 29.74
C ILE FB 25 -14.40 53.54 29.81
N GLY FB 26 -14.75 54.11 28.64
CA GLY FB 26 -15.69 55.22 28.65
C GLY FB 26 -17.00 54.83 29.31
N THR FB 27 -17.46 53.61 29.05
CA THR FB 27 -18.70 53.12 29.62
C THR FB 27 -18.67 53.17 31.13
N VAL FB 28 -17.66 52.57 31.74
CA VAL FB 28 -17.64 52.47 33.19
C VAL FB 28 -17.42 53.83 33.82
N PHE FB 29 -16.66 54.71 33.16
CA PHE FB 29 -16.53 56.05 33.73
C PHE FB 29 -17.85 56.81 33.70
N GLY FB 30 -18.61 56.71 32.60
CA GLY FB 30 -19.95 57.26 32.62
C GLY FB 30 -20.78 56.68 33.76
N SER FB 31 -20.75 55.36 33.91
CA SER FB 31 -21.51 54.73 34.98
C SER FB 31 -21.12 55.30 36.33
N LEU FB 32 -19.83 55.59 36.51
CA LEU FB 32 -19.35 56.09 37.78
C LEU FB 32 -19.81 57.52 38.02
N ILE FB 33 -19.59 58.40 37.04
CA ILE FB 33 -20.05 59.77 37.19
C ILE FB 33 -21.51 59.80 37.54
N ILE FB 34 -22.29 58.87 37.00
CA ILE FB 34 -23.72 58.85 37.29
C ILE FB 34 -23.95 58.42 38.73
N GLY FB 35 -23.55 57.18 39.05
CA GLY FB 35 -23.74 56.64 40.38
C GLY FB 35 -23.15 57.48 41.47
N TYR FB 36 -22.37 58.49 41.12
CA TYR FB 36 -21.94 59.49 42.10
C TYR FB 36 -22.83 60.71 42.07
N ALA FB 37 -23.18 61.20 40.87
CA ALA FB 37 -24.07 62.34 40.75
C ALA FB 37 -25.34 62.15 41.57
N ARG FB 38 -25.82 60.91 41.66
CA ARG FB 38 -27.00 60.65 42.47
C ARG FB 38 -26.68 59.90 43.75
N ASN FB 39 -25.43 59.90 44.16
CA ASN FB 39 -25.10 59.50 45.52
C ASN FB 39 -23.67 59.91 45.87
N PRO FB 40 -23.39 61.21 46.06
CA PRO FB 40 -22.00 61.64 46.26
C PRO FB 40 -21.37 61.13 47.55
N SER FB 41 -22.06 60.32 48.34
CA SER FB 41 -21.51 59.85 49.61
C SER FB 41 -20.43 58.80 49.41
N LEU FB 42 -20.78 57.67 48.81
CA LEU FB 42 -19.92 56.49 48.81
C LEU FB 42 -19.00 56.39 47.57
N M3L FB 43 -18.55 57.58 47.17
CA M3L FB 43 -17.45 57.76 46.28
CB M3L FB 43 -16.84 59.14 46.57
C M3L FB 43 -16.33 56.73 46.34
O M3L FB 43 -15.77 56.30 45.33
H M3L FB 43 -18.93 58.46 47.45
HA M3L FB 43 -17.84 57.76 45.21
N GLN FB 44 -15.96 56.34 47.56
CA GLN FB 44 -14.83 55.46 47.75
C GLN FB 44 -15.06 54.12 47.05
N GLN FB 45 -16.17 53.46 47.38
CA GLN FB 45 -16.43 52.17 46.77
C GLN FB 45 -16.75 52.31 45.29
N LEU FB 46 -17.38 53.42 44.90
CA LEU FB 46 -17.61 53.60 43.48
C LEU FB 46 -16.29 53.64 42.72
N PHE FB 47 -15.32 54.40 43.23
CA PHE FB 47 -14.02 54.50 42.56
C PHE FB 47 -13.30 53.16 42.54
N SER FB 48 -13.32 52.45 43.68
CA SER FB 48 -12.73 51.12 43.73
C SER FB 48 -13.27 50.24 42.60
N TYR FB 49 -14.60 50.15 42.50
CA TYR FB 49 -15.20 49.30 41.48
C TYR FB 49 -15.04 49.89 40.09
N ALA FB 50 -14.60 51.14 39.99
CA ALA FB 50 -14.22 51.67 38.69
C ALA FB 50 -12.88 51.11 38.23
N ILE FB 51 -11.86 51.22 39.07
CA ILE FB 51 -10.54 50.80 38.63
C ILE FB 51 -10.47 49.29 38.50
N LEU FB 52 -11.24 48.56 39.31
CA LEU FB 52 -11.21 47.12 39.19
C LEU FB 52 -11.72 46.63 37.83
N GLY FB 53 -12.42 47.49 37.09
CA GLY FB 53 -12.89 47.13 35.76
C GLY FB 53 -11.97 47.71 34.71
N PHE FB 54 -11.50 48.93 35.01
CA PHE FB 54 -10.38 49.50 34.26
C PHE FB 54 -9.31 48.46 33.99
N ALA FB 55 -8.88 47.77 35.05
CA ALA FB 55 -7.82 46.78 34.92
C ALA FB 55 -8.25 45.61 34.07
N LEU FB 56 -9.47 45.10 34.31
CA LEU FB 56 -9.93 43.91 33.61
C LEU FB 56 -10.30 44.19 32.16
N SER FB 57 -10.18 45.44 31.73
CA SER FB 57 -10.24 45.76 30.31
C SER FB 57 -8.86 45.99 29.70
N GLU FB 58 -8.02 46.78 30.38
CA GLU FB 58 -6.65 46.96 29.90
C GLU FB 58 -5.93 45.62 29.77
N ALA FB 59 -6.26 44.66 30.64
CA ALA FB 59 -5.67 43.32 30.53
C ALA FB 59 -5.80 42.78 29.12
N MET FB 60 -7.01 42.82 28.55
CA MET FB 60 -7.22 42.25 27.23
C MET FB 60 -6.64 43.14 26.14
N GLY FB 61 -6.76 44.45 26.31
CA GLY FB 61 -6.07 45.34 25.38
C GLY FB 61 -4.61 44.96 25.21
N LEU FB 62 -3.95 44.68 26.33
CA LEU FB 62 -2.53 44.40 26.27
C LEU FB 62 -2.27 42.95 25.90
N PHE FB 63 -3.22 42.04 26.15
CA PHE FB 63 -3.16 40.74 25.50
C PHE FB 63 -2.95 40.91 24.00
N CYS FB 64 -3.76 41.77 23.39
CA CYS FB 64 -3.70 41.93 21.95
C CYS FB 64 -2.37 42.54 21.52
N LEU FB 65 -1.98 43.65 22.15
CA LEU FB 65 -0.68 44.23 21.79
C LEU FB 65 0.47 43.23 22.02
N MET FB 66 0.36 42.41 23.06
CA MET FB 66 1.40 41.43 23.35
C MET FB 66 1.50 40.41 22.24
N VAL FB 67 0.38 39.89 21.76
CA VAL FB 67 0.44 38.94 20.67
C VAL FB 67 0.99 39.60 19.42
N ALA FB 68 0.65 40.87 19.20
CA ALA FB 68 1.20 41.59 18.07
C ALA FB 68 2.73 41.55 18.10
N PHE FB 69 3.31 42.01 19.20
CA PHE FB 69 4.77 41.96 19.32
C PHE FB 69 5.28 40.52 19.22
N LEU FB 70 4.72 39.61 20.04
CA LEU FB 70 5.11 38.21 19.99
C LEU FB 70 5.29 37.72 18.56
N ILE FB 71 4.40 38.13 17.66
CA ILE FB 71 4.57 37.78 16.25
C ILE FB 71 5.72 38.59 15.65
N LEU FB 72 5.64 39.91 15.76
CA LEU FB 72 6.51 40.78 14.99
C LEU FB 72 7.98 40.50 15.26
N PHE FB 73 8.35 40.35 16.53
CA PHE FB 73 9.75 40.26 16.93
C PHE FB 73 10.21 38.85 17.24
N ALA FB 74 9.30 37.95 17.60
CA ALA FB 74 9.70 36.62 18.04
C ALA FB 74 8.79 35.54 17.47
N MET FB 75 8.26 35.77 16.27
CA MET FB 75 7.33 34.83 15.66
C MET FB 75 6.18 34.50 16.60
N ASP GB 1 9.13 46.39 -3.84
CA ASP GB 1 9.09 46.09 -2.39
C ASP GB 1 7.73 45.55 -2.00
N ILE GB 2 7.73 44.49 -1.20
CA ILE GB 2 6.51 43.96 -0.61
C ILE GB 2 6.46 44.37 0.85
N ASP GB 3 7.64 44.47 1.47
CA ASP GB 3 7.69 44.94 2.85
C ASP GB 3 7.16 46.35 2.97
N THR GB 4 7.42 47.21 1.97
CA THR GB 4 6.82 48.54 1.98
C THR GB 4 5.30 48.43 1.97
N ALA GB 5 4.76 47.55 1.12
CA ALA GB 5 3.32 47.35 1.06
C ALA GB 5 2.78 46.97 2.42
N ALA GB 6 3.37 45.94 3.03
CA ALA GB 6 2.86 45.47 4.31
C ALA GB 6 3.07 46.50 5.41
N LYS GB 7 4.07 47.36 5.26
CA LYS GB 7 4.27 48.43 6.23
C LYS GB 7 3.13 49.43 6.18
N PHE GB 8 2.84 49.93 4.97
CA PHE GB 8 1.74 50.88 4.83
C PHE GB 8 0.43 50.25 5.26
N ILE GB 9 0.23 48.97 4.95
CA ILE GB 9 -1.01 48.30 5.29
C ILE GB 9 -1.13 48.12 6.79
N GLY GB 10 -0.04 47.74 7.45
CA GLY GB 10 -0.05 47.66 8.90
C GLY GB 10 -0.39 49.00 9.52
N ALA GB 11 0.21 50.08 9.00
CA ALA GB 11 -0.11 51.41 9.52
C ALA GB 11 -1.60 51.68 9.42
N GLY GB 12 -2.15 51.60 8.22
CA GLY GB 12 -3.56 51.82 8.04
C GLY GB 12 -4.40 50.96 8.95
N ALA GB 13 -4.37 49.64 8.74
CA ALA GB 13 -5.27 48.73 9.44
C ALA GB 13 -4.93 48.59 10.92
N ALA GB 14 -3.92 49.29 11.41
CA ALA GB 14 -3.67 49.37 12.84
C ALA GB 14 -4.02 50.74 13.41
N THR GB 15 -4.33 51.71 12.55
CA THR GB 15 -4.78 53.03 12.98
C THR GB 15 -6.27 53.06 13.30
N VAL GB 16 -6.86 51.91 13.59
CA VAL GB 16 -8.30 51.81 13.83
C VAL GB 16 -8.69 51.91 15.30
N GLY GB 17 -7.79 51.58 16.22
CA GLY GB 17 -8.11 51.58 17.64
C GLY GB 17 -8.83 52.83 18.11
N VAL GB 18 -8.79 53.92 17.34
CA VAL GB 18 -9.55 55.13 17.62
C VAL GB 18 -11.01 54.87 17.94
N ALA GB 19 -11.56 53.74 17.52
CA ALA GB 19 -12.95 53.44 17.83
C ALA GB 19 -13.19 53.39 19.33
N GLY GB 20 -12.29 52.76 20.08
CA GLY GB 20 -12.41 52.77 21.53
C GLY GB 20 -12.52 54.18 22.08
N SER GB 21 -11.59 55.05 21.67
CA SER GB 21 -11.61 56.44 22.10
C SER GB 21 -12.96 57.07 21.81
N GLY GB 22 -13.41 56.97 20.57
CA GLY GB 22 -14.63 57.62 20.16
C GLY GB 22 -15.84 57.19 20.97
N ALA GB 23 -16.04 55.87 21.01
CA ALA GB 23 -17.18 55.34 21.75
C ALA GB 23 -17.14 55.74 23.21
N GLY GB 24 -16.00 55.56 23.87
CA GLY GB 24 -15.91 55.94 25.26
C GLY GB 24 -16.17 57.42 25.48
N ILE GB 25 -15.68 58.25 24.56
CA ILE GB 25 -15.93 59.69 24.64
C ILE GB 25 -17.41 59.97 24.62
N GLY GB 26 -18.11 59.42 23.63
CA GLY GB 26 -19.53 59.65 23.53
C GLY GB 26 -20.22 59.24 24.81
N THR GB 27 -19.89 58.04 25.29
CA THR GB 27 -20.58 57.50 26.45
C THR GB 27 -20.35 58.36 27.66
N VAL GB 28 -19.12 58.84 27.84
CA VAL GB 28 -18.78 59.62 29.02
C VAL GB 28 -19.47 60.97 29.00
N PHE GB 29 -19.38 61.68 27.87
CA PHE GB 29 -20.04 62.98 27.79
C PHE GB 29 -21.54 62.85 27.96
N GLY GB 30 -22.13 61.76 27.47
CA GLY GB 30 -23.55 61.54 27.71
C GLY GB 30 -23.86 61.33 29.17
N SER GB 31 -23.06 60.48 29.83
CA SER GB 31 -23.27 60.25 31.25
C SER GB 31 -23.17 61.55 32.01
N LEU GB 32 -22.29 62.44 31.56
CA LEU GB 32 -22.17 63.76 32.18
C LEU GB 32 -23.46 64.53 32.01
N ILE GB 33 -23.93 64.62 30.77
CA ILE GB 33 -25.15 65.36 30.48
C ILE GB 33 -26.24 64.92 31.43
N ILE GB 34 -26.36 63.61 31.63
CA ILE GB 34 -27.47 63.10 32.44
C ILE GB 34 -27.25 63.42 33.90
N GLY GB 35 -26.14 62.94 34.47
CA GLY GB 35 -25.88 63.19 35.88
C GLY GB 35 -25.96 64.65 36.23
N TYR GB 36 -25.71 65.53 35.26
CA TYR GB 36 -25.79 66.96 35.48
C TYR GB 36 -27.24 67.44 35.45
N ALA GB 37 -27.97 67.07 34.41
CA ALA GB 37 -29.40 67.38 34.37
C ALA GB 37 -30.08 67.02 35.68
N ARG GB 38 -29.63 65.96 36.34
CA ARG GB 38 -30.22 65.64 37.63
C ARG GB 38 -29.84 66.68 38.68
N ASN GB 39 -28.54 66.82 38.93
CA ASN GB 39 -28.04 67.62 40.04
C ASN GB 39 -27.04 68.64 39.52
N PRO GB 40 -27.38 69.94 39.50
CA PRO GB 40 -26.48 70.92 38.88
C PRO GB 40 -25.42 71.47 39.83
N SER GB 41 -25.21 70.80 40.95
CA SER GB 41 -24.34 71.33 41.99
C SER GB 41 -22.90 70.90 41.82
N LEU GB 42 -22.66 69.61 41.74
CA LEU GB 42 -21.31 69.07 41.87
C LEU GB 42 -20.55 69.11 40.54
N M3L GB 43 -20.88 70.09 39.70
CA M3L GB 43 -20.34 70.18 38.37
CB M3L GB 43 -20.70 71.50 37.68
C M3L GB 43 -18.84 70.03 38.27
O M3L GB 43 -18.28 69.48 37.34
H M3L GB 43 -21.49 70.85 39.91
HA M3L GB 43 -20.79 69.33 37.76
N GLN GB 44 -18.15 70.53 39.30
CA GLN GB 44 -16.70 70.49 39.31
C GLN GB 44 -16.18 69.07 39.43
N GLN GB 45 -16.59 68.37 40.49
CA GLN GB 45 -16.18 66.98 40.66
C GLN GB 45 -16.58 66.14 39.46
N LEU GB 46 -17.78 66.40 38.94
CA LEU GB 46 -18.26 65.63 37.80
C LEU GB 46 -17.37 65.87 36.58
N PHE GB 47 -17.12 67.13 36.24
CA PHE GB 47 -16.23 67.45 35.14
C PHE GB 47 -14.83 66.92 35.40
N SER GB 48 -14.47 66.71 36.66
CA SER GB 48 -13.15 66.17 36.95
C SER GB 48 -13.06 64.72 36.49
N TYR GB 49 -14.00 63.89 36.95
CA TYR GB 49 -14.04 62.53 36.42
C TYR GB 49 -14.19 62.54 34.90
N ALA GB 50 -14.84 63.58 34.37
CA ALA GB 50 -15.00 63.69 32.93
C ALA GB 50 -13.67 63.81 32.23
N ILE GB 51 -12.83 64.74 32.68
CA ILE GB 51 -11.49 64.90 32.12
C ILE GB 51 -10.68 63.64 32.32
N LEU GB 52 -10.81 63.01 33.49
CA LEU GB 52 -10.18 61.72 33.69
C LEU GB 52 -10.49 60.77 32.53
N GLY GB 53 -11.76 60.60 32.22
CA GLY GB 53 -12.13 59.69 31.14
C GLY GB 53 -11.63 60.16 29.79
N PHE GB 54 -11.86 61.44 29.49
CA PHE GB 54 -11.32 62.06 28.28
C PHE GB 54 -9.89 61.60 28.00
N ALA GB 55 -8.99 61.90 28.92
CA ALA GB 55 -7.59 61.65 28.65
C ALA GB 55 -7.25 60.17 28.78
N LEU GB 56 -7.94 59.45 29.66
CA LEU GB 56 -7.63 58.05 29.84
C LEU GB 56 -8.10 57.18 28.67
N SER GB 57 -9.05 57.66 27.87
CA SER GB 57 -9.42 56.98 26.64
C SER GB 57 -8.50 57.40 25.49
N GLU GB 58 -8.30 58.71 25.34
CA GLU GB 58 -7.25 59.12 24.42
C GLU GB 58 -5.93 58.42 24.71
N ALA GB 59 -5.76 57.89 25.92
CA ALA GB 59 -4.57 57.12 26.27
C ALA GB 59 -4.42 55.92 25.36
N MET GB 60 -5.36 54.97 25.44
CA MET GB 60 -5.29 53.80 24.57
C MET GB 60 -5.29 54.21 23.10
N GLY GB 61 -5.97 55.31 22.78
CA GLY GB 61 -5.90 55.83 21.44
C GLY GB 61 -4.46 56.02 20.99
N LEU GB 62 -3.72 56.82 21.76
CA LEU GB 62 -2.33 57.10 21.44
C LEU GB 62 -1.43 55.88 21.60
N PHE GB 63 -1.78 54.93 22.47
CA PHE GB 63 -1.07 53.66 22.50
C PHE GB 63 -1.08 53.02 21.12
N CYS GB 64 -2.28 52.76 20.60
CA CYS GB 64 -2.42 52.16 19.28
C CYS GB 64 -1.69 53.01 18.23
N LEU GB 65 -1.84 54.33 18.30
CA LEU GB 65 -1.26 55.18 17.28
C LEU GB 65 0.27 55.14 17.29
N MET GB 66 0.87 55.11 18.49
CA MET GB 66 2.31 55.05 18.56
C MET GB 66 2.81 53.68 18.13
N VAL GB 67 2.03 52.63 18.33
CA VAL GB 67 2.45 51.33 17.78
C VAL GB 67 2.43 51.37 16.26
N ALA GB 68 1.39 51.99 15.69
CA ALA GB 68 1.36 52.18 14.24
C ALA GB 68 2.61 52.88 13.77
N PHE GB 69 2.84 54.11 14.25
CA PHE GB 69 4.03 54.84 13.86
C PHE GB 69 5.32 54.15 14.32
N LEU GB 70 5.22 53.15 15.19
CA LEU GB 70 6.38 52.36 15.58
C LEU GB 70 6.81 51.44 14.44
N ILE GB 71 5.83 50.75 13.86
CA ILE GB 71 6.14 49.82 12.78
C ILE GB 71 5.84 50.37 11.41
N LEU GB 72 5.59 51.68 11.29
CA LEU GB 72 5.38 52.28 9.99
C LEU GB 72 6.59 52.07 9.11
N PHE GB 73 7.68 52.74 9.43
CA PHE GB 73 8.93 52.62 8.68
C PHE GB 73 10.13 52.36 9.57
N ALA GB 74 10.10 52.83 10.81
CA ALA GB 74 11.25 52.89 11.68
C ALA GB 74 11.66 51.55 12.27
N MET GB 75 11.13 50.43 11.79
CA MET GB 75 11.45 49.12 12.34
C MET GB 75 11.77 48.13 11.23
N ASN HB 4 15.39 37.74 20.74
CA ASN HB 4 16.22 38.84 21.20
C ASN HB 4 15.84 39.25 22.61
N LEU HB 5 14.56 39.09 22.94
CA LEU HB 5 14.01 39.57 24.20
C LEU HB 5 13.14 38.58 24.94
N PHE HB 6 12.78 37.45 24.35
CA PHE HB 6 12.17 36.37 25.11
C PHE HB 6 13.17 35.82 26.12
N ALA HB 7 14.42 36.29 26.05
CA ALA HB 7 15.47 35.83 26.94
C ALA HB 7 14.98 35.75 28.37
N SER HB 8 14.43 36.85 28.89
CA SER HB 8 14.08 36.92 30.30
C SER HB 8 13.12 35.82 30.74
N PHE HB 9 12.49 35.14 29.79
CA PHE HB 9 11.61 34.02 30.10
C PHE HB 9 12.32 32.68 30.00
N ILE HB 10 13.53 32.66 29.45
CA ILE HB 10 14.31 31.44 29.38
C ILE HB 10 14.65 30.97 30.78
N ALA HB 11 14.52 29.68 31.02
CA ALA HB 11 14.77 29.15 32.34
C ALA HB 11 16.27 29.23 32.65
N PRO HB 12 16.66 29.79 33.79
CA PRO HB 12 18.07 30.00 34.07
C PRO HB 12 18.69 28.88 34.89
N THR HB 13 19.95 28.57 34.59
CA THR HB 13 20.79 27.78 35.47
C THR HB 13 22.22 28.28 35.28
N MET HB 14 22.74 28.98 36.28
CA MET HB 14 24.07 29.58 36.16
C MET HB 14 25.08 28.59 35.59
N MET HB 15 24.85 27.31 35.83
CA MET HB 15 25.64 26.24 35.24
C MET HB 15 24.70 25.05 35.05
N GLY HB 16 25.27 23.87 34.84
CA GLY HB 16 24.44 22.70 34.64
C GLY HB 16 23.90 22.13 35.94
N LEU HB 17 23.07 22.89 36.64
CA LEU HB 17 22.49 22.46 37.90
C LEU HB 17 21.08 23.02 38.05
N PRO HB 18 20.26 22.43 38.94
CA PRO HB 18 18.86 22.87 39.10
C PRO HB 18 18.67 24.06 40.04
N ILE HB 19 18.81 25.28 39.54
CA ILE HB 19 18.71 26.46 40.40
C ILE HB 19 17.29 26.97 40.55
N VAL HB 20 16.50 26.97 39.48
CA VAL HB 20 15.30 27.80 39.40
C VAL HB 20 14.33 27.48 40.52
N THR HB 21 14.57 26.40 41.26
CA THR HB 21 13.78 26.10 42.45
C THR HB 21 14.19 26.95 43.64
N LEU HB 22 15.06 27.94 43.44
CA LEU HB 22 15.39 28.90 44.48
C LEU HB 22 14.82 30.27 44.20
N ILE HB 23 14.58 30.60 42.94
CA ILE HB 23 13.83 31.78 42.58
C ILE HB 23 12.41 31.73 43.10
N ILE HB 24 11.96 30.58 43.57
CA ILE HB 24 10.56 30.36 43.91
C ILE HB 24 10.34 30.34 45.41
N MET HB 25 11.31 29.87 46.18
CA MET HB 25 11.17 29.87 47.62
C MET HB 25 11.74 31.11 48.27
N PHE HB 26 12.33 32.02 47.50
CA PHE HB 26 12.89 33.22 48.11
C PHE HB 26 11.81 34.03 48.81
N PRO HB 27 10.71 34.40 48.18
CA PRO HB 27 9.64 35.09 48.89
C PRO HB 27 9.28 34.53 50.25
N SER HB 28 9.49 33.22 50.44
CA SER HB 28 9.01 32.58 51.67
C SER HB 28 9.50 33.31 52.92
N LEU HB 29 10.56 34.09 52.80
CA LEU HB 29 11.17 34.73 53.96
C LEU HB 29 11.08 36.24 53.94
N LEU HB 30 10.34 36.82 53.00
CA LEU HB 30 9.82 38.17 53.15
C LEU HB 30 8.50 38.19 53.89
N PHE HB 31 8.17 37.11 54.60
CA PHE HB 31 6.93 37.01 55.36
C PHE HB 31 7.20 36.12 56.55
N PRO HB 32 8.10 36.55 57.43
CA PRO HB 32 8.48 35.71 58.56
C PRO HB 32 7.32 35.45 59.50
N THR HB 33 7.57 34.54 60.44
CA THR HB 33 6.56 34.08 61.37
C THR HB 33 6.90 34.54 62.78
N PRO HB 34 5.91 34.93 63.57
CA PRO HB 34 6.17 35.45 64.91
C PRO HB 34 6.12 34.38 65.97
N LYS HB 35 6.88 34.61 67.03
CA LYS HB 35 6.90 33.73 68.19
C LYS HB 35 6.57 34.46 69.49
N ARG HB 36 6.98 35.71 69.62
CA ARG HB 36 6.53 36.54 70.72
C ARG HB 36 5.05 36.83 70.53
N LEU HB 37 4.42 37.47 71.51
CA LEU HB 37 3.05 37.92 71.32
C LEU HB 37 3.01 39.18 70.48
N ILE HB 38 3.59 40.24 71.00
CA ILE HB 38 3.83 41.45 70.22
C ILE HB 38 5.08 41.20 69.41
N ASN HB 39 5.26 41.97 68.34
CA ASN HB 39 6.39 41.79 67.46
C ASN HB 39 6.75 43.14 66.87
N ASN HB 40 7.61 43.10 65.86
CA ASN HB 40 8.05 44.32 65.21
C ASN HB 40 6.99 44.81 64.24
N ARG HB 41 7.36 45.78 63.40
CA ARG HB 41 6.42 46.35 62.46
C ARG HB 41 6.08 45.37 61.35
N THR HB 42 7.09 44.96 60.59
CA THR HB 42 6.90 44.17 59.37
C THR HB 42 6.01 42.96 59.57
N ILE HB 43 5.81 42.51 60.80
CA ILE HB 43 4.92 41.40 61.08
C ILE HB 43 3.54 41.88 61.47
N SER HB 44 3.47 42.88 62.34
CA SER HB 44 2.18 43.43 62.73
C SER HB 44 1.41 43.88 61.50
N ILE HB 45 2.09 44.51 60.55
CA ILE HB 45 1.42 45.03 59.37
C ILE HB 45 0.77 43.90 58.59
N GLN HB 46 1.56 42.93 58.16
CA GLN HB 46 1.02 41.83 57.37
C GLN HB 46 -0.04 41.07 58.14
N GLN HB 47 0.11 40.95 59.46
CA GLN HB 47 -0.89 40.28 60.28
C GLN HB 47 -2.24 40.97 60.16
N TRP HB 48 -2.26 42.28 60.41
CA TRP HB 48 -3.46 43.08 60.21
C TRP HB 48 -4.02 42.88 58.81
N LEU HB 49 -3.16 43.07 57.81
CA LEU HB 49 -3.57 42.91 56.42
C LEU HB 49 -4.34 41.62 56.22
N ILE HB 50 -3.84 40.53 56.77
CA ILE HB 50 -4.43 39.22 56.50
C ILE HB 50 -5.75 39.06 57.25
N GLN HB 51 -5.78 39.43 58.53
CA GLN HB 51 -7.05 39.42 59.24
C GLN HB 51 -8.11 40.13 58.41
N LEU HB 52 -7.75 41.31 57.93
CA LEU HB 52 -8.66 42.12 57.12
C LEU HB 52 -9.15 41.36 55.89
N THR HB 53 -8.21 40.92 55.06
CA THR HB 53 -8.61 40.36 53.78
C THR HB 53 -9.44 39.10 53.97
N SER HB 54 -9.14 38.29 54.98
CA SER HB 54 -9.96 37.12 55.25
C SER HB 54 -11.37 37.52 55.65
N LYS HB 55 -11.47 38.31 56.73
CA LYS HB 55 -12.78 38.78 57.16
C LYS HB 55 -13.58 39.34 56.00
N GLN HB 56 -12.92 39.83 54.96
CA GLN HB 56 -13.65 40.37 53.83
C GLN HB 56 -14.09 39.28 52.84
N MET HB 57 -13.17 38.47 52.35
CA MET HB 57 -13.52 37.55 51.27
C MET HB 57 -14.24 36.28 51.72
N MET HB 58 -13.93 35.72 52.89
CA MET HB 58 -14.53 34.45 53.28
C MET HB 58 -15.83 34.64 54.04
N ALA HB 59 -16.57 35.70 53.74
CA ALA HB 59 -17.86 35.94 54.37
C ALA HB 59 -18.93 35.02 53.80
N ILE HB 60 -19.08 35.02 52.47
CA ILE HB 60 -20.21 34.35 51.83
C ILE HB 60 -20.20 32.85 52.12
N HIS HB 61 -19.04 32.21 52.01
CA HIS HB 61 -18.97 30.75 52.07
C HIS HB 61 -19.69 30.22 53.29
N ASN HB 62 -20.21 29.01 53.16
CA ASN HB 62 -20.85 28.32 54.26
C ASN HB 62 -19.79 27.80 55.22
N GLN HB 63 -20.20 27.01 56.20
CA GLN HB 63 -19.28 26.61 57.26
C GLN HB 63 -18.31 25.55 56.76
N LYS HB 64 -18.82 24.56 56.03
CA LYS HB 64 -17.93 23.55 55.45
C LYS HB 64 -16.91 24.21 54.53
N GLY HB 65 -17.36 25.12 53.66
CA GLY HB 65 -16.48 25.78 52.74
C GLY HB 65 -15.46 26.69 53.39
N GLN HB 66 -15.54 26.89 54.71
CA GLN HB 66 -14.63 27.77 55.43
C GLN HB 66 -13.39 27.04 55.91
N THR HB 67 -13.06 25.91 55.31
CA THR HB 67 -11.88 25.16 55.67
C THR HB 67 -10.69 25.47 54.77
N TRP HB 68 -10.90 26.22 53.70
CA TRP HB 68 -9.89 26.46 52.70
C TRP HB 68 -9.22 27.83 52.86
N SER HB 69 -9.47 28.50 53.98
CA SER HB 69 -8.90 29.83 54.18
C SER HB 69 -7.40 29.81 53.98
N LEU HB 70 -6.73 28.85 54.62
CA LEU HB 70 -5.29 28.70 54.49
C LEU HB 70 -4.88 28.66 53.04
N MET HB 71 -5.47 27.73 52.27
CA MET HB 71 -5.04 27.54 50.90
C MET HB 71 -5.22 28.82 50.09
N LEU HB 72 -6.39 29.45 50.20
CA LEU HB 72 -6.66 30.61 49.36
C LEU HB 72 -5.74 31.76 49.71
N MET HB 73 -5.59 32.07 50.99
CA MET HB 73 -4.76 33.22 51.35
C MET HB 73 -3.29 32.94 51.09
N SER HB 74 -2.86 31.68 51.20
CA SER HB 74 -1.48 31.37 50.87
C SER HB 74 -1.25 31.53 49.38
N LEU HB 75 -2.17 30.99 48.59
CA LEU HB 75 -2.14 31.18 47.15
C LEU HB 75 -1.98 32.64 46.78
N ILE HB 76 -2.84 33.49 47.34
CA ILE HB 76 -2.85 34.89 46.94
C ILE HB 76 -1.59 35.60 47.43
N MET HB 77 -1.10 35.23 48.62
CA MET HB 77 0.12 35.84 49.14
C MET HB 77 1.32 35.47 48.26
N PHE HB 78 1.49 34.18 48.00
CA PHE HB 78 2.57 33.71 47.14
C PHE HB 78 2.58 34.44 45.81
N ILE HB 79 1.42 34.50 45.15
CA ILE HB 79 1.38 35.09 43.82
C ILE HB 79 1.62 36.60 43.88
N GLY HB 80 1.02 37.27 44.87
CA GLY HB 80 1.23 38.69 45.00
C GLY HB 80 2.67 39.04 45.26
N SER HB 81 3.40 38.14 45.94
CA SER HB 81 4.84 38.33 46.08
C SER HB 81 5.53 38.17 44.74
N THR HB 82 5.43 36.97 44.16
CA THR HB 82 6.15 36.67 42.92
C THR HB 82 5.96 37.78 41.89
N ASN HB 83 4.72 38.19 41.65
CA ASN HB 83 4.45 39.11 40.55
C ASN HB 83 4.94 40.52 40.82
N ILE HB 84 5.23 40.84 42.07
CA ILE HB 84 5.85 42.12 42.39
C ILE HB 84 7.35 41.98 42.19
N LEU HB 85 7.95 41.05 42.94
CA LEU HB 85 9.38 40.83 42.84
C LEU HB 85 9.85 40.79 41.40
N GLY HB 86 9.10 40.12 40.53
CA GLY HB 86 9.47 40.04 39.13
C GLY HB 86 9.65 41.38 38.46
N LEU HB 87 9.21 42.47 39.09
CA LEU HB 87 9.32 43.77 38.47
C LEU HB 87 10.74 44.26 38.34
N LEU HB 88 11.61 43.84 39.24
CA LEU HB 88 12.92 44.45 39.36
C LEU HB 88 13.68 44.42 38.04
N PRO HB 89 14.76 45.19 37.95
CA PRO HB 89 15.55 45.24 36.72
C PRO HB 89 15.79 43.92 36.02
N HIS HB 90 16.38 42.95 36.73
CA HIS HB 90 16.86 41.71 36.13
C HIS HB 90 16.36 40.51 36.92
N SER HB 91 15.06 40.47 37.20
CA SER HB 91 14.48 39.39 37.96
C SER HB 91 13.59 38.52 37.08
N PHE HB 92 13.32 37.32 37.59
CA PHE HB 92 12.61 36.29 36.84
C PHE HB 92 11.24 36.07 37.43
N THR HB 93 10.23 35.95 36.57
CA THR HB 93 8.86 35.71 37.00
C THR HB 93 8.54 34.23 36.84
N PRO HB 94 8.62 33.43 37.89
CA PRO HB 94 8.34 32.00 37.77
C PRO HB 94 6.89 31.66 37.44
N THR HB 95 6.02 32.66 37.30
CA THR HB 95 4.65 32.40 36.86
C THR HB 95 4.54 32.31 35.35
N THR HB 96 5.15 33.25 34.63
CA THR HB 96 5.08 33.27 33.18
C THR HB 96 5.53 31.96 32.55
N GLN HB 97 6.11 31.06 33.32
CA GLN HB 97 6.31 29.69 32.87
C GLN HB 97 4.96 29.01 32.90
N LEU HB 98 4.26 29.05 31.76
CA LEU HB 98 2.87 28.61 31.68
C LEU HB 98 2.63 27.32 32.46
N SER HB 99 3.61 26.43 32.47
CA SER HB 99 3.44 25.15 33.14
C SER HB 99 3.08 25.34 34.60
N MET HB 100 3.76 26.28 35.27
CA MET HB 100 3.46 26.52 36.66
C MET HB 100 2.00 26.92 36.84
N ASN HB 101 1.50 27.76 35.94
CA ASN HB 101 0.11 28.21 36.04
C ASN HB 101 -0.86 27.05 35.85
N LEU HB 102 -0.59 26.18 34.88
CA LEU HB 102 -1.46 25.01 34.71
C LEU HB 102 -1.45 24.13 35.94
N GLY HB 103 -0.26 23.86 36.49
CA GLY HB 103 -0.17 23.01 37.65
C GLY HB 103 -0.74 23.62 38.90
N MET HB 104 -0.89 24.94 38.92
CA MET HB 104 -1.53 25.61 40.04
C MET HB 104 -3.03 25.72 39.85
N ALA HB 105 -3.51 25.71 38.60
CA ALA HB 105 -4.93 25.85 38.34
C ALA HB 105 -5.65 24.51 38.44
N ILE HB 106 -5.21 23.55 37.63
CA ILE HB 106 -6.02 22.34 37.44
C ILE HB 106 -6.41 21.67 38.75
N PRO HB 107 -5.47 21.15 39.55
CA PRO HB 107 -5.87 20.40 40.75
C PRO HB 107 -7.01 21.03 41.53
N LEU HB 108 -6.98 22.35 41.70
CA LEU HB 108 -7.99 23.01 42.52
C LEU HB 108 -9.36 22.90 41.89
N TRP HB 109 -9.47 23.30 40.62
CA TRP HB 109 -10.72 23.21 39.89
C TRP HB 109 -11.24 21.78 39.90
N SER HB 110 -10.37 20.81 39.63
CA SER HB 110 -10.80 19.43 39.58
C SER HB 110 -11.32 18.97 40.93
N ALA HB 111 -10.62 19.33 42.01
CA ALA HB 111 -11.02 18.87 43.33
C ALA HB 111 -12.33 19.51 43.75
N THR HB 112 -12.57 20.76 43.33
CA THR HB 112 -13.86 21.37 43.57
C THR HB 112 -14.96 20.60 42.88
N VAL HB 113 -14.80 20.36 41.58
CA VAL HB 113 -15.79 19.59 40.84
C VAL HB 113 -16.01 18.23 41.50
N PHE HB 114 -14.95 17.66 42.07
CA PHE HB 114 -15.08 16.33 42.65
C PHE HB 114 -15.82 16.36 43.97
N THR HB 115 -15.62 17.40 44.76
CA THR HB 115 -16.47 17.60 45.93
C THR HB 115 -17.92 17.84 45.53
N GLY HB 116 -18.13 18.46 44.36
CA GLY HB 116 -19.47 18.71 43.89
C GLY HB 116 -20.18 17.51 43.31
N PHE HB 117 -19.44 16.52 42.84
CA PHE HB 117 -20.04 15.31 42.31
C PHE HB 117 -19.96 14.12 43.26
N ARG HB 118 -19.12 14.19 44.28
CA ARG HB 118 -19.17 13.19 45.34
C ARG HB 118 -20.36 13.41 46.25
N TYR HB 119 -20.63 14.67 46.59
CA TYR HB 119 -21.82 15.05 47.31
C TYR HB 119 -22.65 15.97 46.42
N LYS HB 120 -23.96 15.97 46.66
CA LYS HB 120 -24.86 16.81 45.88
C LYS HB 120 -24.90 16.36 44.42
N THR HB 121 -24.86 15.04 44.22
CA THR HB 121 -24.74 14.50 42.87
C THR HB 121 -25.85 15.02 41.98
N LYS HB 122 -27.09 14.72 42.35
CA LYS HB 122 -28.22 15.15 41.52
C LYS HB 122 -28.20 16.66 41.33
N THR HB 123 -27.84 17.40 42.38
CA THR HB 123 -27.92 18.85 42.30
C THR HB 123 -26.79 19.43 41.45
N SER HB 124 -25.58 18.87 41.61
CA SER HB 124 -24.47 19.30 40.77
C SER HB 124 -24.78 19.01 39.31
N LEU HB 125 -25.31 17.83 39.03
CA LEU HB 125 -25.82 17.54 37.70
C LEU HB 125 -26.84 18.57 37.28
N ALA HB 126 -27.65 19.02 38.24
CA ALA HB 126 -28.75 19.93 37.93
C ALA HB 126 -28.24 21.30 37.52
N HIS HB 127 -27.17 21.77 38.15
CA HIS HB 127 -26.64 23.08 37.80
C HIS HB 127 -26.32 23.19 36.32
N PHE HB 128 -26.36 22.08 35.59
CA PHE HB 128 -26.23 22.11 34.14
C PHE HB 128 -27.48 22.60 33.46
N LEU HB 129 -28.60 22.68 34.16
CA LEU HB 129 -29.84 23.13 33.56
C LEU HB 129 -30.43 24.25 34.41
N PRO HB 130 -30.25 25.51 34.01
CA PRO HB 130 -30.83 26.61 34.77
C PRO HB 130 -32.33 26.42 34.97
N GLN HB 131 -32.82 26.99 36.07
CA GLN HB 131 -34.13 26.60 36.58
C GLN HB 131 -35.23 26.96 35.60
N GLY HB 132 -36.00 25.95 35.22
CA GLY HB 132 -37.24 26.16 34.48
C GLY HB 132 -37.08 26.94 33.18
N THR HB 133 -35.96 26.76 32.50
CA THR HB 133 -35.78 27.41 31.22
C THR HB 133 -36.86 26.93 30.26
N PRO HB 134 -37.11 27.69 29.20
CA PRO HB 134 -37.92 27.16 28.10
C PRO HB 134 -37.54 25.73 27.77
N ALA HB 135 -38.54 24.86 27.68
CA ALA HB 135 -38.31 23.47 27.30
C ALA HB 135 -38.17 23.28 25.80
N LEU HB 136 -37.99 24.38 25.06
CA LEU HB 136 -37.74 24.32 23.63
C LEU HB 136 -36.30 23.97 23.28
N LEU HB 137 -35.34 24.33 24.13
CA LEU HB 137 -33.94 24.41 23.74
C LEU HB 137 -33.00 23.61 24.61
N ILE HB 138 -33.52 22.82 25.56
CA ILE HB 138 -32.72 22.16 26.58
C ILE HB 138 -31.35 21.72 26.07
N PRO HB 139 -31.26 20.90 25.03
CA PRO HB 139 -29.94 20.47 24.57
C PRO HB 139 -29.04 21.63 24.17
N MET HB 140 -29.58 22.62 23.48
CA MET HB 140 -28.78 23.77 23.07
C MET HB 140 -28.36 24.63 24.25
N LEU HB 141 -28.65 24.21 25.47
CA LEU HB 141 -28.24 24.90 26.68
C LEU HB 141 -27.37 24.02 27.56
N VAL HB 142 -27.70 22.73 27.67
CA VAL HB 142 -26.89 21.78 28.40
C VAL HB 142 -25.73 21.28 27.57
N ILE HB 143 -25.56 21.78 26.35
CA ILE HB 143 -24.28 21.72 25.66
C ILE HB 143 -23.41 22.89 26.05
N ILE HB 144 -24.00 24.09 26.08
CA ILE HB 144 -23.23 25.30 26.33
C ILE HB 144 -22.68 25.30 27.74
N GLU HB 145 -23.53 25.01 28.72
CA GLU HB 145 -23.05 25.02 30.10
C GLU HB 145 -21.92 24.03 30.30
N THR HB 146 -22.02 22.87 29.66
CA THR HB 146 -21.04 21.82 29.89
C THR HB 146 -19.77 22.01 29.07
N ILE HB 147 -19.82 22.83 28.03
CA ILE HB 147 -18.58 23.18 27.35
C ILE HB 147 -17.91 24.35 28.04
N SER HB 148 -18.68 25.35 28.47
CA SER HB 148 -18.13 26.48 29.20
C SER HB 148 -17.84 26.14 30.66
N LEU HB 149 -18.03 24.90 31.06
CA LEU HB 149 -17.46 24.46 32.34
C LEU HB 149 -15.99 24.09 32.17
N PHE HB 150 -15.71 23.08 31.35
CA PHE HB 150 -14.34 22.64 31.15
C PHE HB 150 -13.42 23.76 30.73
N ILE HB 151 -13.99 24.87 30.24
CA ILE HB 151 -13.20 26.03 29.86
C ILE HB 151 -12.66 26.78 31.06
N GLN HB 152 -12.97 26.35 32.27
CA GLN HB 152 -12.64 27.12 33.46
C GLN HB 152 -11.13 27.19 33.67
N PRO HB 153 -10.47 26.09 34.02
CA PRO HB 153 -9.05 26.17 34.36
C PRO HB 153 -8.18 26.76 33.27
N VAL HB 154 -8.45 26.42 32.01
CA VAL HB 154 -7.64 26.91 30.92
C VAL HB 154 -7.52 28.43 30.99
N ALA HB 155 -8.65 29.12 30.96
CA ALA HB 155 -8.62 30.57 31.05
C ALA HB 155 -8.08 31.00 32.41
N LEU HB 156 -8.56 30.34 33.47
CA LEU HB 156 -8.15 30.68 34.83
C LEU HB 156 -6.64 30.82 34.93
N ALA HB 157 -5.90 30.08 34.12
CA ALA HB 157 -4.46 30.19 34.09
C ALA HB 157 -3.96 31.14 33.03
N VAL HB 158 -4.36 30.91 31.77
CA VAL HB 158 -3.82 31.68 30.66
C VAL HB 158 -3.99 33.17 30.86
N ARG HB 159 -5.12 33.59 31.42
CA ARG HB 159 -5.33 35.01 31.67
C ARG HB 159 -4.16 35.59 32.43
N LEU HB 160 -3.94 35.06 33.63
CA LEU HB 160 -2.83 35.48 34.48
C LEU HB 160 -1.51 35.45 33.72
N THR HB 161 -1.18 34.28 33.18
CA THR HB 161 0.07 34.10 32.46
C THR HB 161 0.35 35.24 31.51
N ALA HB 162 -0.51 35.42 30.51
CA ALA HB 162 -0.21 36.36 29.45
C ALA HB 162 -0.33 37.80 29.94
N ASN HB 163 -1.27 38.06 30.84
CA ASN HB 163 -1.39 39.36 31.46
C ASN HB 163 -0.05 39.81 32.02
N ILE HB 164 0.53 38.99 32.88
CA ILE HB 164 1.86 39.29 33.42
C ILE HB 164 2.86 39.50 32.29
N THR HB 165 3.07 38.48 31.46
CA THR HB 165 4.10 38.56 30.43
C THR HB 165 4.10 39.90 29.71
N ALA HB 166 2.92 40.34 29.27
CA ALA HB 166 2.84 41.50 28.38
C ALA HB 166 3.50 42.72 28.99
N GLY HB 167 3.35 42.90 30.30
CA GLY HB 167 3.90 44.09 30.93
C GLY HB 167 5.42 44.12 30.85
N HIS HB 168 6.06 43.02 31.23
CA HIS HB 168 7.50 42.94 31.12
C HIS HB 168 7.96 43.25 29.70
N LEU HB 169 7.29 42.63 28.73
CA LEU HB 169 7.72 42.82 27.35
C LEU HB 169 7.59 44.29 26.94
N LEU HB 170 6.50 44.92 27.35
CA LEU HB 170 6.24 46.29 26.95
C LEU HB 170 7.25 47.25 27.57
N ILE HB 171 7.61 47.01 28.83
CA ILE HB 171 8.59 47.88 29.47
C ILE HB 171 9.96 47.72 28.84
N HIS HB 172 10.38 46.48 28.59
CA HIS HB 172 11.64 46.28 27.87
C HIS HB 172 11.64 47.10 26.59
N LEU HB 173 10.59 46.98 25.79
CA LEU HB 173 10.61 47.61 24.48
C LEU HB 173 10.60 49.12 24.59
N ILE HB 174 9.81 49.67 25.52
CA ILE HB 174 9.74 51.11 25.66
C ILE HB 174 11.10 51.65 26.09
N GLY HB 175 11.78 50.96 27.02
CA GLY HB 175 13.08 51.44 27.44
C GLY HB 175 14.11 51.37 26.32
N GLY HB 176 14.03 50.32 25.50
CA GLY HB 176 14.92 50.24 24.36
C GLY HB 176 14.72 51.41 23.40
N ALA HB 177 13.47 51.67 23.02
CA ALA HB 177 13.21 52.81 22.15
C ALA HB 177 13.58 54.12 22.84
N THR HB 178 13.56 54.14 24.16
CA THR HB 178 14.02 55.31 24.90
C THR HB 178 15.48 55.58 24.61
N LEU HB 179 16.33 54.59 24.87
CA LEU HB 179 17.76 54.75 24.54
C LEU HB 179 17.92 55.16 23.08
N ALA HB 180 17.21 54.50 22.17
CA ALA HB 180 17.42 54.76 20.75
C ALA HB 180 17.04 56.18 20.38
N LEU HB 181 15.99 56.73 20.97
CA LEU HB 181 15.64 58.12 20.71
C LEU HB 181 16.62 59.07 21.39
N LEU HB 182 17.13 58.68 22.56
CA LEU HB 182 18.18 59.46 23.20
C LEU HB 182 19.34 59.66 22.23
N ASN HB 183 19.63 58.64 21.42
CA ASN HB 183 20.60 58.84 20.35
C ASN HB 183 20.27 60.09 19.55
N ILE HB 184 18.98 60.32 19.28
CA ILE HB 184 18.57 61.47 18.47
C ILE HB 184 18.51 62.73 19.32
N ASN HB 185 17.64 62.73 20.33
CA ASN HB 185 17.25 63.96 20.99
C ASN HB 185 16.96 63.69 22.46
N THR HB 186 16.58 64.75 23.17
CA THR HB 186 16.52 64.68 24.62
C THR HB 186 15.09 64.55 25.13
N MET HB 187 14.17 65.37 24.61
CA MET HB 187 12.85 65.48 25.23
C MET HB 187 12.04 64.21 25.04
N THR HB 188 12.13 63.58 23.87
CA THR HB 188 11.43 62.31 23.64
C THR HB 188 11.78 61.30 24.73
N ALA HB 189 13.05 61.26 25.13
CA ALA HB 189 13.46 60.33 26.17
C ALA HB 189 12.69 60.56 27.45
N PHE HB 190 12.51 61.83 27.84
CA PHE HB 190 11.76 62.12 29.06
C PHE HB 190 10.31 61.75 28.90
N ILE HB 191 9.75 62.01 27.72
CA ILE HB 191 8.39 61.58 27.43
C ILE HB 191 8.23 60.09 27.72
N THR HB 192 9.08 59.27 27.08
CA THR HB 192 8.96 57.83 27.26
C THR HB 192 9.31 57.40 28.66
N PHE HB 193 10.14 58.16 29.38
CA PHE HB 193 10.46 57.79 30.75
C PHE HB 193 9.24 57.97 31.64
N THR HB 194 8.52 59.07 31.46
CA THR HB 194 7.29 59.26 32.22
C THR HB 194 6.26 58.20 31.87
N ILE HB 195 6.10 57.94 30.56
CA ILE HB 195 5.30 56.80 30.14
C ILE HB 195 5.69 55.56 30.93
N LEU HB 196 7.00 55.33 31.06
CA LEU HB 196 7.48 54.14 31.76
C LEU HB 196 7.07 54.16 33.22
N ILE HB 197 7.08 55.34 33.83
CA ILE HB 197 6.69 55.41 35.24
C ILE HB 197 5.24 55.00 35.38
N LEU HB 198 4.39 55.52 34.50
CA LEU HB 198 2.99 55.15 34.51
C LEU HB 198 2.82 53.64 34.36
N LEU HB 199 3.48 53.07 33.35
CA LEU HB 199 3.39 51.63 33.12
C LEU HB 199 3.82 50.86 34.35
N THR HB 200 4.88 51.33 35.00
CA THR HB 200 5.41 50.63 36.16
C THR HB 200 4.38 50.59 37.27
N ILE HB 201 3.71 51.71 37.49
CA ILE HB 201 2.67 51.73 38.52
C ILE HB 201 1.55 50.78 38.15
N LEU HB 202 1.10 50.86 36.89
CA LEU HB 202 0.01 50.01 36.44
C LEU HB 202 0.34 48.54 36.63
N GLU HB 203 1.61 48.18 36.48
CA GLU HB 203 1.99 46.79 36.68
C GLU HB 203 2.02 46.43 38.16
N PHE HB 204 2.57 47.32 38.98
CA PHE HB 204 2.42 47.16 40.42
C PHE HB 204 0.99 46.86 40.79
N ALA HB 205 0.05 47.37 40.01
CA ALA HB 205 -1.36 47.20 40.32
C ALA HB 205 -1.91 45.86 39.83
N VAL HB 206 -1.77 45.60 38.53
CA VAL HB 206 -2.30 44.37 37.97
C VAL HB 206 -1.73 43.17 38.72
N ALA HB 207 -0.49 43.27 39.19
CA ALA HB 207 0.17 42.13 39.79
C ALA HB 207 -0.55 41.64 41.03
N LEU HB 208 -1.47 42.43 41.56
CA LEU HB 208 -2.27 42.03 42.71
C LEU HB 208 -3.73 41.86 42.33
N ILE HB 209 -4.21 42.74 41.46
CA ILE HB 209 -5.53 42.55 40.89
C ILE HB 209 -5.70 41.10 40.47
N GLN HB 210 -4.69 40.53 39.81
CA GLN HB 210 -4.84 39.18 39.28
C GLN HB 210 -4.86 38.14 40.38
N ALA HB 211 -4.13 38.39 41.47
CA ALA HB 211 -4.19 37.46 42.58
C ALA HB 211 -5.59 37.42 43.16
N TYR HB 212 -6.17 38.59 43.38
CA TYR HB 212 -7.53 38.65 43.90
C TYR HB 212 -8.49 37.93 42.97
N VAL HB 213 -8.46 38.29 41.69
CA VAL HB 213 -9.23 37.59 40.68
C VAL HB 213 -9.11 36.09 40.84
N PHE HB 214 -7.88 35.59 40.89
CA PHE HB 214 -7.65 34.15 40.88
C PHE HB 214 -8.31 33.49 42.10
N THR HB 215 -7.89 33.89 43.29
CA THR HB 215 -8.39 33.25 44.49
C THR HB 215 -9.82 33.65 44.83
N LEU HB 216 -10.45 34.48 44.01
CA LEU HB 216 -11.87 34.79 44.13
C LEU HB 216 -12.71 33.91 43.23
N LEU HB 217 -12.35 33.87 41.95
CA LEU HB 217 -12.85 32.83 41.07
C LEU HB 217 -12.91 31.50 41.81
N VAL HB 218 -11.79 31.10 42.39
CA VAL HB 218 -11.76 29.81 43.05
C VAL HB 218 -12.71 29.78 44.23
N SER HB 219 -12.72 30.86 45.02
CA SER HB 219 -13.57 30.89 46.21
C SER HB 219 -15.02 30.63 45.84
N LEU HB 220 -15.51 31.30 44.81
CA LEU HB 220 -16.91 31.11 44.47
C LEU HB 220 -17.15 29.83 43.71
N TYR HB 221 -16.15 29.31 42.99
CA TYR HB 221 -16.29 27.99 42.42
C TYR HB 221 -16.49 26.96 43.52
N LEU HB 222 -15.89 27.22 44.69
CA LEU HB 222 -16.17 26.37 45.83
C LEU HB 222 -17.54 26.67 46.42
N HIS HB 223 -17.94 27.93 46.37
CA HIS HB 223 -19.27 28.31 46.84
C HIS HB 223 -20.34 27.53 46.11
N ASP HB 224 -20.19 27.39 44.79
CA ASP HB 224 -21.15 26.65 43.99
C ASP HB 224 -21.17 25.18 44.37
N ASN HB 225 -20.03 24.50 44.18
CA ASN HB 225 -19.95 23.05 44.26
C ASN HB 225 -19.54 22.55 45.64
N THR HB 226 -19.93 23.23 46.70
CA THR HB 226 -19.60 22.79 48.05
C THR HB 226 -20.63 21.78 48.53
N PRO IB 1 8.46 34.99 79.38
CA PRO IB 1 9.87 34.60 79.43
C PRO IB 1 10.57 34.86 78.10
N VAL IB 2 10.64 36.13 77.69
CA VAL IB 2 11.22 36.49 76.40
C VAL IB 2 11.95 37.82 76.53
N PRO IB 3 12.94 38.11 75.69
CA PRO IB 3 13.69 39.35 75.88
C PRO IB 3 13.05 40.50 75.11
N PRO IB 4 13.35 41.74 75.50
CA PRO IB 4 12.87 42.90 74.75
C PRO IB 4 13.76 43.26 73.57
N LEU IB 5 13.48 44.40 72.96
CA LEU IB 5 14.17 44.88 71.78
C LEU IB 5 14.80 46.24 72.01
N PRO IB 6 15.70 46.66 71.12
CA PRO IB 6 16.19 48.04 71.14
C PRO IB 6 15.12 49.02 70.69
N GLU IB 7 15.50 50.29 70.58
CA GLU IB 7 14.63 51.31 70.02
C GLU IB 7 14.84 51.45 68.53
N HIS IB 8 16.07 51.30 68.06
CA HIS IB 8 16.37 51.26 66.63
C HIS IB 8 17.78 50.74 66.44
N GLY IB 9 17.94 49.74 65.57
CA GLY IB 9 19.20 49.04 65.45
C GLY IB 9 20.26 49.84 64.73
N GLY IB 10 21.15 49.14 64.04
CA GLY IB 10 22.26 49.79 63.37
C GLY IB 10 21.85 50.93 62.47
N LYS IB 11 22.23 52.14 62.83
CA LYS IB 11 22.00 53.28 61.96
C LYS IB 11 22.72 53.05 60.63
N VAL IB 12 22.30 53.78 59.61
CA VAL IB 12 22.67 53.47 58.24
C VAL IB 12 22.75 54.76 57.44
N ARG IB 13 23.62 54.76 56.43
CA ARG IB 13 23.84 55.92 55.59
C ARG IB 13 23.28 55.64 54.21
N LEU IB 14 22.67 56.66 53.62
CA LEU IB 14 21.96 56.53 52.35
C LEU IB 14 20.81 55.55 52.44
N GLY IB 15 20.47 55.13 53.65
CA GLY IB 15 19.44 54.12 53.84
C GLY IB 15 19.82 52.75 53.36
N LEU IB 16 21.01 52.58 52.79
CA LEU IB 16 21.42 51.33 52.18
C LEU IB 16 22.66 50.72 52.81
N ILE IB 17 23.72 51.48 53.01
CA ILE IB 17 25.00 50.97 53.50
C ILE IB 17 25.15 51.37 54.96
N PRO IB 18 25.69 50.49 55.81
CA PRO IB 18 25.88 50.88 57.21
C PRO IB 18 27.08 51.81 57.37
N GLU IB 19 27.14 52.45 58.55
CA GLU IB 19 28.18 53.43 58.82
C GLU IB 19 29.42 52.78 59.39
N GLU IB 20 29.26 51.71 60.17
CA GLU IB 20 30.36 51.02 60.82
C GLU IB 20 31.55 50.93 59.87
N PHE IB 21 31.24 50.69 58.61
CA PHE IB 21 32.22 50.83 57.53
C PHE IB 21 33.00 52.13 57.69
N PHE IB 22 32.29 53.25 57.69
CA PHE IB 22 32.95 54.56 57.74
C PHE IB 22 33.90 54.66 58.93
N GLN IB 23 33.41 54.28 60.12
CA GLN IB 23 34.24 54.39 61.31
C GLN IB 23 35.47 53.50 61.22
N PHE IB 24 35.26 52.22 60.90
CA PHE IB 24 36.37 51.32 60.63
C PHE IB 24 37.40 51.97 59.70
N LEU IB 25 36.96 52.80 58.77
CA LEU IB 25 37.87 53.49 57.85
C LEU IB 25 38.37 54.83 58.38
N TYR IB 26 37.84 55.31 59.50
CA TYR IB 26 38.24 56.62 60.00
C TYR IB 26 39.74 56.72 60.22
N PRO IB 27 40.38 55.80 60.94
CA PRO IB 27 41.81 55.94 61.25
C PRO IB 27 42.68 56.40 60.09
N LYS IB 28 42.48 55.87 58.89
CA LYS IB 28 43.44 56.07 57.82
C LYS IB 28 43.12 57.28 56.95
N THR IB 29 41.89 57.39 56.47
CA THR IB 29 41.46 58.55 55.71
C THR IB 29 40.38 59.36 56.40
N GLY IB 30 39.76 58.82 57.44
CA GLY IB 30 38.86 59.60 58.27
C GLY IB 30 37.45 59.70 57.73
N VAL IB 31 37.25 60.55 56.73
CA VAL IB 31 35.91 60.92 56.30
C VAL IB 31 35.73 60.69 54.81
N THR IB 32 36.62 61.26 54.00
CA THR IB 32 36.41 61.33 52.56
C THR IB 32 37.20 60.23 51.84
N GLY IB 33 37.29 59.08 52.47
CA GLY IB 33 37.86 57.90 51.85
C GLY IB 33 36.81 57.00 51.24
N PRO IB 34 35.82 56.60 52.04
CA PRO IB 34 34.74 55.75 51.50
C PRO IB 34 34.02 56.33 50.31
N TYR IB 35 33.72 57.62 50.30
CA TYR IB 35 32.92 58.17 49.21
C TYR IB 35 33.67 58.08 47.88
N VAL IB 36 34.90 58.57 47.85
CA VAL IB 36 35.69 58.47 46.64
C VAL IB 36 35.98 57.01 46.31
N LEU IB 37 36.15 56.18 47.34
CA LEU IB 37 36.29 54.74 47.13
C LEU IB 37 35.16 54.21 46.26
N GLY IB 38 33.92 54.48 46.68
CA GLY IB 38 32.78 53.99 45.94
C GLY IB 38 32.67 54.63 44.57
N THR IB 39 32.90 55.93 44.50
CA THR IB 39 32.88 56.61 43.21
C THR IB 39 33.83 55.94 42.24
N GLY IB 40 35.00 55.52 42.73
CA GLY IB 40 35.97 54.88 41.84
C GLY IB 40 35.54 53.48 41.47
N LEU IB 41 35.08 52.71 42.45
CA LEU IB 41 34.53 51.39 42.16
C LEU IB 41 33.54 51.47 41.01
N ILE IB 42 32.69 52.50 41.05
CA ILE IB 42 31.58 52.58 40.12
C ILE IB 42 32.05 53.09 38.76
N LEU IB 43 32.90 54.11 38.75
CA LEU IB 43 33.48 54.58 37.49
C LEU IB 43 34.28 53.48 36.82
N TYR IB 44 34.88 52.59 37.62
CA TYR IB 44 35.58 51.45 37.07
C TYR IB 44 34.60 50.48 36.41
N LEU IB 45 33.61 50.00 37.16
CA LEU IB 45 32.60 49.13 36.58
C LEU IB 45 32.09 49.69 35.26
N LEU IB 46 31.80 50.98 35.25
CA LEU IB 46 31.25 51.59 34.03
C LEU IB 46 32.28 51.65 32.91
N SER IB 47 33.53 52.00 33.23
CA SER IB 47 34.53 52.24 32.21
C SER IB 47 34.85 50.98 31.42
N LYS IB 48 35.13 49.88 32.11
CA LYS IB 48 35.48 48.63 31.46
C LYS IB 48 34.26 47.85 30.98
N GLU IB 49 33.06 48.38 31.18
CA GLU IB 49 31.83 47.74 30.72
C GLU IB 49 31.62 46.38 31.39
N ILE IB 50 31.93 46.30 32.68
CA ILE IB 50 31.39 45.22 33.49
C ILE IB 50 29.90 45.38 33.70
N TYR IB 51 29.36 46.54 33.35
CA TYR IB 51 27.94 46.86 33.49
C TYR IB 51 27.55 47.67 32.27
N VAL IB 52 27.10 46.97 31.22
CA VAL IB 52 26.60 47.65 30.05
C VAL IB 52 25.21 48.19 30.32
N ILE IB 53 24.86 49.25 29.63
CA ILE IB 53 23.63 49.99 29.91
C ILE IB 53 22.61 49.70 28.82
N THR IB 54 21.36 49.49 29.23
CA THR IB 54 20.29 49.11 28.33
C THR IB 54 18.98 49.66 28.88
N ALA IB 55 17.86 49.14 28.38
CA ALA IB 55 16.55 49.59 28.84
C ALA IB 55 16.33 49.26 30.31
N GLU IB 56 16.69 48.06 30.72
CA GLU IB 56 16.49 47.65 32.11
C GLU IB 56 17.11 48.64 33.07
N THR IB 57 18.19 49.30 32.69
CA THR IB 57 18.74 50.38 33.51
C THR IB 57 17.64 51.37 33.88
N PHE IB 58 17.03 51.97 32.87
CA PHE IB 58 16.03 52.99 33.11
C PHE IB 58 14.80 52.42 33.80
N SER IB 59 14.48 51.15 33.55
CA SER IB 59 13.40 50.53 34.30
C SER IB 59 13.72 50.52 35.79
N ALA IB 60 14.96 50.17 36.12
CA ALA IB 60 15.39 50.16 37.51
C ALA IB 60 15.35 51.55 38.09
N ILE IB 61 15.81 52.53 37.32
CA ILE IB 61 15.79 53.92 37.76
C ILE IB 61 14.37 54.34 38.11
N SER IB 62 13.41 54.03 37.24
CA SER IB 62 12.03 54.42 37.48
C SER IB 62 11.47 53.74 38.72
N THR IB 63 11.65 52.42 38.83
CA THR IB 63 11.16 51.74 40.02
C THR IB 63 11.75 52.34 41.29
N ILE IB 64 13.04 52.65 41.26
CA ILE IB 64 13.70 53.15 42.45
C ILE IB 64 13.21 54.56 42.79
N GLY IB 65 13.04 55.40 41.77
CA GLY IB 65 12.46 56.72 42.01
C GLY IB 65 11.09 56.62 42.65
N VAL IB 66 10.21 55.81 42.07
CA VAL IB 66 8.92 55.54 42.68
C VAL IB 66 9.08 55.17 44.15
N LEU IB 67 9.91 54.17 44.42
CA LEU IB 67 10.01 53.65 45.78
C LEU IB 67 10.48 54.72 46.75
N VAL IB 68 11.49 55.50 46.39
CA VAL IB 68 12.00 56.51 47.31
C VAL IB 68 10.95 57.59 47.53
N TYR IB 69 10.26 57.99 46.46
CA TYR IB 69 9.12 58.89 46.62
C TYR IB 69 8.17 58.37 47.69
N ILE IB 70 7.72 57.14 47.52
CA ILE IB 70 6.75 56.55 48.43
C ILE IB 70 7.26 56.62 49.86
N VAL IB 71 8.47 56.14 50.10
CA VAL IB 71 8.96 56.08 51.48
C VAL IB 71 9.12 57.49 52.05
N LYS IB 72 9.88 58.35 51.37
CA LYS IB 72 10.10 59.69 51.86
C LYS IB 72 8.80 60.47 52.06
N LYS IB 73 7.68 59.97 51.54
CA LYS IB 73 6.41 60.66 51.76
C LYS IB 73 5.48 59.97 52.75
N TYR IB 74 5.67 58.67 53.03
CA TYR IB 74 4.70 57.92 53.82
C TYR IB 74 5.32 57.18 55.00
N GLY IB 75 6.64 57.22 55.15
CA GLY IB 75 7.33 56.43 56.14
C GLY IB 75 6.81 56.58 57.55
N ALA IB 76 6.99 57.77 58.13
CA ALA IB 76 6.60 57.95 59.53
C ALA IB 76 5.11 57.76 59.72
N SER IB 77 4.31 58.08 58.71
CA SER IB 77 2.89 57.79 58.79
C SER IB 77 2.67 56.30 59.05
N ILE IB 78 3.37 55.47 58.29
CA ILE IB 78 3.21 54.02 58.46
C ILE IB 78 3.80 53.58 59.80
N GLY IB 79 4.89 54.22 60.22
CA GLY IB 79 5.50 53.85 61.49
C GLY IB 79 4.54 54.07 62.64
N ALA IB 80 3.98 55.27 62.72
CA ALA IB 80 3.00 55.56 63.76
C ALA IB 80 1.75 54.70 63.59
N PHE IB 81 1.36 54.43 62.34
CA PHE IB 81 0.28 53.48 62.09
C PHE IB 81 0.52 52.18 62.84
N ALA IB 82 1.71 51.61 62.67
CA ALA IB 82 1.99 50.31 63.24
C ALA IB 82 2.09 50.37 64.75
N ASP IB 83 2.81 51.37 65.26
CA ASP IB 83 2.88 51.53 66.70
C ASP IB 83 1.49 51.73 67.29
N LYS IB 84 0.60 52.33 66.51
CA LYS IB 84 -0.78 52.48 66.96
C LYS IB 84 -1.45 51.14 67.07
N LEU IB 85 -1.29 50.30 66.05
CA LEU IB 85 -1.88 48.96 66.14
C LEU IB 85 -1.36 48.23 67.37
N ASN IB 86 -0.08 48.40 67.67
CA ASN IB 86 0.50 47.72 68.82
C ASN IB 86 -0.13 48.21 70.11
N GLU IB 87 -0.10 49.53 70.33
CA GLU IB 87 -0.68 50.09 71.54
C GLU IB 87 -2.17 49.77 71.62
N GLN IB 88 -2.82 49.64 70.47
CA GLN IB 88 -4.24 49.38 70.45
C GLN IB 88 -4.53 47.96 70.89
N LYS IB 89 -3.72 47.00 70.47
CA LYS IB 89 -3.88 45.65 71.01
C LYS IB 89 -3.60 45.63 72.50
N ILE IB 90 -2.54 46.32 72.91
CA ILE IB 90 -2.21 46.42 74.33
C ILE IB 90 -3.43 46.87 75.13
N ALA IB 91 -4.02 47.98 74.69
CA ALA IB 91 -5.16 48.54 75.41
C ALA IB 91 -6.36 47.60 75.33
N GLN IB 92 -6.83 47.32 74.11
CA GLN IB 92 -7.99 46.48 73.92
C GLN IB 92 -7.91 45.19 74.72
N LEU IB 93 -6.70 44.75 75.03
CA LEU IB 93 -6.54 43.68 76.02
C LEU IB 93 -6.49 44.26 77.42
N GLU IB 94 -5.65 45.27 77.61
CA GLU IB 94 -5.46 45.87 78.92
C GLU IB 94 -6.70 46.63 79.34
N PRO JB 126 5.16 41.97 82.02
CA PRO JB 126 4.46 42.95 81.18
C PRO JB 126 3.72 42.28 80.03
N PHE JB 127 3.54 43.01 78.94
CA PHE JB 127 3.00 42.44 77.72
C PHE JB 127 4.10 42.04 76.75
N ASP JB 128 4.97 42.98 76.39
CA ASP JB 128 5.97 42.72 75.35
C ASP JB 128 6.86 41.54 75.69
N GLN JB 129 7.08 41.26 76.97
CA GLN JB 129 7.95 40.14 77.35
C GLN JB 129 7.25 38.80 77.26
N MET JB 130 5.98 38.76 76.84
CA MET JB 130 5.18 37.56 76.88
C MET JB 130 4.91 37.04 75.47
N THR JB 131 4.29 35.86 75.41
CA THR JB 131 3.94 35.20 74.15
C THR JB 131 2.49 34.76 74.19
N ILE JB 132 2.07 34.11 73.10
CA ILE JB 132 0.71 33.60 73.01
C ILE JB 132 0.45 32.54 74.07
N GLU JB 133 1.43 31.69 74.31
CA GLU JB 133 1.30 30.70 75.36
C GLU JB 133 1.22 31.37 76.74
N ASP JB 134 1.90 32.50 76.89
CA ASP JB 134 1.78 33.24 78.13
C ASP JB 134 0.36 33.77 78.31
N LEU JB 135 -0.36 33.99 77.21
CA LEU JB 135 -1.75 34.41 77.31
C LEU JB 135 -2.65 33.21 77.61
N ASN JB 136 -2.36 32.06 77.00
CA ASN JB 136 -2.95 30.83 77.49
C ASN JB 136 -2.81 30.74 78.99
N GLU JB 137 -1.67 31.18 79.51
CA GLU JB 137 -1.40 31.12 80.94
C GLU JB 137 -2.25 32.13 81.72
N VAL JB 138 -2.27 33.39 81.28
CA VAL JB 138 -2.96 34.43 82.06
C VAL JB 138 -4.46 34.43 81.76
N PHE JB 139 -4.85 34.29 80.50
CA PHE JB 139 -6.26 34.31 80.11
C PHE JB 139 -6.64 33.02 79.39
N PRO JB 140 -7.23 32.05 80.08
CA PRO JB 140 -7.72 30.86 79.37
C PRO JB 140 -8.90 31.13 78.48
N GLU JB 141 -9.56 32.28 78.64
CA GLU JB 141 -10.72 32.59 77.80
C GLU JB 141 -10.32 33.14 76.45
N THR JB 142 -9.08 33.61 76.31
CA THR JB 142 -8.53 33.93 74.99
C THR JB 142 -8.06 32.70 74.25
N LYS JB 143 -8.24 31.51 74.83
CA LYS JB 143 -7.75 30.29 74.24
C LYS JB 143 -8.48 29.99 72.93
N LEU JB 144 -7.73 29.76 71.87
CA LEU JB 144 -8.30 29.30 70.62
C LEU JB 144 -8.43 27.79 70.64
N ASP JB 145 -9.55 27.28 71.14
CA ASP JB 145 -9.71 25.85 71.34
C ASP JB 145 -9.64 25.10 70.02
N LYS JB 146 -9.08 23.89 70.06
CA LYS JB 146 -8.77 23.13 68.87
C LYS JB 146 -9.81 22.07 68.53
N LYS JB 147 -10.87 21.95 69.34
CA LYS JB 147 -11.87 20.92 69.09
C LYS JB 147 -13.00 21.43 68.22
N LYS JB 148 -13.70 22.47 68.70
CA LYS JB 148 -14.79 23.02 67.93
C LYS JB 148 -14.33 23.72 66.67
N TYR JB 149 -13.02 23.90 66.50
CA TYR JB 149 -12.49 24.62 65.35
C TYR JB 149 -11.07 24.13 65.08
N PRO JB 150 -10.93 22.89 64.62
CA PRO JB 150 -9.60 22.32 64.45
C PRO JB 150 -8.75 23.05 63.42
N TYR JB 151 -9.35 23.83 62.55
CA TYR JB 151 -8.67 24.37 61.39
C TYR JB 151 -8.21 25.80 61.68
N TRP JB 152 -7.72 26.48 60.66
CA TRP JB 152 -7.31 27.87 60.77
C TRP JB 152 -8.39 28.78 60.22
N PRO JB 153 -8.68 29.91 60.87
CA PRO JB 153 -8.03 30.47 62.06
C PRO JB 153 -8.60 29.96 63.37
N HIS JB 154 -8.91 28.67 63.45
CA HIS JB 154 -9.36 28.03 64.67
C HIS JB 154 -10.60 28.70 65.27
N ARG JB 155 -11.30 29.51 64.49
CA ARG JB 155 -12.59 30.03 64.92
C ARG JB 155 -13.26 30.77 63.76
N PRO JB 156 -14.57 30.99 63.81
CA PRO JB 156 -15.26 31.60 62.68
C PRO JB 156 -14.99 33.08 62.58
N ILE JB 157 -15.67 33.76 61.66
CA ILE JB 157 -15.28 35.08 61.20
C ILE JB 157 -16.32 36.13 61.55
N GLU JB 158 -17.00 35.95 62.69
CA GLU JB 158 -18.00 36.90 63.14
C GLU JB 158 -17.35 38.23 63.47
N PRO KB 2 36.11 65.80 62.85
CA PRO KB 2 37.53 65.94 63.16
C PRO KB 2 38.44 65.27 62.13
N PRO KB 3 38.89 66.01 61.12
CA PRO KB 3 39.75 65.40 60.10
C PRO KB 3 40.94 64.71 60.71
N VAL KB 4 41.45 63.71 59.97
CA VAL KB 4 42.61 62.93 60.37
C VAL KB 4 43.67 63.09 59.30
N GLN KB 5 44.80 63.69 59.68
CA GLN KB 5 45.86 63.99 58.72
C GLN KB 5 46.26 62.75 57.94
N VAL KB 6 46.53 62.94 56.65
CA VAL KB 6 46.91 61.85 55.77
C VAL KB 6 48.25 61.27 56.22
N SER KB 7 48.33 59.95 56.26
CA SER KB 7 49.64 59.30 56.27
C SER KB 7 50.33 59.57 54.92
N PRO KB 8 51.55 60.08 54.92
CA PRO KB 8 52.13 60.59 53.66
C PRO KB 8 52.34 59.52 52.61
N LEU KB 9 52.58 58.28 53.03
CA LEU KB 9 52.71 57.17 52.10
C LEU KB 9 51.67 57.25 50.99
N ILE KB 10 50.41 57.48 51.37
CA ILE KB 10 49.32 57.42 50.41
C ILE KB 10 49.27 58.68 49.56
N LYS KB 11 49.46 59.84 50.19
CA LYS KB 11 49.53 61.07 49.42
C LYS KB 11 50.56 60.97 48.33
N LEU KB 12 51.65 60.25 48.60
CA LEU KB 12 52.64 59.97 47.57
C LEU KB 12 52.07 59.02 46.54
N GLY KB 13 51.58 57.86 46.98
CA GLY KB 13 51.15 56.82 46.06
C GLY KB 13 50.07 57.25 45.10
N ARG KB 14 49.33 58.31 45.41
CA ARG KB 14 48.14 58.62 44.62
C ARG KB 14 48.43 59.34 43.32
N TYR KB 15 48.94 60.57 43.41
CA TYR KB 15 49.01 61.43 42.22
C TYR KB 15 50.00 60.88 41.20
N SER KB 16 51.04 60.20 41.67
CA SER KB 16 51.90 59.48 40.75
C SER KB 16 51.07 58.60 39.83
N ALA KB 17 50.36 57.63 40.41
CA ALA KB 17 49.52 56.73 39.65
C ALA KB 17 48.54 57.50 38.77
N LEU KB 18 48.03 58.62 39.28
CA LEU KB 18 47.14 59.44 38.47
C LEU KB 18 47.79 59.77 37.13
N PHE KB 19 48.95 60.41 37.18
CA PHE KB 19 49.56 60.87 35.95
C PHE KB 19 50.08 59.70 35.12
N LEU KB 20 50.48 58.60 35.77
CA LEU KB 20 50.74 57.37 35.02
C LEU KB 20 49.55 57.01 34.16
N GLY KB 21 48.35 57.06 34.74
CA GLY KB 21 47.16 56.67 34.01
C GLY KB 21 46.82 57.67 32.91
N VAL KB 22 47.08 58.95 33.16
CA VAL KB 22 46.86 59.94 32.11
C VAL KB 22 47.73 59.63 30.89
N ALA KB 23 49.01 59.36 31.15
CA ALA KB 23 49.91 58.99 30.07
C ALA KB 23 49.44 57.72 29.37
N TYR KB 24 49.07 56.70 30.16
CA TYR KB 24 48.58 55.46 29.60
C TYR KB 24 47.39 55.71 28.67
N GLY KB 25 46.49 56.60 29.08
CA GLY KB 25 45.31 56.86 28.27
C GLY KB 25 45.65 57.53 26.96
N ALA KB 26 46.48 58.58 27.01
CA ALA KB 26 46.89 59.22 25.77
C ALA KB 26 47.58 58.23 24.84
N LYS KB 27 48.45 57.39 25.40
CA LYS KB 27 49.17 56.41 24.60
C LYS KB 27 48.22 55.43 23.95
N ARG KB 28 47.25 54.92 24.73
CA ARG KB 28 46.27 54.00 24.17
C ARG KB 28 45.50 54.64 23.04
N TYR KB 29 45.03 55.87 23.25
CA TYR KB 29 44.28 56.57 22.21
C TYR KB 29 45.08 56.62 20.91
N ASN KB 30 46.33 57.11 21.00
CA ASN KB 30 47.15 57.24 19.81
C ASN KB 30 47.40 55.89 19.16
N TYR KB 31 47.87 54.92 19.94
CA TYR KB 31 48.22 53.61 19.42
C TYR KB 31 47.03 52.88 18.82
N LEU KB 32 45.81 53.19 19.25
CA LEU KB 32 44.66 52.40 18.84
C LEU KB 32 43.89 53.01 17.68
N LYS KB 33 43.81 54.34 17.59
CA LYS KB 33 43.03 54.96 16.54
C LYS KB 33 43.23 54.32 15.16
N PRO KB 34 44.45 54.20 14.63
CA PRO KB 34 44.59 53.80 13.22
C PRO KB 34 44.10 52.40 12.92
N ARG KB 35 44.38 51.44 13.81
CA ARG KB 35 43.99 50.06 13.54
C ARG KB 35 42.49 49.96 13.37
N ALA KB 36 41.73 50.57 14.28
CA ALA KB 36 40.28 50.53 14.19
C ALA KB 36 39.80 51.28 12.95
N GLU KB 37 40.39 52.45 12.67
CA GLU KB 37 40.02 53.17 11.46
C GLU KB 37 40.13 52.27 10.25
N GLU KB 38 41.25 51.57 10.11
CA GLU KB 38 41.48 50.78 8.90
C GLU KB 38 40.60 49.55 8.87
N GLU KB 39 40.45 48.85 10.00
CA GLU KB 39 39.59 47.68 10.02
C GLU KB 39 38.18 48.05 9.61
N ARG KB 40 37.68 49.19 10.10
CA ARG KB 40 36.32 49.60 9.75
C ARG KB 40 36.22 50.01 8.30
N ARG KB 41 37.23 50.71 7.78
CA ARG KB 41 37.15 51.14 6.38
C ARG KB 41 37.20 49.93 5.44
N ILE KB 42 38.00 48.92 5.79
CA ILE KB 42 38.07 47.73 4.96
C ILE KB 42 36.79 46.92 5.09
N ALA KB 43 36.18 46.92 6.28
CA ALA KB 43 34.85 46.35 6.42
C ALA KB 43 33.83 47.11 5.58
N ALA KB 44 34.07 48.40 5.36
CA ALA KB 44 33.18 49.17 4.50
C ALA KB 44 33.34 48.76 3.04
N GLU KB 45 34.58 48.53 2.62
CA GLU KB 45 34.79 47.89 1.33
C GLU KB 45 34.00 46.59 1.24
N GLU KB 46 34.09 45.77 2.28
CA GLU KB 46 33.40 44.48 2.29
C GLU KB 46 31.89 44.65 2.18
N LYS KB 47 31.33 45.62 2.89
CA LYS KB 47 29.87 45.79 2.87
C LYS KB 47 29.39 46.35 1.55
N LYS KB 48 30.16 47.25 0.94
CA LYS KB 48 29.83 47.68 -0.41
C LYS KB 48 29.85 46.51 -1.37
N LYS KB 49 30.82 45.60 -1.20
CA LYS KB 49 30.89 44.42 -2.06
C LYS KB 49 29.69 43.53 -1.85
N GLN KB 50 29.26 43.35 -0.60
CA GLN KB 50 28.06 42.57 -0.32
C GLN KB 50 26.83 43.22 -0.94
N ASP KB 51 26.77 44.56 -0.87
CA ASP KB 51 25.66 45.28 -1.49
C ASP KB 51 25.59 45.01 -2.98
N GLU KB 52 26.71 45.16 -3.68
CA GLU KB 52 26.71 44.87 -5.11
C GLU KB 52 26.46 43.39 -5.39
N LEU KB 53 26.86 42.52 -4.48
CA LEU KB 53 26.56 41.10 -4.62
C LEU KB 53 25.05 40.87 -4.67
N LYS KB 54 24.36 41.29 -3.63
CA LYS KB 54 22.91 41.14 -3.61
C LYS KB 54 22.25 41.96 -4.72
N ARG KB 55 22.94 42.98 -5.23
CA ARG KB 55 22.44 43.68 -6.42
C ARG KB 55 22.43 42.74 -7.62
N ILE KB 56 23.53 42.03 -7.85
CA ILE KB 56 23.60 41.10 -8.99
C ILE KB 56 23.11 39.71 -8.66
N GLU KB 57 23.06 39.32 -7.38
CA GLU KB 57 22.64 38.00 -6.96
C GLU KB 57 21.43 38.09 -6.03
N ARG KB 58 20.49 38.97 -6.38
CA ARG KB 58 19.25 39.09 -5.64
C ARG KB 58 18.39 37.83 -5.80
N PRO LB 5 44.43 32.87 74.27
CA PRO LB 5 43.80 32.05 75.30
C PRO LB 5 42.70 31.13 74.76
N LEU LB 6 42.51 31.10 73.44
CA LEU LB 6 41.44 30.35 72.83
C LEU LB 6 41.91 29.77 71.50
N LYS LB 7 41.42 28.58 71.18
CA LYS LB 7 41.77 27.95 69.91
C LYS LB 7 40.94 28.52 68.77
N ASP LB 8 39.63 28.64 68.96
CA ASP LB 8 38.72 29.14 67.95
C ASP LB 8 38.36 30.58 68.27
N ARG LB 9 38.53 31.46 67.29
CA ARG LB 9 38.22 32.87 67.44
C ARG LB 9 37.58 33.38 66.16
N ARG LB 10 37.03 34.59 66.24
CA ARG LB 10 36.46 35.20 65.05
C ARG LB 10 37.54 35.34 63.99
N LEU LB 11 37.22 34.88 62.78
CA LEU LB 11 38.21 34.84 61.72
C LEU LB 11 38.95 36.15 61.55
N LEU LB 12 38.38 37.25 62.04
CA LEU LB 12 39.11 38.51 62.08
C LEU LB 12 40.14 38.54 63.20
N GLU LB 13 39.83 37.92 64.34
CA GLU LB 13 40.76 37.87 65.45
C GLU LB 13 42.01 37.10 65.07
N VAL LB 14 41.83 35.93 64.44
CA VAL LB 14 42.97 35.08 64.12
C VAL LB 14 43.94 35.80 63.20
N LYS LB 15 45.21 35.39 63.26
CA LYS LB 15 46.25 36.00 62.46
C LYS LB 15 46.46 35.23 61.16
N LEU LB 16 47.37 35.76 60.33
CA LEU LB 16 47.67 35.13 59.06
C LEU LB 16 48.55 33.90 59.25
N GLY LB 17 49.49 33.96 60.18
CA GLY LB 17 50.34 32.80 60.42
C GLY LB 17 49.54 31.60 60.89
N GLU LB 18 48.68 31.80 61.88
CA GLU LB 18 47.77 30.76 62.34
C GLU LB 18 46.51 30.65 61.49
N LEU LB 19 46.47 31.37 60.36
CA LEU LB 19 45.34 31.30 59.45
C LEU LB 19 44.94 29.85 59.24
N PRO LB 20 45.85 28.98 58.80
CA PRO LB 20 45.47 27.58 58.58
C PRO LB 20 45.06 26.90 59.86
N SER LB 21 45.58 27.33 60.99
CA SER LB 21 45.12 26.79 62.27
C SER LB 21 43.63 26.99 62.42
N TRP LB 22 43.14 28.19 62.08
CA TRP LB 22 41.70 28.43 62.11
C TRP LB 22 40.99 27.61 61.04
N ILE LB 23 41.60 27.53 59.86
CA ILE LB 23 40.96 26.79 58.76
C ILE LB 23 40.79 25.32 59.12
N LEU LB 24 41.62 24.81 60.02
CA LEU LB 24 41.62 23.39 60.35
C LEU LB 24 40.96 23.09 61.69
N MET LB 25 40.82 24.08 62.56
CA MET LB 25 40.09 23.90 63.81
C MET LB 25 38.58 23.87 63.58
N ARG LB 26 38.12 24.49 62.51
CA ARG LB 26 36.70 24.61 62.19
C ARG LB 26 36.23 23.41 61.37
N ASP LB 27 34.93 23.18 61.40
CA ASP LB 27 34.33 22.02 60.73
C ASP LB 27 33.76 22.42 59.37
N PHE LB 28 33.32 21.41 58.61
CA PHE LB 28 32.89 21.64 57.23
C PHE LB 28 31.66 20.83 56.83
N THR LB 29 31.07 20.03 57.72
CA THR LB 29 29.98 19.16 57.31
C THR LB 29 28.71 19.97 57.03
N PRO LB 30 27.91 19.54 56.05
CA PRO LB 30 26.70 20.31 55.70
C PRO LB 30 25.87 20.76 56.88
N SER LB 31 25.78 19.95 57.94
CA SER LB 31 25.17 20.44 59.16
C SER LB 31 25.84 21.72 59.63
N GLY LB 32 27.16 21.75 59.58
CA GLY LB 32 27.92 22.95 59.87
C GLY LB 32 27.88 24.00 58.78
N ILE LB 33 27.10 23.77 57.73
CA ILE LB 33 26.81 24.77 56.72
C ILE LB 33 25.47 25.45 57.01
N ALA LB 34 24.46 24.63 57.33
CA ALA LB 34 23.20 25.18 57.82
C ALA LB 34 23.44 25.97 59.11
N GLY LB 35 24.28 25.44 60.00
CA GLY LB 35 24.60 26.12 61.24
C GLY LB 35 25.48 27.33 61.04
N ALA LB 36 25.66 27.76 59.80
CA ALA LB 36 26.31 29.01 59.44
C ALA LB 36 25.35 29.94 58.74
N PHE LB 37 24.66 29.45 57.72
CA PHE LB 37 23.62 30.24 57.08
C PHE LB 37 22.63 30.76 58.11
N GLN LB 38 22.26 29.91 59.08
CA GLN LB 38 21.37 30.34 60.13
C GLN LB 38 21.96 31.50 60.92
N ARG LB 39 23.24 31.39 61.28
CA ARG LB 39 23.86 32.45 62.07
C ARG LB 39 23.86 33.76 61.30
N GLY LB 40 24.13 33.70 60.00
CA GLY LB 40 24.11 34.91 59.20
C GLY LB 40 22.73 35.55 59.16
N TYR LB 41 21.74 34.75 58.79
CA TYR LB 41 20.36 35.25 58.75
C TYR LB 41 19.99 35.87 60.09
N TYR LB 42 20.34 35.22 61.19
CA TYR LB 42 19.89 35.69 62.49
C TYR LB 42 20.65 36.92 62.96
N ARG LB 43 21.93 37.04 62.62
CA ARG LB 43 22.62 38.31 62.88
C ARG LB 43 21.90 39.44 62.17
N TYR LB 44 21.68 39.30 60.86
CA TYR LB 44 20.97 40.33 60.12
C TYR LB 44 19.63 40.64 60.77
N TYR LB 45 18.85 39.61 61.02
CA TYR LB 45 17.51 39.72 61.56
C TYR LB 45 17.51 40.48 62.89
N ASN LB 46 18.21 39.93 63.89
CA ASN LB 46 18.22 40.53 65.21
C ASN LB 46 18.98 41.84 65.28
N LYS LB 47 19.63 42.29 64.20
CA LYS LB 47 20.37 43.54 64.25
C LYS LB 47 19.70 44.66 63.47
N TYR LB 48 18.98 44.34 62.40
CA TYR LB 48 18.41 45.35 61.52
C TYR LB 48 16.91 45.25 61.35
N VAL LB 49 16.27 44.23 61.90
CA VAL LB 49 14.87 43.96 61.66
C VAL LB 49 14.08 43.86 62.96
N ASN LB 50 14.50 42.99 63.86
CA ASN LB 50 13.74 42.76 65.08
C ASN LB 50 13.98 43.91 66.05
N VAL LB 51 13.65 45.13 65.64
CA VAL LB 51 13.75 46.31 66.48
C VAL LB 51 12.49 47.15 66.29
N LYS LB 52 12.09 47.85 67.35
CA LYS LB 52 10.77 48.45 67.41
C LYS LB 52 10.57 49.60 66.42
N LYS LB 53 11.60 50.00 65.70
CA LYS LB 53 11.44 51.06 64.71
C LYS LB 53 12.23 50.73 63.45
N GLY LB 54 12.20 49.45 63.08
CA GLY LB 54 12.78 49.00 61.83
C GLY LB 54 12.48 49.95 60.68
N SER LB 55 13.46 50.14 59.81
CA SER LB 55 13.37 51.08 58.72
C SER LB 55 13.52 50.37 57.39
N VAL LB 56 13.59 51.17 56.33
CA VAL LB 56 13.82 50.63 55.00
C VAL LB 56 15.11 49.83 54.96
N ALA LB 57 16.20 50.41 55.46
CA ALA LB 57 17.48 49.72 55.41
C ALA LB 57 17.40 48.36 56.08
N GLY LB 58 16.44 48.17 56.98
CA GLY LB 58 16.18 46.85 57.51
C GLY LB 58 15.71 45.85 56.48
N LEU LB 59 15.35 46.31 55.29
CA LEU LB 59 14.89 45.44 54.21
C LEU LB 59 15.61 45.68 52.90
N SER LB 60 15.89 46.93 52.56
CA SER LB 60 16.39 47.25 51.22
C SER LB 60 17.64 46.46 50.86
N MET LB 61 18.39 46.03 51.87
CA MET LB 61 19.65 45.37 51.60
C MET LB 61 19.45 44.06 50.87
N VAL LB 62 18.53 43.23 51.36
CA VAL LB 62 18.33 41.92 50.75
C VAL LB 62 17.80 42.09 49.34
N LEU LB 63 16.98 43.11 49.10
CA LEU LB 63 16.48 43.38 47.76
C LEU LB 63 17.62 43.72 46.82
N ALA LB 64 18.43 44.72 47.20
CA ALA LB 64 19.52 45.15 46.33
C ALA LB 64 20.63 44.12 46.27
N ALA LB 65 20.56 43.09 47.10
CA ALA LB 65 21.44 41.93 47.00
C ALA LB 65 20.95 40.94 45.96
N TYR LB 66 19.71 40.47 46.13
CA TYR LB 66 19.06 39.66 45.10
C TYR LB 66 19.23 40.27 43.72
N VAL LB 67 19.13 41.60 43.63
CA VAL LB 67 19.41 42.27 42.36
C VAL LB 67 20.76 41.86 41.79
N VAL LB 68 21.82 42.05 42.57
CA VAL LB 68 23.16 41.78 42.05
C VAL LB 68 23.33 40.31 41.77
N PHE LB 69 22.72 39.45 42.59
CA PHE LB 69 22.71 38.03 42.30
C PHE LB 69 22.22 37.78 40.88
N ASN LB 70 20.98 38.20 40.61
CA ASN LB 70 20.39 37.95 39.31
C ASN LB 70 21.04 38.75 38.21
N TYR LB 71 21.90 39.71 38.55
CA TYR LB 71 22.69 40.35 37.50
C TYR LB 71 23.88 39.49 37.13
N CYS LB 72 24.59 38.99 38.14
CA CYS LB 72 25.70 38.08 37.88
C CYS LB 72 25.24 36.87 37.09
N ARG LB 73 24.10 36.29 37.49
CA ARG LB 73 23.53 35.17 36.75
C ARG LB 73 23.49 35.44 35.26
N SER LB 74 23.36 36.70 34.85
CA SER LB 74 23.03 37.07 33.49
C SER LB 74 24.21 37.61 32.69
N TYR LB 75 25.40 37.66 33.29
CA TYR LB 75 26.50 38.37 32.64
C TYR LB 75 26.79 37.81 31.25
N LYS LB 76 26.72 36.49 31.09
CA LYS LB 76 27.09 35.87 29.83
C LYS LB 76 26.34 36.49 28.66
N GLU LB 77 25.01 36.53 28.76
CA GLU LB 77 24.18 36.97 27.65
C GLU LB 77 24.26 38.46 27.40
N LEU LB 78 25.15 39.17 28.09
CA LEU LB 78 25.24 40.61 27.96
C LEU LB 78 26.57 41.08 27.38
N LYS LB 79 27.49 40.16 27.11
CA LYS LB 79 28.73 40.51 26.44
C LYS LB 79 28.56 40.63 24.93
N HIS LB 80 27.34 40.59 24.42
CA HIS LB 80 27.09 40.59 23.00
C HIS LB 80 26.60 41.93 22.47
N GLU LB 81 26.50 42.94 23.33
CA GLU LB 81 26.01 44.24 22.89
C GLU LB 81 26.79 45.41 23.50
N ARG LB 82 27.94 45.16 24.11
CA ARG LB 82 28.77 46.25 24.59
C ARG LB 82 28.94 47.28 23.49
N LEU LB 83 28.60 48.53 23.81
CA LEU LB 83 28.55 49.55 22.78
C LEU LB 83 29.92 49.78 22.16
N ARG LB 84 30.99 49.58 22.92
CA ARG LB 84 32.35 49.75 22.45
C ARG LB 84 33.10 48.43 22.52
N LYS LB 85 33.92 48.17 21.51
CA LYS LB 85 34.57 46.87 21.39
C LYS LB 85 35.78 46.76 22.31
N TYR LB 86 36.74 47.68 22.16
CA TYR LB 86 37.98 47.62 22.94
C TYR LB 86 37.77 48.41 24.22
N HIS LB 87 37.54 47.69 25.31
CA HIS LB 87 37.32 48.30 26.62
C HIS LB 87 38.54 48.11 27.51
N THR MB 20 18.84 75.59 45.70
CA THR MB 20 19.13 74.22 46.11
C THR MB 20 20.17 74.21 47.22
N TYR MB 21 20.41 73.02 47.78
CA TYR MB 21 21.35 72.86 48.89
C TYR MB 21 22.75 72.47 48.42
N SER MB 22 23.14 72.89 47.21
CA SER MB 22 24.49 72.59 46.74
C SER MB 22 25.53 73.34 47.55
N LYS MB 23 25.28 74.61 47.83
CA LYS MB 23 26.27 75.43 48.54
C LYS MB 23 26.66 74.85 49.89
N PRO MB 24 25.73 74.52 50.80
CA PRO MB 24 26.13 74.09 52.14
C PRO MB 24 27.04 72.87 52.13
N ARG MB 25 26.58 71.78 51.51
CA ARG MB 25 27.37 70.56 51.54
C ARG MB 25 28.61 70.68 50.65
N LEU MB 26 28.56 71.49 49.60
CA LEU MB 26 29.76 71.69 48.80
C LEU MB 26 30.84 72.39 49.62
N ALA MB 27 30.45 73.38 50.44
CA ALA MB 27 31.43 74.02 51.31
C ALA MB 27 31.88 73.06 52.41
N THR MB 28 30.96 72.26 52.94
CA THR MB 28 31.33 71.24 53.92
C THR MB 28 32.37 70.30 53.34
N PHE MB 29 32.29 70.04 52.04
CA PHE MB 29 33.24 69.15 51.41
C PHE MB 29 34.55 69.86 51.11
N TRP MB 30 34.50 71.13 50.69
CA TRP MB 30 35.73 71.89 50.53
C TRP MB 30 36.52 71.95 51.83
N HIS MB 31 35.80 72.06 52.95
CA HIS MB 31 36.45 72.05 54.26
C HIS MB 31 37.44 70.90 54.38
N TYR MB 32 36.97 69.67 54.14
CA TYR MB 32 37.84 68.50 54.19
C TYR MB 32 38.72 68.36 52.96
N ALA MB 33 38.36 69.02 51.85
CA ALA MB 33 39.08 68.84 50.61
C ALA MB 33 40.41 69.56 50.64
N LYS MB 34 40.40 70.84 51.02
CA LYS MB 34 41.65 71.59 51.07
C LYS MB 34 42.63 71.04 52.12
N VAL MB 35 42.25 70.01 52.86
CA VAL MB 35 43.15 69.38 53.82
C VAL MB 35 43.36 67.89 53.57
N GLU MB 36 42.59 67.28 52.66
CA GLU MB 36 42.72 65.86 52.36
C GLU MB 36 42.92 65.56 50.88
N LEU MB 37 42.43 66.40 49.98
CA LEU MB 37 42.70 66.28 48.55
C LEU MB 37 44.01 66.97 48.17
N VAL MB 38 44.89 67.19 49.14
CA VAL MB 38 46.07 68.02 48.94
C VAL MB 38 47.19 67.17 48.37
N PRO MB 39 47.93 67.64 47.37
CA PRO MB 39 49.10 66.92 46.89
C PRO MB 39 50.12 66.76 48.00
N PRO MB 40 51.07 65.84 47.84
CA PRO MB 40 52.11 65.68 48.86
C PRO MB 40 53.18 66.74 48.73
N THR MB 41 53.84 67.03 49.85
CA THR MB 41 54.87 68.05 49.90
C THR MB 41 56.24 67.44 49.68
N PRO MB 42 57.19 68.19 49.10
CA PRO MB 42 58.56 67.68 48.96
C PRO MB 42 59.30 67.51 50.28
N ALA MB 43 58.65 67.77 51.42
CA ALA MB 43 59.31 67.70 52.72
C ALA MB 43 59.12 66.36 53.40
N GLU MB 44 57.94 65.75 53.26
CA GLU MB 44 57.64 64.48 53.91
C GLU MB 44 57.99 63.28 53.03
N ILE MB 45 58.37 63.52 51.78
CA ILE MB 45 58.86 62.47 50.89
C ILE MB 45 59.84 61.57 51.65
N PRO MB 46 60.78 62.14 52.43
CA PRO MB 46 61.63 61.26 53.25
C PRO MB 46 60.85 60.34 54.16
N THR MB 47 59.87 60.88 54.90
CA THR MB 47 59.08 60.03 55.79
C THR MB 47 58.43 58.89 55.03
N ALA MB 48 57.90 59.18 53.85
CA ALA MB 48 57.17 58.17 53.09
C ALA MB 48 58.12 57.10 52.56
N ILE MB 49 59.25 57.52 51.97
CA ILE MB 49 60.20 56.54 51.45
C ILE MB 49 60.73 55.69 52.59
N GLN MB 50 60.95 56.27 53.76
CA GLN MB 50 61.46 55.49 54.88
C GLN MB 50 60.41 54.50 55.38
N SER MB 51 59.15 54.92 55.43
CA SER MB 51 58.10 53.99 55.79
C SER MB 51 58.00 52.86 54.78
N LEU MB 52 58.21 53.17 53.50
CA LEU MB 52 58.21 52.15 52.47
C LEU MB 52 59.32 51.15 52.70
N LYS MB 53 60.52 51.64 53.00
CA LYS MB 53 61.65 50.75 53.27
C LYS MB 53 61.39 49.91 54.50
N LYS MB 54 60.72 50.48 55.50
CA LYS MB 54 60.38 49.70 56.70
C LYS MB 54 59.38 48.61 56.37
N ILE MB 55 58.43 48.91 55.47
CA ILE MB 55 57.54 47.87 54.96
C ILE MB 55 58.33 46.77 54.29
N VAL MB 56 59.30 47.14 53.46
CA VAL MB 56 60.13 46.15 52.79
C VAL MB 56 60.87 45.32 53.82
N ASN MB 57 61.30 45.93 54.92
CA ASN MB 57 61.98 45.20 55.98
C ASN MB 57 61.04 44.18 56.62
N SER MB 58 59.87 44.64 57.07
CA SER MB 58 58.87 43.74 57.62
C SER MB 58 58.53 42.62 56.65
N ALA MB 59 58.66 42.85 55.35
CA ALA MB 59 58.30 41.85 54.36
C ALA MB 59 59.40 40.82 54.18
N GLN MB 60 60.62 41.27 53.92
CA GLN MB 60 61.69 40.38 53.50
C GLN MB 60 61.91 39.26 54.51
N THR MB 61 61.92 39.60 55.80
CA THR MB 61 62.22 38.59 56.82
C THR MB 61 61.03 37.69 57.12
N GLY MB 62 59.82 38.12 56.77
CA GLY MB 62 58.63 37.35 57.10
C GLY MB 62 58.18 37.59 58.52
N SER MB 63 58.11 38.86 58.92
CA SER MB 63 57.65 39.24 60.25
C SER MB 63 56.24 39.84 60.23
N PHE MB 64 55.85 40.49 59.14
CA PHE MB 64 54.50 41.01 59.00
C PHE MB 64 53.45 39.91 59.03
N LYS MB 65 53.86 38.65 58.87
CA LYS MB 65 52.98 37.49 58.91
C LYS MB 65 52.42 37.21 60.28
N GLN MB 66 52.68 38.07 61.25
CA GLN MB 66 52.09 37.96 62.57
C GLN MB 66 50.90 38.90 62.75
N LEU MB 67 50.51 39.60 61.68
CA LEU MB 67 49.41 40.55 61.76
C LEU MB 67 48.08 39.84 61.94
N THR MB 68 47.08 40.62 62.35
CA THR MB 68 45.70 40.19 62.35
C THR MB 68 45.06 40.55 61.01
N VAL MB 69 43.88 39.99 60.76
CA VAL MB 69 43.29 40.12 59.43
C VAL MB 69 42.83 41.54 59.19
N LYS MB 70 41.95 42.06 60.06
CA LYS MB 70 41.33 43.36 59.85
C LYS MB 70 42.33 44.38 59.33
N GLU MB 71 43.56 44.36 59.87
CA GLU MB 71 44.56 45.33 59.47
C GLU MB 71 44.93 45.15 58.01
N ALA MB 72 45.15 43.90 57.61
CA ALA MB 72 45.54 43.62 56.22
C ALA MB 72 44.38 43.90 55.28
N LEU MB 73 43.16 43.58 55.71
CA LEU MB 73 41.99 43.95 54.91
C LEU MB 73 41.99 45.45 54.66
N LEU MB 74 42.09 46.25 55.73
CA LEU MB 74 42.12 47.69 55.58
C LEU MB 74 43.21 48.12 54.61
N ASN MB 75 44.41 47.61 54.80
CA ASN MB 75 45.54 47.99 53.94
C ASN MB 75 45.21 47.70 52.47
N GLY MB 76 44.64 46.54 52.19
CA GLY MB 76 44.37 46.18 50.82
C GLY MB 76 43.26 47.01 50.21
N LEU MB 77 42.27 47.35 51.03
CA LEU MB 77 41.18 48.16 50.53
C LEU MB 77 41.67 49.56 50.15
N VAL MB 78 42.52 50.13 50.99
CA VAL MB 78 43.06 51.45 50.65
C VAL MB 78 44.02 51.33 49.47
N ALA MB 79 44.68 50.18 49.34
CA ALA MB 79 45.52 49.97 48.16
C ALA MB 79 44.68 50.03 46.90
N THR MB 80 43.57 49.31 46.88
CA THR MB 80 42.67 49.35 45.73
C THR MB 80 42.11 50.74 45.53
N GLU MB 81 41.87 51.46 46.63
CA GLU MB 81 41.48 52.86 46.53
C GLU MB 81 42.49 53.63 45.68
N VAL MB 82 43.75 53.65 46.13
CA VAL MB 82 44.80 54.29 45.34
C VAL MB 82 44.75 53.79 43.91
N LEU MB 83 44.43 52.51 43.72
CA LEU MB 83 44.52 51.92 42.39
C LEU MB 83 43.49 52.53 41.45
N MET MB 84 42.26 52.71 41.92
CA MET MB 84 41.20 53.18 41.03
C MET MB 84 41.59 54.45 40.29
N TRP MB 85 42.47 55.25 40.88
CA TRP MB 85 42.85 56.51 40.23
C TRP MB 85 43.58 56.25 38.93
N PHE MB 86 44.18 55.07 38.77
CA PHE MB 86 44.83 54.72 37.51
C PHE MB 86 43.79 54.68 36.38
N TYR MB 87 42.72 53.92 36.59
CA TYR MB 87 41.63 53.94 35.62
C TYR MB 87 41.05 55.33 35.49
N VAL MB 88 41.05 56.11 36.57
CA VAL MB 88 40.58 57.49 36.48
C VAL MB 88 41.39 58.27 35.46
N GLY MB 89 42.71 58.12 35.51
CA GLY MB 89 43.55 58.76 34.53
C GLY MB 89 43.22 58.28 33.13
N GLU MB 90 43.00 56.97 32.98
CA GLU MB 90 42.54 56.47 31.69
C GLU MB 90 41.29 57.22 31.24
N ILE MB 91 40.37 57.45 32.18
CA ILE MB 91 39.16 58.19 31.85
C ILE MB 91 39.54 59.53 31.25
N ILE MB 92 40.43 60.25 31.93
CA ILE MB 92 40.93 61.50 31.38
C ILE MB 92 41.47 61.27 29.98
N ALA MB 93 41.97 60.07 29.71
CA ALA MB 93 42.44 59.71 28.40
C ALA MB 93 41.31 59.23 27.51
N MET NB 1 8.46 31.03 21.48
CA MET NB 1 7.87 30.90 22.83
C MET NB 1 8.66 29.93 23.70
N PRO NB 2 9.51 30.47 24.58
CA PRO NB 2 10.30 29.60 25.47
C PRO NB 2 9.48 28.97 26.58
N GLN NB 3 8.21 29.30 26.70
CA GLN NB 3 7.35 28.56 27.61
C GLN NB 3 6.93 27.22 27.04
N LEU NB 4 7.42 26.87 25.87
CA LEU NB 4 7.04 25.64 25.18
C LEU NB 4 8.20 24.68 25.00
N ASP NB 5 9.43 25.09 25.32
CA ASP NB 5 10.56 24.16 25.38
C ASP NB 5 10.36 23.35 26.66
N THR NB 6 9.62 22.26 26.51
CA THR NB 6 9.00 21.57 27.64
C THR NB 6 10.01 20.96 28.60
N SER NB 7 11.30 21.04 28.27
CA SER NB 7 12.32 20.33 29.02
C SER NB 7 12.19 20.54 30.52
N THR NB 8 11.84 21.76 30.93
CA THR NB 8 11.97 22.19 32.31
C THR NB 8 10.69 22.05 33.11
N TRP NB 9 9.59 21.64 32.48
CA TRP NB 9 8.30 21.73 33.15
C TRP NB 9 8.30 20.97 34.47
N PHE NB 10 8.93 19.80 34.49
CA PHE NB 10 8.88 18.95 35.68
C PHE NB 10 9.34 19.70 36.92
N ILE NB 11 10.49 20.37 36.84
CA ILE NB 11 11.08 20.97 38.02
C ILE NB 11 10.27 22.18 38.46
N THR NB 12 9.95 23.06 37.51
CA THR NB 12 9.08 24.19 37.81
C THR NB 12 7.86 23.73 38.58
N ILE NB 13 7.16 22.73 38.07
CA ILE NB 13 5.93 22.28 38.69
C ILE NB 13 6.22 21.78 40.11
N THR NB 14 7.20 20.89 40.24
CA THR NB 14 7.45 20.28 41.54
C THR NB 14 7.81 21.32 42.58
N SER NB 15 8.59 22.32 42.19
CA SER NB 15 8.99 23.36 43.14
C SER NB 15 7.81 24.23 43.52
N MET NB 16 7.02 24.66 42.54
CA MET NB 16 5.77 25.34 42.83
C MET NB 16 4.99 24.59 43.89
N ILE NB 17 4.80 23.29 43.68
CA ILE NB 17 4.08 22.48 44.66
C ILE NB 17 4.72 22.60 46.03
N MET NB 18 6.01 22.23 46.09
CA MET NB 18 6.74 22.22 47.34
C MET NB 18 6.51 23.51 48.11
N THR NB 19 6.53 24.63 47.39
CA THR NB 19 6.34 25.92 48.05
C THR NB 19 4.89 26.11 48.47
N LEU NB 20 3.98 26.11 47.50
CA LEU NB 20 2.60 26.52 47.74
C LEU NB 20 1.93 25.65 48.79
N PHE NB 21 2.38 24.41 48.97
CA PHE NB 21 1.70 23.52 49.89
C PHE NB 21 2.54 23.12 51.09
N ILE NB 22 3.72 23.72 51.29
CA ILE NB 22 4.53 23.46 52.48
C ILE NB 22 4.85 24.74 53.24
N LEU NB 23 5.65 25.62 52.65
CA LEU NB 23 6.22 26.71 53.43
C LEU NB 23 5.15 27.65 53.95
N PHE NB 24 4.32 28.17 53.06
CA PHE NB 24 3.32 29.12 53.47
C PHE NB 24 2.35 28.49 54.45
N GLN NB 25 1.92 27.26 54.17
CA GLN NB 25 1.10 26.55 55.14
C GLN NB 25 1.82 26.34 56.45
N LEU NB 26 3.11 26.67 56.54
CA LEU NB 26 3.80 26.73 57.82
C LEU NB 26 3.77 28.12 58.42
N LYS NB 27 4.22 29.12 57.65
CA LYS NB 27 4.29 30.48 58.12
C LYS NB 27 2.91 30.98 58.53
N ILE NB 28 2.04 31.11 57.52
CA ILE NB 28 0.71 31.69 57.72
C ILE NB 28 -0.09 30.88 58.73
N SER NB 29 0.25 29.62 58.91
CA SER NB 29 -0.47 28.78 59.86
C SER NB 29 -0.18 29.23 61.28
N ASN NB 30 0.75 30.16 61.44
CA ASN NB 30 1.17 30.62 62.75
C ASN NB 30 0.65 32.02 63.07
N TYR NB 31 0.10 32.73 62.10
CA TYR NB 31 -0.47 34.05 62.37
C TYR NB 31 -1.59 33.94 63.38
N SER NB 32 -1.86 35.05 64.06
CA SER NB 32 -2.73 35.05 65.23
C SER NB 32 -3.93 35.96 65.01
N TYR NB 33 -4.83 35.89 65.96
CA TYR NB 33 -6.09 36.61 65.94
C TYR NB 33 -6.01 37.82 66.87
N PRO NB 34 -6.81 38.87 66.58
CA PRO NB 34 -6.95 39.97 67.54
C PRO NB 34 -7.47 39.51 68.89
N LEU OB 2 16.14 13.23 59.33
CA LEU OB 2 14.88 13.75 58.82
C LEU OB 2 13.87 13.97 59.94
N GLN OB 3 14.25 13.61 61.17
CA GLN OB 3 13.30 13.66 62.27
C GLN OB 3 12.84 15.08 62.55
N SER OB 4 13.77 16.02 62.56
CA SER OB 4 13.38 17.43 62.66
C SER OB 4 12.46 17.82 61.51
N LEU OB 5 12.73 17.31 60.32
CA LEU OB 5 11.90 17.64 59.17
C LEU OB 5 10.46 17.19 59.38
N ILE OB 6 10.28 15.92 59.76
CA ILE OB 6 8.93 15.41 59.96
C ILE OB 6 8.27 16.11 61.13
N LYS OB 7 9.02 16.42 62.18
CA LYS OB 7 8.42 17.08 63.33
C LYS OB 7 8.18 18.56 63.09
N ASN OB 8 8.64 19.09 61.97
CA ASN OB 8 8.27 20.43 61.56
C ASN OB 8 7.18 20.48 60.51
N VAL OB 9 7.02 19.42 59.71
CA VAL OB 9 6.09 19.50 58.58
C VAL OB 9 5.11 18.33 58.55
N TRP OB 10 4.91 17.64 59.67
CA TRP OB 10 3.88 16.59 59.73
C TRP OB 10 3.06 16.63 61.00
N ILE OB 11 3.46 17.38 62.01
CA ILE OB 11 2.63 17.58 63.19
C ILE OB 11 1.47 18.48 62.78
N PRO OB 12 1.74 19.68 62.27
CA PRO OB 12 0.64 20.61 61.96
C PRO OB 12 -0.13 20.24 60.72
N LEU OB 13 0.57 19.84 59.67
CA LEU OB 13 -0.02 19.73 58.33
C LEU OB 13 -0.69 18.38 58.10
N LYS OB 14 -0.91 17.59 59.15
CA LYS OB 14 -1.53 16.29 58.97
C LYS OB 14 -3.02 16.42 58.68
N PRO OB 15 -3.82 17.04 59.56
CA PRO OB 15 -5.27 17.09 59.35
C PRO OB 15 -5.68 17.67 58.00
N TYR OB 16 -4.77 18.29 57.26
CA TYR OB 16 -5.09 18.91 55.98
C TYR OB 16 -4.96 17.91 54.84
N TYR OB 17 -3.84 17.20 54.80
CA TYR OB 17 -3.58 16.29 53.68
C TYR OB 17 -4.53 15.09 53.71
N THR OB 18 -5.04 14.74 54.89
CA THR OB 18 -5.89 13.58 55.04
C THR OB 18 -7.37 13.90 54.88
N GLN OB 19 -7.86 14.89 55.64
CA GLN OB 19 -9.29 15.19 55.70
C GLN OB 19 -9.74 16.05 54.54
N VAL OB 20 -9.00 17.11 54.24
CA VAL OB 20 -9.43 18.07 53.24
C VAL OB 20 -8.88 17.75 51.86
N TYR OB 21 -7.56 17.67 51.75
CA TYR OB 21 -6.89 17.70 50.47
C TYR OB 21 -6.92 16.35 49.76
N GLN OB 22 -7.80 15.44 50.17
CA GLN OB 22 -7.93 14.18 49.45
C GLN OB 22 -8.19 14.42 47.98
N GLU OB 23 -8.86 15.52 47.65
CA GLU OB 23 -9.39 15.73 46.33
C GLU OB 23 -8.47 16.50 45.41
N ILE OB 24 -7.42 17.11 45.96
CA ILE OB 24 -6.47 17.82 45.12
C ILE OB 24 -5.36 16.90 44.63
N TRP OB 25 -4.98 15.89 45.41
CA TRP OB 25 -3.94 14.97 44.97
C TRP OB 25 -4.35 14.24 43.71
N VAL OB 26 -5.62 13.83 43.64
CA VAL OB 26 -6.16 13.26 42.41
C VAL OB 26 -5.92 14.21 41.25
N GLY OB 27 -6.20 15.49 41.46
CA GLY OB 27 -6.01 16.45 40.40
C GLY OB 27 -4.56 16.56 40.00
N MET OB 28 -3.66 16.45 40.97
CA MET OB 28 -2.24 16.52 40.65
C MET OB 28 -1.80 15.30 39.85
N GLY OB 29 -2.42 14.15 40.12
CA GLY OB 29 -2.15 12.98 39.31
C GLY OB 29 -2.59 13.19 37.89
N LEU OB 30 -3.76 13.82 37.72
CA LEU OB 30 -4.21 14.17 36.38
C LEU OB 30 -3.24 15.12 35.70
N MET OB 31 -2.75 16.09 36.45
CA MET OB 31 -1.75 17.02 35.94
C MET OB 31 -0.52 16.27 35.45
N GLY OB 32 -0.08 15.28 36.22
CA GLY OB 32 1.06 14.48 35.81
C GLY OB 32 0.78 13.71 34.53
N PHE OB 33 -0.41 13.11 34.46
CA PHE OB 33 -0.86 12.47 33.24
C PHE OB 33 -0.67 13.39 32.04
N ILE OB 34 -1.23 14.60 32.13
CA ILE OB 34 -1.24 15.49 30.98
C ILE OB 34 0.18 15.93 30.61
N VAL OB 35 0.98 16.31 31.61
CA VAL OB 35 2.34 16.76 31.30
C VAL OB 35 3.13 15.63 30.64
N TYR OB 36 2.95 14.40 31.13
CA TYR OB 36 3.58 13.26 30.49
C TYR OB 36 3.17 13.18 29.03
N LYS OB 37 1.86 13.25 28.77
CA LYS OB 37 1.37 13.14 27.41
C LYS OB 37 2.04 14.18 26.51
N ILE OB 38 2.11 15.42 26.99
CA ILE OB 38 2.55 16.50 26.10
C ILE OB 38 4.05 16.43 25.88
N ARG OB 39 4.81 16.17 26.93
CA ARG OB 39 6.26 16.02 26.76
C ARG OB 39 6.55 14.86 25.81
N SER OB 40 5.79 13.77 25.92
CA SER OB 40 5.97 12.65 25.01
C SER OB 40 5.67 13.06 23.58
N ALA OB 41 4.60 13.83 23.38
CA ALA OB 41 4.23 14.24 22.03
C ALA OB 41 5.33 15.08 21.40
N ASP OB 42 5.84 16.08 22.12
CA ASP OB 42 6.87 16.93 21.54
C ASP OB 42 8.17 16.17 21.34
N LYS OB 43 8.52 15.30 22.29
CA LYS OB 43 9.69 14.44 22.13
C LYS OB 43 9.56 13.63 20.85
N ARG OB 44 8.37 13.08 20.60
CA ARG OB 44 8.12 12.34 19.37
C ARG OB 44 8.33 13.23 18.15
N SER OB 45 7.71 14.40 18.15
CA SER OB 45 7.70 15.22 16.94
C SER OB 45 9.10 15.73 16.62
N LYS OB 46 9.92 16.00 17.63
CA LYS OB 46 11.28 16.44 17.37
C LYS OB 46 12.23 15.28 17.09
N ALA OB 47 11.98 14.11 17.66
CA ALA OB 47 12.70 12.92 17.24
C ALA OB 47 12.56 12.70 15.75
N LEU OB 48 11.42 13.09 15.18
CA LEU OB 48 11.23 13.01 13.74
C LEU OB 48 12.24 13.88 13.01
N LYS OB 49 12.22 15.18 13.28
CA LYS OB 49 13.06 16.13 12.57
C LYS OB 49 14.53 15.96 12.91
N GLY PB 13 -47.87 13.98 34.31
CA GLY PB 13 -47.55 13.96 32.90
C GLY PB 13 -46.07 13.89 32.63
N ILE PB 14 -45.67 14.19 31.39
CA ILE PB 14 -44.26 14.15 31.03
C ILE PB 14 -43.59 15.49 31.31
N LYS PB 15 -44.31 16.60 31.10
CA LYS PB 15 -43.80 17.88 31.55
C LYS PB 15 -43.76 17.99 33.07
N LYS PB 16 -44.17 16.94 33.77
CA LYS PB 16 -43.93 16.79 35.19
C LYS PB 16 -43.02 15.61 35.47
N TYR PB 17 -42.71 14.82 34.45
CA TYR PB 17 -41.70 13.76 34.52
C TYR PB 17 -40.39 14.18 33.87
N PHE PB 18 -40.39 15.24 33.07
CA PHE PB 18 -39.18 15.86 32.54
C PHE PB 18 -39.07 17.29 33.02
N ASN PB 19 -39.29 17.49 34.33
CA ASN PB 19 -39.35 18.83 34.89
C ASN PB 19 -38.11 19.64 34.51
N SER PB 20 -38.30 20.95 34.43
CA SER PB 20 -37.21 21.89 34.20
C SER PB 20 -36.98 22.83 35.37
N TYR PB 21 -37.80 22.75 36.42
CA TYR PB 21 -37.75 23.69 37.53
C TYR PB 21 -37.24 23.06 38.81
N THR PB 22 -37.65 21.84 39.13
CA THR PB 22 -37.18 21.14 40.31
C THR PB 22 -35.79 20.55 40.01
N LEU PB 23 -35.33 19.69 40.90
CA LEU PB 23 -34.04 19.02 40.73
C LEU PB 23 -34.14 17.79 39.85
N THR PB 24 -35.10 16.91 40.15
CA THR PB 24 -35.15 15.62 39.48
C THR PB 24 -35.26 15.78 37.97
N GLY PB 25 -36.34 16.39 37.49
CA GLY PB 25 -36.57 16.47 36.06
C GLY PB 25 -35.37 17.01 35.31
N ARG PB 26 -34.69 18.00 35.89
CA ARG PB 26 -33.50 18.55 35.27
C ARG PB 26 -32.45 17.47 35.08
N MET PB 27 -32.21 16.68 36.13
CA MET PB 27 -31.24 15.60 36.06
C MET PB 27 -31.64 14.58 35.00
N ASN PB 28 -32.90 14.17 35.00
CA ASN PB 28 -33.35 13.17 34.04
C ASN PB 28 -33.15 13.67 32.61
N CYS PB 29 -33.43 14.95 32.35
CA CYS PB 29 -33.28 15.47 31.01
C CYS PB 29 -31.82 15.55 30.59
N VAL PB 30 -30.95 16.08 31.45
CA VAL PB 30 -29.54 16.13 31.12
C VAL PB 30 -28.99 14.73 30.86
N LEU PB 31 -29.45 13.75 31.64
CA LEU PB 31 -28.98 12.38 31.42
C LEU PB 31 -29.48 11.84 30.09
N ALA PB 32 -30.74 12.12 29.77
CA ALA PB 32 -31.27 11.70 28.48
C ALA PB 32 -30.41 12.23 27.35
N THR PB 33 -30.02 13.50 27.43
CA THR PB 33 -29.26 14.09 26.33
C THR PB 33 -27.82 13.60 26.29
N TYR PB 34 -27.20 13.36 27.44
CA TYR PB 34 -25.87 12.75 27.43
C TYR PB 34 -25.93 11.36 26.81
N GLY PB 35 -26.91 10.55 27.22
CA GLY PB 35 -27.06 9.25 26.60
C GLY PB 35 -27.26 9.34 25.10
N GLY PB 36 -28.15 10.22 24.66
CA GLY PB 36 -28.40 10.36 23.24
C GLY PB 36 -27.18 10.78 22.45
N ILE PB 37 -26.44 11.76 22.96
CA ILE PB 37 -25.24 12.20 22.26
C ILE PB 37 -24.22 11.06 22.23
N ALA PB 38 -24.12 10.29 23.30
CA ALA PB 38 -23.22 9.12 23.29
C ALA PB 38 -23.62 8.15 22.20
N LEU PB 39 -24.91 7.80 22.14
CA LEU PB 39 -25.33 6.82 21.15
C LEU PB 39 -25.11 7.32 19.74
N LEU PB 40 -25.32 8.62 19.50
CA LEU PB 40 -25.13 9.11 18.14
C LEU PB 40 -23.65 9.15 17.78
N VAL PB 41 -22.77 9.50 18.73
CA VAL PB 41 -21.36 9.49 18.38
C VAL PB 41 -20.89 8.07 18.11
N LEU PB 42 -21.40 7.09 18.86
CA LEU PB 42 -21.01 5.70 18.61
C LEU PB 42 -21.68 5.13 17.38
N TYR PB 43 -22.76 5.75 16.90
CA TYR PB 43 -23.38 5.33 15.65
C TYR PB 43 -22.70 5.96 14.45
N PHE PB 44 -22.11 7.14 14.63
CA PHE PB 44 -21.44 7.83 13.53
C PHE PB 44 -19.96 7.48 13.44
N LYS PB 45 -19.36 6.97 14.52
CA LYS PB 45 -17.97 6.55 14.44
C LYS PB 45 -17.78 5.47 13.39
N LEU PB 46 -18.80 4.64 13.17
CA LEU PB 46 -18.72 3.61 12.12
C LEU PB 46 -18.43 4.25 10.77
N ARG PB 47 -18.94 5.44 10.53
CA ARG PB 47 -18.76 6.13 9.27
C ARG PB 47 -17.71 7.22 9.38
C1 CDL QB . 40.84 -22.29 36.37
O1 CDL QB . 41.81 -22.10 35.37
CA2 CDL QB . 41.06 -21.30 37.50
OA2 CDL QB . 42.06 -21.79 38.33
PA1 CDL QB . 42.72 -20.73 39.42
OA3 CDL QB . 41.72 -20.40 40.49
OA4 CDL QB . 43.93 -21.37 40.05
OA5 CDL QB . 43.16 -19.35 38.61
CA3 CDL QB . 43.96 -19.48 37.48
CA4 CDL QB . 44.49 -18.11 37.07
OA6 CDL QB . 44.15 -17.20 38.07
CA5 CDL QB . 45.13 -17.14 39.04
OA7 CDL QB . 45.58 -18.14 39.49
C11 CDL QB . 45.65 -15.78 39.54
C12 CDL QB . 45.14 -14.70 38.57
C13 CDL QB . 46.17 -13.58 38.45
C14 CDL QB . 45.64 -12.51 37.50
C15 CDL QB . 46.70 -11.43 37.31
C16 CDL QB . 46.04 -10.14 36.87
C17 CDL QB . 47.02 -8.97 37.00
C18 CDL QB . 46.25 -7.66 37.05
C19 CDL QB . 45.76 -7.28 35.65
C20 CDL QB . 44.97 -5.97 35.67
C21 CDL QB . 44.49 -5.61 34.26
C22 CDL QB . 43.33 -6.50 33.83
C23 CDL QB . 43.45 -6.89 32.36
C24 CDL QB . 42.07 -7.20 31.76
C25 CDL QB . 42.17 -7.34 30.25
CA6 CDL QB . 43.90 -17.66 35.73
OA8 CDL QB . 43.83 -16.26 35.68
CA7 CDL QB . 44.52 -15.67 34.62
OA9 CDL QB . 44.02 -15.58 33.56
C31 CDL QB . 45.95 -15.14 34.84
C32 CDL QB . 46.27 -13.93 33.95
C33 CDL QB . 47.68 -14.07 33.34
C34 CDL QB . 48.52 -12.80 33.46
C35 CDL QB . 50.01 -13.13 33.39
C36 CDL QB . 50.66 -12.48 32.16
C37 CDL QB . 49.99 -12.97 30.88
C38 CDL QB . 50.93 -12.77 29.68
C39 CDL QB . 51.35 -11.31 29.51
C40 CDL QB . 52.87 -11.16 29.60
C41 CDL QB . 53.26 -9.75 30.06
C42 CDL QB . 54.67 -9.80 30.64
C43 CDL QB . 54.92 -8.58 31.54
CB2 CDL QB . 39.45 -22.08 35.76
OB2 CDL QB . 39.25 -22.98 34.72
PB2 CDL QB . 37.70 -23.22 34.19
OB3 CDL QB . 37.60 -24.56 33.52
OB4 CDL QB . 36.76 -23.15 35.35
OB5 CDL QB . 37.31 -22.04 33.10
CB3 CDL QB . 36.44 -21.03 33.54
CB4 CDL QB . 35.97 -20.20 32.35
OB6 CDL QB . 35.17 -19.14 32.81
CB5 CDL QB . 35.25 -18.01 31.98
OB7 CDL QB . 34.91 -18.10 30.85
C51 CDL QB . 35.73 -16.69 32.56
C52 CDL QB . 35.99 -15.64 31.47
C53 CDL QB . 34.99 -14.49 31.57
C54 CDL QB . 35.63 -13.21 31.07
C55 CDL QB . 36.50 -12.62 32.18
C56 CDL QB . 37.78 -12.03 31.61
C57 CDL QB . 38.83 -11.85 32.71
C58 CDL QB . 40.17 -12.29 32.19
C59 CDL QB . 41.24 -12.17 33.27
C60 CDL QB . 42.55 -12.69 32.69
C61 CDL QB . 43.71 -11.73 32.93
C62 CDL QB . 44.59 -11.71 31.68
C63 CDL QB . 45.65 -10.62 31.82
C64 CDL QB . 46.61 -10.73 30.65
C65 CDL QB . 47.28 -9.38 30.37
C66 CDL QB . 46.63 -8.72 29.15
C67 CDL QB . 47.04 -9.42 27.87
CB6 CDL QB . 35.13 -21.05 31.38
OB8 CDL QB . 33.78 -20.92 31.69
CB7 CDL QB . 32.96 -20.65 30.59
OB9 CDL QB . 32.96 -21.36 29.65
C71 CDL QB . 32.06 -19.41 30.61
C72 CDL QB . 31.56 -19.11 29.20
C73 CDL QB . 30.85 -17.76 29.16
C74 CDL QB . 31.88 -16.63 29.03
C75 CDL QB . 31.50 -15.40 29.87
C76 CDL QB . 30.38 -14.62 29.20
C77 CDL QB . 30.91 -13.89 27.97
C78 CDL QB . 29.75 -13.21 27.24
C79 CDL QB . 30.05 -13.07 25.75
C80 CDL QB . 30.44 -14.44 25.19
C81 CDL QB . 29.92 -14.58 23.76
C82 CDL QB . 30.52 -15.81 23.11
H1 CDL QB . 40.90 -23.19 36.71
H1O1 CDL QB . 41.53 -22.43 34.65
HA22 CDL QB . 40.23 -21.19 38.00
HA21 CDL QB . 41.32 -20.43 37.14
HA32 CDL QB . 43.46 -19.87 36.75
HA31 CDL QB . 44.72 -20.06 37.68
HA4 CDL QB . 45.46 -18.14 36.99
H112 CDL QB . 45.31 -15.61 40.42
H111 CDL QB . 46.62 -15.78 39.55
H122 CDL QB . 45.00 -15.09 37.69
H121 CDL QB . 44.31 -14.33 38.91
H132 CDL QB . 47.01 -13.93 38.11
H131 CDL QB . 46.32 -13.19 39.33
H142 CDL QB . 44.84 -12.12 37.87
H141 CDL QB . 45.44 -12.92 36.64
H152 CDL QB . 47.33 -11.72 36.64
H151 CDL QB . 47.16 -11.29 38.15
H162 CDL QB . 45.26 -9.97 37.41
H161 CDL QB . 45.77 -10.21 35.93
H172 CDL QB . 47.54 -9.08 37.82
H171 CDL QB . 47.63 -8.96 36.25
H182 CDL QB . 46.83 -6.96 37.39
H181 CDL QB . 45.49 -7.76 37.64
H192 CDL QB . 45.20 -7.99 35.31
H191 CDL QB . 46.54 -7.17 35.08
H202 CDL QB . 44.19 -6.08 36.24
H201 CDL QB . 45.53 -5.26 36.00
H212 CDL QB . 44.20 -4.69 34.24
H211 CDL QB . 45.22 -5.73 33.63
H222 CDL QB . 43.33 -7.31 34.37
H221 CDL QB . 42.49 -6.02 33.97
H232 CDL QB . 43.84 -6.15 31.87
H231 CDL QB . 44.01 -7.67 32.28
H242 CDL QB . 41.74 -8.03 32.13
H241 CDL QB . 41.46 -6.48 31.98
H252 CDL QB . 42.79 -8.05 30.03
H251 CDL QB . 41.30 -7.55 29.88
HA62 CDL QB . 43.01 -18.03 35.60
HA61 CDL QB . 44.48 -17.97 35.02
H312 CDL QB . 46.57 -15.86 34.64
H311 CDL QB . 46.05 -14.88 35.76
H322 CDL QB . 45.62 -13.89 33.23
H321 CDL QB . 46.22 -13.12 34.47
H332 CDL QB . 47.59 -14.30 32.40
H331 CDL QB . 48.15 -14.79 33.79
H342 CDL QB . 48.28 -12.19 32.74
H341 CDL QB . 48.34 -12.37 34.31
H352 CDL QB . 50.46 -12.80 34.19
H351 CDL QB . 50.13 -14.09 33.34
H362 CDL QB . 50.56 -11.52 32.24
H361 CDL QB . 51.59 -12.71 32.14
H372 CDL QB . 49.18 -12.46 30.72
H371 CDL QB . 49.77 -13.91 30.96
H382 CDL QB . 50.49 -13.08 28.88
H381 CDL QB . 51.72 -13.33 29.82
H392 CDL QB . 50.93 -10.76 30.19
H391 CDL QB . 51.05 -11.00 28.65
H402 CDL QB . 53.22 -11.81 30.23
H401 CDL QB . 53.26 -11.32 28.72
H412 CDL QB . 53.25 -9.15 29.30
H411 CDL QB . 52.64 -9.44 30.74
H422 CDL QB . 55.31 -9.80 29.92
H421 CDL QB . 54.78 -10.61 31.16
H432 CDL QB . 55.87 -8.38 31.54
H431 CDL QB . 54.63 -8.80 32.45
HB22 CDL QB . 39.39 -21.17 35.42
HB21 CDL QB . 38.78 -22.22 36.45
HB32 CDL QB . 35.67 -21.44 33.98
HB31 CDL QB . 36.90 -20.45 34.17
HB4 CDL QB . 36.73 -19.84 31.88
H512 CDL QB . 35.06 -16.35 33.18
H511 CDL QB . 36.55 -16.84 33.04
H522 CDL QB . 36.89 -15.29 31.59
H521 CDL QB . 35.92 -16.05 30.60
H532 CDL QB . 34.21 -14.69 31.02
H531 CDL QB . 34.71 -14.36 32.49
H542 CDL QB . 36.19 -13.40 30.29
H541 CDL QB . 34.95 -12.58 30.81
H552 CDL QB . 36.00 -11.92 32.63
H551 CDL QB . 36.71 -13.33 32.82
H562 CDL QB . 37.59 -11.18 31.20
H561 CDL QB . 38.14 -12.64 30.94
H572 CDL QB . 38.59 -12.38 33.49
H571 CDL QB . 38.86 -10.91 32.97
H582 CDL QB . 40.43 -11.74 31.43
H581 CDL QB . 40.13 -13.22 31.90
H592 CDL QB . 41.33 -11.24 33.53
H591 CDL QB . 40.98 -12.69 34.05
H602 CDL QB . 42.77 -13.54 33.11
H601 CDL QB . 42.44 -12.83 31.74
H612 CDL QB . 44.23 -12.02 33.69
H611 CDL QB . 43.37 -10.83 33.09
H622 CDL QB . 45.02 -12.56 31.57
H621 CDL QB . 44.05 -11.51 30.90
H632 CDL QB . 45.23 -9.74 31.81
H631 CDL QB . 46.13 -10.73 32.65
H642 CDL QB . 47.30 -11.38 30.86
H641 CDL QB . 46.13 -11.02 29.86
H652 CDL QB . 47.16 -8.80 31.14
H651 CDL QB . 48.22 -9.51 30.20
H662 CDL QB . 46.89 -7.80 29.11
H661 CDL QB . 45.66 -8.77 29.24
H673 CDL QB . 46.85 -8.84 27.11
H672 CDL QB . 46.55 -10.24 27.76
H671 CDL QB . 47.99 -9.61 27.89
HB62 CDL QB . 35.29 -20.75 30.47
HB61 CDL QB . 35.40 -21.98 31.47
H712 CDL QB . 31.31 -19.58 31.19
H711 CDL QB . 32.57 -18.65 30.94
H722 CDL QB . 30.95 -19.81 28.92
H721 CDL QB . 32.31 -19.10 28.59
H732 CDL QB . 30.35 -17.64 29.98
H731 CDL QB . 30.25 -17.73 28.40
H742 CDL QB . 31.96 -16.39 28.10
H741 CDL QB . 32.74 -16.96 29.34
H752 CDL QB . 32.28 -14.83 29.96
H751 CDL QB . 31.21 -15.69 30.75
H762 CDL QB . 29.67 -15.22 28.94
H761 CDL QB . 30.03 -13.96 29.83
H772 CDL QB . 31.37 -14.51 27.40
H771 CDL QB . 31.54 -13.20 28.25
H782 CDL QB . 28.94 -13.73 27.35
H781 CDL QB . 29.61 -12.32 27.62
H792 CDL QB . 30.79 -12.46 25.63
H791 CDL QB . 29.27 -12.74 25.28
H802 CDL QB . 31.42 -14.52 25.17
H801 CDL QB . 30.06 -15.14 25.73
H812 CDL QB . 30.17 -13.79 23.24
H811 CDL QB . 28.95 -14.65 23.78
H822 CDL QB . 30.30 -16.60 23.65
H821 CDL QB . 31.47 -15.71 23.05
C1 CDL RB . -14.91 -64.95 -46.76
O1 CDL RB . -13.55 -64.62 -46.69
CA2 CDL RB . -15.47 -65.15 -45.36
OA2 CDL RB . -15.14 -66.44 -44.92
PA1 CDL RB . -15.31 -66.75 -43.32
OA3 CDL RB . -16.77 -66.80 -42.97
OA4 CDL RB . -14.69 -68.09 -43.02
OA5 CDL RB . -14.57 -65.56 -42.46
CA3 CDL RB . -13.23 -65.28 -42.76
CA4 CDL RB . -12.65 -64.36 -41.68
OA6 CDL RB . -13.57 -64.29 -40.65
CA5 CDL RB . -13.37 -65.31 -39.71
OA7 CDL RB . -13.22 -66.42 -40.10
C11 CDL RB . -13.33 -65.00 -38.22
C12 CDL RB . -13.21 -63.48 -38.05
C13 CDL RB . -12.39 -63.15 -36.81
C14 CDL RB . -12.29 -61.63 -36.67
C15 CDL RB . -11.40 -61.29 -35.48
C16 CDL RB . -11.73 -59.90 -34.95
C17 CDL RB . -11.11 -59.68 -33.59
C18 CDL RB . -11.83 -58.55 -32.86
C19 CDL RB . -11.39 -57.20 -33.44
C20 CDL RB . -12.11 -56.03 -32.76
C21 CDL RB . -11.67 -54.69 -33.35
C22 CDL RB . -12.30 -54.47 -34.72
C23 CDL RB . -11.30 -53.82 -35.67
C24 CDL RB . -12.03 -53.04 -36.77
C25 CDL RB . -11.03 -52.19 -37.56
CA6 CDL RB . -12.34 -62.96 -42.21
OA8 CDL RB . -12.44 -62.03 -41.18
CA7 CDL RB . -11.29 -61.27 -40.95
OA9 CDL RB . -11.07 -60.31 -41.60
C31 CDL RB . -10.31 -61.70 -39.84
C32 CDL RB . -9.60 -60.51 -39.21
C33 CDL RB . -8.10 -60.83 -39.02
C34 CDL RB . -7.57 -60.47 -37.62
C35 CDL RB . -6.31 -61.28 -37.30
C36 CDL RB . -5.11 -60.37 -37.12
C37 CDL RB . -4.83 -59.56 -38.39
C38 CDL RB . -3.38 -59.08 -38.42
C39 CDL RB . -3.03 -58.22 -37.19
C40 CDL RB . -1.87 -58.84 -36.41
C41 CDL RB . -1.91 -58.43 -34.93
C42 CDL RB . -1.14 -59.45 -34.11
C43 CDL RB . -1.54 -59.38 -32.64
CB2 CDL RB . -15.66 -63.84 -47.46
OB2 CDL RB . -15.15 -63.65 -48.75
PB2 CDL RB . -16.05 -62.78 -49.82
OB3 CDL RB . -15.67 -63.15 -51.23
OB4 CDL RB . -17.52 -63.07 -49.60
OB5 CDL RB . -15.79 -61.16 -49.59
CB3 CDL RB . -16.81 -60.43 -48.96
CB4 CDL RB . -16.53 -58.93 -49.08
OB6 CDL RB . -17.48 -58.22 -48.37
CB5 CDL RB . -17.00 -57.01 -47.86
OB7 CDL RB . -16.58 -56.19 -48.61
C51 CDL RB . -17.03 -56.76 -46.35
C52 CDL RB . -16.23 -55.51 -45.96
C53 CDL RB . -17.16 -54.41 -45.44
C54 CDL RB . -16.41 -53.56 -44.42
C55 CDL RB . -16.43 -54.29 -43.08
C56 CDL RB . -15.08 -54.11 -42.36
C57 CDL RB . -14.93 -55.15 -41.25
C58 CDL RB . -13.50 -55.69 -41.29
C59 CDL RB . -13.31 -56.77 -40.24
C60 CDL RB . -11.88 -57.30 -40.38
C61 CDL RB . -11.15 -57.34 -39.04
C62 CDL RB . -9.70 -56.92 -39.26
C63 CDL RB . -9.00 -56.78 -37.91
C64 CDL RB . -7.53 -56.52 -38.16
C65 CDL RB . -6.91 -55.78 -36.97
C66 CDL RB . -6.74 -54.30 -37.31
C67 CDL RB . -5.59 -54.10 -38.30
CB6 CDL RB . -16.55 -58.49 -50.55
OB8 CDL RB . -17.84 -58.02 -50.86
CB7 CDL RB . -17.84 -56.78 -51.51
OB9 CDL RB . -17.23 -56.62 -52.51
C71 CDL RB . -18.64 -55.62 -50.91
C72 CDL RB . -18.21 -54.31 -51.57
C73 CDL RB . -18.83 -53.12 -50.84
C74 CDL RB . -18.00 -52.77 -49.59
C75 CDL RB . -18.87 -52.37 -48.40
C76 CDL RB . -19.41 -50.95 -48.57
C77 CDL RB . -18.29 -49.94 -48.38
C78 CDL RB . -18.83 -48.53 -48.68
C79 CDL RB . -17.70 -47.63 -49.16
C80 CDL RB . -16.97 -48.29 -50.33
C81 CDL RB . -16.53 -47.23 -51.33
C82 CDL RB . -15.59 -47.86 -52.36
H1 CDL RB . -15.01 -65.77 -47.27
H1O1 CDL RB . -13.32 -64.25 -47.42
HA22 CDL RB . -16.43 -65.06 -45.38
HA21 CDL RB . -15.09 -64.49 -44.76
HA32 CDL RB . -13.19 -64.83 -43.62
HA31 CDL RB . -12.72 -66.10 -42.80
HA4 CDL RB . -11.83 -64.77 -41.34
H112 CDL RB . -14.14 -65.31 -37.79
H111 CDL RB . -12.56 -65.42 -37.82
H122 CDL RB . -12.79 -63.09 -38.83
H121 CDL RB . -14.11 -63.10 -37.95
H132 CDL RB . -11.50 -63.51 -36.92
H131 CDL RB . -12.81 -63.53 -36.03
H142 CDL RB . -13.18 -61.27 -36.52
H141 CDL RB . -11.92 -61.24 -37.47
H152 CDL RB . -10.48 -61.31 -35.76
H151 CDL RB . -11.54 -61.94 -34.77
H162 CDL RB . -12.69 -59.80 -34.88
H161 CDL RB . -11.39 -59.23 -35.57
H172 CDL RB . -11.18 -60.49 -33.06
H171 CDL RB . -10.17 -59.45 -33.69
H182 CDL RB . -11.60 -58.58 -31.92
H181 CDL RB . -12.79 -58.66 -32.97
H192 CDL RB . -11.59 -57.18 -34.39
H191 CDL RB . -10.44 -57.10 -33.32
H202 CDL RB . -13.07 -56.13 -32.87
H201 CDL RB . -11.91 -56.04 -31.80
H212 CDL RB . -11.95 -53.97 -32.76
H211 CDL RB . -10.71 -54.69 -33.44
H222 CDL RB . -12.58 -55.32 -35.09
H221 CDL RB . -13.07 -53.89 -34.62
H232 CDL RB . -10.74 -53.22 -35.17
H231 CDL RB . -10.75 -54.50 -36.07
H242 CDL RB . -12.46 -53.66 -37.37
H241 CDL RB . -12.69 -52.46 -36.37
H252 CDL RB . -10.36 -52.77 -37.97
H251 CDL RB . -11.51 -51.71 -38.26
HA62 CDL RB . -12.95 -62.73 -42.92
HA61 CDL RB . -11.43 -62.96 -42.56
H312 CDL RB . -9.66 -62.30 -40.24
H311 CDL RB . -10.80 -62.18 -39.16
H322 CDL RB . -9.68 -59.73 -39.78
H321 CDL RB . -10.00 -60.32 -38.34
H332 CDL RB . -7.59 -60.33 -39.68
H331 CDL RB . -7.95 -61.78 -39.16
H342 CDL RB . -7.36 -59.52 -37.59
H341 CDL RB . -8.24 -60.67 -36.96
H352 CDL RB . -6.46 -61.79 -36.49
H351 CDL RB . -6.12 -61.91 -38.03
H362 CDL RB . -5.28 -59.76 -36.38
H361 CDL RB . -4.33 -60.91 -36.92
H372 CDL RB . -5.42 -58.78 -38.41
H371 CDL RB . -5.02 -60.10 -39.17
H382 CDL RB . -3.25 -58.56 -39.23
H381 CDL RB . -2.80 -59.85 -38.45
H392 CDL RB . -3.81 -58.14 -36.62
H391 CDL RB . -2.77 -57.34 -37.50
H402 CDL RB . -1.94 -59.81 -36.47
H401 CDL RB . -1.03 -58.56 -36.80
H412 CDL RB . -1.51 -57.55 -34.83
H411 CDL RB . -2.84 -58.40 -34.63
H422 CDL RB . -0.18 -59.27 -34.18
H421 CDL RB . -1.32 -60.34 -34.45
H432 CDL RB . -0.78 -59.59 -32.08
H431 CDL RB . -2.25 -60.02 -32.47
HB22 CDL RB . -15.56 -63.01 -46.95
HB21 CDL RB . -16.60 -64.06 -47.51
HB32 CDL RB . -17.65 -60.63 -49.39
HB31 CDL RB . -16.85 -60.68 -48.03
HB4 CDL RB . -15.64 -58.75 -48.71
H512 CDL RB . -17.95 -56.66 -46.07
H511 CDL RB . -16.65 -57.53 -45.90
H522 CDL RB . -15.60 -55.75 -45.26
H521 CDL RB . -15.74 -55.18 -46.72
H532 CDL RB . -17.43 -53.85 -46.19
H531 CDL RB . -17.93 -54.80 -45.01
H542 CDL RB . -15.49 -53.43 -44.71
H541 CDL RB . -16.85 -52.71 -44.33
H552 CDL RB . -17.13 -53.92 -42.52
H551 CDL RB . -16.59 -55.23 -43.22
H562 CDL RB . -15.05 -53.23 -41.97
H561 CDL RB . -14.37 -54.22 -43.00
H572 CDL RB . -15.55 -55.89 -41.40
H571 CDL RB . -15.10 -54.75 -40.39
H582 CDL RB . -12.88 -54.96 -41.12
H581 CDL RB . -13.32 -56.07 -42.17
H592 CDL RB . -13.45 -56.39 -39.35
H591 CDL RB . -13.95 -57.48 -40.39
H602 CDL RB . -11.92 -58.20 -40.74
H601 CDL RB . -11.39 -56.73 -40.99
H612 CDL RB . -11.17 -58.25 -38.68
H611 CDL RB . -11.57 -56.74 -38.40
H622 CDL RB . -9.24 -57.58 -39.80
H621 CDL RB . -9.69 -56.06 -39.71
H632 CDL RB . -9.39 -56.05 -37.41
H631 CDL RB . -9.11 -57.61 -37.40
H642 CDL RB . -7.07 -57.37 -38.27
H641 CDL RB . -7.43 -55.98 -38.96
H652 CDL RB . -7.49 -55.87 -36.20
H651 CDL RB . -6.04 -56.16 -36.77
H662 CDL RB . -6.56 -53.81 -36.50
H661 CDL RB . -7.56 -53.97 -37.71
H673 CDL RB . -5.33 -53.16 -38.28
H672 CDL RB . -5.88 -54.34 -39.19
H671 CDL RB . -4.84 -54.64 -38.04
HB62 CDL RB . -15.91 -57.78 -50.69
HB61 CDL RB . -16.34 -59.24 -51.11
H712 CDL RB . -19.58 -55.76 -51.08
H711 CDL RB . -18.47 -55.57 -49.96
H722 CDL RB . -18.50 -54.30 -52.49
H721 CDL RB . -17.24 -54.23 -51.54
H732 CDL RB . -19.74 -53.35 -50.56
H731 CDL RB . -18.86 -52.35 -51.42
H742 CDL RB . -17.39 -52.06 -49.81
H741 CDL RB . -17.47 -53.55 -49.34
H752 CDL RB . -18.34 -52.41 -47.59
H751 CDL RB . -19.61 -52.99 -48.32
H762 CDL RB . -19.79 -50.87 -49.46
H761 CDL RB . -20.11 -50.80 -47.90
H772 CDL RB . -18.00 -49.96 -47.45
H771 CDL RB . -17.54 -50.17 -48.95
H782 CDL RB . -19.21 -48.17 -47.86
H781 CDL RB . -19.51 -48.59 -49.36
H792 CDL RB . -17.08 -47.48 -48.43
H791 CDL RB . -18.07 -46.78 -49.45
H802 CDL RB . -16.18 -48.77 -50.00
H801 CDL RB . -17.56 -48.92 -50.77
H812 CDL RB . -16.07 -46.52 -50.86
H811 CDL RB . -17.32 -46.87 -51.78
H822 CDL RB . -16.04 -48.61 -52.79
H821 CDL RB . -14.79 -48.18 -51.92
C1 CDL SB . -54.04 -17.18 12.68
O1 CDL SB . -54.57 -16.07 12.02
CA2 CDL SB . -54.35 -18.45 11.89
OA2 CDL SB . -55.65 -18.85 12.17
PA1 CDL SB . -56.33 -19.97 11.16
OA3 CDL SB . -55.67 -21.30 11.36
OA4 CDL SB . -57.80 -20.08 11.48
OA5 CDL SB . -56.11 -19.47 9.60
CA3 CDL SB . -56.53 -18.18 9.25
CA4 CDL SB . -56.52 -18.03 7.73
OA6 CDL SB . -56.28 -19.28 7.18
CA5 CDL SB . -57.48 -19.97 6.97
OA7 CDL SB . -58.29 -20.00 7.84
C11 CDL SB . -57.75 -20.65 5.63
C12 CDL SB . -56.71 -20.16 4.62
C13 CDL SB . -57.32 -20.09 3.22
C14 CDL SB . -56.26 -19.61 2.23
C15 CDL SB . -56.89 -19.45 0.86
C16 CDL SB . -55.81 -19.54 -0.22
C17 CDL SB . -56.45 -19.73 -1.59
C18 CDL SB . -55.41 -20.32 -2.55
C19 CDL SB . -54.43 -19.23 -2.99
C20 CDL SB . -53.36 -19.77 -3.94
C21 CDL SB . -52.39 -18.68 -4.36
C22 CDL SB . -51.43 -18.34 -3.24
C23 CDL SB . -51.17 -16.83 -3.18
C24 CDL SB . -49.82 -16.53 -2.54
C25 CDL SB . -49.46 -15.06 -2.71
CA6 CDL SB . -55.44 -17.04 7.27
OA8 CDL SB . -55.00 -17.38 5.98
CA7 CDL SB . -55.15 -16.36 5.02
OA9 CDL SB . -54.32 -15.53 4.93
C31 CDL SB . -56.38 -16.36 4.12
C32 CDL SB . -56.07 -15.77 2.73
C33 CDL SB . -57.21 -14.81 2.30
C34 CDL SB . -57.68 -15.05 0.86
C35 CDL SB . -59.12 -14.53 0.68
C36 CDL SB . -59.14 -13.39 -0.35
C37 CDL SB . -58.26 -12.24 0.09
C38 CDL SB . -58.68 -10.94 -0.60
C39 CDL SB . -58.63 -11.06 -2.12
C40 CDL SB . -60.00 -10.80 -2.75
C41 CDL SB . -60.14 -11.50 -4.10
C42 CDL SB . -61.62 -11.68 -4.41
C43 CDL SB . -61.83 -12.78 -5.46
CB2 CDL SB . -52.53 -17.02 12.83
OB2 CDL SB . -52.26 -15.86 13.56
PB2 CDL SB . -50.74 -15.69 14.18
OB3 CDL SB . -50.79 -14.73 15.36
OB4 CDL SB . -50.23 -17.02 14.63
OB5 CDL SB . -49.73 -15.08 13.03
CB3 CDL SB . -48.81 -15.97 12.45
CB4 CDL SB . -47.79 -15.20 11.63
OB6 CDL SB . -46.94 -16.10 10.97
CB5 CDL SB . -46.45 -15.61 9.76
OB7 CDL SB . -45.81 -14.60 9.75
C51 CDL SB . -46.73 -16.37 8.47
C52 CDL SB . -46.35 -15.57 7.22
C53 CDL SB . -45.17 -16.20 6.50
C54 CDL SB . -45.28 -15.91 5.00
C55 CDL SB . -46.26 -16.89 4.38
C56 CDL SB . -47.10 -16.20 3.32
C57 CDL SB . -48.35 -17.01 2.99
C58 CDL SB . -49.53 -16.07 2.88
C59 CDL SB . -50.82 -16.85 2.60
C60 CDL SB . -51.96 -15.85 2.56
C61 CDL SB . -52.85 -16.02 1.34
C62 CDL SB . -53.26 -14.65 0.81
C63 CDL SB . -53.98 -14.80 -0.52
C64 CDL SB . -54.52 -13.44 -0.93
C65 CDL SB . -54.68 -13.38 -2.45
C66 CDL SB . -53.53 -12.57 -3.06
C67 CDL SB . -53.69 -11.09 -2.78
CB6 CDL SB . -46.95 -14.28 12.51
OB8 CDL SB . -45.77 -14.94 12.89
CB7 CDL SB . -44.60 -14.19 12.70
OB9 CDL SB . -44.50 -13.12 13.21
C71 CDL SB . -43.47 -14.75 11.85
C72 CDL SB . -42.49 -13.63 11.49
C73 CDL SB . -41.48 -14.13 10.46
C74 CDL SB . -42.09 -14.05 9.05
C75 CDL SB . -41.69 -15.24 8.18
C76 CDL SB . -40.26 -15.10 7.69
C77 CDL SB . -40.16 -14.01 6.63
C78 CDL SB . -38.69 -13.80 6.24
C79 CDL SB . -38.47 -12.38 5.75
C80 CDL SB . -39.00 -11.39 6.80
C81 CDL SB . -38.10 -10.16 6.85
C82 CDL SB . -38.76 -9.08 7.70
H1 CDL SB . -54.45 -17.25 13.56
H1O1 CDL SB . -54.18 -15.37 12.30
HA22 CDL SB . -53.73 -19.14 12.15
HA21 CDL SB . -54.26 -18.26 10.94
HA32 CDL SB . -55.94 -17.53 9.65
HA31 CDL SB . -57.43 -18.03 9.59
HA4 CDL SB . -57.39 -17.71 7.44
H112 CDL SB . -57.68 -21.61 5.73
H111 CDL SB . -58.64 -20.42 5.32
H122 CDL SB . -56.40 -19.28 4.88
H121 CDL SB . -55.95 -20.77 4.61
H132 CDL SB . -58.07 -19.46 3.23
H131 CDL SB . -57.63 -20.97 2.96
H142 CDL SB . -55.54 -20.25 2.20
H141 CDL SB . -55.91 -18.75 2.53
H152 CDL SB . -57.32 -18.59 0.80
H151 CDL SB . -57.53 -20.15 0.72
H162 CDL SB . -55.22 -20.29 -0.02
H161 CDL SB . -55.29 -18.72 -0.21
H172 CDL SB . -57.20 -20.35 -1.52
H171 CDL SB . -56.75 -18.88 -1.92
H182 CDL SB . -55.87 -20.68 -3.33
H181 CDL SB . -54.92 -21.03 -2.11
H192 CDL SB . -54.00 -18.86 -2.20
H191 CDL SB . -54.93 -18.52 -3.44
H202 CDL SB . -52.87 -20.48 -3.49
H201 CDL SB . -53.80 -20.14 -4.73
H212 CDL SB . -51.89 -18.98 -5.13
H211 CDL SB . -52.90 -17.89 -4.61
H222 CDL SB . -51.80 -18.63 -2.40
H221 CDL SB . -50.59 -18.80 -3.39
H232 CDL SB . -51.18 -16.47 -4.08
H231 CDL SB . -51.87 -16.41 -2.66
H242 CDL SB . -49.85 -16.75 -1.60
H241 CDL SB . -49.14 -17.08 -2.96
H252 CDL SB . -50.14 -14.51 -2.29
H251 CDL SB . -48.60 -14.88 -2.30
HA62 CDL SB . -54.69 -17.04 7.89
HA61 CDL SB . -55.83 -16.14 7.25
H312 CDL SB . -57.07 -15.84 4.55
H311 CDL SB . -56.69 -17.27 4.01
H322 CDL SB . -55.24 -15.27 2.78
H321 CDL SB . -55.99 -16.49 2.09
H332 CDL SB . -56.90 -13.91 2.38
H331 CDL SB . -57.96 -14.93 2.90
H342 CDL SB . -57.08 -14.60 0.25
H341 CDL SB . -57.68 -16.00 0.67
H352 CDL SB . -59.69 -15.25 0.37
H351 CDL SB . -59.45 -14.19 1.52
H362 CDL SB . -58.82 -13.74 -1.19
H361 CDL SB . -60.05 -13.08 -0.45
H372 CDL SB . -57.33 -12.42 -0.15
H371 CDL SB . -58.32 -12.13 1.06
H382 CDL SB . -58.09 -10.22 -0.32
H381 CDL SB . -59.59 -10.72 -0.33
H392 CDL SB . -58.32 -11.94 -2.38
H391 CDL SB . -58.00 -10.39 -2.47
H402 CDL SB . -60.70 -11.13 -2.15
H401 CDL SB . -60.12 -9.84 -2.87
H412 CDL SB . -59.73 -10.95 -4.79
H411 CDL SB . -59.71 -12.37 -4.07
H422 CDL SB . -62.00 -10.85 -4.75
H421 CDL SB . -62.10 -11.93 -3.60
H432 CDL SB . -62.77 -12.84 -5.68
H431 CDL SB . -61.52 -13.62 -5.10
HB22 CDL SB . -52.13 -16.95 11.95
HB21 CDL SB . -52.17 -17.78 13.29
HB32 CDL SB . -48.36 -16.45 13.15
HB31 CDL SB . -49.29 -16.58 11.88
HB4 CDL SB . -48.25 -14.66 10.96
H512 CDL SB . -46.24 -17.20 8.49
H511 CDL SB . -47.68 -16.57 8.43
H522 CDL SB . -47.11 -15.54 6.62
H521 CDL SB . -46.13 -14.66 7.47
H532 CDL SB . -44.35 -15.83 6.84
H531 CDL SB . -45.17 -17.16 6.63
H542 CDL SB . -45.58 -15.00 4.87
H541 CDL SB . -44.40 -16.01 4.59
H552 CDL SB . -45.76 -17.62 3.97
H551 CDL SB . -46.84 -17.24 5.07
H562 CDL SB . -46.57 -16.08 2.51
H561 CDL SB . -47.37 -15.32 3.64
H572 CDL SB . -48.52 -17.65 3.70
H571 CDL SB . -48.22 -17.48 2.16
H582 CDL SB . -49.38 -15.45 2.14
H581 CDL SB . -49.64 -15.56 3.70
H592 CDL SB . -50.74 -17.32 1.76
H591 CDL SB . -50.96 -17.49 3.32
H602 CDL SB . -52.50 -15.96 3.36
H601 CDL SB . -51.59 -14.95 2.56
H612 CDL SB . -53.64 -16.53 1.57
H611 CDL SB . -52.36 -16.50 0.64
H622 CDL SB . -53.84 -14.21 1.44
H621 CDL SB . -52.46 -14.10 0.68
H632 CDL SB . -53.36 -15.13 -1.19
H631 CDL SB . -54.72 -15.43 -0.42
H642 CDL SB . -55.38 -13.30 -0.51
H641 CDL SB . -53.90 -12.75 -0.64
H652 CDL SB . -54.68 -14.28 -2.82
H651 CDL SB . -55.52 -12.95 -2.66
H662 CDL SB . -53.53 -12.72 -4.03
H661 CDL SB . -52.70 -12.89 -2.69
H673 CDL SB . -53.13 -10.58 -3.39
H672 CDL SB . -53.43 -10.90 -1.87
H671 CDL SB . -54.62 -10.83 -2.91
HB62 CDL SB . -46.72 -13.47 12.03
HB61 CDL SB . -47.45 -14.05 13.30
H712 CDL SB . -43.01 -15.44 12.35
H711 CDL SB . -43.84 -15.13 11.04
H722 CDL SB . -42.02 -13.35 12.30
H721 CDL SB . -42.99 -12.88 11.13
H732 CDL SB . -41.25 -15.05 10.65
H731 CDL SB . -40.69 -13.58 10.49
H742 CDL SB . -41.81 -13.22 8.64
H741 CDL SB . -43.05 -14.03 9.13
H752 CDL SB . -42.29 -15.28 7.41
H751 CDL SB . -41.78 -16.06 8.69
H762 CDL SB . -39.68 -14.88 8.43
H761 CDL SB . -39.97 -15.94 7.30
H772 CDL SB . -40.56 -13.21 6.97
H771 CDL SB . -40.64 -14.30 5.84
H782 CDL SB . -38.12 -13.97 7.01
H781 CDL SB . -38.46 -14.43 5.53
H792 CDL SB . -38.93 -12.24 4.92
H791 CDL SB . -37.52 -12.22 5.63
H802 CDL SB . -39.00 -11.81 7.67
H801 CDL SB . -39.90 -11.13 6.56
H812 CDL SB . -37.96 -9.83 5.95
H811 CDL SB . -37.24 -10.40 7.24
H822 CDL SB . -38.95 -9.43 8.58
H821 CDL SB . -39.60 -8.81 7.28
C1 CDL TB . 12.10 56.52 57.67
O1 CDL TB . 10.92 56.73 56.96
CA2 CDL TB . 12.12 55.12 58.26
OA2 CDL TB . 11.37 55.12 59.43
PA1 CDL TB . 10.93 53.65 60.05
OA3 CDL TB . 12.14 52.95 60.59
OA4 CDL TB . 9.93 53.87 61.16
OA5 CDL TB . 10.25 52.74 58.84
CA3 CDL TB . 9.20 53.31 58.11
CA4 CDL TB . 8.54 52.22 57.26
OA6 CDL TB . 9.06 50.99 57.64
CA5 CDL TB . 8.33 50.44 58.69
OA7 CDL TB . 8.07 51.11 59.62
C11 CDL TB . 7.90 48.97 58.62
C12 CDL TB . 8.10 48.48 57.19
C13 CDL TB . 7.03 47.46 56.83
C14 CDL TB . 7.26 46.96 55.41
C15 CDL TB . 6.15 46.01 55.01
C16 CDL TB . 6.63 45.09 53.89
C17 CDL TB . 5.66 43.92 53.72
C18 CDL TB . 6.35 42.78 52.99
C19 CDL TB . 6.47 43.09 51.50
C20 CDL TB . 7.20 41.97 50.74
C21 CDL TB . 7.31 42.32 49.26
C22 CDL TB . 8.38 43.37 49.01
C23 CDL TB . 7.93 44.36 47.93
C24 CDL TB . 9.12 45.00 47.25
C25 CDL TB . 8.68 45.79 46.03
CA6 CDL TB . 8.76 52.46 55.77
OA8 CDL TB . 8.77 51.23 55.09
CA7 CDL TB . 7.81 51.13 54.06
OA9 CDL TB . 8.05 51.56 52.99
C31 CDL TB . 6.46 50.47 54.35
C32 CDL TB . 5.88 49.76 53.11
C33 CDL TB . 4.37 50.06 52.99
C34 CDL TB . 3.52 48.81 52.72
C35 CDL TB . 2.07 49.05 53.15
C36 CDL TB . 1.14 48.96 51.95
C37 CDL TB . 1.49 50.01 50.90
C38 CDL TB . 0.29 50.30 50.01
C39 CDL TB . -0.22 49.04 49.30
C40 CDL TB . -1.68 48.76 49.66
C41 CDL TB . -2.02 47.28 49.52
C42 CDL TB . -3.24 46.97 50.37
C43 CDL TB . -3.33 45.47 50.67
CB2 CDL TB . 13.29 56.69 56.72
OB2 CDL TB . 13.28 57.98 56.19
PB2 CDL TB . 14.66 58.53 55.47
OB3 CDL TB . 14.66 60.04 55.48
OB4 CDL TB . 15.86 58.01 56.23
OB5 CDL TB . 14.73 57.98 53.92
CB3 CDL TB . 15.63 56.96 53.65
CB4 CDL TB . 15.79 56.77 52.13
OB6 CDL TB . 16.60 55.67 51.88
CB5 CDL TB . 16.29 55.03 50.68
OB7 CDL TB . 16.34 55.64 49.66
C51 CDL TB . 15.90 53.55 50.70
C52 CDL TB . 15.34 53.07 49.35
C53 CDL TB . 16.29 52.08 48.68
C54 CDL TB . 15.48 51.11 47.83
C55 CDL TB . 14.88 50.04 48.73
C56 CDL TB . 13.47 49.68 48.28
C57 CDL TB . 12.72 48.95 49.39
C58 CDL TB . 11.29 49.49 49.44
C59 CDL TB . 10.52 48.82 50.58
C60 CDL TB . 9.13 49.46 50.61
C61 CDL TB . 8.02 48.41 50.65
C62 CDL TB . 6.87 48.89 49.77
C63 CDL TB . 5.82 47.78 49.65
C64 CDL TB . 4.61 48.33 48.91
C65 CDL TB . 3.85 47.21 48.23
C66 CDL TB . 4.17 47.21 46.73
C67 CDL TB . 3.47 48.37 46.02
CB6 CDL TB . 16.40 58.01 51.49
OB8 CDL TB . 17.78 57.85 51.39
CB7 CDL TB . 18.29 58.15 50.11
OB9 CDL TB . 18.09 59.21 49.62
C71 CDL TB . 19.10 57.10 49.37
C72 CDL TB . 19.24 57.50 47.90
C73 CDL TB . 19.86 56.34 47.10
C74 CDL TB . 18.79 55.33 46.72
C75 CDL TB . 19.29 53.89 46.81
C76 CDL TB . 20.19 53.54 45.62
C77 CDL TB . 19.35 53.42 44.35
C78 CDL TB . 20.28 53.20 43.15
C79 CDL TB . 19.62 53.72 41.87
C80 CDL TB . 19.16 55.17 42.09
C81 CDL TB . 19.34 55.96 40.79
C82 CDL TB . 18.67 57.32 40.93
H1 CDL TB . 12.16 57.17 58.39
H1O1 CDL TB . 11.03 57.38 56.41
HA22 CDL TB . 13.03 54.86 58.46
HA21 CDL TB . 11.73 54.50 57.62
HA32 CDL TB . 9.54 54.01 57.53
HA31 CDL TB . 8.55 53.68 58.72
HA4 CDL TB . 7.59 52.23 57.44
H112 CDL TB . 8.43 48.45 59.23
H111 CDL TB . 6.96 48.91 58.86
H122 CDL TB . 8.05 49.22 56.58
H121 CDL TB . 8.98 48.05 57.12
H132 CDL TB . 6.15 47.87 56.89
H131 CDL TB . 7.07 46.70 57.45
H142 CDL TB . 8.12 46.50 55.36
H141 CDL TB . 7.28 47.71 54.80
H152 CDL TB . 5.39 46.52 54.70
H151 CDL TB . 5.90 45.47 55.78
H162 CDL TB . 7.50 44.75 54.10
H161 CDL TB . 6.67 45.59 53.05
H172 CDL TB . 5.36 43.61 54.59
H171 CDL TB . 4.89 44.21 53.20
H182 CDL TB . 5.84 41.96 53.11
H181 CDL TB . 7.24 42.65 53.37
H192 CDL TB . 6.96 43.92 51.39
H191 CDL TB . 5.59 43.20 51.14
H202 CDL TB . 8.08 41.86 51.11
H201 CDL TB . 6.70 41.15 50.84
H212 CDL TB . 7.54 41.51 48.76
H211 CDL TB . 6.45 42.65 48.94
H222 CDL TB . 8.54 43.85 49.84
H221 CDL TB . 9.19 42.94 48.73
H232 CDL TB . 7.39 43.89 47.28
H231 CDL TB . 7.39 45.05 48.35
H242 CDL TB . 9.57 45.60 47.87
H241 CDL TB . 9.75 44.31 46.97
H252 CDL TB . 8.05 46.48 46.28
H251 CDL TB . 9.45 46.20 45.60
HA62 CDL TB . 9.61 52.91 55.62
HA61 CDL TB . 8.05 53.01 55.42
H312 CDL TB . 5.84 51.16 54.65
H311 CDL TB . 6.57 49.82 55.06
H322 CDL TB . 6.33 50.08 52.32
H321 CDL TB . 6.01 48.81 53.20
H332 CDL TB . 4.25 50.68 52.26
H331 CDL TB . 4.06 50.47 53.80
H342 CDL TB . 3.56 48.59 51.76
H341 CDL TB . 3.89 48.06 53.22
H352 CDL TB . 1.82 48.36 53.80
H351 CDL TB . 1.99 49.91 53.56
H362 CDL TB . 1.21 48.08 51.56
H361 CDL TB . 0.22 49.11 52.25
H372 CDL TB . 2.22 49.68 50.35
H371 CDL TB . 1.77 50.83 51.35
H382 CDL TB . 0.55 50.96 49.34
H381 CDL TB . -0.42 50.69 50.55
H392 CDL TB . 0.33 48.28 49.54
H391 CDL TB . -0.16 49.18 48.34
H402 CDL TB . -1.84 49.03 50.57
H401 CDL TB . -2.26 49.28 49.07
H412 CDL TB . -2.21 47.08 48.59
H411 CDL TB . -1.27 46.74 49.82
H422 CDL TB . -4.05 47.24 49.90
H421 CDL TB . -3.19 47.45 51.22
H432 CDL TB . -4.14 45.28 51.17
H431 CDL TB . -2.56 45.20 51.19
HB22 CDL TB . 13.23 56.04 56.02
HB21 CDL TB . 14.11 56.55 57.23
HB32 CDL TB . 16.50 57.17 54.02
HB31 CDL TB . 15.32 56.13 54.04
HB4 CDL TB . 14.91 56.61 51.76
H512 CDL TB . 16.68 53.02 50.93
H511 CDL TB . 15.22 53.42 51.37
H522 CDL TB . 14.48 52.65 49.49
H521 CDL TB . 15.22 53.83 48.75
H532 CDL TB . 16.91 52.56 48.12
H531 CDL TB . 16.76 51.58 49.35
H542 CDL TB . 14.76 51.60 47.37
H541 CDL TB . 16.05 50.70 47.17
H552 CDL TB . 15.45 49.25 48.70
H551 CDL TB . 14.85 50.37 49.64
H562 CDL TB . 13.52 49.11 47.49
H561 CDL TB . 12.99 50.49 48.04
H572 CDL TB . 13.15 49.10 50.24
H571 CDL TB . 12.70 48.00 49.19
H582 CDL TB . 10.84 49.31 48.59
H581 CDL TB . 11.32 50.45 49.59
H592 CDL TB . 10.45 47.87 50.40
H591 CDL TB . 10.98 48.97 51.42
H602 CDL TB . 9.07 50.02 51.40
H601 CDL TB . 9.02 50.02 49.82
H612 CDL TB . 7.71 48.30 51.56
H611 CDL TB . 8.35 47.57 50.32
H622 CDL TB . 6.46 49.68 50.16
H621 CDL TB . 7.19 49.11 48.89
H632 CDL TB . 6.20 47.04 49.16
H631 CDL TB . 5.56 47.49 50.54
H642 CDL TB . 4.03 48.78 49.56
H641 CDL TB . 4.91 48.98 48.26
H652 CDL TB . 4.11 46.36 48.61
H651 CDL TB . 2.90 47.34 48.36
H662 CDL TB . 3.86 46.38 46.35
H661 CDL TB . 5.12 47.28 46.60
H673 CDL TB . 3.45 48.20 45.07
H672 CDL TB . 3.97 49.19 46.19
H671 CDL TB . 2.57 48.46 46.36
HB62 CDL TB . 16.01 58.14 50.61
HB61 CDL TB . 16.20 58.78 52.04
H712 CDL TB . 20.00 57.04 49.77
H711 CDL TB . 18.67 56.24 49.44
H722 CDL TB . 19.81 58.28 47.83
H721 CDL TB . 18.37 57.70 47.54
H732 CDL TB . 20.55 55.92 47.64
H731 CDL TB . 20.27 56.70 46.29
H742 CDL TB . 18.48 55.52 45.83
H741 CDL TB . 18.05 55.42 47.34
H752 CDL TB . 18.54 53.28 46.82
H751 CDL TB . 19.81 53.78 47.63
H762 CDL TB . 20.84 54.26 45.50
H761 CDL TB . 20.65 52.72 45.79
H772 CDL TB . 18.80 54.19 44.25
H771 CDL TB . 18.78 52.65 44.44
H782 CDL TB . 21.11 53.68 43.29
H781 CDL TB . 20.45 52.25 43.06
H792 CDL TB . 20.25 53.69 41.14
H791 CDL TB . 18.85 53.17 41.66
H802 CDL TB . 19.69 55.58 42.78
H801 CDL TB . 18.23 55.18 42.35
H812 CDL TB . 18.94 55.47 40.05
H811 CDL TB . 20.28 56.08 40.62
H822 CDL TB . 19.03 57.79 41.69
H821 CDL TB . 17.71 57.19 41.06
#